data_2BR2
#
_entry.id   2BR2
#
_cell.length_a   206.880
_cell.length_b   212.720
_cell.length_c   434.050
_cell.angle_alpha   90.00
_cell.angle_beta   90.00
_cell.angle_gamma   90.00
#
_symmetry.space_group_name_H-M   'C 2 2 21'
#
loop_
_entity.id
_entity.type
_entity.pdbx_description
1 polymer 'EXOSOME COMPLEX EXONUCLEASE 2'
2 polymer 'EXOSOME COMPLEX EXONUCLEASE 1'
3 non-polymer 'CHLORIDE ION'
4 water water
#
loop_
_entity_poly.entity_id
_entity_poly.type
_entity_poly.pdbx_seq_one_letter_code
_entity_poly.pdbx_strand_id
1 'polypeptide(L)'
;MSSTPSNQNIIPIIKKESIVSLFEKGIRQDGRKLTDYRPLSITLDYAKKADGSALVKLGTTMVLAGTKLEIDKPYEDTPN
QGNLIVNVELLPLAYETFEPGPPDENAIELARVVDRSLRDSKALDLTKLVIEPGKSVWTVWLDVYVLDYGGNVLDACTLA
SVAALYNTKVYKVEQHSNGISVNKNEVVGKLPLNYPVVTISVAKVDKYLVVDPDLDEESIMDAKISFSYTPDLKIVGIQK
SGKGSMSLQDIDQAENTARSTAVKLLEELKKHLGI
;
A,C,E,G,I,K,M,O,Q,S,U,W
2 'polypeptide(L)'
;MREMLQVERPKLILDDGKRTDGRKPDELRSIKIELGVLKNADGSAIFEMGNTKAIAAVYGPKEMHPRHLSLPDRAVLRVR
YHMTPFSTDERKNPAPSRREIELSKVIREALESAVLVELFPRTAIDVFTEILQADAGSRLVSLMAASLALADAGIPMRDL
IAGVAVGKADGVIILDLNETEDMWGEADMPIAMMPSLNQVTLFQLNGSMTPDEFRQAFDLAVKGINIIYNLEREALKSKY
VEFKEEGV
;
B,D,F,H,J,L,N,P,R,T,V,X
#
loop_
_chem_comp.id
_chem_comp.type
_chem_comp.name
_chem_comp.formula
CL non-polymer 'CHLORIDE ION' 'Cl -1'
#
# COMPACT_ATOMS: atom_id res chain seq x y z
N MET A 1 -18.95 33.77 -14.37
CA MET A 1 -19.40 32.59 -13.56
C MET A 1 -19.19 32.64 -12.02
N SER A 2 -20.28 32.55 -11.25
CA SER A 2 -20.20 32.59 -9.79
C SER A 2 -20.28 31.19 -9.18
N SER A 3 -19.36 30.87 -8.28
CA SER A 3 -19.32 29.52 -7.70
C SER A 3 -19.09 29.47 -6.20
N THR A 4 -19.63 28.43 -5.57
CA THR A 4 -19.49 28.22 -4.13
C THR A 4 -18.02 28.31 -3.70
N PRO A 5 -17.71 29.26 -2.80
CA PRO A 5 -16.33 29.46 -2.37
C PRO A 5 -15.73 28.20 -1.75
N SER A 6 -14.60 27.75 -2.30
CA SER A 6 -13.99 26.50 -1.87
C SER A 6 -13.05 26.73 -0.69
N ASN A 7 -12.79 28.00 -0.39
CA ASN A 7 -11.83 28.36 0.65
C ASN A 7 -12.49 28.50 2.02
N GLN A 8 -13.82 28.54 2.02
CA GLN A 8 -14.57 28.78 3.26
C GLN A 8 -13.84 28.22 4.47
N ASN A 9 -14.02 28.88 5.61
CA ASN A 9 -13.62 28.31 6.89
C ASN A 9 -14.74 27.50 7.52
N ILE A 10 -14.78 26.22 7.22
CA ILE A 10 -15.72 25.30 7.87
C ILE A 10 -15.61 25.45 9.38
N ILE A 11 -16.80 25.42 10.05
CA ILE A 11 -16.79 25.56 11.52
C ILE A 11 -17.56 24.41 12.22
N PRO A 12 -16.84 23.59 13.03
CA PRO A 12 -17.35 22.31 13.53
C PRO A 12 -18.66 22.43 14.26
N ILE A 13 -19.53 21.43 14.10
CA ILE A 13 -20.87 21.42 14.69
C ILE A 13 -20.77 21.70 16.18
N ILE A 14 -19.72 21.17 16.80
CA ILE A 14 -19.48 21.30 18.24
C ILE A 14 -19.32 22.76 18.66
N LYS A 15 -18.65 23.56 17.83
CA LYS A 15 -18.47 24.97 18.14
C LYS A 15 -19.74 25.77 17.92
N LYS A 16 -20.49 25.42 16.88
CA LYS A 16 -21.76 26.07 16.59
C LYS A 16 -22.72 25.89 17.75
N GLU A 17 -22.76 24.69 18.31
CA GLU A 17 -23.63 24.39 19.44
C GLU A 17 -23.30 25.22 20.68
N SER A 18 -22.02 25.45 20.95
CA SER A 18 -21.58 26.34 22.04
C SER A 18 -22.20 27.70 21.88
N ILE A 19 -22.09 28.26 20.69
CA ILE A 19 -22.58 29.59 20.43
C ILE A 19 -24.09 29.60 20.55
N VAL A 20 -24.76 28.60 19.99
CA VAL A 20 -26.21 28.51 20.03
C VAL A 20 -26.69 28.38 21.48
N SER A 21 -25.97 27.62 22.30
CA SER A 21 -26.30 27.46 23.71
C SER A 21 -26.27 28.78 24.46
N LEU A 22 -25.34 29.65 24.09
CA LEU A 22 -25.28 30.98 24.69
C LEU A 22 -26.46 31.84 24.23
N PHE A 23 -26.73 31.83 22.92
CA PHE A 23 -27.87 32.56 22.34
C PHE A 23 -29.15 32.21 23.10
N GLU A 24 -29.26 30.96 23.52
CA GLU A 24 -30.47 30.47 24.15
C GLU A 24 -30.67 31.09 25.52
N LYS A 25 -29.58 31.49 26.14
CA LYS A 25 -29.62 32.27 27.37
C LYS A 25 -29.59 33.78 27.07
N GLY A 26 -29.72 34.14 25.80
CA GLY A 26 -29.82 35.54 25.41
C GLY A 26 -28.52 36.30 25.48
N ILE A 27 -27.41 35.58 25.42
CA ILE A 27 -26.10 36.21 25.47
C ILE A 27 -25.19 35.69 24.35
N ARG A 28 -24.12 36.43 24.07
CA ARG A 28 -23.16 36.07 23.05
C ARG A 28 -21.76 35.83 23.62
N GLN A 29 -20.87 35.29 22.79
CA GLN A 29 -19.47 35.01 23.16
C GLN A 29 -18.82 36.23 23.83
N ASP A 30 -18.89 37.38 23.14
CA ASP A 30 -18.24 38.60 23.60
C ASP A 30 -19.05 39.35 24.66
N GLY A 31 -20.16 38.74 25.08
CA GLY A 31 -20.94 39.27 26.19
C GLY A 31 -22.09 40.19 25.84
N ARG A 32 -22.25 40.53 24.57
CA ARG A 32 -23.33 41.44 24.19
C ARG A 32 -24.68 40.74 24.01
N LYS A 33 -25.74 41.54 24.02
CA LYS A 33 -27.09 41.06 23.78
C LYS A 33 -27.28 40.71 22.31
N LEU A 34 -28.35 39.98 22.00
CA LEU A 34 -28.60 39.59 20.62
C LEU A 34 -28.84 40.78 19.70
N THR A 35 -29.26 41.91 20.27
CA THR A 35 -29.60 43.11 19.51
C THR A 35 -28.52 44.21 19.58
N ASP A 36 -27.41 43.92 20.23
CA ASP A 36 -26.33 44.90 20.43
C ASP A 36 -25.38 45.00 19.26
N TYR A 37 -24.95 46.21 18.96
CA TYR A 37 -23.81 46.45 18.09
C TYR A 37 -22.49 46.32 18.85
N ARG A 38 -21.43 45.96 18.12
CA ARG A 38 -20.08 45.99 18.70
C ARG A 38 -19.61 47.43 18.95
N PRO A 39 -18.49 47.61 19.70
CA PRO A 39 -17.97 48.96 19.91
C PRO A 39 -17.56 49.60 18.58
N LEU A 40 -17.85 50.89 18.44
CA LEU A 40 -17.60 51.60 17.18
C LEU A 40 -16.61 52.75 17.36
N SER A 41 -15.52 52.73 16.58
CA SER A 41 -14.60 53.86 16.48
C SER A 41 -14.69 54.45 15.10
N ILE A 42 -14.62 55.76 15.02
CA ILE A 42 -14.47 56.44 13.74
C ILE A 42 -13.38 57.50 13.89
N THR A 43 -12.37 57.41 13.03
CA THR A 43 -11.34 58.42 12.95
C THR A 43 -11.44 59.13 11.61
N LEU A 44 -11.79 60.42 11.65
CA LEU A 44 -11.96 61.21 10.45
C LEU A 44 -10.63 61.73 9.97
N ASP A 45 -10.54 62.05 8.67
CA ASP A 45 -9.34 62.60 8.07
C ASP A 45 -8.10 61.72 8.33
N TYR A 46 -8.29 60.40 8.25
CA TYR A 46 -7.21 59.45 8.49
C TYR A 46 -6.22 59.40 7.34
N ALA A 47 -6.74 59.44 6.11
CA ALA A 47 -5.93 59.44 4.90
C ALA A 47 -5.73 60.87 4.45
N LYS A 48 -4.57 61.44 4.74
CA LYS A 48 -4.38 62.89 4.61
C LYS A 48 -4.52 63.43 3.19
N LYS A 49 -4.15 62.63 2.19
CA LYS A 49 -4.22 63.06 0.81
C LYS A 49 -5.56 62.76 0.14
N ALA A 50 -6.48 62.17 0.90
CA ALA A 50 -7.88 62.05 0.47
C ALA A 50 -8.58 63.39 0.69
N ASP A 51 -9.64 63.64 -0.08
CA ASP A 51 -10.41 64.88 0.09
C ASP A 51 -11.23 64.79 1.38
N GLY A 52 -11.64 63.58 1.71
CA GLY A 52 -12.25 63.27 2.99
C GLY A 52 -12.03 61.79 3.22
N SER A 53 -11.91 61.39 4.48
CA SER A 53 -11.67 59.99 4.81
C SER A 53 -12.17 59.63 6.20
N ALA A 54 -12.38 58.32 6.40
CA ALA A 54 -12.79 57.79 7.70
C ALA A 54 -12.23 56.38 7.92
N LEU A 55 -11.60 56.17 9.07
CA LEU A 55 -11.18 54.84 9.51
C LEU A 55 -12.18 54.33 10.56
N VAL A 56 -12.92 53.30 10.18
CA VAL A 56 -13.97 52.75 11.04
C VAL A 56 -13.53 51.43 11.65
N LYS A 57 -13.56 51.34 12.98
CA LYS A 57 -13.41 50.07 13.68
C LYS A 57 -14.74 49.66 14.27
N LEU A 58 -15.31 48.60 13.73
CA LEU A 58 -16.52 48.00 14.26
C LEU A 58 -16.14 46.61 14.74
N GLY A 59 -15.94 46.48 16.04
CA GLY A 59 -15.41 45.26 16.60
C GLY A 59 -14.00 45.13 16.07
N THR A 60 -13.71 44.02 15.42
CA THR A 60 -12.39 43.80 14.83
C THR A 60 -12.40 44.03 13.33
N THR A 61 -13.54 44.46 12.80
CA THR A 61 -13.62 44.85 11.40
C THR A 61 -13.09 46.26 11.21
N MET A 62 -12.12 46.44 10.32
CA MET A 62 -11.60 47.76 10.01
C MET A 62 -11.75 48.11 8.56
N VAL A 63 -12.30 49.29 8.32
CA VAL A 63 -12.51 49.77 6.98
C VAL A 63 -12.00 51.20 6.89
N LEU A 64 -11.23 51.49 5.84
CA LEU A 64 -10.81 52.84 5.53
C LEU A 64 -11.42 53.30 4.22
N ALA A 65 -12.26 54.32 4.28
CA ALA A 65 -12.87 54.90 3.09
C ALA A 65 -12.25 56.26 2.82
N GLY A 66 -12.05 56.56 1.55
CA GLY A 66 -11.51 57.86 1.17
C GLY A 66 -12.18 58.37 -0.08
N THR A 67 -12.38 59.69 -0.15
CA THR A 67 -12.95 60.33 -1.33
C THR A 67 -11.91 61.10 -2.11
N LYS A 68 -12.22 61.28 -3.39
CA LYS A 68 -11.36 62.03 -4.28
C LYS A 68 -12.28 62.66 -5.32
N LEU A 69 -12.18 63.98 -5.47
CA LEU A 69 -13.07 64.70 -6.37
C LEU A 69 -12.38 65.14 -7.64
N GLU A 70 -13.08 64.98 -8.76
CA GLU A 70 -12.55 65.38 -10.06
C GLU A 70 -13.61 66.08 -10.90
N ILE A 71 -13.15 66.94 -11.80
CA ILE A 71 -14.04 67.63 -12.73
C ILE A 71 -14.13 66.85 -14.04
N ASP A 72 -15.34 66.47 -14.41
CA ASP A 72 -15.61 65.73 -15.63
C ASP A 72 -16.74 66.38 -16.42
N LYS A 73 -16.78 66.13 -17.72
CA LYS A 73 -17.98 66.41 -18.49
C LYS A 73 -19.05 65.43 -17.99
N PRO A 74 -20.32 65.89 -17.88
CA PRO A 74 -21.36 64.96 -17.43
C PRO A 74 -21.74 63.97 -18.53
N TYR A 75 -22.51 62.95 -18.21
CA TYR A 75 -22.98 62.04 -19.26
C TYR A 75 -24.23 62.65 -19.88
N GLU A 76 -24.32 62.58 -21.21
CA GLU A 76 -25.40 63.24 -21.97
C GLU A 76 -26.82 63.08 -21.39
N ASP A 77 -27.13 61.87 -20.90
CA ASP A 77 -28.42 61.57 -20.24
C ASP A 77 -28.73 62.41 -18.98
N THR A 78 -27.69 62.87 -18.29
CA THR A 78 -27.83 63.57 -17.00
C THR A 78 -26.95 64.82 -16.94
N PRO A 79 -27.27 65.86 -17.73
CA PRO A 79 -26.34 66.97 -17.82
C PRO A 79 -26.41 67.88 -16.59
N ASN A 80 -27.37 67.61 -15.70
CA ASN A 80 -27.56 68.42 -14.51
C ASN A 80 -27.30 67.65 -13.23
N GLN A 81 -26.31 66.76 -13.30
CA GLN A 81 -25.92 65.93 -12.17
C GLN A 81 -24.45 65.56 -12.22
N GLY A 82 -23.87 65.48 -11.02
CA GLY A 82 -22.52 64.99 -10.84
C GLY A 82 -22.53 63.48 -10.71
N ASN A 83 -21.37 62.91 -10.41
CA ASN A 83 -21.21 61.47 -10.37
C ASN A 83 -20.77 60.97 -9.00
N LEU A 84 -21.25 59.78 -8.65
CA LEU A 84 -20.73 59.04 -7.52
C LEU A 84 -20.25 57.70 -8.05
N ILE A 85 -19.00 57.35 -7.75
CA ILE A 85 -18.48 56.06 -8.11
C ILE A 85 -17.93 55.37 -6.87
N VAL A 86 -18.55 54.27 -6.48
CA VAL A 86 -18.15 53.54 -5.29
C VAL A 86 -17.30 52.34 -5.65
N ASN A 87 -16.18 52.17 -4.96
CA ASN A 87 -15.35 50.99 -5.12
C ASN A 87 -14.95 50.39 -3.79
N VAL A 88 -15.04 49.07 -3.68
CA VAL A 88 -14.68 48.37 -2.46
C VAL A 88 -13.58 47.36 -2.75
N GLU A 89 -12.59 47.29 -1.88
CA GLU A 89 -11.55 46.26 -1.96
C GLU A 89 -11.39 45.49 -0.67
N LEU A 90 -11.42 44.17 -0.78
CA LEU A 90 -11.17 43.30 0.35
C LEU A 90 -9.71 42.87 0.23
N LEU A 91 -8.90 43.15 1.25
CA LEU A 91 -7.47 42.87 1.16
C LEU A 91 -6.98 41.57 1.78
N PRO A 92 -7.52 41.18 2.96
CA PRO A 92 -6.98 40.03 3.70
C PRO A 92 -6.88 38.69 2.94
N ASP A 104 -13.40 41.28 -7.41
CA ASP A 104 -13.69 40.09 -6.60
C ASP A 104 -15.08 39.50 -6.91
N GLU A 105 -16.15 39.99 -6.27
CA GLU A 105 -17.55 39.49 -6.39
C GLU A 105 -18.31 39.90 -5.16
N ASN A 106 -17.73 39.60 -4.00
CA ASN A 106 -18.24 40.11 -2.75
C ASN A 106 -17.90 41.58 -2.65
N ALA A 107 -16.74 41.95 -3.20
CA ALA A 107 -16.32 43.35 -3.27
C ALA A 107 -17.24 44.15 -4.16
N ILE A 108 -17.62 43.57 -5.29
CA ILE A 108 -18.59 44.20 -6.17
C ILE A 108 -19.97 44.34 -5.50
N GLU A 109 -20.46 43.27 -4.88
CA GLU A 109 -21.75 43.33 -4.18
C GLU A 109 -21.74 44.47 -3.13
N LEU A 110 -20.71 44.48 -2.29
CA LEU A 110 -20.59 45.50 -1.24
C LEU A 110 -20.65 46.90 -1.83
N ALA A 111 -19.83 47.14 -2.85
CA ALA A 111 -19.85 48.42 -3.56
C ALA A 111 -21.25 48.81 -4.02
N ARG A 112 -21.90 47.92 -4.75
CA ARG A 112 -23.22 48.20 -5.31
C ARG A 112 -24.26 48.40 -4.23
N VAL A 113 -24.23 47.58 -3.18
CA VAL A 113 -25.19 47.74 -2.09
C VAL A 113 -25.03 49.10 -1.40
N VAL A 114 -23.78 49.46 -1.10
CA VAL A 114 -23.46 50.76 -0.52
C VAL A 114 -23.93 51.87 -1.47
N ASP A 115 -23.49 51.75 -2.73
CA ASP A 115 -23.85 52.75 -3.73
C ASP A 115 -25.37 53.00 -3.73
N ARG A 116 -26.12 51.93 -3.93
CA ARG A 116 -27.57 51.97 -3.97
C ARG A 116 -28.20 52.68 -2.78
N SER A 117 -27.67 52.44 -1.59
CA SER A 117 -28.27 53.02 -0.41
C SER A 117 -27.88 54.50 -0.25
N LEU A 118 -26.74 54.91 -0.81
CA LEU A 118 -26.38 56.32 -0.84
C LEU A 118 -27.17 57.08 -1.91
N ARG A 119 -27.35 56.41 -3.05
CA ARG A 119 -27.96 57.01 -4.23
C ARG A 119 -29.48 57.12 -4.12
N ASP A 120 -30.11 55.98 -3.80
CA ASP A 120 -31.57 55.90 -3.73
C ASP A 120 -32.16 56.68 -2.57
N SER A 121 -31.39 56.84 -1.51
CA SER A 121 -31.82 57.64 -0.36
C SER A 121 -31.67 59.13 -0.61
N LYS A 122 -30.90 59.46 -1.65
CA LYS A 122 -30.59 60.87 -1.98
C LYS A 122 -29.85 61.52 -0.81
N ALA A 123 -29.02 60.73 -0.13
CA ALA A 123 -28.21 61.23 0.97
C ALA A 123 -27.21 62.21 0.41
N LEU A 124 -26.63 61.88 -0.74
CA LEU A 124 -25.80 62.81 -1.50
C LEU A 124 -26.62 63.28 -2.69
N ASP A 125 -26.80 64.60 -2.78
CA ASP A 125 -27.58 65.17 -3.86
C ASP A 125 -26.70 65.45 -5.07
N LEU A 126 -26.76 64.55 -6.05
CA LEU A 126 -25.90 64.62 -7.23
C LEU A 126 -26.18 65.85 -8.10
N THR A 127 -27.42 66.34 -8.04
CA THR A 127 -27.82 67.47 -8.89
C THR A 127 -27.18 68.78 -8.41
N LYS A 128 -26.68 68.76 -7.18
CA LYS A 128 -25.95 69.92 -6.62
C LYS A 128 -24.43 69.80 -6.79
N LEU A 129 -23.98 68.84 -7.60
CA LEU A 129 -22.56 68.68 -7.90
C LEU A 129 -22.21 69.26 -9.26
N VAL A 130 -23.15 70.02 -9.84
CA VAL A 130 -22.96 70.62 -11.15
C VAL A 130 -22.16 71.92 -11.01
N ILE A 131 -21.19 72.10 -11.88
CA ILE A 131 -20.41 73.34 -11.93
C ILE A 131 -20.93 74.24 -13.07
N GLU A 132 -20.65 73.90 -14.32
CA GLU A 132 -21.32 74.56 -15.45
C GLU A 132 -22.21 73.51 -16.13
N PRO A 133 -23.55 73.69 -16.05
CA PRO A 133 -24.47 72.67 -16.56
C PRO A 133 -24.10 72.22 -17.98
N GLY A 134 -24.17 70.92 -18.20
CA GLY A 134 -23.82 70.34 -19.50
C GLY A 134 -22.32 70.21 -19.75
N LYS A 135 -21.53 71.17 -19.25
CA LYS A 135 -20.10 71.23 -19.55
C LYS A 135 -19.21 70.54 -18.51
N SER A 136 -19.45 70.81 -17.23
CA SER A 136 -18.57 70.29 -16.18
C SER A 136 -19.26 70.06 -14.83
N VAL A 137 -19.02 68.87 -14.26
CA VAL A 137 -19.58 68.46 -12.97
C VAL A 137 -18.52 67.78 -12.11
N TRP A 138 -18.79 67.63 -10.81
CA TRP A 138 -17.92 66.87 -9.92
C TRP A 138 -18.17 65.37 -10.03
N THR A 139 -17.09 64.60 -10.11
CA THR A 139 -17.18 63.16 -9.88
C THR A 139 -16.63 62.86 -8.50
N VAL A 140 -17.44 62.24 -7.66
CA VAL A 140 -17.01 61.82 -6.34
C VAL A 140 -16.58 60.36 -6.38
N TRP A 141 -15.27 60.14 -6.31
CA TRP A 141 -14.72 58.81 -6.24
C TRP A 141 -14.70 58.39 -4.78
N LEU A 142 -15.45 57.36 -4.44
CA LEU A 142 -15.45 56.82 -3.09
C LEU A 142 -14.76 55.47 -3.08
N ASP A 143 -13.61 55.38 -2.44
CA ASP A 143 -12.84 54.12 -2.40
C ASP A 143 -12.77 53.57 -1.01
N VAL A 144 -13.34 52.38 -0.85
CA VAL A 144 -13.51 51.74 0.44
C VAL A 144 -12.59 50.51 0.58
N TYR A 145 -11.67 50.56 1.53
CA TYR A 145 -10.69 49.49 1.75
C TYR A 145 -10.97 48.75 3.04
N VAL A 146 -11.35 47.48 2.92
CA VAL A 146 -11.51 46.64 4.09
C VAL A 146 -10.14 46.10 4.48
N LEU A 147 -9.65 46.55 5.63
CA LEU A 147 -8.29 46.23 6.04
C LEU A 147 -8.24 45.02 6.97
N ASP A 148 -9.33 44.82 7.73
CA ASP A 148 -9.40 43.75 8.72
C ASP A 148 -10.79 43.15 8.67
N TYR A 149 -10.86 41.87 8.31
CA TYR A 149 -12.15 41.20 8.16
C TYR A 149 -12.60 40.56 9.46
N GLY A 150 -13.46 41.24 10.21
CA GLY A 150 -13.93 40.73 11.50
C GLY A 150 -15.43 40.45 11.54
N GLY A 151 -16.05 40.35 10.38
CA GLY A 151 -17.49 40.08 10.29
C GLY A 151 -18.30 41.35 10.10
N ASN A 152 -19.43 41.19 9.40
CA ASN A 152 -20.34 42.30 9.13
C ASN A 152 -19.64 43.47 8.47
N VAL A 153 -18.86 43.16 7.45
CA VAL A 153 -18.14 44.13 6.64
C VAL A 153 -19.06 45.21 6.01
N LEU A 154 -20.25 44.82 5.55
CA LEU A 154 -21.18 45.76 4.91
C LEU A 154 -21.54 46.97 5.79
N ASP A 155 -21.98 46.71 7.01
CA ASP A 155 -22.36 47.78 7.90
C ASP A 155 -21.19 48.72 8.15
N ALA A 156 -20.00 48.15 8.29
CA ALA A 156 -18.79 48.94 8.48
C ALA A 156 -18.49 49.79 7.24
N CYS A 157 -18.72 49.22 6.06
CA CYS A 157 -18.49 49.93 4.79
C CYS A 157 -19.42 51.13 4.64
N THR A 158 -20.69 50.94 5.02
CA THR A 158 -21.65 52.03 4.96
C THR A 158 -21.23 53.14 5.92
N LEU A 159 -20.84 52.76 7.13
CA LEU A 159 -20.40 53.73 8.12
C LEU A 159 -19.19 54.50 7.59
N ALA A 160 -18.21 53.78 7.07
CA ALA A 160 -16.99 54.39 6.56
C ALA A 160 -17.32 55.33 5.42
N SER A 161 -18.17 54.87 4.51
CA SER A 161 -18.56 55.64 3.33
C SER A 161 -19.23 56.95 3.72
N VAL A 162 -20.27 56.86 4.54
CA VAL A 162 -20.99 58.04 4.98
C VAL A 162 -20.03 59.01 5.69
N ALA A 163 -19.23 58.49 6.60
CA ALA A 163 -18.26 59.29 7.31
C ALA A 163 -17.29 60.00 6.38
N ALA A 164 -16.78 59.27 5.39
CA ALA A 164 -15.80 59.83 4.47
C ALA A 164 -16.42 60.96 3.66
N LEU A 165 -17.68 60.76 3.25
CA LEU A 165 -18.41 61.78 2.51
C LEU A 165 -18.60 63.05 3.33
N TYR A 166 -19.01 62.89 4.59
CA TYR A 166 -19.16 64.03 5.48
C TYR A 166 -17.85 64.72 5.78
N ASN A 167 -16.76 63.97 5.73
CA ASN A 167 -15.42 64.51 5.95
C ASN A 167 -14.85 65.24 4.75
N THR A 168 -15.51 65.11 3.60
CA THR A 168 -14.97 65.64 2.35
C THR A 168 -14.96 67.16 2.26
N LYS A 169 -13.81 67.69 1.88
CA LYS A 169 -13.61 69.10 1.58
C LYS A 169 -13.75 69.34 0.08
N VAL A 170 -14.54 70.34 -0.30
CA VAL A 170 -14.65 70.75 -1.71
C VAL A 170 -13.76 71.98 -1.92
N TYR A 171 -13.03 71.99 -3.04
CA TYR A 171 -12.06 73.06 -3.32
C TYR A 171 -12.58 74.14 -4.27
N LYS A 172 -11.83 75.24 -4.37
CA LYS A 172 -12.18 76.35 -5.26
C LYS A 172 -12.05 75.97 -6.72
N VAL A 173 -12.97 76.50 -7.53
CA VAL A 173 -12.97 76.25 -8.97
C VAL A 173 -12.54 77.51 -9.74
N GLU A 174 -11.35 77.46 -10.35
CA GLU A 174 -10.84 78.56 -11.18
C GLU A 174 -11.30 78.40 -12.64
N GLN A 175 -12.08 79.37 -13.11
CA GLN A 175 -12.59 79.38 -14.49
C GLN A 175 -12.07 80.59 -15.29
N ILE A 180 -12.48 74.86 -15.17
CA ILE A 180 -11.22 74.70 -15.89
C ILE A 180 -10.08 74.18 -14.98
N SER A 181 -9.90 74.80 -13.81
CA SER A 181 -8.84 74.41 -12.87
C SER A 181 -9.33 74.31 -11.42
N VAL A 182 -8.82 73.32 -10.69
CA VAL A 182 -9.10 73.17 -9.26
C VAL A 182 -7.96 73.75 -8.42
N ASN A 183 -8.29 74.66 -7.50
CA ASN A 183 -7.28 75.22 -6.59
C ASN A 183 -7.31 74.53 -5.23
N LYS A 184 -6.42 73.55 -5.05
CA LYS A 184 -6.50 72.62 -3.93
C LYS A 184 -6.04 73.14 -2.55
N ASN A 185 -5.67 74.41 -2.45
CA ASN A 185 -5.36 74.99 -1.14
C ASN A 185 -6.31 76.13 -0.71
N GLU A 186 -7.45 76.22 -1.39
CA GLU A 186 -8.58 77.00 -0.92
C GLU A 186 -9.81 76.08 -0.78
N VAL A 187 -10.13 75.71 0.47
CA VAL A 187 -11.31 74.92 0.78
C VAL A 187 -12.55 75.81 0.71
N VAL A 188 -13.48 75.46 -0.18
CA VAL A 188 -14.66 76.27 -0.45
C VAL A 188 -15.90 75.84 0.33
N GLY A 189 -16.06 74.53 0.55
CA GLY A 189 -17.22 74.02 1.27
C GLY A 189 -17.22 72.52 1.48
N LYS A 190 -18.41 71.96 1.63
CA LYS A 190 -18.59 70.55 1.89
C LYS A 190 -19.47 69.91 0.82
N LEU A 191 -19.60 68.58 0.88
CA LEU A 191 -20.46 67.87 -0.05
C LEU A 191 -21.93 68.19 0.23
N PRO A 192 -22.77 68.26 -0.83
CA PRO A 192 -24.21 68.47 -0.66
C PRO A 192 -24.87 67.20 -0.10
N LEU A 193 -24.75 67.03 1.21
CA LEU A 193 -25.30 65.86 1.90
C LEU A 193 -26.59 66.21 2.62
N ASN A 194 -27.63 65.42 2.41
CA ASN A 194 -28.92 65.64 3.01
C ASN A 194 -29.01 65.07 4.43
N TYR A 195 -28.41 63.90 4.62
CA TYR A 195 -28.43 63.18 5.89
C TYR A 195 -27.50 61.99 5.84
N PRO A 196 -27.08 61.49 7.01
CA PRO A 196 -26.39 60.21 7.02
C PRO A 196 -27.36 59.08 6.70
N VAL A 197 -26.81 57.89 6.51
CA VAL A 197 -27.58 56.69 6.22
C VAL A 197 -26.87 55.58 6.99
N VAL A 198 -27.62 54.63 7.51
CA VAL A 198 -27.01 53.45 8.13
C VAL A 198 -27.53 52.15 7.53
N THR A 199 -26.67 51.14 7.49
CA THR A 199 -27.10 49.82 7.09
C THR A 199 -26.99 48.93 8.32
N ILE A 200 -28.07 48.22 8.64
CA ILE A 200 -28.08 47.30 9.76
C ILE A 200 -28.28 45.87 9.28
N SER A 201 -27.30 45.01 9.59
CA SER A 201 -27.35 43.60 9.22
C SER A 201 -27.81 42.72 10.37
N VAL A 202 -28.84 41.92 10.11
CA VAL A 202 -29.37 40.98 11.09
C VAL A 202 -29.15 39.56 10.57
N ALA A 203 -28.45 38.75 11.35
CA ALA A 203 -28.14 37.37 10.96
C ALA A 203 -29.10 36.39 11.61
N LYS A 204 -29.55 35.42 10.83
CA LYS A 204 -30.35 34.31 11.32
C LYS A 204 -29.40 33.18 11.67
N VAL A 205 -29.28 32.86 12.95
CA VAL A 205 -28.50 31.70 13.38
C VAL A 205 -29.45 30.76 14.08
N ASP A 206 -29.54 29.52 13.60
CA ASP A 206 -30.48 28.56 14.19
C ASP A 206 -31.84 29.25 14.24
N LYS A 207 -32.44 29.36 15.43
CA LYS A 207 -33.73 30.01 15.54
C LYS A 207 -33.63 31.43 16.11
N TYR A 208 -32.43 32.00 16.08
CA TYR A 208 -32.19 33.30 16.69
C TYR A 208 -31.82 34.35 15.67
N LEU A 209 -32.20 35.60 15.97
CA LEU A 209 -31.79 36.75 15.17
C LEU A 209 -30.81 37.60 15.94
N VAL A 210 -29.72 37.94 15.28
CA VAL A 210 -28.57 38.54 15.91
C VAL A 210 -28.13 39.76 15.10
N VAL A 211 -27.97 40.89 15.79
CA VAL A 211 -27.56 42.16 15.16
C VAL A 211 -26.05 42.23 15.10
N ASP A 212 -25.52 42.68 13.97
CA ASP A 212 -24.08 42.90 13.78
C ASP A 212 -23.30 41.62 14.09
N PRO A 213 -23.39 40.61 13.21
CA PRO A 213 -22.72 39.33 13.43
C PRO A 213 -21.20 39.42 13.34
N ASP A 214 -20.48 38.88 14.32
CA ASP A 214 -19.03 38.81 14.21
C ASP A 214 -18.58 37.66 13.30
N LEU A 215 -17.28 37.45 13.26
CA LEU A 215 -16.67 36.48 12.37
C LEU A 215 -17.21 35.06 12.58
N ASP A 216 -17.16 34.59 13.82
CA ASP A 216 -17.69 33.29 14.17
C ASP A 216 -19.18 33.19 13.84
N GLU A 217 -19.92 34.23 14.19
CA GLU A 217 -21.37 34.27 13.94
C GLU A 217 -21.73 34.19 12.47
N GLU A 218 -21.00 34.94 11.64
CA GLU A 218 -21.21 34.86 10.19
C GLU A 218 -20.90 33.48 9.62
N SER A 219 -19.94 32.76 10.22
CA SER A 219 -19.59 31.45 9.68
C SER A 219 -20.61 30.37 10.04
N ILE A 220 -21.43 30.61 11.05
CA ILE A 220 -22.44 29.61 11.44
C ILE A 220 -23.88 29.99 11.07
N MET A 221 -24.09 31.21 10.60
CA MET A 221 -25.41 31.71 10.27
C MET A 221 -26.00 31.01 9.04
N ASP A 222 -27.34 30.94 8.99
CA ASP A 222 -28.04 30.46 7.82
C ASP A 222 -27.93 31.49 6.71
N ALA A 223 -28.26 32.74 7.07
CA ALA A 223 -28.27 33.86 6.14
C ALA A 223 -28.34 35.16 6.95
N LYS A 224 -28.07 36.29 6.30
CA LYS A 224 -28.29 37.58 6.94
C LYS A 224 -29.04 38.50 6.00
N ILE A 225 -29.65 39.53 6.57
CA ILE A 225 -30.43 40.48 5.80
C ILE A 225 -30.07 41.88 6.27
N SER A 226 -29.75 42.75 5.32
CA SER A 226 -29.30 44.10 5.64
C SER A 226 -30.32 45.14 5.22
N PHE A 227 -30.71 45.98 6.18
CA PHE A 227 -31.68 47.03 5.94
C PHE A 227 -30.99 48.37 6.04
N SER A 228 -31.28 49.24 5.08
CA SER A 228 -30.71 50.58 5.09
C SER A 228 -31.76 51.62 5.44
N TYR A 229 -31.40 52.51 6.36
CA TYR A 229 -32.33 53.51 6.85
C TYR A 229 -31.78 54.92 6.75
N THR A 230 -32.67 55.86 6.40
CA THR A 230 -32.44 57.29 6.58
C THR A 230 -32.87 57.64 8.01
N PRO A 231 -32.50 58.84 8.50
CA PRO A 231 -32.85 59.23 9.87
C PRO A 231 -34.35 59.26 10.19
N ASP A 232 -35.20 59.53 9.21
CA ASP A 232 -36.62 59.43 9.50
C ASP A 232 -37.13 58.02 9.25
N LEU A 233 -36.21 57.06 9.33
CA LEU A 233 -36.49 55.62 9.40
C LEU A 233 -37.26 55.05 8.22
N LYS A 234 -37.01 55.63 7.06
CA LYS A 234 -37.49 55.08 5.80
C LYS A 234 -36.51 54.00 5.34
N ILE A 235 -37.04 52.89 4.82
CA ILE A 235 -36.21 51.82 4.25
C ILE A 235 -35.82 52.21 2.84
N VAL A 236 -34.57 51.96 2.51
CA VAL A 236 -33.83 52.69 1.51
C VAL A 236 -32.88 51.71 0.79
N GLY A 237 -32.85 50.49 1.29
CA GLY A 237 -32.18 49.37 0.66
C GLY A 237 -32.35 48.12 1.50
N ILE A 238 -32.58 46.99 0.84
CA ILE A 238 -32.57 45.69 1.51
C ILE A 238 -31.77 44.70 0.69
N GLN A 239 -30.96 43.91 1.38
CA GLN A 239 -30.18 42.85 0.74
C GLN A 239 -30.05 41.64 1.64
N LYS A 240 -30.67 40.53 1.23
CA LYS A 240 -30.42 39.24 1.88
C LYS A 240 -29.10 38.67 1.38
N SER A 241 -28.44 37.89 2.23
CA SER A 241 -27.14 37.38 1.93
C SER A 241 -26.88 36.06 2.63
N GLY A 242 -26.19 35.15 1.93
CA GLY A 242 -25.79 33.87 2.53
C GLY A 242 -26.41 32.68 1.85
N LYS A 243 -25.85 31.49 2.11
CA LYS A 243 -26.22 30.25 1.45
C LYS A 243 -27.56 29.73 1.96
N GLY A 244 -28.07 30.22 3.03
CA GLY A 244 -29.29 29.69 3.60
C GLY A 244 -30.51 30.53 3.33
N SER A 245 -31.59 30.08 3.88
CA SER A 245 -32.84 30.83 3.73
C SER A 245 -33.35 31.35 5.08
N MET A 246 -34.47 32.04 5.02
CA MET A 246 -34.99 32.79 6.15
C MET A 246 -36.50 32.86 5.95
N SER A 247 -37.26 32.66 7.02
CA SER A 247 -38.71 32.63 6.91
C SER A 247 -39.32 34.03 6.80
N LEU A 248 -40.58 34.07 6.37
CA LEU A 248 -41.36 35.30 6.31
C LEU A 248 -41.30 36.03 7.66
N GLN A 249 -41.59 35.32 8.74
CA GLN A 249 -41.59 35.89 10.08
C GLN A 249 -40.20 36.36 10.49
N ASP A 250 -39.16 35.61 10.07
CA ASP A 250 -37.80 35.98 10.36
C ASP A 250 -37.53 37.38 9.83
N ILE A 251 -37.93 37.60 8.57
CA ILE A 251 -37.65 38.86 7.91
C ILE A 251 -38.44 40.00 8.54
N ASP A 252 -39.70 39.71 8.86
CA ASP A 252 -40.56 40.66 9.57
C ASP A 252 -39.89 41.13 10.88
N GLN A 253 -39.50 40.17 11.71
CA GLN A 253 -38.82 40.48 12.96
C GLN A 253 -37.49 41.17 12.73
N ALA A 254 -36.75 40.69 11.73
CA ALA A 254 -35.44 41.23 11.43
C ALA A 254 -35.51 42.73 11.20
N GLU A 255 -36.50 43.21 10.45
CA GLU A 255 -36.58 44.63 10.18
C GLU A 255 -37.03 45.44 11.40
N ASN A 256 -37.91 44.88 12.22
CA ASN A 256 -38.26 45.53 13.49
C ASN A 256 -37.01 45.78 14.30
N THR A 257 -36.22 44.72 14.44
CA THR A 257 -34.99 44.75 15.22
C THR A 257 -34.00 45.72 14.58
N ALA A 258 -33.83 45.60 13.27
CA ALA A 258 -32.94 46.46 12.51
C ALA A 258 -33.28 47.93 12.73
N ARG A 259 -34.56 48.26 12.58
CA ARG A 259 -35.01 49.64 12.67
C ARG A 259 -34.79 50.24 14.07
N SER A 260 -35.08 49.48 15.11
CA SER A 260 -34.90 50.01 16.46
C SER A 260 -33.41 50.16 16.77
N THR A 261 -32.58 49.33 16.14
CA THR A 261 -31.13 49.45 16.24
C THR A 261 -30.64 50.68 15.50
N ALA A 262 -31.25 50.95 14.35
CA ALA A 262 -30.88 52.07 13.48
C ALA A 262 -30.87 53.42 14.22
N VAL A 263 -31.83 53.62 15.12
CA VAL A 263 -31.91 54.85 15.88
C VAL A 263 -30.64 55.06 16.69
N LYS A 264 -30.23 54.01 17.43
CA LYS A 264 -29.03 54.08 18.27
C LYS A 264 -27.78 54.32 17.43
N LEU A 265 -27.65 53.58 16.34
CA LEU A 265 -26.48 53.69 15.50
C LEU A 265 -26.37 55.07 14.85
N LEU A 266 -27.51 55.62 14.42
CA LEU A 266 -27.50 56.95 13.83
C LEU A 266 -27.00 57.99 14.82
N GLU A 267 -27.53 57.96 16.04
CA GLU A 267 -27.07 58.83 17.12
C GLU A 267 -25.56 58.74 17.25
N GLU A 268 -25.06 57.50 17.28
CA GLU A 268 -23.64 57.27 17.50
C GLU A 268 -22.81 57.78 16.33
N LEU A 269 -23.26 57.48 15.12
CA LEU A 269 -22.63 57.99 13.90
C LEU A 269 -22.52 59.51 13.93
N LYS A 270 -23.63 60.17 14.27
CA LYS A 270 -23.66 61.62 14.29
C LYS A 270 -22.67 62.19 15.29
N LYS A 271 -22.57 61.59 16.47
CA LYS A 271 -21.56 62.01 17.46
C LYS A 271 -20.15 62.03 16.87
N HIS A 272 -19.79 60.98 16.13
CA HIS A 272 -18.49 60.91 15.50
C HIS A 272 -18.31 61.97 14.44
N LEU A 273 -19.40 62.29 13.74
CA LEU A 273 -19.33 63.27 12.65
C LEU A 273 -19.45 64.73 13.09
N GLY A 274 -19.74 64.95 14.36
CA GLY A 274 -20.10 66.28 14.86
C GLY A 274 -21.48 66.65 14.31
N ILE A 275 -22.38 65.67 14.34
CA ILE A 275 -23.69 65.66 13.66
C ILE A 275 -23.62 65.95 12.16
N GLU B 8 -38.63 64.07 -18.21
CA GLU B 8 -40.11 64.01 -18.41
C GLU B 8 -40.68 62.60 -18.13
N ARG B 9 -41.17 62.43 -16.90
CA ARG B 9 -41.71 61.16 -16.39
C ARG B 9 -43.04 60.77 -17.06
N PRO B 10 -43.28 59.46 -17.22
CA PRO B 10 -44.60 58.93 -17.56
C PRO B 10 -45.48 58.76 -16.33
N LYS B 11 -46.78 58.99 -16.45
CA LYS B 11 -47.69 58.65 -15.36
C LYS B 11 -47.73 57.12 -15.23
N LEU B 12 -47.57 56.61 -14.01
CA LEU B 12 -47.48 55.15 -13.81
C LEU B 12 -48.82 54.49 -13.43
N ILE B 13 -49.63 55.18 -12.63
CA ILE B 13 -51.02 54.78 -12.45
C ILE B 13 -51.88 55.82 -13.14
N LEU B 14 -52.58 55.38 -14.17
CA LEU B 14 -53.48 56.24 -14.92
C LEU B 14 -54.73 56.49 -14.07
N ASP B 15 -55.52 57.52 -14.39
CA ASP B 15 -56.63 57.94 -13.53
C ASP B 15 -57.86 57.03 -13.52
N ASP B 16 -57.73 55.83 -14.07
CA ASP B 16 -58.72 54.77 -13.84
C ASP B 16 -58.17 53.62 -12.94
N GLY B 17 -57.03 53.88 -12.30
CA GLY B 17 -56.40 52.96 -11.35
C GLY B 17 -55.61 51.83 -11.96
N LYS B 18 -55.36 51.91 -13.28
CA LYS B 18 -54.67 50.85 -14.01
C LYS B 18 -53.28 51.28 -14.49
N ARG B 19 -52.39 50.30 -14.62
CA ARG B 19 -50.99 50.54 -14.95
C ARG B 19 -50.80 50.78 -16.45
N THR B 20 -49.55 51.06 -16.86
CA THR B 20 -49.26 51.42 -18.26
C THR B 20 -49.55 50.31 -19.26
N ASP B 21 -49.48 49.06 -18.82
CA ASP B 21 -49.81 47.92 -19.67
C ASP B 21 -51.27 47.45 -19.49
N GLY B 22 -52.02 48.17 -18.67
CA GLY B 22 -53.44 47.86 -18.46
C GLY B 22 -53.72 46.98 -17.27
N ARG B 23 -52.67 46.55 -16.57
CA ARG B 23 -52.83 45.67 -15.41
C ARG B 23 -53.29 46.45 -14.18
N LYS B 24 -54.01 45.76 -13.29
CA LYS B 24 -54.32 46.28 -11.97
C LYS B 24 -53.08 46.08 -11.07
N PRO B 25 -52.97 46.87 -9.99
CA PRO B 25 -51.81 46.72 -9.10
C PRO B 25 -51.56 45.29 -8.62
N ASP B 26 -52.61 44.47 -8.53
CA ASP B 26 -52.48 43.11 -8.03
C ASP B 26 -52.52 42.03 -9.12
N GLU B 27 -52.12 42.39 -10.34
CA GLU B 27 -52.11 41.43 -11.44
C GLU B 27 -50.72 41.02 -11.93
N LEU B 28 -50.49 39.72 -12.06
CA LEU B 28 -49.27 39.18 -12.65
C LEU B 28 -49.31 39.31 -14.15
N ARG B 29 -48.13 39.43 -14.78
CA ARG B 29 -48.02 39.34 -16.22
C ARG B 29 -48.28 37.90 -16.63
N SER B 30 -48.44 37.64 -17.93
CA SER B 30 -48.64 36.27 -18.40
C SER B 30 -47.39 35.41 -18.14
N ILE B 31 -47.61 34.13 -17.90
CA ILE B 31 -46.52 33.22 -17.62
C ILE B 31 -46.51 32.08 -18.63
N LYS B 32 -45.31 31.70 -19.06
CA LYS B 32 -45.14 30.53 -19.91
C LYS B 32 -43.91 29.78 -19.42
N ILE B 33 -44.05 28.47 -19.23
CA ILE B 33 -42.96 27.63 -18.75
C ILE B 33 -42.88 26.37 -19.60
N GLU B 34 -41.69 26.02 -20.05
CA GLU B 34 -41.48 24.66 -20.55
C GLU B 34 -40.14 24.05 -20.17
N LEU B 35 -40.16 22.74 -19.98
CA LEU B 35 -39.02 21.98 -19.47
C LEU B 35 -38.45 21.03 -20.51
N GLY B 36 -37.19 20.65 -20.33
CA GLY B 36 -36.55 19.62 -21.16
C GLY B 36 -36.43 20.05 -22.59
N VAL B 37 -36.13 21.33 -22.77
CA VAL B 37 -36.13 21.94 -24.09
C VAL B 37 -34.77 21.76 -24.79
N LEU B 38 -33.73 21.44 -24.02
CA LEU B 38 -32.39 21.22 -24.55
C LEU B 38 -31.99 19.76 -24.46
N LYS B 39 -31.56 19.18 -25.58
CA LYS B 39 -31.23 17.75 -25.65
C LYS B 39 -29.94 17.39 -24.94
N ASN B 40 -28.91 18.20 -25.14
CA ASN B 40 -27.58 17.87 -24.64
C ASN B 40 -27.28 18.38 -23.23
N ALA B 41 -28.31 18.77 -22.50
CA ALA B 41 -28.14 19.20 -21.11
C ALA B 41 -28.83 18.20 -20.19
N ASP B 42 -28.44 18.22 -18.91
CA ASP B 42 -29.03 17.27 -17.98
C ASP B 42 -30.41 17.71 -17.54
N GLY B 43 -30.65 19.01 -17.54
CA GLY B 43 -31.95 19.59 -17.25
C GLY B 43 -32.03 20.97 -17.89
N SER B 44 -33.23 21.38 -18.31
CA SER B 44 -33.40 22.67 -18.94
C SER B 44 -34.81 23.17 -18.78
N ALA B 45 -34.96 24.49 -18.77
CA ALA B 45 -36.26 25.16 -18.73
C ALA B 45 -36.22 26.52 -19.43
N ILE B 46 -37.33 26.88 -20.04
CA ILE B 46 -37.56 28.25 -20.50
C ILE B 46 -38.67 28.82 -19.61
N PHE B 47 -38.45 30.01 -19.06
CA PHE B 47 -39.44 30.68 -18.26
C PHE B 47 -39.69 32.06 -18.84
N GLU B 48 -40.97 32.41 -18.99
CA GLU B 48 -41.37 33.71 -19.51
C GLU B 48 -42.34 34.39 -18.56
N MET B 49 -42.00 35.60 -18.12
CA MET B 49 -42.95 36.47 -17.44
C MET B 49 -43.15 37.71 -18.27
N GLY B 50 -44.35 37.83 -18.82
CA GLY B 50 -44.62 38.83 -19.82
C GLY B 50 -43.54 38.71 -20.88
N ASN B 51 -42.77 39.78 -21.05
CA ASN B 51 -41.75 39.82 -22.08
C ASN B 51 -40.34 39.48 -21.60
N THR B 52 -40.20 39.19 -20.32
CA THR B 52 -38.92 38.75 -19.78
C THR B 52 -38.81 37.24 -19.96
N LYS B 53 -37.77 36.80 -20.66
CA LYS B 53 -37.65 35.39 -21.06
C LYS B 53 -36.25 34.90 -20.79
N ALA B 54 -36.14 33.80 -20.06
CA ALA B 54 -34.84 33.23 -19.74
C ALA B 54 -34.81 31.75 -20.07
N ILE B 55 -33.63 31.27 -20.49
CA ILE B 55 -33.41 29.86 -20.66
C ILE B 55 -32.32 29.44 -19.66
N ALA B 56 -32.51 28.28 -19.04
CA ALA B 56 -31.55 27.75 -18.08
C ALA B 56 -31.20 26.33 -18.43
N ALA B 57 -29.93 25.99 -18.25
CA ALA B 57 -29.45 24.65 -18.52
C ALA B 57 -28.65 24.19 -17.31
N VAL B 58 -28.82 22.92 -16.95
CA VAL B 58 -28.08 22.32 -15.86
C VAL B 58 -27.21 21.19 -16.41
N TYR B 59 -25.94 21.20 -16.06
CA TYR B 59 -25.06 20.09 -16.42
C TYR B 59 -24.74 19.38 -15.10
N GLY B 60 -25.37 18.21 -14.96
CA GLY B 60 -25.72 17.54 -13.69
C GLY B 60 -24.54 17.24 -12.82
N PRO B 61 -24.75 16.62 -11.65
CA PRO B 61 -23.61 16.41 -10.75
C PRO B 61 -22.48 15.65 -11.46
N LYS B 62 -21.29 16.23 -11.44
CA LYS B 62 -20.16 15.67 -12.16
C LYS B 62 -18.84 15.98 -11.43
N GLU B 63 -17.89 15.06 -11.50
CA GLU B 63 -16.54 15.26 -10.95
C GLU B 63 -15.97 16.62 -11.37
N MET B 64 -15.30 17.30 -10.45
CA MET B 64 -14.89 18.66 -10.72
C MET B 64 -13.46 18.79 -11.21
N HIS B 65 -13.32 19.54 -12.31
CA HIS B 65 -12.09 19.65 -13.10
C HIS B 65 -10.79 19.70 -12.26
N PRO B 66 -10.49 20.86 -11.62
CA PRO B 66 -9.32 20.90 -10.73
C PRO B 66 -9.74 20.62 -9.28
N ARG B 67 -9.28 19.50 -8.73
CA ARG B 67 -9.83 18.98 -7.48
C ARG B 67 -9.78 19.94 -6.28
N HIS B 68 -8.74 20.78 -6.19
CA HIS B 68 -8.61 21.70 -5.07
C HIS B 68 -9.78 22.69 -4.98
N LEU B 69 -10.49 22.87 -6.08
CA LEU B 69 -11.65 23.77 -6.14
C LEU B 69 -12.98 23.11 -5.75
N SER B 70 -12.94 21.80 -5.52
CA SER B 70 -14.09 21.04 -5.06
C SER B 70 -14.20 21.07 -3.55
N LEU B 71 -15.30 20.53 -3.02
CA LEU B 71 -15.53 20.47 -1.60
C LEU B 71 -15.72 19.03 -1.16
N PRO B 72 -15.25 18.67 0.05
CA PRO B 72 -15.33 17.27 0.51
C PRO B 72 -16.72 16.81 0.97
N ASP B 73 -17.59 17.74 1.33
CA ASP B 73 -18.87 17.43 1.96
C ASP B 73 -20.09 17.78 1.08
N ARG B 74 -19.85 18.52 0.00
CA ARG B 74 -20.90 19.23 -0.73
C ARG B 74 -20.58 19.22 -2.21
N ALA B 75 -21.60 19.48 -3.03
CA ALA B 75 -21.38 19.87 -4.41
C ALA B 75 -21.08 21.37 -4.45
N VAL B 76 -20.31 21.79 -5.45
CA VAL B 76 -20.11 23.19 -5.72
C VAL B 76 -21.09 23.58 -6.81
N LEU B 77 -21.90 24.60 -6.56
CA LEU B 77 -22.72 25.19 -7.62
C LEU B 77 -21.91 26.23 -8.37
N ARG B 78 -21.96 26.17 -9.69
CA ARG B 78 -21.40 27.21 -10.53
C ARG B 78 -22.52 27.80 -11.35
N VAL B 79 -22.77 29.10 -11.18
CA VAL B 79 -23.95 29.74 -11.76
C VAL B 79 -23.56 30.92 -12.62
N ARG B 80 -24.16 31.04 -13.79
CA ARG B 80 -23.91 32.16 -14.68
C ARG B 80 -25.25 32.82 -14.97
N TYR B 81 -25.38 34.09 -14.58
CA TYR B 81 -26.49 34.93 -14.99
C TYR B 81 -25.98 35.82 -16.11
N HIS B 82 -26.59 35.72 -17.28
CA HIS B 82 -26.11 36.48 -18.42
C HIS B 82 -27.23 37.00 -19.31
N MET B 83 -27.07 38.23 -19.80
CA MET B 83 -28.03 38.82 -20.71
C MET B 83 -27.47 38.84 -22.10
N THR B 84 -28.23 38.28 -23.05
CA THR B 84 -27.80 38.28 -24.45
C THR B 84 -27.76 39.70 -24.94
N PRO B 85 -26.85 40.02 -25.87
CA PRO B 85 -26.74 41.40 -26.35
C PRO B 85 -28.04 41.94 -26.91
N PHE B 86 -28.91 41.06 -27.41
CA PHE B 86 -30.15 41.48 -28.08
C PHE B 86 -31.37 41.33 -27.19
N SER B 87 -31.17 41.27 -25.88
CA SER B 87 -32.27 41.10 -24.94
C SER B 87 -32.97 42.42 -24.59
N THR B 88 -32.31 43.53 -24.89
CA THR B 88 -32.84 44.85 -24.57
C THR B 88 -32.92 45.71 -25.83
N ASP B 89 -33.48 46.90 -25.72
CA ASP B 89 -33.60 47.79 -26.86
C ASP B 89 -32.24 48.28 -27.33
N GLU B 90 -31.38 48.65 -26.39
CA GLU B 90 -30.00 49.00 -26.71
C GLU B 90 -29.10 47.80 -26.47
N ARG B 91 -28.16 47.56 -27.38
CA ARG B 91 -27.32 46.38 -27.30
C ARG B 91 -26.48 46.36 -26.02
N LYS B 92 -26.60 45.28 -25.26
CA LYS B 92 -25.72 45.05 -24.10
C LYS B 92 -24.38 44.48 -24.56
N ASN B 93 -23.29 44.98 -23.98
CA ASN B 93 -21.99 44.33 -24.15
C ASN B 93 -22.03 42.95 -23.51
N PRO B 94 -21.66 41.90 -24.27
CA PRO B 94 -21.73 40.53 -23.76
C PRO B 94 -20.77 40.27 -22.59
N ALA B 95 -19.71 41.08 -22.48
CA ALA B 95 -18.77 41.04 -21.36
C ALA B 95 -19.54 41.24 -20.06
N PRO B 96 -19.22 40.46 -19.02
CA PRO B 96 -20.06 40.54 -17.81
C PRO B 96 -19.92 41.90 -17.07
N SER B 97 -21.07 42.49 -16.75
CA SER B 97 -21.12 43.73 -16.02
C SER B 97 -21.07 43.48 -14.52
N ARG B 98 -20.73 44.53 -13.75
CA ARG B 98 -20.79 44.45 -12.30
C ARG B 98 -22.18 43.96 -11.85
N ARG B 99 -23.22 44.44 -12.52
CA ARG B 99 -24.58 43.98 -12.25
C ARG B 99 -24.71 42.45 -12.42
N GLU B 100 -24.19 41.93 -13.53
CA GLU B 100 -24.27 40.49 -13.83
C GLU B 100 -23.49 39.68 -12.80
N ILE B 101 -22.36 40.21 -12.37
CA ILE B 101 -21.54 39.58 -11.35
C ILE B 101 -22.28 39.49 -10.01
N GLU B 102 -22.88 40.59 -9.57
CA GLU B 102 -23.66 40.59 -8.34
C GLU B 102 -24.85 39.64 -8.42
N LEU B 103 -25.61 39.74 -9.49
CA LEU B 103 -26.80 38.92 -9.65
C LEU B 103 -26.48 37.43 -9.73
N SER B 104 -25.34 37.09 -10.35
CA SER B 104 -24.90 35.70 -10.40
C SER B 104 -24.71 35.15 -8.99
N LYS B 105 -24.08 35.95 -8.13
CA LYS B 105 -23.84 35.56 -6.75
C LYS B 105 -25.16 35.41 -6.01
N VAL B 106 -26.01 36.42 -6.15
CA VAL B 106 -27.31 36.44 -5.47
C VAL B 106 -28.15 35.22 -5.86
N ILE B 107 -28.18 34.93 -7.16
CA ILE B 107 -28.92 33.78 -7.68
C ILE B 107 -28.30 32.46 -7.19
N ARG B 108 -26.98 32.34 -7.28
CA ARG B 108 -26.30 31.18 -6.77
C ARG B 108 -26.72 30.89 -5.33
N GLU B 109 -26.67 31.91 -4.48
CA GLU B 109 -26.98 31.74 -3.06
C GLU B 109 -28.42 31.27 -2.85
N ALA B 110 -29.32 31.83 -3.65
CA ALA B 110 -30.71 31.43 -3.61
C ALA B 110 -30.81 29.94 -3.88
N LEU B 111 -30.06 29.46 -4.86
CA LEU B 111 -30.13 28.05 -5.26
C LEU B 111 -29.49 27.15 -4.21
N GLU B 112 -28.45 27.67 -3.58
CA GLU B 112 -27.74 26.90 -2.56
C GLU B 112 -28.60 26.61 -1.36
N SER B 113 -29.57 27.49 -1.08
CA SER B 113 -30.48 27.25 0.03
C SER B 113 -31.49 26.16 -0.31
N ALA B 114 -31.64 25.88 -1.60
CA ALA B 114 -32.66 24.92 -2.07
C ALA B 114 -32.09 23.55 -2.46
N VAL B 115 -30.95 23.56 -3.13
CA VAL B 115 -30.37 22.33 -3.66
C VAL B 115 -29.68 21.54 -2.56
N LEU B 116 -29.97 20.24 -2.50
CA LEU B 116 -29.37 19.38 -1.49
C LEU B 116 -27.95 18.99 -1.87
N VAL B 117 -27.05 19.96 -1.80
CA VAL B 117 -25.67 19.79 -2.27
C VAL B 117 -24.88 18.70 -1.52
N GLU B 118 -25.28 18.42 -0.28
CA GLU B 118 -24.54 17.49 0.58
C GLU B 118 -24.56 16.09 -0.04
N LEU B 119 -25.56 15.85 -0.89
CA LEU B 119 -25.74 14.56 -1.54
C LEU B 119 -24.64 14.23 -2.53
N PHE B 120 -23.95 15.26 -3.02
CA PHE B 120 -22.97 15.06 -4.09
C PHE B 120 -21.59 15.63 -3.79
N PRO B 121 -20.86 15.02 -2.85
CA PRO B 121 -19.53 15.54 -2.52
C PRO B 121 -18.60 15.48 -3.71
N ARG B 122 -17.65 16.41 -3.77
CA ARG B 122 -16.59 16.42 -4.79
C ARG B 122 -17.07 16.63 -6.22
N THR B 123 -18.31 17.07 -6.38
CA THR B 123 -18.88 17.29 -7.71
C THR B 123 -19.17 18.75 -7.90
N ALA B 124 -19.41 19.13 -9.16
CA ALA B 124 -19.94 20.46 -9.49
C ALA B 124 -21.26 20.30 -10.21
N ILE B 125 -22.18 21.21 -9.94
CA ILE B 125 -23.43 21.34 -10.68
C ILE B 125 -23.38 22.69 -11.36
N ASP B 126 -23.37 22.69 -12.70
CA ASP B 126 -23.31 23.93 -13.46
C ASP B 126 -24.68 24.39 -13.91
N VAL B 127 -25.02 25.62 -13.58
CA VAL B 127 -26.31 26.18 -13.94
C VAL B 127 -26.08 27.40 -14.81
N PHE B 128 -26.43 27.29 -16.07
CA PHE B 128 -26.23 28.39 -17.01
C PHE B 128 -27.55 29.03 -17.38
N THR B 129 -27.61 30.35 -17.25
CA THR B 129 -28.83 31.13 -17.44
C THR B 129 -28.60 32.21 -18.49
N GLU B 130 -29.55 32.34 -19.42
CA GLU B 130 -29.45 33.38 -20.42
C GLU B 130 -30.75 34.14 -20.51
N ILE B 131 -30.68 35.45 -20.36
CA ILE B 131 -31.85 36.28 -20.63
C ILE B 131 -31.95 36.56 -22.13
N LEU B 132 -33.04 36.08 -22.72
CA LEU B 132 -33.29 36.24 -24.14
C LEU B 132 -34.03 37.52 -24.45
N GLN B 133 -34.94 37.94 -23.56
CA GLN B 133 -35.53 39.27 -23.60
C GLN B 133 -35.70 39.78 -22.19
N ALA B 134 -35.37 41.05 -21.98
CA ALA B 134 -35.52 41.66 -20.67
C ALA B 134 -36.64 42.68 -20.68
N ASP B 135 -37.56 42.54 -19.74
CA ASP B 135 -38.59 43.54 -19.49
C ASP B 135 -38.81 43.62 -17.99
N ALA B 136 -37.71 43.77 -17.24
CA ALA B 136 -37.70 43.78 -15.78
C ALA B 136 -38.00 42.43 -15.14
N GLY B 137 -37.40 42.18 -13.99
CA GLY B 137 -37.61 40.93 -13.24
C GLY B 137 -36.77 39.77 -13.74
N SER B 138 -35.78 40.08 -14.59
CA SER B 138 -34.91 39.07 -15.21
C SER B 138 -34.26 38.18 -14.19
N ARG B 139 -33.79 38.75 -13.09
CA ARG B 139 -33.06 37.98 -12.09
C ARG B 139 -33.94 36.88 -11.53
N LEU B 140 -35.23 37.17 -11.39
CA LEU B 140 -36.18 36.20 -10.85
C LEU B 140 -36.58 35.15 -11.86
N VAL B 141 -36.82 35.58 -13.10
CA VAL B 141 -37.12 34.66 -14.20
C VAL B 141 -35.95 33.70 -14.38
N SER B 142 -34.74 34.25 -14.38
CA SER B 142 -33.54 33.44 -14.45
C SER B 142 -33.47 32.44 -13.29
N LEU B 143 -33.74 32.91 -12.08
CA LEU B 143 -33.70 32.06 -10.90
C LEU B 143 -34.70 30.92 -11.00
N MET B 144 -35.92 31.24 -11.41
CA MET B 144 -36.97 30.24 -11.53
C MET B 144 -36.68 29.23 -12.65
N ALA B 145 -36.19 29.73 -13.78
CA ALA B 145 -35.78 28.86 -14.88
C ALA B 145 -34.74 27.88 -14.35
N ALA B 146 -33.78 28.41 -13.59
CA ALA B 146 -32.74 27.58 -12.97
C ALA B 146 -33.33 26.50 -12.06
N SER B 147 -34.19 26.94 -11.13
CA SER B 147 -34.87 26.03 -10.20
C SER B 147 -35.53 24.89 -10.94
N LEU B 148 -36.24 25.21 -12.01
CA LEU B 148 -36.98 24.21 -12.81
C LEU B 148 -36.04 23.32 -13.62
N ALA B 149 -34.96 23.90 -14.13
CA ALA B 149 -33.98 23.11 -14.88
C ALA B 149 -33.33 22.07 -13.94
N LEU B 150 -33.08 22.46 -12.69
CA LEU B 150 -32.55 21.55 -11.70
C LEU B 150 -33.55 20.42 -11.43
N ALA B 151 -34.83 20.78 -11.29
CA ALA B 151 -35.90 19.80 -11.13
C ALA B 151 -35.97 18.87 -12.35
N ASP B 152 -35.86 19.48 -13.55
CA ASP B 152 -35.83 18.73 -14.80
C ASP B 152 -34.66 17.74 -14.85
N ALA B 153 -33.55 18.10 -14.23
CA ALA B 153 -32.38 17.23 -14.16
C ALA B 153 -32.53 16.15 -13.10
N GLY B 154 -33.57 16.25 -12.27
CA GLY B 154 -33.77 15.27 -11.20
C GLY B 154 -32.82 15.47 -10.03
N ILE B 155 -32.35 16.70 -9.86
CA ILE B 155 -31.49 17.01 -8.73
C ILE B 155 -32.35 17.37 -7.55
N PRO B 156 -32.17 16.65 -6.42
CA PRO B 156 -33.04 16.77 -5.24
C PRO B 156 -32.91 18.14 -4.61
N MET B 157 -34.05 18.75 -4.29
CA MET B 157 -34.06 20.08 -3.67
C MET B 157 -35.08 20.12 -2.52
N ARG B 158 -34.94 21.11 -1.64
CA ARG B 158 -35.90 21.29 -0.55
C ARG B 158 -37.31 21.60 -1.07
N ASP B 159 -37.36 22.40 -2.13
CA ASP B 159 -38.61 22.85 -2.76
C ASP B 159 -38.25 23.57 -4.07
N LEU B 160 -39.25 23.87 -4.90
CA LEU B 160 -39.01 24.74 -6.06
C LEU B 160 -38.91 26.18 -5.57
N ILE B 161 -38.37 27.05 -6.43
CA ILE B 161 -38.29 28.47 -6.12
C ILE B 161 -39.20 29.28 -7.03
N ALA B 162 -40.07 30.10 -6.42
CA ALA B 162 -40.91 31.03 -7.16
C ALA B 162 -40.64 32.45 -6.68
N GLY B 163 -40.67 33.41 -7.60
CA GLY B 163 -40.36 34.78 -7.27
C GLY B 163 -41.11 35.83 -8.08
N VAL B 164 -41.29 37.00 -7.48
CA VAL B 164 -41.79 38.19 -8.17
C VAL B 164 -41.17 39.42 -7.57
N ALA B 165 -41.05 40.46 -8.41
CA ALA B 165 -40.66 41.77 -7.93
C ALA B 165 -41.93 42.52 -7.61
N VAL B 166 -41.98 43.03 -6.40
CA VAL B 166 -43.09 43.83 -5.95
C VAL B 166 -42.50 45.24 -5.85
N GLY B 167 -43.34 46.27 -5.87
CA GLY B 167 -42.79 47.63 -5.88
C GLY B 167 -43.79 48.74 -5.59
N LYS B 168 -43.35 49.98 -5.79
CA LYS B 168 -44.18 51.16 -5.54
C LYS B 168 -44.14 52.07 -6.76
N ALA B 169 -45.32 52.36 -7.31
CA ALA B 169 -45.41 53.12 -8.56
C ALA B 169 -45.73 54.60 -8.36
N ASP B 170 -46.98 54.97 -8.10
CA ASP B 170 -47.24 56.39 -7.86
C ASP B 170 -47.81 56.54 -6.48
N GLY B 171 -47.04 56.03 -5.51
CA GLY B 171 -47.50 55.85 -4.14
C GLY B 171 -48.29 54.57 -4.01
N VAL B 172 -48.53 53.88 -5.13
CA VAL B 172 -49.29 52.63 -5.13
C VAL B 172 -48.41 51.39 -5.17
N ILE B 173 -48.67 50.47 -4.25
CA ILE B 173 -47.94 49.22 -4.23
C ILE B 173 -48.42 48.28 -5.32
N ILE B 174 -47.49 47.81 -6.15
CA ILE B 174 -47.83 47.03 -7.34
C ILE B 174 -47.05 45.73 -7.43
N LEU B 175 -47.59 44.78 -8.19
CA LEU B 175 -47.01 43.44 -8.29
C LEU B 175 -46.43 43.17 -9.67
N ASP B 176 -45.19 42.68 -9.72
CA ASP B 176 -44.56 42.19 -10.96
C ASP B 176 -44.32 43.32 -11.98
N LEU B 177 -43.18 44.02 -11.84
CA LEU B 177 -42.98 45.30 -12.56
C LEU B 177 -42.57 45.17 -14.02
N ASN B 178 -43.07 46.12 -14.82
CA ASN B 178 -42.59 46.46 -16.15
C ASN B 178 -41.20 46.98 -16.10
N GLU B 179 -40.58 47.12 -17.26
CA GLU B 179 -39.39 47.93 -17.37
C GLU B 179 -39.71 49.40 -17.04
N THR B 180 -40.83 49.89 -17.54
CA THR B 180 -41.29 51.25 -17.27
C THR B 180 -41.42 51.49 -15.76
N GLU B 181 -42.03 50.54 -15.07
CA GLU B 181 -42.25 50.67 -13.64
C GLU B 181 -40.94 50.56 -12.88
N ASP B 182 -40.05 49.69 -13.35
CA ASP B 182 -38.72 49.52 -12.77
C ASP B 182 -37.97 50.84 -12.83
N MET B 183 -37.97 51.41 -14.01
CA MET B 183 -37.23 52.63 -14.26
C MET B 183 -37.76 53.83 -13.47
N TRP B 184 -39.08 54.04 -13.51
CA TRP B 184 -39.67 55.27 -12.98
C TRP B 184 -40.31 55.16 -11.58
N GLY B 185 -40.49 53.94 -11.08
CA GLY B 185 -41.12 53.73 -9.77
C GLY B 185 -40.24 54.18 -8.61
N GLU B 186 -40.80 54.20 -7.41
CA GLU B 186 -40.06 54.58 -6.21
C GLU B 186 -39.28 53.42 -5.62
N ALA B 187 -39.76 52.20 -5.88
CA ALA B 187 -39.17 51.02 -5.28
C ALA B 187 -39.31 49.79 -6.16
N ASP B 188 -38.36 48.88 -6.02
CA ASP B 188 -38.34 47.61 -6.73
C ASP B 188 -37.80 46.57 -5.75
N MET B 189 -38.62 45.59 -5.43
CA MET B 189 -38.27 44.61 -4.42
C MET B 189 -38.48 43.18 -4.90
N PRO B 190 -37.46 42.61 -5.58
CA PRO B 190 -37.54 41.20 -5.96
C PRO B 190 -37.48 40.29 -4.72
N ILE B 191 -38.39 39.32 -4.69
CA ILE B 191 -38.50 38.34 -3.60
C ILE B 191 -38.72 36.96 -4.21
N ALA B 192 -37.96 35.98 -3.73
CA ALA B 192 -38.11 34.60 -4.16
C ALA B 192 -38.18 33.65 -2.97
N MET B 193 -39.08 32.67 -3.02
CA MET B 193 -39.21 31.71 -1.92
C MET B 193 -39.27 30.25 -2.34
N MET B 194 -39.05 29.38 -1.36
CA MET B 194 -39.50 28.01 -1.43
C MET B 194 -40.86 28.02 -0.74
N PRO B 195 -41.94 28.17 -1.53
CA PRO B 195 -43.27 28.51 -1.02
C PRO B 195 -43.84 27.52 -0.01
N SER B 196 -43.66 26.23 -0.24
CA SER B 196 -44.16 25.22 0.69
C SER B 196 -43.55 25.36 2.08
N LEU B 197 -42.34 25.92 2.15
CA LEU B 197 -41.61 26.03 3.41
C LEU B 197 -41.70 27.43 4.04
N ASN B 198 -42.30 28.36 3.32
CA ASN B 198 -42.28 29.78 3.69
C ASN B 198 -40.88 30.30 3.94
N GLN B 199 -39.94 29.83 3.13
CA GLN B 199 -38.56 30.24 3.24
C GLN B 199 -38.15 31.16 2.11
N VAL B 200 -37.64 32.34 2.47
CA VAL B 200 -37.16 33.28 1.48
C VAL B 200 -35.73 32.96 1.08
N THR B 201 -35.61 32.74 -0.22
CA THR B 201 -34.42 32.41 -0.94
C THR B 201 -33.63 33.66 -1.44
N LEU B 202 -34.35 34.64 -1.98
CA LEU B 202 -33.76 35.87 -2.49
C LEU B 202 -34.60 37.03 -2.01
N PHE B 203 -33.94 38.07 -1.51
CA PHE B 203 -34.65 39.26 -1.01
C PHE B 203 -33.83 40.54 -1.19
N GLN B 204 -34.30 41.40 -2.08
CA GLN B 204 -33.61 42.64 -2.38
C GLN B 204 -34.60 43.78 -2.50
N LEU B 205 -34.18 44.97 -2.12
CA LEU B 205 -34.94 46.17 -2.40
C LEU B 205 -34.01 47.26 -2.88
N ASN B 206 -34.35 47.84 -4.02
CA ASN B 206 -33.73 49.10 -4.41
C ASN B 206 -34.84 50.10 -4.52
N GLY B 207 -34.53 51.35 -4.21
CA GLY B 207 -35.51 52.41 -4.17
C GLY B 207 -35.77 52.76 -2.72
N SER B 208 -37.02 52.98 -2.39
CA SER B 208 -37.36 53.59 -1.12
C SER B 208 -38.78 53.23 -0.68
N MET B 209 -38.93 52.80 0.57
CA MET B 209 -40.25 52.43 1.14
C MET B 209 -40.32 52.69 2.63
N THR B 210 -41.51 52.98 3.13
CA THR B 210 -41.75 53.02 4.56
C THR B 210 -41.87 51.58 5.04
N PRO B 211 -41.56 51.31 6.33
CA PRO B 211 -41.76 49.98 6.87
C PRO B 211 -43.16 49.41 6.61
N ASP B 212 -44.19 50.26 6.70
CA ASP B 212 -45.56 49.84 6.41
C ASP B 212 -45.74 49.42 4.98
N GLU B 213 -45.22 50.23 4.05
CA GLU B 213 -45.24 49.90 2.63
C GLU B 213 -44.47 48.61 2.34
N PHE B 214 -43.30 48.49 2.97
CA PHE B 214 -42.50 47.29 2.87
C PHE B 214 -43.32 46.06 3.26
N ARG B 215 -44.01 46.12 4.41
CA ARG B 215 -44.85 45.02 4.86
C ARG B 215 -46.03 44.69 3.91
N GLN B 216 -46.66 45.74 3.37
CA GLN B 216 -47.74 45.58 2.39
C GLN B 216 -47.26 44.88 1.16
N ALA B 217 -46.17 45.41 0.58
CA ALA B 217 -45.60 44.87 -0.64
C ALA B 217 -45.22 43.40 -0.47
N PHE B 218 -44.60 43.11 0.66
CA PHE B 218 -44.22 41.75 1.04
C PHE B 218 -45.43 40.81 0.99
N ASP B 219 -46.53 41.22 1.60
CA ASP B 219 -47.75 40.42 1.56
C ASP B 219 -48.22 40.14 0.14
N LEU B 220 -48.18 41.17 -0.70
CA LEU B 220 -48.59 41.07 -2.10
C LEU B 220 -47.69 40.09 -2.86
N ALA B 221 -46.37 40.20 -2.66
CA ALA B 221 -45.43 39.30 -3.28
C ALA B 221 -45.75 37.83 -2.98
N VAL B 222 -46.13 37.55 -1.74
CA VAL B 222 -46.45 36.17 -1.34
C VAL B 222 -47.61 35.65 -2.18
N LYS B 223 -48.64 36.46 -2.37
CA LYS B 223 -49.82 36.02 -3.11
C LYS B 223 -49.45 35.73 -4.55
N GLY B 224 -48.61 36.61 -5.11
CA GLY B 224 -48.09 36.43 -6.46
C GLY B 224 -47.30 35.16 -6.56
N ILE B 225 -46.35 34.99 -5.63
CA ILE B 225 -45.48 33.83 -5.60
C ILE B 225 -46.28 32.52 -5.55
N ASN B 226 -47.35 32.49 -4.77
CA ASN B 226 -48.16 31.28 -4.65
C ASN B 226 -48.84 30.87 -5.95
N ILE B 227 -49.23 31.86 -6.74
CA ILE B 227 -49.82 31.58 -8.03
C ILE B 227 -48.79 31.01 -9.00
N ILE B 228 -47.63 31.65 -9.05
CA ILE B 228 -46.52 31.17 -9.88
C ILE B 228 -46.13 29.74 -9.51
N TYR B 229 -46.08 29.48 -8.20
CA TYR B 229 -45.68 28.18 -7.68
C TYR B 229 -46.56 27.06 -8.19
N ASN B 230 -47.88 27.29 -8.19
CA ASN B 230 -48.81 26.27 -8.70
C ASN B 230 -48.56 25.96 -10.15
N LEU B 231 -48.13 26.97 -10.91
CA LEU B 231 -47.81 26.81 -12.32
C LEU B 231 -46.52 26.04 -12.51
N GLU B 232 -45.54 26.28 -11.64
CA GLU B 232 -44.30 25.53 -11.65
C GLU B 232 -44.56 24.05 -11.39
N ARG B 233 -45.41 23.78 -10.40
CA ARG B 233 -45.79 22.42 -10.08
C ARG B 233 -46.42 21.71 -11.28
N GLU B 234 -47.27 22.44 -11.99
CA GLU B 234 -47.99 21.92 -13.14
C GLU B 234 -47.01 21.69 -14.29
N ALA B 235 -46.08 22.63 -14.47
CA ALA B 235 -45.06 22.53 -15.51
C ALA B 235 -44.17 21.30 -15.32
N LEU B 236 -44.03 20.89 -14.07
CA LEU B 236 -43.23 19.74 -13.71
C LEU B 236 -43.87 18.44 -14.22
N LYS B 237 -45.19 18.37 -14.13
CA LYS B 237 -45.93 17.23 -14.62
C LYS B 237 -46.08 17.23 -16.14
N SER B 238 -46.59 18.33 -16.70
CA SER B 238 -46.97 18.36 -18.12
C SER B 238 -45.87 18.88 -19.07
N LYS B 239 -44.80 19.40 -18.49
CA LYS B 239 -43.66 19.93 -19.25
C LYS B 239 -43.89 21.26 -19.99
N TYR B 240 -45.14 21.69 -20.05
CA TYR B 240 -45.49 22.93 -20.75
C TYR B 240 -46.70 23.59 -20.10
N VAL B 241 -46.58 24.88 -19.78
CA VAL B 241 -47.64 25.62 -19.09
C VAL B 241 -47.77 27.05 -19.61
N GLU B 242 -48.99 27.44 -19.95
CA GLU B 242 -49.35 28.81 -20.31
C GLU B 242 -50.39 29.38 -19.35
N PHE B 243 -50.25 30.65 -19.03
CA PHE B 243 -51.12 31.32 -18.07
C PHE B 243 -51.29 32.76 -18.47
N LYS B 244 -52.53 33.13 -18.80
CA LYS B 244 -52.87 34.49 -19.19
C LYS B 244 -52.91 35.36 -17.93
N GLU B 245 -52.55 36.64 -18.06
CA GLU B 245 -52.61 37.63 -16.97
C GLU B 245 -53.85 37.51 -16.10
N GLU B 246 -53.68 37.62 -14.78
CA GLU B 246 -54.84 37.81 -13.89
C GLU B 246 -54.55 38.19 -12.43
N GLY B 247 -55.61 38.67 -11.78
CA GLY B 247 -55.61 39.15 -10.40
C GLY B 247 -55.24 38.12 -9.37
N VAL B 248 -54.41 38.54 -8.42
CA VAL B 248 -53.95 37.71 -7.33
C VAL B 248 -55.06 37.41 -6.31
N MET C 1 -0.30 40.42 -7.67
CA MET C 1 0.49 39.54 -6.76
C MET C 1 1.76 38.88 -7.35
N SER C 2 2.92 39.09 -6.72
CA SER C 2 4.19 38.49 -7.14
C SER C 2 4.61 37.33 -6.25
N SER C 3 4.95 36.19 -6.85
CA SER C 3 5.27 35.00 -6.06
C SER C 3 6.48 34.23 -6.53
N THR C 4 7.14 33.54 -5.60
CA THR C 4 8.32 32.74 -5.89
C THR C 4 8.04 31.76 -7.03
N PRO C 5 8.81 31.87 -8.14
CA PRO C 5 8.60 31.00 -9.28
C PRO C 5 8.70 29.52 -8.92
N SER C 6 7.65 28.76 -9.25
CA SER C 6 7.58 27.33 -8.94
C SER C 6 8.22 26.44 -10.01
N ASN C 7 8.48 27.03 -11.17
CA ASN C 7 9.06 26.32 -12.31
C ASN C 7 10.58 26.25 -12.34
N GLN C 8 11.25 27.25 -11.75
CA GLN C 8 12.72 27.35 -11.78
C GLN C 8 13.46 25.99 -11.69
N ASN C 9 14.60 25.88 -12.38
CA ASN C 9 15.33 24.62 -12.39
C ASN C 9 16.37 24.54 -11.27
N ILE C 10 15.97 23.91 -10.16
CA ILE C 10 16.87 23.70 -9.03
C ILE C 10 18.12 22.92 -9.46
N ILE C 11 19.29 23.49 -9.14
CA ILE C 11 20.58 22.99 -9.61
C ILE C 11 21.38 22.37 -8.45
N PRO C 12 21.64 21.04 -8.52
CA PRO C 12 22.18 20.26 -7.39
C PRO C 12 23.46 20.85 -6.80
N ILE C 13 23.58 20.74 -5.48
CA ILE C 13 24.74 21.27 -4.75
C ILE C 13 26.04 20.81 -5.40
N ILE C 14 26.05 19.57 -5.87
CA ILE C 14 27.23 18.93 -6.45
C ILE C 14 27.70 19.68 -7.68
N LYS C 15 26.75 20.18 -8.47
CA LYS C 15 27.10 20.93 -9.67
C LYS C 15 27.58 22.33 -9.35
N LYS C 16 26.95 22.95 -8.35
CA LYS C 16 27.36 24.27 -7.89
C LYS C 16 28.81 24.27 -7.42
N GLU C 17 29.19 23.23 -6.67
CA GLU C 17 30.54 23.10 -6.17
C GLU C 17 31.57 22.97 -7.28
N SER C 18 31.23 22.26 -8.34
CA SER C 18 32.09 22.18 -9.53
C SER C 18 32.41 23.57 -10.03
N ILE C 19 31.37 24.37 -10.19
CA ILE C 19 31.53 25.69 -10.74
C ILE C 19 32.34 26.56 -9.79
N VAL C 20 32.00 26.50 -8.51
CA VAL C 20 32.72 27.27 -7.49
C VAL C 20 34.20 26.87 -7.40
N SER C 21 34.49 25.58 -7.54
CA SER C 21 35.87 25.09 -7.56
C SER C 21 36.69 25.71 -8.70
N LEU C 22 36.02 25.96 -9.83
CA LEU C 22 36.67 26.55 -10.99
C LEU C 22 36.91 28.01 -10.70
N PHE C 23 35.89 28.68 -10.17
CA PHE C 23 35.99 30.08 -9.77
C PHE C 23 37.18 30.34 -8.86
N GLU C 24 37.43 29.40 -7.97
CA GLU C 24 38.51 29.51 -7.02
C GLU C 24 39.89 29.52 -7.68
N LYS C 25 40.01 28.89 -8.85
CA LYS C 25 41.21 28.96 -9.67
C LYS C 25 41.11 30.09 -10.68
N GLY C 26 40.08 30.92 -10.55
CA GLY C 26 39.94 32.12 -11.37
C GLY C 26 39.49 31.86 -12.80
N ILE C 27 38.86 30.72 -13.03
CA ILE C 27 38.40 30.37 -14.36
C ILE C 27 36.94 29.91 -14.33
N ARG C 28 36.29 29.89 -15.49
CA ARG C 28 34.91 29.45 -15.56
C ARG C 28 34.74 28.26 -16.49
N GLN C 29 33.52 27.71 -16.52
CA GLN C 29 33.22 26.53 -17.34
C GLN C 29 33.64 26.73 -18.79
N ASP C 30 33.22 27.83 -19.39
CA ASP C 30 33.50 28.11 -20.81
C ASP C 30 34.91 28.67 -21.06
N GLY C 31 35.69 28.80 -19.99
CA GLY C 31 37.08 29.16 -20.11
C GLY C 31 37.41 30.61 -19.86
N ARG C 32 36.40 31.45 -19.67
CA ARG C 32 36.69 32.87 -19.53
C ARG C 32 37.04 33.24 -18.11
N LYS C 33 37.66 34.41 -17.97
CA LYS C 33 38.01 34.98 -16.68
C LYS C 33 36.75 35.48 -15.96
N LEU C 34 36.87 35.73 -14.67
CA LEU C 34 35.72 36.16 -13.89
C LEU C 34 35.16 37.49 -14.35
N THR C 35 35.99 38.28 -15.02
CA THR C 35 35.60 39.63 -15.45
C THR C 35 35.32 39.74 -16.96
N ASP C 36 35.35 38.60 -17.67
CA ASP C 36 35.14 38.58 -19.12
C ASP C 36 33.70 38.54 -19.52
N TYR C 37 33.38 39.24 -20.60
CA TYR C 37 32.11 39.10 -21.32
C TYR C 37 32.18 37.94 -22.29
N ARG C 38 31.02 37.35 -22.59
CA ARG C 38 30.95 36.30 -23.61
C ARG C 38 31.11 36.93 -25.00
N PRO C 39 31.31 36.10 -26.05
CA PRO C 39 31.41 36.66 -27.40
C PRO C 39 30.14 37.41 -27.80
N LEU C 40 30.29 38.54 -28.47
CA LEU C 40 29.17 39.37 -28.85
C LEU C 40 29.00 39.50 -30.37
N SER C 41 27.82 39.15 -30.89
CA SER C 41 27.43 39.44 -32.27
C SER C 41 26.30 40.45 -32.30
N ILE C 42 26.37 41.37 -33.25
CA ILE C 42 25.25 42.27 -33.53
C ILE C 42 25.05 42.32 -35.03
N THR C 43 23.84 42.00 -35.46
CA THR C 43 23.42 42.11 -36.85
C THR C 43 22.36 43.20 -36.95
N LEU C 44 22.70 44.28 -37.64
CA LEU C 44 21.80 45.41 -37.77
C LEU C 44 20.83 45.18 -38.91
N ASP C 45 19.69 45.87 -38.86
CA ASP C 45 18.67 45.77 -39.91
C ASP C 45 18.25 44.32 -40.17
N TYR C 46 18.11 43.53 -39.10
CA TYR C 46 17.72 42.13 -39.22
C TYR C 46 16.24 41.98 -39.55
N ALA C 47 15.41 42.79 -38.89
CA ALA C 47 13.98 42.82 -39.16
C ALA C 47 13.65 43.90 -40.20
N LYS C 48 13.48 43.49 -41.46
CA LYS C 48 13.44 44.46 -42.58
C LYS C 48 12.31 45.48 -42.51
N LYS C 49 11.17 45.07 -41.96
CA LYS C 49 10.03 45.97 -41.88
C LYS C 49 9.99 46.82 -40.61
N ALA C 50 11.00 46.64 -39.75
CA ALA C 50 11.23 47.57 -38.65
C ALA C 50 11.89 48.83 -39.20
N ASP C 51 11.72 49.94 -38.50
CA ASP C 51 12.40 51.19 -38.87
C ASP C 51 13.90 51.12 -38.57
N GLY C 52 14.24 50.44 -37.47
CA GLY C 52 15.62 50.04 -37.19
C GLY C 52 15.55 48.78 -36.36
N SER C 53 16.54 47.90 -36.49
CA SER C 53 16.53 46.64 -35.74
C SER C 53 17.93 46.11 -35.49
N ALA C 54 18.05 45.23 -34.49
CA ALA C 54 19.32 44.60 -34.16
C ALA C 54 19.12 43.20 -33.58
N LEU C 55 19.83 42.21 -34.14
CA LEU C 55 19.87 40.87 -33.58
C LEU C 55 21.17 40.73 -32.78
N VAL C 56 21.05 40.55 -31.48
CA VAL C 56 22.23 40.47 -30.63
C VAL C 56 22.41 39.04 -30.13
N LYS C 57 23.58 38.45 -30.36
CA LYS C 57 23.96 37.21 -29.70
C LYS C 57 25.04 37.51 -28.67
N LEU C 58 24.69 37.32 -27.41
CA LEU C 58 25.65 37.41 -26.32
C LEU C 58 25.77 36.01 -25.71
N GLY C 59 26.83 35.29 -26.06
CA GLY C 59 26.91 33.87 -25.74
C GLY C 59 25.79 33.14 -26.45
N THR C 60 24.93 32.47 -25.68
CA THR C 60 23.80 31.77 -26.25
C THR C 60 22.50 32.55 -26.04
N THR C 61 22.60 33.74 -25.46
CA THR C 61 21.44 34.62 -25.34
C THR C 61 21.20 35.37 -26.66
N MET C 62 19.99 35.26 -27.19
CA MET C 62 19.63 35.99 -28.40
C MET C 62 18.44 36.88 -28.22
N VAL C 63 18.62 38.12 -28.63
CA VAL C 63 17.61 39.13 -28.50
C VAL C 63 17.47 39.87 -29.82
N LEU C 64 16.24 40.02 -30.29
CA LEU C 64 15.94 40.85 -31.43
C LEU C 64 15.13 42.06 -30.99
N ALA C 65 15.69 43.26 -31.18
CA ALA C 65 14.99 44.50 -30.89
C ALA C 65 14.64 45.19 -32.20
N GLY C 66 13.44 45.76 -32.29
CA GLY C 66 13.02 46.50 -33.48
C GLY C 66 12.25 47.75 -33.10
N THR C 67 12.48 48.83 -33.85
CA THR C 67 11.76 50.09 -33.62
C THR C 67 10.68 50.33 -34.67
N LYS C 68 9.71 51.16 -34.29
CA LYS C 68 8.62 51.54 -35.16
C LYS C 68 8.17 52.93 -34.75
N LEU C 69 8.20 53.87 -35.68
CA LEU C 69 7.88 55.24 -35.38
C LEU C 69 6.48 55.62 -35.84
N GLU C 70 5.77 56.38 -34.99
CA GLU C 70 4.44 56.85 -35.32
C GLU C 70 4.27 58.28 -34.90
N ILE C 71 3.34 58.97 -35.56
CA ILE C 71 3.04 60.36 -35.24
C ILE C 71 1.83 60.39 -34.33
N ASP C 72 2.00 61.02 -33.18
CA ASP C 72 0.94 61.16 -32.18
C ASP C 72 0.84 62.59 -31.68
N LYS C 73 -0.33 62.96 -31.16
CA LYS C 73 -0.43 64.17 -30.38
C LYS C 73 0.39 63.92 -29.10
N PRO C 74 1.09 64.97 -28.60
CA PRO C 74 1.90 64.73 -27.39
C PRO C 74 1.00 64.56 -26.18
N TYR C 75 1.51 63.88 -25.16
CA TYR C 75 0.72 63.53 -23.98
C TYR C 75 0.47 64.73 -23.08
N GLU C 76 -0.74 64.82 -22.53
CA GLU C 76 -1.13 65.94 -21.65
C GLU C 76 -0.11 66.15 -20.51
N ASP C 77 0.33 65.05 -19.91
CA ASP C 77 1.31 65.11 -18.83
C ASP C 77 2.74 65.51 -19.28
N THR C 78 3.06 65.32 -20.57
CA THR C 78 4.42 65.58 -21.11
C THR C 78 4.41 66.42 -22.41
N PRO C 79 3.95 67.69 -22.34
CA PRO C 79 3.44 68.49 -23.47
C PRO C 79 4.34 68.73 -24.68
N ASN C 80 5.66 68.77 -24.49
CA ASN C 80 6.58 69.10 -25.61
C ASN C 80 7.68 68.09 -25.72
N GLN C 81 7.27 66.85 -25.97
CA GLN C 81 8.17 65.73 -25.92
C GLN C 81 7.66 64.69 -26.87
N GLY C 82 8.58 64.03 -27.56
CA GLY C 82 8.23 62.80 -28.23
C GLY C 82 8.12 61.69 -27.19
N ASN C 83 7.77 60.49 -27.64
CA ASN C 83 7.58 59.38 -26.73
C ASN C 83 8.51 58.20 -27.01
N LEU C 84 8.90 57.52 -25.94
CA LEU C 84 9.61 56.24 -26.03
C LEU C 84 8.78 55.25 -25.27
N ILE C 85 8.46 54.14 -25.91
CA ILE C 85 7.72 53.08 -25.25
C ILE C 85 8.47 51.78 -25.44
N VAL C 86 8.95 51.21 -24.33
CA VAL C 86 9.78 50.01 -24.39
C VAL C 86 8.97 48.79 -23.99
N ASN C 87 9.06 47.75 -24.81
CA ASN C 87 8.38 46.51 -24.52
C ASN C 87 9.29 45.29 -24.69
N VAL C 88 9.27 44.41 -23.70
CA VAL C 88 10.11 43.21 -23.72
C VAL C 88 9.23 41.98 -23.66
N GLU C 89 9.54 40.99 -24.49
CA GLU C 89 8.86 39.71 -24.43
C GLU C 89 9.87 38.58 -24.31
N LEU C 90 9.62 37.72 -23.33
CA LEU C 90 10.37 36.48 -23.16
C LEU C 90 9.56 35.35 -23.79
N LEU C 91 10.11 34.68 -24.78
CA LEU C 91 9.33 33.69 -25.51
C LEU C 91 9.49 32.22 -25.07
N PRO C 92 10.74 31.78 -24.74
CA PRO C 92 11.02 30.35 -24.48
C PRO C 92 10.13 29.66 -23.41
N ASP C 104 4.30 39.55 -18.43
CA ASP C 104 4.98 38.57 -17.57
C ASP C 104 5.25 39.07 -16.13
N GLU C 105 6.35 39.83 -15.92
CA GLU C 105 6.83 40.35 -14.60
C GLU C 105 8.33 40.61 -14.69
N ASN C 106 9.07 39.59 -15.12
CA ASN C 106 10.46 39.73 -15.46
C ASN C 106 10.56 40.52 -16.75
N ALA C 107 9.61 40.30 -17.66
CA ALA C 107 9.54 41.05 -18.90
C ALA C 107 9.29 42.52 -18.60
N ILE C 108 8.34 42.79 -17.69
CA ILE C 108 8.07 44.16 -17.29
C ILE C 108 9.28 44.82 -16.62
N GLU C 109 9.91 44.12 -15.67
CA GLU C 109 11.13 44.65 -15.05
C GLU C 109 12.17 45.01 -16.12
N LEU C 110 12.45 44.07 -17.02
CA LEU C 110 13.47 44.29 -18.05
C LEU C 110 13.15 45.55 -18.86
N ALA C 111 11.91 45.66 -19.34
CA ALA C 111 11.48 46.81 -20.10
C ALA C 111 11.75 48.11 -19.32
N ARG C 112 11.32 48.15 -18.06
CA ARG C 112 11.44 49.36 -17.27
C ARG C 112 12.90 49.67 -17.00
N VAL C 113 13.69 48.65 -16.68
CA VAL C 113 15.11 48.92 -16.40
C VAL C 113 15.81 49.49 -17.64
N VAL C 114 15.56 48.89 -18.80
CA VAL C 114 16.10 49.36 -20.08
C VAL C 114 15.60 50.78 -20.37
N ASP C 115 14.29 50.98 -20.26
CA ASP C 115 13.68 52.28 -20.49
C ASP C 115 14.39 53.33 -19.64
N ARG C 116 14.42 53.10 -18.33
CA ARG C 116 15.02 54.04 -17.40
C ARG C 116 16.42 54.42 -17.82
N SER C 117 17.22 53.45 -18.24
CA SER C 117 18.60 53.76 -18.54
C SER C 117 18.76 54.52 -19.86
N LEU C 118 17.80 54.38 -20.76
CA LEU C 118 17.81 55.14 -22.02
C LEU C 118 17.28 56.54 -21.77
N ARG C 119 16.28 56.67 -20.90
CA ARG C 119 15.57 57.92 -20.66
C ARG C 119 16.33 58.85 -19.72
N ASP C 120 16.73 58.34 -18.56
CA ASP C 120 17.44 59.13 -17.55
C ASP C 120 18.82 59.60 -18.03
N SER C 121 19.49 58.80 -18.87
CA SER C 121 20.80 59.14 -19.40
C SER C 121 20.66 60.20 -20.47
N LYS C 122 19.42 60.48 -20.86
CA LYS C 122 19.10 61.24 -22.08
C LYS C 122 19.84 60.77 -23.34
N ALA C 123 20.08 59.46 -23.46
CA ALA C 123 20.73 58.86 -24.63
C ALA C 123 19.91 59.19 -25.88
N LEU C 124 18.60 59.06 -25.75
CA LEU C 124 17.68 59.50 -26.77
C LEU C 124 17.06 60.81 -26.31
N ASP C 125 17.21 61.86 -27.10
CA ASP C 125 16.69 63.16 -26.73
C ASP C 125 15.25 63.27 -27.21
N LEU C 126 14.30 63.06 -26.31
CA LEU C 126 12.89 63.10 -26.65
C LEU C 126 12.38 64.48 -27.06
N THR C 127 13.05 65.54 -26.61
CA THR C 127 12.61 66.91 -26.94
C THR C 127 12.88 67.22 -28.41
N LYS C 128 13.78 66.45 -29.02
CA LYS C 128 14.10 66.60 -30.43
C LYS C 128 13.25 65.69 -31.31
N LEU C 129 12.20 65.11 -30.74
CA LEU C 129 11.26 64.26 -31.49
C LEU C 129 9.95 64.99 -31.76
N VAL C 130 9.95 66.29 -31.54
CA VAL C 130 8.77 67.12 -31.80
C VAL C 130 8.72 67.51 -33.27
N ILE C 131 7.54 67.41 -33.85
CA ILE C 131 7.30 67.83 -35.23
C ILE C 131 6.62 69.18 -35.19
N GLU C 132 5.40 69.21 -34.70
CA GLU C 132 4.64 70.45 -34.48
C GLU C 132 4.30 70.54 -33.00
N PRO C 133 4.86 71.53 -32.29
CA PRO C 133 4.71 71.53 -30.83
C PRO C 133 3.24 71.49 -30.44
N GLY C 134 2.92 70.72 -29.38
CA GLY C 134 1.55 70.58 -28.91
C GLY C 134 0.58 69.96 -29.91
N LYS C 135 0.99 69.83 -31.16
CA LYS C 135 0.12 69.18 -32.14
C LYS C 135 0.59 67.75 -32.49
N SER C 136 1.87 67.59 -32.83
CA SER C 136 2.34 66.29 -33.29
C SER C 136 3.81 65.99 -32.98
N VAL C 137 4.04 64.81 -32.41
CA VAL C 137 5.39 64.33 -32.09
C VAL C 137 5.60 62.87 -32.50
N TRP C 138 6.85 62.43 -32.55
CA TRP C 138 7.16 61.02 -32.85
C TRP C 138 7.00 60.15 -31.61
N THR C 139 6.36 59.01 -31.76
CA THR C 139 6.41 57.99 -30.73
C THR C 139 7.36 56.90 -31.21
N VAL C 140 8.38 56.59 -30.41
CA VAL C 140 9.30 55.52 -30.76
C VAL C 140 8.90 54.26 -30.00
N TRP C 141 8.29 53.32 -30.71
CA TRP C 141 7.98 52.01 -30.17
C TRP C 141 9.21 51.14 -30.27
N LEU C 142 9.75 50.74 -29.11
CA LEU C 142 10.87 49.82 -29.07
C LEU C 142 10.38 48.47 -28.56
N ASP C 143 10.41 47.47 -29.43
CA ASP C 143 9.98 46.12 -29.05
C ASP C 143 11.14 45.16 -29.05
N VAL C 144 11.38 44.55 -27.88
CA VAL C 144 12.54 43.71 -27.64
C VAL C 144 12.12 42.27 -27.39
N TYR C 145 12.55 41.37 -28.28
CA TYR C 145 12.15 39.96 -28.21
C TYR C 145 13.32 39.07 -27.84
N VAL C 146 13.25 38.48 -26.66
CA VAL C 146 14.24 37.51 -26.23
C VAL C 146 13.91 36.16 -26.87
N LEU C 147 14.75 35.72 -27.79
CA LEU C 147 14.46 34.53 -28.57
C LEU C 147 15.14 33.29 -28.00
N ASP C 148 16.27 33.50 -27.34
CA ASP C 148 17.04 32.40 -26.74
C ASP C 148 17.57 32.81 -25.37
N TYR C 149 17.12 32.11 -24.32
CA TYR C 149 17.46 32.47 -22.94
C TYR C 149 18.74 31.79 -22.53
N GLY C 150 19.87 32.47 -22.62
CA GLY C 150 21.14 31.87 -22.25
C GLY C 150 21.81 32.60 -21.10
N GLY C 151 21.03 33.32 -20.30
CA GLY C 151 21.59 34.01 -19.15
C GLY C 151 21.98 35.44 -19.45
N ASN C 152 21.88 36.30 -18.43
CA ASN C 152 22.15 37.72 -18.55
C ASN C 152 21.39 38.37 -19.68
N VAL C 153 20.09 38.13 -19.68
CA VAL C 153 19.17 38.70 -20.65
C VAL C 153 19.16 40.25 -20.64
N LEU C 154 19.25 40.87 -19.47
CA LEU C 154 19.23 42.33 -19.36
C LEU C 154 20.30 43.02 -20.20
N ASP C 155 21.55 42.62 -20.04
CA ASP C 155 22.65 43.24 -20.77
C ASP C 155 22.44 43.11 -22.26
N ALA C 156 21.97 41.93 -22.69
CA ALA C 156 21.66 41.69 -24.10
C ALA C 156 20.51 42.60 -24.58
N CYS C 157 19.50 42.77 -23.74
CA CYS C 157 18.40 43.67 -24.08
C CYS C 157 18.87 45.13 -24.28
N THR C 158 19.77 45.58 -23.41
CA THR C 158 20.24 46.96 -23.50
C THR C 158 21.04 47.11 -24.79
N LEU C 159 21.88 46.13 -25.09
CA LEU C 159 22.66 46.16 -26.31
C LEU C 159 21.76 46.16 -27.55
N ALA C 160 20.76 45.28 -27.56
CA ALA C 160 19.85 45.20 -28.69
C ALA C 160 19.10 46.53 -28.85
N SER C 161 18.63 47.08 -27.73
CA SER C 161 17.84 48.30 -27.73
C SER C 161 18.65 49.45 -28.30
N VAL C 162 19.83 49.68 -27.75
CA VAL C 162 20.70 50.76 -28.20
C VAL C 162 21.01 50.59 -29.70
N ALA C 163 21.41 49.38 -30.09
CA ALA C 163 21.69 49.07 -31.49
C ALA C 163 20.48 49.35 -32.39
N ALA C 164 19.30 48.89 -31.99
CA ALA C 164 18.10 49.11 -32.82
C ALA C 164 17.83 50.59 -33.00
N LEU C 165 18.00 51.37 -31.92
CA LEU C 165 17.78 52.79 -31.97
C LEU C 165 18.74 53.47 -32.94
N TYR C 166 20.02 53.13 -32.83
CA TYR C 166 21.01 53.67 -33.76
C TYR C 166 20.75 53.26 -35.19
N ASN C 167 20.14 52.10 -35.39
CA ASN C 167 19.84 51.59 -36.72
C ASN C 167 18.57 52.22 -37.32
N THR C 168 17.84 52.98 -36.51
CA THR C 168 16.55 53.52 -36.93
C THR C 168 16.63 54.65 -37.96
N LYS C 169 15.86 54.46 -39.03
CA LYS C 169 15.69 55.47 -40.07
C LYS C 169 14.43 56.30 -39.78
N VAL C 170 14.57 57.62 -39.88
CA VAL C 170 13.43 58.52 -39.74
C VAL C 170 12.96 58.95 -41.14
N TYR C 171 11.66 58.97 -41.35
CA TYR C 171 11.10 59.24 -42.68
C TYR C 171 10.62 60.68 -42.89
N LYS C 172 10.32 61.03 -44.14
CA LYS C 172 9.84 62.37 -44.50
C LYS C 172 8.45 62.62 -43.95
N VAL C 173 8.21 63.86 -43.52
CA VAL C 173 6.92 64.25 -42.99
C VAL C 173 6.21 65.20 -43.96
N GLU C 174 5.13 64.70 -44.57
CA GLU C 174 4.31 65.49 -45.50
C GLU C 174 3.20 66.23 -44.73
N GLN C 175 3.25 67.57 -44.78
CA GLN C 175 2.27 68.43 -44.10
C GLN C 175 1.45 69.26 -45.08
N ILE C 180 1.08 65.45 -40.80
CA ILE C 180 -0.15 64.89 -41.34
C ILE C 180 0.08 63.50 -41.95
N SER C 181 1.09 63.37 -42.81
CA SER C 181 1.39 62.09 -43.47
C SER C 181 2.88 61.72 -43.43
N VAL C 182 3.17 60.43 -43.26
CA VAL C 182 4.55 59.91 -43.32
C VAL C 182 4.84 59.31 -44.70
N ASN C 183 5.91 59.77 -45.35
CA ASN C 183 6.32 59.20 -46.62
C ASN C 183 7.45 58.19 -46.44
N LYS C 184 7.09 56.91 -46.40
CA LYS C 184 8.03 55.87 -45.97
C LYS C 184 9.10 55.41 -46.96
N ASN C 185 9.19 56.06 -48.12
CA ASN C 185 10.27 55.75 -49.07
C ASN C 185 11.20 56.93 -49.35
N GLU C 186 11.13 57.92 -48.48
CA GLU C 186 12.14 58.97 -48.40
C GLU C 186 12.71 59.02 -46.97
N VAL C 187 13.89 58.44 -46.79
CA VAL C 187 14.61 58.46 -45.52
C VAL C 187 15.21 59.85 -45.32
N VAL C 188 14.81 60.51 -44.24
CA VAL C 188 15.22 61.89 -43.96
C VAL C 188 16.41 62.01 -42.99
N GLY C 189 16.50 61.10 -42.02
CA GLY C 189 17.59 61.16 -41.06
C GLY C 189 17.60 60.01 -40.06
N LYS C 190 18.20 60.27 -38.91
CA LYS C 190 18.36 59.27 -37.86
C LYS C 190 17.72 59.78 -36.59
N LEU C 191 17.64 58.94 -35.57
CA LEU C 191 17.15 59.34 -34.24
C LEU C 191 18.10 60.30 -33.55
N PRO C 192 17.56 61.27 -32.79
CA PRO C 192 18.40 62.21 -32.03
C PRO C 192 19.08 61.52 -30.84
N LEU C 193 20.17 60.81 -31.12
CA LEU C 193 20.85 60.03 -30.12
C LEU C 193 22.12 60.72 -29.68
N ASN C 194 22.29 60.89 -28.36
CA ASN C 194 23.46 61.56 -27.81
C ASN C 194 24.67 60.65 -27.69
N TYR C 195 24.41 59.41 -27.29
CA TYR C 195 25.46 58.40 -27.10
C TYR C 195 24.86 57.03 -26.89
N PRO C 196 25.65 55.98 -27.09
CA PRO C 196 25.19 54.67 -26.64
C PRO C 196 25.19 54.58 -25.11
N VAL C 197 24.65 53.50 -24.58
CA VAL C 197 24.61 53.24 -23.16
C VAL C 197 24.85 51.75 -23.03
N VAL C 198 25.53 51.32 -21.97
CA VAL C 198 25.64 49.87 -21.71
C VAL C 198 25.21 49.51 -20.30
N THR C 199 24.63 48.32 -20.14
CA THR C 199 24.31 47.81 -18.82
C THR C 199 25.24 46.63 -18.57
N ILE C 200 25.93 46.65 -17.43
CA ILE C 200 26.83 45.54 -17.08
C ILE C 200 26.33 44.83 -15.83
N SER C 201 26.08 43.52 -15.95
CA SER C 201 25.59 42.74 -14.83
C SER C 201 26.70 41.94 -14.13
N VAL C 202 26.81 42.10 -12.82
CA VAL C 202 27.80 41.35 -12.05
C VAL C 202 27.06 40.46 -11.07
N ALA C 203 27.31 39.17 -11.18
CA ALA C 203 26.65 38.18 -10.32
C ALA C 203 27.53 37.83 -9.12
N LYS C 204 26.90 37.77 -7.96
CA LYS C 204 27.53 37.17 -6.79
C LYS C 204 27.23 35.67 -6.78
N VAL C 205 28.31 34.89 -6.77
CA VAL C 205 28.22 33.45 -6.59
C VAL C 205 29.18 33.11 -5.48
N ASP C 206 28.66 32.53 -4.41
CA ASP C 206 29.48 32.17 -3.25
C ASP C 206 30.22 33.45 -2.84
N LYS C 207 31.54 33.41 -2.79
CA LYS C 207 32.32 34.59 -2.43
C LYS C 207 32.94 35.27 -3.66
N TYR C 208 32.43 34.96 -4.85
CA TYR C 208 33.02 35.45 -6.09
C TYR C 208 32.09 36.40 -6.83
N LEU C 209 32.69 37.34 -7.56
CA LEU C 209 31.93 38.22 -8.44
C LEU C 209 32.29 37.88 -9.86
N VAL C 210 31.26 37.76 -10.68
CA VAL C 210 31.40 37.26 -12.03
C VAL C 210 30.63 38.18 -13.00
N VAL C 211 31.32 38.59 -14.07
CA VAL C 211 30.74 39.47 -15.08
C VAL C 211 29.97 38.65 -16.13
N ASP C 212 28.79 39.14 -16.53
CA ASP C 212 28.00 38.51 -17.58
C ASP C 212 27.77 37.02 -17.28
N PRO C 213 26.92 36.72 -16.28
CA PRO C 213 26.67 35.35 -15.87
C PRO C 213 25.91 34.56 -16.92
N ASP C 214 26.37 33.35 -17.25
CA ASP C 214 25.62 32.48 -18.15
C ASP C 214 24.47 31.75 -17.43
N LEU C 215 23.79 30.86 -18.14
CA LEU C 215 22.62 30.18 -17.64
C LEU C 215 22.85 29.41 -16.34
N ASP C 216 23.89 28.59 -16.34
CA ASP C 216 24.27 27.87 -15.15
C ASP C 216 24.64 28.82 -14.02
N GLU C 217 25.40 29.86 -14.36
CA GLU C 217 25.86 30.80 -13.36
C GLU C 217 24.69 31.53 -12.68
N GLU C 218 23.71 31.91 -13.49
CA GLU C 218 22.53 32.60 -12.96
C GLU C 218 21.70 31.71 -12.06
N SER C 219 21.73 30.40 -12.29
CA SER C 219 20.95 29.49 -11.47
C SER C 219 21.57 29.22 -10.10
N ILE C 220 22.87 29.48 -9.96
CA ILE C 220 23.55 29.21 -8.69
C ILE C 220 23.90 30.46 -7.91
N MET C 221 23.72 31.62 -8.54
CA MET C 221 24.12 32.90 -7.95
C MET C 221 23.22 33.29 -6.77
N ASP C 222 23.77 34.02 -5.82
CA ASP C 222 22.98 34.56 -4.71
C ASP C 222 22.08 35.68 -5.22
N ALA C 223 22.69 36.56 -6.03
CA ALA C 223 22.04 37.74 -6.57
C ALA C 223 22.93 38.35 -7.63
N LYS C 224 22.39 39.26 -8.44
CA LYS C 224 23.19 40.04 -9.36
C LYS C 224 22.83 41.51 -9.27
N ILE C 225 23.74 42.36 -9.70
CA ILE C 225 23.53 43.80 -9.69
C ILE C 225 23.97 44.37 -11.03
N SER C 226 23.12 45.22 -11.62
CA SER C 226 23.35 45.71 -12.97
C SER C 226 23.58 47.21 -12.93
N PHE C 227 24.70 47.62 -13.51
CA PHE C 227 25.08 49.03 -13.56
C PHE C 227 25.00 49.53 -14.99
N SER C 228 24.40 50.70 -15.18
CA SER C 228 24.28 51.27 -16.50
C SER C 228 25.20 52.47 -16.60
N TYR C 229 25.94 52.52 -17.70
CA TYR C 229 26.91 53.57 -17.92
C TYR C 229 26.75 54.29 -19.26
N THR C 230 26.98 55.61 -19.21
CA THR C 230 27.18 56.38 -20.43
C THR C 230 28.69 56.34 -20.75
N PRO C 231 29.09 56.77 -21.97
CA PRO C 231 30.51 56.66 -22.32
C PRO C 231 31.46 57.42 -21.41
N ASP C 232 31.03 58.50 -20.75
CA ASP C 232 31.90 59.22 -19.79
C ASP C 232 32.02 58.46 -18.47
N LEU C 233 31.31 57.36 -18.39
CA LEU C 233 31.34 56.47 -17.24
C LEU C 233 30.61 57.02 -16.04
N LYS C 234 29.57 57.80 -16.31
CA LYS C 234 28.60 58.17 -15.29
C LYS C 234 27.63 56.99 -15.11
N ILE C 235 27.28 56.72 -13.77
CA ILE C 235 26.28 55.70 -13.45
C ILE C 235 24.88 56.26 -13.69
N VAL C 236 24.10 55.51 -14.46
CA VAL C 236 22.90 56.02 -15.09
C VAL C 236 21.69 55.09 -14.81
N GLY C 237 21.97 54.01 -14.09
CA GLY C 237 20.95 53.14 -13.54
C GLY C 237 21.60 52.01 -12.76
N ILE C 238 20.95 51.58 -11.67
CA ILE C 238 21.39 50.40 -10.93
C ILE C 238 20.18 49.56 -10.54
N GLN C 239 20.30 48.25 -10.70
CA GLN C 239 19.26 47.30 -10.33
C GLN C 239 19.86 46.01 -9.77
N LYS C 240 19.66 45.79 -8.47
CA LYS C 240 19.92 44.50 -7.87
C LYS C 240 18.80 43.54 -8.23
N SER C 241 19.13 42.25 -8.32
CA SER C 241 18.22 41.23 -8.77
C SER C 241 18.57 39.88 -8.15
N GLY C 242 17.56 39.09 -7.82
CA GLY C 242 17.77 37.73 -7.34
C GLY C 242 17.25 37.51 -5.95
N LYS C 243 17.04 36.24 -5.59
CA LYS C 243 16.49 35.81 -4.29
C LYS C 243 17.42 36.10 -3.11
N GLY C 244 18.71 36.34 -3.38
CA GLY C 244 19.70 36.47 -2.32
C GLY C 244 20.16 37.89 -2.05
N SER C 245 21.06 38.04 -1.08
CA SER C 245 21.61 39.33 -0.75
C SER C 245 23.10 39.45 -1.13
N MET C 246 23.64 40.63 -0.88
CA MET C 246 24.96 41.01 -1.33
C MET C 246 25.49 42.02 -0.32
N SER C 247 26.76 41.90 0.05
CA SER C 247 27.33 42.80 1.05
C SER C 247 27.68 44.18 0.51
N LEU C 248 27.89 45.13 1.42
CA LEU C 248 28.34 46.47 1.08
C LEU C 248 29.58 46.41 0.20
N GLN C 249 30.57 45.66 0.64
CA GLN C 249 31.81 45.50 -0.10
C GLN C 249 31.59 44.80 -1.43
N ASP C 250 30.66 43.86 -1.48
CA ASP C 250 30.34 43.18 -2.74
C ASP C 250 29.90 44.20 -3.80
N ILE C 251 29.00 45.09 -3.41
CA ILE C 251 28.47 46.10 -4.32
C ILE C 251 29.53 47.11 -4.73
N ASP C 252 30.33 47.55 -3.75
CA ASP C 252 31.47 48.42 -4.02
C ASP C 252 32.39 47.83 -5.12
N GLN C 253 32.83 46.59 -4.92
CA GLN C 253 33.66 45.89 -5.89
C GLN C 253 32.95 45.63 -7.21
N ALA C 254 31.67 45.27 -7.12
CA ALA C 254 30.89 45.00 -8.32
C ALA C 254 30.91 46.18 -9.26
N GLU C 255 30.73 47.40 -8.74
CA GLU C 255 30.70 48.57 -9.62
C GLU C 255 32.09 48.88 -10.21
N ASN C 256 33.15 48.73 -9.41
CA ASN C 256 34.51 48.86 -9.95
C ASN C 256 34.69 47.96 -11.13
N THR C 257 34.32 46.69 -10.95
CA THR C 257 34.47 45.70 -11.97
C THR C 257 33.60 46.07 -13.15
N ALA C 258 32.33 46.38 -12.88
CA ALA C 258 31.38 46.74 -13.92
C ALA C 258 31.92 47.88 -14.77
N ARG C 259 32.39 48.93 -14.12
CA ARG C 259 32.82 50.13 -14.82
C ARG C 259 34.01 49.86 -15.72
N SER C 260 34.95 49.05 -15.25
CA SER C 260 36.12 48.80 -16.09
C SER C 260 35.76 47.88 -17.25
N THR C 261 34.73 47.06 -17.07
CA THR C 261 34.19 46.25 -18.14
C THR C 261 33.45 47.13 -19.16
N ALA C 262 32.74 48.13 -18.66
CA ALA C 262 31.95 49.02 -19.50
C ALA C 262 32.76 49.64 -20.63
N VAL C 263 34.01 50.00 -20.34
CA VAL C 263 34.86 50.62 -21.33
C VAL C 263 35.04 49.69 -22.53
N LYS C 264 35.38 48.42 -22.25
CA LYS C 264 35.59 47.43 -23.32
C LYS C 264 34.31 47.21 -24.10
N LEU C 265 33.19 47.04 -23.40
CA LEU C 265 31.94 46.74 -24.04
C LEU C 265 31.47 47.89 -24.91
N LEU C 266 31.66 49.13 -24.45
CA LEU C 266 31.30 50.30 -25.25
C LEU C 266 32.08 50.31 -26.55
N GLU C 267 33.40 50.10 -26.47
CA GLU C 267 34.22 50.04 -27.68
C GLU C 267 33.67 49.01 -28.66
N GLU C 268 33.30 47.84 -28.13
CA GLU C 268 32.84 46.76 -28.98
C GLU C 268 31.52 47.10 -29.62
N LEU C 269 30.61 47.66 -28.81
CA LEU C 269 29.30 48.12 -29.28
C LEU C 269 29.44 49.12 -30.42
N LYS C 270 30.31 50.10 -30.21
CA LYS C 270 30.54 51.12 -31.23
C LYS C 270 31.04 50.52 -32.53
N LYS C 271 31.96 49.54 -32.46
CA LYS C 271 32.44 48.86 -33.67
C LYS C 271 31.30 48.27 -34.47
N HIS C 272 30.37 47.59 -33.80
CA HIS C 272 29.19 47.04 -34.45
C HIS C 272 28.29 48.11 -35.05
N LEU C 273 28.22 49.27 -34.41
CA LEU C 273 27.34 50.35 -34.84
C LEU C 273 27.93 51.26 -35.90
N GLY C 274 29.22 51.08 -36.19
CA GLY C 274 29.96 52.03 -37.02
C GLY C 274 30.15 53.32 -36.23
N ILE C 275 30.50 53.16 -34.96
CA ILE C 275 30.48 54.20 -33.91
C ILE C 275 29.12 54.90 -33.78
N ARG D 2 18.22 85.21 -24.11
CA ARG D 2 17.35 84.59 -23.09
C ARG D 2 17.77 85.03 -21.68
N GLU D 3 18.02 86.32 -21.53
CA GLU D 3 18.59 86.89 -20.29
C GLU D 3 17.69 86.80 -19.08
N MET D 4 16.41 87.15 -19.26
CA MET D 4 15.42 87.06 -18.18
C MET D 4 15.00 85.60 -17.90
N LEU D 5 15.22 84.71 -18.85
CA LEU D 5 14.75 83.33 -18.73
C LEU D 5 15.50 82.57 -17.64
N GLN D 6 14.72 81.92 -16.78
CA GLN D 6 15.23 81.25 -15.60
C GLN D 6 14.66 79.84 -15.55
N VAL D 7 15.52 78.88 -15.19
CA VAL D 7 15.17 77.47 -15.23
C VAL D 7 13.95 77.13 -14.36
N GLU D 8 13.01 76.36 -14.91
CA GLU D 8 11.80 76.00 -14.17
C GLU D 8 12.16 75.30 -12.86
N ARG D 9 12.98 74.26 -12.93
CA ARG D 9 13.34 73.44 -11.77
C ARG D 9 13.62 74.30 -10.54
N PRO D 10 12.98 73.97 -9.40
CA PRO D 10 13.26 74.60 -8.11
C PRO D 10 14.62 74.23 -7.55
N LYS D 11 15.23 75.15 -6.80
CA LYS D 11 16.41 74.82 -6.01
C LYS D 11 16.05 73.82 -4.90
N LEU D 12 16.91 72.84 -4.71
CA LEU D 12 16.67 71.79 -3.75
C LEU D 12 17.53 71.95 -2.50
N ILE D 13 18.62 72.68 -2.63
CA ILE D 13 19.49 73.01 -1.50
C ILE D 13 19.45 74.52 -1.35
N LEU D 14 19.04 74.96 -0.17
CA LEU D 14 18.66 76.35 0.04
C LEU D 14 19.59 77.08 1.00
N ASP D 15 19.07 78.05 1.74
CA ASP D 15 19.85 78.81 2.73
C ASP D 15 20.33 77.87 3.82
N ASP D 16 21.56 78.09 4.30
CA ASP D 16 22.29 77.09 5.10
C ASP D 16 22.28 75.78 4.32
N GLY D 17 22.72 74.71 4.92
CA GLY D 17 22.80 73.52 4.07
C GLY D 17 21.46 72.93 3.66
N LYS D 18 20.37 73.66 3.90
CA LYS D 18 19.03 73.07 4.09
C LYS D 18 18.14 72.83 2.87
N ARG D 19 17.16 71.95 3.04
CA ARG D 19 16.30 71.46 1.96
C ARG D 19 14.93 72.11 1.99
N THR D 20 14.07 71.74 1.07
CA THR D 20 12.76 72.38 0.94
C THR D 20 11.86 72.19 2.17
N ASP D 21 12.04 71.10 2.90
CA ASP D 21 11.28 70.88 4.14
C ASP D 21 12.03 71.32 5.41
N GLY D 22 13.18 71.95 5.22
CA GLY D 22 13.97 72.48 6.32
C GLY D 22 15.02 71.54 6.86
N ARG D 23 15.08 70.32 6.31
CA ARG D 23 16.05 69.31 6.75
C ARG D 23 17.45 69.57 6.22
N LYS D 24 18.44 69.12 6.99
CA LYS D 24 19.82 69.10 6.52
C LYS D 24 20.01 67.90 5.61
N PRO D 25 21.05 67.93 4.75
CA PRO D 25 21.29 66.79 3.86
C PRO D 25 21.38 65.43 4.60
N ASP D 26 21.83 65.46 5.83
CA ASP D 26 22.01 64.21 6.59
C ASP D 26 20.89 63.93 7.62
N GLU D 27 19.69 64.46 7.40
CA GLU D 27 18.60 64.27 8.34
C GLU D 27 17.45 63.43 7.79
N LEU D 28 17.02 62.46 8.60
CA LEU D 28 15.89 61.60 8.29
C LEU D 28 14.61 62.35 8.58
N ARG D 29 13.56 61.99 7.85
CA ARG D 29 12.22 62.45 8.18
C ARG D 29 11.75 61.77 9.47
N SER D 30 10.64 62.22 10.02
CA SER D 30 10.13 61.60 11.24
C SER D 30 9.66 60.17 10.96
N ILE D 31 9.82 59.31 11.95
CA ILE D 31 9.44 57.91 11.81
C ILE D 31 8.38 57.53 12.84
N LYS D 32 7.38 56.75 12.39
CA LYS D 32 6.39 56.20 13.29
C LYS D 32 6.15 54.73 12.90
N ILE D 33 6.17 53.85 13.90
CA ILE D 33 6.00 52.43 13.66
C ILE D 33 5.04 51.88 14.69
N GLU D 34 4.03 51.12 14.24
CA GLU D 34 3.33 50.25 15.19
C GLU D 34 2.95 48.88 14.64
N LEU D 35 2.93 47.90 15.54
CA LEU D 35 2.77 46.49 15.19
C LEU D 35 1.47 45.91 15.73
N GLY D 36 1.00 44.83 15.11
CA GLY D 36 -0.16 44.09 15.60
C GLY D 36 -1.40 44.92 15.54
N VAL D 37 -1.50 45.72 14.51
CA VAL D 37 -2.57 46.68 14.38
C VAL D 37 -3.84 46.07 13.78
N LEU D 38 -3.70 44.90 13.14
CA LEU D 38 -4.81 44.20 12.50
C LEU D 38 -5.10 42.91 13.23
N LYS D 39 -6.35 42.74 13.64
CA LYS D 39 -6.76 41.59 14.45
C LYS D 39 -6.78 40.27 13.67
N ASN D 40 -7.31 40.29 12.45
CA ASN D 40 -7.56 39.05 11.71
C ASN D 40 -6.40 38.62 10.82
N ALA D 41 -5.24 39.21 11.02
CA ALA D 41 -4.03 38.85 10.29
C ALA D 41 -3.05 38.18 11.24
N ASP D 42 -2.11 37.42 10.69
CA ASP D 42 -1.12 36.73 11.50
C ASP D 42 -0.01 37.67 11.97
N GLY D 43 0.24 38.73 11.21
CA GLY D 43 1.17 39.77 11.60
C GLY D 43 0.82 41.04 10.84
N SER D 44 1.09 42.19 11.45
CA SER D 44 0.77 43.47 10.81
C SER D 44 1.64 44.57 11.36
N ALA D 45 1.89 45.57 10.52
CA ALA D 45 2.62 46.78 10.91
C ALA D 45 2.19 47.99 10.09
N ILE D 46 2.21 49.16 10.73
CA ILE D 46 2.11 50.41 10.02
C ILE D 46 3.48 51.08 10.14
N PHE D 47 4.01 51.52 9.01
CA PHE D 47 5.26 52.26 9.01
C PHE D 47 5.04 53.62 8.38
N GLU D 48 5.56 54.68 9.02
CA GLU D 48 5.48 56.03 8.48
C GLU D 48 6.85 56.67 8.42
N MET D 49 7.24 57.11 7.23
CA MET D 49 8.39 57.98 7.08
C MET D 49 7.92 59.29 6.55
N GLY D 50 8.01 60.31 7.39
CA GLY D 50 7.42 61.60 7.11
C GLY D 50 5.97 61.34 6.72
N ASN D 51 5.61 61.72 5.50
CA ASN D 51 4.26 61.56 5.02
C ASN D 51 3.99 60.31 4.18
N THR D 52 5.02 59.51 3.96
CA THR D 52 4.83 58.21 3.33
C THR D 52 4.39 57.20 4.40
N LYS D 53 3.24 56.57 4.17
CA LYS D 53 2.62 55.68 5.16
C LYS D 53 2.12 54.38 4.54
N ALA D 54 2.58 53.26 5.06
CA ALA D 54 2.19 51.98 4.52
C ALA D 54 1.66 51.06 5.62
N ILE D 55 0.70 50.23 5.26
CA ILE D 55 0.27 49.14 6.14
C ILE D 55 0.60 47.79 5.49
N ALA D 56 1.10 46.86 6.30
CA ALA D 56 1.42 45.54 5.81
C ALA D 56 0.76 44.49 6.66
N ALA D 57 0.27 43.45 6.00
CA ALA D 57 -0.40 42.34 6.68
C ALA D 57 0.22 41.04 6.20
N VAL D 58 0.43 40.11 7.11
CA VAL D 58 0.98 38.81 6.77
C VAL D 58 -0.05 37.74 7.12
N TYR D 59 -0.33 36.86 6.19
CA TYR D 59 -1.19 35.72 6.46
C TYR D 59 -0.29 34.48 6.44
N GLY D 60 -0.03 34.00 7.67
CA GLY D 60 1.14 33.19 8.08
C GLY D 60 1.30 31.91 7.31
N PRO D 61 2.35 31.12 7.63
CA PRO D 61 2.62 29.94 6.77
C PRO D 61 1.37 29.05 6.73
N LYS D 62 0.92 28.73 5.52
CA LYS D 62 -0.32 27.99 5.32
C LYS D 62 -0.24 27.14 4.06
N GLU D 63 -0.88 25.97 4.08
CA GLU D 63 -0.97 25.08 2.91
C GLU D 63 -1.40 25.85 1.68
N MET D 64 -0.79 25.57 0.54
CA MET D 64 -1.03 26.39 -0.64
C MET D 64 -2.09 25.85 -1.59
N HIS D 65 -3.01 26.75 -1.95
CA HIS D 65 -4.26 26.42 -2.66
C HIS D 65 -4.10 25.35 -3.75
N PRO D 66 -3.52 25.72 -4.93
CA PRO D 66 -3.27 24.70 -5.95
C PRO D 66 -1.86 24.13 -5.82
N ARG D 67 -1.76 22.85 -5.47
CA ARG D 67 -0.48 22.29 -5.02
C ARG D 67 0.68 22.41 -6.02
N HIS D 68 0.41 22.36 -7.31
CA HIS D 68 1.47 22.46 -8.32
C HIS D 68 2.22 23.80 -8.27
N LEU D 69 1.60 24.79 -7.65
CA LEU D 69 2.22 26.12 -7.49
C LEU D 69 3.05 26.27 -6.23
N SER D 70 3.05 25.25 -5.39
CA SER D 70 3.89 25.20 -4.19
C SER D 70 5.29 24.68 -4.49
N LEU D 71 6.16 24.72 -3.49
CA LEU D 71 7.53 24.22 -3.61
C LEU D 71 7.80 23.16 -2.56
N PRO D 72 8.58 22.11 -2.91
CA PRO D 72 8.80 20.99 -2.00
C PRO D 72 9.78 21.28 -0.86
N ASP D 73 10.63 22.29 -1.02
CA ASP D 73 11.73 22.57 -0.09
C ASP D 73 11.59 23.89 0.68
N ARG D 74 10.66 24.75 0.23
CA ARG D 74 10.59 26.14 0.64
C ARG D 74 9.13 26.58 0.77
N ALA D 75 8.92 27.69 1.46
CA ALA D 75 7.65 28.42 1.37
C ALA D 75 7.68 29.31 0.13
N VAL D 76 6.52 29.56 -0.45
CA VAL D 76 6.38 30.51 -1.54
C VAL D 76 5.94 31.82 -0.89
N LEU D 77 6.65 32.90 -1.18
CA LEU D 77 6.18 34.22 -0.77
C LEU D 77 5.30 34.77 -1.86
N ARG D 78 4.15 35.30 -1.46
CA ARG D 78 3.29 36.06 -2.36
C ARG D 78 3.19 37.48 -1.82
N VAL D 79 3.65 38.44 -2.61
CA VAL D 79 3.76 39.83 -2.14
C VAL D 79 2.98 40.79 -3.06
N ARG D 80 2.24 41.71 -2.45
CA ARG D 80 1.53 42.72 -3.20
C ARG D 80 2.00 44.08 -2.71
N TYR D 81 2.57 44.86 -3.62
CA TYR D 81 2.83 46.27 -3.37
C TYR D 81 1.75 47.04 -4.09
N HIS D 82 0.99 47.85 -3.34
CA HIS D 82 -0.15 48.56 -3.94
C HIS D 82 -0.37 49.92 -3.33
N MET D 83 -0.73 50.88 -4.19
CA MET D 83 -0.98 52.24 -3.76
C MET D 83 -2.46 52.48 -3.81
N THR D 84 -3.04 52.94 -2.70
CA THR D 84 -4.46 53.28 -2.65
C THR D 84 -4.69 54.48 -3.54
N PRO D 85 -5.88 54.57 -4.16
CA PRO D 85 -6.16 55.66 -5.11
C PRO D 85 -6.01 57.04 -4.49
N PHE D 86 -6.13 57.14 -3.16
CA PHE D 86 -6.07 58.41 -2.47
C PHE D 86 -4.77 58.64 -1.73
N SER D 87 -3.71 57.94 -2.17
CA SER D 87 -2.42 58.08 -1.53
C SER D 87 -1.61 59.26 -2.10
N THR D 88 -2.02 59.78 -3.25
CA THR D 88 -1.31 60.86 -3.92
C THR D 88 -2.25 62.01 -4.18
N ASP D 89 -1.72 63.13 -4.66
CA ASP D 89 -2.55 64.31 -4.92
C ASP D 89 -3.54 64.06 -6.05
N GLU D 90 -3.06 63.43 -7.12
CA GLU D 90 -3.92 63.00 -8.21
C GLU D 90 -4.29 61.54 -8.00
N ARG D 91 -5.55 61.20 -8.24
CA ARG D 91 -6.02 59.84 -8.00
C ARG D 91 -5.31 58.81 -8.85
N LYS D 92 -4.72 57.80 -8.21
CA LYS D 92 -4.13 56.65 -8.90
C LYS D 92 -5.21 55.67 -9.27
N ASN D 93 -5.13 55.13 -10.49
CA ASN D 93 -5.96 53.99 -10.86
C ASN D 93 -5.57 52.79 -10.00
N PRO D 94 -6.56 52.16 -9.34
CA PRO D 94 -6.29 51.01 -8.47
C PRO D 94 -5.73 49.78 -9.21
N ALA D 95 -6.00 49.69 -10.51
CA ALA D 95 -5.44 48.64 -11.37
C ALA D 95 -3.93 48.69 -11.32
N PRO D 96 -3.26 47.52 -11.25
CA PRO D 96 -1.82 47.56 -11.00
C PRO D 96 -1.05 48.12 -12.19
N SER D 97 -0.12 49.02 -11.91
CA SER D 97 0.72 49.63 -12.92
C SER D 97 1.98 48.80 -13.12
N ARG D 98 2.65 49.02 -14.25
CA ARG D 98 3.94 48.39 -14.50
C ARG D 98 4.90 48.69 -13.35
N ARG D 99 4.86 49.92 -12.85
CA ARG D 99 5.64 50.29 -11.67
C ARG D 99 5.33 49.42 -10.46
N GLU D 100 4.05 49.21 -10.19
CA GLU D 100 3.62 48.37 -9.07
C GLU D 100 4.05 46.89 -9.27
N ILE D 101 4.00 46.44 -10.51
CA ILE D 101 4.41 45.08 -10.84
C ILE D 101 5.92 44.89 -10.58
N GLU D 102 6.73 45.81 -11.07
CA GLU D 102 8.17 45.73 -10.83
C GLU D 102 8.50 45.82 -9.32
N LEU D 103 7.93 46.79 -8.64
CA LEU D 103 8.24 46.97 -7.24
C LEU D 103 7.77 45.80 -6.39
N SER D 104 6.68 45.15 -6.77
CA SER D 104 6.25 43.96 -6.06
C SER D 104 7.33 42.90 -6.13
N LYS D 105 7.90 42.71 -7.31
CA LYS D 105 8.95 41.71 -7.52
C LYS D 105 10.16 42.07 -6.69
N VAL D 106 10.59 43.32 -6.81
CA VAL D 106 11.79 43.80 -6.13
C VAL D 106 11.66 43.64 -4.61
N ILE D 107 10.50 44.00 -4.07
CA ILE D 107 10.21 43.87 -2.65
C ILE D 107 10.14 42.39 -2.23
N ARG D 108 9.49 41.56 -3.05
CA ARG D 108 9.44 40.13 -2.78
C ARG D 108 10.86 39.58 -2.64
N GLU D 109 11.72 39.92 -3.58
CA GLU D 109 13.08 39.36 -3.61
C GLU D 109 13.87 39.81 -2.37
N ALA D 110 13.62 41.04 -1.94
CA ALA D 110 14.25 41.56 -0.75
C ALA D 110 13.85 40.70 0.45
N LEU D 111 12.57 40.36 0.53
CA LEU D 111 12.05 39.57 1.64
C LEU D 111 12.55 38.13 1.58
N GLU D 112 12.68 37.61 0.37
CA GLU D 112 13.16 36.24 0.20
C GLU D 112 14.59 36.04 0.71
N SER D 113 15.40 37.11 0.70
CA SER D 113 16.75 36.99 1.21
C SER D 113 16.79 37.02 2.72
N ALA D 114 15.67 37.42 3.33
CA ALA D 114 15.60 37.55 4.77
C ALA D 114 14.79 36.42 5.44
N VAL D 115 13.65 36.05 4.85
CA VAL D 115 12.76 35.06 5.44
C VAL D 115 13.32 33.65 5.28
N LEU D 116 13.34 32.89 6.37
CA LEU D 116 13.84 31.51 6.35
C LEU D 116 12.80 30.56 5.77
N VAL D 117 12.59 30.67 4.46
CA VAL D 117 11.50 29.97 3.77
C VAL D 117 11.64 28.44 3.81
N GLU D 118 12.86 27.95 4.00
CA GLU D 118 13.14 26.52 4.00
C GLU D 118 12.42 25.81 5.15
N LEU D 119 12.12 26.56 6.19
CA LEU D 119 11.42 26.04 7.36
C LEU D 119 9.98 25.56 7.07
N PHE D 120 9.38 26.07 6.00
CA PHE D 120 7.96 25.85 5.74
C PHE D 120 7.66 25.31 4.35
N PRO D 121 8.08 24.06 4.07
CA PRO D 121 7.84 23.52 2.73
C PRO D 121 6.36 23.43 2.44
N ARG D 122 5.99 23.54 1.17
CA ARG D 122 4.62 23.34 0.69
C ARG D 122 3.61 24.37 1.20
N THR D 123 4.11 25.48 1.74
CA THR D 123 3.24 26.52 2.28
C THR D 123 3.43 27.80 1.50
N ALA D 124 2.49 28.73 1.68
CA ALA D 124 2.63 30.09 1.17
C ALA D 124 2.58 31.04 2.34
N ILE D 125 3.37 32.10 2.23
CA ILE D 125 3.29 33.23 3.16
C ILE D 125 2.85 34.43 2.34
N ASP D 126 1.68 34.97 2.65
CA ASP D 126 1.14 36.13 1.92
C ASP D 126 1.46 37.43 2.62
N VAL D 127 2.07 38.34 1.88
CA VAL D 127 2.43 39.63 2.41
C VAL D 127 1.71 40.70 1.58
N PHE D 128 0.74 41.37 2.20
CA PHE D 128 0.00 42.42 1.51
C PHE D 128 0.39 43.79 2.05
N THR D 129 0.70 44.69 1.13
CA THR D 129 1.22 46.01 1.43
C THR D 129 0.34 47.06 0.78
N GLU D 130 -0.02 48.09 1.52
CA GLU D 130 -0.81 49.18 0.97
C GLU D 130 -0.22 50.52 1.34
N ILE D 131 0.06 51.34 0.33
CA ILE D 131 0.52 52.69 0.58
C ILE D 131 -0.70 53.58 0.78
N LEU D 132 -0.79 54.16 1.97
CA LEU D 132 -1.92 54.98 2.36
C LEU D 132 -1.70 56.44 2.03
N GLN D 133 -0.45 56.88 2.09
CA GLN D 133 -0.03 58.18 1.55
C GLN D 133 1.36 58.02 0.96
N ALA D 134 1.58 58.64 -0.20
CA ALA D 134 2.89 58.59 -0.82
C ALA D 134 3.54 59.97 -0.80
N ASP D 135 4.79 60.02 -0.35
CA ASP D 135 5.60 61.24 -0.36
C ASP D 135 7.05 60.79 -0.62
N ALA D 136 7.22 59.91 -1.60
CA ALA D 136 8.51 59.30 -1.96
C ALA D 136 9.02 58.29 -0.92
N GLY D 137 9.71 57.27 -1.42
CA GLY D 137 10.28 56.24 -0.57
C GLY D 137 9.31 55.15 -0.21
N SER D 138 8.15 55.14 -0.89
CA SER D 138 7.07 54.19 -0.64
C SER D 138 7.55 52.75 -0.67
N ARG D 139 8.34 52.41 -1.69
CA ARG D 139 8.78 51.03 -1.84
C ARG D 139 9.53 50.56 -0.59
N LEU D 140 10.27 51.46 0.03
CA LEU D 140 11.06 51.11 1.21
C LEU D 140 10.19 51.03 2.47
N VAL D 141 9.27 51.98 2.61
CA VAL D 141 8.33 51.98 3.72
C VAL D 141 7.48 50.72 3.68
N SER D 142 6.98 50.38 2.50
CA SER D 142 6.29 49.12 2.27
C SER D 142 7.15 47.92 2.65
N LEU D 143 8.40 47.90 2.19
CA LEU D 143 9.28 46.78 2.49
C LEU D 143 9.50 46.63 3.99
N MET D 144 9.75 47.75 4.67
CA MET D 144 9.98 47.71 6.10
C MET D 144 8.72 47.28 6.86
N ALA D 145 7.58 47.84 6.46
CA ALA D 145 6.31 47.46 7.06
C ALA D 145 6.15 45.96 6.93
N ALA D 146 6.47 45.42 5.77
CA ALA D 146 6.41 43.98 5.53
C ALA D 146 7.33 43.23 6.48
N SER D 147 8.59 43.67 6.56
CA SER D 147 9.58 43.01 7.39
C SER D 147 9.05 42.91 8.82
N LEU D 148 8.50 44.02 9.31
CA LEU D 148 8.02 44.08 10.67
C LEU D 148 6.75 43.26 10.88
N ALA D 149 5.88 43.21 9.86
CA ALA D 149 4.68 42.41 9.94
C ALA D 149 5.06 40.92 10.05
N LEU D 150 6.11 40.54 9.32
CA LEU D 150 6.62 39.17 9.35
C LEU D 150 7.15 38.83 10.74
N ALA D 151 7.86 39.79 11.32
CA ALA D 151 8.36 39.68 12.69
C ALA D 151 7.20 39.57 13.68
N ASP D 152 6.20 40.41 13.47
CA ASP D 152 4.99 40.41 14.28
C ASP D 152 4.28 39.07 14.20
N ALA D 153 4.34 38.41 13.05
CA ALA D 153 3.74 37.07 12.86
C ALA D 153 4.59 35.95 13.48
N GLY D 154 5.80 36.28 13.91
CA GLY D 154 6.68 35.29 14.48
C GLY D 154 7.32 34.40 13.43
N ILE D 155 7.41 34.90 12.21
CA ILE D 155 8.06 34.15 11.14
C ILE D 155 9.57 34.41 11.19
N PRO D 156 10.35 33.33 11.33
CA PRO D 156 11.79 33.44 11.53
C PRO D 156 12.47 34.08 10.33
N MET D 157 13.36 35.04 10.60
CA MET D 157 14.12 35.70 9.53
C MET D 157 15.60 35.84 9.90
N ARG D 158 16.44 36.08 8.91
CA ARG D 158 17.87 36.29 9.16
C ARG D 158 18.11 37.56 9.97
N ASP D 159 17.32 38.59 9.68
CA ASP D 159 17.41 39.89 10.36
C ASP D 159 16.20 40.70 9.92
N LEU D 160 15.96 41.84 10.58
CA LEU D 160 14.99 42.80 10.09
C LEU D 160 15.57 43.54 8.88
N ILE D 161 14.70 44.20 8.11
CA ILE D 161 15.14 45.00 6.97
C ILE D 161 14.84 46.46 7.26
N ALA D 162 15.87 47.30 7.10
CA ALA D 162 15.74 48.76 7.19
C ALA D 162 16.23 49.38 5.90
N GLY D 163 15.55 50.44 5.44
CA GLY D 163 15.91 51.06 4.18
C GLY D 163 15.72 52.56 4.12
N VAL D 164 16.51 53.22 3.27
CA VAL D 164 16.29 54.63 2.92
C VAL D 164 16.68 54.84 1.50
N ALA D 165 16.03 55.83 0.87
CA ALA D 165 16.48 56.34 -0.42
C ALA D 165 17.45 57.45 -0.15
N VAL D 166 18.61 57.34 -0.77
CA VAL D 166 19.62 58.36 -0.68
C VAL D 166 19.65 58.96 -2.10
N GLY D 167 20.16 60.17 -2.28
CA GLY D 167 20.09 60.81 -3.60
C GLY D 167 20.97 62.02 -3.77
N LYS D 168 20.78 62.73 -4.88
CA LYS D 168 21.55 63.93 -5.20
C LYS D 168 20.62 65.05 -5.61
N ALA D 169 20.72 66.18 -4.91
CA ALA D 169 19.76 67.28 -5.07
C ALA D 169 20.28 68.40 -5.95
N ASP D 170 21.15 69.26 -5.43
CA ASP D 170 21.67 70.33 -6.30
C ASP D 170 23.17 70.17 -6.30
N GLY D 171 23.60 68.99 -6.75
CA GLY D 171 24.98 68.58 -6.62
C GLY D 171 25.26 68.05 -5.22
N VAL D 172 24.31 68.20 -4.30
CA VAL D 172 24.53 67.78 -2.93
C VAL D 172 23.90 66.41 -2.67
N ILE D 173 24.66 65.54 -2.04
CA ILE D 173 24.15 64.23 -1.64
C ILE D 173 23.28 64.32 -0.39
N ILE D 174 22.07 63.76 -0.48
CA ILE D 174 21.05 63.93 0.55
C ILE D 174 20.43 62.61 0.99
N LEU D 175 19.86 62.59 2.20
CA LEU D 175 19.32 61.38 2.80
C LEU D 175 17.81 61.43 2.93
N ASP D 176 17.13 60.40 2.45
CA ASP D 176 15.68 60.23 2.63
C ASP D 176 14.87 61.30 1.91
N LEU D 177 14.59 61.09 0.62
CA LEU D 177 14.02 62.13 -0.25
C LEU D 177 12.52 62.42 -0.11
N ASN D 178 12.19 63.71 -0.20
CA ASN D 178 10.86 64.23 -0.49
C ASN D 178 10.33 63.77 -1.82
N GLU D 179 9.04 63.96 -2.04
CA GLU D 179 8.49 63.88 -3.37
C GLU D 179 9.15 64.92 -4.25
N THR D 180 9.33 66.13 -3.74
CA THR D 180 9.95 67.23 -4.47
C THR D 180 11.37 66.88 -4.90
N GLU D 181 12.14 66.28 -3.99
CA GLU D 181 13.49 65.85 -4.29
C GLU D 181 13.54 64.66 -5.25
N ASP D 182 12.60 63.74 -5.11
CA ASP D 182 12.44 62.63 -6.04
C ASP D 182 12.21 63.16 -7.45
N MET D 183 11.28 64.11 -7.54
CA MET D 183 10.83 64.66 -8.81
C MET D 183 11.89 65.47 -9.54
N TRP D 184 12.66 66.28 -8.81
CA TRP D 184 13.53 67.26 -9.43
C TRP D 184 15.02 66.99 -9.24
N GLY D 185 15.37 66.07 -8.36
CA GLY D 185 16.78 65.72 -8.12
C GLY D 185 17.46 65.02 -9.28
N GLU D 186 18.79 64.85 -9.18
CA GLU D 186 19.56 64.19 -10.22
C GLU D 186 19.56 62.68 -10.06
N ALA D 187 19.36 62.22 -8.84
CA ALA D 187 19.44 60.79 -8.55
C ALA D 187 18.57 60.38 -7.37
N ASP D 188 18.11 59.14 -7.41
CA ASP D 188 17.30 58.57 -6.36
C ASP D 188 17.76 57.12 -6.25
N MET D 189 18.23 56.75 -5.05
CA MET D 189 18.85 55.45 -4.85
C MET D 189 18.32 54.79 -3.58
N PRO D 190 17.19 54.09 -3.69
CA PRO D 190 16.68 53.31 -2.55
C PRO D 190 17.62 52.13 -2.21
N ILE D 191 17.94 51.98 -0.93
CA ILE D 191 18.81 50.93 -0.44
C ILE D 191 18.17 50.32 0.80
N ALA D 192 18.13 49.00 0.87
CA ALA D 192 17.61 48.32 2.05
C ALA D 192 18.56 47.20 2.48
N MET D 193 18.77 47.07 3.80
CA MET D 193 19.67 46.05 4.32
C MET D 193 19.07 45.25 5.47
N MET D 194 19.71 44.11 5.74
CA MET D 194 19.69 43.43 7.02
C MET D 194 20.93 43.94 7.74
N PRO D 195 20.76 45.03 8.51
CA PRO D 195 21.87 45.83 9.06
C PRO D 195 22.87 45.05 9.91
N SER D 196 22.40 44.14 10.75
CA SER D 196 23.30 43.36 11.60
C SER D 196 24.25 42.50 10.78
N LEU D 197 23.84 42.13 9.56
CA LEU D 197 24.63 41.28 8.69
C LEU D 197 25.41 42.05 7.61
N ASN D 198 25.16 43.36 7.52
CA ASN D 198 25.70 44.18 6.44
C ASN D 198 25.36 43.63 5.06
N GLN D 199 24.15 43.09 4.94
CA GLN D 199 23.68 42.49 3.70
C GLN D 199 22.63 43.39 3.05
N VAL D 200 22.87 43.75 1.80
CA VAL D 200 21.93 44.53 1.03
C VAL D 200 20.89 43.61 0.42
N THR D 201 19.67 43.94 0.78
CA THR D 201 18.44 43.29 0.40
C THR D 201 17.81 43.89 -0.87
N LEU D 202 17.83 45.22 -1.00
CA LEU D 202 17.26 45.94 -2.15
C LEU D 202 18.23 47.05 -2.53
N PHE D 203 18.47 47.23 -3.82
CA PHE D 203 19.40 48.25 -4.26
C PHE D 203 19.06 48.71 -5.66
N GLN D 204 18.64 49.95 -5.77
CA GLN D 204 18.26 50.51 -7.05
C GLN D 204 18.74 51.95 -7.15
N LEU D 205 19.09 52.37 -8.36
CA LEU D 205 19.34 53.77 -8.64
C LEU D 205 18.66 54.19 -9.92
N ASN D 206 17.86 55.24 -9.83
CA ASN D 206 17.41 55.92 -11.03
C ASN D 206 17.95 57.34 -10.99
N GLY D 207 18.27 57.87 -12.15
CA GLY D 207 18.92 59.14 -12.22
C GLY D 207 20.36 58.92 -12.60
N SER D 208 21.27 59.69 -12.00
CA SER D 208 22.62 59.77 -12.51
C SER D 208 23.59 60.18 -11.42
N MET D 209 24.72 59.47 -11.31
CA MET D 209 25.76 59.73 -10.31
C MET D 209 27.14 59.31 -10.78
N THR D 210 28.17 60.00 -10.29
CA THR D 210 29.54 59.57 -10.53
C THR D 210 29.82 58.45 -9.55
N PRO D 211 30.77 57.55 -9.88
CA PRO D 211 31.14 56.49 -8.93
C PRO D 211 31.47 57.02 -7.52
N ASP D 212 32.17 58.16 -7.43
CA ASP D 212 32.47 58.80 -6.15
C ASP D 212 31.20 59.19 -5.43
N GLU D 213 30.28 59.84 -6.14
CA GLU D 213 29.01 60.25 -5.57
C GLU D 213 28.23 59.03 -5.07
N PHE D 214 28.20 57.99 -5.91
CA PHE D 214 27.58 56.72 -5.59
C PHE D 214 28.14 56.13 -4.29
N ARG D 215 29.45 56.16 -4.13
CA ARG D 215 30.07 55.70 -2.91
C ARG D 215 29.77 56.59 -1.68
N GLN D 216 29.71 57.91 -1.87
CA GLN D 216 29.34 58.82 -0.78
C GLN D 216 27.91 58.56 -0.32
N ALA D 217 27.01 58.51 -1.30
CA ALA D 217 25.58 58.34 -1.03
C ALA D 217 25.35 57.04 -0.29
N PHE D 218 26.03 55.99 -0.75
CA PHE D 218 26.00 54.68 -0.13
C PHE D 218 26.38 54.72 1.37
N ASP D 219 27.48 55.39 1.70
CA ASP D 219 27.88 55.59 3.09
C ASP D 219 26.81 56.28 3.90
N LEU D 220 26.19 57.31 3.32
CA LEU D 220 25.15 58.07 4.01
C LEU D 220 23.93 57.20 4.29
N ALA D 221 23.52 56.41 3.30
CA ALA D 221 22.40 55.48 3.45
C ALA D 221 22.60 54.54 4.64
N VAL D 222 23.81 54.02 4.78
CA VAL D 222 24.11 53.10 5.89
C VAL D 222 23.85 53.75 7.23
N LYS D 223 24.26 55.01 7.38
CA LYS D 223 24.07 55.73 8.64
C LYS D 223 22.60 55.92 8.96
N GLY D 224 21.84 56.26 7.91
CA GLY D 224 20.40 56.39 8.02
C GLY D 224 19.76 55.09 8.42
N ILE D 225 20.08 54.03 7.66
CA ILE D 225 19.57 52.69 7.90
C ILE D 225 19.78 52.24 9.35
N ASN D 226 20.97 52.51 9.90
CA ASN D 226 21.29 52.11 11.27
C ASN D 226 20.42 52.78 12.32
N ILE D 227 20.04 54.02 12.08
CA ILE D 227 19.13 54.72 12.98
C ILE D 227 17.72 54.13 12.91
N ILE D 228 17.25 53.89 11.68
CA ILE D 228 15.94 53.25 11.46
C ILE D 228 15.90 51.87 12.09
N TYR D 229 17.00 51.14 11.95
CA TYR D 229 17.10 49.77 12.49
C TYR D 229 16.87 49.73 13.99
N ASN D 230 17.51 50.63 14.73
CA ASN D 230 17.32 50.70 16.18
C ASN D 230 15.89 50.98 16.56
N LEU D 231 15.19 51.73 15.71
CA LEU D 231 13.78 52.02 15.94
C LEU D 231 12.91 50.79 15.70
N GLU D 232 13.27 50.02 14.67
CA GLU D 232 12.57 48.78 14.37
C GLU D 232 12.71 47.82 15.53
N ARG D 233 13.93 47.70 16.04
CA ARG D 233 14.19 46.85 17.20
C ARG D 233 13.33 47.23 18.39
N GLU D 234 13.19 48.54 18.61
CA GLU D 234 12.45 49.10 19.72
C GLU D 234 10.95 48.91 19.50
N ALA D 235 10.51 49.00 18.25
CA ALA D 235 9.11 48.77 17.90
C ALA D 235 8.69 47.33 18.14
N LEU D 236 9.66 46.43 18.03
CA LEU D 236 9.44 45.00 18.23
C LEU D 236 9.09 44.71 19.70
N LYS D 237 9.77 45.40 20.61
CA LYS D 237 9.54 45.23 22.02
C LYS D 237 8.29 45.97 22.50
N SER D 238 8.18 47.26 22.19
CA SER D 238 7.10 48.08 22.74
C SER D 238 5.85 48.20 21.86
N LYS D 239 5.93 47.68 20.63
CA LYS D 239 4.80 47.69 19.66
C LYS D 239 4.46 49.05 19.04
N TYR D 240 5.00 50.13 19.61
CA TYR D 240 4.75 51.49 19.16
C TYR D 240 5.97 52.39 19.35
N VAL D 241 6.38 53.06 18.27
CA VAL D 241 7.58 53.91 18.27
C VAL D 241 7.37 55.21 17.48
N GLU D 242 7.70 56.34 18.11
CA GLU D 242 7.74 57.65 17.46
C GLU D 242 9.14 58.26 17.53
N PHE D 243 9.55 58.89 16.44
CA PHE D 243 10.89 59.46 16.33
C PHE D 243 10.80 60.77 15.54
N LYS D 244 11.13 61.88 16.19
CA LYS D 244 11.14 63.18 15.55
C LYS D 244 12.40 63.28 14.68
N GLU D 245 12.29 64.03 13.56
CA GLU D 245 13.42 64.29 12.64
C GLU D 245 14.74 64.58 13.35
N GLU D 246 15.83 64.00 12.85
CA GLU D 246 17.18 64.43 13.27
C GLU D 246 18.38 63.90 12.48
N GLY D 247 19.51 64.59 12.70
CA GLY D 247 20.79 64.35 12.04
C GLY D 247 21.39 62.98 12.29
N VAL D 248 21.89 62.39 11.21
CA VAL D 248 22.53 61.07 11.24
C VAL D 248 23.92 61.11 11.91
N MET E 1 -1.80 31.10 -26.48
CA MET E 1 -1.44 29.65 -26.63
C MET E 1 -2.62 28.68 -26.88
N SER E 2 -2.56 27.92 -27.98
CA SER E 2 -3.58 26.93 -28.32
C SER E 2 -3.13 25.51 -28.01
N SER E 3 -3.97 24.75 -27.31
CA SER E 3 -3.58 23.40 -26.90
C SER E 3 -4.65 22.33 -27.03
N THR E 4 -4.21 21.10 -27.24
CA THR E 4 -5.09 19.95 -27.43
C THR E 4 -6.10 19.88 -26.28
N PRO E 5 -7.40 19.96 -26.59
CA PRO E 5 -8.43 19.94 -25.56
C PRO E 5 -8.38 18.68 -24.70
N SER E 6 -8.22 18.87 -23.39
CA SER E 6 -8.11 17.77 -22.43
C SER E 6 -9.46 17.20 -21.97
N ASN E 7 -10.53 17.93 -22.25
CA ASN E 7 -11.88 17.53 -21.87
C ASN E 7 -12.53 16.55 -22.87
N GLN E 8 -11.89 16.43 -24.04
CA GLN E 8 -12.46 15.74 -25.22
C GLN E 8 -13.02 14.33 -24.92
N ASN E 9 -14.32 14.14 -25.17
CA ASN E 9 -15.00 12.87 -24.83
C ASN E 9 -14.61 11.65 -25.72
N ILE E 10 -13.46 11.03 -25.41
CA ILE E 10 -12.92 9.88 -26.15
C ILE E 10 -13.95 8.75 -26.37
N ILE E 11 -14.13 8.35 -27.63
CA ILE E 11 -15.20 7.44 -28.04
C ILE E 11 -14.63 6.06 -28.44
N PRO E 12 -14.99 5.00 -27.69
CA PRO E 12 -14.34 3.68 -27.79
C PRO E 12 -14.31 3.13 -29.20
N ILE E 13 -13.22 2.45 -29.55
CA ILE E 13 -13.03 1.88 -30.88
C ILE E 13 -14.24 1.03 -31.29
N ILE E 14 -14.81 0.34 -30.30
CA ILE E 14 -15.96 -0.54 -30.51
C ILE E 14 -17.17 0.22 -31.05
N LYS E 15 -17.38 1.44 -30.54
CA LYS E 15 -18.50 2.25 -30.99
C LYS E 15 -18.26 2.83 -32.36
N LYS E 16 -17.02 3.24 -32.62
CA LYS E 16 -16.62 3.75 -33.93
C LYS E 16 -16.86 2.70 -35.02
N GLU E 17 -16.51 1.46 -34.73
CA GLU E 17 -16.71 0.37 -35.68
C GLU E 17 -18.18 0.13 -36.03
N SER E 18 -19.06 0.26 -35.04
CA SER E 18 -20.50 0.15 -35.26
C SER E 18 -20.92 1.16 -36.30
N ILE E 19 -20.50 2.39 -36.11
CA ILE E 19 -20.88 3.46 -36.99
C ILE E 19 -20.32 3.21 -38.39
N VAL E 20 -19.04 2.82 -38.45
CA VAL E 20 -18.37 2.57 -39.72
C VAL E 20 -19.02 1.41 -40.48
N SER E 21 -19.44 0.38 -39.75
CA SER E 21 -20.16 -0.74 -40.33
C SER E 21 -21.46 -0.31 -41.02
N LEU E 22 -22.13 0.69 -40.45
CA LEU E 22 -23.35 1.19 -41.04
C LEU E 22 -23.01 1.97 -42.29
N PHE E 23 -21.98 2.81 -42.20
CA PHE E 23 -21.51 3.61 -43.32
C PHE E 23 -21.24 2.72 -44.52
N GLU E 24 -20.70 1.55 -44.25
CA GLU E 24 -20.32 0.63 -45.30
C GLU E 24 -21.53 0.10 -46.08
N LYS E 25 -22.68 0.06 -45.42
CA LYS E 25 -23.96 -0.23 -46.07
C LYS E 25 -24.66 1.02 -46.56
N GLY E 26 -23.97 2.15 -46.51
CA GLY E 26 -24.51 3.41 -47.02
C GLY E 26 -25.59 4.04 -46.18
N ILE E 27 -25.62 3.72 -44.89
CA ILE E 27 -26.63 4.26 -43.99
C ILE E 27 -25.97 4.77 -42.69
N ARG E 28 -26.69 5.60 -41.95
CA ARG E 28 -26.18 6.14 -40.69
C ARG E 28 -27.07 5.72 -39.52
N GLN E 29 -26.62 6.05 -38.31
CA GLN E 29 -27.36 5.74 -37.09
C GLN E 29 -28.81 6.21 -37.14
N ASP E 30 -29.00 7.48 -37.47
CA ASP E 30 -30.33 8.09 -37.48
C ASP E 30 -31.13 7.77 -38.74
N GLY E 31 -30.54 6.97 -39.62
CA GLY E 31 -31.24 6.47 -40.80
C GLY E 31 -31.00 7.23 -42.09
N ARG E 32 -30.30 8.35 -42.02
CA ARG E 32 -30.10 9.13 -43.24
C ARG E 32 -28.95 8.60 -44.12
N LYS E 33 -28.94 9.05 -45.37
CA LYS E 33 -27.89 8.72 -46.32
C LYS E 33 -26.63 9.51 -45.97
N LEU E 34 -25.50 9.10 -46.55
CA LEU E 34 -24.23 9.76 -46.28
C LEU E 34 -24.23 11.24 -46.72
N THR E 35 -25.07 11.58 -47.68
CA THR E 35 -25.12 12.93 -48.24
C THR E 35 -26.29 13.77 -47.73
N ASP E 36 -27.06 13.22 -46.79
CA ASP E 36 -28.26 13.88 -46.26
C ASP E 36 -27.98 14.89 -45.17
N TYR E 37 -28.71 16.00 -45.19
CA TYR E 37 -28.77 16.92 -44.05
C TYR E 37 -29.80 16.42 -43.03
N ARG E 38 -29.58 16.75 -41.76
CA ARG E 38 -30.60 16.51 -40.74
C ARG E 38 -31.82 17.45 -40.93
N PRO E 39 -32.94 17.16 -40.23
CA PRO E 39 -34.12 18.03 -40.34
C PRO E 39 -33.80 19.46 -39.86
N LEU E 40 -34.30 20.45 -40.60
CA LEU E 40 -34.01 21.85 -40.32
C LEU E 40 -35.25 22.66 -39.94
N SER E 41 -35.22 23.29 -38.76
CA SER E 41 -36.22 24.28 -38.35
C SER E 41 -35.60 25.66 -38.29
N ILE E 42 -36.35 26.65 -38.73
CA ILE E 42 -35.96 28.03 -38.52
C ILE E 42 -37.17 28.81 -38.04
N THR E 43 -37.02 29.43 -36.88
CA THR E 43 -38.04 30.31 -36.34
C THR E 43 -37.52 31.75 -36.35
N LEU E 44 -38.13 32.58 -37.20
CA LEU E 44 -37.72 33.96 -37.32
C LEU E 44 -38.31 34.81 -36.21
N ASP E 45 -37.66 35.93 -35.92
CA ASP E 45 -38.15 36.88 -34.91
C ASP E 45 -38.35 36.20 -33.54
N TYR E 46 -37.45 35.29 -33.18
CA TYR E 46 -37.55 34.57 -31.92
C TYR E 46 -37.20 35.47 -30.74
N ALA E 47 -36.16 36.28 -30.88
CA ALA E 47 -35.73 37.22 -29.85
C ALA E 47 -36.37 38.58 -30.14
N LYS E 48 -37.43 38.91 -29.41
CA LYS E 48 -38.26 40.06 -29.78
C LYS E 48 -37.54 41.41 -29.73
N LYS E 49 -36.61 41.57 -28.81
CA LYS E 49 -35.90 42.84 -28.70
C LYS E 49 -34.67 42.94 -29.61
N ALA E 50 -34.41 41.90 -30.38
CA ALA E 50 -33.42 41.96 -31.45
C ALA E 50 -34.05 42.69 -32.63
N ASP E 51 -33.21 43.31 -33.47
CA ASP E 51 -33.69 43.95 -34.69
C ASP E 51 -34.12 42.91 -35.73
N GLY E 52 -33.42 41.78 -35.74
CA GLY E 52 -33.79 40.59 -36.49
C GLY E 52 -33.18 39.41 -35.77
N SER E 53 -33.84 38.25 -35.83
CA SER E 53 -33.35 37.05 -35.13
C SER E 53 -33.83 35.77 -35.79
N ALA E 54 -33.13 34.67 -35.50
CA ALA E 54 -33.51 33.37 -35.99
C ALA E 54 -33.09 32.27 -35.02
N LEU E 55 -34.02 31.38 -34.66
CA LEU E 55 -33.70 30.18 -33.90
C LEU E 55 -33.64 29.01 -34.86
N VAL E 56 -32.46 28.43 -35.01
CA VAL E 56 -32.26 27.33 -35.95
C VAL E 56 -32.10 26.01 -35.21
N LYS E 57 -32.92 25.02 -35.55
CA LYS E 57 -32.67 23.66 -35.12
C LYS E 57 -32.22 22.82 -36.29
N LEU E 58 -30.98 22.36 -36.22
CA LEU E 58 -30.43 21.44 -37.22
C LEU E 58 -30.11 20.16 -36.48
N GLY E 59 -30.98 19.18 -36.62
CA GLY E 59 -30.89 17.98 -35.77
C GLY E 59 -31.09 18.40 -34.33
N THR E 60 -30.13 18.10 -33.48
CA THR E 60 -30.21 18.51 -32.08
C THR E 60 -29.35 19.76 -31.79
N THR E 61 -28.72 20.31 -32.82
CA THR E 61 -27.96 21.54 -32.66
C THR E 61 -28.92 22.72 -32.72
N MET E 62 -28.86 23.56 -31.69
CA MET E 62 -29.67 24.77 -31.66
C MET E 62 -28.85 26.03 -31.55
N VAL E 63 -29.13 26.95 -32.45
CA VAL E 63 -28.44 28.21 -32.49
C VAL E 63 -29.45 29.35 -32.56
N LEU E 64 -29.26 30.34 -31.70
CA LEU E 64 -30.02 31.59 -31.78
C LEU E 64 -29.12 32.75 -32.18
N ALA E 65 -29.40 33.34 -33.34
CA ALA E 65 -28.66 34.51 -33.80
C ALA E 65 -29.57 35.72 -33.74
N GLY E 66 -29.02 36.86 -33.32
CA GLY E 66 -29.78 38.09 -33.26
C GLY E 66 -28.95 39.26 -33.71
N THR E 67 -29.59 40.22 -34.37
CA THR E 67 -28.90 41.43 -34.81
C THR E 67 -29.31 42.64 -34.00
N LYS E 68 -28.42 43.62 -33.98
CA LYS E 68 -28.63 44.88 -33.29
C LYS E 68 -27.88 45.94 -34.08
N LEU E 69 -28.61 46.98 -34.48
CA LEU E 69 -28.02 48.04 -35.31
C LEU E 69 -27.75 49.31 -34.52
N GLU E 70 -26.59 49.90 -34.78
CA GLU E 70 -26.19 51.15 -34.15
C GLU E 70 -25.54 52.12 -35.14
N ILE E 71 -25.66 53.40 -34.83
CA ILE E 71 -25.05 54.44 -35.64
C ILE E 71 -23.68 54.81 -35.07
N ASP E 72 -22.66 54.68 -35.91
CA ASP E 72 -21.29 54.99 -35.54
C ASP E 72 -20.66 55.86 -36.60
N LYS E 73 -19.61 56.59 -36.22
CA LYS E 73 -18.71 57.19 -37.20
C LYS E 73 -17.99 56.03 -37.88
N PRO E 74 -17.75 56.14 -39.21
CA PRO E 74 -17.06 55.02 -39.87
C PRO E 74 -15.58 55.00 -39.49
N TYR E 75 -14.91 53.86 -39.71
CA TYR E 75 -13.47 53.76 -39.51
C TYR E 75 -12.72 54.69 -40.47
N GLU E 76 -11.60 55.25 -40.04
CA GLU E 76 -10.83 56.19 -40.87
C GLU E 76 -10.50 55.56 -42.22
N ASP E 77 -10.02 54.32 -42.20
CA ASP E 77 -9.66 53.57 -43.41
C ASP E 77 -10.83 53.34 -44.41
N THR E 78 -12.07 53.34 -43.94
CA THR E 78 -13.21 52.98 -44.79
C THR E 78 -14.41 53.93 -44.57
N PRO E 79 -14.31 55.20 -45.01
CA PRO E 79 -15.31 56.23 -44.68
C PRO E 79 -16.68 56.04 -45.33
N ASN E 80 -16.75 55.12 -46.29
CA ASN E 80 -17.98 54.92 -47.03
C ASN E 80 -18.56 53.49 -46.93
N GLN E 81 -18.20 52.80 -45.84
CA GLN E 81 -18.72 51.47 -45.52
C GLN E 81 -19.32 51.46 -44.12
N GLY E 82 -20.39 50.70 -43.95
CA GLY E 82 -20.91 50.37 -42.62
C GLY E 82 -20.12 49.22 -42.06
N ASN E 83 -20.54 48.71 -40.90
CA ASN E 83 -19.78 47.66 -40.22
C ASN E 83 -20.57 46.41 -39.95
N LEU E 84 -19.90 45.27 -40.03
CA LEU E 84 -20.47 44.00 -39.59
C LEU E 84 -19.54 43.46 -38.51
N ILE E 85 -20.10 43.16 -37.35
CA ILE E 85 -19.34 42.54 -36.28
C ILE E 85 -20.01 41.25 -35.84
N VAL E 86 -19.32 40.13 -36.08
CA VAL E 86 -19.89 38.81 -35.77
C VAL E 86 -19.30 38.26 -34.47
N ASN E 87 -20.17 37.77 -33.59
CA ASN E 87 -19.73 37.17 -32.35
C ASN E 87 -20.46 35.88 -32.07
N VAL E 88 -19.71 34.85 -31.70
CA VAL E 88 -20.28 33.54 -31.43
C VAL E 88 -19.97 33.14 -30.00
N GLU E 89 -20.97 32.58 -29.31
CA GLU E 89 -20.78 32.07 -27.97
C GLU E 89 -21.28 30.65 -27.87
N LEU E 90 -20.43 29.78 -27.33
CA LEU E 90 -20.77 28.40 -27.07
C LEU E 90 -21.08 28.31 -25.59
N LEU E 91 -22.29 27.89 -25.24
CA LEU E 91 -22.70 27.93 -23.83
C LEU E 91 -22.59 26.62 -23.03
N PRO E 92 -22.93 25.46 -23.65
CA PRO E 92 -23.01 24.19 -22.91
C PRO E 92 -21.75 23.77 -22.11
N ASP E 104 -13.43 32.18 -26.37
CA ASP E 104 -13.12 30.74 -26.34
C ASP E 104 -11.91 30.37 -27.21
N GLU E 105 -12.13 30.19 -28.52
CA GLU E 105 -11.12 29.73 -29.53
C GLU E 105 -11.86 29.07 -30.68
N ASN E 106 -12.71 28.11 -30.33
CA ASN E 106 -13.62 27.53 -31.30
C ASN E 106 -14.70 28.54 -31.62
N ALA E 107 -15.11 29.30 -30.60
CA ALA E 107 -16.06 30.37 -30.78
C ALA E 107 -15.50 31.46 -31.70
N ILE E 108 -14.24 31.83 -31.47
CA ILE E 108 -13.59 32.79 -32.34
C ILE E 108 -13.50 32.28 -33.78
N GLU E 109 -13.04 31.04 -33.95
CA GLU E 109 -12.98 30.45 -35.29
C GLU E 109 -14.32 30.49 -36.00
N LEU E 110 -15.37 30.03 -35.32
CA LEU E 110 -16.71 30.06 -35.87
C LEU E 110 -17.10 31.46 -36.32
N ALA E 111 -16.93 32.44 -35.41
CA ALA E 111 -17.25 33.81 -35.73
C ALA E 111 -16.54 34.28 -37.01
N ARG E 112 -15.22 34.06 -37.07
CA ARG E 112 -14.44 34.52 -38.19
C ARG E 112 -14.81 33.80 -39.47
N VAL E 113 -15.05 32.50 -39.39
CA VAL E 113 -15.41 31.75 -40.59
C VAL E 113 -16.75 32.23 -41.15
N VAL E 114 -17.72 32.41 -40.26
CA VAL E 114 -19.03 32.96 -40.63
C VAL E 114 -18.88 34.35 -41.23
N ASP E 115 -18.15 35.21 -40.51
CA ASP E 115 -17.89 36.59 -40.93
C ASP E 115 -17.35 36.62 -42.35
N ARG E 116 -16.27 35.88 -42.56
CA ARG E 116 -15.60 35.79 -43.85
C ARG E 116 -16.52 35.40 -44.98
N SER E 117 -17.39 34.43 -44.72
CA SER E 117 -18.28 33.99 -45.77
C SER E 117 -19.42 34.98 -46.06
N LEU E 118 -19.79 35.80 -45.07
CA LEU E 118 -20.78 36.84 -45.30
C LEU E 118 -20.14 38.03 -46.00
N ARG E 119 -18.93 38.36 -45.59
CA ARG E 119 -18.22 39.54 -46.06
C ARG E 119 -17.66 39.35 -47.46
N ASP E 120 -16.91 38.25 -47.67
CA ASP E 120 -16.23 37.99 -48.94
C ASP E 120 -17.20 37.68 -50.07
N SER E 121 -18.36 37.13 -49.73
CA SER E 121 -19.40 36.85 -50.71
C SER E 121 -20.15 38.10 -51.15
N LYS E 122 -19.99 39.21 -50.44
CA LYS E 122 -20.83 40.38 -50.70
C LYS E 122 -22.33 40.05 -50.52
N ALA E 123 -22.65 39.17 -49.56
CA ALA E 123 -24.04 38.84 -49.28
C ALA E 123 -24.69 40.04 -48.61
N LEU E 124 -23.97 40.65 -47.69
CA LEU E 124 -24.40 41.93 -47.09
C LEU E 124 -23.54 43.02 -47.69
N ASP E 125 -24.17 44.00 -48.33
CA ASP E 125 -23.44 45.08 -48.97
C ASP E 125 -23.18 46.21 -47.97
N LEU E 126 -21.96 46.25 -47.44
CA LEU E 126 -21.61 47.22 -46.41
C LEU E 126 -21.63 48.66 -46.89
N THR E 127 -21.37 48.86 -48.18
CA THR E 127 -21.30 50.21 -48.76
C THR E 127 -22.69 50.85 -48.79
N LYS E 128 -23.72 50.03 -48.67
CA LYS E 128 -25.10 50.50 -48.64
C LYS E 128 -25.61 50.70 -47.20
N LEU E 129 -24.69 50.66 -46.23
CA LEU E 129 -25.04 50.92 -44.85
C LEU E 129 -24.61 52.33 -44.40
N VAL E 130 -24.24 53.15 -45.36
CA VAL E 130 -23.83 54.52 -45.08
C VAL E 130 -25.06 55.41 -44.94
N ILE E 131 -25.05 56.25 -43.91
CA ILE E 131 -26.09 57.24 -43.71
C ILE E 131 -25.55 58.59 -44.19
N GLU E 132 -24.50 59.05 -43.51
CA GLU E 132 -23.70 60.21 -43.96
C GLU E 132 -22.25 59.77 -44.18
N PRO E 133 -21.74 59.83 -45.43
CA PRO E 133 -20.40 59.31 -45.70
C PRO E 133 -19.36 60.04 -44.86
N GLY E 134 -18.50 59.27 -44.18
CA GLY E 134 -17.50 59.84 -43.30
C GLY E 134 -18.03 60.33 -41.96
N LYS E 135 -19.31 60.65 -41.88
CA LYS E 135 -19.88 61.10 -40.61
C LYS E 135 -20.60 59.99 -39.83
N SER E 136 -21.49 59.25 -40.49
CA SER E 136 -22.29 58.24 -39.79
C SER E 136 -22.75 57.06 -40.65
N VAL E 137 -22.54 55.85 -40.13
CA VAL E 137 -22.90 54.60 -40.81
C VAL E 137 -23.52 53.62 -39.81
N TRP E 138 -24.17 52.58 -40.33
CA TRP E 138 -24.76 51.53 -39.49
C TRP E 138 -23.70 50.50 -39.11
N THR E 139 -23.66 50.14 -37.84
CA THR E 139 -22.91 48.95 -37.42
C THR E 139 -23.91 47.82 -37.17
N VAL E 140 -23.71 46.71 -37.86
CA VAL E 140 -24.56 45.55 -37.66
C VAL E 140 -23.87 44.61 -36.69
N TRP E 141 -24.40 44.53 -35.48
CA TRP E 141 -23.89 43.60 -34.49
C TRP E 141 -24.63 42.28 -34.68
N LEU E 142 -23.91 41.24 -35.06
CA LEU E 142 -24.51 39.93 -35.19
C LEU E 142 -24.00 39.05 -34.05
N ASP E 143 -24.90 38.66 -33.15
CA ASP E 143 -24.53 37.82 -32.02
C ASP E 143 -25.18 36.46 -32.13
N VAL E 144 -24.34 35.43 -32.15
CA VAL E 144 -24.76 34.05 -32.43
C VAL E 144 -24.53 33.16 -31.20
N TYR E 145 -25.63 32.65 -30.64
CA TYR E 145 -25.57 31.86 -29.42
C TYR E 145 -25.87 30.40 -29.70
N VAL E 146 -24.88 29.55 -29.51
CA VAL E 146 -25.10 28.12 -29.63
C VAL E 146 -25.66 27.63 -28.31
N LEU E 147 -26.92 27.21 -28.34
CA LEU E 147 -27.64 26.81 -27.13
C LEU E 147 -27.57 25.31 -26.86
N ASP E 148 -27.45 24.52 -27.92
CA ASP E 148 -27.44 23.07 -27.82
C ASP E 148 -26.43 22.53 -28.81
N TYR E 149 -25.41 21.84 -28.30
CA TYR E 149 -24.32 21.34 -29.14
C TYR E 149 -24.64 19.95 -29.63
N GLY E 150 -25.16 19.83 -30.85
CA GLY E 150 -25.49 18.52 -31.41
C GLY E 150 -24.68 18.14 -32.64
N GLY E 151 -23.50 18.75 -32.81
CA GLY E 151 -22.65 18.48 -33.96
C GLY E 151 -22.91 19.42 -35.12
N ASN E 152 -21.86 19.67 -35.91
CA ASN E 152 -21.93 20.57 -37.06
C ASN E 152 -22.48 21.95 -36.75
N VAL E 153 -21.93 22.53 -35.68
CA VAL E 153 -22.31 23.85 -35.19
C VAL E 153 -22.12 24.94 -36.26
N LEU E 154 -21.04 24.84 -37.03
CA LEU E 154 -20.74 25.85 -38.06
C LEU E 154 -21.86 26.07 -39.06
N ASP E 155 -22.35 25.00 -39.67
CA ASP E 155 -23.40 25.12 -40.68
C ASP E 155 -24.64 25.74 -40.06
N ALA E 156 -24.94 25.36 -38.82
CA ALA E 156 -26.07 25.92 -38.09
C ALA E 156 -25.88 27.42 -37.83
N CYS E 157 -24.65 27.81 -37.50
CA CYS E 157 -24.34 29.21 -37.27
C CYS E 157 -24.53 30.05 -38.52
N THR E 158 -24.09 29.51 -39.66
CA THR E 158 -24.24 30.23 -40.91
C THR E 158 -25.73 30.39 -41.20
N LEU E 159 -26.50 29.32 -41.01
CA LEU E 159 -27.93 29.38 -41.27
C LEU E 159 -28.62 30.39 -40.36
N ALA E 160 -28.30 30.36 -39.07
CA ALA E 160 -28.84 31.31 -38.11
C ALA E 160 -28.47 32.74 -38.47
N SER E 161 -27.19 32.95 -38.80
CA SER E 161 -26.68 34.28 -39.16
C SER E 161 -27.44 34.86 -40.35
N VAL E 162 -27.45 34.11 -41.44
CA VAL E 162 -28.11 34.55 -42.66
C VAL E 162 -29.59 34.84 -42.40
N ALA E 163 -30.25 33.93 -41.67
CA ALA E 163 -31.65 34.11 -41.32
C ALA E 163 -31.88 35.37 -40.49
N ALA E 164 -31.03 35.58 -39.50
CA ALA E 164 -31.17 36.74 -38.63
C ALA E 164 -30.99 38.05 -39.40
N LEU E 165 -30.05 38.07 -40.32
CA LEU E 165 -29.85 39.23 -41.18
C LEU E 165 -31.08 39.52 -42.05
N TYR E 166 -31.61 38.48 -42.69
CA TYR E 166 -32.81 38.64 -43.49
C TYR E 166 -34.00 39.10 -42.68
N ASN E 167 -34.04 38.70 -41.41
CA ASN E 167 -35.13 39.06 -40.52
C ASN E 167 -35.02 40.50 -39.97
N THR E 168 -33.87 41.13 -40.19
CA THR E 168 -33.56 42.43 -39.59
C THR E 168 -34.38 43.57 -40.16
N LYS E 169 -34.96 44.34 -39.23
CA LYS E 169 -35.67 45.58 -39.54
C LYS E 169 -34.73 46.75 -39.37
N VAL E 170 -34.73 47.66 -40.33
CA VAL E 170 -33.99 48.90 -40.22
C VAL E 170 -34.96 50.01 -39.86
N TYR E 171 -34.56 50.90 -38.95
CA TYR E 171 -35.44 51.94 -38.42
C TYR E 171 -35.21 53.33 -39.02
N LYS E 172 -36.12 54.26 -38.74
CA LYS E 172 -36.06 55.62 -39.28
C LYS E 172 -34.92 56.39 -38.64
N VAL E 173 -34.27 57.23 -39.44
CA VAL E 173 -33.16 58.04 -38.97
C VAL E 173 -33.57 59.51 -38.91
N GLU E 174 -33.68 60.04 -37.68
CA GLU E 174 -34.04 61.44 -37.45
C GLU E 174 -32.78 62.33 -37.40
N GLN E 175 -32.70 63.28 -38.35
CA GLN E 175 -31.54 64.18 -38.47
C GLN E 175 -31.94 65.64 -38.27
N ILE E 180 -28.41 61.44 -36.46
CA ILE E 180 -28.41 61.95 -35.09
C ILE E 180 -29.23 61.07 -34.12
N SER E 181 -30.46 60.73 -34.49
CA SER E 181 -31.33 59.91 -33.64
C SER E 181 -32.02 58.77 -34.42
N VAL E 182 -32.18 57.62 -33.75
CA VAL E 182 -32.91 56.48 -34.31
C VAL E 182 -34.32 56.42 -33.74
N ASN E 183 -35.33 56.41 -34.61
CA ASN E 183 -36.71 56.28 -34.17
C ASN E 183 -37.22 54.84 -34.26
N LYS E 184 -37.17 54.13 -33.16
CA LYS E 184 -37.35 52.66 -33.14
C LYS E 184 -38.77 52.11 -33.29
N ASN E 185 -39.75 52.98 -33.53
CA ASN E 185 -41.10 52.51 -33.81
C ASN E 185 -41.61 52.92 -35.19
N GLU E 186 -40.69 53.34 -36.06
CA GLU E 186 -40.95 53.44 -37.48
C GLU E 186 -39.95 52.56 -38.25
N VAL E 187 -40.43 51.41 -38.73
CA VAL E 187 -39.62 50.51 -39.54
C VAL E 187 -39.54 51.05 -40.96
N VAL E 188 -38.32 51.32 -41.41
CA VAL E 188 -38.09 51.96 -42.71
C VAL E 188 -37.78 50.96 -43.83
N GLY E 189 -37.07 49.88 -43.52
CA GLY E 189 -36.73 48.88 -44.53
C GLY E 189 -36.00 47.67 -43.99
N LYS E 190 -35.25 47.02 -44.88
CA LYS E 190 -34.52 45.80 -44.56
C LYS E 190 -33.03 46.01 -44.79
N LEU E 191 -32.21 45.03 -44.41
CA LEU E 191 -30.79 45.09 -44.69
C LEU E 191 -30.49 44.97 -46.20
N PRO E 192 -29.47 45.68 -46.70
CA PRO E 192 -29.05 45.54 -48.10
C PRO E 192 -28.39 44.19 -48.35
N LEU E 193 -29.21 43.15 -48.48
CA LEU E 193 -28.73 41.79 -48.71
C LEU E 193 -28.84 41.41 -50.18
N ASN E 194 -27.74 40.91 -50.73
CA ASN E 194 -27.70 40.47 -52.13
C ASN E 194 -28.28 39.06 -52.31
N TYR E 195 -27.96 38.17 -51.38
CA TYR E 195 -28.40 36.78 -51.46
C TYR E 195 -28.07 36.07 -50.18
N PRO E 196 -28.75 34.93 -49.92
CA PRO E 196 -28.31 34.09 -48.81
C PRO E 196 -27.00 33.40 -49.14
N VAL E 197 -26.43 32.75 -48.15
CA VAL E 197 -25.19 32.03 -48.29
C VAL E 197 -25.33 30.77 -47.42
N VAL E 198 -24.78 29.64 -47.87
CA VAL E 198 -24.79 28.44 -47.02
C VAL E 198 -23.40 27.89 -46.83
N THR E 199 -23.16 27.30 -45.67
CA THR E 199 -21.91 26.59 -45.44
C THR E 199 -22.27 25.12 -45.29
N ILE E 200 -21.58 24.27 -46.06
CA ILE E 200 -21.81 22.85 -46.01
C ILE E 200 -20.55 22.15 -45.49
N SER E 201 -20.70 21.42 -44.39
CA SER E 201 -19.58 20.67 -43.79
C SER E 201 -19.60 19.19 -44.18
N VAL E 202 -18.47 18.71 -44.70
CA VAL E 202 -18.33 17.29 -45.04
C VAL E 202 -17.26 16.66 -44.17
N ALA E 203 -17.64 15.63 -43.42
CA ALA E 203 -16.71 14.98 -42.52
C ALA E 203 -16.12 13.73 -43.16
N LYS E 204 -14.83 13.54 -42.94
CA LYS E 204 -14.17 12.32 -43.35
C LYS E 204 -14.12 11.43 -42.14
N VAL E 205 -14.76 10.27 -42.27
CA VAL E 205 -14.74 9.23 -41.24
C VAL E 205 -14.26 7.96 -41.92
N ASP E 206 -13.14 7.44 -41.43
CA ASP E 206 -12.53 6.26 -42.04
C ASP E 206 -12.34 6.56 -43.52
N LYS E 207 -12.90 5.73 -44.39
CA LYS E 207 -12.81 5.98 -45.83
C LYS E 207 -14.09 6.59 -46.43
N TYR E 208 -14.96 7.14 -45.57
CA TYR E 208 -16.26 7.67 -46.00
C TYR E 208 -16.37 9.18 -45.83
N LEU E 209 -17.16 9.79 -46.71
CA LEU E 209 -17.47 11.21 -46.58
C LEU E 209 -18.92 11.34 -46.23
N VAL E 210 -19.19 12.16 -45.23
CA VAL E 210 -20.51 12.27 -44.65
C VAL E 210 -20.89 13.75 -44.53
N VAL E 211 -22.09 14.09 -44.98
CA VAL E 211 -22.59 15.47 -44.95
C VAL E 211 -23.25 15.75 -43.58
N ASP E 212 -23.01 16.93 -43.03
CA ASP E 212 -23.66 17.35 -41.80
C ASP E 212 -23.47 16.30 -40.69
N PRO E 213 -22.24 16.20 -40.16
CA PRO E 213 -21.94 15.21 -39.12
C PRO E 213 -22.62 15.52 -37.80
N ASP E 214 -23.27 14.53 -37.20
CA ASP E 214 -23.84 14.72 -35.85
C ASP E 214 -22.76 14.57 -34.76
N LEU E 215 -23.20 14.61 -33.51
CA LEU E 215 -22.32 14.60 -32.36
C LEU E 215 -21.37 13.41 -32.34
N ASP E 216 -21.92 12.21 -32.45
CA ASP E 216 -21.14 10.97 -32.52
C ASP E 216 -20.18 10.98 -33.72
N GLU E 217 -20.70 11.40 -34.86
CA GLU E 217 -19.92 11.43 -36.09
C GLU E 217 -18.74 12.38 -35.98
N GLU E 218 -18.94 13.55 -35.39
CA GLU E 218 -17.85 14.49 -35.20
C GLU E 218 -16.77 13.96 -34.27
N SER E 219 -17.16 13.15 -33.28
CA SER E 219 -16.20 12.62 -32.33
C SER E 219 -15.32 11.51 -32.90
N ILE E 220 -15.76 10.87 -33.98
CA ILE E 220 -15.00 9.77 -34.58
C ILE E 220 -14.31 10.15 -35.90
N MET E 221 -14.66 11.30 -36.44
CA MET E 221 -14.12 11.75 -37.73
C MET E 221 -12.62 12.06 -37.68
N ASP E 222 -11.94 11.89 -38.81
CA ASP E 222 -10.54 12.29 -38.93
C ASP E 222 -10.44 13.80 -38.97
N ALA E 223 -11.29 14.40 -39.81
CA ALA E 223 -11.34 15.84 -40.02
C ALA E 223 -12.60 16.19 -40.78
N LYS E 224 -12.97 17.46 -40.80
CA LYS E 224 -14.05 17.92 -41.67
C LYS E 224 -13.62 19.13 -42.48
N ILE E 225 -14.32 19.37 -43.57
CA ILE E 225 -14.04 20.51 -44.44
C ILE E 225 -15.35 21.22 -44.80
N SER E 226 -15.37 22.54 -44.62
CA SER E 226 -16.60 23.31 -44.79
C SER E 226 -16.47 24.25 -45.97
N PHE E 227 -17.42 24.14 -46.90
CA PHE E 227 -17.43 24.94 -48.12
C PHE E 227 -18.59 25.89 -48.05
N SER E 228 -18.35 27.14 -48.44
CA SER E 228 -19.40 28.15 -48.42
C SER E 228 -19.77 28.54 -49.84
N TYR E 229 -21.06 28.57 -50.10
CA TYR E 229 -21.57 28.86 -51.45
C TYR E 229 -22.57 29.98 -51.49
N THR E 230 -22.50 30.76 -52.55
CA THR E 230 -23.56 31.69 -52.92
C THR E 230 -24.51 30.92 -53.83
N PRO E 231 -25.73 31.46 -54.09
CA PRO E 231 -26.73 30.74 -54.89
C PRO E 231 -26.25 30.35 -56.29
N ASP E 232 -25.37 31.17 -56.88
CA ASP E 232 -24.79 30.88 -58.21
C ASP E 232 -23.70 29.80 -58.10
N LEU E 233 -23.55 29.24 -56.90
CA LEU E 233 -22.64 28.10 -56.63
C LEU E 233 -21.16 28.44 -56.82
N LYS E 234 -20.82 29.68 -56.50
CA LYS E 234 -19.45 30.11 -56.37
C LYS E 234 -18.96 29.78 -54.97
N ILE E 235 -17.72 29.30 -54.87
CA ILE E 235 -17.09 29.03 -53.57
C ILE E 235 -16.54 30.33 -53.00
N VAL E 236 -16.75 30.51 -51.71
CA VAL E 236 -16.84 31.82 -51.09
C VAL E 236 -16.23 31.73 -49.67
N GLY E 237 -15.90 30.50 -49.29
CA GLY E 237 -15.05 30.22 -48.14
C GLY E 237 -14.78 28.74 -48.03
N ILE E 238 -13.57 28.37 -47.61
CA ILE E 238 -13.28 26.98 -47.26
C ILE E 238 -12.50 26.92 -45.94
N GLN E 239 -12.89 25.99 -45.07
CA GLN E 239 -12.19 25.78 -43.79
C GLN E 239 -12.10 24.29 -43.44
N LYS E 240 -10.91 23.73 -43.49
CA LYS E 240 -10.68 22.39 -42.95
C LYS E 240 -10.58 22.48 -41.42
N SER E 241 -10.98 21.40 -40.75
CA SER E 241 -11.10 21.38 -39.30
C SER E 241 -10.90 19.98 -38.75
N GLY E 242 -10.26 19.89 -37.60
CA GLY E 242 -10.09 18.58 -36.95
C GLY E 242 -8.64 18.18 -36.84
N LYS E 243 -8.37 17.27 -35.92
CA LYS E 243 -6.99 16.88 -35.60
C LYS E 243 -6.38 15.95 -36.64
N GLY E 244 -7.19 15.49 -37.61
CA GLY E 244 -6.73 14.57 -38.63
C GLY E 244 -6.52 15.20 -40.00
N SER E 245 -6.09 14.39 -40.95
CA SER E 245 -5.87 14.89 -42.29
C SER E 245 -6.85 14.27 -43.28
N MET E 246 -6.71 14.66 -44.54
CA MET E 246 -7.68 14.35 -45.59
C MET E 246 -6.91 14.36 -46.90
N SER E 247 -7.18 13.41 -47.78
CA SER E 247 -6.41 13.31 -49.01
C SER E 247 -6.88 14.32 -50.07
N LEU E 248 -6.04 14.51 -51.08
CA LEU E 248 -6.37 15.32 -52.25
C LEU E 248 -7.72 14.92 -52.82
N GLN E 249 -7.89 13.64 -53.10
CA GLN E 249 -9.15 13.11 -53.64
C GLN E 249 -10.31 13.29 -52.67
N ASP E 250 -10.06 13.16 -51.37
CA ASP E 250 -11.09 13.38 -50.38
C ASP E 250 -11.68 14.77 -50.53
N ILE E 251 -10.81 15.77 -50.65
CA ILE E 251 -11.23 17.16 -50.73
C ILE E 251 -11.97 17.41 -52.03
N ASP E 252 -11.44 16.85 -53.12
CA ASP E 252 -12.08 16.94 -54.44
C ASP E 252 -13.52 16.41 -54.37
N GLN E 253 -13.70 15.21 -53.85
CA GLN E 253 -15.04 14.63 -53.70
C GLN E 253 -15.90 15.40 -52.73
N ALA E 254 -15.29 15.86 -51.63
CA ALA E 254 -16.01 16.59 -50.61
C ALA E 254 -16.71 17.81 -51.19
N GLU E 255 -16.02 18.57 -52.04
CA GLU E 255 -16.65 19.78 -52.60
C GLU E 255 -17.74 19.43 -53.62
N ASN E 256 -17.55 18.38 -54.43
CA ASN E 256 -18.62 17.90 -55.30
C ASN E 256 -19.87 17.64 -54.49
N THR E 257 -19.70 16.84 -53.43
CA THR E 257 -20.80 16.48 -52.56
C THR E 257 -21.39 17.72 -51.90
N ALA E 258 -20.51 18.58 -51.36
CA ALA E 258 -20.93 19.81 -50.71
C ALA E 258 -21.77 20.69 -51.62
N ARG E 259 -21.29 20.89 -52.85
CA ARG E 259 -21.98 21.75 -53.80
C ARG E 259 -23.35 21.20 -54.21
N SER E 260 -23.47 19.91 -54.42
CA SER E 260 -24.77 19.38 -54.82
C SER E 260 -25.75 19.42 -53.64
N THR E 261 -25.21 19.35 -52.43
CA THR E 261 -26.00 19.53 -51.21
C THR E 261 -26.44 20.99 -51.05
N ALA E 262 -25.55 21.91 -51.41
CA ALA E 262 -25.81 23.34 -51.30
C ALA E 262 -27.11 23.76 -51.96
N VAL E 263 -27.40 23.17 -53.12
CA VAL E 263 -28.59 23.52 -53.89
C VAL E 263 -29.84 23.24 -53.08
N LYS E 264 -29.91 22.04 -52.48
CA LYS E 264 -31.03 21.62 -51.66
C LYS E 264 -31.18 22.50 -50.45
N LEU E 265 -30.06 22.77 -49.78
CA LEU E 265 -30.10 23.54 -48.55
C LEU E 265 -30.52 24.98 -48.81
N LEU E 266 -30.05 25.55 -49.92
CA LEU E 266 -30.44 26.91 -50.28
C LEU E 266 -31.93 27.03 -50.50
N GLU E 267 -32.49 26.06 -51.23
CA GLU E 267 -33.93 26.00 -51.44
C GLU E 267 -34.65 26.03 -50.11
N GLU E 268 -34.21 25.14 -49.21
CA GLU E 268 -34.87 24.99 -47.94
C GLU E 268 -34.75 26.26 -47.10
N LEU E 269 -33.56 26.86 -47.11
CA LEU E 269 -33.32 28.13 -46.42
C LEU E 269 -34.28 29.20 -46.93
N LYS E 270 -34.42 29.29 -48.24
CA LYS E 270 -35.26 30.29 -48.84
C LYS E 270 -36.73 30.13 -48.44
N LYS E 271 -37.20 28.89 -48.41
CA LYS E 271 -38.55 28.61 -47.92
C LYS E 271 -38.79 29.19 -46.54
N HIS E 272 -37.84 28.99 -45.62
CA HIS E 272 -37.96 29.53 -44.28
C HIS E 272 -37.96 31.05 -44.25
N LEU E 273 -37.22 31.66 -45.16
CA LEU E 273 -37.06 33.11 -45.19
C LEU E 273 -38.15 33.83 -45.98
N GLY E 274 -39.02 33.06 -46.64
CA GLY E 274 -39.98 33.62 -47.61
C GLY E 274 -39.23 34.13 -48.82
N ILE E 275 -38.28 33.30 -49.28
CA ILE E 275 -37.22 33.65 -50.25
C ILE E 275 -36.39 34.91 -49.88
N GLU F 8 -5.36 53.89 -58.00
CA GLU F 8 -6.12 53.26 -56.87
C GLU F 8 -5.66 51.81 -56.61
N ARG F 9 -6.29 50.84 -57.28
CA ARG F 9 -5.88 49.44 -57.12
C ARG F 9 -4.91 49.04 -58.22
N PRO F 10 -3.81 48.38 -57.83
CA PRO F 10 -2.75 47.99 -58.76
C PRO F 10 -3.21 46.95 -59.79
N LYS F 11 -2.59 46.98 -60.96
CA LYS F 11 -2.74 45.94 -61.95
C LYS F 11 -1.92 44.75 -61.42
N LEU F 12 -2.56 43.60 -61.23
CA LEU F 12 -1.88 42.46 -60.62
C LEU F 12 -1.14 41.57 -61.62
N ILE F 13 -1.64 41.56 -62.86
CA ILE F 13 -0.95 40.89 -63.95
C ILE F 13 -0.68 41.88 -65.08
N LEU F 14 0.59 42.04 -65.39
CA LEU F 14 1.05 43.03 -66.34
C LEU F 14 0.96 42.45 -67.75
N ASP F 15 1.13 43.30 -68.75
CA ASP F 15 0.81 42.89 -70.13
C ASP F 15 1.69 41.74 -70.63
N ASP F 16 2.88 41.62 -70.06
CA ASP F 16 3.78 40.52 -70.42
C ASP F 16 3.38 39.22 -69.72
N GLY F 17 2.24 39.24 -69.04
CA GLY F 17 1.73 38.09 -68.28
C GLY F 17 2.39 37.91 -66.93
N LYS F 18 3.11 38.92 -66.45
CA LYS F 18 3.88 38.78 -65.21
C LYS F 18 3.26 39.51 -64.03
N ARG F 19 3.70 39.14 -62.81
CA ARG F 19 3.15 39.69 -61.58
C ARG F 19 3.92 40.93 -61.12
N THR F 20 3.43 41.59 -60.07
CA THR F 20 4.02 42.85 -59.59
C THR F 20 5.47 42.72 -59.16
N ASP F 21 5.88 41.53 -58.70
CA ASP F 21 7.28 41.30 -58.34
C ASP F 21 8.10 40.66 -59.47
N GLY F 22 7.49 40.52 -60.64
CA GLY F 22 8.20 39.97 -61.78
C GLY F 22 8.06 38.47 -61.99
N ARG F 23 7.39 37.80 -61.05
CA ARG F 23 7.17 36.36 -61.14
C ARG F 23 6.11 35.98 -62.17
N LYS F 24 6.26 34.78 -62.73
CA LYS F 24 5.20 34.17 -63.53
C LYS F 24 4.16 33.57 -62.59
N PRO F 25 2.92 33.35 -63.10
CA PRO F 25 1.88 32.76 -62.24
C PRO F 25 2.28 31.45 -61.54
N ASP F 26 3.17 30.67 -62.17
CA ASP F 26 3.58 29.39 -61.62
C ASP F 26 4.95 29.42 -60.93
N GLU F 27 5.40 30.59 -60.46
CA GLU F 27 6.71 30.70 -59.79
C GLU F 27 6.65 30.91 -58.28
N LEU F 28 7.41 30.13 -57.54
CA LEU F 28 7.55 30.31 -56.12
C LEU F 28 8.48 31.47 -55.83
N ARG F 29 8.29 32.10 -54.67
CA ARG F 29 9.27 33.07 -54.17
C ARG F 29 10.52 32.33 -53.74
N SER F 30 11.59 33.06 -53.42
CA SER F 30 12.79 32.40 -52.95
C SER F 30 12.56 31.76 -51.58
N ILE F 31 13.27 30.66 -51.33
CA ILE F 31 13.15 29.94 -50.07
C ILE F 31 14.49 29.86 -49.35
N LYS F 32 14.45 30.06 -48.04
CA LYS F 32 15.63 29.87 -47.19
C LYS F 32 15.19 29.14 -45.93
N ILE F 33 15.94 28.09 -45.57
CA ILE F 33 15.60 27.26 -44.41
C ILE F 33 16.86 26.97 -43.64
N GLU F 34 16.83 27.19 -42.33
CA GLU F 34 17.88 26.61 -41.49
C GLU F 34 17.36 26.06 -40.17
N LEU F 35 18.06 25.03 -39.67
CA LEU F 35 17.64 24.26 -38.51
C LEU F 35 18.63 24.40 -37.37
N GLY F 36 18.15 24.15 -36.15
CA GLY F 36 19.03 24.09 -34.98
C GLY F 36 19.67 25.43 -34.71
N VAL F 37 18.90 26.48 -34.90
CA VAL F 37 19.40 27.82 -34.81
C VAL F 37 19.36 28.34 -33.37
N LEU F 38 18.55 27.72 -32.52
CA LEU F 38 18.44 28.10 -31.10
C LEU F 38 19.07 27.06 -30.19
N LYS F 39 19.95 27.50 -29.30
CA LYS F 39 20.72 26.58 -28.45
C LYS F 39 19.87 25.97 -27.35
N ASN F 40 19.04 26.80 -26.71
CA ASN F 40 18.32 26.37 -25.51
C ASN F 40 16.96 25.75 -25.77
N ALA F 41 16.70 25.42 -27.03
CA ALA F 41 15.46 24.75 -27.41
C ALA F 41 15.75 23.33 -27.85
N ASP F 42 14.73 22.48 -27.81
CA ASP F 42 14.90 21.09 -28.19
C ASP F 42 14.96 20.92 -29.71
N GLY F 43 14.32 21.85 -30.42
CA GLY F 43 14.35 21.89 -31.87
C GLY F 43 13.98 23.28 -32.34
N SER F 44 14.53 23.71 -33.46
CA SER F 44 14.32 25.05 -33.97
C SER F 44 14.56 25.12 -35.45
N ALA F 45 13.84 26.00 -36.11
CA ALA F 45 14.04 26.28 -37.53
C ALA F 45 13.66 27.72 -37.86
N ILE F 46 14.37 28.30 -38.83
CA ILE F 46 13.96 29.54 -39.47
C ILE F 46 13.53 29.20 -40.89
N PHE F 47 12.34 29.62 -41.28
CA PHE F 47 11.86 29.44 -42.64
C PHE F 47 11.57 30.79 -43.28
N GLU F 48 12.07 30.99 -44.50
CA GLU F 48 11.79 32.22 -45.24
C GLU F 48 11.19 31.92 -46.60
N MET F 49 10.02 32.49 -46.87
CA MET F 49 9.49 32.51 -48.23
C MET F 49 9.42 33.95 -48.68
N GLY F 50 10.26 34.28 -49.66
CA GLY F 50 10.40 35.65 -50.08
C GLY F 50 10.68 36.45 -48.84
N ASN F 51 9.82 37.42 -48.56
CA ASN F 51 9.99 38.27 -47.39
C ASN F 51 9.25 37.85 -46.14
N THR F 52 8.51 36.76 -46.19
CA THR F 52 7.85 36.23 -45.02
C THR F 52 8.82 35.33 -44.28
N LYS F 53 9.07 35.64 -43.01
CA LYS F 53 10.11 34.93 -42.24
C LYS F 53 9.58 34.57 -40.86
N ALA F 54 9.70 33.29 -40.52
CA ALA F 54 9.25 32.79 -39.23
C ALA F 54 10.33 32.00 -38.54
N ILE F 55 10.36 32.09 -37.21
CA ILE F 55 11.22 31.23 -36.40
C ILE F 55 10.31 30.36 -35.53
N ALA F 56 10.69 29.10 -35.40
CA ALA F 56 9.93 28.18 -34.57
C ALA F 56 10.86 27.47 -33.61
N ALA F 57 10.36 27.29 -32.39
CA ALA F 57 11.09 26.59 -31.34
C ALA F 57 10.19 25.50 -30.77
N VAL F 58 10.79 24.35 -30.51
CA VAL F 58 10.07 23.24 -29.90
C VAL F 58 10.70 22.97 -28.55
N TYR F 59 9.87 22.87 -27.51
CA TYR F 59 10.38 22.43 -26.21
C TYR F 59 9.80 21.04 -25.94
N GLY F 60 10.69 20.06 -26.11
CA GLY F 60 10.39 18.65 -26.42
C GLY F 60 9.49 17.94 -25.44
N PRO F 61 9.16 16.66 -25.70
CA PRO F 61 8.14 16.02 -24.87
C PRO F 61 8.55 16.11 -23.39
N LYS F 62 7.64 16.61 -22.55
CA LYS F 62 7.95 16.88 -21.15
C LYS F 62 6.70 16.77 -20.31
N GLU F 63 6.86 16.29 -19.08
CA GLU F 63 5.77 16.18 -18.11
C GLU F 63 4.99 17.48 -18.03
N MET F 64 3.67 17.39 -17.95
CA MET F 64 2.85 18.59 -18.06
C MET F 64 2.46 19.21 -16.73
N HIS F 65 2.68 20.52 -16.64
CA HIS F 65 2.56 21.28 -15.39
C HIS F 65 1.38 20.87 -14.48
N PRO F 66 0.13 21.27 -14.83
CA PRO F 66 -1.01 20.81 -14.03
C PRO F 66 -1.60 19.53 -14.64
N ARG F 67 -1.51 18.43 -13.91
CA ARG F 67 -1.79 17.12 -14.50
C ARG F 67 -3.18 16.95 -15.14
N HIS F 68 -4.21 17.59 -14.58
CA HIS F 68 -5.58 17.46 -15.12
C HIS F 68 -5.69 17.95 -16.58
N LEU F 69 -4.73 18.78 -17.00
CA LEU F 69 -4.72 19.32 -18.36
C LEU F 69 -3.98 18.41 -19.34
N SER F 70 -3.37 17.34 -18.82
CA SER F 70 -2.69 16.36 -19.68
C SER F 70 -3.67 15.28 -20.16
N LEU F 71 -3.17 14.41 -21.04
CA LEU F 71 -3.99 13.35 -21.61
C LEU F 71 -3.33 12.01 -21.32
N PRO F 72 -4.15 10.96 -21.07
CA PRO F 72 -3.59 9.66 -20.67
C PRO F 72 -2.99 8.83 -21.82
N ASP F 73 -3.38 9.13 -23.06
CA ASP F 73 -3.03 8.33 -24.23
C ASP F 73 -2.10 9.05 -25.23
N ARG F 74 -1.96 10.36 -25.06
CA ARG F 74 -1.42 11.25 -26.09
C ARG F 74 -0.58 12.34 -25.43
N ALA F 75 0.28 12.98 -26.23
CA ALA F 75 0.89 14.23 -25.83
C ALA F 75 -0.10 15.34 -26.15
N VAL F 76 -0.02 16.42 -25.38
CA VAL F 76 -0.77 17.64 -25.69
C VAL F 76 0.16 18.57 -26.47
N LEU F 77 -0.26 19.00 -27.67
CA LEU F 77 0.46 20.05 -28.37
C LEU F 77 -0.01 21.40 -27.89
N ARG F 78 0.92 22.28 -27.56
CA ARG F 78 0.61 23.67 -27.27
C ARG F 78 1.30 24.51 -28.30
N VAL F 79 0.53 25.26 -29.08
CA VAL F 79 1.07 26.01 -30.22
C VAL F 79 0.75 27.50 -30.12
N ARG F 80 1.74 28.33 -30.41
CA ARG F 80 1.54 29.79 -30.42
C ARG F 80 1.96 30.30 -31.79
N TYR F 81 1.00 30.88 -32.50
CA TYR F 81 1.30 31.62 -33.72
C TYR F 81 1.26 33.10 -33.32
N HIS F 82 2.36 33.80 -33.57
CA HIS F 82 2.46 35.19 -33.16
C HIS F 82 3.26 36.03 -34.15
N MET F 83 2.80 37.27 -34.34
CA MET F 83 3.49 38.23 -35.20
C MET F 83 4.17 39.26 -34.34
N THR F 84 5.46 39.44 -34.56
CA THR F 84 6.19 40.48 -33.85
C THR F 84 5.65 41.86 -34.27
N PRO F 85 5.67 42.84 -33.36
CA PRO F 85 5.13 44.14 -33.67
C PRO F 85 5.76 44.78 -34.91
N PHE F 86 7.00 44.40 -35.23
CA PHE F 86 7.76 45.02 -36.31
C PHE F 86 7.82 44.13 -37.53
N SER F 87 6.89 43.19 -37.65
CA SER F 87 6.88 42.29 -38.80
C SER F 87 6.18 42.89 -40.01
N THR F 88 5.41 43.95 -39.80
CA THR F 88 4.66 44.61 -40.87
C THR F 88 5.00 46.09 -40.94
N ASP F 89 4.49 46.77 -41.96
CA ASP F 89 4.79 48.19 -42.14
C ASP F 89 4.20 49.04 -41.02
N GLU F 90 2.97 48.73 -40.63
CA GLU F 90 2.35 49.36 -39.48
C GLU F 90 2.51 48.46 -38.27
N ARG F 91 2.82 49.04 -37.12
CA ARG F 91 3.08 48.25 -35.93
C ARG F 91 1.85 47.44 -35.50
N LYS F 92 2.02 46.13 -35.37
CA LYS F 92 1.00 45.25 -34.78
C LYS F 92 1.03 45.31 -33.26
N ASN F 93 -0.14 45.37 -32.65
CA ASN F 93 -0.25 45.19 -31.22
C ASN F 93 0.18 43.76 -30.88
N PRO F 94 1.15 43.62 -29.94
CA PRO F 94 1.64 42.29 -29.56
C PRO F 94 0.57 41.40 -28.90
N ALA F 95 -0.45 42.02 -28.31
CA ALA F 95 -1.59 41.30 -27.74
C ALA F 95 -2.23 40.44 -28.82
N PRO F 96 -2.60 39.19 -28.49
CA PRO F 96 -3.06 38.29 -29.57
C PRO F 96 -4.40 38.72 -30.13
N SER F 97 -4.48 38.74 -31.46
CA SER F 97 -5.69 39.12 -32.19
C SER F 97 -6.55 37.89 -32.42
N ARG F 98 -7.82 38.11 -32.73
CA ARG F 98 -8.72 37.02 -33.12
C ARG F 98 -8.10 36.21 -34.26
N ARG F 99 -7.47 36.90 -35.22
CA ARG F 99 -6.75 36.22 -36.30
C ARG F 99 -5.66 35.29 -35.77
N GLU F 100 -4.88 35.76 -34.80
CA GLU F 100 -3.79 34.97 -34.24
C GLU F 100 -4.33 33.79 -33.44
N ILE F 101 -5.45 34.00 -32.76
CA ILE F 101 -6.13 32.92 -32.06
C ILE F 101 -6.66 31.83 -33.02
N GLU F 102 -7.34 32.22 -34.10
CA GLU F 102 -7.78 31.24 -35.08
C GLU F 102 -6.61 30.48 -35.71
N LEU F 103 -5.61 31.23 -36.19
CA LEU F 103 -4.51 30.62 -36.89
C LEU F 103 -3.74 29.66 -36.00
N SER F 104 -3.62 30.00 -34.72
CA SER F 104 -2.97 29.11 -33.75
C SER F 104 -3.65 27.77 -33.73
N LYS F 105 -4.98 27.78 -33.70
CA LYS F 105 -5.76 26.57 -33.67
C LYS F 105 -5.56 25.78 -34.96
N VAL F 106 -5.71 26.47 -36.09
CA VAL F 106 -5.60 25.86 -37.41
C VAL F 106 -4.21 25.21 -37.59
N ILE F 107 -3.16 25.92 -37.19
CA ILE F 107 -1.79 25.39 -37.23
C ILE F 107 -1.61 24.19 -36.28
N ARG F 108 -2.14 24.30 -35.06
CA ARG F 108 -2.04 23.20 -34.09
C ARG F 108 -2.66 21.94 -34.67
N GLU F 109 -3.83 22.07 -35.27
CA GLU F 109 -4.53 20.93 -35.82
C GLU F 109 -3.74 20.32 -36.97
N ALA F 110 -3.08 21.18 -37.74
CA ALA F 110 -2.27 20.70 -38.85
C ALA F 110 -1.15 19.81 -38.32
N LEU F 111 -0.52 20.27 -37.24
CA LEU F 111 0.58 19.54 -36.62
C LEU F 111 0.11 18.26 -35.96
N GLU F 112 -1.09 18.29 -35.40
CA GLU F 112 -1.63 17.12 -34.73
C GLU F 112 -1.86 15.95 -35.69
N SER F 113 -2.15 16.24 -36.94
CA SER F 113 -2.33 15.17 -37.92
C SER F 113 -0.99 14.53 -38.33
N ALA F 114 0.11 15.21 -37.98
CA ALA F 114 1.44 14.77 -38.39
C ALA F 114 2.25 14.17 -37.25
N VAL F 115 2.18 14.80 -36.08
CA VAL F 115 3.00 14.38 -34.95
C VAL F 115 2.42 13.13 -34.30
N LEU F 116 3.27 12.13 -34.09
CA LEU F 116 2.85 10.89 -33.45
C LEU F 116 2.69 11.06 -31.95
N VAL F 117 1.65 11.79 -31.55
CA VAL F 117 1.45 12.17 -30.16
C VAL F 117 1.23 10.98 -29.23
N GLU F 118 0.74 9.86 -29.77
CA GLU F 118 0.41 8.68 -28.96
C GLU F 118 1.65 8.13 -28.24
N LEU F 119 2.81 8.43 -28.81
CA LEU F 119 4.09 7.95 -28.28
C LEU F 119 4.45 8.56 -26.93
N PHE F 120 3.85 9.70 -26.61
CA PHE F 120 4.24 10.44 -25.42
C PHE F 120 3.07 10.80 -24.51
N PRO F 121 2.48 9.79 -23.84
CA PRO F 121 1.35 10.08 -22.95
C PRO F 121 1.77 11.00 -21.82
N ARG F 122 0.82 11.78 -21.31
CA ARG F 122 1.03 12.62 -20.13
C ARG F 122 2.08 13.73 -20.29
N THR F 123 2.46 14.01 -21.53
CA THR F 123 3.45 15.05 -21.82
C THR F 123 2.84 16.21 -22.62
N ALA F 124 3.55 17.32 -22.65
CA ALA F 124 3.24 18.41 -23.55
C ALA F 124 4.41 18.64 -24.48
N ILE F 125 4.09 18.99 -25.73
CA ILE F 125 5.09 19.43 -26.68
C ILE F 125 4.72 20.87 -26.99
N ASP F 126 5.62 21.79 -26.65
CA ASP F 126 5.38 23.22 -26.90
C ASP F 126 6.02 23.69 -28.19
N VAL F 127 5.22 24.30 -29.05
CA VAL F 127 5.69 24.80 -30.32
C VAL F 127 5.44 26.30 -30.34
N PHE F 128 6.51 27.09 -30.33
CA PHE F 128 6.38 28.53 -30.38
C PHE F 128 6.82 29.06 -31.73
N THR F 129 5.98 29.88 -32.33
CA THR F 129 6.20 30.41 -33.65
C THR F 129 6.16 31.95 -33.63
N GLU F 130 7.13 32.58 -34.28
CA GLU F 130 7.16 34.02 -34.36
C GLU F 130 7.38 34.48 -35.79
N ILE F 131 6.46 35.29 -36.30
CA ILE F 131 6.67 35.93 -37.60
C ILE F 131 7.54 37.19 -37.44
N LEU F 132 8.71 37.14 -38.08
CA LEU F 132 9.69 38.21 -37.98
C LEU F 132 9.49 39.25 -39.05
N GLN F 133 9.04 38.81 -40.23
CA GLN F 133 8.53 39.70 -41.28
C GLN F 133 7.38 39.05 -41.98
N ALA F 134 6.34 39.83 -42.24
CA ALA F 134 5.18 39.31 -42.95
C ALA F 134 5.07 39.91 -44.35
N ASP F 135 4.93 39.03 -45.34
CA ASP F 135 4.65 39.43 -46.72
C ASP F 135 3.71 38.40 -47.32
N ALA F 136 2.62 38.11 -46.60
CA ALA F 136 1.64 37.07 -46.94
C ALA F 136 2.17 35.62 -46.86
N GLY F 137 1.28 34.71 -46.49
CA GLY F 137 1.62 33.31 -46.36
C GLY F 137 2.26 32.96 -45.03
N SER F 138 2.19 33.88 -44.09
CA SER F 138 2.80 33.75 -42.75
C SER F 138 2.37 32.46 -42.07
N ARG F 139 1.07 32.14 -42.15
CA ARG F 139 0.54 30.98 -41.44
C ARG F 139 1.21 29.70 -41.93
N LEU F 140 1.51 29.64 -43.23
CA LEU F 140 2.16 28.48 -43.81
C LEU F 140 3.65 28.41 -43.47
N VAL F 141 4.33 29.56 -43.55
CA VAL F 141 5.74 29.65 -43.20
C VAL F 141 5.90 29.25 -41.74
N SER F 142 5.04 29.77 -40.89
CA SER F 142 5.02 29.39 -39.49
C SER F 142 4.82 27.88 -39.31
N LEU F 143 3.84 27.33 -40.03
CA LEU F 143 3.54 25.90 -39.95
C LEU F 143 4.72 25.06 -40.38
N MET F 144 5.36 25.41 -41.49
CA MET F 144 6.53 24.68 -41.98
C MET F 144 7.71 24.80 -41.01
N ALA F 145 7.95 26.01 -40.48
CA ALA F 145 9.02 26.21 -39.54
C ALA F 145 8.79 25.29 -38.35
N ALA F 146 7.53 25.21 -37.91
CA ALA F 146 7.14 24.33 -36.83
C ALA F 146 7.46 22.87 -37.17
N SER F 147 6.96 22.42 -38.32
CA SER F 147 7.20 21.07 -38.78
C SER F 147 8.68 20.70 -38.73
N LEU F 148 9.53 21.60 -39.23
CA LEU F 148 10.97 21.37 -39.26
C LEU F 148 11.61 21.44 -37.88
N ALA F 149 11.08 22.29 -37.00
CA ALA F 149 11.61 22.37 -35.65
C ALA F 149 11.31 21.08 -34.90
N LEU F 150 10.13 20.52 -35.14
CA LEU F 150 9.77 19.24 -34.56
C LEU F 150 10.72 18.16 -35.05
N ALA F 151 11.01 18.17 -36.36
CA ALA F 151 11.97 17.23 -36.95
C ALA F 151 13.34 17.44 -36.32
N ASP F 152 13.74 18.70 -36.19
CA ASP F 152 15.01 19.07 -35.56
C ASP F 152 15.11 18.57 -34.11
N ALA F 153 13.98 18.51 -33.42
CA ALA F 153 13.92 17.97 -32.06
C ALA F 153 13.93 16.44 -32.02
N GLY F 154 13.81 15.79 -33.18
CA GLY F 154 13.75 14.34 -33.25
C GLY F 154 12.41 13.78 -32.80
N ILE F 155 11.37 14.58 -32.88
CA ILE F 155 10.04 14.11 -32.55
C ILE F 155 9.42 13.40 -33.76
N PRO F 156 9.03 12.13 -33.59
CA PRO F 156 8.54 11.29 -34.68
C PRO F 156 7.25 11.81 -35.30
N MET F 157 7.21 11.89 -36.62
CA MET F 157 6.03 12.39 -37.32
C MET F 157 5.69 11.49 -38.50
N ARG F 158 4.47 11.60 -39.01
CA ARG F 158 4.06 10.83 -40.20
C ARG F 158 4.85 11.25 -41.44
N ASP F 159 5.13 12.55 -41.54
CA ASP F 159 5.83 13.15 -42.68
C ASP F 159 6.09 14.59 -42.32
N LEU F 160 6.92 15.28 -43.13
CA LEU F 160 7.07 16.72 -42.99
C LEU F 160 5.84 17.41 -43.58
N ILE F 161 5.66 18.69 -43.24
CA ILE F 161 4.56 19.47 -43.80
C ILE F 161 5.13 20.56 -44.67
N ALA F 162 4.65 20.62 -45.91
CA ALA F 162 4.97 21.71 -46.85
C ALA F 162 3.68 22.39 -47.29
N GLY F 163 3.70 23.72 -47.44
CA GLY F 163 2.52 24.48 -47.81
C GLY F 163 2.79 25.67 -48.71
N VAL F 164 1.78 26.04 -49.50
CA VAL F 164 1.74 27.30 -50.23
C VAL F 164 0.33 27.81 -50.31
N ALA F 165 0.21 29.14 -50.40
CA ALA F 165 -1.05 29.75 -50.70
C ALA F 165 -1.10 29.88 -52.20
N VAL F 166 -2.22 29.43 -52.75
CA VAL F 166 -2.45 29.55 -54.16
C VAL F 166 -3.63 30.53 -54.24
N GLY F 167 -3.84 31.19 -55.37
CA GLY F 167 -4.89 32.22 -55.42
C GLY F 167 -5.30 32.69 -56.80
N LYS F 168 -6.08 33.75 -56.86
CA LYS F 168 -6.57 34.29 -58.12
C LYS F 168 -6.34 35.81 -58.12
N ALA F 169 -5.62 36.28 -59.15
CA ALA F 169 -5.21 37.67 -59.24
C ALA F 169 -6.06 38.51 -60.17
N ASP F 170 -5.86 38.43 -61.48
CA ASP F 170 -6.75 39.22 -62.33
C ASP F 170 -7.50 38.27 -63.24
N GLY F 171 -8.22 37.36 -62.61
CA GLY F 171 -8.78 36.21 -63.30
C GLY F 171 -7.76 35.11 -63.48
N VAL F 172 -6.50 35.38 -63.12
CA VAL F 172 -5.42 34.43 -63.35
C VAL F 172 -5.09 33.68 -62.07
N ILE F 173 -5.01 32.36 -62.16
CA ILE F 173 -4.60 31.55 -61.03
C ILE F 173 -3.09 31.61 -60.83
N ILE F 174 -2.69 31.96 -59.61
CA ILE F 174 -1.29 32.23 -59.28
C ILE F 174 -0.81 31.48 -58.03
N LEU F 175 0.50 31.27 -57.95
CA LEU F 175 1.11 30.47 -56.90
C LEU F 175 1.95 31.32 -55.94
N ASP F 176 1.71 31.14 -54.64
CA ASP F 176 2.53 31.77 -53.58
C ASP F 176 2.39 33.31 -53.57
N LEU F 177 1.36 33.82 -52.89
CA LEU F 177 1.01 35.25 -53.01
C LEU F 177 1.88 36.25 -52.23
N ASN F 178 2.10 37.41 -52.84
CA ASN F 178 2.55 38.65 -52.22
C ASN F 178 1.55 39.14 -51.22
N GLU F 179 1.97 40.12 -50.44
CA GLU F 179 1.03 40.93 -49.69
C GLU F 179 0.09 41.69 -50.63
N THR F 180 0.64 42.23 -51.71
CA THR F 180 -0.13 42.93 -52.72
C THR F 180 -1.22 42.04 -53.32
N GLU F 181 -0.86 40.81 -53.63
CA GLU F 181 -1.80 39.86 -54.23
C GLU F 181 -2.84 39.39 -53.24
N ASP F 182 -2.41 39.17 -51.99
CA ASP F 182 -3.31 38.86 -50.88
C ASP F 182 -4.35 39.96 -50.73
N MET F 183 -3.87 41.20 -50.76
CA MET F 183 -4.69 42.34 -50.44
C MET F 183 -5.65 42.77 -51.54
N TRP F 184 -5.30 42.46 -52.79
CA TRP F 184 -6.11 42.91 -53.93
C TRP F 184 -6.68 41.80 -54.81
N GLY F 185 -6.21 40.58 -54.64
CA GLY F 185 -6.70 39.44 -55.43
C GLY F 185 -8.13 39.04 -55.09
N GLU F 186 -8.69 38.12 -55.90
CA GLU F 186 -10.06 37.64 -55.68
C GLU F 186 -10.12 36.49 -54.68
N ALA F 187 -9.00 35.78 -54.52
CA ALA F 187 -8.96 34.58 -53.69
C ALA F 187 -7.56 34.31 -53.11
N ASP F 188 -7.56 33.67 -51.96
CA ASP F 188 -6.33 33.30 -51.27
C ASP F 188 -6.62 31.96 -50.63
N MET F 189 -5.85 30.95 -51.01
CA MET F 189 -6.13 29.60 -50.57
C MET F 189 -4.85 28.93 -50.08
N PRO F 190 -4.53 29.11 -48.79
CA PRO F 190 -3.42 28.38 -48.20
C PRO F 190 -3.71 26.88 -48.09
N ILE F 191 -2.76 26.07 -48.55
CA ILE F 191 -2.87 24.62 -48.53
C ILE F 191 -1.56 24.04 -48.01
N ALA F 192 -1.64 23.11 -47.05
CA ALA F 192 -0.45 22.44 -46.54
C ALA F 192 -0.66 20.93 -46.54
N MET F 193 0.38 20.18 -46.91
CA MET F 193 0.30 18.72 -46.95
C MET F 193 1.46 18.00 -46.27
N MET F 194 1.24 16.71 -46.00
CA MET F 194 2.28 15.74 -45.83
C MET F 194 2.43 15.09 -47.21
N PRO F 195 3.34 15.63 -48.04
CA PRO F 195 3.40 15.34 -49.48
C PRO F 195 3.59 13.88 -49.84
N SER F 196 4.41 13.16 -49.09
CA SER F 196 4.64 11.74 -49.37
C SER F 196 3.37 10.91 -49.20
N LEU F 197 2.45 11.39 -48.36
CA LEU F 197 1.20 10.69 -48.09
C LEU F 197 0.00 11.23 -48.88
N ASN F 198 0.19 12.34 -49.58
CA ASN F 198 -0.89 13.06 -50.25
C ASN F 198 -2.01 13.41 -49.28
N GLN F 199 -1.64 13.82 -48.08
CA GLN F 199 -2.61 14.14 -47.05
C GLN F 199 -2.56 15.64 -46.77
N VAL F 200 -3.74 16.21 -46.88
CA VAL F 200 -3.84 17.64 -46.63
C VAL F 200 -3.99 17.90 -45.13
N THR F 201 -3.22 18.85 -44.67
CA THR F 201 -3.02 19.10 -43.27
C THR F 201 -3.71 20.40 -42.85
N LEU F 202 -3.62 21.40 -43.71
CA LEU F 202 -4.32 22.66 -43.55
C LEU F 202 -4.92 23.02 -44.90
N PHE F 203 -6.16 23.46 -44.89
CA PHE F 203 -6.83 23.86 -46.11
C PHE F 203 -7.84 24.97 -45.84
N GLN F 204 -7.56 26.16 -46.36
CA GLN F 204 -8.43 27.32 -46.20
C GLN F 204 -8.57 28.09 -47.49
N LEU F 205 -9.75 28.67 -47.72
CA LEU F 205 -9.92 29.66 -48.79
C LEU F 205 -10.68 30.85 -48.27
N ASN F 206 -10.12 32.04 -48.49
CA ASN F 206 -10.88 33.28 -48.36
C ASN F 206 -10.90 33.96 -49.72
N GLY F 207 -11.98 34.66 -50.00
CA GLY F 207 -12.20 35.26 -51.30
C GLY F 207 -13.25 34.45 -52.03
N SER F 208 -13.02 34.20 -53.32
CA SER F 208 -14.06 33.68 -54.18
C SER F 208 -13.50 32.95 -55.39
N MET F 209 -14.03 31.76 -55.67
CA MET F 209 -13.59 30.94 -56.82
C MET F 209 -14.71 30.06 -57.37
N THR F 210 -14.66 29.78 -58.67
CA THR F 210 -15.53 28.77 -59.23
C THR F 210 -14.94 27.40 -58.87
N PRO F 211 -15.78 26.35 -58.81
CA PRO F 211 -15.25 25.02 -58.58
C PRO F 211 -14.10 24.65 -59.53
N ASP F 212 -14.21 25.04 -60.81
CA ASP F 212 -13.14 24.79 -61.77
C ASP F 212 -11.83 25.48 -61.39
N GLU F 213 -11.94 26.75 -61.04
CA GLU F 213 -10.79 27.53 -60.58
C GLU F 213 -10.17 26.93 -59.32
N PHE F 214 -11.03 26.57 -58.37
CA PHE F 214 -10.63 25.86 -57.18
C PHE F 214 -9.81 24.59 -57.52
N ARG F 215 -10.28 23.80 -58.48
CA ARG F 215 -9.57 22.60 -58.89
C ARG F 215 -8.21 22.89 -59.55
N GLN F 216 -8.18 23.92 -60.40
CA GLN F 216 -6.93 24.37 -61.04
C GLN F 216 -5.91 24.81 -60.02
N ALA F 217 -6.34 25.70 -59.13
CA ALA F 217 -5.47 26.27 -58.12
C ALA F 217 -4.91 25.15 -57.23
N PHE F 218 -5.77 24.23 -56.87
CA PHE F 218 -5.39 23.08 -56.06
C PHE F 218 -4.24 22.31 -56.72
N ASP F 219 -4.36 22.02 -58.02
CA ASP F 219 -3.32 21.33 -58.78
C ASP F 219 -2.01 22.10 -58.75
N LEU F 220 -2.10 23.42 -58.86
CA LEU F 220 -0.92 24.28 -58.85
C LEU F 220 -0.24 24.23 -57.50
N ALA F 221 -1.02 24.29 -56.43
CA ALA F 221 -0.50 24.22 -55.08
C ALA F 221 0.31 22.95 -54.84
N VAL F 222 -0.18 21.83 -55.36
CA VAL F 222 0.54 20.56 -55.21
C VAL F 222 1.94 20.64 -55.82
N LYS F 223 2.04 21.17 -57.03
CA LYS F 223 3.34 21.30 -57.71
C LYS F 223 4.28 22.18 -56.88
N GLY F 224 3.75 23.28 -56.36
CA GLY F 224 4.52 24.17 -55.51
C GLY F 224 4.99 23.40 -54.29
N ILE F 225 4.04 22.78 -53.60
CA ILE F 225 4.32 22.01 -52.38
C ILE F 225 5.43 20.97 -52.57
N ASN F 226 5.42 20.28 -53.70
CA ASN F 226 6.42 19.26 -53.96
C ASN F 226 7.84 19.82 -54.08
N ILE F 227 7.96 21.01 -54.66
CA ILE F 227 9.26 21.65 -54.75
C ILE F 227 9.77 22.05 -53.35
N ILE F 228 8.88 22.65 -52.55
CA ILE F 228 9.20 23.06 -51.19
C ILE F 228 9.62 21.84 -50.38
N TYR F 229 8.88 20.75 -50.56
CA TYR F 229 9.12 19.52 -49.82
C TYR F 229 10.54 18.97 -50.01
N ASN F 230 11.02 18.95 -51.25
CA ASN F 230 12.39 18.52 -51.54
C ASN F 230 13.41 19.39 -50.84
N LEU F 231 13.10 20.67 -50.68
CA LEU F 231 13.99 21.58 -49.98
C LEU F 231 14.00 21.31 -48.48
N GLU F 232 12.83 21.01 -47.93
CA GLU F 232 12.73 20.61 -46.54
C GLU F 232 13.56 19.37 -46.26
N ARG F 233 13.42 18.37 -47.13
CA ARG F 233 14.20 17.15 -47.02
C ARG F 233 15.69 17.44 -46.99
N GLU F 234 16.14 18.34 -47.87
CA GLU F 234 17.55 18.64 -47.92
C GLU F 234 17.98 19.41 -46.67
N ALA F 235 17.13 20.35 -46.22
CA ALA F 235 17.41 21.15 -45.04
C ALA F 235 17.60 20.26 -43.83
N LEU F 236 16.95 19.11 -43.86
CA LEU F 236 17.04 18.14 -42.78
C LEU F 236 18.44 17.54 -42.71
N LYS F 237 19.04 17.28 -43.86
CA LYS F 237 20.37 16.71 -43.94
C LYS F 237 21.44 17.76 -43.70
N SER F 238 21.39 18.87 -44.43
CA SER F 238 22.48 19.85 -44.43
C SER F 238 22.31 21.01 -43.44
N LYS F 239 21.12 21.11 -42.85
CA LYS F 239 20.81 22.12 -41.85
C LYS F 239 20.63 23.54 -42.40
N TYR F 240 20.96 23.74 -43.67
CA TYR F 240 20.87 25.05 -44.32
C TYR F 240 20.60 24.92 -45.81
N VAL F 241 19.57 25.62 -46.28
CA VAL F 241 19.15 25.54 -47.69
C VAL F 241 18.70 26.89 -48.24
N GLU F 242 19.26 27.25 -49.39
CA GLU F 242 18.83 28.43 -50.14
C GLU F 242 18.32 28.04 -51.52
N PHE F 243 17.28 28.70 -51.97
CA PHE F 243 16.66 28.38 -53.25
C PHE F 243 16.16 29.67 -53.89
N LYS F 244 16.73 30.01 -55.05
CA LYS F 244 16.33 31.19 -55.81
C LYS F 244 15.01 30.91 -56.52
N GLU F 245 14.18 31.95 -56.67
CA GLU F 245 12.88 31.88 -57.38
C GLU F 245 12.93 31.04 -58.65
N GLU F 246 11.91 30.19 -58.85
CA GLU F 246 11.73 29.56 -60.17
C GLU F 246 10.40 28.83 -60.42
N GLY F 247 10.17 28.59 -61.72
CA GLY F 247 8.96 27.95 -62.24
C GLY F 247 8.73 26.54 -61.76
N VAL F 248 7.46 26.28 -61.42
CA VAL F 248 7.01 24.97 -60.96
C VAL F 248 7.00 23.94 -62.10
N MET G 1 18.62 5.25 36.29
CA MET G 1 19.06 5.34 34.85
C MET G 1 18.84 6.71 34.14
N SER G 2 19.91 7.31 33.62
CA SER G 2 19.85 8.59 32.91
C SER G 2 19.94 8.41 31.40
N SER G 3 19.00 8.99 30.66
CA SER G 3 18.93 8.81 29.20
C SER G 3 18.70 10.09 28.41
N THR G 4 19.20 10.09 27.19
CA THR G 4 19.08 11.22 26.27
C THR G 4 17.62 11.62 26.13
N PRO G 5 17.28 12.86 26.48
CA PRO G 5 15.91 13.34 26.42
C PRO G 5 15.28 13.20 25.02
N SER G 6 14.17 12.48 24.93
CA SER G 6 13.48 12.24 23.65
C SER G 6 12.52 13.37 23.24
N ASN G 7 12.22 14.24 24.19
CA ASN G 7 11.31 15.37 23.98
C ASN G 7 11.98 16.57 23.29
N GLN G 8 13.32 16.55 23.23
CA GLN G 8 14.17 17.43 22.41
C GLN G 8 13.45 18.35 21.40
N ASN G 9 13.58 19.67 21.63
CA ASN G 9 13.12 20.70 20.67
C ASN G 9 14.12 20.90 19.48
N ILE G 10 14.34 19.85 18.66
CA ILE G 10 15.37 19.90 17.59
C ILE G 10 15.22 21.16 16.71
N ILE G 11 16.30 21.95 16.62
CA ILE G 11 16.28 23.28 16.00
C ILE G 11 17.03 23.30 14.64
N PRO G 12 16.31 23.55 13.53
CA PRO G 12 16.83 23.34 12.17
C PRO G 12 18.15 24.03 11.92
N ILE G 13 19.03 23.37 11.16
CA ILE G 13 20.35 23.91 10.82
C ILE G 13 20.25 25.34 10.28
N ILE G 14 19.20 25.59 9.49
CA ILE G 14 18.96 26.88 8.88
C ILE G 14 18.77 27.98 9.91
N LYS G 15 18.13 27.67 11.04
CA LYS G 15 17.93 28.65 12.09
C LYS G 15 19.20 28.87 12.87
N LYS G 16 19.94 27.80 13.11
CA LYS G 16 21.21 27.88 13.80
C LYS G 16 22.16 28.80 13.06
N GLU G 17 22.21 28.67 11.74
CA GLU G 17 23.07 29.50 10.93
C GLU G 17 22.73 31.00 11.00
N SER G 18 21.44 31.33 11.06
CA SER G 18 21.01 32.71 11.25
C SER G 18 21.65 33.28 12.49
N ILE G 19 21.57 32.53 13.59
CA ILE G 19 22.03 32.98 14.87
C ILE G 19 23.55 33.12 14.83
N VAL G 20 24.20 32.12 14.24
CA VAL G 20 25.67 32.12 14.14
C VAL G 20 26.18 33.27 13.27
N SER G 21 25.46 33.56 12.19
CA SER G 21 25.75 34.72 11.36
C SER G 21 25.70 36.05 12.14
N LEU G 22 24.77 36.16 13.08
CA LEU G 22 24.68 37.36 13.90
C LEU G 22 25.86 37.41 14.86
N PHE G 23 26.15 36.29 15.52
CA PHE G 23 27.30 36.16 16.42
C PHE G 23 28.58 36.64 15.78
N GLU G 24 28.74 36.25 14.46
CA GLU G 24 29.92 36.63 13.69
C GLU G 24 30.07 38.15 13.58
N LYS G 25 28.97 38.89 13.67
CA LYS G 25 29.01 40.33 13.63
C LYS G 25 28.99 40.91 15.04
N GLY G 26 29.14 40.03 16.02
CA GLY G 26 29.23 40.42 17.42
C GLY G 26 27.93 40.85 18.05
N ILE G 27 26.82 40.37 17.49
CA ILE G 27 25.50 40.75 17.99
C ILE G 27 24.59 39.53 18.09
N ARG G 28 23.53 39.63 18.90
CA ARG G 28 22.59 38.55 19.08
C ARG G 28 21.19 38.92 18.59
N GLN G 29 20.29 37.94 18.56
CA GLN G 29 18.90 38.14 18.15
C GLN G 29 18.23 39.33 18.88
N ASP G 30 18.29 39.32 20.21
CA ASP G 30 17.65 40.35 21.03
C ASP G 30 18.46 41.64 21.12
N GLY G 31 19.56 41.70 20.37
CA GLY G 31 20.35 42.91 20.23
C GLY G 31 21.52 43.07 21.20
N ARG G 32 21.66 42.16 22.16
CA ARG G 32 22.74 42.32 23.13
C ARG G 32 24.09 41.83 22.61
N LYS G 33 25.16 42.24 23.31
CA LYS G 33 26.51 41.80 23.00
C LYS G 33 26.71 40.36 23.46
N LEU G 34 27.76 39.72 22.99
CA LEU G 34 28.05 38.34 23.36
C LEU G 34 28.30 38.19 24.86
N THR G 35 28.69 39.25 25.53
CA THR G 35 29.03 39.19 26.95
C THR G 35 27.97 39.78 27.87
N ASP G 36 26.85 40.21 27.29
CA ASP G 36 25.77 40.88 28.03
C ASP G 36 24.83 39.91 28.72
N TYR G 37 24.39 40.30 29.92
CA TYR G 37 23.26 39.67 30.59
C TYR G 37 21.94 40.25 30.08
N ARG G 38 20.88 39.45 30.15
CA ARG G 38 19.54 39.94 29.86
C ARG G 38 19.06 40.89 30.98
N PRO G 39 17.95 41.61 30.75
CA PRO G 39 17.41 42.48 31.83
C PRO G 39 16.99 41.66 33.07
N LEU G 40 17.32 42.17 34.25
CA LEU G 40 17.06 41.47 35.50
C LEU G 40 16.07 42.20 36.39
N SER G 41 15.00 41.51 36.78
CA SER G 41 14.06 41.99 37.79
C SER G 41 14.16 41.10 39.02
N ILE G 42 14.10 41.72 40.19
CA ILE G 42 13.96 40.96 41.43
C ILE G 42 12.89 41.62 42.28
N THR G 43 11.88 40.84 42.65
CA THR G 43 10.83 41.29 43.56
C THR G 43 10.92 40.50 44.85
N LEU G 44 11.31 41.18 45.92
CA LEU G 44 11.48 40.55 47.21
C LEU G 44 10.13 40.40 47.89
N ASP G 45 10.05 39.45 48.81
CA ASP G 45 8.85 39.22 49.62
C ASP G 45 7.60 38.97 48.75
N TYR G 46 7.77 38.23 47.66
CA TYR G 46 6.69 37.98 46.72
C TYR G 46 5.71 36.97 47.28
N ALA G 47 6.24 35.93 47.92
CA ALA G 47 5.44 34.89 48.53
C ALA G 47 5.25 35.20 50.02
N LYS G 48 4.10 35.75 50.36
CA LYS G 48 3.92 36.37 51.68
C LYS G 48 4.06 35.43 52.86
N LYS G 49 3.69 34.17 52.69
CA LYS G 49 3.77 33.22 53.78
C LYS G 49 5.11 32.49 53.87
N ALA G 50 6.02 32.83 52.95
CA ALA G 50 7.42 32.41 53.08
C ALA G 50 8.11 33.28 54.11
N ASP G 51 9.16 32.75 54.73
CA ASP G 51 9.95 33.54 55.68
C ASP G 51 10.75 34.61 54.93
N GLY G 52 11.21 34.26 53.73
CA GLY G 52 11.82 35.21 52.81
C GLY G 52 11.56 34.66 51.42
N SER G 53 11.44 35.53 50.43
CA SER G 53 11.20 35.08 49.06
C SER G 53 11.68 36.08 48.02
N ALA G 54 11.84 35.60 46.79
CA ALA G 54 12.25 36.45 45.67
C ALA G 54 11.70 35.92 44.36
N LEU G 55 11.07 36.80 43.58
CA LEU G 55 10.67 36.50 42.21
C LEU G 55 11.67 37.13 41.24
N VAL G 56 12.41 36.29 40.54
CA VAL G 56 13.44 36.77 39.63
C VAL G 56 12.99 36.63 38.18
N LYS G 57 13.05 37.73 37.42
CA LYS G 57 12.89 37.66 35.98
C LYS G 57 14.21 37.96 35.32
N LEU G 58 14.77 36.96 34.66
CA LEU G 58 15.99 37.12 33.89
C LEU G 58 15.64 36.84 32.43
N GLY G 59 15.44 37.90 31.66
CA GLY G 59 14.85 37.77 30.34
C GLY G 59 13.44 37.24 30.50
N THR G 60 13.15 36.10 29.87
CA THR G 60 11.85 35.46 29.99
C THR G 60 11.87 34.29 30.96
N THR G 61 13.02 34.06 31.60
CA THR G 61 13.10 33.05 32.64
C THR G 61 12.56 33.62 33.94
N MET G 62 11.59 32.94 34.55
CA MET G 62 11.09 33.34 35.86
C MET G 62 11.25 32.26 36.91
N VAL G 63 11.82 32.67 38.04
CA VAL G 63 12.03 31.77 39.14
C VAL G 63 11.52 32.43 40.42
N LEU G 64 10.75 31.68 41.20
CA LEU G 64 10.35 32.09 42.53
C LEU G 64 11.00 31.18 43.56
N ALA G 65 11.81 31.76 44.42
CA ALA G 65 12.43 31.03 45.53
C ALA G 65 11.81 31.50 46.83
N GLY G 66 11.62 30.57 47.76
CA GLY G 66 11.08 30.93 49.07
C GLY G 66 11.71 30.08 50.14
N THR G 67 11.92 30.70 51.30
CA THR G 67 12.49 30.01 52.46
C THR G 67 11.46 29.71 53.54
N LYS G 68 11.76 28.70 54.32
CA LYS G 68 10.94 28.30 55.44
C LYS G 68 11.85 27.72 56.51
N LEU G 69 11.79 28.31 57.70
CA LEU G 69 12.67 27.90 58.79
C LEU G 69 11.99 27.01 59.84
N GLU G 70 12.70 25.98 60.27
CA GLU G 70 12.18 25.05 61.27
C GLU G 70 13.24 24.67 62.30
N ILE G 71 12.78 24.34 63.50
CA ILE G 71 13.67 23.91 64.56
C ILE G 71 13.77 22.40 64.57
N ASP G 72 14.98 21.90 64.44
CA ASP G 72 15.26 20.48 64.41
C ASP G 72 16.40 20.14 65.36
N LYS G 73 16.45 18.89 65.81
CA LYS G 73 17.65 18.37 66.45
C LYS G 73 18.71 18.30 65.34
N PRO G 74 19.98 18.62 65.67
CA PRO G 74 21.01 18.57 64.64
C PRO G 74 21.39 17.13 64.31
N TYR G 75 22.16 16.93 63.25
CA TYR G 75 22.65 15.58 62.94
C TYR G 75 23.75 15.21 63.92
N GLU G 76 23.70 13.99 64.44
CA GLU G 76 24.70 13.52 65.41
C GLU G 76 26.12 13.87 64.95
N ASP G 77 26.37 13.80 63.64
CA ASP G 77 27.65 14.15 63.02
C ASP G 77 28.06 15.60 63.30
N THR G 78 27.10 16.52 63.13
CA THR G 78 27.38 17.96 63.14
C THR G 78 26.50 18.68 64.17
N PRO G 79 26.89 18.63 65.45
CA PRO G 79 26.03 19.18 66.50
C PRO G 79 26.09 20.70 66.61
N ASN G 80 27.05 21.32 65.94
CA ASN G 80 27.20 22.76 66.03
C ASN G 80 26.92 23.43 64.70
N GLN G 81 25.96 22.86 63.97
CA GLN G 81 25.60 23.32 62.64
C GLN G 81 24.10 23.19 62.35
N GLY G 82 23.51 24.26 61.83
CA GLY G 82 22.15 24.23 61.30
C GLY G 82 22.13 23.56 59.93
N ASN G 83 20.96 23.54 59.30
CA ASN G 83 20.82 22.84 58.04
C ASN G 83 20.37 23.74 56.91
N LEU G 84 20.86 23.43 55.71
CA LEU G 84 20.34 24.03 54.48
C LEU G 84 19.86 22.91 53.58
N ILE G 85 18.61 22.98 53.15
CA ILE G 85 18.06 22.01 52.22
C ILE G 85 17.51 22.73 50.99
N VAL G 86 18.14 22.48 49.85
CA VAL G 86 17.75 23.14 48.61
C VAL G 86 16.92 22.21 47.73
N ASN G 87 15.77 22.70 47.27
CA ASN G 87 14.94 21.96 46.37
C ASN G 87 14.51 22.82 45.17
N VAL G 88 14.61 22.24 43.98
CA VAL G 88 14.25 22.92 42.73
C VAL G 88 13.17 22.16 42.02
N GLU G 89 12.16 22.87 41.52
CA GLU G 89 11.11 22.27 40.69
C GLU G 89 10.92 23.01 39.39
N LEU G 90 10.94 22.24 38.31
CA LEU G 90 10.71 22.75 36.97
C LEU G 90 9.26 22.42 36.64
N LEU G 91 8.45 23.43 36.38
CA LEU G 91 7.01 23.19 36.21
C LEU G 91 6.50 23.05 34.76
N PRO G 92 7.04 23.87 33.81
CA PRO G 92 6.50 23.92 32.45
C PRO G 92 6.41 22.58 31.68
N ASP G 104 12.98 15.01 39.20
CA ASP G 104 13.29 15.13 37.77
C ASP G 104 14.67 14.55 37.40
N GLU G 105 15.73 15.36 37.50
CA GLU G 105 17.13 15.02 37.11
C GLU G 105 17.89 16.30 36.82
N ASN G 106 17.28 17.14 35.98
CA ASN G 106 17.78 18.50 35.78
C ASN G 106 17.45 19.34 36.99
N ALA G 107 16.29 19.07 37.58
CA ALA G 107 15.89 19.69 38.84
C ALA G 107 16.83 19.32 39.99
N ILE G 108 17.22 18.05 40.07
CA ILE G 108 18.20 17.62 41.06
C ILE G 108 19.57 18.27 40.81
N GLU G 109 20.03 18.26 39.56
CA GLU G 109 21.29 18.89 39.26
C GLU G 109 21.28 20.35 39.72
N LEU G 110 20.25 21.08 39.30
CA LEU G 110 20.14 22.51 39.65
C LEU G 110 20.22 22.73 41.16
N ALA G 111 19.43 21.95 41.89
CA ALA G 111 19.41 22.01 43.34
C ALA G 111 20.80 21.82 43.92
N ARG G 112 21.47 20.75 43.51
CA ARG G 112 22.81 20.42 44.02
C ARG G 112 23.85 21.47 43.64
N VAL G 113 23.80 21.98 42.42
CA VAL G 113 24.76 22.99 41.98
C VAL G 113 24.59 24.28 42.81
N VAL G 114 23.35 24.70 42.99
CA VAL G 114 23.02 25.87 43.80
C VAL G 114 23.49 25.61 45.24
N ASP G 115 23.06 24.49 45.79
CA ASP G 115 23.44 24.11 47.14
C ASP G 115 24.93 24.27 47.33
N ARG G 116 25.69 23.54 46.51
CA ARG G 116 27.13 23.54 46.55
C ARG G 116 27.76 24.91 46.57
N SER G 117 27.23 25.81 45.75
CA SER G 117 27.82 27.14 45.66
C SER G 117 27.43 28.03 46.85
N LEU G 118 26.31 27.72 47.51
CA LEU G 118 25.94 28.43 48.74
C LEU G 118 26.73 27.89 49.92
N ARG G 119 26.87 26.58 49.96
CA ARG G 119 27.52 25.88 51.06
C ARG G 119 29.05 26.02 51.07
N ASP G 120 29.68 25.76 49.93
CA ASP G 120 31.14 25.76 49.83
C ASP G 120 31.74 27.16 49.91
N SER G 121 30.98 28.15 49.48
CA SER G 121 31.39 29.55 49.60
C SER G 121 31.24 30.06 51.02
N LYS G 122 30.45 29.35 51.80
CA LYS G 122 30.13 29.79 53.17
C LYS G 122 29.43 31.16 53.12
N ALA G 123 28.56 31.30 52.12
CA ALA G 123 27.74 32.49 51.99
C ALA G 123 26.74 32.51 53.14
N LEU G 124 26.18 31.34 53.43
CA LEU G 124 25.38 31.15 54.63
C LEU G 124 26.21 30.40 55.68
N ASP G 125 26.38 31.00 56.83
CA ASP G 125 27.15 30.38 57.88
C ASP G 125 26.28 29.47 58.73
N LEU G 126 26.35 28.17 58.44
CA LEU G 126 25.51 27.17 59.12
C LEU G 126 25.80 27.03 60.61
N THR G 127 27.03 27.33 61.01
CA THR G 127 27.41 27.21 62.42
C THR G 127 26.74 28.27 63.29
N LYS G 128 26.23 29.32 62.65
CA LYS G 128 25.53 30.38 63.35
C LYS G 128 24.02 30.19 63.34
N LEU G 129 23.58 29.00 62.95
CA LEU G 129 22.15 28.64 62.97
C LEU G 129 21.82 27.76 64.16
N VAL G 130 22.76 27.66 65.10
CA VAL G 130 22.58 26.85 66.30
C VAL G 130 21.79 27.63 67.34
N ILE G 131 20.82 26.96 67.95
CA ILE G 131 20.04 27.56 69.04
C ILE G 131 20.57 27.05 70.39
N GLU G 132 20.30 25.80 70.75
CA GLU G 132 21.02 25.15 71.87
C GLU G 132 21.88 24.04 71.28
N PRO G 133 23.22 24.12 71.49
CA PRO G 133 24.13 23.17 70.82
C PRO G 133 23.79 21.71 71.16
N GLY G 134 23.81 20.85 70.14
CA GLY G 134 23.47 19.45 70.33
C GLY G 134 21.98 19.14 70.43
N LYS G 135 21.18 20.11 70.87
CA LYS G 135 19.76 19.90 71.11
C LYS G 135 18.85 20.46 70.00
N SER G 136 19.10 21.70 69.58
CA SER G 136 18.22 22.34 68.60
C SER G 136 18.91 23.37 67.69
N VAL G 137 18.67 23.25 66.38
CA VAL G 137 19.23 24.15 65.38
C VAL G 137 18.15 24.53 64.34
N TRP G 138 18.42 25.56 63.55
CA TRP G 138 17.52 25.95 62.45
C TRP G 138 17.77 25.10 61.23
N THR G 139 16.70 24.64 60.60
CA THR G 139 16.80 24.10 59.25
C THR G 139 16.23 25.15 58.30
N VAL G 140 17.04 25.53 57.31
CA VAL G 140 16.59 26.46 56.28
C VAL G 140 16.17 25.68 55.05
N TRP G 141 14.86 25.60 54.85
CA TRP G 141 14.32 24.99 53.64
C TRP G 141 14.27 26.04 52.56
N LEU G 142 15.02 25.81 51.48
CA LEU G 142 15.00 26.70 50.33
C LEU G 142 14.32 25.99 49.16
N ASP G 143 13.14 26.48 48.77
CA ASP G 143 12.40 25.87 47.67
C ASP G 143 12.31 26.80 46.49
N VAL G 144 12.85 26.34 45.36
CA VAL G 144 13.03 27.15 44.18
C VAL G 144 12.12 26.63 43.06
N TYR G 145 11.19 27.48 42.63
CA TYR G 145 10.23 27.10 41.58
C TYR G 145 10.49 27.85 40.27
N VAL G 146 10.85 27.09 39.23
CA VAL G 146 11.03 27.68 37.91
C VAL G 146 9.65 27.72 37.26
N LEU G 147 9.14 28.92 37.07
CA LEU G 147 7.78 29.13 36.58
C LEU G 147 7.73 29.32 35.07
N ASP G 148 8.81 29.85 34.49
CA ASP G 148 8.87 30.15 33.08
C ASP G 148 10.28 29.82 32.59
N TYR G 149 10.37 28.88 31.65
CA TYR G 149 11.66 28.40 31.16
C TYR G 149 12.08 29.20 29.96
N GLY G 150 12.96 30.19 30.16
CA GLY G 150 13.42 31.01 29.04
C GLY G 150 14.93 30.92 28.80
N GLY G 151 15.55 29.83 29.25
CA GLY G 151 16.98 29.67 29.09
C GLY G 151 17.79 30.18 30.25
N ASN G 152 18.93 29.54 30.48
CA ASN G 152 19.83 29.85 31.59
C ASN G 152 19.14 29.86 32.95
N VAL G 153 18.39 28.79 33.20
CA VAL G 153 17.65 28.60 34.44
C VAL G 153 18.57 28.61 35.68
N LEU G 154 19.75 28.02 35.58
CA LEU G 154 20.70 27.97 36.72
C LEU G 154 21.07 29.35 37.30
N ASP G 155 21.48 30.27 36.46
CA ASP G 155 21.85 31.59 36.93
C ASP G 155 20.68 32.26 37.61
N ALA G 156 19.49 32.07 37.06
CA ALA G 156 18.28 32.63 37.64
C ALA G 156 17.95 32.00 39.01
N CYS G 157 18.18 30.69 39.13
CA CYS G 157 17.99 29.97 40.39
C CYS G 157 18.93 30.46 41.47
N THR G 158 20.20 30.70 41.13
CA THR G 158 21.17 31.20 42.09
C THR G 158 20.77 32.59 42.53
N LEU G 159 20.33 33.42 41.60
CA LEU G 159 19.90 34.77 41.92
C LEU G 159 18.68 34.75 42.84
N ALA G 160 17.70 33.93 42.49
CA ALA G 160 16.49 33.78 43.31
C ALA G 160 16.84 33.27 44.71
N SER G 161 17.66 32.23 44.78
CA SER G 161 18.10 31.63 46.03
C SER G 161 18.75 32.66 46.95
N VAL G 162 19.78 33.31 46.43
CA VAL G 162 20.52 34.31 47.22
C VAL G 162 19.55 35.39 47.72
N ALA G 163 18.73 35.91 46.81
CA ALA G 163 17.77 36.94 47.16
C ALA G 163 16.79 36.48 48.23
N ALA G 164 16.27 35.26 48.09
CA ALA G 164 15.31 34.73 49.07
C ALA G 164 15.95 34.60 50.45
N LEU G 165 17.20 34.17 50.48
CA LEU G 165 17.94 34.05 51.73
C LEU G 165 18.11 35.42 52.39
N TYR G 166 18.51 36.42 51.62
CA TYR G 166 18.67 37.76 52.14
C TYR G 166 17.37 38.36 52.63
N ASN G 167 16.28 37.95 52.00
CA ASN G 167 14.96 38.45 52.37
C ASN G 167 14.38 37.77 53.62
N THR G 168 15.03 36.71 54.09
CA THR G 168 14.52 35.88 55.16
C THR G 168 14.50 36.56 56.50
N LYS G 169 13.35 36.51 57.15
CA LYS G 169 13.17 36.96 58.51
C LYS G 169 13.31 35.79 59.49
N VAL G 170 14.07 36.00 60.56
CA VAL G 170 14.21 34.99 61.60
C VAL G 170 13.33 35.41 62.76
N TYR G 171 12.62 34.47 63.36
CA TYR G 171 11.65 34.77 64.42
C TYR G 171 12.17 34.50 65.84
N LYS G 172 11.42 34.97 66.85
CA LYS G 172 11.77 34.81 68.26
C LYS G 172 11.65 33.36 68.69
N VAL G 173 12.58 32.94 69.54
CA VAL G 173 12.59 31.57 70.05
C VAL G 173 12.16 31.54 71.52
N GLU G 174 10.98 30.98 71.79
CA GLU G 174 10.48 30.86 73.16
C GLU G 174 10.93 29.52 73.79
N GLN G 175 11.70 29.62 74.88
CA GLN G 175 12.23 28.44 75.59
C GLN G 175 11.71 28.35 77.02
N ILE G 180 12.13 25.51 72.00
CA ILE G 180 10.87 24.81 72.25
C ILE G 180 9.73 25.32 71.35
N SER G 181 9.54 26.64 71.29
CA SER G 181 8.47 27.26 70.47
C SER G 181 8.97 28.47 69.66
N VAL G 182 8.43 28.59 68.44
CA VAL G 182 8.72 29.73 67.57
C VAL G 182 7.57 30.74 67.64
N ASN G 183 7.88 32.00 67.96
CA ASN G 183 6.88 33.06 67.97
C ASN G 183 6.89 33.88 66.68
N LYS G 184 5.99 33.53 65.77
CA LYS G 184 6.05 34.02 64.38
C LYS G 184 5.58 35.47 64.12
N ASN G 185 5.27 36.21 65.17
CA ASN G 185 4.93 37.64 65.00
C ASN G 185 5.88 38.58 65.76
N GLU G 186 7.01 38.05 66.17
CA GLU G 186 8.15 38.85 66.60
C GLU G 186 9.37 38.51 65.74
N VAL G 187 9.68 39.40 64.79
CA VAL G 187 10.87 39.23 63.94
C VAL G 187 12.11 39.64 64.74
N VAL G 188 13.05 38.71 64.87
CA VAL G 188 14.23 38.88 65.71
C VAL G 188 15.48 39.33 64.93
N GLY G 189 15.64 38.85 63.70
CA GLY G 189 16.79 39.21 62.89
C GLY G 189 16.77 38.64 61.49
N LYS G 190 17.96 38.51 60.92
CA LYS G 190 18.13 38.02 59.56
C LYS G 190 19.03 36.78 59.56
N LEU G 191 19.17 36.13 58.41
CA LEU G 191 20.04 34.98 58.29
C LEU G 191 21.50 35.38 58.41
N PRO G 192 22.34 34.52 59.01
CA PRO G 192 23.78 34.78 59.09
C PRO G 192 24.46 34.64 57.73
N LEU G 193 24.32 35.67 56.90
CA LEU G 193 24.85 35.65 55.55
C LEU G 193 26.13 36.47 55.45
N ASN G 194 27.18 35.85 54.91
CA ASN G 194 28.47 36.51 54.76
C ASN G 194 28.54 37.43 53.55
N TYR G 195 27.95 36.98 52.44
CA TYR G 195 27.94 37.73 51.19
C TYR G 195 27.02 37.07 50.19
N PRO G 196 26.60 37.83 49.15
CA PRO G 196 25.90 37.19 48.07
C PRO G 196 26.88 36.33 47.25
N VAL G 197 26.33 35.56 46.31
CA VAL G 197 27.09 34.71 45.43
C VAL G 197 26.39 34.79 44.09
N VAL G 198 27.14 34.74 42.99
CA VAL G 198 26.52 34.67 41.66
C VAL G 198 27.05 33.50 40.86
N THR G 199 26.18 32.93 40.03
CA THR G 199 26.60 31.93 39.06
C THR G 199 26.48 32.52 37.67
N ILE G 200 27.58 32.51 36.93
CA ILE G 200 27.57 32.98 35.55
C ILE G 200 27.75 31.82 34.55
N SER G 201 26.81 31.69 33.64
CA SER G 201 26.85 30.62 32.64
C SER G 201 27.32 31.14 31.28
N VAL G 202 28.36 30.50 30.75
CA VAL G 202 28.86 30.87 29.43
C VAL G 202 28.64 29.72 28.47
N ALA G 203 27.93 29.99 27.37
CA ALA G 203 27.62 28.96 26.39
C ALA G 203 28.59 29.02 25.22
N LYS G 204 29.02 27.83 24.80
CA LYS G 204 29.81 27.67 23.60
C LYS G 204 28.85 27.35 22.46
N VAL G 205 28.75 28.27 21.49
CA VAL G 205 27.96 28.04 20.29
C VAL G 205 28.91 28.20 19.12
N ASP G 206 29.05 27.14 18.32
CA ASP G 206 29.98 27.14 17.19
C ASP G 206 31.35 27.53 17.75
N LYS G 207 31.96 28.59 17.21
CA LYS G 207 33.24 29.07 17.74
C LYS G 207 33.12 30.29 18.66
N TYR G 208 31.92 30.54 19.17
CA TYR G 208 31.65 31.74 19.95
C TYR G 208 31.30 31.42 21.39
N LEU G 209 31.62 32.34 22.29
CA LEU G 209 31.24 32.22 23.68
C LEU G 209 30.25 33.32 24.00
N VAL G 210 29.17 32.93 24.65
CA VAL G 210 28.02 33.79 24.85
C VAL G 210 27.57 33.72 26.32
N VAL G 211 27.42 34.88 26.93
CA VAL G 211 27.02 34.99 28.33
C VAL G 211 25.50 34.93 28.45
N ASP G 212 24.99 34.18 29.44
CA ASP G 212 23.54 34.12 29.71
C ASP G 212 22.75 33.73 28.46
N PRO G 213 22.86 32.46 28.03
CA PRO G 213 22.20 32.01 26.82
C PRO G 213 20.70 31.98 26.98
N ASP G 214 19.96 32.52 26.01
CA ASP G 214 18.50 32.39 26.02
C ASP G 214 18.05 31.02 25.49
N LEU G 215 16.74 30.87 25.34
CA LEU G 215 16.12 29.61 24.96
C LEU G 215 16.66 29.06 23.64
N ASP G 216 16.61 29.88 22.59
CA ASP G 216 17.16 29.52 21.30
C ASP G 216 18.64 29.19 21.39
N GLU G 217 19.38 30.03 22.10
CA GLU G 217 20.82 29.85 22.22
C GLU G 217 21.17 28.54 22.90
N GLU G 218 20.41 28.18 23.94
CA GLU G 218 20.65 26.93 24.64
C GLU G 218 20.36 25.74 23.76
N SER G 219 19.41 25.87 22.85
CA SER G 219 19.08 24.73 21.99
C SER G 219 20.10 24.48 20.89
N ILE G 220 20.93 25.47 20.58
CA ILE G 220 21.92 25.31 19.51
C ILE G 220 23.35 25.18 20.02
N MET G 221 23.55 25.40 21.32
CA MET G 221 24.88 25.40 21.91
C MET G 221 25.48 24.00 21.96
N ASP G 222 26.81 23.94 21.90
CA ASP G 222 27.52 22.67 22.08
C ASP G 222 27.43 22.22 23.54
N ALA G 223 27.71 23.17 24.43
CA ALA G 223 27.77 22.95 25.86
C ALA G 223 27.83 24.32 26.53
N LYS G 224 27.55 24.36 27.83
CA LYS G 224 27.78 25.55 28.64
C LYS G 224 28.55 25.20 29.90
N ILE G 225 29.16 26.22 30.49
CA ILE G 225 29.95 26.06 31.70
C ILE G 225 29.60 27.20 32.68
N SER G 226 29.27 26.82 33.91
CA SER G 226 28.81 27.78 34.90
C SER G 226 29.82 27.96 36.01
N PHE G 227 30.25 29.20 36.21
CA PHE G 227 31.22 29.55 37.25
C PHE G 227 30.52 30.32 38.36
N SER G 228 30.81 29.94 39.60
CA SER G 228 30.23 30.61 40.74
C SER G 228 31.26 31.46 41.46
N TYR G 229 30.90 32.70 41.75
CA TYR G 229 31.85 33.64 42.38
C TYR G 229 31.30 34.26 43.65
N THR G 230 32.20 34.47 44.61
CA THR G 230 31.95 35.33 45.75
C THR G 230 32.40 36.74 45.35
N PRO G 231 32.02 37.79 46.12
CA PRO G 231 32.35 39.16 45.75
C PRO G 231 33.83 39.47 45.57
N ASP G 232 34.71 38.79 46.31
CA ASP G 232 36.15 38.99 46.06
C ASP G 232 36.66 38.10 44.91
N LEU G 233 35.72 37.60 44.12
CA LEU G 233 35.99 36.94 42.85
C LEU G 233 36.79 35.65 42.97
N LYS G 234 36.54 34.94 44.06
CA LYS G 234 37.02 33.56 44.21
C LYS G 234 36.03 32.62 43.52
N ILE G 235 36.56 31.61 42.82
CA ILE G 235 35.73 30.59 42.21
C ILE G 235 35.36 29.56 43.27
N VAL G 236 34.11 29.15 43.23
CA VAL G 236 33.39 28.64 44.38
C VAL G 236 32.42 27.54 43.91
N GLY G 237 32.38 27.35 42.60
CA GLY G 237 31.75 26.20 41.97
C GLY G 237 31.91 26.29 40.47
N ILE G 238 32.10 25.14 39.82
CA ILE G 238 32.10 25.06 38.36
C ILE G 238 31.32 23.85 37.90
N GLN G 239 30.51 24.04 36.87
CA GLN G 239 29.72 22.96 36.31
C GLN G 239 29.60 23.12 34.80
N LYS G 240 30.21 22.20 34.05
CA LYS G 240 29.96 22.07 32.62
C LYS G 240 28.66 21.30 32.40
N SER G 241 27.98 21.64 31.31
CA SER G 241 26.66 21.12 31.03
C SER G 241 26.39 21.06 29.53
N GLY G 242 25.70 20.02 29.08
CA GLY G 242 25.32 19.93 27.67
C GLY G 242 25.91 18.72 26.98
N LYS G 243 25.30 18.34 25.86
CA LYS G 243 25.65 17.11 25.11
C LYS G 243 27.01 17.18 24.42
N GLY G 244 27.56 18.39 24.34
CA GLY G 244 28.79 18.61 23.58
C GLY G 244 30.02 18.87 24.44
N SER G 245 31.13 19.10 23.76
CA SER G 245 32.38 19.37 24.45
C SER G 245 32.88 20.79 24.20
N MET G 246 33.99 21.10 24.85
CA MET G 246 34.52 22.46 24.92
C MET G 246 36.03 22.33 25.05
N SER G 247 36.77 23.18 24.35
CA SER G 247 38.22 23.08 24.39
C SER G 247 38.85 23.70 25.64
N LEU G 248 40.11 23.37 25.87
CA LEU G 248 40.89 23.94 26.95
C LEU G 248 40.83 25.46 26.91
N GLN G 249 41.08 26.02 25.72
CA GLN G 249 41.08 27.47 25.55
C GLN G 249 39.69 28.05 25.73
N ASP G 250 38.66 27.29 25.34
CA ASP G 250 37.29 27.73 25.48
C ASP G 250 37.00 27.99 26.94
N ILE G 251 37.39 27.03 27.78
CA ILE G 251 37.13 27.11 29.20
C ILE G 251 37.93 28.23 29.85
N ASP G 252 39.19 28.38 29.44
CA ASP G 252 40.04 29.46 29.91
C ASP G 252 39.39 30.83 29.64
N GLN G 253 39.00 31.06 28.38
CA GLN G 253 38.28 32.28 28.01
C GLN G 253 36.94 32.41 28.70
N ALA G 254 36.23 31.30 28.83
CA ALA G 254 34.92 31.31 29.46
C ALA G 254 35.01 31.90 30.87
N GLU G 255 36.02 31.50 31.65
CA GLU G 255 36.08 31.98 33.02
C GLU G 255 36.52 33.46 33.09
N ASN G 256 37.41 33.90 32.19
CA ASN G 256 37.73 35.32 32.09
C ASN G 256 36.46 36.11 31.88
N THR G 257 35.69 35.70 30.88
CA THR G 257 34.46 36.38 30.53
C THR G 257 33.49 36.33 31.71
N ALA G 258 33.30 35.13 32.26
CA ALA G 258 32.42 34.92 33.42
C ALA G 258 32.78 35.84 34.59
N ARG G 259 34.06 35.88 34.93
CA ARG G 259 34.50 36.68 36.05
C ARG G 259 34.27 38.17 35.84
N SER G 260 34.53 38.69 34.64
CA SER G 260 34.34 40.12 34.44
C SER G 260 32.84 40.47 34.41
N THR G 261 32.02 39.52 34.01
CA THR G 261 30.57 39.65 34.08
C THR G 261 30.08 39.64 35.53
N ALA G 262 30.68 38.75 36.33
CA ALA G 262 30.32 38.59 37.75
C ALA G 262 30.31 39.92 38.52
N VAL G 263 31.28 40.79 38.24
CA VAL G 263 31.37 42.08 38.91
C VAL G 263 30.10 42.89 38.67
N LYS G 264 29.70 43.01 37.41
CA LYS G 264 28.51 43.74 37.04
C LYS G 264 27.27 43.13 37.67
N LEU G 265 27.15 41.81 37.59
CA LEU G 265 25.96 41.14 38.09
C LEU G 265 25.86 41.25 39.62
N LEU G 266 26.98 41.17 40.32
CA LEU G 266 26.98 41.36 41.78
C LEU G 266 26.50 42.74 42.16
N GLU G 267 27.01 43.75 41.47
CA GLU G 267 26.59 45.12 41.68
C GLU G 267 25.09 45.24 41.51
N GLU G 268 24.54 44.61 40.48
CA GLU G 268 23.11 44.69 40.19
C GLU G 268 22.29 43.97 41.23
N LEU G 269 22.77 42.78 41.62
CA LEU G 269 22.12 41.97 42.65
C LEU G 269 22.02 42.74 43.94
N LYS G 270 23.12 43.40 44.31
CA LYS G 270 23.15 44.16 45.55
C LYS G 270 22.14 45.30 45.56
N LYS G 271 22.03 46.02 44.45
CA LYS G 271 21.00 47.06 44.29
C LYS G 271 19.61 46.55 44.62
N HIS G 272 19.24 45.41 44.06
CA HIS G 272 17.94 44.80 44.34
C HIS G 272 17.79 44.43 45.80
N LEU G 273 18.88 44.02 46.43
CA LEU G 273 18.82 43.53 47.81
C LEU G 273 18.95 44.64 48.84
N GLY G 274 19.23 45.86 48.40
CA GLY G 274 19.57 46.96 49.30
C GLY G 274 20.94 46.72 49.89
N ILE G 275 21.85 46.26 49.02
CA ILE G 275 23.18 45.68 49.36
C ILE G 275 23.12 44.50 50.35
N GLU H 8 38.44 15.17 63.43
CA GLU H 8 39.71 15.96 63.49
C GLU H 8 40.48 15.97 62.17
N ARG H 9 40.83 17.16 61.67
CA ARG H 9 41.48 17.32 60.35
C ARG H 9 42.86 16.71 60.35
N PRO H 10 43.11 15.74 59.45
CA PRO H 10 44.49 15.26 59.24
C PRO H 10 45.30 16.29 58.48
N LYS H 11 46.61 16.35 58.71
CA LYS H 11 47.46 17.20 57.89
C LYS H 11 47.67 16.51 56.53
N LEU H 12 47.37 17.22 55.44
CA LEU H 12 47.38 16.62 54.09
C LEU H 12 48.71 16.75 53.34
N ILE H 13 49.40 17.87 53.55
CA ILE H 13 50.78 18.00 53.09
C ILE H 13 51.70 18.06 54.31
N LEU H 14 52.67 17.18 54.31
CA LEU H 14 53.52 17.02 55.48
C LEU H 14 54.75 17.91 55.37
N ASP H 15 55.54 17.93 56.44
CA ASP H 15 56.76 18.73 56.50
C ASP H 15 57.88 18.14 55.64
N ASP H 16 57.57 17.04 54.96
CA ASP H 16 58.47 16.42 53.98
C ASP H 16 58.01 16.66 52.53
N GLY H 17 56.95 17.45 52.39
CA GLY H 17 56.42 17.82 51.07
C GLY H 17 55.33 16.91 50.58
N LYS H 18 55.29 15.69 51.11
CA LYS H 18 54.45 14.63 50.55
C LYS H 18 53.04 14.50 51.14
N ARG H 19 52.22 13.70 50.47
CA ARG H 19 50.80 13.54 50.80
C ARG H 19 50.60 12.39 51.78
N THR H 20 49.36 12.20 52.24
CA THR H 20 49.08 11.20 53.28
C THR H 20 49.39 9.78 52.85
N ASP H 21 49.31 9.51 51.54
CA ASP H 21 49.66 8.20 51.01
C ASP H 21 51.11 8.11 50.52
N GLY H 22 51.87 9.19 50.70
CA GLY H 22 53.27 9.19 50.31
C GLY H 22 53.55 9.77 48.93
N ARG H 23 52.48 10.13 48.21
CA ARG H 23 52.63 10.71 46.88
C ARG H 23 53.09 12.18 46.90
N LYS H 24 53.78 12.58 45.84
CA LYS H 24 54.08 13.98 45.59
C LYS H 24 52.84 14.64 45.00
N PRO H 25 52.73 15.98 45.10
CA PRO H 25 51.56 16.66 44.53
C PRO H 25 51.30 16.32 43.06
N ASP H 26 52.35 15.98 42.30
CA ASP H 26 52.21 15.73 40.88
C ASP H 26 52.22 14.24 40.50
N GLU H 27 51.83 13.38 41.44
CA GLU H 27 51.86 11.92 41.18
C GLU H 27 50.48 11.29 41.12
N LEU H 28 50.27 10.51 40.06
CA LEU H 28 49.06 9.72 39.92
C LEU H 28 49.09 8.48 40.81
N ARG H 29 47.94 8.03 41.26
CA ARG H 29 47.84 6.73 41.90
C ARG H 29 48.11 5.66 40.86
N SER H 30 48.25 4.41 41.31
CA SER H 30 48.45 3.32 40.36
C SER H 30 47.20 3.12 39.49
N ILE H 31 47.41 2.65 38.27
CA ILE H 31 46.33 2.38 37.35
C ILE H 31 46.31 0.93 36.89
N LYS H 32 45.12 0.36 36.81
CA LYS H 32 44.94 -0.96 36.24
C LYS H 32 43.72 -0.93 35.34
N ILE H 33 43.87 -1.45 34.12
CA ILE H 33 42.79 -1.47 33.16
C ILE H 33 42.70 -2.84 32.51
N GLU H 34 41.49 -3.42 32.45
CA GLU H 34 41.27 -4.55 31.55
C GLU H 34 39.92 -4.55 30.82
N LEU H 35 39.93 -5.09 29.62
CA LEU H 35 38.81 -5.02 28.70
C LEU H 35 38.24 -6.41 28.41
N GLY H 36 36.97 -6.45 27.99
CA GLY H 36 36.35 -7.69 27.54
C GLY H 36 36.24 -8.69 28.66
N VAL H 37 35.95 -8.19 29.85
CA VAL H 37 35.95 -8.99 31.05
C VAL H 37 34.62 -9.71 31.27
N LEU H 38 33.58 -9.23 30.59
CA LEU H 38 32.23 -9.78 30.69
C LEU H 38 31.82 -10.46 29.40
N LYS H 39 31.43 -11.73 29.48
CA LYS H 39 31.10 -12.50 28.29
C LYS H 39 29.81 -12.07 27.62
N ASN H 40 28.77 -11.84 28.41
CA ASN H 40 27.43 -11.62 27.88
C ASN H 40 27.11 -10.16 27.56
N ALA H 41 28.13 -9.31 27.53
CA ALA H 41 27.97 -7.91 27.18
C ALA H 41 28.65 -7.61 25.86
N ASP H 42 28.24 -6.54 25.20
CA ASP H 42 28.82 -6.22 23.90
C ASP H 42 30.21 -5.60 24.08
N GLY H 43 30.43 -4.96 25.22
CA GLY H 43 31.72 -4.40 25.57
C GLY H 43 31.81 -4.22 27.08
N SER H 44 33.01 -4.32 27.63
CA SER H 44 33.19 -4.23 29.08
C SER H 44 34.60 -3.82 29.41
N ALA H 45 34.74 -3.10 30.53
CA ALA H 45 36.05 -2.75 31.05
C ALA H 45 36.01 -2.65 32.57
N ILE H 46 37.13 -2.99 33.21
CA ILE H 46 37.37 -2.67 34.59
C ILE H 46 38.48 -1.62 34.63
N PHE H 47 38.23 -0.53 35.35
CA PHE H 47 39.24 0.50 35.52
C PHE H 47 39.50 0.71 37.01
N GLU H 48 40.78 0.76 37.38
CA GLU H 48 41.17 1.00 38.76
C GLU H 48 42.11 2.18 38.85
N MET H 49 41.76 3.16 39.66
CA MET H 49 42.71 4.19 40.06
C MET H 49 42.94 4.10 41.54
N GLY H 50 44.14 3.66 41.92
CA GLY H 50 44.44 3.35 43.30
C GLY H 50 43.37 2.39 43.75
N ASN H 51 42.61 2.80 44.76
CA ASN H 51 41.58 1.94 45.33
C ASN H 51 40.18 2.16 44.81
N THR H 52 40.03 3.10 43.88
CA THR H 52 38.74 3.33 43.25
C THR H 52 38.62 2.40 42.06
N LYS H 53 37.58 1.58 42.04
CA LYS H 53 37.45 0.51 41.03
C LYS H 53 36.06 0.48 40.46
N ALA H 54 35.95 0.57 39.14
CA ALA H 54 34.65 0.53 38.49
C ALA H 54 34.62 -0.52 37.39
N ILE H 55 33.46 -1.13 37.21
CA ILE H 55 33.23 -2.00 36.08
C ILE H 55 32.16 -1.36 35.20
N ALA H 56 32.35 -1.42 33.89
CA ALA H 56 31.37 -0.89 32.98
C ALA H 56 31.01 -1.94 31.95
N ALA H 57 29.73 -1.97 31.57
CA ALA H 57 29.24 -2.89 30.56
C ALA H 57 28.44 -2.10 29.54
N VAL H 58 28.61 -2.43 28.26
CA VAL H 58 27.86 -1.81 27.20
C VAL H 58 27.01 -2.88 26.52
N TYR H 59 25.72 -2.57 26.33
CA TYR H 59 24.83 -3.45 25.56
C TYR H 59 24.49 -2.71 24.29
N GLY H 60 25.14 -3.16 23.20
CA GLY H 60 25.49 -2.40 21.97
C GLY H 60 24.29 -1.83 21.27
N PRO H 61 24.52 -1.14 20.12
CA PRO H 61 23.36 -0.48 19.49
C PRO H 61 22.24 -1.48 19.24
N LYS H 62 21.05 -1.18 19.73
CA LYS H 62 19.90 -2.09 19.62
C LYS H 62 18.59 -1.31 19.52
N GLU H 63 17.62 -1.86 18.77
CA GLU H 63 16.29 -1.29 18.66
C GLU H 63 15.72 -0.93 20.03
N MET H 64 15.06 0.22 20.15
CA MET H 64 14.64 0.66 21.47
C MET H 64 13.21 0.32 21.85
N HIS H 65 13.08 -0.23 23.05
CA HIS H 65 11.86 -0.88 23.53
C HIS H 65 10.57 -0.15 23.16
N PRO H 66 10.25 1.00 23.82
CA PRO H 66 9.07 1.78 23.40
C PRO H 66 9.48 2.87 22.41
N ARG H 67 9.01 2.75 21.17
CA ARG H 67 9.54 3.57 20.08
C ARG H 67 9.47 5.09 20.29
N HIS H 68 8.45 5.60 20.97
CA HIS H 68 8.33 7.04 21.19
C HIS H 68 9.48 7.64 21.99
N LEU H 69 10.21 6.78 22.70
CA LEU H 69 11.37 7.20 23.50
C LEU H 69 12.69 7.21 22.72
N SER H 70 12.64 6.74 21.48
CA SER H 70 13.79 6.73 20.60
C SER H 70 13.91 8.05 19.84
N LEU H 71 15.01 8.21 19.11
CA LEU H 71 15.23 9.41 18.32
C LEU H 71 15.39 9.04 16.86
N PRO H 72 14.92 9.90 15.94
CA PRO H 72 14.99 9.58 14.50
C PRO H 72 16.38 9.78 13.87
N ASP H 73 17.21 10.64 14.42
CA ASP H 73 18.46 11.07 13.80
C ASP H 73 19.71 10.44 14.44
N ARG H 74 19.56 9.87 15.64
CA ARG H 74 20.70 9.41 16.43
C ARG H 74 20.30 8.35 17.45
N ALA H 75 21.30 7.79 18.13
CA ALA H 75 21.10 6.84 19.22
C ALA H 75 20.79 7.55 20.55
N VAL H 76 20.03 6.82 21.41
CA VAL H 76 19.82 7.31 22.76
C VAL H 76 20.82 6.59 23.65
N LEU H 77 21.60 7.34 24.41
CA LEU H 77 22.45 6.74 25.44
C LEU H 77 21.68 6.64 26.73
N ARG H 78 21.71 5.45 27.33
CA ARG H 78 21.17 5.24 28.67
C ARG H 78 22.30 4.86 29.59
N VAL H 79 22.54 5.68 30.61
CA VAL H 79 23.71 5.52 31.46
C VAL H 79 23.31 5.38 32.91
N ARG H 80 23.93 4.43 33.61
CA ARG H 80 23.69 4.25 35.04
C ARG H 80 25.03 4.36 35.75
N TYR H 81 25.16 5.36 36.63
CA TYR H 81 26.28 5.43 37.54
C TYR H 81 25.79 4.94 38.90
N HIS H 82 26.42 3.88 39.42
CA HIS H 82 25.93 3.29 40.65
C HIS H 82 27.06 2.79 41.55
N MET H 83 26.89 2.98 42.85
CA MET H 83 27.86 2.53 43.84
C MET H 83 27.31 1.32 44.56
N THR H 84 28.09 0.24 44.59
CA THR H 84 27.67 -0.95 45.29
C THR H 84 27.63 -0.65 46.78
N PRO H 85 26.72 -1.29 47.53
CA PRO H 85 26.61 -0.97 48.95
C PRO H 85 27.91 -1.19 49.74
N PHE H 86 28.79 -2.06 49.22
CA PHE H 86 30.03 -2.40 49.89
C PHE H 86 31.25 -1.72 49.28
N SER H 87 31.04 -0.62 48.58
CA SER H 87 32.14 0.10 47.95
C SER H 87 32.82 1.10 48.89
N THR H 88 32.17 1.42 49.99
CA THR H 88 32.70 2.37 50.96
C THR H 88 32.78 1.75 52.34
N ASP H 89 33.34 2.48 53.29
CA ASP H 89 33.47 1.92 54.64
C ASP H 89 32.12 1.75 55.32
N GLU H 90 31.25 2.74 55.16
CA GLU H 90 29.87 2.64 55.62
C GLU H 90 28.97 2.22 54.48
N ARG H 91 28.05 1.30 54.75
CA ARG H 91 27.20 0.76 53.70
C ARG H 91 26.35 1.85 53.05
N LYS H 92 26.46 1.97 51.73
CA LYS H 92 25.55 2.83 50.94
C LYS H 92 24.23 2.13 50.68
N ASN H 93 23.14 2.87 50.81
CA ASN H 93 21.85 2.40 50.35
C ASN H 93 21.89 2.22 48.84
N PRO H 94 21.52 1.02 48.33
CA PRO H 94 21.57 0.76 46.89
C PRO H 94 20.60 1.64 46.10
N ALA H 95 19.54 2.13 46.74
CA ALA H 95 18.61 3.05 46.11
C ALA H 95 19.36 4.27 45.61
N PRO H 96 19.03 4.78 44.40
CA PRO H 96 19.86 5.85 43.85
C PRO H 96 19.72 7.16 44.62
N SER H 97 20.86 7.76 44.94
CA SER H 97 20.92 9.04 45.65
C SER H 97 20.89 10.20 44.66
N ARG H 98 20.54 11.39 45.14
CA ARG H 98 20.57 12.59 44.32
C ARG H 98 21.95 12.72 43.68
N ARG H 99 23.00 12.41 44.44
CA ARG H 99 24.37 12.41 43.91
C ARG H 99 24.51 11.47 42.70
N GLU H 100 23.98 10.25 42.83
CA GLU H 100 24.05 9.26 41.74
C GLU H 100 23.27 9.72 40.49
N ILE H 101 22.15 10.39 40.75
CA ILE H 101 21.31 10.92 39.69
C ILE H 101 22.02 12.03 38.94
N GLU H 102 22.60 12.99 39.65
CA GLU H 102 23.38 14.04 38.99
C GLU H 102 24.57 13.46 38.21
N LEU H 103 25.37 12.61 38.86
CA LEU H 103 26.55 12.08 38.23
C LEU H 103 26.23 11.22 37.00
N SER H 104 25.10 10.51 37.03
CA SER H 104 24.66 9.76 35.87
C SER H 104 24.49 10.70 34.69
N LYS H 105 23.85 11.85 34.94
CA LYS H 105 23.59 12.80 33.90
C LYS H 105 24.91 13.35 33.38
N VAL H 106 25.76 13.77 34.30
CA VAL H 106 27.04 14.39 33.96
C VAL H 106 27.85 13.42 33.12
N ILE H 107 27.95 12.17 33.57
CA ILE H 107 28.67 11.13 32.82
C ILE H 107 28.04 10.86 31.42
N ARG H 108 26.72 10.74 31.37
CA ARG H 108 26.03 10.56 30.10
C ARG H 108 26.44 11.65 29.12
N GLU H 109 26.37 12.91 29.56
CA GLU H 109 26.68 14.04 28.69
C GLU H 109 28.13 14.00 28.19
N ALA H 110 29.03 13.57 29.06
CA ALA H 110 30.43 13.42 28.70
C ALA H 110 30.52 12.44 27.53
N LEU H 111 29.82 11.30 27.67
CA LEU H 111 29.87 10.24 26.64
C LEU H 111 29.22 10.71 25.34
N GLU H 112 28.17 11.50 25.48
CA GLU H 112 27.45 11.98 24.30
C GLU H 112 28.30 12.87 23.41
N SER H 113 29.27 13.56 23.99
CA SER H 113 30.18 14.39 23.20
C SER H 113 31.22 13.55 22.48
N ALA H 114 31.34 12.28 22.86
CA ALA H 114 32.35 11.40 22.29
C ALA H 114 31.76 10.38 21.32
N VAL H 115 30.63 9.77 21.70
CA VAL H 115 30.06 8.69 20.92
C VAL H 115 29.38 9.23 19.66
N LEU H 116 29.68 8.62 18.52
CA LEU H 116 29.05 9.04 17.26
C LEU H 116 27.63 8.50 17.13
N VAL H 117 26.75 9.04 17.96
CA VAL H 117 25.37 8.56 18.05
C VAL H 117 24.57 8.66 16.75
N GLU H 118 24.93 9.59 15.87
CA GLU H 118 24.21 9.81 14.62
C GLU H 118 24.24 8.57 13.73
N LEU H 119 25.25 7.72 13.93
CA LEU H 119 25.42 6.50 13.15
C LEU H 119 24.31 5.47 13.39
N PHE H 120 23.63 5.57 14.53
CA PHE H 120 22.68 4.54 14.93
C PHE H 120 21.29 5.10 15.28
N PRO H 121 20.54 5.58 14.27
CA PRO H 121 19.21 6.12 14.55
C PRO H 121 18.30 5.05 15.12
N ARG H 122 17.32 5.47 15.91
CA ARG H 122 16.28 4.57 16.44
C ARG H 122 16.79 3.45 17.35
N THR H 123 18.03 3.56 17.81
CA THR H 123 18.62 2.57 18.70
C THR H 123 18.91 3.17 20.07
N ALA H 124 19.17 2.29 21.04
CA ALA H 124 19.68 2.68 22.35
C ALA H 124 21.00 1.98 22.59
N ILE H 125 21.92 2.69 23.24
CA ILE H 125 23.17 2.13 23.71
C ILE H 125 23.15 2.24 25.23
N ASP H 126 23.15 1.10 25.91
CA ASP H 126 23.07 1.06 27.36
C ASP H 126 24.45 0.92 27.97
N VAL H 127 24.78 1.85 28.84
CA VAL H 127 26.06 1.85 29.53
C VAL H 127 25.84 1.72 31.03
N PHE H 128 26.19 0.57 31.59
CA PHE H 128 26.01 0.33 33.01
C PHE H 128 27.37 0.36 33.72
N THR H 129 27.43 1.14 34.80
CA THR H 129 28.63 1.39 35.54
C THR H 129 28.42 1.05 37.02
N GLU H 130 29.35 0.32 37.60
CA GLU H 130 29.28 -0.03 39.00
C GLU H 130 30.58 0.27 39.71
N ILE H 131 30.51 1.08 40.76
CA ILE H 131 31.67 1.31 41.59
C ILE H 131 31.82 0.19 42.63
N LEU H 132 32.92 -0.55 42.52
CA LEU H 132 33.15 -1.70 43.36
C LEU H 132 33.91 -1.35 44.63
N GLN H 133 34.79 -0.36 44.52
CA GLN H 133 35.40 0.30 45.69
C GLN H 133 35.55 1.77 45.42
N ALA H 134 35.25 2.60 46.41
CA ALA H 134 35.36 4.04 46.24
C ALA H 134 36.47 4.58 47.11
N ASP H 135 37.38 5.33 46.51
CA ASP H 135 38.43 6.05 47.23
C ASP H 135 38.64 7.37 46.50
N ALA H 136 37.54 8.08 46.25
CA ALA H 136 37.50 9.35 45.50
C ALA H 136 37.82 9.21 44.01
N GLY H 137 37.20 10.06 43.20
CA GLY H 137 37.40 10.04 41.75
C GLY H 137 36.55 9.01 41.03
N SER H 138 35.56 8.46 41.74
CA SER H 138 34.70 7.41 41.22
C SER H 138 34.04 7.83 39.92
N ARG H 139 33.51 9.05 39.87
CA ARG H 139 32.81 9.50 38.67
C ARG H 139 33.72 9.42 37.43
N LEU H 140 35.01 9.68 37.62
CA LEU H 140 35.93 9.69 36.50
C LEU H 140 36.34 8.28 36.11
N VAL H 141 36.54 7.42 37.12
CA VAL H 141 36.89 6.02 36.89
C VAL H 141 35.74 5.34 36.16
N SER H 142 34.53 5.61 36.62
CA SER H 142 33.32 5.15 35.96
C SER H 142 33.24 5.63 34.50
N LEU H 143 33.50 6.92 34.29
CA LEU H 143 33.46 7.50 32.96
C LEU H 143 34.48 6.84 32.04
N MET H 144 35.70 6.67 32.52
CA MET H 144 36.74 6.03 31.72
C MET H 144 36.39 4.57 31.42
N ALA H 145 35.92 3.86 32.45
CA ALA H 145 35.53 2.47 32.26
C ALA H 145 34.48 2.40 31.16
N ALA H 146 33.53 3.32 31.20
CA ALA H 146 32.49 3.42 30.19
C ALA H 146 33.09 3.64 28.81
N SER H 147 33.95 4.65 28.70
CA SER H 147 34.62 5.00 27.45
C SER H 147 35.29 3.78 26.85
N LEU H 148 35.99 3.02 27.68
CA LEU H 148 36.73 1.85 27.20
C LEU H 148 35.80 0.69 26.86
N ALA H 149 34.69 0.55 27.59
CA ALA H 149 33.76 -0.53 27.31
C ALA H 149 33.10 -0.28 25.94
N LEU H 150 32.84 0.99 25.66
CA LEU H 150 32.32 1.40 24.36
C LEU H 150 33.30 1.06 23.25
N ALA H 151 34.58 1.35 23.48
CA ALA H 151 35.65 0.99 22.55
C ALA H 151 35.72 -0.52 22.40
N ASP H 152 35.58 -1.22 23.52
CA ASP H 152 35.60 -2.68 23.52
C ASP H 152 34.45 -3.25 22.69
N ALA H 153 33.33 -2.55 22.67
CA ALA H 153 32.14 -2.96 21.90
C ALA H 153 32.25 -2.57 20.43
N GLY H 154 33.32 -1.85 20.09
CA GLY H 154 33.53 -1.40 18.72
C GLY H 154 32.59 -0.28 18.30
N ILE H 155 32.12 0.50 19.26
CA ILE H 155 31.24 1.61 18.97
C ILE H 155 32.07 2.84 18.66
N PRO H 156 31.89 3.40 17.45
CA PRO H 156 32.72 4.49 16.93
C PRO H 156 32.60 5.76 17.78
N MET H 157 33.73 6.34 18.14
CA MET H 157 33.76 7.55 18.97
C MET H 157 34.78 8.55 18.43
N ARG H 158 34.67 9.81 18.86
CA ARG H 158 35.59 10.84 18.42
C ARG H 158 37.00 10.57 18.94
N ASP H 159 37.07 10.07 20.16
CA ASP H 159 38.33 9.77 20.86
C ASP H 159 37.96 9.04 22.14
N LEU H 160 38.93 8.45 22.81
CA LEU H 160 38.71 7.92 24.15
C LEU H 160 38.58 9.08 25.13
N ILE H 161 38.07 8.79 26.33
CA ILE H 161 38.01 9.79 27.40
C ILE H 161 38.94 9.40 28.55
N ALA H 162 39.81 10.33 28.94
CA ALA H 162 40.65 10.18 30.13
C ALA H 162 40.38 11.33 31.10
N GLY H 163 40.39 11.04 32.40
CA GLY H 163 40.10 12.05 33.39
C GLY H 163 40.85 11.89 34.69
N VAL H 164 41.06 13.01 35.39
CA VAL H 164 41.54 13.04 36.77
C VAL H 164 40.90 14.16 37.51
N ALA H 165 40.80 13.99 38.83
CA ALA H 165 40.40 15.05 39.70
C ALA H 165 41.67 15.71 40.15
N VAL H 166 41.72 17.01 39.97
CA VAL H 166 42.82 17.82 40.45
C VAL H 166 42.23 18.61 41.64
N GLY H 167 43.07 19.14 42.52
CA GLY H 167 42.52 19.84 43.69
C GLY H 167 43.53 20.63 44.48
N LYS H 168 43.09 21.13 45.65
CA LYS H 168 43.91 21.95 46.55
C LYS H 168 43.87 21.34 47.95
N ALA H 169 45.05 21.02 48.49
CA ALA H 169 45.15 20.36 49.78
C ALA H 169 45.48 21.32 50.94
N ASP H 170 46.73 21.72 51.10
CA ASP H 170 47.00 22.65 52.19
C ASP H 170 47.56 23.92 51.58
N GLY H 171 46.77 24.50 50.69
CA GLY H 171 47.24 25.58 49.84
C GLY H 171 48.01 25.06 48.65
N VAL H 172 48.25 23.75 48.62
CA VAL H 172 49.04 23.11 47.56
C VAL H 172 48.14 22.43 46.52
N ILE H 173 48.38 22.74 45.25
CA ILE H 173 47.65 22.10 44.17
C ILE H 173 48.17 20.69 43.93
N ILE H 174 47.26 19.73 43.96
CA ILE H 174 47.60 18.30 43.91
C ILE H 174 46.80 17.55 42.85
N LEU H 175 47.32 16.42 42.42
CA LEU H 175 46.76 15.66 41.33
C LEU H 175 46.19 14.33 41.81
N ASP H 176 44.94 14.02 41.42
CA ASP H 176 44.31 12.69 41.64
C ASP H 176 44.09 12.42 43.13
N LEU H 177 42.97 12.89 43.66
CA LEU H 177 42.77 12.92 45.13
C LEU H 177 42.36 11.60 45.77
N ASN H 178 42.89 11.37 46.98
CA ASN H 178 42.40 10.41 47.97
C ASN H 178 40.98 10.72 48.37
N GLU H 179 40.37 9.81 49.11
CA GLU H 179 39.18 10.13 49.89
C GLU H 179 39.50 11.15 50.98
N THR H 180 40.66 10.98 51.62
CA THR H 180 41.12 11.93 52.65
C THR H 180 41.23 13.35 52.09
N GLU H 181 41.81 13.45 50.90
CA GLU H 181 42.02 14.74 50.27
C GLU H 181 40.73 15.35 49.78
N ASP H 182 39.84 14.49 49.28
CA ASP H 182 38.48 14.88 48.90
C ASP H 182 37.72 15.46 50.08
N MET H 183 37.73 14.70 51.19
CA MET H 183 37.09 15.09 52.42
C MET H 183 37.58 16.41 52.97
N TRP H 184 38.90 16.57 53.07
CA TRP H 184 39.46 17.65 53.87
C TRP H 184 40.11 18.79 53.09
N GLY H 185 40.30 18.59 51.78
CA GLY H 185 40.89 19.62 50.92
C GLY H 185 40.00 20.83 50.70
N GLU H 186 40.56 21.89 50.12
CA GLU H 186 39.80 23.11 49.86
C GLU H 186 39.01 23.01 48.56
N ALA H 187 39.47 22.16 47.65
CA ALA H 187 38.88 22.07 46.31
C ALA H 187 39.06 20.69 45.69
N ASP H 188 38.09 20.34 44.86
CA ASP H 188 38.09 19.09 44.13
C ASP H 188 37.56 19.41 42.74
N MET H 189 38.38 19.16 41.73
CA MET H 189 38.00 19.53 40.37
C MET H 189 38.20 18.36 39.39
N PRO H 190 37.18 17.49 39.25
CA PRO H 190 37.26 16.45 38.24
C PRO H 190 37.22 17.01 36.83
N ILE H 191 38.15 16.57 35.99
CA ILE H 191 38.24 17.01 34.60
C ILE H 191 38.45 15.80 33.70
N ALA H 192 37.69 15.72 32.61
CA ALA H 192 37.83 14.63 31.64
C ALA H 192 37.90 15.17 30.22
N MET H 193 38.79 14.60 29.42
CA MET H 193 38.93 15.04 28.03
C MET H 193 38.94 13.92 27.01
N MET H 194 38.74 14.32 25.76
CA MET H 194 39.20 13.57 24.60
C MET H 194 40.55 14.18 24.24
N PRO H 195 41.63 13.60 24.79
CA PRO H 195 42.96 14.20 24.81
C PRO H 195 43.51 14.57 23.44
N SER H 196 43.28 13.72 22.44
CA SER H 196 43.81 14.00 21.09
C SER H 196 43.21 15.25 20.50
N LEU H 197 42.00 15.59 20.92
CA LEU H 197 41.26 16.73 20.38
C LEU H 197 41.31 17.96 21.27
N ASN H 198 41.91 17.82 22.46
CA ASN H 198 41.92 18.88 23.46
C ASN H 198 40.52 19.37 23.80
N GLN H 199 39.58 18.44 23.81
CA GLN H 199 38.19 18.74 24.09
C GLN H 199 37.80 18.23 25.47
N VAL H 200 37.32 19.15 26.30
CA VAL H 200 36.89 18.79 27.64
C VAL H 200 35.47 18.25 27.60
N THR H 201 35.31 17.12 28.26
CA THR H 201 34.13 16.30 28.18
C THR H 201 33.30 16.41 29.47
N LEU H 202 34.01 16.47 30.60
CA LEU H 202 33.42 16.66 31.91
C LEU H 202 34.27 17.65 32.67
N PHE H 203 33.62 18.63 33.30
CA PHE H 203 34.31 19.67 34.05
C PHE H 203 33.50 20.18 35.23
N GLN H 204 33.98 19.86 36.44
CA GLN H 204 33.31 20.25 37.67
C GLN H 204 34.31 20.71 38.69
N LEU H 205 33.91 21.71 39.47
CA LEU H 205 34.66 22.07 40.68
C LEU H 205 33.73 22.21 41.88
N ASN H 206 34.04 21.51 42.95
CA ASN H 206 33.45 21.80 44.24
C ASN H 206 34.56 22.24 45.20
N GLY H 207 34.23 23.14 46.11
CA GLY H 207 35.23 23.72 46.97
C GLY H 207 35.47 25.14 46.52
N SER H 208 36.73 25.56 46.53
CA SER H 208 37.07 26.96 46.39
C SER H 208 38.48 27.13 45.84
N MET H 209 38.62 28.02 44.85
CA MET H 209 39.92 28.33 44.22
C MET H 209 39.98 29.74 43.68
N THR H 210 41.17 30.32 43.67
CA THR H 210 41.40 31.58 42.98
C THR H 210 41.53 31.25 41.49
N PRO H 211 41.19 32.21 40.61
CA PRO H 211 41.40 31.99 39.17
C PRO H 211 42.80 31.47 38.82
N ASP H 212 43.83 31.99 39.48
CA ASP H 212 45.20 31.54 39.27
C ASP H 212 45.37 30.07 39.63
N GLU H 213 44.86 29.72 40.81
CA GLU H 213 44.91 28.33 41.27
C GLU H 213 44.14 27.43 40.30
N PHE H 214 42.99 27.89 39.86
CA PHE H 214 42.18 27.19 38.90
C PHE H 214 42.97 26.89 37.62
N ARG H 215 43.66 27.91 37.10
CA ARG H 215 44.50 27.73 35.93
C ARG H 215 45.68 26.77 36.16
N GLN H 216 46.34 26.86 37.31
CA GLN H 216 47.42 25.92 37.66
C GLN H 216 46.94 24.48 37.71
N ALA H 217 45.84 24.26 38.43
CA ALA H 217 45.29 22.94 38.64
C ALA H 217 44.90 22.35 37.29
N PHE H 218 44.28 23.17 36.46
CA PHE H 218 43.89 22.79 35.12
C PHE H 218 45.09 22.27 34.31
N ASP H 219 46.21 22.99 34.36
CA ASP H 219 47.43 22.57 33.68
C ASP H 219 47.91 21.21 34.18
N LEU H 220 47.86 21.02 35.49
CA LEU H 220 48.29 19.76 36.11
C LEU H 220 47.40 18.60 35.66
N ALA H 221 46.09 18.82 35.62
CA ALA H 221 45.14 17.81 35.18
C ALA H 221 45.47 17.32 33.78
N VAL H 222 45.85 18.24 32.90
CA VAL H 222 46.16 17.87 31.52
C VAL H 222 47.32 16.89 31.48
N LYS H 223 48.35 17.16 32.26
CA LYS H 223 49.52 16.30 32.28
C LYS H 223 49.16 14.91 32.78
N GLY H 224 48.32 14.86 33.81
CA GLY H 224 47.83 13.62 34.36
C GLY H 224 47.04 12.86 33.31
N ILE H 225 46.09 13.57 32.70
CA ILE H 225 45.21 13.01 31.69
C ILE H 225 46.00 12.37 30.54
N ASN H 226 47.06 13.05 30.10
CA ASN H 226 47.87 12.54 29.01
C ASN H 226 48.55 11.23 29.30
N ILE H 227 48.97 11.04 30.55
CA ILE H 227 49.58 9.77 30.98
C ILE H 227 48.53 8.65 31.01
N ILE H 228 47.37 8.94 31.59
CA ILE H 228 46.27 7.99 31.62
C ILE H 228 45.86 7.58 30.20
N TYR H 229 45.83 8.56 29.30
CA TYR H 229 45.41 8.34 27.94
C TYR H 229 46.29 7.32 27.23
N ASN H 230 47.61 7.44 27.40
CA ASN H 230 48.52 6.47 26.79
C ASN H 230 48.27 5.07 27.29
N LEU H 231 47.85 4.94 28.54
CA LEU H 231 47.56 3.65 29.13
C LEU H 231 46.27 3.07 28.57
N GLU H 232 45.29 3.94 28.35
CA GLU H 232 44.04 3.54 27.71
C GLU H 232 44.32 3.00 26.32
N ARG H 233 45.15 3.72 25.55
CA ARG H 233 45.53 3.30 24.22
C ARG H 233 46.13 1.92 24.23
N GLU H 234 46.93 1.65 25.26
CA GLU H 234 47.68 0.40 25.33
C GLU H 234 46.73 -0.71 25.74
N ALA H 235 45.85 -0.40 26.67
CA ALA H 235 44.82 -1.33 27.12
C ALA H 235 43.95 -1.79 25.98
N LEU H 236 43.80 -0.92 24.98
CA LEU H 236 42.99 -1.21 23.81
C LEU H 236 43.64 -2.31 22.98
N LYS H 237 44.97 -2.26 22.87
CA LYS H 237 45.71 -3.26 22.12
C LYS H 237 45.88 -4.56 22.89
N SER H 238 46.39 -4.48 24.11
CA SER H 238 46.77 -5.67 24.87
C SER H 238 45.69 -6.22 25.79
N LYS H 239 44.60 -5.47 25.96
CA LYS H 239 43.44 -5.88 26.80
C LYS H 239 43.68 -5.83 28.31
N TYR H 240 44.94 -5.65 28.72
CA TYR H 240 45.31 -5.61 30.13
C TYR H 240 46.52 -4.69 30.36
N VAL H 241 46.39 -3.74 31.29
CA VAL H 241 47.44 -2.78 31.57
C VAL H 241 47.58 -2.48 33.06
N GLU H 242 48.81 -2.57 33.57
CA GLU H 242 49.16 -2.17 34.94
C GLU H 242 50.18 -1.05 34.92
N PHE H 243 50.03 -0.10 35.84
CA PHE H 243 50.91 1.05 35.92
C PHE H 243 51.12 1.46 37.37
N LYS H 244 52.35 1.35 37.84
CA LYS H 244 52.71 1.74 39.20
C LYS H 244 52.75 3.27 39.32
N GLU H 245 52.39 3.80 40.50
CA GLU H 245 52.43 5.24 40.80
C GLU H 245 53.67 5.94 40.24
N GLU H 246 53.49 7.12 39.66
CA GLU H 246 54.64 7.99 39.35
C GLU H 246 54.34 9.42 38.93
N GLY H 247 55.40 10.23 38.97
CA GLY H 247 55.36 11.67 38.68
C GLY H 247 54.99 12.01 37.25
N VAL H 248 54.15 13.03 37.14
CA VAL H 248 53.68 13.56 35.86
C VAL H 248 54.78 14.32 35.10
N MET I 1 1.77 -6.39 40.22
CA MET I 1 1.43 -7.28 39.07
C MET I 1 2.62 -7.99 38.36
N SER I 2 2.57 -9.33 38.29
CA SER I 2 3.60 -10.12 37.62
C SER I 2 3.14 -10.58 36.24
N SER I 3 3.98 -10.36 35.23
CA SER I 3 3.61 -10.72 33.85
C SER I 3 4.70 -11.41 33.04
N THR I 4 4.26 -12.24 32.09
CA THR I 4 5.15 -12.98 31.20
C THR I 4 6.14 -12.03 30.56
N PRO I 5 7.44 -12.25 30.79
CA PRO I 5 8.48 -11.37 30.23
C PRO I 5 8.43 -11.28 28.70
N SER I 6 8.28 -10.04 28.20
CA SER I 6 8.16 -9.80 26.75
C SER I 6 9.50 -9.67 26.04
N ASN I 7 10.56 -9.51 26.82
CA ASN I 7 11.92 -9.39 26.27
C ASN I 7 12.48 -10.77 25.86
N GLN I 8 11.64 -11.80 26.09
CA GLN I 8 11.81 -13.19 25.65
C GLN I 8 12.91 -13.49 24.60
N ASN I 9 13.91 -14.28 25.03
CA ASN I 9 15.04 -14.68 24.18
C ASN I 9 14.74 -15.85 23.21
N ILE I 10 13.54 -15.87 22.62
CA ILE I 10 13.00 -17.08 21.92
C ILE I 10 14.06 -17.83 21.08
N ILE I 11 14.23 -19.12 21.39
CA ILE I 11 15.30 -19.93 20.83
C ILE I 11 14.73 -20.99 19.88
N PRO I 12 15.10 -20.90 18.58
CA PRO I 12 14.45 -21.66 17.51
C PRO I 12 14.44 -23.17 17.77
N ILE I 13 13.36 -23.82 17.38
CA ILE I 13 13.18 -25.25 17.58
C ILE I 13 14.39 -26.02 17.07
N ILE I 14 14.96 -25.55 15.97
CA ILE I 14 16.10 -26.18 15.31
C ILE I 14 17.31 -26.23 16.23
N LYS I 15 17.50 -25.17 17.01
CA LYS I 15 18.61 -25.12 17.95
C LYS I 15 18.38 -25.99 19.15
N LYS I 16 17.13 -26.02 19.60
CA LYS I 16 16.75 -26.88 20.72
C LYS I 16 17.01 -28.34 20.42
N GLU I 17 16.68 -28.76 19.20
CA GLU I 17 16.86 -30.12 18.78
C GLU I 17 18.33 -30.53 18.76
N SER I 18 19.21 -29.61 18.35
CA SER I 18 20.65 -29.86 18.38
C SER I 18 21.08 -30.25 19.77
N ILE I 19 20.64 -29.45 20.74
CA ILE I 19 21.05 -29.63 22.12
C ILE I 19 20.49 -30.93 22.64
N VAL I 20 19.21 -31.20 22.31
CA VAL I 20 18.54 -32.41 22.77
C VAL I 20 19.21 -33.65 22.18
N SER I 21 19.63 -33.56 20.92
CA SER I 21 20.34 -34.64 20.26
C SER I 21 21.62 -34.99 20.97
N LEU I 22 22.29 -33.99 21.52
CA LEU I 22 23.52 -34.20 22.28
C LEU I 22 23.19 -34.87 23.59
N PHE I 23 22.16 -34.37 24.26
CA PHE I 23 21.68 -34.94 25.51
C PHE I 23 21.40 -36.41 25.39
N GLU I 24 20.87 -36.81 24.25
CA GLU I 24 20.52 -38.20 24.00
C GLU I 24 21.73 -39.14 23.92
N LYS I 25 22.88 -38.60 23.54
CA LYS I 25 24.17 -39.28 23.65
C LYS I 25 24.85 -39.03 25.00
N GLY I 26 24.13 -38.39 25.93
CA GLY I 26 24.65 -38.15 27.29
C GLY I 26 25.76 -37.11 27.36
N ILE I 27 25.81 -36.21 26.40
CA ILE I 27 26.79 -35.15 26.41
C ILE I 27 26.15 -33.78 26.15
N ARG I 28 26.85 -32.71 26.49
CA ARG I 28 26.34 -31.35 26.30
C ARG I 28 27.23 -30.56 25.37
N GLN I 29 26.76 -29.37 24.99
CA GLN I 29 27.51 -28.47 24.10
C GLN I 29 28.96 -28.27 24.54
N ASP I 30 29.15 -27.87 25.80
CA ASP I 30 30.48 -27.57 26.34
C ASP I 30 31.26 -28.83 26.74
N GLY I 31 30.68 -29.99 26.44
CA GLY I 31 31.37 -31.27 26.64
C GLY I 31 31.14 -31.98 27.97
N ARG I 32 30.42 -31.34 28.89
CA ARG I 32 30.23 -31.96 30.21
C ARG I 32 29.10 -32.99 30.21
N LYS I 33 29.10 -33.83 31.24
CA LYS I 33 28.05 -34.82 31.45
C LYS I 33 26.79 -34.13 31.96
N LEU I 34 25.67 -34.85 31.93
CA LEU I 34 24.41 -34.28 32.31
C LEU I 34 24.39 -33.90 33.78
N THR I 35 25.24 -34.55 34.57
CA THR I 35 25.29 -34.32 36.02
C THR I 35 26.46 -33.44 36.48
N ASP I 36 27.23 -32.91 35.54
CA ASP I 36 28.42 -32.10 35.84
C ASP I 36 28.12 -30.65 36.12
N TYR I 37 28.85 -30.07 37.07
CA TYR I 37 28.89 -28.63 37.27
C TYR I 37 29.91 -28.00 36.35
N ARG I 38 29.71 -26.73 36.00
CA ARG I 38 30.70 -25.98 35.23
C ARG I 38 31.91 -25.67 36.12
N PRO I 39 33.03 -25.20 35.52
CA PRO I 39 34.21 -24.84 36.32
C PRO I 39 33.88 -23.71 37.31
N LEU I 40 34.39 -23.82 38.53
CA LEU I 40 34.09 -22.85 39.57
C LEU I 40 35.30 -22.08 40.08
N SER I 41 35.26 -20.75 40.01
CA SER I 41 36.28 -19.89 40.62
C SER I 41 35.67 -19.12 41.75
N ILE I 42 36.41 -18.98 42.83
CA ILE I 42 36.02 -18.08 43.93
C ILE I 42 37.21 -17.27 44.34
N THR I 43 37.05 -15.95 44.30
CA THR I 43 38.08 -15.02 44.75
C THR I 43 37.53 -14.31 45.98
N LEU I 44 38.17 -14.55 47.12
CA LEU I 44 37.73 -13.95 48.37
C LEU I 44 38.32 -12.57 48.52
N ASP I 45 37.67 -11.74 49.33
CA ASP I 45 38.15 -10.38 49.61
C ASP I 45 38.36 -9.57 48.32
N TYR I 46 37.45 -9.72 47.35
CA TYR I 46 37.54 -9.02 46.08
C TYR I 46 37.18 -7.53 46.22
N ALA I 47 36.14 -7.26 46.98
CA ALA I 47 35.70 -5.90 47.25
C ALA I 47 36.32 -5.44 48.58
N LYS I 48 37.40 -4.66 48.48
CA LYS I 48 38.21 -4.35 49.66
C LYS I 48 37.50 -3.63 50.79
N LYS I 49 36.56 -2.75 50.46
CA LYS I 49 35.86 -2.00 51.49
C LYS I 49 34.61 -2.73 52.05
N ALA I 50 34.33 -3.92 51.53
CA ALA I 50 33.37 -4.81 52.15
C ALA I 50 33.98 -5.44 53.39
N ASP I 51 33.15 -5.85 54.34
CA ASP I 51 33.64 -6.55 55.53
C ASP I 51 34.07 -7.97 55.17
N GLY I 52 33.37 -8.57 54.21
CA GLY I 52 33.77 -9.83 53.60
C GLY I 52 33.16 -9.84 52.21
N SER I 53 33.84 -10.46 51.24
CA SER I 53 33.33 -10.49 49.87
C SER I 53 33.84 -11.70 49.11
N ALA I 54 33.14 -12.02 48.01
CA ALA I 54 33.51 -13.14 47.16
C ALA I 54 33.09 -12.90 45.70
N LEU I 55 34.04 -13.06 44.78
CA LEU I 55 33.73 -13.04 43.37
C LEU I 55 33.66 -14.47 42.88
N VAL I 56 32.48 -14.90 42.45
CA VAL I 56 32.27 -16.26 41.98
C VAL I 56 32.09 -16.32 40.47
N LYS I 57 32.92 -17.12 39.80
CA LYS I 57 32.70 -17.46 38.40
C LYS I 57 32.29 -18.90 38.30
N LEU I 58 31.04 -19.11 37.90
CA LEU I 58 30.48 -20.41 37.60
C LEU I 58 30.16 -20.46 36.12
N GLY I 59 31.05 -21.08 35.34
CA GLY I 59 30.97 -20.97 33.90
C GLY I 59 31.19 -19.52 33.53
N THR I 60 30.20 -18.96 32.84
CA THR I 60 30.27 -17.55 32.44
C THR I 60 29.39 -16.67 33.33
N THR I 61 28.76 -17.28 34.34
CA THR I 61 28.02 -16.51 35.33
C THR I 61 28.95 -15.92 36.37
N MET I 62 28.89 -14.60 36.55
CA MET I 62 29.70 -13.95 37.56
C MET I 62 28.88 -13.19 38.57
N VAL I 63 29.19 -13.48 39.83
CA VAL I 63 28.46 -12.88 40.94
C VAL I 63 29.46 -12.34 41.95
N LEU I 64 29.27 -11.09 42.35
CA LEU I 64 30.04 -10.50 43.44
C LEU I 64 29.13 -10.25 44.63
N ALA I 65 29.41 -10.93 45.73
CA ALA I 65 28.68 -10.72 46.99
C ALA I 65 29.59 -10.00 47.99
N GLY I 66 29.02 -9.06 48.73
CA GLY I 66 29.76 -8.37 49.77
C GLY I 66 28.92 -8.14 51.00
N THR I 67 29.55 -8.24 52.17
CA THR I 67 28.86 -7.98 53.43
C THR I 67 29.26 -6.65 54.05
N LYS I 68 28.36 -6.13 54.89
CA LYS I 68 28.57 -4.90 55.61
C LYS I 68 27.83 -5.01 56.93
N LEU I 69 28.55 -4.82 58.03
CA LEU I 69 27.98 -5.00 59.35
C LEU I 69 27.69 -3.66 60.02
N GLU I 70 26.54 -3.57 60.69
CA GLU I 70 26.14 -2.36 61.41
C GLU I 70 25.49 -2.69 62.72
N ILE I 71 25.59 -1.76 63.66
CA ILE I 71 24.99 -1.94 64.96
C ILE I 71 23.62 -1.29 64.99
N ASP I 72 22.60 -2.09 65.32
CA ASP I 72 21.23 -1.63 65.38
C ASP I 72 20.58 -2.07 66.69
N LYS I 73 19.54 -1.36 67.10
CA LYS I 73 18.63 -1.88 68.11
C LYS I 73 17.92 -3.09 67.48
N PRO I 74 17.68 -4.16 68.27
CA PRO I 74 17.00 -5.31 67.66
C PRO I 74 15.52 -4.99 67.45
N TYR I 75 14.84 -5.73 66.58
CA TYR I 75 13.39 -5.55 66.46
C TYR I 75 12.70 -5.74 67.82
N GLU I 76 11.59 -5.05 68.06
CA GLU I 76 10.83 -5.27 69.29
C GLU I 76 10.57 -6.79 69.42
N ASP I 77 10.09 -7.39 68.32
CA ASP I 77 9.88 -8.83 68.21
C ASP I 77 11.10 -9.75 68.56
N THR I 78 12.31 -9.28 68.27
CA THR I 78 13.51 -10.10 68.47
C THR I 78 14.63 -9.38 69.22
N PRO I 79 14.48 -9.20 70.55
CA PRO I 79 15.47 -8.44 71.34
C PRO I 79 16.80 -9.17 71.52
N ASN I 80 16.82 -10.47 71.25
CA ASN I 80 18.01 -11.26 71.49
C ASN I 80 18.53 -11.97 70.24
N GLN I 81 18.51 -11.24 69.13
CA GLN I 81 18.90 -11.75 67.83
C GLN I 81 19.41 -10.62 66.96
N GLY I 82 20.41 -10.95 66.14
CA GLY I 82 20.91 -10.03 65.11
C GLY I 82 20.11 -10.15 63.84
N ASN I 83 20.50 -9.42 62.81
CA ASN I 83 19.76 -9.39 61.57
C ASN I 83 20.57 -9.84 60.36
N LEU I 84 19.90 -10.52 59.42
CA LEU I 84 20.46 -10.80 58.11
C LEU I 84 19.54 -10.16 57.09
N ILE I 85 20.10 -9.34 56.21
CA ILE I 85 19.30 -8.74 55.15
C ILE I 85 19.97 -9.02 53.82
N VAL I 86 19.28 -9.81 52.97
CA VAL I 86 19.83 -10.21 51.68
C VAL I 86 19.26 -9.38 50.54
N ASN I 87 20.15 -8.85 49.69
CA ASN I 87 19.72 -8.12 48.51
C ASN I 87 20.45 -8.60 47.27
N VAL I 88 19.69 -8.80 46.19
CA VAL I 88 20.26 -9.25 44.92
C VAL I 88 19.94 -8.23 43.84
N GLU I 89 20.94 -7.92 43.02
CA GLU I 89 20.76 -7.04 41.85
C GLU I 89 21.27 -7.68 40.59
N LEU I 90 20.41 -7.70 39.57
CA LEU I 90 20.78 -8.19 38.26
C LEU I 90 21.08 -6.96 37.42
N LEU I 91 22.31 -6.87 36.91
CA LEU I 91 22.71 -5.65 36.20
C LEU I 91 22.58 -5.66 34.67
N PRO I 92 22.90 -6.80 34.01
CA PRO I 92 22.97 -6.85 32.52
C PRO I 92 21.72 -6.38 31.73
N ASP I 104 13.38 -5.60 41.05
CA ASP I 104 13.08 -6.36 39.84
C ASP I 104 11.89 -7.31 39.98
N GLU I 105 12.13 -8.53 40.51
CA GLU I 105 11.14 -9.64 40.65
C GLU I 105 11.89 -10.96 40.70
N ASN I 106 12.74 -11.16 39.70
CA ASN I 106 13.66 -12.29 39.71
C ASN I 106 14.73 -12.03 40.74
N ALA I 107 15.15 -10.77 40.86
CA ALA I 107 16.08 -10.33 41.87
C ALA I 107 15.52 -10.56 43.26
N ILE I 108 14.25 -10.21 43.46
CA ILE I 108 13.58 -10.45 44.74
C ILE I 108 13.49 -11.95 45.03
N GLU I 109 13.05 -12.75 44.07
CA GLU I 109 13.01 -14.19 44.28
C GLU I 109 14.38 -14.75 44.68
N LEU I 110 15.41 -14.39 43.93
CA LEU I 110 16.76 -14.87 44.23
C LEU I 110 17.15 -14.52 45.67
N ALA I 111 16.99 -13.24 46.05
CA ALA I 111 17.31 -12.80 47.39
C ALA I 111 16.58 -13.65 48.44
N ARG I 112 15.27 -13.84 48.26
CA ARG I 112 14.46 -14.55 49.25
C ARG I 112 14.81 -16.02 49.29
N VAL I 113 15.06 -16.62 48.13
CA VAL I 113 15.45 -18.04 48.12
C VAL I 113 16.78 -18.25 48.85
N VAL I 114 17.76 -17.40 48.55
CA VAL I 114 19.07 -17.42 49.22
C VAL I 114 18.89 -17.19 50.73
N ASP I 115 18.17 -16.13 51.07
CA ASP I 115 17.90 -15.81 52.46
C ASP I 115 17.37 -17.03 53.20
N ARG I 116 16.26 -17.55 52.70
CA ARG I 116 15.61 -18.71 53.28
C ARG I 116 16.54 -19.88 53.52
N SER I 117 17.43 -20.14 52.58
CA SER I 117 18.31 -21.28 52.73
C SER I 117 19.47 -20.99 53.73
N LEU I 118 19.82 -19.71 53.91
CA LEU I 118 20.80 -19.36 54.92
C LEU I 118 20.16 -19.35 56.31
N ARG I 119 18.94 -18.85 56.37
CA ARG I 119 18.22 -18.65 57.64
C ARG I 119 17.68 -19.95 58.21
N ASP I 120 16.96 -20.71 57.38
CA ASP I 120 16.29 -21.94 57.82
C ASP I 120 17.26 -23.06 58.14
N SER I 121 18.42 -23.03 57.49
CA SER I 121 19.46 -24.04 57.76
C SER I 121 20.20 -23.75 59.05
N LYS I 122 20.05 -22.53 59.55
CA LYS I 122 20.82 -22.04 60.69
C LYS I 122 22.32 -22.17 60.38
N ALA I 123 22.68 -21.77 59.16
CA ALA I 123 24.08 -21.72 58.73
C ALA I 123 24.74 -20.54 59.42
N LEU I 124 24.03 -19.42 59.46
CA LEU I 124 24.44 -18.25 60.24
C LEU I 124 23.56 -18.21 61.48
N ASP I 125 24.18 -18.24 62.65
CA ASP I 125 23.44 -18.22 63.90
C ASP I 125 23.17 -16.78 64.33
N LEU I 126 21.96 -16.31 64.10
CA LEU I 126 21.61 -14.93 64.40
C LEU I 126 21.62 -14.59 65.88
N THR I 127 21.37 -15.60 66.72
CA THR I 127 21.29 -15.38 68.17
C THR I 127 22.67 -15.06 68.75
N LYS I 128 23.70 -15.38 67.99
CA LYS I 128 25.09 -15.10 68.38
C LYS I 128 25.58 -13.78 67.81
N LEU I 129 24.67 -12.98 67.29
CA LEU I 129 25.01 -11.65 66.76
C LEU I 129 24.58 -10.55 67.73
N VAL I 130 24.22 -10.95 68.94
CA VAL I 130 23.79 -10.01 69.96
C VAL I 130 25.02 -9.40 70.64
N ILE I 131 24.98 -8.08 70.84
CA ILE I 131 26.05 -7.38 71.56
C ILE I 131 25.58 -7.04 72.97
N GLU I 132 24.78 -5.98 73.09
CA GLU I 132 24.09 -5.68 74.35
C GLU I 132 22.62 -6.09 74.16
N PRO I 133 22.18 -7.15 74.88
CA PRO I 133 20.85 -7.75 74.73
C PRO I 133 19.73 -6.72 74.88
N GLY I 134 18.75 -6.77 73.98
CA GLY I 134 17.64 -5.83 73.99
C GLY I 134 18.01 -4.42 73.55
N LYS I 135 19.30 -4.10 73.56
CA LYS I 135 19.79 -2.75 73.24
C LYS I 135 20.51 -2.68 71.88
N SER I 136 21.43 -3.60 71.62
CA SER I 136 22.21 -3.53 70.38
C SER I 136 22.67 -4.90 69.81
N VAL I 137 22.46 -5.06 68.51
CA VAL I 137 22.83 -6.28 67.78
C VAL I 137 23.46 -5.94 66.43
N TRP I 138 24.13 -6.92 65.83
CA TRP I 138 24.69 -6.75 64.49
C TRP I 138 23.64 -6.97 63.42
N THR I 139 23.62 -6.10 62.42
CA THR I 139 22.87 -6.35 61.20
C THR I 139 23.87 -6.72 60.13
N VAL I 140 23.68 -7.89 59.51
CA VAL I 140 24.54 -8.31 58.42
C VAL I 140 23.85 -8.00 57.11
N TRP I 141 24.34 -6.98 56.43
CA TRP I 141 23.86 -6.63 55.10
C TRP I 141 24.62 -7.44 54.05
N LEU I 142 23.91 -8.32 53.36
CA LEU I 142 24.51 -9.14 52.33
C LEU I 142 23.98 -8.62 51.01
N ASP I 143 24.87 -8.05 50.21
CA ASP I 143 24.53 -7.53 48.89
C ASP I 143 25.17 -8.32 47.76
N VAL I 144 24.33 -8.88 46.90
CA VAL I 144 24.77 -9.81 45.89
C VAL I 144 24.54 -9.21 44.51
N TYR I 145 25.62 -8.98 43.77
CA TYR I 145 25.54 -8.36 42.45
C TYR I 145 25.87 -9.35 41.37
N VAL I 146 24.88 -9.65 40.53
CA VAL I 146 25.11 -10.50 39.35
C VAL I 146 25.67 -9.63 38.24
N LEU I 147 26.92 -9.86 37.86
CA LEU I 147 27.63 -9.00 36.93
C LEU I 147 27.58 -9.56 35.53
N ASP I 148 27.45 -10.88 35.40
CA ASP I 148 27.47 -11.56 34.11
C ASP I 148 26.47 -12.70 34.16
N TYR I 149 25.45 -12.63 33.31
CA TYR I 149 24.37 -13.60 33.31
C TYR I 149 24.68 -14.75 32.37
N GLY I 150 25.20 -15.85 32.90
CA GLY I 150 25.54 -17.00 32.07
C GLY I 150 24.74 -18.25 32.40
N GLY I 151 23.59 -18.08 33.03
CA GLY I 151 22.76 -19.21 33.38
C GLY I 151 23.01 -19.74 34.77
N ASN I 152 21.96 -20.26 35.40
CA ASN I 152 22.02 -20.80 36.78
C ASN I 152 22.57 -19.79 37.78
N VAL I 153 22.01 -18.59 37.72
CA VAL I 153 22.37 -17.48 38.59
C VAL I 153 22.17 -17.83 40.09
N LEU I 154 21.09 -18.53 40.41
CA LEU I 154 20.80 -18.89 41.80
C LEU I 154 21.94 -19.63 42.49
N ASP I 155 22.42 -20.71 41.90
CA ASP I 155 23.48 -21.50 42.52
C ASP I 155 24.72 -20.64 42.74
N ALA I 156 24.98 -19.75 41.79
CA ALA I 156 26.14 -18.86 41.88
C ALA I 156 25.93 -17.87 43.01
N CYS I 157 24.69 -17.42 43.20
CA CYS I 157 24.36 -16.46 44.25
C CYS I 157 24.54 -17.09 45.62
N THR I 158 24.13 -18.33 45.76
CA THR I 158 24.30 -19.03 47.03
C THR I 158 25.78 -19.19 47.33
N LEU I 159 26.55 -19.59 46.32
CA LEU I 159 27.98 -19.79 46.49
C LEU I 159 28.65 -18.48 46.88
N ALA I 160 28.32 -17.40 46.18
CA ALA I 160 28.89 -16.09 46.50
C ALA I 160 28.51 -15.68 47.92
N SER I 161 27.24 -15.85 48.26
CA SER I 161 26.72 -15.45 49.56
C SER I 161 27.45 -16.17 50.69
N VAL I 162 27.49 -17.50 50.61
CA VAL I 162 28.14 -18.29 51.63
C VAL I 162 29.61 -17.88 51.76
N ALA I 163 30.29 -17.78 50.60
CA ALA I 163 31.69 -17.36 50.58
C ALA I 163 31.88 -15.99 51.23
N ALA I 164 31.03 -15.02 50.89
CA ALA I 164 31.18 -13.67 51.43
C ALA I 164 31.02 -13.66 52.94
N LEU I 165 30.06 -14.43 53.43
CA LEU I 165 29.84 -14.58 54.88
C LEU I 165 31.06 -15.17 55.59
N TYR I 166 31.60 -16.26 55.04
CA TYR I 166 32.82 -16.83 55.59
C TYR I 166 34.02 -15.88 55.55
N ASN I 167 34.05 -15.00 54.55
CA ASN I 167 35.13 -14.06 54.40
C ASN I 167 34.99 -12.85 55.32
N THR I 168 33.84 -12.72 55.98
CA THR I 168 33.54 -11.54 56.78
C THR I 168 34.36 -11.41 58.06
N LYS I 169 34.95 -10.23 58.23
CA LYS I 169 35.67 -9.86 59.43
C LYS I 169 34.74 -9.08 60.35
N VAL I 170 34.74 -9.43 61.64
CA VAL I 170 33.95 -8.71 62.63
C VAL I 170 34.92 -7.81 63.40
N TYR I 171 34.50 -6.58 63.68
CA TYR I 171 35.39 -5.58 64.32
C TYR I 171 35.16 -5.40 65.81
N LYS I 172 36.07 -4.66 66.46
CA LYS I 172 36.00 -4.40 67.90
C LYS I 172 34.84 -3.47 68.23
N VAL I 173 34.20 -3.71 69.37
CA VAL I 173 33.07 -2.90 69.81
C VAL I 173 33.49 -2.08 71.03
N GLU I 174 33.58 -0.76 70.84
CA GLU I 174 33.90 0.18 71.91
C GLU I 174 32.64 0.66 72.64
N GLN I 175 32.55 0.34 73.93
CA GLN I 175 31.39 0.71 74.77
C GLN I 175 31.79 1.66 75.90
N ILE I 180 28.31 1.00 71.40
CA ILE I 180 28.30 2.43 71.13
C ILE I 180 29.11 2.81 69.88
N SER I 181 30.35 2.32 69.78
CA SER I 181 31.22 2.62 68.63
C SER I 181 31.91 1.38 68.06
N VAL I 182 32.07 1.36 66.73
CA VAL I 182 32.81 0.29 66.04
C VAL I 182 34.23 0.75 65.69
N ASN I 183 35.23 -0.01 66.12
CA ASN I 183 36.62 0.32 65.80
C ASN I 183 37.12 -0.52 64.62
N LYS I 184 37.10 0.08 63.43
CA LYS I 184 37.26 -0.66 62.19
C LYS I 184 38.69 -1.08 61.80
N ASN I 185 39.66 -0.81 62.67
CA ASN I 185 41.02 -1.30 62.41
C ASN I 185 41.55 -2.29 63.46
N GLU I 186 40.63 -2.82 64.27
CA GLU I 186 40.91 -3.98 65.10
C GLU I 186 39.91 -5.09 64.74
N VAL I 187 40.36 -6.08 63.98
CA VAL I 187 39.56 -7.27 63.65
C VAL I 187 39.49 -8.19 64.86
N VAL I 188 38.28 -8.47 65.31
CA VAL I 188 38.05 -9.23 66.54
C VAL I 188 37.76 -10.71 66.30
N GLY I 189 37.06 -11.01 65.20
CA GLY I 189 36.73 -12.40 64.87
C GLY I 189 35.99 -12.59 63.56
N LYS I 190 35.25 -13.67 63.47
CA LYS I 190 34.51 -14.03 62.27
C LYS I 190 33.02 -14.15 62.57
N LEU I 191 32.21 -14.33 61.54
CA LEU I 191 30.77 -14.53 61.72
C LEU I 191 30.48 -15.87 62.39
N PRO I 192 29.43 -15.93 63.23
CA PRO I 192 29.04 -17.19 63.85
C PRO I 192 28.39 -18.13 62.82
N LEU I 193 29.22 -18.80 62.03
CA LEU I 193 28.75 -19.69 60.98
C LEU I 193 28.87 -21.14 61.40
N ASN I 194 27.78 -21.87 61.26
CA ASN I 194 27.77 -23.28 61.62
C ASN I 194 28.35 -24.17 60.53
N TYR I 195 28.05 -23.84 59.28
CA TYR I 195 28.47 -24.63 58.12
C TYR I 195 28.14 -23.89 56.83
N PRO I 196 28.80 -24.25 55.73
CA PRO I 196 28.37 -23.76 54.46
C PRO I 196 27.05 -24.42 54.05
N VAL I 197 26.48 -23.93 52.96
CA VAL I 197 25.24 -24.42 52.40
C VAL I 197 25.41 -24.30 50.87
N VAL I 198 24.86 -25.26 50.13
CA VAL I 198 24.86 -25.18 48.68
C VAL I 198 23.47 -25.32 48.13
N THR I 199 23.22 -24.66 47.00
CA THR I 199 21.97 -24.83 46.27
C THR I 199 22.34 -25.46 44.95
N ILE I 200 21.68 -26.56 44.61
CA ILE I 200 21.90 -27.23 43.34
C ILE I 200 20.64 -27.18 42.46
N SER I 201 20.79 -26.61 41.27
CA SER I 201 19.67 -26.49 40.33
C SER I 201 19.73 -27.57 39.28
N VAL I 202 18.61 -28.29 39.11
CA VAL I 202 18.48 -29.32 38.10
C VAL I 202 17.40 -28.89 37.11
N ALA I 203 17.78 -28.80 35.84
CA ALA I 203 16.87 -28.37 34.79
C ALA I 203 16.30 -29.55 34.04
N LYS I 204 15.02 -29.43 33.72
CA LYS I 204 14.32 -30.43 32.97
C LYS I 204 14.26 -29.93 31.53
N VAL I 205 14.96 -30.63 30.64
CA VAL I 205 14.91 -30.30 29.23
C VAL I 205 14.43 -31.52 28.49
N ASP I 206 13.30 -31.38 27.78
CA ASP I 206 12.71 -32.52 27.09
C ASP I 206 12.52 -33.61 28.12
N LYS I 207 13.11 -34.78 27.88
CA LYS I 207 13.00 -35.89 28.83
C LYS I 207 14.28 -36.08 29.65
N TYR I 208 15.13 -35.05 29.70
CA TYR I 208 16.43 -35.16 30.37
C TYR I 208 16.53 -34.24 31.57
N LEU I 209 17.32 -34.67 32.56
CA LEU I 209 17.63 -33.82 33.70
C LEU I 209 19.09 -33.44 33.63
N VAL I 210 19.34 -32.15 33.85
CA VAL I 210 20.64 -31.56 33.62
C VAL I 210 21.05 -30.67 34.81
N VAL I 211 22.24 -30.91 35.33
CA VAL I 211 22.73 -30.17 36.50
C VAL I 211 23.40 -28.87 36.06
N ASP I 212 23.12 -27.77 36.77
CA ASP I 212 23.76 -26.49 36.49
C ASP I 212 23.56 -26.10 35.01
N PRO I 213 22.34 -25.70 34.64
CA PRO I 213 22.05 -25.31 33.26
C PRO I 213 22.76 -24.02 32.85
N ASP I 214 23.40 -24.03 31.67
CA ASP I 214 23.94 -22.79 31.14
C ASP I 214 22.86 -21.96 30.45
N LEU I 215 23.28 -20.85 29.84
CA LEU I 215 22.38 -19.87 29.25
C LEU I 215 21.45 -20.48 28.20
N ASP I 216 22.03 -21.19 27.23
CA ASP I 216 21.26 -21.87 26.21
C ASP I 216 20.32 -22.88 26.84
N GLU I 217 20.82 -23.64 27.80
CA GLU I 217 20.05 -24.68 28.44
C GLU I 217 18.86 -24.13 29.17
N GLU I 218 19.06 -23.02 29.89
CA GLU I 218 17.95 -22.36 30.57
C GLU I 218 16.87 -21.84 29.62
N SER I 219 17.27 -21.43 28.43
CA SER I 219 16.30 -20.90 27.49
C SER I 219 15.44 -21.98 26.84
N ILE I 220 15.88 -23.23 26.89
CA ILE I 220 15.12 -24.31 26.24
C ILE I 220 14.43 -25.25 27.24
N MET I 221 14.74 -25.09 28.51
CA MET I 221 14.24 -25.99 29.55
C MET I 221 12.75 -25.78 29.78
N ASP I 222 12.08 -26.84 30.24
CA ASP I 222 10.69 -26.75 30.63
C ASP I 222 10.60 -25.99 31.94
N ALA I 223 11.45 -26.38 32.88
CA ALA I 223 11.48 -25.83 34.22
C ALA I 223 12.75 -26.29 34.89
N LYS I 224 13.11 -25.65 36.00
CA LYS I 224 14.18 -26.16 36.86
C LYS I 224 13.73 -26.23 38.33
N ILE I 225 14.46 -27.03 39.11
CA ILE I 225 14.15 -27.16 40.52
C ILE I 225 15.45 -27.10 41.32
N SER I 226 15.46 -26.28 42.36
CA SER I 226 16.68 -26.00 43.11
C SER I 226 16.57 -26.55 44.52
N PHE I 227 17.53 -27.38 44.90
CA PHE I 227 17.55 -28.00 46.23
C PHE I 227 18.71 -27.44 47.02
N SER I 228 18.45 -27.12 48.28
CA SER I 228 19.48 -26.57 49.14
C SER I 228 19.85 -27.59 50.20
N TYR I 229 21.15 -27.79 50.37
CA TYR I 229 21.66 -28.78 51.31
C TYR I 229 22.66 -28.22 52.29
N THR I 230 22.59 -28.72 53.51
CA THR I 230 23.65 -28.55 54.50
C THR I 230 24.62 -29.72 54.32
N PRO I 231 25.83 -29.64 54.91
CA PRO I 231 26.83 -30.71 54.73
C PRO I 231 26.36 -32.09 55.15
N ASP I 232 25.50 -32.19 56.14
CA ASP I 232 24.95 -33.50 56.51
C ASP I 232 23.84 -33.96 55.55
N LEU I 233 23.70 -33.24 54.42
CA LEU I 233 22.78 -33.60 53.33
C LEU I 233 21.30 -33.57 53.70
N LYS I 234 20.95 -32.66 54.62
CA LYS I 234 19.56 -32.35 54.92
C LYS I 234 19.06 -31.32 53.89
N ILE I 235 17.83 -31.51 53.43
CA ILE I 235 17.17 -30.53 52.54
C ILE I 235 16.63 -29.38 53.37
N VAL I 236 16.86 -28.18 52.85
CA VAL I 236 16.92 -26.96 53.64
C VAL I 236 16.32 -25.78 52.82
N GLY I 237 15.96 -26.11 51.58
CA GLY I 237 15.15 -25.26 50.73
C GLY I 237 14.88 -25.96 49.41
N ILE I 238 13.66 -25.79 48.88
CA ILE I 238 13.36 -26.21 47.51
C ILE I 238 12.59 -25.11 46.80
N GLN I 239 12.96 -24.87 45.53
CA GLN I 239 12.28 -23.90 44.69
C GLN I 239 12.21 -24.36 43.23
N LYS I 240 11.01 -24.71 42.77
CA LYS I 240 10.77 -24.94 41.35
C LYS I 240 10.67 -23.60 40.64
N SER I 241 11.10 -23.58 39.38
CA SER I 241 11.20 -22.36 38.61
C SER I 241 11.00 -22.61 37.10
N GLY I 242 10.33 -21.69 36.41
CA GLY I 242 10.19 -21.80 34.97
C GLY I 242 8.76 -21.92 34.52
N LYS I 243 8.54 -21.65 33.23
CA LYS I 243 7.22 -21.56 32.61
C LYS I 243 6.55 -22.92 32.41
N GLY I 244 7.29 -23.99 32.68
CA GLY I 244 6.83 -25.35 32.42
C GLY I 244 6.65 -26.17 33.67
N SER I 245 6.21 -27.40 33.48
CA SER I 245 5.99 -28.30 34.59
C SER I 245 6.98 -29.46 34.57
N MET I 246 6.85 -30.33 35.57
CA MET I 246 7.82 -31.38 35.83
C MET I 246 7.07 -32.49 36.53
N SER I 247 7.35 -33.74 36.17
CA SER I 247 6.59 -34.86 36.73
C SER I 247 7.05 -35.24 38.13
N LEU I 248 6.23 -36.02 38.82
CA LEU I 248 6.55 -36.56 40.13
C LEU I 248 7.92 -37.24 40.09
N GLN I 249 8.09 -38.14 39.11
CA GLN I 249 9.34 -38.87 38.95
C GLN I 249 10.50 -37.96 38.59
N ASP I 250 10.24 -36.91 37.82
CA ASP I 250 11.27 -35.95 37.50
C ASP I 250 11.86 -35.35 38.76
N ILE I 251 10.98 -34.94 39.67
CA ILE I 251 11.39 -34.29 40.92
C ILE I 251 12.13 -35.28 41.82
N ASP I 252 11.60 -36.50 41.94
CA ASP I 252 12.26 -37.57 42.68
C ASP I 252 13.71 -37.79 42.19
N GLN I 253 13.88 -38.00 40.90
CA GLN I 253 15.22 -38.12 40.31
C GLN I 253 16.06 -36.88 40.49
N ALA I 254 15.46 -35.71 40.30
CA ALA I 254 16.16 -34.46 40.38
C ALA I 254 16.86 -34.32 41.73
N GLU I 255 16.17 -34.67 42.82
CA GLU I 255 16.77 -34.52 44.12
C GLU I 255 17.87 -35.53 44.37
N ASN I 256 17.70 -36.78 43.90
CA ASN I 256 18.80 -37.76 43.95
C ASN I 256 20.04 -37.21 43.30
N THR I 257 19.88 -36.73 42.07
CA THR I 257 20.98 -36.16 41.31
C THR I 257 21.54 -34.94 42.05
N ALA I 258 20.64 -34.06 42.50
CA ALA I 258 21.05 -32.86 43.22
C ALA I 258 21.92 -33.19 44.42
N ARG I 259 21.43 -34.11 45.25
CA ARG I 259 22.12 -34.49 46.47
C ARG I 259 23.50 -35.10 46.23
N SER I 260 23.63 -35.96 45.22
CA SER I 260 24.93 -36.57 44.98
C SER I 260 25.91 -35.53 44.39
N THR I 261 25.35 -34.53 43.70
CA THR I 261 26.13 -33.39 43.23
C THR I 261 26.56 -32.49 44.39
N ALA I 262 25.67 -32.31 45.36
CA ALA I 262 25.92 -31.48 46.54
C ALA I 262 27.20 -31.85 47.28
N VAL I 263 27.50 -33.14 47.35
CA VAL I 263 28.72 -33.60 48.01
C VAL I 263 29.97 -33.04 47.35
N LYS I 264 30.05 -33.18 46.02
CA LYS I 264 31.18 -32.67 45.26
C LYS I 264 31.30 -31.17 45.37
N LEU I 265 30.17 -30.48 45.26
CA LEU I 265 30.19 -29.02 45.29
C LEU I 265 30.59 -28.48 46.65
N LEU I 266 30.12 -29.12 47.72
CA LEU I 266 30.51 -28.72 49.07
C LEU I 266 32.02 -28.85 49.26
N GLU I 267 32.58 -29.99 48.87
CA GLU I 267 34.03 -30.19 48.96
C GLU I 267 34.74 -29.06 48.26
N GLU I 268 34.30 -28.73 47.05
CA GLU I 268 34.94 -27.71 46.24
C GLU I 268 34.82 -26.33 46.89
N LEU I 269 33.63 -26.03 47.39
CA LEU I 269 33.39 -24.78 48.11
C LEU I 269 34.34 -24.63 49.29
N LYS I 270 34.48 -25.71 50.06
CA LYS I 270 35.33 -25.69 51.24
C LYS I 270 36.78 -25.44 50.89
N LYS I 271 37.27 -26.06 49.81
CA LYS I 271 38.62 -25.79 49.32
C LYS I 271 38.84 -24.30 49.09
N HIS I 272 37.90 -23.65 48.44
CA HIS I 272 38.02 -22.22 48.18
C HIS I 272 38.05 -21.41 49.48
N LEU I 273 37.30 -21.88 50.47
CA LEU I 273 37.13 -21.15 51.71
C LEU I 273 38.20 -21.44 52.74
N GLY I 274 39.06 -22.41 52.45
CA GLY I 274 40.02 -22.92 53.43
C GLY I 274 39.26 -23.71 54.49
N ILE I 275 38.30 -24.50 54.01
CA ILE I 275 37.24 -25.18 54.79
C ILE I 275 36.43 -24.22 55.68
N GLU J 8 6.17 -18.77 72.97
CA GLU J 8 6.85 -20.10 72.97
C GLU J 8 6.00 -21.24 72.33
N ARG J 9 6.70 -22.18 71.68
CA ARG J 9 6.11 -23.30 70.92
C ARG J 9 4.99 -24.01 71.63
N PRO J 10 3.85 -24.22 70.95
CA PRO J 10 2.86 -25.13 71.47
C PRO J 10 3.12 -26.56 70.99
N LYS J 11 2.47 -27.52 71.66
CA LYS J 11 2.41 -28.91 71.21
C LYS J 11 1.72 -28.89 69.83
N LEU J 12 2.31 -29.56 68.85
CA LEU J 12 1.69 -29.62 67.53
C LEU J 12 1.01 -30.97 67.28
N ILE J 13 1.67 -32.03 67.74
CA ILE J 13 1.04 -33.34 67.83
C ILE J 13 0.77 -33.66 69.30
N LEU J 14 -0.51 -33.77 69.65
CA LEU J 14 -0.91 -34.10 71.01
C LEU J 14 -0.69 -35.59 71.30
N ASP J 15 -0.70 -35.98 72.57
CA ASP J 15 -0.35 -37.36 72.95
C ASP J 15 -1.36 -38.44 72.52
N ASP J 16 -2.42 -38.01 71.83
CA ASP J 16 -3.37 -38.93 71.20
C ASP J 16 -3.16 -38.93 69.69
N GLY J 17 -2.03 -38.40 69.26
CA GLY J 17 -1.62 -38.43 67.85
C GLY J 17 -2.41 -37.55 66.91
N LYS J 18 -3.05 -36.51 67.47
CA LYS J 18 -3.89 -35.60 66.67
C LYS J 18 -3.38 -34.17 66.72
N ARG J 19 -3.74 -33.38 65.72
CA ARG J 19 -3.19 -32.03 65.54
C ARG J 19 -3.93 -31.00 66.37
N THR J 20 -3.47 -29.75 66.37
CA THR J 20 -4.07 -28.70 67.21
C THR J 20 -5.54 -28.44 66.88
N ASP J 21 -5.92 -28.63 65.62
CA ASP J 21 -7.32 -28.46 65.22
C ASP J 21 -8.12 -29.77 65.27
N GLY J 22 -7.51 -30.84 65.78
CA GLY J 22 -8.18 -32.12 65.91
C GLY J 22 -8.02 -33.06 64.71
N ARG J 23 -7.38 -32.59 63.65
CA ARG J 23 -7.14 -33.41 62.46
C ARG J 23 -6.06 -34.48 62.69
N LYS J 24 -6.19 -35.58 61.96
CA LYS J 24 -5.12 -36.57 61.86
C LYS J 24 -4.06 -36.05 60.88
N PRO J 25 -2.82 -36.59 60.94
CA PRO J 25 -1.79 -36.15 60.00
C PRO J 25 -2.19 -36.26 58.54
N ASP J 26 -3.06 -37.21 58.19
CA ASP J 26 -3.47 -37.41 56.81
C ASP J 26 -4.85 -36.83 56.45
N GLU J 27 -5.31 -35.82 57.19
CA GLU J 27 -6.62 -35.22 56.92
C GLU J 27 -6.58 -33.80 56.36
N LEU J 28 -7.33 -33.59 55.28
CA LEU J 28 -7.47 -32.26 54.69
C LEU J 28 -8.42 -31.41 55.51
N ARG J 29 -8.23 -30.09 55.45
CA ARG J 29 -9.21 -29.19 56.01
C ARG J 29 -10.45 -29.22 55.14
N SER J 30 -11.53 -28.59 55.60
CA SER J 30 -12.74 -28.51 54.78
C SER J 30 -12.49 -27.68 53.52
N ILE J 31 -13.19 -28.04 52.45
CA ILE J 31 -13.06 -27.33 51.18
C ILE J 31 -14.41 -26.76 50.75
N LYS J 32 -14.38 -25.54 50.23
CA LYS J 32 -15.54 -24.94 49.62
C LYS J 32 -15.11 -24.25 48.32
N ILE J 33 -15.83 -24.50 47.25
CA ILE J 33 -15.50 -23.90 45.95
C ILE J 33 -16.76 -23.39 45.30
N GLU J 34 -16.73 -22.16 44.81
CA GLU J 34 -17.78 -21.73 43.87
C GLU J 34 -17.27 -20.86 42.72
N LEU J 35 -17.95 -20.99 41.58
CA LEU J 35 -17.51 -20.39 40.32
C LEU J 35 -18.50 -19.35 39.83
N GLY J 36 -18.04 -18.46 38.96
CA GLY J 36 -18.93 -17.49 38.32
C GLY J 36 -19.61 -16.56 39.30
N VAL J 37 -18.86 -16.17 40.31
CA VAL J 37 -19.37 -15.40 41.43
C VAL J 37 -19.33 -13.89 41.14
N LEU J 38 -18.53 -13.48 40.16
CA LEU J 38 -18.40 -12.07 39.76
C LEU J 38 -19.01 -11.84 38.38
N LYS J 39 -19.91 -10.87 38.29
CA LYS J 39 -20.66 -10.63 37.06
C LYS J 39 -19.82 -9.98 35.98
N ASN J 40 -19.00 -9.01 36.35
CA ASN J 40 -18.29 -8.20 35.38
C ASN J 40 -16.92 -8.72 35.00
N ALA J 41 -16.63 -9.96 35.38
CA ALA J 41 -15.38 -10.62 34.99
C ALA J 41 -15.65 -11.73 33.98
N ASP J 42 -14.60 -12.16 33.29
CA ASP J 42 -14.75 -13.21 32.30
C ASP J 42 -14.81 -14.59 32.92
N GLY J 43 -14.16 -14.73 34.07
CA GLY J 43 -14.24 -15.95 34.86
C GLY J 43 -13.88 -15.62 36.29
N SER J 44 -14.45 -16.36 37.25
CA SER J 44 -14.21 -16.07 38.66
C SER J 44 -14.42 -17.33 39.48
N ALA J 45 -13.68 -17.43 40.59
CA ALA J 45 -13.89 -18.50 41.56
C ALA J 45 -13.54 -18.04 42.96
N ILE J 46 -14.27 -18.57 43.94
CA ILE J 46 -13.88 -18.46 45.35
C ILE J 46 -13.45 -19.85 45.78
N PHE J 47 -12.27 -19.96 46.37
CA PHE J 47 -11.79 -21.21 46.93
C PHE J 47 -11.51 -21.04 48.41
N GLU J 48 -12.00 -21.99 49.22
CA GLU J 48 -11.75 -22.01 50.66
C GLU J 48 -11.14 -23.33 51.10
N MET J 49 -9.97 -23.25 51.73
CA MET J 49 -9.43 -24.39 52.47
C MET J 49 -9.35 -24.06 53.94
N GLY J 50 -10.20 -24.72 54.72
CA GLY J 50 -10.41 -24.34 56.09
C GLY J 50 -10.72 -22.86 56.13
N ASN J 51 -9.86 -22.12 56.82
CA ASN J 51 -10.04 -20.69 56.98
C ASN J 51 -9.31 -19.82 55.98
N THR J 52 -8.54 -20.44 55.08
CA THR J 52 -7.87 -19.71 54.03
C THR J 52 -8.82 -19.54 52.85
N LYS J 53 -9.10 -18.31 52.46
CA LYS J 53 -10.12 -18.02 51.44
C LYS J 53 -9.60 -17.03 50.41
N ALA J 54 -9.69 -17.40 49.15
CA ALA J 54 -9.23 -16.52 48.08
C ALA J 54 -10.29 -16.37 47.03
N ILE J 55 -10.30 -15.20 46.39
CA ILE J 55 -11.17 -14.93 45.25
C ILE J 55 -10.27 -14.64 44.06
N ALA J 56 -10.61 -15.19 42.91
CA ALA J 56 -9.85 -14.95 41.70
C ALA J 56 -10.77 -14.48 40.60
N ALA J 57 -10.29 -13.51 39.83
CA ALA J 57 -11.01 -12.99 38.67
C ALA J 57 -10.13 -13.05 37.44
N VAL J 58 -10.70 -13.42 36.30
CA VAL J 58 -9.97 -13.47 35.05
C VAL J 58 -10.61 -12.48 34.10
N TYR J 59 -9.79 -11.62 33.50
CA TYR J 59 -10.29 -10.75 32.44
C TYR J 59 -9.69 -11.24 31.12
N GLY J 60 -10.57 -11.89 30.35
CA GLY J 60 -10.28 -12.89 29.29
C GLY J 60 -9.33 -12.43 28.22
N PRO J 61 -9.00 -13.32 27.25
CA PRO J 61 -7.98 -12.91 26.28
C PRO J 61 -8.39 -11.60 25.60
N LYS J 62 -7.51 -10.62 25.63
CA LYS J 62 -7.80 -9.28 25.12
C LYS J 62 -6.55 -8.61 24.59
N GLU J 63 -6.71 -7.79 23.55
CA GLU J 63 -5.62 -7.01 22.96
C GLU J 63 -4.86 -6.27 24.04
N MET J 64 -3.54 -6.24 23.93
CA MET J 64 -2.75 -5.70 25.03
C MET J 64 -2.34 -4.24 24.86
N HIS J 65 -2.60 -3.48 25.93
CA HIS J 65 -2.48 -2.01 25.95
C HIS J 65 -1.30 -1.43 25.13
N PRO J 66 -0.06 -1.51 25.67
CA PRO J 66 1.09 -1.06 24.87
C PRO J 66 1.71 -2.24 24.11
N ARG J 67 1.62 -2.21 22.78
CA ARG J 67 1.92 -3.39 21.96
C ARG J 67 3.32 -4.00 22.15
N HIS J 68 4.33 -3.18 22.43
CA HIS J 68 5.69 -3.70 22.60
C HIS J 68 5.82 -4.68 23.78
N LEU J 69 4.84 -4.62 24.69
CA LEU J 69 4.80 -5.51 25.85
C LEU J 69 4.09 -6.84 25.59
N SER J 70 3.50 -6.96 24.40
CA SER J 70 2.84 -8.20 23.99
C SER J 70 3.82 -9.16 23.33
N LEU J 71 3.36 -10.37 23.05
CA LEU J 71 4.18 -11.40 22.42
C LEU J 71 3.54 -11.84 21.11
N PRO J 72 4.36 -12.13 20.09
CA PRO J 72 3.83 -12.50 18.77
C PRO J 72 3.24 -13.92 18.66
N ASP J 73 3.64 -14.82 19.57
CA ASP J 73 3.30 -16.24 19.47
C ASP J 73 2.35 -16.72 20.59
N ARG J 74 2.20 -15.91 21.64
CA ARG J 74 1.63 -16.33 22.92
C ARG J 74 0.78 -15.22 23.49
N ALA J 75 -0.07 -15.57 24.45
CA ALA J 75 -0.68 -14.58 25.31
C ALA J 75 0.29 -14.27 26.44
N VAL J 76 0.20 -13.07 26.99
CA VAL J 76 0.94 -12.71 28.18
C VAL J 76 0.00 -12.89 29.37
N LEU J 77 0.42 -13.66 30.37
CA LEU J 77 -0.33 -13.72 31.61
C LEU J 77 0.13 -12.62 32.53
N ARG J 78 -0.83 -11.90 33.10
CA ARG J 78 -0.53 -10.93 34.14
C ARG J 78 -1.23 -11.38 35.41
N VAL J 79 -0.46 -11.66 36.45
CA VAL J 79 -0.99 -12.24 37.68
C VAL J 79 -0.70 -11.38 38.90
N ARG J 80 -1.69 -11.22 39.77
CA ARG J 80 -1.52 -10.48 41.00
C ARG J 80 -1.92 -11.38 42.15
N TYR J 81 -0.97 -11.68 43.01
CA TYR J 81 -1.27 -12.34 44.28
C TYR J 81 -1.27 -11.26 45.35
N HIS J 82 -2.37 -11.13 46.08
CA HIS J 82 -2.48 -10.05 47.04
C HIS J 82 -3.28 -10.47 48.26
N MET J 83 -2.84 -9.98 49.42
CA MET J 83 -3.53 -10.23 50.68
C MET J 83 -4.22 -8.97 51.14
N THR J 84 -5.52 -9.08 51.43
CA THR J 84 -6.27 -7.92 51.91
C THR J 84 -5.72 -7.57 53.30
N PRO J 85 -5.77 -6.29 53.66
CA PRO J 85 -5.24 -5.90 54.96
C PRO J 85 -5.89 -6.63 56.12
N PHE J 86 -7.13 -7.09 55.94
CA PHE J 86 -7.90 -7.71 57.02
C PHE J 86 -7.93 -9.23 56.93
N SER J 87 -6.99 -9.80 56.19
CA SER J 87 -6.96 -11.24 56.01
C SER J 87 -6.24 -11.98 57.12
N THR J 88 -5.51 -11.23 57.94
CA THR J 88 -4.75 -11.80 59.05
C THR J 88 -5.13 -11.11 60.35
N ASP J 89 -4.60 -11.61 61.46
CA ASP J 89 -4.92 -11.04 62.76
C ASP J 89 -4.35 -9.65 62.93
N GLU J 90 -3.11 -9.46 62.46
CA GLU J 90 -2.51 -8.14 62.41
C GLU J 90 -2.64 -7.58 61.02
N ARG J 91 -3.00 -6.29 60.92
CA ARG J 91 -3.25 -5.67 59.62
C ARG J 91 -2.00 -5.72 58.72
N LYS J 92 -2.15 -6.29 57.52
CA LYS J 92 -1.11 -6.22 56.49
C LYS J 92 -1.16 -4.89 55.79
N ASN J 93 0.01 -4.32 55.52
CA ASN J 93 0.10 -3.18 54.61
C ASN J 93 -0.31 -3.61 53.20
N PRO J 94 -1.26 -2.89 52.58
CA PRO J 94 -1.75 -3.26 51.25
C PRO J 94 -0.68 -3.13 50.15
N ALA J 95 0.33 -2.29 50.39
CA ALA J 95 1.49 -2.19 49.50
C ALA J 95 2.13 -3.56 49.33
N PRO J 96 2.53 -3.92 48.09
CA PRO J 96 3.00 -5.29 47.89
C PRO J 96 4.33 -5.55 48.57
N SER J 97 4.41 -6.68 49.26
CA SER J 97 5.61 -7.10 49.97
C SER J 97 6.48 -7.92 49.04
N ARG J 98 7.74 -8.07 49.41
CA ARG J 98 8.65 -8.94 48.67
C ARG J 98 8.07 -10.34 48.57
N ARG J 99 7.44 -10.81 49.64
CA ARG J 99 6.73 -12.09 49.63
C ARG J 99 5.64 -12.15 48.55
N GLU J 100 4.86 -11.07 48.42
CA GLU J 100 3.76 -11.03 47.45
C GLU J 100 4.32 -10.99 46.03
N ILE J 101 5.44 -10.30 45.88
CA ILE J 101 6.13 -10.22 44.59
C ILE J 101 6.66 -11.59 44.16
N GLU J 102 7.33 -12.31 45.07
CA GLU J 102 7.79 -13.64 44.74
C GLU J 102 6.64 -14.58 44.42
N LEU J 103 5.61 -14.57 45.27
CA LEU J 103 4.54 -15.52 45.10
C LEU J 103 3.74 -15.25 43.82
N SER J 104 3.65 -13.98 43.44
CA SER J 104 2.99 -13.63 42.19
C SER J 104 3.69 -14.29 41.02
N LYS J 105 5.03 -14.24 41.03
CA LYS J 105 5.83 -14.86 39.99
C LYS J 105 5.65 -16.37 40.00
N VAL J 106 5.80 -16.97 41.17
CA VAL J 106 5.68 -18.42 41.32
C VAL J 106 4.32 -18.93 40.84
N ILE J 107 3.25 -18.24 41.24
CA ILE J 107 1.88 -18.57 40.80
C ILE J 107 1.72 -18.35 39.27
N ARG J 108 2.20 -17.22 38.76
CA ARG J 108 2.16 -16.99 37.32
C ARG J 108 2.79 -18.14 36.57
N GLU J 109 3.96 -18.59 37.02
CA GLU J 109 4.68 -19.64 36.30
C GLU J 109 3.90 -20.95 36.33
N ALA J 110 3.27 -21.20 37.47
CA ALA J 110 2.44 -22.38 37.62
C ALA J 110 1.35 -22.36 36.56
N LEU J 111 0.72 -21.20 36.38
CA LEU J 111 -0.39 -21.07 35.45
C LEU J 111 0.08 -21.16 34.02
N GLU J 112 1.29 -20.66 33.77
CA GLU J 112 1.85 -20.69 32.42
C GLU J 112 2.10 -22.10 31.91
N SER J 113 2.35 -23.03 32.83
CA SER J 113 2.54 -24.41 32.43
C SER J 113 1.22 -25.09 32.09
N ALA J 114 0.11 -24.46 32.47
CA ALA J 114 -1.21 -25.06 32.29
C ALA J 114 -2.00 -24.40 31.17
N VAL J 115 -1.94 -23.07 31.09
CA VAL J 115 -2.76 -22.32 30.15
C VAL J 115 -2.18 -22.42 28.74
N LEU J 116 -3.02 -22.72 27.77
CA LEU J 116 -2.58 -22.84 26.38
C LEU J 116 -2.43 -21.47 25.75
N VAL J 117 -1.41 -20.75 26.19
CA VAL J 117 -1.22 -19.36 25.78
C VAL J 117 -0.99 -19.18 24.28
N GLU J 118 -0.49 -20.20 23.61
CA GLU J 118 -0.14 -20.10 22.20
C GLU J 118 -1.38 -19.83 21.34
N LEU J 119 -2.54 -20.18 21.88
CA LEU J 119 -3.80 -19.98 21.19
C LEU J 119 -4.20 -18.50 21.01
N PHE J 120 -3.60 -17.62 21.80
CA PHE J 120 -4.01 -16.22 21.82
C PHE J 120 -2.84 -15.24 21.67
N PRO J 121 -2.24 -15.19 20.47
CA PRO J 121 -1.12 -14.28 20.27
C PRO J 121 -1.56 -12.84 20.45
N ARG J 122 -0.63 -11.99 20.87
CA ARG J 122 -0.85 -10.54 20.98
C ARG J 122 -1.91 -10.11 22.02
N THR J 123 -2.29 -11.04 22.90
CA THR J 123 -3.31 -10.74 23.90
C THR J 123 -2.72 -10.83 25.29
N ALA J 124 -3.44 -10.29 26.26
CA ALA J 124 -3.13 -10.48 27.68
C ALA J 124 -4.29 -11.17 28.37
N ILE J 125 -3.97 -12.06 29.31
CA ILE J 125 -4.97 -12.64 30.18
C ILE J 125 -4.61 -12.17 31.58
N ASP J 126 -5.50 -11.40 32.19
CA ASP J 126 -5.28 -10.89 33.53
C ASP J 126 -5.93 -11.75 34.58
N VAL J 127 -5.12 -12.18 35.55
CA VAL J 127 -5.59 -13.00 36.65
C VAL J 127 -5.36 -12.26 37.97
N PHE J 128 -6.45 -11.82 38.60
CA PHE J 128 -6.35 -11.12 39.86
C PHE J 128 -6.82 -12.01 41.02
N THR J 129 -5.98 -12.09 42.04
CA THR J 129 -6.18 -12.97 43.17
C THR J 129 -6.15 -12.17 44.47
N GLU J 130 -7.14 -12.40 45.33
CA GLU J 130 -7.18 -11.74 46.61
C GLU J 130 -7.39 -12.75 47.74
N ILE J 131 -6.49 -12.72 48.71
CA ILE J 131 -6.70 -13.51 49.93
C ILE J 131 -7.57 -12.73 50.91
N LEU J 132 -8.73 -13.30 51.20
CA LEU J 132 -9.72 -12.66 52.04
C LEU J 132 -9.52 -13.05 53.49
N GLN J 133 -9.06 -14.28 53.72
CA GLN J 133 -8.60 -14.72 55.03
C GLN J 133 -7.44 -15.66 54.85
N ALA J 134 -6.41 -15.48 55.66
CA ALA J 134 -5.23 -16.34 55.59
C ALA J 134 -5.13 -17.21 56.82
N ASP J 135 -4.94 -18.49 56.59
CA ASP J 135 -4.69 -19.45 57.66
C ASP J 135 -3.74 -20.51 57.10
N ALA J 136 -2.66 -20.04 56.49
CA ALA J 136 -1.66 -20.88 55.78
C ALA J 136 -2.17 -21.54 54.50
N GLY J 137 -1.28 -21.70 53.53
CA GLY J 137 -1.64 -22.31 52.26
C GLY J 137 -2.23 -21.34 51.25
N SER J 138 -2.16 -20.05 51.57
CA SER J 138 -2.76 -19.00 50.75
C SER J 138 -2.31 -19.07 49.30
N ARG J 139 -1.02 -19.31 49.08
CA ARG J 139 -0.49 -19.31 47.72
C ARG J 139 -1.15 -20.39 46.86
N LEU J 140 -1.47 -21.52 47.49
CA LEU J 140 -2.09 -22.63 46.78
C LEU J 140 -3.58 -22.42 46.56
N VAL J 141 -4.28 -21.88 47.58
CA VAL J 141 -5.69 -21.53 47.47
C VAL J 141 -5.87 -20.47 46.36
N SER J 142 -4.98 -19.48 46.37
CA SER J 142 -4.96 -18.47 45.32
C SER J 142 -4.74 -19.12 43.95
N LEU J 143 -3.74 -19.99 43.85
CA LEU J 143 -3.44 -20.66 42.58
C LEU J 143 -4.64 -21.46 42.06
N MET J 144 -5.28 -22.22 42.96
CA MET J 144 -6.41 -23.04 42.55
C MET J 144 -7.61 -22.18 42.16
N ALA J 145 -7.86 -21.12 42.92
CA ALA J 145 -8.92 -20.20 42.59
C ALA J 145 -8.71 -19.65 41.18
N ALA J 146 -7.46 -19.27 40.90
CA ALA J 146 -7.04 -18.81 39.57
C ALA J 146 -7.34 -19.87 38.51
N SER J 147 -6.85 -21.09 38.74
CA SER J 147 -7.04 -22.18 37.80
C SER J 147 -8.50 -22.33 37.45
N LEU J 148 -9.36 -22.30 38.48
CA LEU J 148 -10.80 -22.47 38.30
C LEU J 148 -11.44 -21.28 37.64
N ALA J 149 -10.95 -20.08 37.93
CA ALA J 149 -11.49 -18.87 37.29
C ALA J 149 -11.18 -18.91 35.79
N LEU J 150 -9.99 -19.42 35.45
CA LEU J 150 -9.63 -19.57 34.05
C LEU J 150 -10.56 -20.57 33.36
N ALA J 151 -10.87 -21.67 34.05
CA ALA J 151 -11.80 -22.66 33.53
C ALA J 151 -13.18 -22.05 33.39
N ASP J 152 -13.57 -21.26 34.39
CA ASP J 152 -14.84 -20.56 34.38
C ASP J 152 -14.93 -19.59 33.20
N ALA J 153 -13.81 -18.98 32.83
CA ALA J 153 -13.72 -18.11 31.66
C ALA J 153 -13.73 -18.86 30.33
N GLY J 154 -13.59 -20.19 30.37
CA GLY J 154 -13.53 -20.99 29.16
C GLY J 154 -12.20 -20.87 28.44
N ILE J 155 -11.16 -20.53 29.18
CA ILE J 155 -9.83 -20.50 28.63
C ILE J 155 -9.19 -21.89 28.66
N PRO J 156 -8.80 -22.40 27.47
CA PRO J 156 -8.28 -23.76 27.31
C PRO J 156 -7.00 -23.98 28.09
N MET J 157 -6.94 -25.07 28.86
CA MET J 157 -5.76 -25.42 29.65
C MET J 157 -5.41 -26.89 29.50
N ARG J 158 -4.18 -27.27 29.85
CA ARG J 158 -3.78 -28.67 29.81
C ARG J 158 -4.57 -29.51 30.80
N ASP J 159 -4.85 -28.94 31.98
CA ASP J 159 -5.56 -29.61 33.05
C ASP J 159 -5.87 -28.55 34.11
N LEU J 160 -6.70 -28.89 35.09
CA LEU J 160 -6.87 -28.02 36.26
C LEU J 160 -5.65 -28.15 37.16
N ILE J 161 -5.48 -27.20 38.09
CA ILE J 161 -4.38 -27.29 39.06
C ILE J 161 -4.94 -27.48 40.46
N ALA J 162 -4.45 -28.52 41.13
CA ALA J 162 -4.78 -28.78 42.54
C ALA J 162 -3.51 -28.79 43.39
N GLY J 163 -3.58 -28.28 44.61
CA GLY J 163 -2.40 -28.17 45.46
C GLY J 163 -2.66 -28.28 46.94
N VAL J 164 -1.64 -28.75 47.66
CA VAL J 164 -1.63 -28.71 49.12
C VAL J 164 -0.23 -28.50 49.61
N ALA J 165 -0.14 -27.87 50.78
CA ALA J 165 1.12 -27.80 51.51
C ALA J 165 1.21 -29.02 52.39
N VAL J 166 2.31 -29.72 52.27
CA VAL J 166 2.58 -30.86 53.10
C VAL J 166 3.72 -30.41 54.01
N GLY J 167 3.94 -31.04 55.15
CA GLY J 167 4.96 -30.55 56.08
C GLY J 167 5.35 -31.49 57.20
N LYS J 168 6.17 -31.00 58.13
CA LYS J 168 6.64 -31.80 59.24
C LYS J 168 6.38 -31.05 60.53
N ALA J 169 5.64 -31.68 61.44
CA ALA J 169 5.22 -31.02 62.68
C ALA J 169 6.05 -31.36 63.89
N ASP J 170 5.88 -32.52 64.50
CA ASP J 170 6.75 -32.85 65.62
C ASP J 170 7.49 -34.11 65.28
N GLY J 171 8.20 -34.04 64.15
CA GLY J 171 8.83 -35.20 63.57
C GLY J 171 7.82 -35.94 62.72
N VAL J 172 6.56 -35.52 62.78
CA VAL J 172 5.49 -36.20 62.06
C VAL J 172 5.14 -35.49 60.76
N ILE J 173 5.11 -36.24 59.67
CA ILE J 173 4.71 -35.68 58.39
C ILE J 173 3.20 -35.52 58.35
N ILE J 174 2.77 -34.30 58.00
CA ILE J 174 1.36 -33.91 58.05
C ILE J 174 0.87 -33.24 56.76
N LEU J 175 -0.44 -33.26 56.54
CA LEU J 175 -1.02 -32.79 55.31
C LEU J 175 -1.86 -31.54 55.50
N ASP J 176 -1.60 -30.49 54.71
CA ASP J 176 -2.45 -29.28 54.68
C ASP J 176 -2.36 -28.49 55.98
N LEU J 177 -1.34 -27.63 56.10
CA LEU J 177 -0.99 -27.00 57.39
C LEU J 177 -1.87 -25.83 57.80
N ASN J 178 -2.10 -25.75 59.12
CA ASN J 178 -2.56 -24.56 59.86
C ASN J 178 -1.57 -23.43 59.76
N GLU J 179 -2.01 -22.26 60.18
CA GLU J 179 -1.07 -21.20 60.48
C GLU J 179 -0.15 -21.60 61.63
N THR J 180 -0.67 -22.24 62.64
CA THR J 180 0.09 -22.74 63.79
C THR J 180 1.19 -23.70 63.35
N GLU J 181 0.83 -24.62 62.46
CA GLU J 181 1.76 -25.61 61.96
C GLU J 181 2.81 -24.98 61.04
N ASP J 182 2.37 -24.01 60.24
CA ASP J 182 3.27 -23.24 59.40
C ASP J 182 4.31 -22.53 60.23
N MET J 183 3.83 -21.85 61.27
CA MET J 183 4.65 -21.02 62.13
C MET J 183 5.60 -21.78 63.06
N TRP J 184 5.26 -23.01 63.45
CA TRP J 184 6.06 -23.74 64.43
C TRP J 184 6.65 -25.06 63.93
N GLY J 185 6.19 -25.54 62.78
CA GLY J 185 6.66 -26.80 62.20
C GLY J 185 8.09 -26.73 61.72
N GLU J 186 8.68 -27.88 61.39
CA GLU J 186 10.04 -27.93 60.89
C GLU J 186 10.12 -27.67 59.40
N ALA J 187 9.02 -27.90 58.70
CA ALA J 187 9.00 -27.82 57.24
C ALA J 187 7.61 -27.48 56.70
N ASP J 188 7.60 -26.81 55.56
CA ASP J 188 6.38 -26.43 54.86
C ASP J 188 6.68 -26.55 53.37
N MET J 189 5.95 -27.44 52.70
CA MET J 189 6.24 -27.75 51.31
C MET J 189 4.97 -27.69 50.47
N PRO J 190 4.64 -26.49 49.96
CA PRO J 190 3.52 -26.37 49.03
C PRO J 190 3.82 -27.05 47.71
N ILE J 191 2.87 -27.86 47.24
CA ILE J 191 3.00 -28.60 45.99
C ILE J 191 1.69 -28.43 45.22
N ALA J 192 1.79 -28.09 43.93
CA ALA J 192 0.63 -28.05 43.05
C ALA J 192 0.85 -28.85 41.76
N MET J 193 -0.19 -29.53 41.27
CA MET J 193 -0.08 -30.32 40.05
C MET J 193 -1.26 -30.16 39.11
N MET J 194 -1.01 -30.59 37.87
CA MET J 194 -2.06 -30.95 36.94
C MET J 194 -2.19 -32.45 37.10
N PRO J 195 -3.11 -32.89 37.98
CA PRO J 195 -3.17 -34.26 38.47
C PRO J 195 -3.34 -35.34 37.39
N SER J 196 -4.11 -35.06 36.36
CA SER J 196 -4.34 -36.05 35.31
C SER J 196 -3.05 -36.34 34.57
N LEU J 197 -2.13 -35.37 34.58
CA LEU J 197 -0.88 -35.48 33.83
C LEU J 197 0.32 -35.86 34.69
N ASN J 198 0.09 -35.91 36.01
CA ASN J 198 1.18 -36.09 36.96
C ASN J 198 2.30 -35.07 36.77
N GLN J 199 1.92 -33.84 36.46
CA GLN J 199 2.87 -32.78 36.22
C GLN J 199 2.81 -31.76 37.34
N VAL J 200 3.95 -31.51 37.94
CA VAL J 200 4.06 -30.53 39.02
C VAL J 200 4.24 -29.15 38.44
N THR J 201 3.29 -28.32 38.83
CA THR J 201 3.14 -26.94 38.46
C THR J 201 3.87 -25.96 39.42
N LEU J 202 3.79 -26.25 40.73
CA LEU J 202 4.43 -25.44 41.76
C LEU J 202 5.07 -26.38 42.76
N PHE J 203 6.30 -26.07 43.17
CA PHE J 203 7.00 -26.89 44.14
C PHE J 203 7.99 -26.09 44.95
N GLN J 204 7.68 -25.92 46.23
CA GLN J 204 8.54 -25.17 47.15
C GLN J 204 8.67 -25.88 48.48
N LEU J 205 9.84 -25.75 49.10
CA LEU J 205 10.01 -26.16 50.49
C LEU J 205 10.74 -25.08 51.26
N ASN J 206 10.14 -24.66 52.36
CA ASN J 206 10.89 -23.92 53.38
C ASN J 206 10.92 -24.73 54.66
N GLY J 207 12.00 -24.58 55.43
CA GLY J 207 12.22 -25.40 56.57
C GLY J 207 13.26 -26.45 56.27
N SER J 208 13.06 -27.66 56.74
CA SER J 208 14.10 -28.66 56.75
C SER J 208 13.53 -30.08 56.73
N MET J 209 14.07 -30.94 55.86
CA MET J 209 13.66 -32.35 55.76
C MET J 209 14.77 -33.26 55.29
N THR J 210 14.74 -34.51 55.73
CA THR J 210 15.64 -35.52 55.17
C THR J 210 15.08 -35.93 53.82
N PRO J 211 15.94 -36.43 52.90
CA PRO J 211 15.42 -36.94 51.63
C PRO J 211 14.26 -37.95 51.78
N ASP J 212 14.36 -38.84 52.76
CA ASP J 212 13.29 -39.80 53.07
C ASP J 212 11.99 -39.10 53.46
N GLU J 213 12.08 -38.14 54.38
CA GLU J 213 10.94 -37.37 54.78
C GLU J 213 10.33 -36.63 53.59
N PHE J 214 11.20 -36.01 52.80
CA PHE J 214 10.81 -35.33 51.58
C PHE J 214 10.00 -36.24 50.68
N ARG J 215 10.48 -37.47 50.47
CA ARG J 215 9.77 -38.46 49.65
C ARG J 215 8.41 -38.90 50.27
N GLN J 216 8.38 -39.08 51.59
CA GLN J 216 7.12 -39.42 52.28
C GLN J 216 6.08 -38.31 52.13
N ALA J 217 6.50 -37.08 52.42
CA ALA J 217 5.63 -35.91 52.37
C ALA J 217 5.07 -35.73 50.96
N PHE J 218 5.95 -35.90 49.97
CA PHE J 218 5.58 -35.84 48.57
C PHE J 218 4.43 -36.82 48.25
N ASP J 219 4.57 -38.07 48.70
CA ASP J 219 3.53 -39.08 48.48
C ASP J 219 2.22 -38.67 49.11
N LEU J 220 2.28 -38.11 50.31
CA LEU J 220 1.09 -37.64 51.02
C LEU J 220 0.39 -36.49 50.27
N ALA J 221 1.18 -35.53 49.79
CA ALA J 221 0.64 -34.42 49.01
C ALA J 221 -0.16 -34.91 47.80
N VAL J 222 0.35 -35.94 47.12
CA VAL J 222 -0.33 -36.48 45.95
C VAL J 222 -1.72 -36.98 46.30
N LYS J 223 -1.83 -37.71 47.40
CA LYS J 223 -3.12 -38.24 47.84
C LYS J 223 -4.09 -37.10 48.16
N GLY J 224 -3.60 -36.09 48.85
CA GLY J 224 -4.39 -34.90 49.14
C GLY J 224 -4.83 -34.22 47.87
N ILE J 225 -3.87 -33.94 46.99
CA ILE J 225 -4.13 -33.32 45.70
C ILE J 225 -5.22 -34.03 44.89
N ASN J 226 -5.20 -35.35 44.89
CA ASN J 226 -6.19 -36.10 44.12
C ASN J 226 -7.61 -35.93 44.64
N ILE J 227 -7.76 -35.78 45.95
CA ILE J 227 -9.06 -35.55 46.53
C ILE J 227 -9.55 -34.17 46.13
N ILE J 228 -8.68 -33.17 46.27
CA ILE J 228 -9.01 -31.81 45.91
C ILE J 228 -9.42 -31.74 44.44
N TYR J 229 -8.70 -32.48 43.60
CA TYR J 229 -8.93 -32.47 42.17
C TYR J 229 -10.34 -32.93 41.79
N ASN J 230 -10.81 -33.99 42.44
CA ASN J 230 -12.16 -34.47 42.17
C ASN J 230 -13.22 -33.43 42.54
N LEU J 231 -12.88 -32.60 43.53
CA LEU J 231 -13.81 -31.58 43.98
C LEU J 231 -13.83 -30.44 42.99
N GLU J 232 -12.66 -30.15 42.41
CA GLU J 232 -12.53 -29.13 41.39
C GLU J 232 -13.33 -29.53 40.15
N ARG J 233 -13.20 -30.79 39.75
CA ARG J 233 -13.97 -31.30 38.63
C ARG J 233 -15.46 -31.15 38.87
N GLU J 234 -15.87 -31.41 40.10
CA GLU J 234 -17.27 -31.37 40.49
C GLU J 234 -17.75 -29.91 40.46
N ALA J 235 -16.92 -29.02 40.96
CA ALA J 235 -17.24 -27.60 41.03
C ALA J 235 -17.43 -27.03 39.64
N LEU J 236 -16.77 -27.64 38.67
CA LEU J 236 -16.83 -27.21 37.29
C LEU J 236 -18.23 -27.47 36.72
N LYS J 237 -18.81 -28.62 37.08
CA LYS J 237 -20.16 -28.97 36.64
C LYS J 237 -21.25 -28.23 37.42
N SER J 238 -21.19 -28.29 38.75
CA SER J 238 -22.30 -27.80 39.57
C SER J 238 -22.14 -26.35 40.05
N LYS J 239 -20.97 -25.77 39.80
CA LYS J 239 -20.64 -24.38 40.19
C LYS J 239 -20.46 -24.13 41.68
N TYR J 240 -20.82 -25.10 42.52
CA TYR J 240 -20.73 -24.96 43.98
C TYR J 240 -20.46 -26.32 44.63
N VAL J 241 -19.44 -26.36 45.48
CA VAL J 241 -19.01 -27.60 46.14
C VAL J 241 -18.57 -27.37 47.59
N GLU J 242 -19.13 -28.18 48.49
CA GLU J 242 -18.73 -28.22 49.89
C GLU J 242 -18.20 -29.60 50.26
N PHE J 243 -17.15 -29.64 51.07
CA PHE J 243 -16.53 -30.88 51.46
C PHE J 243 -16.05 -30.78 52.90
N LYS J 244 -16.63 -31.58 53.79
CA LYS J 244 -16.24 -31.61 55.20
C LYS J 244 -14.90 -32.34 55.34
N GLU J 245 -14.09 -31.93 56.32
CA GLU J 245 -12.79 -32.56 56.63
C GLU J 245 -12.83 -34.09 56.57
N GLU J 246 -11.79 -34.70 55.98
CA GLU J 246 -11.61 -36.15 56.12
C GLU J 246 -10.27 -36.74 55.64
N GLY J 247 -10.02 -37.96 56.10
CA GLY J 247 -8.81 -38.74 55.83
C GLY J 247 -8.56 -39.06 54.38
N VAL J 248 -7.29 -38.91 53.99
CA VAL J 248 -6.83 -39.17 52.63
C VAL J 248 -6.81 -40.67 52.31
N MET K 1 0.02 14.59 38.58
CA MET K 1 -0.75 14.94 37.34
C MET K 1 -1.99 14.07 37.06
N SER K 2 -3.16 14.70 36.92
CA SER K 2 -4.43 14.01 36.62
C SER K 2 -4.85 14.19 35.18
N SER K 3 -5.15 13.10 34.48
CA SER K 3 -5.48 13.16 33.05
C SER K 3 -6.69 12.33 32.63
N THR K 4 -7.36 12.81 31.58
CA THR K 4 -8.53 12.13 31.00
C THR K 4 -8.21 10.66 30.73
N PRO K 5 -8.95 9.74 31.39
CA PRO K 5 -8.71 8.30 31.22
C PRO K 5 -8.82 7.86 29.75
N SER K 6 -7.75 7.23 29.25
CA SER K 6 -7.67 6.77 27.85
C SER K 6 -8.29 5.40 27.64
N ASN K 7 -8.56 4.70 28.72
CA ASN K 7 -9.11 3.36 28.68
C ASN K 7 -10.65 3.32 28.55
N GLN K 8 -11.30 4.46 28.83
CA GLN K 8 -12.78 4.58 28.90
C GLN K 8 -13.55 3.83 27.79
N ASN K 9 -14.51 3.01 28.21
CA ASN K 9 -15.33 2.21 27.27
C ASN K 9 -16.43 3.03 26.52
N ILE K 10 -16.00 3.84 25.53
CA ILE K 10 -16.92 4.69 24.75
C ILE K 10 -18.17 3.93 24.27
N ILE K 11 -19.34 4.47 24.59
CA ILE K 11 -20.62 3.80 24.40
C ILE K 11 -21.44 4.47 23.28
N PRO K 12 -21.70 3.74 22.17
CA PRO K 12 -22.23 4.32 20.92
C PRO K 12 -23.51 5.11 21.12
N ILE K 13 -23.64 6.20 20.37
CA ILE K 13 -24.81 7.09 20.46
C ILE K 13 -26.11 6.28 20.38
N ILE K 14 -26.10 5.26 19.54
CA ILE K 14 -27.26 4.41 19.28
C ILE K 14 -27.72 3.70 20.56
N LYS K 15 -26.77 3.27 21.38
CA LYS K 15 -27.11 2.61 22.63
C LYS K 15 -27.59 3.59 23.68
N LYS K 16 -27.00 4.78 23.70
CA LYS K 16 -27.43 5.84 24.60
C LYS K 16 -28.88 6.20 24.37
N GLU K 17 -29.25 6.33 23.10
CA GLU K 17 -30.62 6.68 22.72
C GLU K 17 -31.64 5.66 23.18
N SER K 18 -31.28 4.38 23.11
CA SER K 18 -32.13 3.29 23.63
C SER K 18 -32.47 3.54 25.07
N ILE K 19 -31.44 3.82 25.86
CA ILE K 19 -31.61 4.00 27.27
C ILE K 19 -32.43 5.26 27.55
N VAL K 20 -32.11 6.33 26.84
CA VAL K 20 -32.83 7.59 27.01
C VAL K 20 -34.31 7.42 26.64
N SER K 21 -34.57 6.67 25.58
CA SER K 21 -35.95 6.38 25.16
C SER K 21 -36.76 5.70 26.27
N LEU K 22 -36.09 4.84 27.04
CA LEU K 22 -36.73 4.16 28.15
C LEU K 22 -36.98 5.16 29.28
N PHE K 23 -35.96 5.96 29.59
CA PHE K 23 -36.10 7.01 30.59
C PHE K 23 -37.29 7.89 30.32
N GLU K 24 -37.56 8.15 29.04
CA GLU K 24 -38.65 9.05 28.66
C GLU K 24 -40.03 8.47 29.01
N LYS K 25 -40.13 7.14 29.04
CA LYS K 25 -41.30 6.44 29.53
C LYS K 25 -41.19 6.13 31.03
N GLY K 26 -40.19 6.69 31.68
CA GLY K 26 -40.04 6.60 33.13
C GLY K 26 -39.58 5.24 33.65
N ILE K 27 -38.91 4.48 32.80
CA ILE K 27 -38.44 3.15 33.16
C ILE K 27 -36.99 2.99 32.74
N ARG K 28 -36.32 1.99 33.29
CA ARG K 28 -34.93 1.70 32.95
C ARG K 28 -34.74 0.29 32.38
N GLN K 29 -33.52 0.00 31.92
CA GLN K 29 -33.19 -1.29 31.31
C GLN K 29 -33.60 -2.46 32.18
N ASP K 30 -33.20 -2.41 33.45
CA ASP K 30 -33.46 -3.50 34.41
C ASP K 30 -34.87 -3.44 35.01
N GLY K 31 -35.65 -2.46 34.58
CA GLY K 31 -37.05 -2.40 34.94
C GLY K 31 -37.40 -1.49 36.08
N ARG K 32 -36.40 -0.91 36.73
CA ARG K 32 -36.70 -0.05 37.88
C ARG K 32 -37.09 1.37 37.50
N LYS K 33 -37.67 2.08 38.46
CA LYS K 33 -38.07 3.47 38.28
C LYS K 33 -36.83 4.34 38.34
N LEU K 34 -36.95 5.58 37.89
CA LEU K 34 -35.82 6.49 37.87
C LEU K 34 -35.27 6.79 39.27
N THR K 35 -36.11 6.61 40.28
CA THR K 35 -35.73 6.91 41.67
C THR K 35 -35.42 5.66 42.50
N ASP K 36 -35.44 4.48 41.88
CA ASP K 36 -35.25 3.22 42.59
C ASP K 36 -33.78 2.89 42.81
N TYR K 37 -33.48 2.28 43.95
CA TYR K 37 -32.19 1.63 44.18
C TYR K 37 -32.23 0.21 43.63
N ARG K 38 -31.05 -0.33 43.28
CA ARG K 38 -30.93 -1.75 42.92
C ARG K 38 -31.07 -2.65 44.16
N PRO K 39 -31.27 -3.97 43.97
CA PRO K 39 -31.37 -4.87 45.13
C PRO K 39 -30.10 -4.81 45.97
N LEU K 40 -30.26 -4.82 47.30
CA LEU K 40 -29.14 -4.73 48.21
C LEU K 40 -28.98 -5.96 49.11
N SER K 41 -27.77 -6.56 49.08
CA SER K 41 -27.39 -7.61 50.01
C SER K 41 -26.27 -7.13 50.89
N ILE K 42 -26.34 -7.46 52.16
CA ILE K 42 -25.22 -7.23 53.07
C ILE K 42 -24.98 -8.51 53.86
N THR K 43 -23.75 -9.01 53.82
CA THR K 43 -23.34 -10.15 54.62
C THR K 43 -22.29 -9.66 55.62
N LEU K 44 -22.65 -9.70 56.89
CA LEU K 44 -21.75 -9.26 57.94
C LEU K 44 -20.76 -10.35 58.30
N ASP K 45 -19.62 -9.96 58.86
CA ASP K 45 -18.61 -10.90 59.32
C ASP K 45 -18.17 -11.86 58.20
N TYR K 46 -18.02 -11.33 56.98
CA TYR K 46 -17.61 -12.13 55.84
C TYR K 46 -16.12 -12.47 55.89
N ALA K 47 -15.31 -11.50 56.28
CA ALA K 47 -13.87 -11.68 56.42
C ALA K 47 -13.58 -12.00 57.88
N LYS K 48 -13.39 -13.28 58.17
CA LYS K 48 -13.34 -13.76 59.57
C LYS K 48 -12.20 -13.15 60.39
N LYS K 49 -11.06 -12.89 59.77
CA LYS K 49 -9.94 -12.36 60.53
C LYS K 49 -9.94 -10.83 60.63
N ALA K 50 -10.97 -10.20 60.08
CA ALA K 50 -11.18 -8.78 60.29
C ALA K 50 -11.85 -8.61 61.64
N ASP K 51 -11.70 -7.43 62.25
CA ASP K 51 -12.38 -7.16 63.50
C ASP K 51 -13.88 -6.99 63.28
N GLY K 52 -14.22 -6.42 62.12
CA GLY K 52 -15.60 -6.33 61.66
C GLY K 52 -15.54 -6.27 60.16
N SER K 53 -16.54 -6.81 59.47
CA SER K 53 -16.52 -6.81 58.01
C SER K 53 -17.91 -6.88 57.41
N ALA K 54 -18.04 -6.46 56.16
CA ALA K 54 -19.29 -6.51 55.44
C ALA K 54 -19.07 -6.72 53.94
N LEU K 55 -19.79 -7.70 53.37
CA LEU K 55 -19.82 -7.89 51.92
C LEU K 55 -21.12 -7.32 51.39
N VAL K 56 -21.03 -6.28 50.57
CA VAL K 56 -22.21 -5.61 50.05
C VAL K 56 -22.39 -5.89 48.59
N LYS K 57 -23.57 -6.37 48.22
CA LYS K 57 -23.93 -6.46 46.80
C LYS K 57 -25.02 -5.45 46.52
N LEU K 58 -24.69 -4.45 45.70
CA LEU K 58 -25.66 -3.48 45.25
C LEU K 58 -25.73 -3.66 43.74
N GLY K 59 -26.80 -4.29 43.27
CA GLY K 59 -26.85 -4.72 41.88
C GLY K 59 -25.71 -5.69 41.62
N THR K 60 -24.87 -5.37 40.65
CA THR K 60 -23.71 -6.19 40.34
C THR K 60 -22.42 -5.61 40.92
N THR K 61 -22.54 -4.50 41.65
CA THR K 61 -21.39 -3.94 42.33
C THR K 61 -21.14 -4.69 43.66
N MET K 62 -19.92 -5.19 43.85
CA MET K 62 -19.58 -5.86 45.09
C MET K 62 -18.39 -5.22 45.79
N VAL K 63 -18.60 -4.97 47.08
CA VAL K 63 -17.60 -4.34 47.87
C VAL K 63 -17.46 -5.14 49.16
N LEU K 64 -16.23 -5.41 49.54
CA LEU K 64 -15.92 -6.00 50.83
C LEU K 64 -15.11 -5.01 51.67
N ALA K 65 -15.69 -4.58 52.78
CA ALA K 65 -15.00 -3.70 53.72
C ALA K 65 -14.64 -4.47 54.99
N GLY K 66 -13.48 -4.19 55.55
CA GLY K 66 -13.05 -4.84 56.78
C GLY K 66 -12.28 -3.89 57.67
N THR K 67 -12.46 -4.03 58.97
CA THR K 67 -11.77 -3.17 59.92
C THR K 67 -10.70 -3.93 60.67
N LYS K 68 -9.74 -3.18 61.18
CA LYS K 68 -8.65 -3.73 61.95
C LYS K 68 -8.24 -2.67 62.95
N LEU K 69 -8.26 -3.02 64.24
CA LEU K 69 -7.97 -2.06 65.30
C LEU K 69 -6.57 -2.23 65.88
N GLU K 70 -5.89 -1.11 66.10
CA GLU K 70 -4.55 -1.12 66.66
C GLU K 70 -4.38 -0.02 67.70
N ILE K 71 -3.46 -0.25 68.63
CA ILE K 71 -3.17 0.73 69.66
C ILE K 71 -1.97 1.56 69.23
N ASP K 72 -2.15 2.87 69.22
CA ASP K 72 -1.12 3.80 68.81
C ASP K 72 -1.04 4.95 69.78
N LYS K 73 0.11 5.62 69.82
CA LYS K 73 0.20 6.91 70.50
C LYS K 73 -0.63 7.87 69.65
N PRO K 74 -1.35 8.80 70.30
CA PRO K 74 -2.16 9.72 69.48
C PRO K 74 -1.25 10.70 68.73
N TYR K 75 -1.71 11.18 67.59
CA TYR K 75 -0.93 12.10 66.76
C TYR K 75 -0.78 13.48 67.42
N GLU K 76 0.42 14.04 67.32
CA GLU K 76 0.72 15.36 67.90
C GLU K 76 -0.33 16.41 67.48
N ASP K 77 -0.75 16.33 66.23
CA ASP K 77 -1.71 17.26 65.62
C ASP K 77 -3.21 16.96 65.88
N THR K 78 -3.50 15.89 66.64
CA THR K 78 -4.88 15.52 67.04
C THR K 78 -4.85 14.74 68.37
N PRO K 79 -4.34 15.38 69.45
CA PRO K 79 -3.85 14.72 70.66
C PRO K 79 -4.85 13.89 71.48
N ASN K 80 -6.14 14.18 71.37
CA ASN K 80 -7.13 13.58 72.27
C ASN K 80 -8.25 12.87 71.54
N GLN K 81 -7.83 12.01 70.62
CA GLN K 81 -8.66 11.49 69.59
C GLN K 81 -8.06 10.16 69.18
N GLY K 82 -8.90 9.16 68.96
CA GLY K 82 -8.45 7.98 68.24
C GLY K 82 -8.34 8.30 66.76
N ASN K 83 -8.02 7.29 65.96
CA ASN K 83 -7.83 7.52 64.53
C ASN K 83 -8.74 6.70 63.63
N LEU K 84 -9.15 7.29 62.52
CA LEU K 84 -9.83 6.57 61.45
C LEU K 84 -9.02 6.71 60.19
N ILE K 85 -8.68 5.59 59.58
CA ILE K 85 -7.91 5.61 58.33
C ILE K 85 -8.63 4.79 57.29
N VAL K 86 -9.13 5.46 56.25
CA VAL K 86 -9.94 4.80 55.22
C VAL K 86 -9.11 4.58 53.96
N ASN K 87 -9.18 3.35 53.46
CA ASN K 87 -8.49 2.98 52.25
C ASN K 87 -9.39 2.20 51.31
N VAL K 88 -9.36 2.57 50.04
CA VAL K 88 -10.19 1.94 49.02
C VAL K 88 -9.29 1.39 47.92
N GLU K 89 -9.58 0.16 47.49
CA GLU K 89 -8.89 -0.45 46.35
C GLU K 89 -9.85 -0.93 45.30
N LEU K 90 -9.62 -0.50 44.06
CA LEU K 90 -10.39 -0.97 42.93
C LEU K 90 -9.57 -2.05 42.26
N LEU K 91 -10.10 -3.26 42.17
CA LEU K 91 -9.29 -4.39 41.68
C LEU K 91 -9.44 -4.76 40.20
N PRO K 92 -10.68 -4.71 39.65
CA PRO K 92 -10.95 -5.20 38.28
C PRO K 92 -10.07 -4.61 37.14
N ASP K 104 -4.42 4.78 43.21
CA ASP K 104 -5.10 5.03 41.93
C ASP K 104 -5.37 6.52 41.66
N GLU K 105 -6.49 7.05 42.21
CA GLU K 105 -6.98 8.45 41.98
C GLU K 105 -8.47 8.47 42.23
N ASN K 106 -9.18 7.57 41.57
CA ASN K 106 -10.59 7.34 41.86
C ASN K 106 -10.71 6.63 43.21
N ALA K 107 -9.73 5.76 43.48
CA ALA K 107 -9.67 5.05 44.74
C ALA K 107 -9.42 6.04 45.87
N ILE K 108 -8.51 6.98 45.64
CA ILE K 108 -8.26 8.03 46.62
C ILE K 108 -9.50 8.91 46.85
N GLU K 109 -10.12 9.39 45.78
CA GLU K 109 -11.35 10.16 45.92
C GLU K 109 -12.39 9.39 46.74
N LEU K 110 -12.65 8.14 46.37
CA LEU K 110 -13.64 7.33 47.09
C LEU K 110 -13.32 7.27 48.59
N ALA K 111 -12.07 6.95 48.92
CA ALA K 111 -11.64 6.85 50.30
C ALA K 111 -11.93 8.17 51.03
N ARG K 112 -11.48 9.29 50.46
CA ARG K 112 -11.65 10.60 51.10
C ARG K 112 -13.12 10.97 51.22
N VAL K 113 -13.92 10.71 50.19
CA VAL K 113 -15.35 11.06 50.26
C VAL K 113 -16.06 10.27 51.38
N VAL K 114 -15.79 8.96 51.42
CA VAL K 114 -16.31 8.10 52.48
C VAL K 114 -15.81 8.60 53.84
N ASP K 115 -14.50 8.79 53.96
CA ASP K 115 -13.91 9.26 55.20
C ASP K 115 -14.65 10.50 55.71
N ARG K 116 -14.68 11.53 54.85
CA ARG K 116 -15.31 12.80 55.18
C ARG K 116 -16.72 12.62 55.71
N SER K 117 -17.48 11.73 55.11
CA SER K 117 -18.88 11.58 55.50
C SER K 117 -19.04 10.77 56.80
N LEU K 118 -18.06 9.94 57.11
CA LEU K 118 -18.04 9.29 58.42
C LEU K 118 -17.52 10.22 59.54
N ARG K 119 -16.51 11.04 59.22
CA ARG K 119 -15.84 11.90 60.19
C ARG K 119 -16.63 13.18 60.51
N ASP K 120 -17.05 13.90 59.47
CA ASP K 120 -17.78 15.17 59.64
C ASP K 120 -19.14 14.97 60.29
N SER K 121 -19.79 13.83 60.02
CA SER K 121 -21.09 13.51 60.59
C SER K 121 -20.95 13.10 62.05
N LYS K 122 -19.71 12.82 62.45
CA LYS K 122 -19.40 12.18 63.75
C LYS K 122 -20.18 10.86 63.99
N ALA K 123 -20.41 10.15 62.89
CA ALA K 123 -21.01 8.82 62.95
C ALA K 123 -20.16 7.92 63.84
N LEU K 124 -18.85 8.02 63.70
CA LEU K 124 -17.90 7.39 64.61
C LEU K 124 -17.30 8.46 65.48
N ASP K 125 -17.45 8.31 66.80
CA ASP K 125 -16.95 9.30 67.74
C ASP K 125 -15.51 8.96 68.10
N LEU K 126 -14.57 9.67 67.49
CA LEU K 126 -13.15 9.40 67.69
C LEU K 126 -12.65 9.77 69.08
N THR K 127 -13.35 10.66 69.78
CA THR K 127 -12.92 11.06 71.10
C THR K 127 -13.18 9.94 72.11
N LYS K 128 -14.06 9.00 71.75
CA LYS K 128 -14.35 7.86 72.60
C LYS K 128 -13.47 6.64 72.29
N LEU K 129 -12.42 6.87 71.49
CA LEU K 129 -11.48 5.81 71.12
C LEU K 129 -10.18 5.95 71.89
N VAL K 130 -10.20 6.81 72.90
CA VAL K 130 -9.03 7.02 73.74
C VAL K 130 -8.95 5.94 74.83
N ILE K 131 -7.76 5.40 75.02
CA ILE K 131 -7.51 4.43 76.08
C ILE K 131 -6.84 5.15 77.24
N GLU K 132 -5.59 5.59 77.02
CA GLU K 132 -4.83 6.42 77.95
C GLU K 132 -4.47 7.74 77.25
N PRO K 133 -5.07 8.88 77.68
CA PRO K 133 -4.95 10.15 76.93
C PRO K 133 -3.50 10.57 76.76
N GLY K 134 -3.18 11.11 75.58
CA GLY K 134 -1.81 11.44 75.24
C GLY K 134 -0.87 10.24 75.14
N LYS K 135 -1.23 9.12 75.78
CA LYS K 135 -0.39 7.92 75.71
C LYS K 135 -0.85 6.89 74.66
N SER K 136 -2.12 6.49 74.68
CA SER K 136 -2.57 5.41 73.79
C SER K 136 -4.03 5.50 73.39
N VAL K 137 -4.27 5.41 72.08
CA VAL K 137 -5.61 5.44 71.48
C VAL K 137 -5.81 4.34 70.41
N TRP K 138 -7.06 4.06 70.06
CA TRP K 138 -7.35 3.10 69.01
C TRP K 138 -7.21 3.74 67.62
N THR K 139 -6.54 3.04 66.71
CA THR K 139 -6.60 3.40 65.31
C THR K 139 -7.52 2.41 64.61
N VAL K 140 -8.54 2.92 63.94
CA VAL K 140 -9.46 2.09 63.18
C VAL K 140 -9.06 2.11 61.69
N TRP K 141 -8.46 1.02 61.25
CA TRP K 141 -8.10 0.87 59.86
C TRP K 141 -9.31 0.31 59.12
N LEU K 142 -9.85 1.10 58.21
CA LEU K 142 -10.98 0.67 57.41
C LEU K 142 -10.51 0.45 55.97
N ASP K 143 -10.50 -0.81 55.54
CA ASP K 143 -10.03 -1.18 54.20
C ASP K 143 -11.18 -1.69 53.36
N VAL K 144 -11.42 -0.99 52.25
CA VAL K 144 -12.58 -1.21 51.41
C VAL K 144 -12.12 -1.74 50.05
N TYR K 145 -12.53 -2.95 49.72
CA TYR K 145 -12.14 -3.59 48.47
C TYR K 145 -13.31 -3.73 47.50
N VAL K 146 -13.26 -2.99 46.39
CA VAL K 146 -14.27 -3.14 45.34
C VAL K 146 -13.90 -4.33 44.49
N LEU K 147 -14.71 -5.38 44.59
CA LEU K 147 -14.40 -6.65 43.93
C LEU K 147 -15.05 -6.81 42.56
N ASP K 148 -16.21 -6.15 42.39
CA ASP K 148 -16.96 -6.21 41.15
C ASP K 148 -17.48 -4.83 40.84
N TYR K 149 -17.06 -4.27 39.70
CA TYR K 149 -17.44 -2.90 39.32
C TYR K 149 -18.72 -2.90 38.51
N GLY K 150 -19.85 -2.67 39.15
CA GLY K 150 -21.12 -2.64 38.42
C GLY K 150 -21.82 -1.28 38.46
N GLY K 151 -21.07 -0.22 38.73
CA GLY K 151 -21.63 1.12 38.70
C GLY K 151 -22.04 1.58 40.09
N ASN K 152 -21.93 2.89 40.31
CA ASN K 152 -22.23 3.49 41.61
C ASN K 152 -21.45 2.86 42.77
N VAL K 153 -20.15 2.72 42.56
CA VAL K 153 -19.22 2.20 43.55
C VAL K 153 -19.25 2.97 44.87
N LEU K 154 -19.36 4.30 44.80
CA LEU K 154 -19.35 5.12 46.01
C LEU K 154 -20.42 4.75 47.03
N ASP K 155 -21.68 4.67 46.60
CA ASP K 155 -22.77 4.35 47.50
C ASP K 155 -22.56 2.99 48.14
N ALA K 156 -22.05 2.03 47.35
CA ALA K 156 -21.74 0.71 47.86
C ALA K 156 -20.60 0.75 48.89
N CYS K 157 -19.59 1.57 48.62
CA CYS K 157 -18.50 1.74 49.56
C CYS K 157 -18.96 2.31 50.91
N THR K 158 -19.85 3.29 50.88
CA THR K 158 -20.36 3.87 52.10
C THR K 158 -21.16 2.82 52.88
N LEU K 159 -21.98 2.06 52.17
CA LEU K 159 -22.75 1.00 52.79
C LEU K 159 -21.85 -0.07 53.42
N ALA K 160 -20.86 -0.54 52.67
CA ALA K 160 -19.90 -1.51 53.18
C ALA K 160 -19.14 -0.96 54.39
N SER K 161 -18.66 0.28 54.29
CA SER K 161 -17.93 0.93 55.37
C SER K 161 -18.74 0.98 56.65
N VAL K 162 -19.95 1.56 56.56
CA VAL K 162 -20.80 1.70 57.72
C VAL K 162 -21.10 0.32 58.32
N ALA K 163 -21.42 -0.64 57.46
CA ALA K 163 -21.73 -2.00 57.91
C ALA K 163 -20.55 -2.65 58.62
N ALA K 164 -19.35 -2.51 58.05
CA ALA K 164 -18.14 -3.06 58.66
C ALA K 164 -17.86 -2.46 60.04
N LEU K 165 -18.09 -1.16 60.17
CA LEU K 165 -17.86 -0.46 61.42
C LEU K 165 -18.81 -0.98 62.50
N TYR K 166 -20.08 -1.12 62.13
CA TYR K 166 -21.07 -1.65 63.04
C TYR K 166 -20.78 -3.08 63.42
N ASN K 167 -20.14 -3.82 62.53
CA ASN K 167 -19.85 -5.22 62.76
C ASN K 167 -18.61 -5.40 63.63
N THR K 168 -17.89 -4.30 63.87
CA THR K 168 -16.60 -4.36 64.55
C THR K 168 -16.68 -4.71 66.05
N LYS K 169 -15.88 -5.71 66.44
CA LYS K 169 -15.72 -6.12 67.82
C LYS K 169 -14.48 -5.44 68.41
N VAL K 170 -14.62 -4.84 69.58
CA VAL K 170 -13.48 -4.25 70.28
C VAL K 170 -13.04 -5.23 71.35
N TYR K 171 -11.72 -5.38 71.51
CA TYR K 171 -11.14 -6.39 72.41
C TYR K 171 -10.66 -5.82 73.76
N LYS K 172 -10.38 -6.73 74.71
CA LYS K 172 -9.89 -6.35 76.03
C LYS K 172 -8.51 -5.74 75.97
N VAL K 173 -8.28 -4.74 76.82
CA VAL K 173 -6.99 -4.06 76.90
C VAL K 173 -6.29 -4.42 78.21
N GLU K 174 -5.19 -5.17 78.10
CA GLU K 174 -4.39 -5.56 79.24
C GLU K 174 -3.29 -4.51 79.50
N GLN K 175 -3.36 -3.89 80.68
CA GLN K 175 -2.39 -2.85 81.09
C GLN K 175 -1.59 -3.28 82.32
N ILE K 180 -1.21 -1.49 76.86
CA ILE K 180 0.04 -2.22 76.66
C ILE K 180 -0.17 -3.46 75.76
N SER K 181 -1.17 -4.29 76.07
CA SER K 181 -1.44 -5.50 75.30
C SER K 181 -2.93 -5.65 74.95
N VAL K 182 -3.22 -6.19 73.75
CA VAL K 182 -4.58 -6.50 73.33
C VAL K 182 -4.85 -8.00 73.49
N ASN K 183 -5.92 -8.35 74.22
CA ASN K 183 -6.30 -9.74 74.37
C ASN K 183 -7.43 -10.13 73.40
N LYS K 184 -7.06 -10.72 72.28
CA LYS K 184 -7.98 -10.88 71.15
C LYS K 184 -9.03 -12.00 71.25
N ASN K 185 -9.12 -12.66 72.40
CA ASN K 185 -10.18 -13.66 72.58
C ASN K 185 -11.14 -13.31 73.72
N GLU K 186 -11.06 -12.05 74.17
CA GLU K 186 -12.10 -11.48 75.02
C GLU K 186 -12.68 -10.24 74.33
N VAL K 187 -13.87 -10.40 73.74
CA VAL K 187 -14.60 -9.28 73.14
C VAL K 187 -15.22 -8.44 74.24
N VAL K 188 -14.85 -7.16 74.27
CA VAL K 188 -15.27 -6.24 75.31
C VAL K 188 -16.48 -5.36 74.94
N GLY K 189 -16.58 -4.97 73.67
CA GLY K 189 -17.69 -4.12 73.21
C GLY K 189 -17.69 -3.84 71.73
N LYS K 190 -18.31 -2.72 71.38
CA LYS K 190 -18.47 -2.33 69.99
C LYS K 190 -17.86 -0.95 69.77
N LEU K 191 -17.77 -0.52 68.53
CA LEU K 191 -17.29 0.83 68.22
C LEU K 191 -18.26 1.91 68.71
N PRO K 192 -17.73 3.06 69.15
CA PRO K 192 -18.60 4.17 69.57
C PRO K 192 -19.25 4.82 68.34
N LEU K 193 -20.34 4.22 67.89
CA LEU K 193 -21.05 4.70 66.70
C LEU K 193 -22.33 5.42 67.09
N ASN K 194 -22.50 6.62 66.58
CA ASN K 194 -23.69 7.42 66.88
C ASN K 194 -24.88 7.04 66.02
N TYR K 195 -24.63 6.79 64.75
CA TYR K 195 -25.68 6.43 63.79
C TYR K 195 -25.04 5.95 62.50
N PRO K 196 -25.82 5.22 61.68
CA PRO K 196 -25.34 4.95 60.33
C PRO K 196 -25.39 6.22 59.48
N VAL K 197 -24.82 6.14 58.30
CA VAL K 197 -24.81 7.23 57.35
C VAL K 197 -25.03 6.59 55.97
N VAL K 198 -25.73 7.28 55.06
CA VAL K 198 -25.82 6.78 53.67
C VAL K 198 -25.39 7.83 52.68
N THR K 199 -24.80 7.38 51.58
CA THR K 199 -24.50 8.27 50.46
C THR K 199 -25.41 7.87 49.30
N ILE K 200 -26.12 8.84 48.75
CA ILE K 200 -27.01 8.59 47.61
C ILE K 200 -26.52 9.34 46.38
N SER K 201 -26.26 8.60 45.31
CA SER K 201 -25.74 9.19 44.07
C SER K 201 -26.84 9.34 43.02
N VAL K 202 -27.01 10.57 42.52
CA VAL K 202 -27.99 10.85 41.49
C VAL K 202 -27.28 11.22 40.21
N ALA K 203 -27.55 10.49 39.14
CA ALA K 203 -26.90 10.72 37.86
C ALA K 203 -27.76 11.54 36.93
N LYS K 204 -27.13 12.50 36.24
CA LYS K 204 -27.81 13.28 35.21
C LYS K 204 -27.50 12.68 33.86
N VAL K 205 -28.53 12.11 33.22
CA VAL K 205 -28.40 11.56 31.89
C VAL K 205 -29.39 12.31 31.03
N ASP K 206 -28.88 12.97 29.99
CA ASP K 206 -29.71 13.80 29.12
C ASP K 206 -30.46 14.78 30.01
N LYS K 207 -31.78 14.79 29.94
CA LYS K 207 -32.58 15.68 30.78
C LYS K 207 -33.22 14.96 31.97
N TYR K 208 -32.69 13.79 32.31
CA TYR K 208 -33.25 12.96 33.37
C TYR K 208 -32.30 12.83 34.56
N LEU K 209 -32.89 12.66 35.74
CA LEU K 209 -32.15 12.32 36.94
C LEU K 209 -32.49 10.90 37.36
N VAL K 210 -31.46 10.14 37.68
CA VAL K 210 -31.56 8.73 37.93
C VAL K 210 -30.78 8.35 39.19
N VAL K 211 -31.43 7.63 40.09
CA VAL K 211 -30.85 7.23 41.37
C VAL K 211 -30.08 5.92 41.21
N ASP K 212 -28.92 5.83 41.82
CA ASP K 212 -28.10 4.62 41.80
C ASP K 212 -27.84 4.14 40.36
N PRO K 213 -26.99 4.87 39.61
CA PRO K 213 -26.73 4.51 38.23
C PRO K 213 -25.95 3.22 38.09
N ASP K 214 -26.39 2.33 37.20
CA ASP K 214 -25.64 1.11 36.91
C ASP K 214 -24.50 1.39 35.91
N LEU K 215 -23.82 0.33 35.49
CA LEU K 215 -22.64 0.45 34.65
C LEU K 215 -22.90 1.20 33.34
N ASP K 216 -23.92 0.77 32.61
CA ASP K 216 -24.31 1.42 31.37
C ASP K 216 -24.70 2.88 31.63
N GLU K 217 -25.47 3.09 32.70
CA GLU K 217 -25.94 4.43 33.00
C GLU K 217 -24.80 5.38 33.31
N GLU K 218 -23.80 4.90 34.05
CA GLU K 218 -22.66 5.73 34.38
C GLU K 218 -21.84 6.08 33.15
N SER K 219 -21.83 5.19 32.16
CA SER K 219 -21.03 5.46 30.99
C SER K 219 -21.67 6.50 30.05
N ILE K 220 -22.97 6.74 30.20
CA ILE K 220 -23.66 7.69 29.31
C ILE K 220 -24.02 9.00 29.99
N MET K 221 -23.84 9.06 31.31
CA MET K 221 -24.26 10.20 32.12
C MET K 221 -23.38 11.42 31.87
N ASP K 222 -23.97 12.61 31.97
CA ASP K 222 -23.19 13.85 31.93
C ASP K 222 -22.32 13.96 33.16
N ALA K 223 -22.93 13.74 34.32
CA ALA K 223 -22.28 13.85 35.62
C ALA K 223 -23.18 13.25 36.69
N LYS K 224 -22.62 12.98 37.87
CA LYS K 224 -23.43 12.56 39.00
C LYS K 224 -23.09 13.39 40.24
N ILE K 225 -24.01 13.42 41.19
CA ILE K 225 -23.80 14.16 42.41
C ILE K 225 -24.24 13.29 43.59
N SER K 226 -23.39 13.21 44.60
CA SER K 226 -23.60 12.29 45.71
C SER K 226 -23.83 13.06 46.98
N PHE K 227 -24.95 12.78 47.64
CA PHE K 227 -25.34 13.43 48.88
C PHE K 227 -25.25 12.46 50.02
N SER K 228 -24.66 12.90 51.13
CA SER K 228 -24.54 12.04 52.29
C SER K 228 -25.45 12.53 53.39
N TYR K 229 -26.18 11.59 53.98
CA TYR K 229 -27.17 11.91 55.01
C TYR K 229 -27.01 11.12 56.30
N THR K 230 -27.26 11.79 57.41
CA THR K 230 -27.43 11.10 58.69
C THR K 230 -28.93 10.80 58.80
N PRO K 231 -29.33 9.95 59.76
CA PRO K 231 -30.75 9.58 59.85
C PRO K 231 -31.72 10.76 60.08
N ASP K 232 -31.24 11.84 60.67
CA ASP K 232 -32.09 13.03 60.84
C ASP K 232 -32.17 13.82 59.54
N LEU K 233 -31.58 13.27 58.49
CA LEU K 233 -31.63 13.86 57.15
C LEU K 233 -30.91 15.19 57.02
N LYS K 234 -29.85 15.35 57.81
CA LYS K 234 -28.93 16.44 57.63
C LYS K 234 -27.95 16.02 56.52
N ILE K 235 -27.64 17.05 55.60
CA ILE K 235 -26.62 16.86 54.58
C ILE K 235 -25.23 16.96 55.21
N VAL K 236 -24.41 15.95 54.92
CA VAL K 236 -23.21 15.67 55.70
C VAL K 236 -22.01 15.44 54.77
N GLY K 237 -22.27 15.54 53.47
CA GLY K 237 -21.26 15.55 52.42
C GLY K 237 -21.90 15.67 51.06
N ILE K 238 -21.27 16.40 50.16
CA ILE K 238 -21.71 16.44 48.77
C ILE K 238 -20.51 16.37 47.84
N GLN K 239 -20.62 15.54 46.79
CA GLN K 239 -19.56 15.43 45.78
C GLN K 239 -20.14 15.27 44.38
N LYS K 240 -19.94 16.29 43.55
CA LYS K 240 -20.21 16.16 42.13
C LYS K 240 -19.08 15.40 41.46
N SER K 241 -19.43 14.68 40.40
CA SER K 241 -18.49 13.77 39.75
C SER K 241 -18.82 13.63 38.29
N GLY K 242 -17.79 13.50 37.45
CA GLY K 242 -17.99 13.22 36.03
C GLY K 242 -17.53 14.36 35.17
N LYS K 243 -17.31 14.06 33.89
CA LYS K 243 -16.72 15.03 32.97
C LYS K 243 -17.68 16.14 32.54
N GLY K 244 -18.96 15.97 32.82
CA GLY K 244 -19.96 16.94 32.37
C GLY K 244 -20.46 17.87 33.46
N SER K 245 -21.39 18.74 33.10
CA SER K 245 -21.95 19.66 34.08
C SER K 245 -23.43 19.39 34.36
N MET K 246 -23.99 20.21 35.25
CA MET K 246 -25.30 19.97 35.80
C MET K 246 -25.85 21.35 36.17
N SER K 247 -27.13 21.60 35.91
CA SER K 247 -27.68 22.93 36.14
C SER K 247 -28.05 23.12 37.61
N LEU K 248 -28.29 24.37 37.98
CA LEU K 248 -28.75 24.74 39.31
C LEU K 248 -29.98 23.92 39.71
N GLN K 249 -30.99 23.92 38.83
CA GLN K 249 -32.21 23.17 39.06
C GLN K 249 -31.97 21.67 39.14
N ASP K 250 -31.03 21.17 38.33
CA ASP K 250 -30.69 19.77 38.38
C ASP K 250 -30.26 19.37 39.79
N ILE K 251 -29.39 20.19 40.39
CA ILE K 251 -28.82 19.90 41.70
C ILE K 251 -29.89 20.03 42.78
N ASP K 252 -30.71 21.07 42.66
CA ASP K 252 -31.85 21.26 43.54
C ASP K 252 -32.73 20.00 43.56
N GLN K 253 -33.18 19.57 42.38
CA GLN K 253 -33.98 18.34 42.27
C GLN K 253 -33.25 17.10 42.73
N ALA K 254 -31.97 17.01 42.39
CA ALA K 254 -31.17 15.85 42.74
C ALA K 254 -31.19 15.64 44.25
N GLU K 255 -31.03 16.71 45.03
CA GLU K 255 -31.01 16.52 46.48
C GLU K 255 -32.39 16.14 47.05
N ASN K 256 -33.46 16.72 46.50
CA ASN K 256 -34.81 16.31 46.89
C ASN K 256 -34.97 14.82 46.70
N THR K 257 -34.63 14.37 45.50
CA THR K 257 -34.72 12.96 45.16
C THR K 257 -33.83 12.14 46.08
N ALA K 258 -32.58 12.58 46.22
CA ALA K 258 -31.60 11.89 47.04
C ALA K 258 -32.12 11.71 48.47
N ARG K 259 -32.65 12.78 49.04
CA ARG K 259 -33.09 12.76 50.43
C ARG K 259 -34.25 11.82 50.65
N SER K 260 -35.22 11.82 49.74
CA SER K 260 -36.37 10.95 49.92
C SER K 260 -35.98 9.48 49.69
N THR K 261 -34.95 9.26 48.89
CA THR K 261 -34.37 7.93 48.76
C THR K 261 -33.63 7.51 50.04
N ALA K 262 -32.93 8.46 50.65
CA ALA K 262 -32.14 8.20 51.85
C ALA K 262 -32.94 7.49 52.93
N VAL K 263 -34.20 7.90 53.10
CA VAL K 263 -35.04 7.32 54.15
C VAL K 263 -35.22 5.82 53.95
N LYS K 264 -35.54 5.43 52.72
CA LYS K 264 -35.71 4.02 52.37
C LYS K 264 -34.42 3.25 52.55
N LEU K 265 -33.32 3.81 52.07
CA LEU K 265 -32.03 3.14 52.13
C LEU K 265 -31.56 2.97 53.58
N LEU K 266 -31.75 3.99 54.40
CA LEU K 266 -31.43 3.87 55.82
C LEU K 266 -32.18 2.72 56.47
N GLU K 267 -33.47 2.59 56.15
CA GLU K 267 -34.29 1.55 56.78
C GLU K 267 -33.78 0.20 56.38
N GLU K 268 -33.40 0.09 55.13
CA GLU K 268 -32.91 -1.16 54.62
C GLU K 268 -31.56 -1.50 55.25
N LEU K 269 -30.68 -0.50 55.33
CA LEU K 269 -29.38 -0.67 55.97
C LEU K 269 -29.51 -1.17 57.41
N LYS K 270 -30.40 -0.53 58.16
CA LYS K 270 -30.63 -0.88 59.54
C LYS K 270 -31.11 -2.32 59.69
N LYS K 271 -32.00 -2.77 58.80
CA LYS K 271 -32.46 -4.16 58.82
C LYS K 271 -31.29 -5.13 58.72
N HIS K 272 -30.38 -4.87 57.81
CA HIS K 272 -29.20 -5.71 57.65
C HIS K 272 -28.31 -5.69 58.89
N LEU K 273 -28.22 -4.55 59.54
CA LEU K 273 -27.34 -4.38 60.70
C LEU K 273 -27.96 -4.85 62.02
N GLY K 274 -29.24 -5.20 62.01
CA GLY K 274 -29.99 -5.43 63.26
C GLY K 274 -30.21 -4.11 63.98
N ILE K 275 -30.56 -3.08 63.20
CA ILE K 275 -30.55 -1.66 63.57
C ILE K 275 -29.20 -1.17 64.10
N ARG L 2 -15.97 23.28 86.58
CA ARG L 2 -17.44 22.98 86.51
C ARG L 2 -18.15 23.85 85.44
N GLU L 3 -18.71 24.98 85.91
CA GLU L 3 -19.47 25.94 85.10
C GLU L 3 -18.58 27.02 84.49
N MET L 4 -17.32 27.05 84.91
CA MET L 4 -16.34 28.03 84.42
C MET L 4 -15.84 27.69 83.03
N LEU L 5 -16.05 26.44 82.62
CA LEU L 5 -15.54 25.98 81.35
C LEU L 5 -16.23 26.70 80.20
N GLN L 6 -15.44 27.05 79.19
CA GLN L 6 -15.91 27.79 78.04
C GLN L 6 -15.49 27.09 76.78
N VAL L 7 -16.41 27.04 75.81
CA VAL L 7 -16.16 26.47 74.49
C VAL L 7 -14.83 26.94 73.87
N GLU L 8 -13.98 25.99 73.50
CA GLU L 8 -12.63 26.31 73.01
C GLU L 8 -12.66 27.03 71.64
N ARG L 9 -13.67 26.70 70.84
CA ARG L 9 -13.85 27.25 69.50
C ARG L 9 -14.26 28.73 69.55
N PRO L 10 -13.60 29.58 68.73
CA PRO L 10 -13.93 31.00 68.62
C PRO L 10 -15.30 31.27 68.00
N LYS L 11 -15.93 32.35 68.43
CA LYS L 11 -17.12 32.86 67.76
C LYS L 11 -16.76 33.36 66.36
N LEU L 12 -17.59 33.01 65.39
CA LEU L 12 -17.33 33.35 64.01
C LEU L 12 -18.21 34.48 63.51
N ILE L 13 -19.31 34.73 64.22
CA ILE L 13 -20.19 35.85 63.92
C ILE L 13 -20.19 36.71 65.16
N LEU L 14 -19.79 37.97 64.98
CA LEU L 14 -19.44 38.85 66.11
C LEU L 14 -20.42 40.02 66.25
N ASP L 15 -19.94 41.16 66.75
CA ASP L 15 -20.74 42.38 66.91
C ASP L 15 -21.23 42.85 65.55
N ASP L 16 -22.47 43.36 65.50
CA ASP L 16 -23.19 43.54 64.24
C ASP L 16 -23.13 42.21 63.47
N GLY L 17 -23.55 42.21 62.24
CA GLY L 17 -23.59 40.89 61.60
C GLY L 17 -22.22 40.26 61.32
N LYS L 18 -21.15 40.83 61.87
CA LYS L 18 -19.79 40.76 61.26
C LYS L 18 -18.84 39.59 61.61
N ARG L 19 -17.91 39.28 60.68
CA ARG L 19 -16.96 38.12 60.72
C ARG L 19 -15.56 38.49 61.26
N THR L 20 -14.69 37.52 61.37
CA THR L 20 -13.37 37.76 61.98
C THR L 20 -12.48 38.73 61.22
N ASP L 21 -12.66 38.83 59.90
CA ASP L 21 -11.92 39.79 59.11
C ASP L 21 -12.70 41.09 58.85
N GLY L 22 -13.86 41.21 59.48
CA GLY L 22 -14.68 42.41 59.43
C GLY L 22 -15.74 42.40 58.34
N ARG L 23 -15.77 41.34 57.54
CA ARG L 23 -16.73 41.23 56.43
C ARG L 23 -18.11 40.89 56.92
N LYS L 24 -19.12 41.30 56.15
CA LYS L 24 -20.48 40.87 56.38
C LYS L 24 -20.67 39.48 55.78
N PRO L 25 -21.69 38.72 56.24
CA PRO L 25 -21.91 37.38 55.70
C PRO L 25 -21.99 37.32 54.17
N ASP L 26 -22.42 38.42 53.55
CA ASP L 26 -22.60 38.45 52.10
C ASP L 26 -21.50 39.20 51.34
N GLU L 27 -20.31 39.32 51.92
CA GLU L 27 -19.23 40.06 51.27
C GLU L 27 -18.07 39.20 50.81
N LEU L 28 -17.67 39.41 49.56
CA LEU L 28 -16.53 38.73 48.99
C LEU L 28 -15.25 39.36 49.49
N ARG L 29 -14.18 38.57 49.55
CA ARG L 29 -12.86 39.13 49.80
C ARG L 29 -12.43 39.89 48.57
N SER L 30 -11.33 40.63 48.66
CA SER L 30 -10.81 41.36 47.50
C SER L 30 -10.31 40.41 46.42
N ILE L 31 -10.47 40.82 45.16
CA ILE L 31 -10.07 40.00 44.02
C ILE L 31 -9.03 40.73 43.19
N LYS L 32 -8.05 39.96 42.71
CA LYS L 32 -7.05 40.50 41.79
C LYS L 32 -6.78 39.46 40.71
N ILE L 33 -6.82 39.89 39.45
CA ILE L 33 -6.64 38.97 38.32
C ILE L 33 -5.69 39.58 37.32
N GLU L 34 -4.69 38.83 36.88
CA GLU L 34 -3.97 39.22 35.68
C GLU L 34 -3.57 38.06 34.77
N LEU L 35 -3.56 38.35 33.47
CA LEU L 35 -3.39 37.36 32.42
C LEU L 35 -2.09 37.55 31.66
N GLY L 36 -1.59 36.48 31.06
CA GLY L 36 -0.45 36.56 30.17
C GLY L 36 0.80 36.96 30.90
N VAL L 37 0.92 36.44 32.11
CA VAL L 37 1.99 36.82 33.01
C VAL L 37 3.27 36.00 32.74
N LEU L 38 3.13 34.86 32.07
CA LEU L 38 4.26 33.98 31.78
C LEU L 38 4.54 33.97 30.30
N LYS L 39 5.78 34.27 29.94
CA LYS L 39 6.18 34.41 28.53
C LYS L 39 6.23 33.09 27.77
N ASN L 40 6.78 32.05 28.39
CA ASN L 40 7.05 30.79 27.69
C ASN L 40 5.89 29.79 27.77
N ALA L 41 4.72 30.26 28.17
CA ALA L 41 3.53 29.41 28.24
C ALA L 41 2.54 29.87 27.19
N ASP L 42 1.61 29.00 26.83
CA ASP L 42 0.60 29.34 25.82
C ASP L 42 -0.52 30.21 26.38
N GLY L 43 -0.77 30.06 27.67
CA GLY L 43 -1.71 30.91 28.39
C GLY L 43 -1.35 30.90 29.86
N SER L 44 -1.67 31.98 30.57
CA SER L 44 -1.34 32.08 31.97
C SER L 44 -2.21 33.10 32.67
N ALA L 45 -2.48 32.84 33.96
CA ALA L 45 -3.19 33.79 34.80
C ALA L 45 -2.74 33.69 36.25
N ILE L 46 -2.77 34.83 36.96
CA ILE L 46 -2.68 34.86 38.40
C ILE L 46 -4.04 35.29 38.93
N PHE L 47 -4.58 34.53 39.88
CA PHE L 47 -5.85 34.86 40.50
C PHE L 47 -5.64 34.99 42.00
N GLU L 48 -6.15 36.06 42.58
CA GLU L 48 -6.08 36.27 44.03
C GLU L 48 -7.45 36.52 44.60
N MET L 49 -7.84 35.71 45.58
CA MET L 49 -9.00 35.98 46.44
C MET L 49 -8.52 36.18 47.85
N GLY L 50 -8.63 37.42 48.31
CA GLY L 50 -8.05 37.81 49.58
C GLY L 50 -6.62 37.36 49.56
N ASN L 51 -6.27 36.47 50.48
CA ASN L 51 -4.90 36.01 50.60
C ASN L 51 -4.59 34.70 49.90
N THR L 52 -5.58 34.10 49.27
CA THR L 52 -5.38 32.89 48.49
C THR L 52 -4.94 33.31 47.10
N LYS L 53 -3.78 32.82 46.67
CA LYS L 53 -3.17 33.24 45.40
C LYS L 53 -2.65 32.05 44.59
N ALA L 54 -3.13 31.92 43.36
CA ALA L 54 -2.72 30.82 42.49
C ALA L 54 -2.20 31.34 41.17
N ILE L 55 -1.25 30.63 40.60
CA ILE L 55 -0.80 30.86 39.22
C ILE L 55 -1.10 29.63 38.36
N ALA L 56 -1.58 29.88 37.16
CA ALA L 56 -1.91 28.78 36.26
C ALA L 56 -1.23 29.02 34.93
N ALA L 57 -0.72 27.94 34.35
CA ALA L 57 -0.08 27.97 33.05
C ALA L 57 -0.69 26.89 32.18
N VAL L 58 -0.92 27.22 30.92
CA VAL L 58 -1.45 26.27 29.96
C VAL L 58 -0.43 26.05 28.86
N TYR L 59 -0.13 24.79 28.56
CA TYR L 59 0.74 24.48 27.44
C TYR L 59 -0.13 23.82 26.37
N GLY L 60 -0.39 24.63 25.33
CA GLY L 60 -1.56 24.59 24.42
C GLY L 60 -1.72 23.30 23.70
N PRO L 61 -2.76 23.16 22.87
CA PRO L 61 -3.00 21.83 22.27
C PRO L 61 -1.75 21.34 21.51
N LYS L 62 -1.29 20.14 21.84
CA LYS L 62 -0.04 19.63 21.29
C LYS L 62 -0.11 18.11 21.19
N GLU L 63 0.57 17.56 20.17
CA GLU L 63 0.65 16.11 19.99
C GLU L 63 1.08 15.43 21.27
N MET L 64 0.49 14.29 21.59
CA MET L 64 0.75 13.68 22.89
C MET L 64 1.82 12.60 22.90
N HIS L 65 2.74 12.75 23.86
CA HIS L 65 4.00 12.00 23.94
C HIS L 65 3.87 10.51 23.55
N PRO L 66 3.29 9.66 24.44
CA PRO L 66 3.06 8.26 24.06
C PRO L 66 1.66 8.08 23.49
N ARG L 67 1.56 7.75 22.21
CA ARG L 67 0.29 7.84 21.50
C ARG L 67 -0.87 7.03 22.11
N HIS L 68 -0.58 5.88 22.70
CA HIS L 68 -1.63 5.03 23.29
C HIS L 68 -2.39 5.73 24.42
N LEU L 69 -1.78 6.78 24.98
CA LEU L 69 -2.41 7.56 26.06
C LEU L 69 -3.29 8.70 25.56
N SER L 70 -3.29 8.92 24.24
CA SER L 70 -4.12 9.95 23.61
C SER L 70 -5.50 9.39 23.28
N LEU L 71 -6.38 10.26 22.81
CA LEU L 71 -7.73 9.87 22.47
C LEU L 71 -8.00 10.24 21.03
N PRO L 72 -8.79 9.42 20.30
CA PRO L 72 -9.01 9.66 18.86
C PRO L 72 -10.02 10.78 18.54
N ASP L 73 -10.87 11.14 19.52
CA ASP L 73 -11.98 12.08 19.30
C ASP L 73 -11.85 13.41 20.06
N ARG L 74 -10.92 13.47 21.01
CA ARG L 74 -10.87 14.51 22.03
C ARG L 74 -9.42 14.84 22.33
N ALA L 75 -9.22 15.99 22.96
CA ALA L 75 -7.96 16.30 23.63
C ALA L 75 -7.99 15.68 25.01
N VAL L 76 -6.82 15.31 25.52
CA VAL L 76 -6.68 14.86 26.89
C VAL L 76 -6.25 16.07 27.71
N LEU L 77 -6.97 16.36 28.79
CA LEU L 77 -6.53 17.37 29.73
C LEU L 77 -5.63 16.73 30.78
N ARG L 78 -4.49 17.35 31.03
CA ARG L 78 -3.61 16.95 32.13
C ARG L 78 -3.52 18.10 33.10
N VAL L 79 -4.00 17.89 34.32
CA VAL L 79 -4.13 18.97 35.29
C VAL L 79 -3.35 18.67 36.56
N ARG L 80 -2.61 19.66 37.06
CA ARG L 80 -1.89 19.54 38.31
C ARG L 80 -2.36 20.64 39.26
N TYR L 81 -2.94 20.23 40.39
CA TYR L 81 -3.22 21.14 41.48
C TYR L 81 -2.13 20.93 42.52
N HIS L 82 -1.40 22.00 42.84
CA HIS L 82 -0.26 21.87 43.74
C HIS L 82 -0.07 23.07 44.65
N MET L 83 0.28 22.80 45.90
CA MET L 83 0.54 23.83 46.87
C MET L 83 2.03 23.92 47.09
N THR L 84 2.58 25.14 46.94
CA THR L 84 3.99 25.39 47.24
C THR L 84 4.24 25.20 48.73
N PRO L 85 5.44 24.72 49.09
CA PRO L 85 5.73 24.44 50.48
C PRO L 85 5.59 25.67 51.37
N PHE L 86 5.68 26.86 50.79
CA PHE L 86 5.59 28.11 51.55
C PHE L 86 4.27 28.83 51.38
N SER L 87 3.23 28.11 51.01
CA SER L 87 1.92 28.72 50.81
C SER L 87 1.12 28.80 52.10
N THR L 88 1.53 28.05 53.12
CA THR L 88 0.84 28.01 54.41
C THR L 88 1.80 28.37 55.53
N ASP L 89 1.26 28.52 56.74
CA ASP L 89 2.08 28.88 57.89
C ASP L 89 3.07 27.79 58.25
N GLU L 90 2.61 26.54 58.23
CA GLU L 90 3.50 25.39 58.40
C GLU L 90 3.84 24.84 57.04
N ARG L 91 5.11 24.48 56.86
CA ARG L 91 5.60 24.02 55.56
C ARG L 91 4.91 22.74 55.07
N LYS L 92 4.31 22.81 53.88
CA LYS L 92 3.75 21.63 53.22
C LYS L 92 4.85 20.83 52.56
N ASN L 93 4.79 19.51 52.72
CA ASN L 93 5.62 18.63 51.91
C ASN L 93 5.21 18.76 50.43
N PRO L 94 6.19 19.03 49.55
CA PRO L 94 5.92 19.22 48.12
C PRO L 94 5.41 17.96 47.41
N ALA L 95 5.70 16.79 47.96
CA ALA L 95 5.13 15.52 47.50
C ALA L 95 3.60 15.58 47.53
N PRO L 96 2.95 15.05 46.47
CA PRO L 96 1.51 15.26 46.39
C PRO L 96 0.75 14.47 47.45
N SER L 97 -0.17 15.16 48.12
CA SER L 97 -0.99 14.56 49.16
C SER L 97 -2.25 13.96 48.54
N ARG L 98 -2.90 13.08 49.31
CA ARG L 98 -4.19 12.53 48.89
C ARG L 98 -5.17 13.67 48.56
N ARG L 99 -5.15 14.73 49.36
CA ARG L 99 -5.95 15.91 49.10
C ARG L 99 -5.66 16.53 47.73
N GLU L 100 -4.37 16.70 47.41
CA GLU L 100 -3.95 17.26 46.12
C GLU L 100 -4.35 16.34 44.96
N ILE L 101 -4.27 15.03 45.18
CA ILE L 101 -4.70 14.05 44.19
C ILE L 101 -6.20 14.15 43.91
N GLU L 102 -7.01 14.19 44.95
CA GLU L 102 -8.45 14.36 44.76
C GLU L 102 -8.78 15.67 44.05
N LEU L 103 -8.24 16.77 44.56
CA LEU L 103 -8.57 18.07 44.03
C LEU L 103 -8.12 18.24 42.56
N SER L 104 -7.02 17.58 42.19
CA SER L 104 -6.58 17.63 40.81
C SER L 104 -7.66 17.02 39.92
N LYS L 105 -8.22 15.90 40.36
CA LYS L 105 -9.23 15.21 39.60
C LYS L 105 -10.46 16.10 39.52
N VAL L 106 -10.92 16.57 40.66
CA VAL L 106 -12.12 17.41 40.73
C VAL L 106 -12.00 18.64 39.84
N ILE L 107 -10.85 19.31 39.89
CA ILE L 107 -10.58 20.48 39.05
C ILE L 107 -10.53 20.08 37.55
N ARG L 108 -9.85 18.98 37.24
CA ARG L 108 -9.77 18.52 35.85
C ARG L 108 -11.18 18.36 35.30
N GLU L 109 -12.05 17.70 36.08
CA GLU L 109 -13.40 17.38 35.62
C GLU L 109 -14.21 18.65 35.41
N ALA L 110 -14.00 19.63 36.27
CA ALA L 110 -14.62 20.93 36.10
C ALA L 110 -14.24 21.54 34.76
N LEU L 111 -12.95 21.48 34.42
CA LEU L 111 -12.44 22.04 33.18
C LEU L 111 -12.95 21.26 31.97
N GLU L 112 -13.09 19.96 32.12
CA GLU L 112 -13.52 19.12 31.01
C GLU L 112 -14.93 19.46 30.57
N SER L 113 -15.74 19.95 31.49
CA SER L 113 -17.11 20.31 31.14
C SER L 113 -17.16 21.64 30.41
N ALA L 114 -16.05 22.36 30.43
CA ALA L 114 -15.99 23.71 29.84
C ALA L 114 -15.19 23.75 28.54
N VAL L 115 -14.08 23.03 28.50
CA VAL L 115 -13.17 23.08 27.35
C VAL L 115 -13.70 22.23 26.22
N LEU L 116 -13.73 22.80 25.02
CA LEU L 116 -14.21 22.08 23.84
C LEU L 116 -13.14 21.12 23.31
N VAL L 117 -12.91 20.06 24.07
CA VAL L 117 -11.82 19.11 23.77
C VAL L 117 -11.96 18.40 22.44
N GLU L 118 -13.18 18.29 21.92
CA GLU L 118 -13.46 17.57 20.68
C GLU L 118 -12.76 18.22 19.50
N LEU L 119 -12.46 19.51 19.63
CA LEU L 119 -11.79 20.25 18.58
C LEU L 119 -10.35 19.81 18.34
N PHE L 120 -9.76 19.11 19.30
CA PHE L 120 -8.33 18.81 19.24
C PHE L 120 -8.02 17.33 19.47
N PRO L 121 -8.41 16.47 18.53
CA PRO L 121 -8.15 15.04 18.71
C PRO L 121 -6.65 14.78 18.79
N ARG L 122 -6.28 13.74 19.52
CA ARG L 122 -4.89 13.25 19.58
C ARG L 122 -3.90 14.19 20.22
N THR L 123 -4.41 15.22 20.91
CA THR L 123 -3.56 16.22 21.55
C THR L 123 -3.71 16.18 23.05
N ALA L 124 -2.77 16.80 23.74
CA ALA L 124 -2.92 17.05 25.18
C ALA L 124 -2.93 18.54 25.44
N ILE L 125 -3.74 18.96 26.40
CA ILE L 125 -3.67 20.32 26.92
C ILE L 125 -3.22 20.22 28.37
N ASP L 126 -2.06 20.78 28.68
CA ASP L 126 -1.52 20.70 30.03
C ASP L 126 -1.84 21.94 30.83
N VAL L 127 -2.44 21.75 31.99
CA VAL L 127 -2.82 22.87 32.84
C VAL L 127 -2.09 22.69 34.18
N PHE L 128 -1.15 23.58 34.47
CA PHE L 128 -0.41 23.51 35.73
C PHE L 128 -0.82 24.64 36.63
N THR L 129 -1.13 24.28 37.88
CA THR L 129 -1.66 25.21 38.85
C THR L 129 -0.79 25.18 40.10
N GLU L 130 -0.42 26.35 40.60
CA GLU L 130 0.36 26.43 41.82
C GLU L 130 -0.27 27.40 42.81
N ILE L 131 -0.53 26.91 44.02
CA ILE L 131 -0.98 27.78 45.09
C ILE L 131 0.24 28.43 45.74
N LEU L 132 0.30 29.76 45.65
CA LEU L 132 1.41 30.54 46.16
C LEU L 132 1.19 30.98 47.59
N GLN L 133 -0.07 31.25 47.93
CA GLN L 133 -0.50 31.41 49.33
C GLN L 133 -1.89 30.80 49.50
N ALA L 134 -2.09 30.11 50.62
CA ALA L 134 -3.39 29.53 50.89
C ALA L 134 -4.05 30.22 52.06
N ASP L 135 -5.30 30.63 51.86
CA ASP L 135 -6.13 31.19 52.92
C ASP L 135 -7.56 30.73 52.67
N ALA L 136 -7.73 29.44 52.39
CA ALA L 136 -9.02 28.80 52.08
C ALA L 136 -9.55 29.18 50.71
N GLY L 137 -10.22 28.22 50.06
CA GLY L 137 -10.76 28.44 48.73
C GLY L 137 -9.76 28.24 47.60
N SER L 138 -8.60 27.67 47.94
CA SER L 138 -7.51 27.42 46.99
C SER L 138 -8.00 26.67 45.76
N ARG L 139 -8.77 25.59 45.96
CA ARG L 139 -9.22 24.77 44.84
C ARG L 139 -9.97 25.60 43.80
N LEU L 140 -10.76 26.57 44.26
CA LEU L 140 -11.54 27.44 43.38
C LEU L 140 -10.71 28.52 42.70
N VAL L 141 -9.77 29.08 43.46
CA VAL L 141 -8.86 30.08 42.91
C VAL L 141 -8.02 29.41 41.82
N SER L 142 -7.52 28.22 42.12
CA SER L 142 -6.79 27.42 41.17
C SER L 142 -7.62 27.13 39.92
N LEU L 143 -8.88 26.71 40.11
CA LEU L 143 -9.75 26.40 39.00
C LEU L 143 -9.99 27.64 38.11
N MET L 144 -10.23 28.78 38.75
CA MET L 144 -10.48 30.02 38.00
C MET L 144 -9.23 30.48 37.27
N ALA L 145 -8.09 30.42 37.95
CA ALA L 145 -6.83 30.74 37.31
C ALA L 145 -6.66 29.90 36.05
N ALA L 146 -6.95 28.60 36.18
CA ALA L 146 -6.88 27.67 35.06
C ALA L 146 -7.82 28.10 33.93
N SER L 147 -9.07 28.38 34.27
CA SER L 147 -10.06 28.77 33.30
C SER L 147 -9.55 29.95 32.50
N LEU L 148 -9.04 30.95 33.20
CA LEU L 148 -8.58 32.17 32.56
C LEU L 148 -7.30 31.97 31.76
N ALA L 149 -6.42 31.09 32.24
CA ALA L 149 -5.21 30.74 31.47
C ALA L 149 -5.59 30.08 30.13
N LEU L 150 -6.62 29.25 30.16
CA LEU L 150 -7.10 28.60 28.96
C LEU L 150 -7.64 29.64 27.98
N ALA L 151 -8.40 30.60 28.51
CA ALA L 151 -8.91 31.72 27.73
C ALA L 151 -7.75 32.51 27.16
N ASP L 152 -6.76 32.79 28.01
CA ASP L 152 -5.56 33.52 27.60
C ASP L 152 -4.83 32.79 26.48
N ALA L 153 -4.88 31.46 26.48
CA ALA L 153 -4.25 30.66 25.42
C ALA L 153 -5.09 30.63 24.16
N GLY L 154 -6.31 31.16 24.22
CA GLY L 154 -7.22 31.12 23.06
C GLY L 154 -7.85 29.76 22.81
N ILE L 155 -7.91 28.93 23.84
CA ILE L 155 -8.54 27.64 23.73
C ILE L 155 -10.04 27.78 23.93
N PRO L 156 -10.82 27.36 22.92
CA PRO L 156 -12.27 27.55 22.93
C PRO L 156 -12.95 26.82 24.08
N MET L 157 -13.84 27.52 24.78
CA MET L 157 -14.59 26.92 25.90
C MET L 157 -16.07 27.28 25.83
N ARG L 158 -16.91 26.54 26.54
CA ARG L 158 -18.33 26.83 26.60
C ARG L 158 -18.58 28.17 27.26
N ASP L 159 -17.83 28.45 28.33
CA ASP L 159 -17.91 29.68 29.09
C ASP L 159 -16.70 29.74 30.00
N LEU L 160 -16.47 30.86 30.67
CA LEU L 160 -15.48 30.91 31.76
C LEU L 160 -16.04 30.22 33.00
N ILE L 161 -15.17 29.94 33.96
CA ILE L 161 -15.62 29.36 35.21
C ILE L 161 -15.35 30.32 36.35
N ALA L 162 -16.39 30.58 37.16
CA ALA L 162 -16.26 31.38 38.37
C ALA L 162 -16.75 30.57 39.56
N GLY L 163 -16.11 30.74 40.72
CA GLY L 163 -16.45 29.94 41.88
C GLY L 163 -16.23 30.62 43.23
N VAL L 164 -17.01 30.22 44.22
CA VAL L 164 -16.81 30.59 45.62
C VAL L 164 -17.17 29.46 46.52
N ALA L 165 -16.54 29.42 47.68
CA ALA L 165 -16.97 28.55 48.75
C ALA L 165 -17.94 29.33 49.61
N VAL L 166 -19.11 28.74 49.78
CA VAL L 166 -20.12 29.30 50.63
C VAL L 166 -20.13 28.37 51.87
N GLY L 167 -20.66 28.81 53.01
CA GLY L 167 -20.57 27.96 54.20
C GLY L 167 -21.45 28.40 55.33
N LYS L 168 -21.25 27.81 56.51
CA LYS L 168 -22.03 28.11 57.70
C LYS L 168 -21.09 28.32 58.87
N ALA L 169 -21.20 29.49 59.51
CA ALA L 169 -20.27 29.89 60.54
C ALA L 169 -20.82 29.67 61.94
N ASP L 170 -21.65 30.57 62.46
CA ASP L 170 -22.18 30.31 63.82
C ASP L 170 -23.68 30.21 63.69
N GLY L 171 -24.09 29.24 62.88
CA GLY L 171 -25.48 29.15 62.47
C GLY L 171 -25.77 30.05 61.29
N VAL L 172 -24.83 30.93 60.95
CA VAL L 172 -25.05 31.93 59.92
C VAL L 172 -24.43 31.51 58.59
N ILE L 173 -25.22 31.60 57.52
CA ILE L 173 -24.70 31.30 56.20
C ILE L 173 -23.84 32.45 55.66
N ILE L 174 -22.62 32.11 55.23
CA ILE L 174 -21.61 33.11 54.87
C ILE L 174 -20.97 32.82 53.50
N LEU L 175 -20.44 33.86 52.87
CA LEU L 175 -19.89 33.78 51.52
C LEU L 175 -18.38 33.94 51.51
N ASP L 176 -17.67 33.04 50.83
CA ASP L 176 -16.22 33.14 50.60
C ASP L 176 -15.40 33.06 51.91
N LEU L 177 -15.10 31.83 52.35
CA LEU L 177 -14.54 31.61 53.69
C LEU L 177 -13.06 31.93 53.86
N ASN L 178 -12.74 32.47 55.04
CA ASN L 178 -11.40 32.48 55.64
C ASN L 178 -10.84 31.10 55.88
N GLU L 179 -9.55 31.02 56.19
CA GLU L 179 -8.98 29.83 56.77
C GLU L 179 -9.64 29.57 58.12
N THR L 180 -9.85 30.65 58.88
CA THR L 180 -10.47 30.54 60.20
C THR L 180 -11.87 29.95 60.12
N GLU L 181 -12.65 30.43 59.15
CA GLU L 181 -14.01 29.96 58.94
C GLU L 181 -14.03 28.54 58.39
N ASP L 182 -13.06 28.22 57.54
CA ASP L 182 -12.90 26.87 57.02
C ASP L 182 -12.65 25.91 58.19
N MET L 183 -11.74 26.33 59.07
CA MET L 183 -11.27 25.54 60.19
C MET L 183 -12.31 25.29 61.27
N TRP L 184 -13.12 26.30 61.56
CA TRP L 184 -14.00 26.24 62.72
C TRP L 184 -15.50 26.24 62.40
N GLY L 185 -15.87 26.53 61.16
CA GLY L 185 -17.27 26.55 60.75
C GLY L 185 -17.91 25.17 60.69
N GLU L 186 -19.23 25.14 60.50
CA GLU L 186 -19.98 23.88 60.45
C GLU L 186 -19.98 23.28 59.06
N ALA L 187 -19.77 24.11 58.05
CA ALA L 187 -19.85 23.68 56.65
C ALA L 187 -19.00 24.50 55.71
N ASP L 188 -18.53 23.86 54.65
CA ASP L 188 -17.72 24.49 53.63
C ASP L 188 -18.18 23.90 52.29
N MET L 189 -18.70 24.75 51.42
CA MET L 189 -19.29 24.26 50.18
C MET L 189 -18.76 25.04 48.99
N PRO L 190 -17.61 24.59 48.43
CA PRO L 190 -17.11 25.19 47.17
C PRO L 190 -18.04 24.87 45.99
N ILE L 191 -18.37 25.91 45.22
CA ILE L 191 -19.24 25.80 44.07
C ILE L 191 -18.63 26.61 42.92
N ALA L 192 -18.56 26.00 41.74
CA ALA L 192 -18.07 26.69 40.55
C ALA L 192 -19.02 26.49 39.37
N MET L 193 -19.24 27.55 38.59
CA MET L 193 -20.13 27.49 37.45
C MET L 193 -19.57 28.10 36.17
N MET L 194 -20.21 27.74 35.06
CA MET L 194 -20.18 28.53 33.85
C MET L 194 -21.42 29.39 33.93
N PRO L 195 -21.28 30.61 34.47
CA PRO L 195 -22.39 31.47 34.90
C PRO L 195 -23.39 31.81 33.82
N SER L 196 -22.93 32.05 32.59
CA SER L 196 -23.83 32.39 31.51
C SER L 196 -24.76 31.25 31.17
N LEU L 197 -24.34 30.02 31.45
CA LEU L 197 -25.13 28.84 31.13
C LEU L 197 -25.91 28.29 32.31
N ASN L 198 -25.69 28.85 33.49
CA ASN L 198 -26.21 28.29 34.74
C ASN L 198 -25.83 26.83 34.96
N GLN L 199 -24.61 26.47 34.57
CA GLN L 199 -24.15 25.11 34.66
C GLN L 199 -23.10 25.00 35.74
N VAL L 200 -23.31 24.09 36.68
CA VAL L 200 -22.35 23.86 37.76
C VAL L 200 -21.31 22.87 37.29
N THR L 201 -20.09 23.37 37.39
CA THR L 201 -18.85 22.74 37.02
C THR L 201 -18.18 21.95 38.17
N LEU L 202 -18.21 22.51 39.38
CA LEU L 202 -17.64 21.91 40.58
C LEU L 202 -18.63 22.11 41.72
N PHE L 203 -18.89 21.05 42.49
CA PHE L 203 -19.79 21.14 43.61
C PHE L 203 -19.43 20.17 44.72
N GLN L 204 -19.02 20.71 45.85
CA GLN L 204 -18.61 19.90 46.99
C GLN L 204 -19.10 20.50 48.28
N LEU L 205 -19.47 19.64 49.23
CA LEU L 205 -19.72 20.08 50.59
C LEU L 205 -18.99 19.19 51.57
N ASN L 206 -18.22 19.82 52.46
CA ASN L 206 -17.78 19.13 53.66
C ASN L 206 -18.32 19.86 54.85
N GLY L 207 -18.62 19.12 55.91
CA GLY L 207 -19.28 19.69 57.06
C GLY L 207 -20.72 19.23 57.07
N SER L 208 -21.64 20.13 57.42
CA SER L 208 -22.98 19.69 57.74
C SER L 208 -23.98 20.81 57.55
N MET L 209 -25.09 20.52 56.86
CA MET L 209 -26.15 21.50 56.59
C MET L 209 -27.53 20.86 56.48
N THR L 210 -28.56 21.61 56.83
CA THR L 210 -29.93 21.18 56.59
C THR L 210 -30.22 21.47 55.14
N PRO L 211 -31.14 20.72 54.51
CA PRO L 211 -31.51 21.03 53.13
C PRO L 211 -31.88 22.50 52.88
N ASP L 212 -32.57 23.14 53.83
CA ASP L 212 -32.90 24.56 53.74
C ASP L 212 -31.66 25.43 53.71
N GLU L 213 -30.73 25.14 54.62
CA GLU L 213 -29.46 25.87 54.69
C GLU L 213 -28.68 25.68 53.38
N PHE L 214 -28.65 24.45 52.91
CA PHE L 214 -28.02 24.11 51.65
C PHE L 214 -28.57 24.96 50.51
N ARG L 215 -29.89 25.07 50.44
CA ARG L 215 -30.52 25.90 49.41
C ARG L 215 -30.24 27.40 49.57
N GLN L 216 -30.21 27.91 50.80
CA GLN L 216 -29.84 29.31 51.06
C GLN L 216 -28.40 29.57 50.61
N ALA L 217 -27.49 28.71 51.03
CA ALA L 217 -26.08 28.89 50.77
C ALA L 217 -25.87 28.89 49.28
N PHE L 218 -26.52 27.95 48.61
CA PHE L 218 -26.47 27.84 47.17
C PHE L 218 -26.83 29.17 46.47
N ASP L 219 -27.96 29.78 46.86
CA ASP L 219 -28.39 31.07 46.34
C ASP L 219 -27.33 32.15 46.55
N LEU L 220 -26.73 32.17 47.73
CA LEU L 220 -25.69 33.13 48.04
C LEU L 220 -24.49 32.96 47.12
N ALA L 221 -24.07 31.70 46.92
CA ALA L 221 -22.95 31.39 46.06
C ALA L 221 -23.14 31.94 44.65
N VAL L 222 -24.36 31.80 44.13
CA VAL L 222 -24.66 32.29 42.79
C VAL L 222 -24.40 33.80 42.69
N LYS L 223 -24.86 34.55 43.69
CA LYS L 223 -24.67 36.00 43.70
C LYS L 223 -23.19 36.37 43.72
N GLY L 224 -22.41 35.66 44.55
CA GLY L 224 -20.97 35.84 44.60
C GLY L 224 -20.32 35.52 43.26
N ILE L 225 -20.65 34.35 42.73
CA ILE L 225 -20.13 33.90 41.44
C ILE L 225 -20.38 34.92 40.33
N ASN L 226 -21.58 35.51 40.31
CA ASN L 226 -21.90 36.49 39.27
C ASN L 226 -21.03 37.75 39.30
N ILE L 227 -20.65 38.15 40.51
CA ILE L 227 -19.76 39.30 40.66
C ILE L 227 -18.34 38.95 40.17
N ILE L 228 -17.86 37.79 40.58
CA ILE L 228 -16.54 37.32 40.16
C ILE L 228 -16.49 37.18 38.65
N TYR L 229 -17.58 36.67 38.07
CA TYR L 229 -17.66 36.45 36.63
C TYR L 229 -17.46 37.74 35.85
N ASN L 230 -18.11 38.82 36.27
CA ASN L 230 -17.96 40.11 35.58
C ASN L 230 -16.52 40.60 35.63
N LEU L 231 -15.82 40.27 36.70
CA LEU L 231 -14.42 40.63 36.84
C LEU L 231 -13.54 39.82 35.91
N GLU L 232 -13.87 38.53 35.77
CA GLU L 232 -13.17 37.67 34.84
C GLU L 232 -13.32 38.18 33.41
N ARG L 233 -14.54 38.55 33.04
CA ARG L 233 -14.82 39.13 31.73
C ARG L 233 -13.98 40.37 31.50
N GLU L 234 -13.82 41.19 32.54
CA GLU L 234 -13.08 42.43 32.46
C GLU L 234 -11.61 42.12 32.30
N ALA L 235 -11.13 41.18 33.11
CA ALA L 235 -9.74 40.75 33.06
C ALA L 235 -9.32 40.24 31.67
N LEU L 236 -10.29 39.67 30.95
CA LEU L 236 -10.07 39.15 29.62
C LEU L 236 -9.74 40.29 28.64
N LYS L 237 -10.43 41.41 28.79
CA LYS L 237 -10.21 42.57 27.93
C LYS L 237 -8.95 43.35 28.33
N SER L 238 -8.85 43.71 29.61
CA SER L 238 -7.80 44.63 30.05
C SER L 238 -6.54 43.95 30.60
N LYS L 239 -6.61 42.63 30.77
CA LYS L 239 -5.47 41.82 31.25
C LYS L 239 -5.13 41.97 32.74
N TYR L 240 -5.72 42.96 33.39
CA TYR L 240 -5.46 43.23 34.80
C TYR L 240 -6.68 43.82 35.47
N VAL L 241 -7.09 43.24 36.60
CA VAL L 241 -8.28 43.69 37.32
C VAL L 241 -8.07 43.64 38.85
N GLU L 242 -8.43 44.74 39.52
CA GLU L 242 -8.46 44.82 40.98
C GLU L 242 -9.87 45.15 41.47
N PHE L 243 -10.26 44.50 42.56
CA PHE L 243 -11.59 44.68 43.11
C PHE L 243 -11.52 44.64 44.63
N LYS L 244 -11.84 45.77 45.27
CA LYS L 244 -11.88 45.86 46.73
C LYS L 244 -13.12 45.14 47.27
N GLU L 245 -13.01 44.56 48.46
CA GLU L 245 -14.13 43.86 49.14
C GLU L 245 -15.46 44.62 49.03
N GLU L 246 -16.55 43.88 48.81
CA GLU L 246 -17.90 44.46 48.97
C GLU L 246 -19.07 43.48 48.90
N GLY L 247 -20.21 43.98 49.39
CA GLY L 247 -21.48 43.26 49.49
C GLY L 247 -22.07 42.80 48.17
N VAL L 248 -22.54 41.55 48.19
CA VAL L 248 -23.18 40.91 47.05
C VAL L 248 -24.55 41.51 46.72
N MET M 1 -33.96 -17.02 -15.26
CA MET M 1 -32.99 -16.00 -15.79
C MET M 1 -31.72 -16.54 -16.50
N SER M 2 -31.53 -16.13 -17.76
CA SER M 2 -30.39 -16.57 -18.58
C SER M 2 -29.32 -15.48 -18.64
N SER M 3 -28.09 -15.83 -18.36
CA SER M 3 -27.00 -14.84 -18.33
C SER M 3 -25.70 -15.27 -18.98
N THR M 4 -24.97 -14.29 -19.51
CA THR M 4 -23.70 -14.53 -20.19
C THR M 4 -22.76 -15.36 -19.31
N PRO M 5 -22.36 -16.55 -19.80
CA PRO M 5 -21.50 -17.43 -19.02
C PRO M 5 -20.18 -16.76 -18.58
N SER M 6 -19.94 -16.71 -17.27
CA SER M 6 -18.74 -16.07 -16.70
C SER M 6 -17.50 -16.98 -16.67
N ASN M 7 -17.73 -18.26 -16.90
CA ASN M 7 -16.67 -19.27 -16.88
C ASN M 7 -15.91 -19.45 -18.20
N GLN M 8 -16.50 -19.07 -19.35
CA GLN M 8 -15.91 -19.47 -20.66
C GLN M 8 -14.38 -19.24 -20.80
N ASN M 9 -13.75 -20.02 -21.68
CA ASN M 9 -12.32 -19.87 -21.97
C ASN M 9 -12.13 -18.81 -23.03
N ILE M 10 -11.86 -17.57 -22.59
CA ILE M 10 -11.47 -16.50 -23.50
C ILE M 10 -10.16 -16.88 -24.21
N ILE M 11 -10.21 -16.87 -25.54
CA ILE M 11 -9.11 -17.37 -26.38
C ILE M 11 -8.38 -16.21 -27.11
N PRO M 12 -7.08 -16.01 -26.80
CA PRO M 12 -6.34 -14.80 -27.19
C PRO M 12 -6.40 -14.52 -28.68
N ILE M 13 -6.46 -13.23 -29.04
CA ILE M 13 -6.54 -12.79 -30.43
C ILE M 13 -5.46 -13.46 -31.27
N ILE M 14 -4.29 -13.62 -30.66
CA ILE M 14 -3.12 -14.18 -31.32
C ILE M 14 -3.38 -15.61 -31.78
N LYS M 15 -4.11 -16.38 -30.98
CA LYS M 15 -4.42 -17.76 -31.33
C LYS M 15 -5.50 -17.85 -32.38
N LYS M 16 -6.47 -16.95 -32.30
CA LYS M 16 -7.53 -16.87 -33.30
C LYS M 16 -6.96 -16.61 -34.67
N GLU M 17 -5.99 -15.71 -34.75
CA GLU M 17 -5.38 -15.35 -36.01
C GLU M 17 -4.65 -16.51 -36.65
N SER M 18 -3.99 -17.34 -35.83
CA SER M 18 -3.32 -18.56 -36.32
C SER M 18 -4.31 -19.43 -37.05
N ILE M 19 -5.43 -19.67 -36.40
CA ILE M 19 -6.46 -20.52 -36.95
C ILE M 19 -7.01 -19.91 -38.23
N VAL M 20 -7.32 -18.61 -38.19
CA VAL M 20 -7.88 -17.92 -39.36
C VAL M 20 -6.88 -17.95 -40.54
N SER M 21 -5.61 -17.80 -40.25
CA SER M 21 -4.55 -17.87 -41.26
C SER M 21 -4.54 -19.20 -41.97
N LEU M 22 -4.86 -20.27 -41.23
CA LEU M 22 -4.94 -21.60 -41.81
C LEU M 22 -6.18 -21.70 -42.68
N PHE M 23 -7.31 -21.23 -42.16
CA PHE M 23 -8.56 -21.20 -42.90
C PHE M 23 -8.39 -20.54 -44.26
N GLU M 24 -7.57 -19.50 -44.29
CA GLU M 24 -7.37 -18.73 -45.49
C GLU M 24 -6.66 -19.55 -46.59
N LYS M 25 -5.86 -20.53 -46.17
CA LYS M 25 -5.27 -21.50 -47.09
C LYS M 25 -6.16 -22.73 -47.25
N GLY M 26 -7.39 -22.66 -46.75
CA GLY M 26 -8.37 -23.74 -46.90
C GLY M 26 -8.09 -24.99 -46.08
N ILE M 27 -7.34 -24.83 -45.01
CA ILE M 27 -7.00 -25.96 -44.16
C ILE M 27 -7.22 -25.63 -42.68
N ARG M 28 -7.34 -26.67 -41.85
CA ARG M 28 -7.56 -26.48 -40.43
C ARG M 28 -6.42 -27.07 -39.59
N GLN M 29 -6.45 -26.79 -38.29
CA GLN M 29 -5.42 -27.26 -37.36
C GLN M 29 -5.15 -28.75 -37.52
N ASP M 30 -6.22 -29.56 -37.42
CA ASP M 30 -6.12 -31.01 -37.47
C ASP M 30 -5.96 -31.57 -38.88
N GLY M 31 -5.82 -30.68 -39.87
CA GLY M 31 -5.55 -31.08 -41.24
C GLY M 31 -6.74 -31.24 -42.17
N ARG M 32 -7.96 -31.13 -41.64
CA ARG M 32 -9.13 -31.36 -42.49
C ARG M 32 -9.54 -30.13 -43.28
N LYS M 33 -10.35 -30.35 -44.32
CA LYS M 33 -10.92 -29.28 -45.13
C LYS M 33 -12.02 -28.54 -44.37
N LEU M 34 -12.39 -27.37 -44.85
CA LEU M 34 -13.40 -26.55 -44.17
C LEU M 34 -14.75 -27.25 -44.10
N THR M 35 -14.99 -28.18 -45.03
CA THR M 35 -16.28 -28.88 -45.14
C THR M 35 -16.25 -30.31 -44.58
N ASP M 36 -15.10 -30.74 -44.05
CA ASP M 36 -14.93 -32.10 -43.52
C ASP M 36 -15.48 -32.30 -42.11
N TYR M 37 -16.08 -33.46 -41.90
CA TYR M 37 -16.39 -33.95 -40.56
C TYR M 37 -15.15 -34.60 -39.92
N ARG M 38 -15.09 -34.60 -38.59
CA ARG M 38 -14.06 -35.34 -37.88
C ARG M 38 -14.31 -36.85 -37.99
N PRO M 39 -13.32 -37.69 -37.60
CA PRO M 39 -13.54 -39.14 -37.62
C PRO M 39 -14.69 -39.55 -36.69
N LEU M 40 -15.53 -40.47 -37.14
CA LEU M 40 -16.70 -40.89 -36.39
C LEU M 40 -16.63 -42.37 -35.97
N SER M 41 -16.78 -42.63 -34.67
CA SER M 41 -16.96 -43.98 -34.13
C SER M 41 -18.33 -44.11 -33.52
N ILE M 42 -18.97 -45.26 -33.77
CA ILE M 42 -20.20 -45.58 -33.07
C ILE M 42 -20.09 -47.01 -32.58
N THR M 43 -20.28 -47.18 -31.28
CA THR M 43 -20.34 -48.48 -30.66
C THR M 43 -21.75 -48.70 -30.12
N LEU M 44 -22.44 -49.66 -30.70
CA LEU M 44 -23.82 -49.96 -30.33
C LEU M 44 -23.84 -50.87 -29.12
N ASP M 45 -24.94 -50.85 -28.37
CA ASP M 45 -25.16 -51.72 -27.22
C ASP M 45 -24.02 -51.57 -26.20
N TYR M 46 -23.56 -50.33 -26.03
CA TYR M 46 -22.49 -50.06 -25.08
C TYR M 46 -22.95 -50.17 -23.63
N ALA M 47 -24.14 -49.64 -23.34
CA ALA M 47 -24.74 -49.72 -22.01
C ALA M 47 -25.67 -50.93 -21.94
N LYS M 48 -25.19 -52.01 -21.35
CA LYS M 48 -25.87 -53.31 -21.47
C LYS M 48 -27.28 -53.33 -20.90
N LYS M 49 -27.51 -52.53 -19.86
CA LYS M 49 -28.83 -52.55 -19.21
C LYS M 49 -29.81 -51.54 -19.80
N ALA M 50 -29.36 -50.81 -20.81
CA ALA M 50 -30.24 -50.00 -21.63
C ALA M 50 -30.95 -50.90 -22.62
N ASP M 51 -32.12 -50.46 -23.10
CA ASP M 51 -32.88 -51.23 -24.09
C ASP M 51 -32.21 -51.13 -25.44
N GLY M 52 -31.57 -49.99 -25.68
CA GLY M 52 -30.71 -49.76 -26.84
C GLY M 52 -29.78 -48.63 -26.48
N SER M 53 -28.53 -48.69 -26.93
CA SER M 53 -27.57 -47.64 -26.60
C SER M 53 -26.53 -47.45 -27.69
N ALA M 54 -25.85 -46.31 -27.66
CA ALA M 54 -24.78 -45.99 -28.60
C ALA M 54 -23.72 -45.08 -27.99
N LEU M 55 -22.46 -45.45 -28.14
CA LEU M 55 -21.35 -44.59 -27.71
C LEU M 55 -20.76 -43.96 -28.95
N VAL M 56 -20.90 -42.65 -29.09
CA VAL M 56 -20.42 -41.95 -30.26
C VAL M 56 -19.16 -41.16 -29.96
N LYS M 57 -18.11 -41.40 -30.74
CA LYS M 57 -16.94 -40.54 -30.72
C LYS M 57 -16.88 -39.75 -32.00
N LEU M 58 -17.07 -38.44 -31.89
CA LEU M 58 -16.90 -37.52 -33.00
C LEU M 58 -15.73 -36.60 -32.67
N GLY M 59 -14.58 -36.90 -33.25
CA GLY M 59 -13.34 -36.26 -32.83
C GLY M 59 -13.09 -36.63 -31.38
N THR M 60 -12.98 -35.63 -30.52
CA THR M 60 -12.78 -35.87 -29.10
C THR M 60 -14.08 -35.69 -28.32
N THR M 61 -15.17 -35.41 -29.02
CA THR M 61 -16.46 -35.36 -28.35
C THR M 61 -17.00 -36.77 -28.18
N MET M 62 -17.37 -37.12 -26.96
CA MET M 62 -17.98 -38.42 -26.67
C MET M 62 -19.33 -38.29 -26.03
N VAL M 63 -20.28 -39.02 -26.60
CA VAL M 63 -21.64 -39.01 -26.12
C VAL M 63 -22.14 -40.44 -26.02
N LEU M 64 -22.76 -40.76 -24.88
CA LEU M 64 -23.42 -42.03 -24.68
C LEU M 64 -24.91 -41.79 -24.54
N ALA M 65 -25.68 -42.34 -25.47
CA ALA M 65 -27.13 -42.27 -25.40
C ALA M 65 -27.68 -43.65 -25.10
N GLY M 66 -28.74 -43.70 -24.30
CA GLY M 66 -29.37 -44.97 -23.95
C GLY M 66 -30.87 -44.79 -23.87
N THR M 67 -31.60 -45.82 -24.27
CA THR M 67 -33.05 -45.81 -24.19
C THR M 67 -33.56 -46.75 -23.11
N LYS M 68 -34.77 -46.47 -22.64
CA LYS M 68 -35.45 -47.25 -21.65
C LYS M 68 -36.95 -47.13 -21.92
N LEU M 69 -37.60 -48.27 -22.10
CA LEU M 69 -39.02 -48.29 -22.46
C LEU M 69 -39.91 -48.66 -21.29
N GLU M 70 -41.02 -47.93 -21.15
CA GLU M 70 -41.98 -48.17 -20.07
C GLU M 70 -43.40 -48.10 -20.58
N ILE M 71 -44.29 -48.80 -19.89
CA ILE M 71 -45.71 -48.77 -20.21
C ILE M 71 -46.42 -47.75 -19.35
N ASP M 72 -47.10 -46.82 -20.02
CA ASP M 72 -47.83 -45.74 -19.36
C ASP M 72 -49.23 -45.62 -19.96
N LYS M 73 -50.16 -45.07 -19.19
CA LYS M 73 -51.40 -44.58 -19.77
C LYS M 73 -51.03 -43.40 -20.67
N PRO M 74 -51.69 -43.26 -21.83
CA PRO M 74 -51.34 -42.13 -22.70
C PRO M 74 -51.83 -40.81 -22.10
N TYR M 75 -51.22 -39.71 -22.50
CA TYR M 75 -51.74 -38.40 -22.11
C TYR M 75 -53.17 -38.31 -22.65
N GLU M 76 -54.10 -37.91 -21.78
CA GLU M 76 -55.50 -37.77 -22.19
C GLU M 76 -55.57 -37.09 -23.58
N ASP M 77 -54.81 -35.99 -23.74
CA ASP M 77 -54.79 -35.21 -24.98
C ASP M 77 -54.36 -36.02 -26.22
N THR M 78 -53.46 -36.99 -26.03
CA THR M 78 -52.87 -37.78 -27.13
C THR M 78 -53.10 -39.29 -26.95
N PRO M 79 -54.34 -39.75 -27.18
CA PRO M 79 -54.76 -41.09 -26.76
C PRO M 79 -54.24 -42.24 -27.63
N ASN M 80 -53.88 -41.95 -28.87
CA ASN M 80 -53.43 -43.02 -29.76
C ASN M 80 -51.99 -42.84 -30.17
N GLN M 81 -51.16 -42.54 -29.15
CA GLN M 81 -49.76 -42.21 -29.33
C GLN M 81 -48.93 -42.67 -28.15
N GLY M 82 -47.69 -43.05 -28.43
CA GLY M 82 -46.71 -43.28 -27.39
C GLY M 82 -45.97 -42.00 -27.08
N ASN M 83 -44.97 -42.09 -26.21
CA ASN M 83 -44.22 -40.91 -25.79
C ASN M 83 -42.74 -41.00 -26.09
N LEU M 84 -42.14 -39.85 -26.41
CA LEU M 84 -40.70 -39.72 -26.48
C LEU M 84 -40.27 -38.65 -25.50
N ILE M 85 -39.35 -38.98 -24.60
CA ILE M 85 -38.83 -38.01 -23.66
C ILE M 85 -37.32 -37.98 -23.78
N VAL M 86 -36.78 -36.85 -24.22
CA VAL M 86 -35.35 -36.69 -24.43
C VAL M 86 -34.73 -35.90 -23.29
N ASN M 87 -33.62 -36.42 -22.76
CA ASN M 87 -32.87 -35.74 -21.73
C ASN M 87 -31.41 -35.75 -22.03
N VAL M 88 -30.77 -34.59 -21.86
CA VAL M 88 -29.34 -34.43 -22.11
C VAL M 88 -28.64 -33.98 -20.85
N GLU M 89 -27.50 -34.61 -20.53
CA GLU M 89 -26.66 -34.15 -19.42
C GLU M 89 -25.23 -33.89 -19.86
N LEU M 90 -24.72 -32.71 -19.52
CA LEU M 90 -23.34 -32.36 -19.77
C LEU M 90 -22.60 -32.56 -18.46
N LEU M 91 -21.61 -33.43 -18.46
CA LEU M 91 -20.92 -33.80 -17.20
C LEU M 91 -19.63 -33.03 -16.85
N PRO M 92 -18.78 -32.74 -17.88
CA PRO M 92 -17.44 -32.17 -17.60
C PRO M 92 -17.37 -30.87 -16.77
N ASP M 104 -29.48 -27.70 -16.63
CA ASP M 104 -28.43 -26.75 -17.03
C ASP M 104 -29.00 -25.53 -17.77
N GLU M 105 -29.22 -25.64 -19.10
CA GLU M 105 -29.67 -24.55 -20.01
C GLU M 105 -29.22 -24.88 -21.42
N ASN M 106 -27.93 -25.17 -21.55
CA ASN M 106 -27.38 -25.71 -22.77
C ASN M 106 -27.82 -27.13 -22.93
N ALA M 107 -27.91 -27.85 -21.80
CA ALA M 107 -28.42 -29.21 -21.77
C ALA M 107 -29.90 -29.26 -22.17
N ILE M 108 -30.70 -28.32 -21.67
CA ILE M 108 -32.09 -28.23 -22.09
C ILE M 108 -32.21 -27.89 -23.58
N GLU M 109 -31.45 -26.93 -24.07
CA GLU M 109 -31.51 -26.58 -25.48
C GLU M 109 -31.19 -27.82 -26.33
N LEU M 110 -30.12 -28.52 -25.99
CA LEU M 110 -29.69 -29.67 -26.76
C LEU M 110 -30.81 -30.70 -26.80
N ALA M 111 -31.38 -30.99 -25.64
CA ALA M 111 -32.46 -31.94 -25.54
C ALA M 111 -33.62 -31.57 -26.45
N ARG M 112 -34.06 -30.33 -26.35
CA ARG M 112 -35.17 -29.84 -27.16
C ARG M 112 -34.87 -29.84 -28.66
N VAL M 113 -33.67 -29.42 -29.04
CA VAL M 113 -33.32 -29.39 -30.46
C VAL M 113 -33.32 -30.81 -31.05
N VAL M 114 -32.70 -31.75 -30.32
CA VAL M 114 -32.70 -33.15 -30.71
C VAL M 114 -34.13 -33.68 -30.76
N ASP M 115 -34.88 -33.45 -29.68
CA ASP M 115 -36.27 -33.90 -29.63
C ASP M 115 -37.02 -33.45 -30.88
N ARG M 116 -37.03 -32.14 -31.10
CA ARG M 116 -37.70 -31.54 -32.24
C ARG M 116 -37.36 -32.19 -33.57
N SER M 117 -36.10 -32.50 -33.77
CA SER M 117 -35.70 -33.04 -35.05
C SER M 117 -36.08 -34.53 -35.19
N LEU M 118 -36.21 -35.24 -34.07
CA LEU M 118 -36.72 -36.61 -34.12
C LEU M 118 -38.24 -36.62 -34.28
N ARG M 119 -38.91 -35.71 -33.58
CA ARG M 119 -40.36 -35.65 -33.54
C ARG M 119 -40.96 -35.08 -34.83
N ASP M 120 -40.44 -33.93 -35.27
CA ASP M 120 -41.01 -33.21 -36.42
C ASP M 120 -40.72 -33.90 -37.74
N SER M 121 -39.61 -34.63 -37.80
CA SER M 121 -39.27 -35.44 -38.96
C SER M 121 -40.13 -36.70 -39.09
N LYS M 122 -40.79 -37.08 -38.00
CA LYS M 122 -41.48 -38.37 -37.94
C LYS M 122 -40.50 -39.52 -38.25
N ALA M 123 -39.30 -39.42 -37.67
CA ALA M 123 -38.32 -40.49 -37.74
C ALA M 123 -38.78 -41.63 -36.86
N LEU M 124 -39.27 -41.30 -35.66
CA LEU M 124 -39.89 -42.28 -34.80
C LEU M 124 -41.38 -42.04 -34.88
N ASP M 125 -42.12 -43.07 -35.25
CA ASP M 125 -43.56 -42.96 -35.40
C ASP M 125 -44.25 -43.27 -34.07
N LEU M 126 -44.61 -42.22 -33.34
CA LEU M 126 -45.21 -42.37 -32.01
C LEU M 126 -46.57 -43.06 -32.00
N THR M 127 -47.29 -42.98 -33.12
CA THR M 127 -48.63 -43.56 -33.20
C THR M 127 -48.55 -45.09 -33.26
N LYS M 128 -47.38 -45.61 -33.62
CA LYS M 128 -47.15 -47.06 -33.63
C LYS M 128 -46.55 -47.59 -32.32
N LEU M 129 -46.58 -46.77 -31.27
CA LEU M 129 -46.11 -47.17 -29.95
C LEU M 129 -47.29 -47.48 -29.01
N VAL M 130 -48.47 -47.56 -29.60
CA VAL M 130 -49.69 -47.85 -28.85
C VAL M 130 -49.80 -49.35 -28.63
N ILE M 131 -50.14 -49.74 -27.41
CA ILE M 131 -50.39 -51.14 -27.07
C ILE M 131 -51.89 -51.37 -27.00
N GLU M 132 -52.53 -50.88 -25.94
CA GLU M 132 -53.98 -50.90 -25.88
C GLU M 132 -54.52 -49.47 -25.92
N PRO M 133 -55.08 -49.08 -27.09
CA PRO M 133 -55.50 -47.70 -27.39
C PRO M 133 -56.27 -47.04 -26.23
N GLY M 134 -55.74 -45.92 -25.76
CA GLY M 134 -56.39 -45.15 -24.69
C GLY M 134 -56.21 -45.72 -23.29
N LYS M 135 -55.62 -46.91 -23.21
CA LYS M 135 -55.29 -47.52 -21.92
C LYS M 135 -53.77 -47.60 -21.65
N SER M 136 -53.00 -48.05 -22.65
CA SER M 136 -51.56 -48.24 -22.46
C SER M 136 -50.68 -48.07 -23.70
N VAL M 137 -49.61 -47.30 -23.56
CA VAL M 137 -48.67 -47.00 -24.64
C VAL M 137 -47.24 -47.10 -24.14
N TRP M 138 -46.28 -47.17 -25.05
CA TRP M 138 -44.86 -47.13 -24.70
C TRP M 138 -44.37 -45.70 -24.50
N THR M 139 -43.61 -45.48 -23.43
CA THR M 139 -42.85 -44.25 -23.30
C THR M 139 -41.40 -44.60 -23.60
N VAL M 140 -40.82 -43.90 -24.56
CA VAL M 140 -39.40 -44.07 -24.85
C VAL M 140 -38.61 -42.98 -24.15
N TRP M 141 -37.90 -43.37 -23.10
CA TRP M 141 -37.00 -42.46 -22.41
C TRP M 141 -35.63 -42.49 -23.11
N LEU M 142 -35.25 -41.36 -23.70
CA LEU M 142 -33.95 -41.26 -24.33
C LEU M 142 -33.07 -40.39 -23.45
N ASP M 143 -32.02 -40.98 -22.89
CA ASP M 143 -31.09 -40.25 -22.03
C ASP M 143 -29.73 -40.17 -22.68
N VAL M 144 -29.28 -38.93 -22.90
CA VAL M 144 -28.06 -38.64 -23.63
C VAL M 144 -27.01 -38.02 -22.70
N TYR M 145 -25.89 -38.70 -22.52
CA TYR M 145 -24.84 -38.23 -21.63
C TYR M 145 -23.59 -37.80 -22.39
N VAL M 146 -23.27 -36.52 -22.33
CA VAL M 146 -22.05 -36.01 -22.96
C VAL M 146 -20.92 -36.25 -21.98
N LEU M 147 -20.01 -37.14 -22.35
CA LEU M 147 -18.95 -37.58 -21.44
C LEU M 147 -17.65 -36.80 -21.64
N ASP M 148 -17.45 -36.28 -22.86
CA ASP M 148 -16.23 -35.59 -23.22
C ASP M 148 -16.60 -34.46 -24.16
N TYR M 149 -16.31 -33.23 -23.73
CA TYR M 149 -16.70 -32.03 -24.47
C TYR M 149 -15.60 -31.62 -25.43
N GLY M 150 -15.69 -32.02 -26.68
CA GLY M 150 -14.65 -31.69 -27.67
C GLY M 150 -15.18 -30.84 -28.82
N GLY M 151 -16.27 -30.13 -28.58
CA GLY M 151 -16.85 -29.27 -29.61
C GLY M 151 -17.90 -29.97 -30.48
N ASN M 152 -18.88 -29.18 -30.93
CA ASN M 152 -19.99 -29.67 -31.75
C ASN M 152 -20.75 -30.82 -31.11
N VAL M 153 -21.12 -30.60 -29.85
CA VAL M 153 -21.83 -31.57 -29.04
C VAL M 153 -23.19 -31.93 -29.65
N LEU M 154 -23.89 -30.95 -30.22
CA LEU M 154 -25.21 -31.21 -30.80
C LEU M 154 -25.23 -32.32 -31.86
N ASP M 155 -24.33 -32.23 -32.84
CA ASP M 155 -24.28 -33.20 -33.92
C ASP M 155 -24.02 -34.58 -33.35
N ALA M 156 -23.16 -34.64 -32.35
CA ALA M 156 -22.83 -35.90 -31.69
C ALA M 156 -24.04 -36.47 -30.94
N CYS M 157 -24.82 -35.58 -30.32
CA CYS M 157 -26.02 -35.96 -29.60
C CYS M 157 -27.08 -36.54 -30.54
N THR M 158 -27.22 -35.95 -31.71
CA THR M 158 -28.20 -36.43 -32.67
C THR M 158 -27.77 -37.79 -33.16
N LEU M 159 -26.48 -37.95 -33.43
CA LEU M 159 -25.96 -39.22 -33.90
C LEU M 159 -26.16 -40.32 -32.85
N ALA M 160 -25.82 -40.00 -31.60
CA ALA M 160 -25.99 -40.93 -30.49
C ALA M 160 -27.45 -41.29 -30.33
N SER M 161 -28.31 -40.28 -30.33
CA SER M 161 -29.74 -40.47 -30.16
C SER M 161 -30.31 -41.43 -31.20
N VAL M 162 -30.07 -41.11 -32.47
CA VAL M 162 -30.59 -41.90 -33.58
C VAL M 162 -30.06 -43.33 -33.46
N ALA M 163 -28.76 -43.44 -33.22
CA ALA M 163 -28.14 -44.75 -33.08
C ALA M 163 -28.77 -45.56 -31.95
N ALA M 164 -28.99 -44.92 -30.80
CA ALA M 164 -29.54 -45.61 -29.64
C ALA M 164 -30.94 -46.11 -29.95
N LEU M 165 -31.72 -45.29 -30.66
CA LEU M 165 -33.08 -45.64 -31.03
C LEU M 165 -33.08 -46.86 -31.93
N TYR M 166 -32.22 -46.87 -32.93
CA TYR M 166 -32.10 -48.00 -33.83
C TYR M 166 -31.62 -49.27 -33.12
N ASN M 167 -30.83 -49.09 -32.08
CA ASN M 167 -30.31 -50.20 -31.30
C ASN M 167 -31.34 -50.77 -30.32
N THR M 168 -32.45 -50.07 -30.13
CA THR M 168 -33.45 -50.44 -29.13
C THR M 168 -34.18 -51.75 -29.44
N LYS M 169 -34.22 -52.63 -28.43
CA LYS M 169 -35.02 -53.83 -28.44
C LYS M 169 -36.36 -53.59 -27.74
N VAL M 170 -37.45 -54.01 -28.38
CA VAL M 170 -38.77 -53.96 -27.75
C VAL M 170 -39.09 -55.35 -27.22
N TYR M 171 -39.65 -55.42 -26.01
CA TYR M 171 -39.94 -56.70 -25.34
C TYR M 171 -41.39 -57.17 -25.43
N LYS M 172 -41.63 -58.42 -25.01
CA LYS M 172 -42.96 -59.01 -25.04
C LYS M 172 -43.89 -58.36 -24.04
N VAL M 173 -45.15 -58.22 -24.41
CA VAL M 173 -46.15 -57.64 -23.53
C VAL M 173 -47.14 -58.73 -23.09
N GLU M 174 -47.08 -59.04 -21.79
CA GLU M 174 -48.00 -60.01 -21.18
C GLU M 174 -49.27 -59.32 -20.66
N GLN M 175 -50.43 -59.70 -21.23
CA GLN M 175 -51.73 -59.14 -20.86
C GLN M 175 -52.65 -60.20 -20.28
N ILE M 180 -50.18 -55.11 -19.34
CA ILE M 180 -50.13 -55.34 -17.89
C ILE M 180 -48.70 -55.62 -17.39
N SER M 181 -48.00 -56.53 -18.06
CA SER M 181 -46.62 -56.89 -17.68
C SER M 181 -45.64 -56.96 -18.87
N VAL M 182 -44.40 -56.54 -18.64
CA VAL M 182 -43.33 -56.62 -19.64
C VAL M 182 -42.44 -57.82 -19.36
N ASN M 183 -42.27 -58.69 -20.35
CA ASN M 183 -41.37 -59.84 -20.20
C ASN M 183 -40.01 -59.57 -20.85
N LYS M 184 -39.04 -59.19 -20.02
CA LYS M 184 -37.77 -58.62 -20.52
C LYS M 184 -36.74 -59.61 -21.06
N ASN M 185 -37.09 -60.87 -21.16
CA ASN M 185 -36.17 -61.84 -21.79
C ASN M 185 -36.75 -62.50 -23.05
N GLU M 186 -37.81 -61.91 -23.58
CA GLU M 186 -38.29 -62.23 -24.90
C GLU M 186 -38.32 -60.94 -25.72
N VAL M 187 -37.32 -60.79 -26.60
CA VAL M 187 -37.25 -59.65 -27.53
C VAL M 187 -38.25 -59.86 -28.67
N VAL M 188 -39.17 -58.91 -28.81
CA VAL M 188 -40.27 -59.02 -29.77
C VAL M 188 -40.00 -58.29 -31.09
N GLY M 189 -39.31 -57.16 -31.04
CA GLY M 189 -39.02 -56.40 -32.24
C GLY M 189 -38.19 -55.15 -32.01
N LYS M 190 -38.33 -54.18 -32.90
CA LYS M 190 -37.55 -52.97 -32.85
C LYS M 190 -38.48 -51.77 -32.79
N LEU M 191 -37.92 -50.57 -32.60
CA LEU M 191 -38.71 -49.34 -32.60
C LEU M 191 -39.27 -49.05 -34.00
N PRO M 192 -40.50 -48.48 -34.07
CA PRO M 192 -41.07 -48.09 -35.34
C PRO M 192 -40.37 -46.85 -35.92
N LEU M 193 -39.21 -47.09 -36.53
CA LEU M 193 -38.40 -46.00 -37.06
C LEU M 193 -38.53 -45.92 -38.56
N ASN M 194 -38.86 -44.73 -39.06
CA ASN M 194 -39.00 -44.49 -40.50
C ASN M 194 -37.67 -44.30 -41.22
N TYR M 195 -36.72 -43.60 -40.59
CA TYR M 195 -35.41 -43.31 -41.17
C TYR M 195 -34.53 -42.65 -40.13
N PRO M 196 -33.20 -42.68 -40.36
CA PRO M 196 -32.32 -41.91 -39.50
C PRO M 196 -32.49 -40.42 -39.80
N VAL M 197 -31.87 -39.59 -38.97
CA VAL M 197 -31.87 -38.16 -39.14
C VAL M 197 -30.46 -37.69 -38.78
N VAL M 198 -29.94 -36.67 -39.46
CA VAL M 198 -28.67 -36.08 -39.04
C VAL M 198 -28.81 -34.58 -38.79
N THR M 199 -28.04 -34.07 -37.84
CA THR M 199 -27.91 -32.64 -37.66
C THR M 199 -26.49 -32.24 -38.05
N ILE M 200 -26.39 -31.23 -38.90
CA ILE M 200 -25.09 -30.73 -39.35
C ILE M 200 -24.90 -29.28 -38.88
N SER M 201 -23.82 -29.04 -38.16
CA SER M 201 -23.53 -27.71 -37.64
C SER M 201 -22.44 -27.02 -38.47
N VAL M 202 -22.75 -25.82 -38.92
CA VAL M 202 -21.78 -25.02 -39.67
C VAL M 202 -21.46 -23.76 -38.86
N ALA M 203 -20.17 -23.56 -38.58
CA ALA M 203 -19.71 -22.43 -37.76
C ALA M 203 -19.19 -21.32 -38.64
N LYS M 204 -19.49 -20.09 -38.24
CA LYS M 204 -19.01 -18.91 -38.91
C LYS M 204 -17.83 -18.39 -38.12
N VAL M 205 -16.64 -18.50 -38.70
CA VAL M 205 -15.45 -17.96 -38.08
C VAL M 205 -14.88 -16.93 -39.02
N ASP M 206 -14.80 -15.68 -38.55
CA ASP M 206 -14.32 -14.59 -39.38
C ASP M 206 -15.19 -14.57 -40.63
N LYS M 207 -14.58 -14.71 -41.81
CA LYS M 207 -15.35 -14.74 -43.06
C LYS M 207 -15.48 -16.15 -43.63
N TYR M 208 -15.24 -17.17 -42.82
CA TYR M 208 -15.22 -18.54 -43.28
C TYR M 208 -16.34 -19.36 -42.66
N LEU M 209 -16.80 -20.35 -43.40
CA LEU M 209 -17.76 -21.33 -42.88
C LEU M 209 -17.10 -22.68 -42.76
N VAL M 210 -17.32 -23.30 -41.61
CA VAL M 210 -16.57 -24.51 -41.21
C VAL M 210 -17.53 -25.55 -40.66
N VAL M 211 -17.43 -26.78 -41.19
CA VAL M 211 -18.34 -27.87 -40.83
C VAL M 211 -17.79 -28.57 -39.61
N ASP M 212 -18.66 -28.91 -38.66
CA ASP M 212 -18.28 -29.67 -37.47
C ASP M 212 -17.10 -28.99 -36.74
N PRO M 213 -17.37 -27.85 -36.08
CA PRO M 213 -16.33 -27.11 -35.40
C PRO M 213 -15.82 -27.84 -34.16
N ASP M 214 -14.49 -27.90 -34.00
CA ASP M 214 -13.93 -28.48 -32.80
C ASP M 214 -13.92 -27.47 -31.67
N LEU M 215 -13.30 -27.85 -30.55
CA LEU M 215 -13.29 -27.06 -29.33
C LEU M 215 -12.73 -25.66 -29.52
N ASP M 216 -11.54 -25.58 -30.13
CA ASP M 216 -10.89 -24.31 -30.42
C ASP M 216 -11.75 -23.50 -31.37
N GLU M 217 -12.27 -24.15 -32.41
CA GLU M 217 -13.07 -23.47 -33.40
C GLU M 217 -14.35 -22.88 -32.82
N GLU M 218 -14.99 -23.63 -31.94
CA GLU M 218 -16.19 -23.14 -31.27
C GLU M 218 -15.90 -21.92 -30.37
N SER M 219 -14.72 -21.87 -29.78
CA SER M 219 -14.39 -20.76 -28.90
C SER M 219 -14.07 -19.47 -29.66
N ILE M 220 -13.73 -19.57 -30.93
CA ILE M 220 -13.42 -18.36 -31.73
C ILE M 220 -14.50 -17.95 -32.74
N MET M 221 -15.51 -18.81 -32.91
CA MET M 221 -16.58 -18.57 -33.90
C MET M 221 -17.49 -17.41 -33.50
N ASP M 222 -18.06 -16.74 -34.51
CA ASP M 222 -19.06 -15.73 -34.25
C ASP M 222 -20.34 -16.38 -33.77
N ALA M 223 -20.75 -17.42 -34.51
CA ALA M 223 -21.99 -18.14 -34.27
C ALA M 223 -21.97 -19.43 -35.09
N LYS M 224 -22.86 -20.37 -34.77
CA LYS M 224 -23.05 -21.54 -35.63
C LYS M 224 -24.52 -21.76 -35.90
N ILE M 225 -24.79 -22.51 -36.97
CA ILE M 225 -26.16 -22.81 -37.36
C ILE M 225 -26.26 -24.31 -37.68
N SER M 226 -27.27 -24.95 -37.11
CA SER M 226 -27.42 -26.39 -37.21
C SER M 226 -28.64 -26.75 -38.03
N PHE M 227 -28.44 -27.53 -39.10
CA PHE M 227 -29.51 -27.95 -39.98
C PHE M 227 -29.77 -29.44 -39.79
N SER M 228 -31.03 -29.81 -39.68
CA SER M 228 -31.38 -31.22 -39.53
C SER M 228 -32.03 -31.74 -40.81
N TYR M 229 -31.55 -32.89 -41.26
CA TYR M 229 -32.03 -33.48 -42.51
C TYR M 229 -32.50 -34.90 -42.35
N THR M 230 -33.55 -35.24 -43.10
CA THR M 230 -33.96 -36.62 -43.32
C THR M 230 -33.22 -37.10 -44.57
N PRO M 231 -33.20 -38.42 -44.84
CA PRO M 231 -32.44 -38.95 -45.98
C PRO M 231 -32.85 -38.38 -47.33
N ASP M 232 -34.11 -38.04 -47.50
CA ASP M 232 -34.51 -37.38 -48.75
C ASP M 232 -34.23 -35.86 -48.70
N LEU M 233 -33.34 -35.47 -47.79
CA LEU M 233 -32.76 -34.12 -47.75
C LEU M 233 -33.78 -32.99 -47.55
N LYS M 234 -34.84 -33.29 -46.82
CA LYS M 234 -35.76 -32.29 -46.35
C LYS M 234 -35.21 -31.69 -45.07
N ILE M 235 -35.33 -30.37 -44.92
CA ILE M 235 -34.94 -29.68 -43.69
C ILE M 235 -36.06 -29.81 -42.65
N VAL M 236 -35.64 -30.08 -41.42
CA VAL M 236 -36.46 -30.77 -40.45
C VAL M 236 -36.17 -30.19 -39.05
N GLY M 237 -35.21 -29.27 -39.02
CA GLY M 237 -34.91 -28.44 -37.87
C GLY M 237 -33.77 -27.47 -38.19
N ILE M 238 -33.89 -26.24 -37.74
CA ILE M 238 -32.78 -25.29 -37.81
C ILE M 238 -32.62 -24.57 -36.47
N GLN M 239 -31.37 -24.41 -36.04
CA GLN M 239 -31.05 -23.70 -34.82
C GLN M 239 -29.74 -22.94 -34.93
N LYS M 240 -29.83 -21.61 -34.94
CA LYS M 240 -28.64 -20.76 -34.81
C LYS M 240 -28.24 -20.70 -33.34
N SER M 241 -26.94 -20.53 -33.13
CA SER M 241 -26.37 -20.61 -31.81
C SER M 241 -25.11 -19.76 -31.72
N GLY M 242 -24.91 -19.12 -30.57
CA GLY M 242 -23.70 -18.35 -30.32
C GLY M 242 -23.96 -16.88 -30.09
N LYS M 243 -22.99 -16.21 -29.48
CA LYS M 243 -23.04 -14.78 -29.11
C LYS M 243 -23.06 -13.82 -30.29
N GLY M 244 -22.70 -14.31 -31.47
CA GLY M 244 -22.55 -13.43 -32.62
C GLY M 244 -23.66 -13.60 -33.63
N SER M 245 -23.53 -12.85 -34.73
CA SER M 245 -24.50 -12.90 -35.80
C SER M 245 -23.89 -13.47 -37.08
N MET M 246 -24.72 -13.56 -38.12
CA MET M 246 -24.41 -14.26 -39.35
C MET M 246 -25.22 -13.61 -40.42
N SER M 247 -24.64 -13.39 -41.59
CA SER M 247 -25.36 -12.70 -42.66
C SER M 247 -26.35 -13.61 -43.42
N LEU M 248 -27.23 -12.97 -44.18
CA LEU M 248 -28.17 -13.67 -45.04
C LEU M 248 -27.44 -14.67 -45.93
N GLN M 249 -26.39 -14.20 -46.59
CA GLN M 249 -25.60 -15.03 -47.49
C GLN M 249 -24.87 -16.12 -46.74
N ASP M 250 -24.42 -15.83 -45.52
CA ASP M 250 -23.77 -16.83 -44.70
C ASP M 250 -24.69 -18.02 -44.50
N ILE M 251 -25.95 -17.74 -44.14
CA ILE M 251 -26.91 -18.78 -43.84
C ILE M 251 -27.27 -19.56 -45.11
N ASP M 252 -27.46 -18.84 -46.20
CA ASP M 252 -27.70 -19.47 -47.50
C ASP M 252 -26.59 -20.49 -47.82
N GLN M 253 -25.34 -20.05 -47.79
CA GLN M 253 -24.21 -20.94 -48.05
C GLN M 253 -24.11 -22.05 -47.03
N ALA M 254 -24.33 -21.71 -45.75
CA ALA M 254 -24.25 -22.69 -44.68
C ALA M 254 -25.16 -23.89 -44.95
N GLU M 255 -26.39 -23.65 -45.40
CA GLU M 255 -27.30 -24.77 -45.67
C GLU M 255 -26.88 -25.59 -46.90
N ASN M 256 -26.40 -24.93 -47.96
CA ASN M 256 -25.83 -25.67 -49.09
C ASN M 256 -24.74 -26.62 -48.62
N THR M 257 -23.80 -26.07 -47.85
CA THR M 257 -22.68 -26.84 -47.34
C THR M 257 -23.19 -27.96 -46.43
N ALA M 258 -24.12 -27.61 -45.52
CA ALA M 258 -24.70 -28.56 -44.57
C ALA M 258 -25.37 -29.73 -45.29
N ARG M 259 -26.17 -29.41 -46.30
CA ARG M 259 -26.90 -30.42 -47.03
C ARG M 259 -25.97 -31.37 -47.81
N SER M 260 -24.92 -30.84 -48.42
CA SER M 260 -24.05 -31.74 -49.17
C SER M 260 -23.23 -32.61 -48.23
N THR M 261 -22.98 -32.10 -47.03
CA THR M 261 -22.32 -32.86 -45.98
C THR M 261 -23.24 -33.97 -45.46
N ALA M 262 -24.53 -33.63 -45.34
CA ALA M 262 -25.53 -34.54 -44.80
C ALA M 262 -25.58 -35.87 -45.52
N VAL M 263 -25.40 -35.86 -46.84
CA VAL M 263 -25.37 -37.09 -47.63
C VAL M 263 -24.27 -38.04 -47.15
N LYS M 264 -23.05 -37.52 -47.02
CA LYS M 264 -21.91 -38.28 -46.56
C LYS M 264 -22.13 -38.82 -45.16
N LEU M 265 -22.59 -37.96 -44.27
CA LEU M 265 -22.79 -38.33 -42.88
C LEU M 265 -23.88 -39.40 -42.73
N LEU M 266 -24.95 -39.28 -43.49
CA LEU M 266 -26.01 -40.30 -43.47
C LEU M 266 -25.49 -41.65 -43.88
N GLU M 267 -24.70 -41.69 -44.96
CA GLU M 267 -24.08 -42.93 -45.40
C GLU M 267 -23.33 -43.54 -44.26
N GLU M 268 -22.46 -42.74 -43.66
CA GLU M 268 -21.59 -43.23 -42.62
C GLU M 268 -22.38 -43.74 -41.42
N LEU M 269 -23.40 -42.98 -41.02
CA LEU M 269 -24.29 -43.38 -39.94
C LEU M 269 -24.94 -44.75 -40.23
N LYS M 270 -25.44 -44.92 -41.44
CA LYS M 270 -26.07 -46.16 -41.83
C LYS M 270 -25.11 -47.34 -41.74
N LYS M 271 -23.87 -47.15 -42.19
CA LYS M 271 -22.86 -48.20 -42.07
C LYS M 271 -22.74 -48.69 -40.64
N HIS M 272 -22.67 -47.76 -39.70
CA HIS M 272 -22.58 -48.10 -38.29
C HIS M 272 -23.80 -48.82 -37.79
N LEU M 273 -24.96 -48.46 -38.32
CA LEU M 273 -26.23 -49.04 -37.88
C LEU M 273 -26.60 -50.36 -38.57
N GLY M 274 -25.81 -50.74 -39.56
CA GLY M 274 -26.16 -51.86 -40.45
C GLY M 274 -27.35 -51.46 -41.31
N ILE M 275 -27.29 -50.22 -41.80
CA ILE M 275 -28.41 -49.48 -42.44
C ILE M 275 -29.67 -49.38 -41.56
N GLU N 8 -59.16 -31.72 -33.03
CA GLU N 8 -59.60 -31.73 -34.47
C GLU N 8 -59.09 -30.53 -35.27
N ARG N 9 -58.33 -30.83 -36.33
CA ARG N 9 -57.61 -29.85 -37.16
C ARG N 9 -58.50 -28.93 -38.02
N PRO N 10 -58.17 -27.62 -38.06
CA PRO N 10 -58.78 -26.68 -39.00
C PRO N 10 -58.00 -26.55 -40.31
N LYS N 11 -58.69 -26.19 -41.39
CA LYS N 11 -58.02 -25.81 -42.63
C LYS N 11 -57.34 -24.46 -42.40
N LEU N 12 -56.11 -24.31 -42.91
CA LEU N 12 -55.29 -23.12 -42.63
C LEU N 12 -55.25 -22.10 -43.76
N ILE N 13 -55.36 -22.57 -44.99
CA ILE N 13 -55.66 -21.69 -46.11
C ILE N 13 -57.04 -22.05 -46.60
N LEU N 14 -57.96 -21.09 -46.52
CA LEU N 14 -59.33 -21.28 -46.98
C LEU N 14 -59.39 -21.23 -48.50
N ASP N 15 -60.59 -21.14 -49.03
CA ASP N 15 -60.75 -21.25 -50.47
C ASP N 15 -60.42 -19.98 -51.26
N ASP N 16 -60.67 -18.80 -50.68
CA ASP N 16 -60.28 -17.52 -51.31
C ASP N 16 -58.78 -17.52 -51.52
N GLY N 17 -58.08 -18.26 -50.67
CA GLY N 17 -56.63 -18.28 -50.67
C GLY N 17 -56.16 -17.47 -49.48
N LYS N 18 -57.13 -16.93 -48.75
CA LYS N 18 -56.86 -16.12 -47.57
C LYS N 18 -56.67 -17.00 -46.35
N ARG N 19 -56.00 -16.47 -45.35
CA ARG N 19 -55.72 -17.20 -44.13
C ARG N 19 -56.90 -17.15 -43.18
N THR N 20 -56.79 -17.81 -42.03
CA THR N 20 -57.91 -17.91 -41.07
C THR N 20 -58.34 -16.58 -40.46
N ASP N 21 -57.41 -15.63 -40.38
CA ASP N 21 -57.74 -14.28 -39.90
C ASP N 21 -58.01 -13.30 -41.06
N GLY N 22 -58.04 -13.80 -42.28
CA GLY N 22 -58.34 -12.95 -43.44
C GLY N 22 -57.11 -12.34 -44.11
N ARG N 23 -55.93 -12.63 -43.59
CA ARG N 23 -54.70 -12.11 -44.17
C ARG N 23 -54.29 -12.87 -45.42
N LYS N 24 -53.59 -12.19 -46.33
CA LYS N 24 -52.92 -12.83 -47.43
C LYS N 24 -51.62 -13.43 -46.92
N PRO N 25 -51.06 -14.42 -47.65
CA PRO N 25 -49.78 -15.01 -47.21
C PRO N 25 -48.67 -14.00 -46.94
N ASP N 26 -48.68 -12.87 -47.65
CA ASP N 26 -47.64 -11.87 -47.49
C ASP N 26 -48.02 -10.65 -46.62
N GLU N 27 -48.97 -10.84 -45.70
CA GLU N 27 -49.40 -9.72 -44.87
C GLU N 27 -49.02 -9.85 -43.41
N LEU N 28 -48.44 -8.78 -42.85
CA LEU N 28 -48.12 -8.74 -41.44
C LEU N 28 -49.38 -8.46 -40.63
N ARG N 29 -49.40 -8.94 -39.38
CA ARG N 29 -50.41 -8.53 -38.42
C ARG N 29 -50.21 -7.06 -38.08
N SER N 30 -51.19 -6.46 -37.41
CA SER N 30 -51.04 -5.09 -36.95
C SER N 30 -49.91 -4.98 -35.93
N ILE N 31 -49.24 -3.82 -35.92
CA ILE N 31 -48.15 -3.56 -35.00
C ILE N 31 -48.43 -2.34 -34.15
N LYS N 32 -48.07 -2.44 -32.87
CA LYS N 32 -48.14 -1.30 -31.96
C LYS N 32 -46.88 -1.30 -31.10
N ILE N 33 -46.25 -0.14 -30.99
CA ILE N 33 -45.01 -0.02 -30.23
C ILE N 33 -45.08 1.24 -29.38
N GLU N 34 -44.75 1.11 -28.10
CA GLU N 34 -44.44 2.31 -27.33
C GLU N 34 -43.29 2.17 -26.34
N LEU N 35 -42.59 3.27 -26.12
CA LEU N 35 -41.36 3.30 -25.36
C LEU N 35 -41.50 4.13 -24.10
N GLY N 36 -40.63 3.86 -23.12
CA GLY N 36 -40.55 4.67 -21.92
C GLY N 36 -41.83 4.59 -21.12
N VAL N 37 -42.39 3.40 -21.05
CA VAL N 37 -43.69 3.19 -20.45
C VAL N 37 -43.59 2.93 -18.95
N LEU N 38 -42.39 2.59 -18.48
CA LEU N 38 -42.14 2.28 -17.07
C LEU N 38 -41.23 3.33 -16.46
N LYS N 39 -41.66 3.92 -15.36
CA LYS N 39 -40.95 5.04 -14.75
C LYS N 39 -39.68 4.61 -14.04
N ASN N 40 -39.75 3.49 -13.34
CA ASN N 40 -38.65 3.07 -12.46
C ASN N 40 -37.63 2.16 -13.14
N ALA N 41 -37.67 2.09 -14.46
CA ALA N 41 -36.70 1.30 -15.22
C ALA N 41 -35.82 2.22 -16.03
N ASP N 42 -34.67 1.73 -16.46
CA ASP N 42 -33.76 2.55 -17.26
C ASP N 42 -34.20 2.66 -18.71
N GLY N 43 -34.91 1.66 -19.18
CA GLY N 43 -35.50 1.66 -20.52
C GLY N 43 -36.64 0.66 -20.54
N SER N 44 -37.65 0.94 -21.35
CA SER N 44 -38.83 0.07 -21.42
C SER N 44 -39.54 0.22 -22.75
N ALA N 45 -40.16 -0.87 -23.21
CA ALA N 45 -41.00 -0.84 -24.40
C ALA N 45 -42.10 -1.85 -24.30
N ILE N 46 -43.24 -1.53 -24.90
CA ILE N 46 -44.31 -2.51 -25.13
C ILE N 46 -44.35 -2.73 -26.63
N PHE N 47 -44.34 -3.99 -27.03
CA PHE N 47 -44.45 -4.34 -28.45
C PHE N 47 -45.64 -5.24 -28.65
N GLU N 48 -46.47 -4.93 -29.65
CA GLU N 48 -47.62 -5.76 -30.00
C GLU N 48 -47.59 -6.16 -31.46
N MET N 49 -47.60 -7.46 -31.74
CA MET N 49 -47.90 -7.96 -33.07
C MET N 49 -49.21 -8.71 -33.02
N GLY N 50 -50.21 -8.14 -33.67
CA GLY N 50 -51.56 -8.66 -33.56
C GLY N 50 -51.87 -8.78 -32.09
N ASN N 51 -52.19 -10.00 -31.66
CA ASN N 51 -52.54 -10.25 -30.26
C ASN N 51 -51.39 -10.69 -29.38
N THR N 52 -50.19 -10.82 -29.93
CA THR N 52 -49.04 -11.14 -29.11
C THR N 52 -48.48 -9.84 -28.56
N LYS N 53 -48.40 -9.74 -27.24
CA LYS N 53 -47.98 -8.49 -26.58
C LYS N 53 -46.93 -8.75 -25.51
N ALA N 54 -45.82 -8.03 -25.59
CA ALA N 54 -44.76 -8.19 -24.61
C ALA N 54 -44.36 -6.86 -24.04
N ILE N 55 -43.96 -6.86 -22.78
CA ILE N 55 -43.35 -5.69 -22.15
C ILE N 55 -41.91 -6.04 -21.76
N ALA N 56 -41.01 -5.10 -21.98
CA ALA N 56 -39.63 -5.33 -21.64
C ALA N 56 -39.12 -4.16 -20.83
N ALA N 57 -38.31 -4.46 -19.82
CA ALA N 57 -37.67 -3.46 -19.00
C ALA N 57 -36.17 -3.72 -18.96
N VAL N 58 -35.39 -2.65 -19.00
CA VAL N 58 -33.95 -2.74 -18.90
C VAL N 58 -33.52 -2.02 -17.63
N TYR N 59 -32.69 -2.67 -16.83
CA TYR N 59 -32.08 -2.00 -15.69
C TYR N 59 -30.60 -1.84 -15.98
N GLY N 60 -30.25 -0.58 -16.29
CA GLY N 60 -29.09 -0.14 -17.10
C GLY N 60 -27.75 -0.63 -16.61
N PRO N 61 -26.66 -0.29 -17.31
CA PRO N 61 -25.36 -0.86 -16.90
C PRO N 61 -25.09 -0.53 -15.43
N LYS N 62 -24.81 -1.56 -14.64
CA LYS N 62 -24.64 -1.40 -13.19
C LYS N 62 -23.66 -2.43 -12.64
N GLU N 63 -22.91 -2.04 -11.62
CA GLU N 63 -21.97 -2.93 -10.93
C GLU N 63 -22.66 -4.24 -10.57
N MET N 64 -21.95 -5.35 -10.74
CA MET N 64 -22.59 -6.64 -10.57
C MET N 64 -22.41 -7.28 -9.21
N HIS N 65 -23.55 -7.69 -8.65
CA HIS N 65 -23.66 -8.14 -7.26
C HIS N 65 -22.47 -8.97 -6.73
N PRO N 66 -22.36 -10.27 -7.14
CA PRO N 66 -21.17 -11.04 -6.74
C PRO N 66 -20.09 -10.96 -7.82
N ARG N 67 -18.97 -10.33 -7.49
CA ARG N 67 -18.00 -9.95 -8.50
C ARG N 67 -17.47 -11.09 -9.38
N HIS N 68 -17.31 -12.30 -8.81
CA HIS N 68 -16.80 -13.44 -9.58
C HIS N 68 -17.68 -13.80 -10.79
N LEU N 69 -18.93 -13.37 -10.76
CA LEU N 69 -19.87 -13.63 -11.86
C LEU N 69 -19.84 -12.56 -12.95
N SER N 70 -19.04 -11.51 -12.73
CA SER N 70 -18.85 -10.46 -13.72
C SER N 70 -17.73 -10.82 -14.69
N LEU N 71 -17.56 -9.99 -15.72
CA LEU N 71 -16.51 -10.18 -16.72
C LEU N 71 -15.61 -8.95 -16.77
N PRO N 72 -14.30 -9.16 -17.00
CA PRO N 72 -13.36 -8.04 -16.98
C PRO N 72 -13.39 -7.15 -18.23
N ASP N 73 -13.92 -7.66 -19.34
CA ASP N 73 -13.83 -6.98 -20.63
C ASP N 73 -15.19 -6.53 -21.18
N ARG N 74 -16.26 -7.03 -20.58
CA ARG N 74 -17.61 -6.97 -21.14
C ARG N 74 -18.62 -6.73 -20.04
N ALA N 75 -19.82 -6.29 -20.43
CA ALA N 75 -20.99 -6.38 -19.57
C ALA N 75 -21.57 -7.80 -19.67
N VAL N 76 -22.20 -8.24 -18.60
CA VAL N 76 -22.95 -9.50 -18.60
C VAL N 76 -24.41 -9.15 -18.86
N LEU N 77 -25.01 -9.78 -19.87
CA LEU N 77 -26.45 -9.63 -20.08
C LEU N 77 -27.16 -10.69 -19.27
N ARG N 78 -28.19 -10.27 -18.54
CA ARG N 78 -29.06 -11.21 -17.85
C ARG N 78 -30.44 -11.01 -18.42
N VAL N 79 -30.98 -12.05 -19.05
CA VAL N 79 -32.24 -11.97 -19.76
C VAL N 79 -33.27 -12.97 -19.24
N ARG N 80 -34.50 -12.50 -19.06
CA ARG N 80 -35.60 -13.36 -18.64
C ARG N 80 -36.69 -13.28 -19.70
N TYR N 81 -37.00 -14.41 -20.33
CA TYR N 81 -38.17 -14.52 -21.16
C TYR N 81 -39.23 -15.25 -20.35
N HIS N 82 -40.38 -14.60 -20.15
CA HIS N 82 -41.42 -15.18 -19.28
C HIS N 82 -42.84 -14.91 -19.78
N MET N 83 -43.70 -15.92 -19.66
CA MET N 83 -45.10 -15.79 -20.04
C MET N 83 -45.95 -15.69 -18.80
N THR N 84 -46.78 -14.66 -18.75
CA THR N 84 -47.69 -14.50 -17.61
C THR N 84 -48.71 -15.63 -17.64
N PRO N 85 -49.16 -16.07 -16.46
CA PRO N 85 -50.10 -17.19 -16.42
C PRO N 85 -51.37 -16.96 -17.25
N PHE N 86 -51.73 -15.69 -17.44
CA PHE N 86 -52.97 -15.32 -18.14
C PHE N 86 -52.73 -14.88 -19.58
N SER N 87 -51.60 -15.26 -20.16
CA SER N 87 -51.26 -14.83 -21.51
C SER N 87 -51.85 -15.76 -22.56
N THR N 88 -52.30 -16.93 -22.13
CA THR N 88 -52.88 -17.93 -23.03
C THR N 88 -54.26 -18.33 -22.57
N ASP N 89 -54.94 -19.13 -23.37
CA ASP N 89 -56.29 -19.54 -23.03
C ASP N 89 -56.31 -20.46 -21.82
N GLU N 90 -55.35 -21.37 -21.76
CA GLU N 90 -55.17 -22.21 -20.59
C GLU N 90 -54.05 -21.63 -19.72
N ARG N 91 -54.27 -21.59 -18.42
CA ARG N 91 -53.32 -20.96 -17.51
C ARG N 91 -51.96 -21.66 -17.57
N LYS N 92 -50.91 -20.89 -17.86
CA LYS N 92 -49.53 -21.36 -17.75
C LYS N 92 -49.05 -21.32 -16.30
N ASN N 93 -48.34 -22.37 -15.90
CA ASN N 93 -47.64 -22.35 -14.63
C ASN N 93 -46.54 -21.29 -14.70
N PRO N 94 -46.52 -20.35 -13.73
CA PRO N 94 -45.52 -19.29 -13.74
C PRO N 94 -44.08 -19.77 -13.59
N ALA N 95 -43.90 -20.97 -13.02
CA ALA N 95 -42.59 -21.61 -12.91
C ALA N 95 -41.98 -21.77 -14.31
N PRO N 96 -40.67 -21.51 -14.45
CA PRO N 96 -40.13 -21.50 -15.82
C PRO N 96 -40.09 -22.89 -16.43
N SER N 97 -40.56 -22.98 -17.67
CA SER N 97 -40.59 -24.22 -18.42
C SER N 97 -39.28 -24.40 -19.17
N ARG N 98 -39.02 -25.63 -19.61
CA ARG N 98 -37.86 -25.90 -20.47
C ARG N 98 -37.88 -25.00 -21.70
N ARG N 99 -39.08 -24.76 -22.25
CA ARG N 99 -39.25 -23.84 -23.35
C ARG N 99 -38.79 -22.43 -23.00
N GLU N 100 -39.17 -21.94 -21.83
CA GLU N 100 -38.81 -20.58 -21.39
C GLU N 100 -37.30 -20.49 -21.16
N ILE N 101 -36.72 -21.58 -20.67
CA ILE N 101 -35.28 -21.65 -20.44
C ILE N 101 -34.52 -21.57 -21.75
N GLU N 102 -34.93 -22.36 -22.74
CA GLU N 102 -34.27 -22.30 -24.04
C GLU N 102 -34.41 -20.92 -24.69
N LEU N 103 -35.62 -20.40 -24.71
CA LEU N 103 -35.90 -19.15 -25.39
C LEU N 103 -35.17 -17.99 -24.73
N SER N 104 -35.02 -18.06 -23.41
CA SER N 104 -34.25 -17.03 -22.70
C SER N 104 -32.83 -16.96 -23.24
N LYS N 105 -32.21 -18.14 -23.38
CA LYS N 105 -30.87 -18.27 -23.92
C LYS N 105 -30.80 -17.74 -25.36
N VAL N 106 -31.72 -18.23 -26.20
CA VAL N 106 -31.77 -17.85 -27.60
C VAL N 106 -31.92 -16.33 -27.76
N ILE N 107 -32.82 -15.74 -26.99
CA ILE N 107 -33.03 -14.29 -26.97
C ILE N 107 -31.78 -13.53 -26.44
N ARG N 108 -31.20 -14.02 -25.32
CA ARG N 108 -30.00 -13.40 -24.79
C ARG N 108 -28.91 -13.33 -25.86
N GLU N 109 -28.69 -14.44 -26.57
CA GLU N 109 -27.62 -14.50 -27.58
C GLU N 109 -27.88 -13.54 -28.74
N ALA N 110 -29.15 -13.39 -29.10
CA ALA N 110 -29.54 -12.47 -30.13
C ALA N 110 -29.14 -11.07 -29.73
N LEU N 111 -29.42 -10.70 -28.47
CA LEU N 111 -29.10 -9.38 -27.93
C LEU N 111 -27.60 -9.16 -27.82
N GLU N 112 -26.87 -10.21 -27.43
CA GLU N 112 -25.43 -10.09 -27.29
C GLU N 112 -24.72 -9.75 -28.60
N SER N 113 -25.29 -10.18 -29.73
CA SER N 113 -24.70 -9.85 -31.02
C SER N 113 -24.92 -8.38 -31.38
N ALA N 114 -25.85 -7.72 -30.67
CA ALA N 114 -26.24 -6.35 -30.99
C ALA N 114 -25.69 -5.33 -30.00
N VAL N 115 -25.75 -5.66 -28.72
CA VAL N 115 -25.38 -4.74 -27.66
C VAL N 115 -23.86 -4.63 -27.58
N LEU N 116 -23.34 -3.41 -27.55
CA LEU N 116 -21.91 -3.19 -27.43
C LEU N 116 -21.43 -3.37 -26.00
N VAL N 117 -21.43 -4.62 -25.55
CA VAL N 117 -21.13 -4.97 -24.15
C VAL N 117 -19.71 -4.59 -23.69
N GLU N 118 -18.79 -4.48 -24.64
CA GLU N 118 -17.39 -4.19 -24.34
C GLU N 118 -17.25 -2.83 -23.67
N LEU N 119 -18.21 -1.96 -23.93
CA LEU N 119 -18.23 -0.60 -23.37
C LEU N 119 -18.39 -0.56 -21.86
N PHE N 120 -18.91 -1.64 -21.27
CA PHE N 120 -19.27 -1.61 -19.85
C PHE N 120 -18.70 -2.80 -19.07
N PRO N 121 -17.37 -2.82 -18.89
CA PRO N 121 -16.78 -3.94 -18.15
C PRO N 121 -17.27 -3.99 -16.72
N ARG N 122 -17.30 -5.19 -16.14
CA ARG N 122 -17.66 -5.41 -14.74
C ARG N 122 -19.09 -5.05 -14.36
N THR N 123 -19.95 -4.84 -15.36
CA THR N 123 -21.35 -4.48 -15.12
C THR N 123 -22.30 -5.55 -15.60
N ALA N 124 -23.53 -5.45 -15.15
CA ALA N 124 -24.62 -6.27 -15.67
C ALA N 124 -25.68 -5.38 -16.28
N ILE N 125 -26.26 -5.82 -17.39
CA ILE N 125 -27.44 -5.21 -17.98
C ILE N 125 -28.57 -6.21 -17.87
N ASP N 126 -29.59 -5.87 -17.11
CA ASP N 126 -30.71 -6.79 -16.89
C ASP N 126 -31.85 -6.47 -17.82
N VAL N 127 -32.29 -7.47 -18.57
CA VAL N 127 -33.39 -7.30 -19.50
C VAL N 127 -34.51 -8.25 -19.08
N PHE N 128 -35.62 -7.68 -18.62
CA PHE N 128 -36.77 -8.51 -18.21
C PHE N 128 -37.90 -8.38 -19.21
N THR N 129 -38.42 -9.53 -19.63
CA THR N 129 -39.42 -9.62 -20.69
C THR N 129 -40.63 -10.41 -20.19
N GLU N 130 -41.82 -9.86 -20.42
CA GLU N 130 -43.05 -10.52 -20.01
C GLU N 130 -44.04 -10.58 -21.15
N ILE N 131 -44.51 -11.78 -21.47
CA ILE N 131 -45.55 -11.93 -22.46
C ILE N 131 -46.90 -11.79 -21.76
N LEU N 132 -47.62 -10.75 -22.18
CA LEU N 132 -48.90 -10.39 -21.59
C LEU N 132 -50.05 -11.07 -22.30
N GLN N 133 -49.92 -11.26 -23.61
CA GLN N 133 -50.78 -12.14 -24.39
C GLN N 133 -49.98 -12.87 -25.45
N ALA N 134 -50.27 -14.16 -25.62
CA ALA N 134 -49.59 -14.94 -26.60
C ALA N 134 -50.53 -15.34 -27.72
N ASP N 135 -50.13 -15.06 -28.95
CA ASP N 135 -50.82 -15.51 -30.15
C ASP N 135 -49.77 -15.85 -31.21
N ALA N 136 -48.77 -16.64 -30.80
CA ALA N 136 -47.62 -17.01 -31.61
C ALA N 136 -46.65 -15.85 -31.89
N GLY N 137 -45.36 -16.19 -31.99
CA GLY N 137 -44.32 -15.21 -32.29
C GLY N 137 -43.82 -14.46 -31.07
N SER N 138 -44.18 -14.98 -29.89
CA SER N 138 -43.86 -14.34 -28.62
C SER N 138 -42.37 -14.11 -28.47
N ARG N 139 -41.56 -15.10 -28.87
CA ARG N 139 -40.13 -14.98 -28.69
C ARG N 139 -39.57 -13.78 -29.45
N LEU N 140 -40.16 -13.50 -30.61
CA LEU N 140 -39.70 -12.38 -31.42
C LEU N 140 -40.22 -11.04 -30.92
N VAL N 141 -41.48 -10.99 -30.51
CA VAL N 141 -42.06 -9.79 -29.91
C VAL N 141 -41.28 -9.44 -28.67
N SER N 142 -41.00 -10.45 -27.84
CA SER N 142 -40.17 -10.27 -26.67
C SER N 142 -38.78 -9.70 -27.04
N LEU N 143 -38.16 -10.29 -28.05
CA LEU N 143 -36.83 -9.87 -28.46
C LEU N 143 -36.83 -8.43 -28.93
N MET N 144 -37.82 -8.07 -29.74
CA MET N 144 -37.92 -6.71 -30.24
C MET N 144 -38.22 -5.70 -29.12
N ALA N 145 -39.12 -6.06 -28.22
CA ALA N 145 -39.41 -5.22 -27.06
C ALA N 145 -38.13 -4.96 -26.29
N ALA N 146 -37.34 -6.03 -26.11
CA ALA N 146 -36.03 -5.94 -25.48
C ALA N 146 -35.12 -4.96 -26.22
N SER N 147 -34.97 -5.17 -27.53
CA SER N 147 -34.10 -4.33 -28.36
C SER N 147 -34.43 -2.86 -28.17
N LEU N 148 -35.73 -2.56 -28.22
CA LEU N 148 -36.23 -1.20 -28.09
C LEU N 148 -36.09 -0.65 -26.68
N ALA N 149 -36.25 -1.50 -25.67
CA ALA N 149 -36.06 -1.07 -24.29
C ALA N 149 -34.59 -0.70 -24.04
N LEU N 150 -33.69 -1.46 -24.63
CA LEU N 150 -32.26 -1.12 -24.61
C LEU N 150 -32.00 0.23 -25.28
N ALA N 151 -32.63 0.46 -26.43
CA ALA N 151 -32.51 1.73 -27.13
C ALA N 151 -33.05 2.85 -26.25
N ASP N 152 -34.18 2.58 -25.62
CA ASP N 152 -34.85 3.53 -24.75
C ASP N 152 -33.96 3.87 -23.55
N ALA N 153 -33.15 2.90 -23.11
CA ALA N 153 -32.19 3.13 -22.02
C ALA N 153 -30.93 3.89 -22.47
N GLY N 154 -30.77 4.05 -23.79
CA GLY N 154 -29.60 4.72 -24.32
C GLY N 154 -28.37 3.83 -24.33
N ILE N 155 -28.57 2.52 -24.30
CA ILE N 155 -27.47 1.58 -24.35
C ILE N 155 -27.07 1.35 -25.82
N PRO N 156 -25.80 1.64 -26.13
CA PRO N 156 -25.29 1.61 -27.51
C PRO N 156 -25.36 0.22 -28.12
N MET N 157 -25.87 0.12 -29.34
CA MET N 157 -25.99 -1.16 -30.03
C MET N 157 -25.56 -1.05 -31.49
N ARG N 158 -25.27 -2.19 -32.11
CA ARG N 158 -24.89 -2.21 -33.52
C ARG N 158 -26.05 -1.75 -34.42
N ASP N 159 -27.26 -2.13 -34.05
CA ASP N 159 -28.47 -1.78 -34.79
C ASP N 159 -29.64 -2.22 -33.93
N LEU N 160 -30.86 -1.85 -34.31
CA LEU N 160 -32.05 -2.43 -33.70
C LEU N 160 -32.28 -3.86 -34.22
N ILE N 161 -33.09 -4.63 -33.52
CA ILE N 161 -33.46 -5.96 -33.97
C ILE N 161 -34.94 -6.01 -34.35
N ALA N 162 -35.21 -6.46 -35.57
CA ALA N 162 -36.58 -6.72 -36.02
C ALA N 162 -36.72 -8.18 -36.42
N GLY N 163 -37.87 -8.78 -36.13
CA GLY N 163 -38.07 -10.20 -36.40
C GLY N 163 -39.50 -10.57 -36.78
N VAL N 164 -39.62 -11.65 -37.56
CA VAL N 164 -40.92 -12.29 -37.86
C VAL N 164 -40.73 -13.77 -37.97
N ALA N 165 -41.78 -14.50 -37.63
CA ALA N 165 -41.83 -15.92 -37.94
C ALA N 165 -42.46 -16.05 -39.30
N VAL N 166 -41.77 -16.77 -40.17
CA VAL N 166 -42.27 -17.10 -41.48
C VAL N 166 -42.56 -18.61 -41.40
N GLY N 167 -43.41 -19.14 -42.27
CA GLY N 167 -43.78 -20.56 -42.16
C GLY N 167 -44.50 -21.14 -43.35
N LYS N 168 -45.02 -22.35 -43.19
CA LYS N 168 -45.70 -23.07 -44.27
C LYS N 168 -47.04 -23.57 -43.77
N ALA N 169 -48.11 -23.18 -44.46
CA ALA N 169 -49.46 -23.48 -43.99
C ALA N 169 -50.10 -24.67 -44.71
N ASP N 170 -50.60 -24.50 -45.92
CA ASP N 170 -51.14 -25.66 -46.60
C ASP N 170 -50.36 -25.85 -47.88
N GLY N 171 -49.05 -26.03 -47.71
CA GLY N 171 -48.12 -26.01 -48.83
C GLY N 171 -47.77 -24.58 -49.20
N VAL N 172 -48.43 -23.61 -48.57
CA VAL N 172 -48.23 -22.21 -48.90
C VAL N 172 -47.32 -21.53 -47.90
N ILE N 173 -46.32 -20.83 -48.41
CA ILE N 173 -45.41 -20.09 -47.54
C ILE N 173 -46.08 -18.79 -47.10
N ILE N 174 -46.10 -18.58 -45.79
CA ILE N 174 -46.84 -17.46 -45.17
C ILE N 174 -45.99 -16.65 -44.19
N LEU N 175 -46.39 -15.41 -43.95
CA LEU N 175 -45.64 -14.47 -43.13
C LEU N 175 -46.35 -14.16 -41.82
N ASP N 176 -45.62 -14.25 -40.70
CA ASP N 176 -46.09 -13.83 -39.37
C ASP N 176 -47.29 -14.67 -38.91
N LEU N 177 -47.00 -15.77 -38.22
CA LEU N 177 -48.03 -16.78 -37.94
C LEU N 177 -48.95 -16.48 -36.77
N ASN N 178 -50.23 -16.84 -36.94
CA ASN N 178 -51.22 -17.09 -35.87
C ASN N 178 -50.77 -18.18 -34.92
N GLU N 179 -51.48 -18.30 -33.80
CA GLU N 179 -51.41 -19.49 -33.00
C GLU N 179 -51.96 -20.68 -33.78
N THR N 180 -53.05 -20.47 -34.52
CA THR N 180 -53.65 -21.51 -35.35
C THR N 180 -52.62 -22.05 -36.36
N GLU N 181 -51.94 -21.14 -37.03
CA GLU N 181 -50.95 -21.50 -38.04
C GLU N 181 -49.71 -22.16 -37.43
N ASP N 182 -49.33 -21.68 -36.25
CA ASP N 182 -48.25 -22.28 -35.47
C ASP N 182 -48.56 -23.73 -35.12
N MET N 183 -49.67 -23.93 -34.42
CA MET N 183 -50.14 -25.26 -34.09
C MET N 183 -50.25 -26.23 -35.28
N TRP N 184 -50.93 -25.83 -36.36
CA TRP N 184 -51.31 -26.76 -37.42
C TRP N 184 -50.47 -26.72 -38.70
N GLY N 185 -49.62 -25.72 -38.84
CA GLY N 185 -48.78 -25.58 -40.03
C GLY N 185 -47.69 -26.63 -40.11
N GLU N 186 -47.03 -26.72 -41.27
CA GLU N 186 -45.95 -27.70 -41.48
C GLU N 186 -44.63 -27.19 -40.93
N ALA N 187 -44.49 -25.86 -40.84
CA ALA N 187 -43.24 -25.24 -40.45
C ALA N 187 -43.45 -23.90 -39.76
N ASP N 188 -42.51 -23.57 -38.89
CA ASP N 188 -42.48 -22.31 -38.17
C ASP N 188 -41.03 -21.88 -38.05
N MET N 189 -40.70 -20.74 -38.64
CA MET N 189 -39.31 -20.31 -38.72
C MET N 189 -39.14 -18.87 -38.27
N PRO N 190 -39.00 -18.65 -36.94
CA PRO N 190 -38.69 -17.31 -36.45
C PRO N 190 -37.31 -16.85 -36.90
N ILE N 191 -37.25 -15.62 -37.40
CA ILE N 191 -36.01 -15.02 -37.89
C ILE N 191 -35.94 -13.57 -37.38
N ALA N 192 -34.80 -13.18 -36.84
CA ALA N 192 -34.59 -11.81 -36.38
C ALA N 192 -33.25 -11.27 -36.90
N MET N 193 -33.25 -10.00 -37.33
CA MET N 193 -32.03 -9.38 -37.86
C MET N 193 -31.74 -8.03 -37.28
N MET N 194 -30.48 -7.62 -37.45
CA MET N 194 -30.10 -6.22 -37.48
C MET N 194 -30.17 -5.78 -38.95
N PRO N 195 -31.33 -5.24 -39.38
CA PRO N 195 -31.65 -5.06 -40.79
C PRO N 195 -30.67 -4.21 -41.57
N SER N 196 -30.17 -3.12 -40.97
CA SER N 196 -29.22 -2.25 -41.66
C SER N 196 -27.91 -2.96 -42.02
N LEU N 197 -27.56 -3.99 -41.26
CA LEU N 197 -26.33 -4.74 -41.44
C LEU N 197 -26.52 -6.07 -42.18
N ASN N 198 -27.77 -6.43 -42.44
CA ASN N 198 -28.11 -7.75 -42.97
C ASN N 198 -27.54 -8.90 -42.14
N GLN N 199 -27.57 -8.73 -40.83
CA GLN N 199 -27.03 -9.71 -39.92
C GLN N 199 -28.16 -10.37 -39.16
N VAL N 200 -28.20 -11.70 -39.22
CA VAL N 200 -29.18 -12.50 -38.52
C VAL N 200 -28.74 -12.76 -37.10
N THR N 201 -29.62 -12.30 -36.22
CA THR N 201 -29.52 -12.34 -34.78
C THR N 201 -30.12 -13.62 -34.18
N LEU N 202 -31.28 -14.03 -34.69
CA LEU N 202 -31.97 -15.21 -34.21
C LEU N 202 -32.44 -15.99 -35.43
N PHE N 203 -32.22 -17.30 -35.43
CA PHE N 203 -32.68 -18.13 -36.53
C PHE N 203 -33.07 -19.54 -36.08
N GLN N 204 -34.35 -19.86 -36.16
CA GLN N 204 -34.84 -21.18 -35.77
C GLN N 204 -35.88 -21.70 -36.74
N LEU N 205 -35.87 -23.01 -36.98
CA LEU N 205 -36.99 -23.64 -37.67
C LEU N 205 -37.46 -24.87 -36.92
N ASN N 206 -38.75 -24.92 -36.63
CA ASN N 206 -39.37 -26.19 -36.24
C ASN N 206 -40.40 -26.56 -37.28
N GLY N 207 -40.57 -27.84 -37.49
CA GLY N 207 -41.43 -28.30 -38.55
C GLY N 207 -40.55 -28.81 -39.66
N SER N 208 -40.94 -28.55 -40.90
CA SER N 208 -40.36 -29.25 -42.02
C SER N 208 -40.46 -28.41 -43.28
N MET N 209 -39.36 -28.33 -44.03
CA MET N 209 -39.31 -27.58 -45.30
C MET N 209 -38.29 -28.14 -46.28
N THR N 210 -38.56 -27.97 -47.57
CA THR N 210 -37.56 -28.26 -48.58
C THR N 210 -36.58 -27.09 -48.61
N PRO N 211 -35.32 -27.32 -49.03
CA PRO N 211 -34.38 -26.21 -49.18
C PRO N 211 -34.94 -25.03 -49.99
N ASP N 212 -35.67 -25.32 -51.08
CA ASP N 212 -36.33 -24.29 -51.88
C ASP N 212 -37.34 -23.49 -51.07
N GLU N 213 -38.21 -24.20 -50.37
CA GLU N 213 -39.19 -23.56 -49.48
C GLU N 213 -38.50 -22.72 -48.42
N PHE N 214 -37.44 -23.26 -47.85
CA PHE N 214 -36.64 -22.56 -46.87
C PHE N 214 -36.14 -21.23 -47.45
N ARG N 215 -35.62 -21.28 -48.67
CA ARG N 215 -35.11 -20.07 -49.31
C ARG N 215 -36.20 -19.05 -49.63
N GLN N 216 -37.38 -19.53 -50.02
CA GLN N 216 -38.52 -18.66 -50.30
C GLN N 216 -38.98 -17.97 -49.04
N ALA N 217 -39.14 -18.77 -47.99
CA ALA N 217 -39.66 -18.27 -46.72
C ALA N 217 -38.71 -17.22 -46.15
N PHE N 218 -37.42 -17.51 -46.26
CA PHE N 218 -36.36 -16.60 -45.84
C PHE N 218 -36.50 -15.24 -46.53
N ASP N 219 -36.66 -15.25 -47.85
CA ASP N 219 -36.87 -14.01 -48.61
C ASP N 219 -38.07 -13.22 -48.12
N LEU N 220 -39.16 -13.94 -47.84
CA LEU N 220 -40.38 -13.32 -47.32
C LEU N 220 -40.16 -12.66 -45.94
N ALA N 221 -39.48 -13.38 -45.05
CA ALA N 221 -39.16 -12.85 -43.73
C ALA N 221 -38.41 -11.51 -43.82
N VAL N 222 -37.47 -11.42 -44.76
CA VAL N 222 -36.68 -10.20 -44.91
C VAL N 222 -37.59 -9.02 -45.21
N LYS N 223 -38.54 -9.21 -46.13
CA LYS N 223 -39.44 -8.15 -46.53
C LYS N 223 -40.29 -7.69 -45.35
N GLY N 224 -40.72 -8.66 -44.55
CA GLY N 224 -41.51 -8.40 -43.34
C GLY N 224 -40.69 -7.61 -42.37
N ILE N 225 -39.48 -8.11 -42.13
CA ILE N 225 -38.55 -7.51 -41.16
C ILE N 225 -38.29 -6.04 -41.51
N ASN N 226 -38.13 -5.75 -42.80
CA ASN N 226 -37.83 -4.38 -43.21
C ASN N 226 -38.96 -3.40 -42.91
N ILE N 227 -40.19 -3.87 -43.01
CA ILE N 227 -41.33 -3.04 -42.67
C ILE N 227 -41.36 -2.79 -41.17
N ILE N 228 -41.19 -3.84 -40.38
CA ILE N 228 -41.16 -3.73 -38.92
C ILE N 228 -40.06 -2.77 -38.46
N TYR N 229 -38.91 -2.87 -39.11
CA TYR N 229 -37.74 -2.05 -38.81
C TYR N 229 -38.03 -0.56 -38.96
N ASN N 230 -38.68 -0.17 -40.05
CA ASN N 230 -39.05 1.23 -40.23
C ASN N 230 -39.97 1.74 -39.13
N LEU N 231 -40.80 0.85 -38.59
CA LEU N 231 -41.69 1.21 -37.52
C LEU N 231 -40.95 1.36 -36.22
N GLU N 232 -39.94 0.51 -36.01
CA GLU N 232 -39.10 0.61 -34.82
C GLU N 232 -38.36 1.93 -34.82
N ARG N 233 -37.79 2.28 -35.98
CA ARG N 233 -37.11 3.56 -36.14
C ARG N 233 -38.02 4.74 -35.80
N GLU N 234 -39.28 4.66 -36.21
CA GLU N 234 -40.22 5.74 -36.01
C GLU N 234 -40.62 5.80 -34.53
N ALA N 235 -40.76 4.62 -33.92
CA ALA N 235 -41.10 4.50 -32.51
C ALA N 235 -40.01 5.09 -31.62
N LEU N 236 -38.78 5.07 -32.11
CA LEU N 236 -37.65 5.64 -31.42
C LEU N 236 -37.77 7.17 -31.33
N LYS N 237 -38.23 7.79 -32.40
CA LYS N 237 -38.41 9.24 -32.43
C LYS N 237 -39.68 9.68 -31.69
N SER N 238 -40.82 9.08 -32.04
CA SER N 238 -42.11 9.55 -31.54
C SER N 238 -42.62 8.87 -30.26
N LYS N 239 -41.94 7.79 -29.87
CA LYS N 239 -42.26 7.03 -28.64
C LYS N 239 -43.54 6.19 -28.73
N TYR N 240 -44.32 6.39 -29.78
CA TYR N 240 -45.58 5.67 -29.97
C TYR N 240 -45.88 5.46 -31.45
N VAL N 241 -46.16 4.21 -31.84
CA VAL N 241 -46.42 3.86 -33.23
C VAL N 241 -47.52 2.80 -33.38
N GLU N 242 -48.48 3.08 -34.25
CA GLU N 242 -49.52 2.14 -34.64
C GLU N 242 -49.46 1.88 -36.13
N PHE N 243 -49.70 0.63 -36.51
CA PHE N 243 -49.62 0.21 -37.91
C PHE N 243 -50.67 -0.86 -38.16
N LYS N 244 -51.62 -0.54 -39.05
CA LYS N 244 -52.69 -1.47 -39.42
C LYS N 244 -52.11 -2.52 -40.38
N GLU N 245 -52.66 -3.74 -40.33
CA GLU N 245 -52.26 -4.85 -41.22
C GLU N 245 -52.07 -4.42 -42.66
N GLU N 246 -51.00 -4.90 -43.31
CA GLU N 246 -50.89 -4.79 -44.77
C GLU N 246 -49.79 -5.61 -45.46
N GLY N 247 -49.94 -5.71 -46.77
CA GLY N 247 -49.08 -6.49 -47.64
C GLY N 247 -47.66 -6.01 -47.72
N VAL N 248 -46.75 -6.97 -47.72
CA VAL N 248 -45.31 -6.74 -47.78
C VAL N 248 -44.85 -6.26 -49.16
N MET O 1 -23.87 -33.08 -6.06
CA MET O 1 -22.40 -32.89 -5.76
C MET O 1 -22.00 -32.71 -4.27
N SER O 2 -21.13 -33.59 -3.76
CA SER O 2 -20.63 -33.54 -2.39
C SER O 2 -19.25 -32.92 -2.31
N SER O 3 -19.07 -31.94 -1.44
CA SER O 3 -17.78 -31.23 -1.33
C SER O 3 -17.29 -30.96 0.08
N THR O 4 -15.97 -30.90 0.22
CA THR O 4 -15.31 -30.66 1.52
C THR O 4 -15.89 -29.41 2.17
N PRO O 5 -16.47 -29.57 3.38
CA PRO O 5 -17.11 -28.45 4.07
C PRO O 5 -16.12 -27.29 4.32
N SER O 6 -16.47 -26.11 3.82
CA SER O 6 -15.61 -24.92 3.94
C SER O 6 -15.79 -24.17 5.27
N ASN O 7 -16.85 -24.52 5.99
CA ASN O 7 -17.17 -23.89 7.26
C ASN O 7 -16.39 -24.50 8.44
N GLN O 8 -15.82 -25.70 8.21
CA GLN O 8 -15.02 -26.51 9.19
C GLN O 8 -14.25 -25.74 10.30
N ASN O 9 -14.48 -26.12 11.56
CA ASN O 9 -13.80 -25.47 12.73
C ASN O 9 -12.36 -25.93 12.94
N ILE O 10 -11.45 -25.42 12.09
CA ILE O 10 -10.06 -25.86 12.18
C ILE O 10 -9.52 -25.63 13.60
N ILE O 11 -9.04 -26.71 14.22
CA ILE O 11 -8.63 -26.73 15.63
C ILE O 11 -7.10 -26.85 15.79
N PRO O 12 -6.46 -25.79 16.36
CA PRO O 12 -5.00 -25.62 16.32
C PRO O 12 -4.24 -26.84 16.83
N ILE O 13 -3.10 -27.12 16.21
CA ILE O 13 -2.27 -28.27 16.56
C ILE O 13 -2.00 -28.29 18.06
N ILE O 14 -1.82 -27.11 18.63
CA ILE O 14 -1.48 -26.93 20.03
C ILE O 14 -2.57 -27.47 20.95
N LYS O 15 -3.83 -27.31 20.52
CA LYS O 15 -4.96 -27.80 21.31
C LYS O 15 -5.10 -29.31 21.18
N LYS O 16 -4.87 -29.81 19.97
CA LYS O 16 -4.92 -31.24 19.72
C LYS O 16 -3.93 -31.98 20.60
N GLU O 17 -2.73 -31.43 20.71
CA GLU O 17 -1.69 -32.05 21.52
C GLU O 17 -2.08 -32.13 23.00
N SER O 18 -2.74 -31.10 23.53
CA SER O 18 -3.24 -31.11 24.90
C SER O 18 -4.12 -32.32 25.13
N ILE O 19 -5.08 -32.49 24.24
CA ILE O 19 -6.04 -33.56 24.35
C ILE O 19 -5.33 -34.92 24.22
N VAL O 20 -4.42 -35.03 23.25
CA VAL O 20 -3.68 -36.27 23.03
C VAL O 20 -2.80 -36.61 24.24
N SER O 21 -2.19 -35.58 24.85
CA SER O 21 -1.41 -35.76 26.08
C SER O 21 -2.24 -36.35 27.23
N LEU O 22 -3.50 -35.96 27.32
CA LEU O 22 -4.41 -36.52 28.32
C LEU O 22 -4.74 -37.97 27.98
N PHE O 23 -5.12 -38.22 26.73
CA PHE O 23 -5.36 -39.58 26.22
C PHE O 23 -4.24 -40.54 26.61
N GLU O 24 -3.02 -40.04 26.62
CA GLU O 24 -1.89 -40.89 26.84
C GLU O 24 -1.60 -41.31 28.27
N LYS O 25 -2.41 -40.51 29.11
CA LYS O 25 -2.50 -40.87 30.53
C LYS O 25 -3.81 -41.59 30.81
N GLY O 26 -4.54 -41.96 29.66
CA GLY O 26 -5.80 -42.69 29.78
C GLY O 26 -6.99 -41.90 30.31
N ILE O 27 -6.95 -40.57 30.18
CA ILE O 27 -8.04 -39.74 30.66
C ILE O 27 -8.41 -38.71 29.60
N ARG O 28 -9.60 -38.13 29.72
CA ARG O 28 -10.07 -37.10 28.81
C ARG O 28 -10.32 -35.76 29.49
N GLN O 29 -10.61 -34.74 28.68
CA GLN O 29 -10.86 -33.38 29.16
C GLN O 29 -11.90 -33.37 30.28
N ASP O 30 -13.04 -33.97 30.02
CA ASP O 30 -14.17 -33.99 30.96
C ASP O 30 -14.01 -35.03 32.07
N GLY O 31 -12.87 -35.71 32.09
CA GLY O 31 -12.57 -36.64 33.16
C GLY O 31 -12.91 -38.09 32.95
N ARG O 32 -13.59 -38.42 31.85
CA ARG O 32 -13.95 -39.81 31.63
C ARG O 32 -12.84 -40.67 31.03
N LYS O 33 -13.00 -41.98 31.15
CA LYS O 33 -12.11 -42.95 30.54
C LYS O 33 -12.31 -42.98 29.03
N LEU O 34 -11.34 -43.56 28.34
CA LEU O 34 -11.38 -43.63 26.88
C LEU O 34 -12.59 -44.43 26.37
N THR O 35 -13.09 -45.31 27.20
CA THR O 35 -14.21 -46.19 26.83
C THR O 35 -15.57 -45.76 27.39
N ASP O 36 -15.60 -44.65 28.13
CA ASP O 36 -16.82 -44.15 28.80
C ASP O 36 -17.75 -43.37 27.88
N TYR O 37 -19.05 -43.59 28.06
CA TYR O 37 -20.08 -42.73 27.51
C TYR O 37 -20.29 -41.52 28.39
N ARG O 38 -20.74 -40.41 27.80
CA ARG O 38 -21.13 -39.23 28.57
C ARG O 38 -22.43 -39.50 29.34
N PRO O 39 -22.78 -38.60 30.28
CA PRO O 39 -24.05 -38.78 31.00
C PRO O 39 -25.25 -38.75 30.04
N LEU O 40 -26.20 -39.65 30.25
CA LEU O 40 -27.36 -39.77 29.38
C LEU O 40 -28.67 -39.43 30.09
N SER O 41 -29.43 -38.47 29.54
CA SER O 41 -30.82 -38.19 29.95
C SER O 41 -31.79 -38.57 28.86
N ILE O 42 -32.93 -39.14 29.23
CA ILE O 42 -34.00 -39.36 28.28
C ILE O 42 -35.29 -38.95 28.95
N THR O 43 -36.01 -38.05 28.29
CA THR O 43 -37.33 -37.61 28.71
C THR O 43 -38.37 -38.04 27.68
N LEU O 44 -39.21 -38.98 28.08
CA LEU O 44 -40.20 -39.54 27.18
C LEU O 44 -41.41 -38.61 27.11
N ASP O 45 -42.18 -38.73 26.04
CA ASP O 45 -43.41 -37.94 25.88
C ASP O 45 -43.13 -36.44 26.02
N TYR O 46 -42.00 -35.98 25.47
CA TYR O 46 -41.64 -34.58 25.56
C TYR O 46 -42.49 -33.70 24.63
N ALA O 47 -42.71 -34.19 23.41
CA ALA O 47 -43.52 -33.50 22.44
C ALA O 47 -44.94 -34.04 22.50
N LYS O 48 -45.84 -33.31 23.17
CA LYS O 48 -47.15 -33.85 23.55
C LYS O 48 -48.03 -34.25 22.36
N LYS O 49 -47.92 -33.53 21.25
CA LYS O 49 -48.75 -33.84 20.09
C LYS O 49 -48.15 -34.88 19.14
N ALA O 50 -46.98 -35.39 19.50
CA ALA O 50 -46.42 -36.56 18.84
C ALA O 50 -47.13 -37.81 19.37
N ASP O 51 -47.13 -38.89 18.60
CA ASP O 51 -47.70 -40.16 19.05
C ASP O 51 -46.79 -40.83 20.08
N GLY O 52 -45.49 -40.66 19.89
CA GLY O 52 -44.46 -40.99 20.88
C GLY O 52 -43.29 -40.07 20.64
N SER O 53 -42.57 -39.71 21.71
CA SER O 53 -41.41 -38.81 21.58
C SER O 53 -40.38 -39.02 22.68
N ALA O 54 -39.16 -38.57 22.43
CA ALA O 54 -38.10 -38.65 23.40
C ALA O 54 -37.14 -37.48 23.23
N LEU O 55 -36.79 -36.82 24.34
CA LEU O 55 -35.73 -35.82 24.34
C LEU O 55 -34.51 -36.44 24.98
N VAL O 56 -33.45 -36.59 24.20
CA VAL O 56 -32.23 -37.24 24.68
C VAL O 56 -31.14 -36.20 24.88
N LYS O 57 -30.54 -36.18 26.07
CA LYS O 57 -29.32 -35.42 26.27
C LYS O 57 -28.18 -36.39 26.48
N LEU O 58 -27.24 -36.39 25.54
CA LEU O 58 -26.02 -37.16 25.65
C LEU O 58 -24.89 -36.16 25.72
N GLY O 59 -24.39 -35.92 26.93
CA GLY O 59 -23.46 -34.82 27.15
C GLY O 59 -24.19 -33.53 26.81
N THR O 60 -23.64 -32.76 25.88
CA THR O 60 -24.25 -31.50 25.46
C THR O 60 -24.98 -31.66 24.13
N THR O 61 -25.01 -32.87 23.59
CA THR O 61 -25.80 -33.15 22.40
C THR O 61 -27.25 -33.37 22.79
N MET O 62 -28.16 -32.64 22.17
CA MET O 62 -29.59 -32.82 22.42
C MET O 62 -30.36 -33.14 21.16
N VAL O 63 -31.15 -34.20 21.25
CA VAL O 63 -31.94 -34.63 20.12
C VAL O 63 -33.36 -34.86 20.58
N LEU O 64 -34.32 -34.34 19.83
CA LEU O 64 -35.72 -34.63 20.05
C LEU O 64 -36.28 -35.43 18.87
N ALA O 65 -36.77 -36.63 19.16
CA ALA O 65 -37.36 -37.48 18.13
C ALA O 65 -38.83 -37.62 18.44
N GLY O 66 -39.65 -37.60 17.40
CA GLY O 66 -41.08 -37.76 17.57
C GLY O 66 -41.68 -38.60 16.46
N THR O 67 -42.68 -39.40 16.80
CA THR O 67 -43.36 -40.23 15.81
C THR O 67 -44.75 -39.72 15.50
N LYS O 68 -45.22 -40.09 14.33
CA LYS O 68 -46.54 -39.73 13.85
C LYS O 68 -47.05 -40.85 12.95
N LEU O 69 -48.19 -41.41 13.29
CA LEU O 69 -48.71 -42.55 12.57
C LEU O 69 -49.86 -42.19 11.62
N GLU O 70 -49.83 -42.75 10.43
CA GLU O 70 -50.87 -42.49 9.44
C GLU O 70 -51.26 -43.77 8.74
N ILE O 71 -52.48 -43.79 8.22
CA ILE O 71 -52.96 -44.94 7.45
C ILE O 71 -52.79 -44.67 5.97
N ASP O 72 -52.09 -45.57 5.29
CA ASP O 72 -51.82 -45.46 3.86
C ASP O 72 -52.10 -46.79 3.18
N LYS O 73 -52.37 -46.74 1.87
CA LYS O 73 -52.35 -47.94 1.06
C LYS O 73 -50.89 -48.40 1.03
N PRO O 74 -50.64 -49.71 1.09
CA PRO O 74 -49.24 -50.18 1.07
C PRO O 74 -48.63 -50.01 -0.30
N TYR O 75 -47.32 -50.09 -0.35
CA TYR O 75 -46.58 -49.88 -1.59
C TYR O 75 -46.60 -51.18 -2.38
N GLU O 76 -46.80 -51.08 -3.70
CA GLU O 76 -46.79 -52.27 -4.58
C GLU O 76 -45.50 -53.09 -4.37
N ASP O 77 -44.35 -52.41 -4.25
CA ASP O 77 -43.09 -53.12 -4.08
C ASP O 77 -42.85 -53.78 -2.68
N THR O 78 -43.45 -53.23 -1.60
CA THR O 78 -43.37 -53.84 -0.24
C THR O 78 -44.77 -54.17 0.33
N PRO O 79 -45.47 -55.16 -0.27
CA PRO O 79 -46.94 -55.31 -0.07
C PRO O 79 -47.48 -55.93 1.25
N ASN O 80 -46.63 -56.59 2.05
CA ASN O 80 -47.10 -57.31 3.23
C ASN O 80 -46.57 -56.69 4.53
N GLN O 81 -46.32 -55.38 4.47
CA GLN O 81 -45.76 -54.64 5.59
C GLN O 81 -46.22 -53.18 5.61
N GLY O 82 -46.11 -52.55 6.78
CA GLY O 82 -46.29 -51.10 6.96
C GLY O 82 -45.01 -50.34 6.61
N ASN O 83 -44.97 -49.06 6.92
CA ASN O 83 -43.87 -48.22 6.48
C ASN O 83 -43.15 -47.56 7.64
N LEU O 84 -41.83 -47.41 7.48
CA LEU O 84 -41.05 -46.55 8.38
C LEU O 84 -40.37 -45.49 7.53
N ILE O 85 -40.54 -44.23 7.91
CA ILE O 85 -39.87 -43.15 7.20
C ILE O 85 -39.10 -42.29 8.20
N VAL O 86 -37.77 -42.31 8.09
CA VAL O 86 -36.93 -41.62 9.05
C VAL O 86 -36.42 -40.32 8.47
N ASN O 87 -36.53 -39.24 9.24
CA ASN O 87 -36.04 -37.95 8.79
C ASN O 87 -35.26 -37.28 9.89
N VAL O 88 -34.10 -36.72 9.54
CA VAL O 88 -33.23 -36.04 10.50
C VAL O 88 -33.03 -34.60 10.07
N GLU O 89 -33.11 -33.68 11.03
CA GLU O 89 -32.78 -32.27 10.78
C GLU O 89 -31.77 -31.75 11.77
N LEU O 90 -30.71 -31.16 11.23
CA LEU O 90 -29.69 -30.50 12.03
C LEU O 90 -30.00 -29.01 12.00
N LEU O 91 -30.25 -28.41 13.16
CA LEU O 91 -30.71 -27.02 13.20
C LEU O 91 -29.65 -25.95 13.43
N PRO O 92 -28.65 -26.21 14.31
CA PRO O 92 -27.69 -25.16 14.71
C PRO O 92 -26.92 -24.43 13.59
N ASP O 104 -29.91 -31.71 3.79
CA ASP O 104 -28.52 -31.35 4.09
C ASP O 104 -27.52 -32.25 3.38
N GLU O 105 -27.23 -33.44 3.94
CA GLU O 105 -26.19 -34.41 3.47
C GLU O 105 -25.75 -35.25 4.65
N ASN O 106 -25.34 -34.57 5.70
CA ASN O 106 -25.06 -35.23 6.96
C ASN O 106 -26.38 -35.64 7.59
N ALA O 107 -27.40 -34.80 7.41
CA ALA O 107 -28.75 -35.12 7.86
C ALA O 107 -29.28 -36.37 7.15
N ILE O 108 -29.07 -36.44 5.84
CA ILE O 108 -29.48 -37.60 5.06
C ILE O 108 -28.73 -38.84 5.48
N GLU O 109 -27.41 -38.73 5.66
CA GLU O 109 -26.64 -39.88 6.11
C GLU O 109 -27.21 -40.37 7.44
N LEU O 110 -27.41 -39.45 8.38
CA LEU O 110 -27.86 -39.83 9.73
C LEU O 110 -29.17 -40.58 9.65
N ALA O 111 -30.12 -40.00 8.92
CA ALA O 111 -31.41 -40.64 8.70
C ALA O 111 -31.25 -42.06 8.17
N ARG O 112 -30.46 -42.23 7.11
CA ARG O 112 -30.33 -43.54 6.47
C ARG O 112 -29.64 -44.56 7.38
N VAL O 113 -28.61 -44.11 8.10
CA VAL O 113 -27.89 -44.99 9.02
C VAL O 113 -28.81 -45.48 10.14
N VAL O 114 -29.57 -44.55 10.70
CA VAL O 114 -30.54 -44.87 11.75
C VAL O 114 -31.60 -45.82 11.19
N ASP O 115 -32.20 -45.43 10.07
CA ASP O 115 -33.19 -46.25 9.39
C ASP O 115 -32.69 -47.69 9.22
N ARG O 116 -31.55 -47.84 8.57
CA ARG O 116 -30.97 -49.14 8.28
C ARG O 116 -30.85 -50.01 9.53
N SER O 117 -30.45 -49.40 10.64
CA SER O 117 -30.21 -50.17 11.84
C SER O 117 -31.52 -50.53 12.56
N LEU O 118 -32.57 -49.77 12.33
CA LEU O 118 -33.90 -50.12 12.85
C LEU O 118 -34.59 -51.17 11.96
N ARG O 119 -34.40 -51.03 10.65
CA ARG O 119 -35.04 -51.89 9.66
C ARG O 119 -34.36 -53.25 9.54
N ASP O 120 -33.03 -53.27 9.33
CA ASP O 120 -32.28 -54.52 9.13
C ASP O 120 -32.26 -55.39 10.39
N SER O 121 -32.33 -54.77 11.56
CA SER O 121 -32.34 -55.50 12.82
C SER O 121 -33.70 -56.08 13.10
N LYS O 122 -34.68 -55.58 12.37
CA LYS O 122 -36.08 -55.92 12.56
C LYS O 122 -36.52 -55.60 14.00
N ALA O 123 -35.95 -54.51 14.52
CA ALA O 123 -36.35 -53.97 15.82
C ALA O 123 -37.80 -53.54 15.79
N LEU O 124 -38.21 -52.90 14.70
CA LEU O 124 -39.60 -52.65 14.43
C LEU O 124 -40.07 -53.63 13.36
N ASP O 125 -41.10 -54.40 13.67
CA ASP O 125 -41.61 -55.41 12.74
C ASP O 125 -42.68 -54.77 11.86
N LEU O 126 -42.28 -54.42 10.64
CA LEU O 126 -43.16 -53.76 9.71
C LEU O 126 -44.32 -54.61 9.24
N THR O 127 -44.14 -55.93 9.27
CA THR O 127 -45.18 -56.84 8.79
C THR O 127 -46.35 -56.87 9.77
N LYS O 128 -46.11 -56.39 10.99
CA LYS O 128 -47.17 -56.31 11.99
C LYS O 128 -47.84 -54.94 12.05
N LEU O 129 -47.58 -54.13 11.02
CA LEU O 129 -48.20 -52.82 10.91
C LEU O 129 -49.31 -52.83 9.87
N VAL O 130 -49.72 -54.03 9.45
CA VAL O 130 -50.80 -54.18 8.48
C VAL O 130 -52.16 -54.10 9.16
N ILE O 131 -53.07 -53.32 8.58
CA ILE O 131 -54.42 -53.24 9.10
C ILE O 131 -55.29 -54.16 8.25
N GLU O 132 -55.55 -53.82 6.99
CA GLU O 132 -56.25 -54.75 6.10
C GLU O 132 -55.28 -55.16 5.00
N PRO O 133 -54.80 -56.42 5.02
CA PRO O 133 -53.82 -56.85 4.02
C PRO O 133 -54.21 -56.37 2.61
N GLY O 134 -53.31 -55.65 1.96
CA GLY O 134 -53.50 -55.19 0.58
C GLY O 134 -54.29 -53.91 0.35
N LYS O 135 -54.84 -53.32 1.42
CA LYS O 135 -55.66 -52.10 1.33
C LYS O 135 -55.14 -50.96 2.22
N SER O 136 -54.79 -51.28 3.47
CA SER O 136 -54.37 -50.25 4.42
C SER O 136 -53.36 -50.71 5.46
N VAL O 137 -52.30 -49.93 5.61
CA VAL O 137 -51.24 -50.19 6.60
C VAL O 137 -50.83 -48.90 7.33
N TRP O 138 -50.11 -49.05 8.45
CA TRP O 138 -49.56 -47.91 9.20
C TRP O 138 -48.26 -47.40 8.60
N THR O 139 -48.17 -46.08 8.41
CA THR O 139 -46.89 -45.48 8.12
C THR O 139 -46.39 -44.84 9.42
N VAL O 140 -45.17 -45.19 9.82
CA VAL O 140 -44.58 -44.60 11.00
C VAL O 140 -43.60 -43.54 10.55
N TRP O 141 -43.99 -42.28 10.71
CA TRP O 141 -43.12 -41.14 10.46
C TRP O 141 -42.27 -40.89 11.69
N LEU O 142 -40.96 -41.04 11.55
CA LEU O 142 -40.03 -40.76 12.63
C LEU O 142 -39.24 -39.51 12.27
N ASP O 143 -39.47 -38.42 13.00
CA ASP O 143 -38.76 -37.18 12.73
C ASP O 143 -37.83 -36.80 13.87
N VAL O 144 -36.54 -36.70 13.55
CA VAL O 144 -35.49 -36.56 14.54
C VAL O 144 -34.85 -35.19 14.40
N TYR O 145 -34.95 -34.38 15.46
CA TYR O 145 -34.43 -33.02 15.45
C TYR O 145 -33.25 -32.86 16.37
N VAL O 146 -32.08 -32.59 15.78
CA VAL O 146 -30.89 -32.31 16.56
C VAL O 146 -30.94 -30.85 16.96
N LEU O 147 -31.08 -30.60 18.25
CA LEU O 147 -31.29 -29.25 18.76
C LEU O 147 -29.99 -28.59 19.23
N ASP O 148 -29.04 -29.42 19.68
CA ASP O 148 -27.78 -28.96 20.22
C ASP O 148 -26.70 -29.90 19.77
N TYR O 149 -25.74 -29.38 19.00
CA TYR O 149 -24.68 -30.18 18.42
C TYR O 149 -23.49 -30.25 19.35
N GLY O 150 -23.38 -31.32 20.12
CA GLY O 150 -22.29 -31.45 21.07
C GLY O 150 -21.39 -32.65 20.79
N GLY O 151 -21.44 -33.15 19.56
CA GLY O 151 -20.59 -34.28 19.18
C GLY O 151 -21.28 -35.62 19.32
N ASN O 152 -20.92 -36.56 18.45
CA ASN O 152 -21.54 -37.87 18.43
C ASN O 152 -23.07 -37.84 18.32
N VAL O 153 -23.53 -37.04 17.37
CA VAL O 153 -24.93 -36.88 17.04
C VAL O 153 -25.64 -38.21 16.66
N LEU O 154 -24.94 -39.06 15.91
CA LEU O 154 -25.51 -40.35 15.49
C LEU O 154 -26.01 -41.20 16.64
N ASP O 155 -25.16 -41.43 17.64
CA ASP O 155 -25.55 -42.31 18.75
C ASP O 155 -26.76 -41.72 19.45
N ALA O 156 -26.78 -40.39 19.58
CA ALA O 156 -27.89 -39.69 20.22
C ALA O 156 -29.16 -39.86 19.41
N CYS O 157 -29.02 -39.80 18.08
CA CYS O 157 -30.15 -39.98 17.19
C CYS O 157 -30.76 -41.38 17.33
N THR O 158 -29.90 -42.40 17.39
CA THR O 158 -30.38 -43.76 17.53
C THR O 158 -31.12 -43.90 18.86
N LEU O 159 -30.53 -43.37 19.92
CA LEU O 159 -31.16 -43.42 21.23
C LEU O 159 -32.52 -42.72 21.24
N ALA O 160 -32.56 -41.50 20.72
CA ALA O 160 -33.83 -40.77 20.60
C ALA O 160 -34.86 -41.55 19.77
N SER O 161 -34.43 -42.06 18.62
CA SER O 161 -35.28 -42.82 17.71
C SER O 161 -35.91 -44.02 18.38
N VAL O 162 -35.06 -44.87 18.97
CA VAL O 162 -35.54 -46.06 19.66
C VAL O 162 -36.51 -45.68 20.80
N ALA O 163 -36.10 -44.71 21.61
CA ALA O 163 -36.94 -44.21 22.69
C ALA O 163 -38.30 -43.70 22.19
N ALA O 164 -38.30 -42.91 21.11
CA ALA O 164 -39.55 -42.37 20.59
C ALA O 164 -40.47 -43.50 20.15
N LEU O 165 -39.88 -44.52 19.52
CA LEU O 165 -40.65 -45.65 19.01
C LEU O 165 -41.31 -46.38 20.18
N TYR O 166 -40.53 -46.61 21.22
CA TYR O 166 -41.06 -47.29 22.40
C TYR O 166 -42.14 -46.48 23.11
N ASN O 167 -42.04 -45.17 22.98
CA ASN O 167 -42.99 -44.26 23.61
C ASN O 167 -44.28 -44.12 22.81
N THR O 168 -44.29 -44.64 21.58
CA THR O 168 -45.42 -44.47 20.66
C THR O 168 -46.70 -45.19 21.09
N LYS O 169 -47.80 -44.44 21.10
CA LYS O 169 -49.13 -44.96 21.31
C LYS O 169 -49.83 -45.22 19.97
N VAL O 170 -50.42 -46.40 19.83
CA VAL O 170 -51.20 -46.71 18.65
C VAL O 170 -52.68 -46.53 18.98
N TYR O 171 -53.43 -45.92 18.07
CA TYR O 171 -54.84 -45.58 18.33
C TYR O 171 -55.84 -46.58 17.71
N LYS O 172 -57.11 -46.44 18.08
CA LYS O 172 -58.18 -47.30 17.58
C LYS O 172 -58.45 -47.05 16.11
N VAL O 173 -58.75 -48.12 15.39
CA VAL O 173 -59.10 -48.05 13.98
C VAL O 173 -60.60 -48.28 13.77
N GLU O 174 -61.30 -47.21 13.35
CA GLU O 174 -62.73 -47.30 13.03
C GLU O 174 -62.94 -47.64 11.54
N GLN O 175 -63.58 -48.79 11.29
CA GLN O 175 -63.86 -49.30 9.93
C GLN O 175 -65.37 -49.44 9.70
N ILE O 180 -60.48 -47.08 7.84
CA ILE O 180 -61.17 -45.90 7.30
C ILE O 180 -60.92 -44.64 8.16
N SER O 181 -61.10 -44.74 9.48
CA SER O 181 -60.91 -43.61 10.41
C SER O 181 -60.08 -43.97 11.64
N VAL O 182 -59.23 -43.02 12.08
CA VAL O 182 -58.45 -43.18 13.31
C VAL O 182 -59.15 -42.43 14.45
N ASN O 183 -59.41 -43.14 15.55
CA ASN O 183 -59.98 -42.50 16.74
C ASN O 183 -58.90 -42.16 17.77
N LYS O 184 -58.45 -40.91 17.76
CA LYS O 184 -57.24 -40.51 18.48
C LYS O 184 -57.37 -40.33 20.01
N ASN O 185 -58.53 -40.62 20.58
CA ASN O 185 -58.65 -40.58 22.05
C ASN O 185 -59.00 -41.95 22.66
N GLU O 186 -58.81 -43.01 21.88
CA GLU O 186 -58.76 -44.37 22.38
C GLU O 186 -57.39 -44.99 22.02
N VAL O 187 -56.50 -45.08 23.01
CA VAL O 187 -55.20 -45.74 22.85
C VAL O 187 -55.40 -47.25 22.91
N VAL O 188 -55.02 -47.92 21.83
CA VAL O 188 -55.25 -49.35 21.67
C VAL O 188 -54.03 -50.21 22.06
N GLY O 189 -52.82 -49.71 21.80
CA GLY O 189 -51.61 -50.48 22.07
C GLY O 189 -50.31 -49.77 21.78
N LYS O 190 -49.26 -50.55 21.58
CA LYS O 190 -47.93 -50.01 21.32
C LYS O 190 -47.39 -50.49 19.97
N LEU O 191 -46.24 -49.98 19.56
CA LEU O 191 -45.62 -50.41 18.32
C LEU O 191 -45.10 -51.84 18.43
N PRO O 192 -45.19 -52.62 17.33
CA PRO O 192 -44.64 -53.99 17.33
C PRO O 192 -43.11 -53.98 17.36
N LEU O 193 -42.55 -53.75 18.54
CA LEU O 193 -41.10 -53.67 18.70
C LEU O 193 -40.54 -54.95 19.28
N ASN O 194 -39.52 -55.48 18.63
CA ASN O 194 -38.87 -56.72 19.07
C ASN O 194 -37.86 -56.48 20.19
N TYR O 195 -37.12 -55.40 20.08
CA TYR O 195 -36.06 -55.05 21.04
C TYR O 195 -35.54 -53.65 20.73
N PRO O 196 -34.89 -53.02 21.73
CA PRO O 196 -34.15 -51.80 21.41
C PRO O 196 -32.89 -52.11 20.60
N VAL O 197 -32.26 -51.06 20.09
CA VAL O 197 -31.03 -51.17 19.32
C VAL O 197 -30.14 -50.02 19.77
N VAL O 198 -28.83 -50.21 19.78
CA VAL O 198 -27.92 -49.09 20.06
C VAL O 198 -26.86 -48.95 19.00
N THR O 199 -26.43 -47.72 18.77
CA THR O 199 -25.30 -47.47 17.89
C THR O 199 -24.18 -46.90 18.75
N ILE O 200 -23.01 -47.53 18.66
CA ILE O 200 -21.86 -47.07 19.41
C ILE O 200 -20.78 -46.56 18.47
N SER O 201 -20.41 -45.28 18.62
CA SER O 201 -19.38 -44.66 17.79
C SER O 201 -18.02 -44.62 18.49
N VAL O 202 -17.01 -45.18 17.84
CA VAL O 202 -15.64 -45.16 18.34
C VAL O 202 -14.78 -44.29 17.41
N ALA O 203 -14.18 -43.25 17.99
CA ALA O 203 -13.34 -42.33 17.25
C ALA O 203 -11.88 -42.71 17.38
N LYS O 204 -11.15 -42.51 16.30
CA LYS O 204 -9.75 -42.80 16.23
C LYS O 204 -9.03 -41.46 16.24
N VAL O 205 -8.39 -41.14 17.36
CA VAL O 205 -7.64 -39.90 17.53
C VAL O 205 -6.19 -40.28 17.75
N ASP O 206 -5.32 -39.80 16.86
CA ASP O 206 -3.89 -40.15 16.92
C ASP O 206 -3.82 -41.67 16.97
N LYS O 207 -3.21 -42.22 18.00
CA LYS O 207 -3.12 -43.67 18.14
C LYS O 207 -4.10 -44.24 19.16
N TYR O 208 -5.14 -43.48 19.49
CA TYR O 208 -6.07 -43.87 20.54
C TYR O 208 -7.46 -44.11 19.99
N LEU O 209 -8.21 -44.98 20.65
CA LEU O 209 -9.62 -45.18 20.36
C LEU O 209 -10.46 -44.67 21.53
N VAL O 210 -11.49 -43.92 21.19
CA VAL O 210 -12.26 -43.21 22.17
C VAL O 210 -13.75 -43.41 21.89
N VAL O 211 -14.50 -43.78 22.91
CA VAL O 211 -15.93 -44.05 22.78
C VAL O 211 -16.71 -42.75 23.00
N ASP O 212 -17.75 -42.53 22.18
CA ASP O 212 -18.62 -41.37 22.31
C ASP O 212 -17.82 -40.06 22.30
N PRO O 213 -17.26 -39.68 21.14
CA PRO O 213 -16.44 -38.47 21.04
C PRO O 213 -17.25 -37.20 21.22
N ASP O 214 -16.75 -36.26 22.01
CA ASP O 214 -17.42 -34.97 22.15
C ASP O 214 -17.00 -34.03 21.03
N LEU O 215 -17.44 -32.78 21.12
CA LEU O 215 -17.26 -31.81 20.05
C LEU O 215 -15.79 -31.60 19.69
N ASP O 216 -14.98 -31.32 20.70
CA ASP O 216 -13.54 -31.17 20.52
C ASP O 216 -12.92 -32.45 19.94
N GLU O 217 -13.30 -33.59 20.50
CA GLU O 217 -12.76 -34.86 20.06
C GLU O 217 -13.08 -35.15 18.61
N GLU O 218 -14.31 -34.86 18.19
CA GLU O 218 -14.70 -35.06 16.80
C GLU O 218 -13.90 -34.16 15.86
N SER O 219 -13.52 -32.97 16.33
CA SER O 219 -12.84 -32.06 15.44
C SER O 219 -11.37 -32.43 15.22
N ILE O 220 -10.82 -33.25 16.11
CA ILE O 220 -9.40 -33.63 16.00
C ILE O 220 -9.18 -35.09 15.56
N MET O 221 -10.26 -35.86 15.52
CA MET O 221 -10.20 -37.27 15.15
C MET O 221 -9.84 -37.47 13.67
N ASP O 222 -9.14 -38.57 13.39
CA ASP O 222 -8.89 -38.99 12.02
C ASP O 222 -10.19 -39.42 11.35
N ALA O 223 -10.95 -40.27 12.05
CA ALA O 223 -12.18 -40.86 11.56
C ALA O 223 -12.91 -41.52 12.72
N LYS O 224 -14.18 -41.85 12.53
CA LYS O 224 -14.89 -42.65 13.51
C LYS O 224 -15.63 -43.79 12.83
N ILE O 225 -15.99 -44.79 13.61
CA ILE O 225 -16.70 -45.94 13.09
C ILE O 225 -17.83 -46.31 14.06
N SER O 226 -19.02 -46.49 13.52
CA SER O 226 -20.21 -46.70 14.33
C SER O 226 -20.75 -48.10 14.15
N PHE O 227 -20.88 -48.83 15.25
CA PHE O 227 -21.41 -50.18 15.20
C PHE O 227 -22.76 -50.21 15.85
N SER O 228 -23.72 -50.89 15.20
CA SER O 228 -25.07 -51.03 15.74
C SER O 228 -25.32 -52.43 16.23
N TYR O 229 -25.88 -52.53 17.44
CA TYR O 229 -26.08 -53.81 18.08
C TYR O 229 -27.51 -54.02 18.54
N THR O 230 -27.97 -55.26 18.41
CA THR O 230 -29.18 -55.72 19.07
C THR O 230 -28.75 -56.24 20.45
N PRO O 231 -29.71 -56.44 21.38
CA PRO O 231 -29.34 -56.90 22.71
C PRO O 231 -28.56 -58.22 22.73
N ASP O 232 -28.74 -59.06 21.70
CA ASP O 232 -27.98 -60.32 21.64
C ASP O 232 -26.55 -60.08 21.16
N LEU O 233 -26.26 -58.81 20.90
CA LEU O 233 -24.94 -58.37 20.50
C LEU O 233 -24.59 -58.85 19.10
N LYS O 234 -25.59 -58.95 18.24
CA LYS O 234 -25.38 -59.13 16.82
C LYS O 234 -25.12 -57.77 16.19
N ILE O 235 -24.17 -57.72 15.24
CA ILE O 235 -23.90 -56.49 14.49
C ILE O 235 -24.92 -56.37 13.36
N VAL O 236 -25.40 -55.15 13.18
CA VAL O 236 -26.69 -54.87 12.60
C VAL O 236 -26.61 -53.54 11.79
N GLY O 237 -25.43 -52.93 11.88
CA GLY O 237 -25.03 -51.86 10.98
C GLY O 237 -23.64 -51.39 11.33
N ILE O 238 -22.86 -51.02 10.31
CA ILE O 238 -21.55 -50.39 10.50
C ILE O 238 -21.40 -49.23 9.54
N GLN O 239 -20.86 -48.12 10.04
CA GLN O 239 -20.62 -46.95 9.21
C GLN O 239 -19.35 -46.23 9.66
N LYS O 240 -18.31 -46.26 8.81
CA LYS O 240 -17.15 -45.42 9.01
C LYS O 240 -17.46 -44.00 8.58
N SER O 241 -16.81 -43.05 9.23
CA SER O 241 -17.09 -41.66 9.00
C SER O 241 -15.86 -40.78 9.25
N GLY O 242 -15.71 -39.70 8.46
CA GLY O 242 -14.64 -38.74 8.67
C GLY O 242 -13.66 -38.74 7.52
N LYS O 243 -12.86 -37.69 7.42
CA LYS O 243 -12.00 -37.52 6.27
C LYS O 243 -10.66 -38.26 6.40
N GLY O 244 -10.49 -39.02 7.47
CA GLY O 244 -9.28 -39.81 7.63
C GLY O 244 -9.52 -41.29 7.49
N SER O 245 -8.45 -42.06 7.61
CA SER O 245 -8.55 -43.50 7.55
C SER O 245 -8.25 -44.14 8.90
N MET O 246 -8.36 -45.46 8.94
CA MET O 246 -8.29 -46.26 10.14
C MET O 246 -7.70 -47.61 9.74
N SER O 247 -6.80 -48.17 10.54
CA SER O 247 -6.18 -49.44 10.19
C SER O 247 -7.09 -50.65 10.43
N LEU O 248 -6.70 -51.79 9.87
CA LEU O 248 -7.38 -53.06 10.12
C LEU O 248 -7.51 -53.33 11.61
N GLN O 249 -6.40 -53.24 12.34
CA GLN O 249 -6.39 -53.45 13.77
C GLN O 249 -7.24 -52.43 14.52
N ASP O 250 -7.25 -51.19 14.04
CA ASP O 250 -8.06 -50.16 14.66
C ASP O 250 -9.51 -50.58 14.68
N ILE O 251 -9.99 -51.05 13.52
CA ILE O 251 -11.38 -51.46 13.36
C ILE O 251 -11.70 -52.70 14.21
N ASP O 252 -10.81 -53.68 14.16
CA ASP O 252 -10.93 -54.86 15.01
C ASP O 252 -11.13 -54.44 16.48
N GLN O 253 -10.20 -53.64 17.01
CA GLN O 253 -10.28 -53.18 18.41
C GLN O 253 -11.51 -52.34 18.66
N ALA O 254 -11.85 -51.50 17.68
CA ALA O 254 -12.99 -50.59 17.80
C ALA O 254 -14.27 -51.37 18.08
N GLU O 255 -14.48 -52.49 17.38
CA GLU O 255 -15.71 -53.25 17.56
C GLU O 255 -15.72 -54.00 18.90
N ASN O 256 -14.58 -54.55 19.32
CA ASN O 256 -14.48 -55.10 20.66
C ASN O 256 -14.94 -54.07 21.69
N THR O 257 -14.37 -52.86 21.58
CA THR O 257 -14.66 -51.80 22.52
C THR O 257 -16.13 -51.42 22.40
N ALA O 258 -16.59 -51.25 21.17
CA ALA O 258 -17.97 -50.89 20.92
C ALA O 258 -18.93 -51.88 21.56
N ARG O 259 -18.68 -53.17 21.34
CA ARG O 259 -19.57 -54.22 21.80
C ARG O 259 -19.64 -54.31 23.33
N SER O 260 -18.50 -54.15 24.01
CA SER O 260 -18.54 -54.22 25.45
C SER O 260 -19.21 -52.97 26.04
N THR O 261 -19.11 -51.85 25.32
CA THR O 261 -19.84 -50.65 25.67
C THR O 261 -21.35 -50.80 25.45
N ALA O 262 -21.72 -51.49 24.36
CA ALA O 262 -23.13 -51.73 24.01
C ALA O 262 -23.94 -52.32 25.14
N VAL O 263 -23.34 -53.24 25.89
CA VAL O 263 -24.03 -53.89 26.98
C VAL O 263 -24.48 -52.87 28.04
N LYS O 264 -23.55 -52.01 28.45
CA LYS O 264 -23.83 -50.96 29.43
C LYS O 264 -24.89 -49.98 28.92
N LEU O 265 -24.75 -49.56 27.67
CA LEU O 265 -25.65 -48.58 27.11
C LEU O 265 -27.06 -49.13 26.97
N LEU O 266 -27.18 -50.40 26.57
CA LEU O 266 -28.49 -51.03 26.45
C LEU O 266 -29.17 -51.06 27.83
N GLU O 267 -28.40 -51.36 28.87
CA GLU O 267 -28.95 -51.47 30.22
C GLU O 267 -29.49 -50.12 30.65
N GLU O 268 -28.80 -49.08 30.23
CA GLU O 268 -29.15 -47.75 30.62
C GLU O 268 -30.37 -47.28 29.85
N LEU O 269 -30.37 -47.52 28.54
CA LEU O 269 -31.53 -47.25 27.69
C LEU O 269 -32.79 -47.91 28.25
N LYS O 270 -32.70 -49.18 28.61
CA LYS O 270 -33.86 -49.92 29.07
C LYS O 270 -34.41 -49.29 30.33
N LYS O 271 -33.52 -48.86 31.25
CA LYS O 271 -33.96 -48.17 32.47
C LYS O 271 -34.82 -46.97 32.18
N HIS O 272 -34.39 -46.15 31.22
CA HIS O 272 -35.16 -44.99 30.78
C HIS O 272 -36.49 -45.38 30.15
N LEU O 273 -36.51 -46.50 29.45
CA LEU O 273 -37.73 -46.93 28.75
C LEU O 273 -38.71 -47.71 29.62
N GLY O 274 -38.29 -48.08 30.83
CA GLY O 274 -39.05 -49.01 31.69
C GLY O 274 -38.93 -50.41 31.10
N ILE O 275 -37.70 -50.74 30.70
CA ILE O 275 -37.35 -51.88 29.82
C ILE O 275 -38.14 -51.85 28.52
N MET P 1 -50.14 -75.39 6.35
CA MET P 1 -49.39 -76.51 7.00
C MET P 1 -48.01 -76.03 7.44
N ARG P 2 -47.62 -76.47 8.64
CA ARG P 2 -46.28 -76.21 9.19
C ARG P 2 -45.17 -76.86 8.36
N GLU P 3 -45.52 -77.99 7.73
CA GLU P 3 -44.59 -78.93 7.10
C GLU P 3 -44.39 -78.70 5.59
N MET P 4 -45.49 -78.38 4.91
CA MET P 4 -45.54 -78.22 3.46
C MET P 4 -44.90 -76.91 2.95
N LEU P 5 -45.00 -75.84 3.75
CA LEU P 5 -44.50 -74.52 3.37
C LEU P 5 -42.98 -74.52 3.20
N GLN P 6 -42.50 -73.63 2.33
CA GLN P 6 -41.10 -73.57 1.94
C GLN P 6 -40.63 -72.11 1.89
N VAL P 7 -39.42 -71.86 2.35
CA VAL P 7 -38.84 -70.50 2.39
C VAL P 7 -39.07 -69.77 1.04
N GLU P 8 -39.55 -68.53 1.09
CA GLU P 8 -39.85 -67.81 -0.14
C GLU P 8 -38.63 -67.29 -0.95
N ARG P 9 -37.64 -66.66 -0.30
CA ARG P 9 -36.43 -66.12 -1.00
C ARG P 9 -35.76 -67.10 -2.00
N PRO P 10 -35.05 -66.59 -3.05
CA PRO P 10 -34.25 -67.53 -3.89
C PRO P 10 -33.06 -68.14 -3.11
N LYS P 11 -32.71 -69.39 -3.42
CA LYS P 11 -31.44 -69.94 -2.94
C LYS P 11 -30.25 -69.18 -3.52
N LEU P 12 -29.26 -68.91 -2.66
CA LEU P 12 -28.10 -68.14 -3.05
C LEU P 12 -26.86 -69.01 -3.23
N ILE P 13 -26.89 -70.19 -2.62
CA ILE P 13 -25.83 -71.18 -2.80
C ILE P 13 -26.46 -72.39 -3.47
N LEU P 14 -25.94 -72.74 -4.64
CA LEU P 14 -26.62 -73.68 -5.53
C LEU P 14 -25.81 -74.95 -5.73
N ASP P 15 -25.89 -75.54 -6.93
CA ASP P 15 -25.20 -76.80 -7.25
C ASP P 15 -23.69 -76.57 -7.17
N ASP P 16 -22.96 -77.57 -6.68
CA ASP P 16 -21.58 -77.37 -6.21
C ASP P 16 -21.54 -76.17 -5.24
N GLY P 17 -20.38 -75.72 -4.81
CA GLY P 17 -20.42 -74.64 -3.83
C GLY P 17 -21.03 -73.34 -4.35
N LYS P 18 -21.60 -73.40 -5.56
CA LYS P 18 -21.68 -72.24 -6.44
C LYS P 18 -22.80 -71.29 -6.23
N ARG P 19 -22.40 -70.07 -6.41
CA ARG P 19 -23.32 -69.00 -6.32
C ARG P 19 -24.16 -68.99 -7.59
N THR P 20 -25.06 -68.01 -7.67
CA THR P 20 -26.02 -67.97 -8.79
C THR P 20 -25.37 -67.70 -10.12
N ASP P 21 -24.22 -67.03 -10.11
CA ASP P 21 -23.44 -66.85 -11.34
C ASP P 21 -22.33 -67.88 -11.57
N GLY P 22 -22.28 -68.92 -10.74
CA GLY P 22 -21.30 -69.99 -10.90
C GLY P 22 -20.00 -69.78 -10.14
N ARG P 23 -19.90 -68.68 -9.42
CA ARG P 23 -18.71 -68.37 -8.64
C ARG P 23 -18.66 -69.11 -7.31
N LYS P 24 -17.45 -69.43 -6.85
CA LYS P 24 -17.25 -69.93 -5.51
C LYS P 24 -17.34 -68.75 -4.54
N PRO P 25 -17.60 -69.02 -3.25
CA PRO P 25 -17.66 -67.93 -2.27
C PRO P 25 -16.43 -66.98 -2.28
N ASP P 26 -15.26 -67.51 -2.64
CA ASP P 26 -14.03 -66.74 -2.60
C ASP P 26 -13.55 -66.29 -3.98
N GLU P 27 -14.48 -66.13 -4.92
CA GLU P 27 -14.11 -65.67 -6.27
C GLU P 27 -14.60 -64.27 -6.62
N LEU P 28 -13.68 -63.45 -7.11
CA LEU P 28 -14.01 -62.13 -7.64
C LEU P 28 -14.66 -62.23 -9.00
N ARG P 29 -15.48 -61.25 -9.33
CA ARG P 29 -16.00 -61.13 -10.68
C ARG P 29 -14.87 -60.68 -11.60
N SER P 30 -15.10 -60.70 -12.91
CA SER P 30 -14.08 -60.24 -13.84
C SER P 30 -13.82 -58.74 -13.65
N ILE P 31 -12.59 -58.32 -13.91
CA ILE P 31 -12.23 -56.92 -13.76
C ILE P 31 -11.68 -56.37 -15.07
N LYS P 32 -12.09 -55.14 -15.40
CA LYS P 32 -11.56 -54.44 -16.55
C LYS P 32 -11.30 -52.99 -16.14
N ILE P 33 -10.11 -52.50 -16.45
CA ILE P 33 -9.72 -51.14 -16.09
C ILE P 33 -9.07 -50.47 -17.29
N GLU P 34 -9.51 -49.26 -17.63
CA GLU P 34 -8.67 -48.43 -18.50
C GLU P 34 -8.61 -46.94 -18.12
N LEU P 35 -7.47 -46.33 -18.40
CA LEU P 35 -7.18 -44.96 -17.98
C LEU P 35 -7.02 -44.00 -19.16
N GLY P 36 -7.22 -42.71 -18.90
CA GLY P 36 -6.99 -41.69 -19.91
C GLY P 36 -7.95 -41.82 -21.08
N VAL P 37 -9.18 -42.17 -20.76
CA VAL P 37 -10.15 -42.47 -21.76
C VAL P 37 -10.87 -41.21 -22.25
N LEU P 38 -10.78 -40.14 -21.47
CA LEU P 38 -11.43 -38.86 -21.82
C LEU P 38 -10.38 -37.80 -22.15
N LYS P 39 -10.49 -37.20 -23.33
CA LYS P 39 -9.52 -36.23 -23.80
C LYS P 39 -9.56 -34.91 -23.05
N ASN P 40 -10.76 -34.39 -22.78
CA ASN P 40 -10.90 -33.05 -22.23
C ASN P 40 -10.91 -32.99 -20.70
N ALA P 41 -10.53 -34.10 -20.06
CA ALA P 41 -10.42 -34.16 -18.61
C ALA P 41 -8.97 -34.25 -18.19
N ASP P 42 -8.68 -33.87 -16.94
CA ASP P 42 -7.32 -33.93 -16.44
C ASP P 42 -6.89 -35.36 -16.10
N GLY P 43 -7.85 -36.18 -15.71
CA GLY P 43 -7.63 -37.60 -15.50
C GLY P 43 -8.94 -38.33 -15.67
N SER P 44 -8.88 -39.60 -16.09
CA SER P 44 -10.08 -40.39 -16.30
C SER P 44 -9.80 -41.87 -16.24
N ALA P 45 -10.78 -42.63 -15.77
CA ALA P 45 -10.72 -44.08 -15.75
C ALA P 45 -12.11 -44.70 -15.92
N ILE P 46 -12.14 -45.85 -16.58
CA ILE P 46 -13.33 -46.70 -16.59
C ILE P 46 -12.95 -47.93 -15.76
N PHE P 47 -13.83 -48.27 -14.81
CA PHE P 47 -13.65 -49.47 -14.01
C PHE P 47 -14.86 -50.40 -14.16
N GLU P 48 -14.59 -51.68 -14.42
CA GLU P 48 -15.67 -52.67 -14.51
C GLU P 48 -15.43 -53.84 -13.58
N MET P 49 -16.40 -54.10 -12.70
CA MET P 49 -16.44 -55.35 -11.93
C MET P 49 -17.65 -56.14 -12.35
N GLY P 50 -17.41 -57.26 -13.01
CA GLY P 50 -18.47 -57.99 -13.65
C GLY P 50 -19.29 -56.99 -14.46
N ASN P 51 -20.56 -56.87 -14.12
CA ASN P 51 -21.45 -56.00 -14.87
C ASN P 51 -21.63 -54.59 -14.33
N THR P 52 -20.97 -54.29 -13.21
CA THR P 52 -20.99 -52.94 -12.66
C THR P 52 -19.89 -52.14 -13.33
N LYS P 53 -20.27 -51.03 -13.96
CA LYS P 53 -19.32 -50.23 -14.77
C LYS P 53 -19.45 -48.74 -14.46
N ALA P 54 -18.33 -48.12 -14.12
CA ALA P 54 -18.32 -46.70 -13.78
C ALA P 54 -17.25 -45.98 -14.58
N ILE P 55 -17.54 -44.73 -14.92
CA ILE P 55 -16.56 -43.85 -15.52
C ILE P 55 -16.32 -42.68 -14.55
N ALA P 56 -15.06 -42.29 -14.40
CA ALA P 56 -14.72 -41.19 -13.52
C ALA P 56 -13.83 -40.22 -14.26
N ALA P 57 -14.07 -38.93 -14.02
CA ALA P 57 -13.31 -37.85 -14.62
C ALA P 57 -12.85 -36.92 -13.51
N VAL P 58 -11.60 -36.48 -13.61
CA VAL P 58 -11.04 -35.50 -12.68
C VAL P 58 -10.72 -34.21 -13.42
N TYR P 59 -11.18 -33.08 -12.88
CA TYR P 59 -10.80 -31.79 -13.43
C TYR P 59 -9.90 -31.12 -12.41
N GLY P 60 -8.61 -31.12 -12.76
CA GLY P 60 -7.42 -31.07 -11.87
C GLY P 60 -7.37 -29.87 -10.96
N PRO P 61 -6.34 -29.78 -10.11
CA PRO P 61 -6.37 -28.68 -9.14
C PRO P 61 -6.54 -27.33 -9.85
N LYS P 62 -7.53 -26.54 -9.43
CA LYS P 62 -7.85 -25.29 -10.11
C LYS P 62 -8.43 -24.29 -9.12
N GLU P 63 -8.15 -23.01 -9.34
CA GLU P 63 -8.71 -21.92 -8.53
C GLU P 63 -10.21 -22.06 -8.37
N MET P 64 -10.72 -21.80 -7.17
CA MET P 64 -12.12 -22.11 -6.91
C MET P 64 -13.06 -20.93 -7.06
N HIS P 65 -14.13 -21.17 -7.81
CA HIS P 65 -15.07 -20.15 -8.30
C HIS P 65 -15.38 -19.03 -7.29
N PRO P 66 -16.23 -19.31 -6.27
CA PRO P 66 -16.46 -18.30 -5.22
C PRO P 66 -15.50 -18.49 -4.05
N ARG P 67 -14.60 -17.55 -3.84
CA ARG P 67 -13.46 -17.76 -2.95
C ARG P 67 -13.80 -18.17 -1.49
N HIS P 68 -14.92 -17.67 -0.97
CA HIS P 68 -15.31 -17.98 0.41
C HIS P 68 -15.56 -19.48 0.64
N LEU P 69 -15.80 -20.21 -0.46
CA LEU P 69 -16.03 -21.66 -0.40
C LEU P 69 -14.74 -22.47 -0.49
N SER P 70 -13.61 -21.79 -0.68
CA SER P 70 -12.32 -22.45 -0.72
C SER P 70 -11.72 -22.54 0.68
N LEU P 71 -10.60 -23.26 0.80
CA LEU P 71 -9.91 -23.41 2.06
C LEU P 71 -8.48 -22.88 1.95
N PRO P 72 -7.95 -22.26 3.03
CA PRO P 72 -6.61 -21.64 2.99
C PRO P 72 -5.43 -22.62 3.05
N ASP P 73 -5.68 -23.85 3.51
CA ASP P 73 -4.62 -24.82 3.78
C ASP P 73 -4.68 -26.06 2.89
N ARG P 74 -5.82 -26.25 2.20
CA ARG P 74 -6.17 -27.52 1.57
C ARG P 74 -6.88 -27.27 0.24
N ALA P 75 -6.95 -28.31 -0.59
CA ALA P 75 -7.84 -28.32 -1.73
C ALA P 75 -9.20 -28.79 -1.24
N VAL P 76 -10.25 -28.32 -1.91
CA VAL P 76 -11.60 -28.81 -1.64
C VAL P 76 -11.88 -29.86 -2.68
N LEU P 77 -12.28 -31.04 -2.24
CA LEU P 77 -12.73 -32.07 -3.16
C LEU P 77 -14.21 -31.88 -3.39
N ARG P 78 -14.62 -31.89 -4.66
CA ARG P 78 -16.02 -31.93 -5.01
C ARG P 78 -16.30 -33.22 -5.75
N VAL P 79 -17.19 -34.05 -5.19
CA VAL P 79 -17.41 -35.39 -5.71
C VAL P 79 -18.86 -35.61 -6.05
N ARG P 80 -19.12 -36.24 -7.20
CA ARG P 80 -20.48 -36.57 -7.60
C ARG P 80 -20.52 -38.07 -7.86
N TYR P 81 -21.35 -38.77 -7.11
CA TYR P 81 -21.68 -40.16 -7.41
C TYR P 81 -23.05 -40.14 -8.06
N HIS P 82 -23.13 -40.65 -9.28
CA HIS P 82 -24.39 -40.62 -10.01
C HIS P 82 -24.62 -41.86 -10.84
N MET P 83 -25.87 -42.31 -10.89
CA MET P 83 -26.26 -43.45 -11.69
C MET P 83 -27.04 -42.97 -12.89
N THR P 84 -26.61 -43.39 -14.08
CA THR P 84 -27.34 -43.04 -15.29
C THR P 84 -28.72 -43.70 -15.26
N PRO P 85 -29.72 -43.05 -15.87
CA PRO P 85 -31.07 -43.63 -15.88
C PRO P 85 -31.15 -45.03 -16.48
N PHE P 86 -30.19 -45.39 -17.32
CA PHE P 86 -30.21 -46.68 -18.00
C PHE P 86 -29.21 -47.68 -17.42
N SER P 87 -28.79 -47.45 -16.19
CA SER P 87 -27.79 -48.32 -15.57
C SER P 87 -28.42 -49.54 -14.91
N THR P 88 -29.75 -49.50 -14.73
CA THR P 88 -30.47 -50.60 -14.07
C THR P 88 -31.60 -51.07 -14.94
N ASP P 89 -32.26 -52.13 -14.53
CA ASP P 89 -33.35 -52.70 -15.34
C ASP P 89 -34.54 -51.78 -15.41
N GLU P 90 -34.89 -51.17 -14.28
CA GLU P 90 -35.91 -50.14 -14.26
C GLU P 90 -35.23 -48.79 -14.28
N ARG P 91 -35.78 -47.86 -15.06
CA ARG P 91 -35.17 -46.54 -15.23
C ARG P 91 -35.08 -45.79 -13.90
N LYS P 92 -33.86 -45.35 -13.55
CA LYS P 92 -33.66 -44.46 -12.42
C LYS P 92 -33.97 -43.03 -12.82
N ASN P 93 -34.64 -42.29 -11.94
CA ASN P 93 -34.76 -40.85 -12.07
C ASN P 93 -33.37 -40.23 -11.93
N PRO P 94 -32.96 -39.40 -12.92
CA PRO P 94 -31.63 -38.80 -12.90
C PRO P 94 -31.45 -37.82 -11.74
N ALA P 95 -32.55 -37.30 -11.17
CA ALA P 95 -32.51 -36.44 -9.99
C ALA P 95 -31.85 -37.18 -8.84
N PRO P 96 -30.96 -36.51 -8.08
CA PRO P 96 -30.19 -37.25 -7.08
C PRO P 96 -31.08 -37.77 -5.96
N SER P 97 -30.88 -39.04 -5.62
CA SER P 97 -31.61 -39.69 -4.54
C SER P 97 -30.87 -39.53 -3.21
N ARG P 98 -31.59 -39.74 -2.11
CA ARG P 98 -30.96 -39.71 -0.80
C ARG P 98 -29.78 -40.68 -0.77
N ARG P 99 -29.95 -41.84 -1.39
CA ARG P 99 -28.85 -42.80 -1.51
C ARG P 99 -27.64 -42.22 -2.26
N GLU P 100 -27.87 -41.49 -3.35
CA GLU P 100 -26.77 -40.88 -4.11
C GLU P 100 -26.08 -39.81 -3.28
N ILE P 101 -26.88 -39.06 -2.52
CA ILE P 101 -26.37 -38.01 -1.65
C ILE P 101 -25.46 -38.60 -0.57
N GLU P 102 -25.93 -39.65 0.11
CA GLU P 102 -25.11 -40.31 1.11
C GLU P 102 -23.81 -40.85 0.50
N LEU P 103 -23.95 -41.61 -0.59
CA LEU P 103 -22.80 -42.27 -1.19
C LEU P 103 -21.75 -41.28 -1.71
N SER P 104 -22.22 -40.13 -2.20
CA SER P 104 -21.32 -39.08 -2.63
C SER P 104 -20.45 -38.64 -1.46
N LYS P 105 -21.06 -38.49 -0.29
CA LYS P 105 -20.33 -38.04 0.91
C LYS P 105 -19.35 -39.11 1.33
N VAL P 106 -19.82 -40.35 1.38
CA VAL P 106 -19.00 -41.47 1.81
C VAL P 106 -17.81 -41.67 0.89
N ILE P 107 -18.04 -41.56 -0.42
CA ILE P 107 -16.97 -41.64 -1.40
C ILE P 107 -15.99 -40.46 -1.29
N ARG P 108 -16.53 -39.25 -1.17
CA ARG P 108 -15.68 -38.07 -0.98
C ARG P 108 -14.72 -38.26 0.18
N GLU P 109 -15.25 -38.71 1.32
CA GLU P 109 -14.44 -38.87 2.54
C GLU P 109 -13.34 -39.90 2.34
N ALA P 110 -13.67 -40.97 1.61
CA ALA P 110 -12.71 -42.01 1.32
C ALA P 110 -11.55 -41.41 0.56
N LEU P 111 -11.86 -40.54 -0.41
CA LEU P 111 -10.83 -39.90 -1.27
C LEU P 111 -10.00 -38.91 -0.49
N GLU P 112 -10.66 -38.22 0.44
CA GLU P 112 -9.97 -37.22 1.25
C GLU P 112 -8.90 -37.81 2.11
N SER P 113 -9.07 -39.07 2.53
CA SER P 113 -8.05 -39.75 3.33
C SER P 113 -6.84 -40.17 2.48
N ALA P 114 -7.01 -40.15 1.16
CA ALA P 114 -5.96 -40.58 0.25
C ALA P 114 -5.27 -39.43 -0.47
N VAL P 115 -6.05 -38.44 -0.92
CA VAL P 115 -5.50 -37.35 -1.72
C VAL P 115 -4.74 -36.35 -0.84
N LEU P 116 -3.54 -35.98 -1.25
CA LEU P 116 -2.74 -35.02 -0.48
C LEU P 116 -3.21 -33.59 -0.74
N VAL P 117 -4.39 -33.27 -0.20
CA VAL P 117 -5.04 -31.98 -0.48
C VAL P 117 -4.25 -30.77 0.00
N GLU P 118 -3.40 -30.96 1.01
CA GLU P 118 -2.62 -29.86 1.58
C GLU P 118 -1.69 -29.23 0.54
N LEU P 119 -1.32 -30.00 -0.47
CA LEU P 119 -0.45 -29.51 -1.53
C LEU P 119 -1.07 -28.39 -2.37
N PHE P 120 -2.40 -28.27 -2.36
CA PHE P 120 -3.09 -27.37 -3.28
C PHE P 120 -4.08 -26.44 -2.57
N PRO P 121 -3.56 -25.48 -1.79
CA PRO P 121 -4.45 -24.55 -1.09
C PRO P 121 -5.25 -23.72 -2.08
N ARG P 122 -6.44 -23.30 -1.65
CA ARG P 122 -7.31 -22.41 -2.44
C ARG P 122 -7.81 -22.99 -3.78
N THR P 123 -7.67 -24.29 -3.96
CA THR P 123 -8.10 -24.92 -5.21
C THR P 123 -9.24 -25.89 -4.96
N ALA P 124 -9.90 -26.30 -6.04
CA ALA P 124 -10.86 -27.38 -6.01
C ALA P 124 -10.41 -28.47 -6.97
N ILE P 125 -10.62 -29.72 -6.56
CA ILE P 125 -10.43 -30.87 -7.42
C ILE P 125 -11.80 -31.50 -7.60
N ASP P 126 -12.29 -31.49 -8.83
CA ASP P 126 -13.61 -32.05 -9.13
C ASP P 126 -13.54 -33.48 -9.62
N VAL P 127 -14.27 -34.36 -8.94
CA VAL P 127 -14.27 -35.75 -9.31
C VAL P 127 -15.71 -36.12 -9.68
N PHE P 128 -15.93 -36.42 -10.95
CA PHE P 128 -17.27 -36.80 -11.42
C PHE P 128 -17.32 -38.28 -11.76
N THR P 129 -18.31 -38.95 -11.21
CA THR P 129 -18.45 -40.41 -11.31
C THR P 129 -19.82 -40.75 -11.89
N GLU P 130 -19.84 -41.66 -12.87
CA GLU P 130 -21.10 -42.08 -13.48
C GLU P 130 -21.17 -43.58 -13.54
N ILE P 131 -22.21 -44.15 -12.95
CA ILE P 131 -22.45 -45.59 -13.09
C ILE P 131 -23.19 -45.83 -14.39
N LEU P 132 -22.54 -46.55 -15.29
CA LEU P 132 -23.08 -46.85 -16.61
C LEU P 132 -23.90 -48.15 -16.60
N GLN P 133 -23.50 -49.12 -15.77
CA GLN P 133 -24.34 -50.26 -15.46
C GLN P 133 -24.15 -50.63 -14.00
N ALA P 134 -25.25 -50.96 -13.33
CA ALA P 134 -25.21 -51.37 -11.95
C ALA P 134 -25.55 -52.84 -11.80
N ASP P 135 -24.67 -53.57 -11.13
CA ASP P 135 -24.93 -54.95 -10.75
C ASP P 135 -24.30 -55.16 -9.37
N ALA P 136 -24.60 -54.23 -8.46
CA ALA P 136 -24.07 -54.22 -7.09
C ALA P 136 -22.58 -53.85 -7.01
N GLY P 137 -22.23 -53.20 -5.91
CA GLY P 137 -20.86 -52.76 -5.68
C GLY P 137 -20.51 -51.46 -6.38
N SER P 138 -21.53 -50.76 -6.88
CA SER P 138 -21.37 -49.51 -7.64
C SER P 138 -20.55 -48.48 -6.89
N ARG P 139 -20.84 -48.31 -5.60
CA ARG P 139 -20.12 -47.32 -4.80
C ARG P 139 -18.62 -47.58 -4.80
N LEU P 140 -18.23 -48.84 -4.80
CA LEU P 140 -16.82 -49.19 -4.76
C LEU P 140 -16.16 -49.04 -6.12
N VAL P 141 -16.86 -49.46 -7.16
CA VAL P 141 -16.38 -49.34 -8.54
C VAL P 141 -16.19 -47.84 -8.85
N SER P 142 -17.17 -47.05 -8.45
CA SER P 142 -17.09 -45.60 -8.57
C SER P 142 -15.87 -45.07 -7.82
N LEU P 143 -15.69 -45.51 -6.58
CA LEU P 143 -14.58 -45.03 -5.77
C LEU P 143 -13.23 -45.37 -6.41
N MET P 144 -13.09 -46.58 -6.90
CA MET P 144 -11.85 -47.02 -7.49
C MET P 144 -11.58 -46.27 -8.81
N ALA P 145 -12.63 -46.13 -9.62
CA ALA P 145 -12.54 -45.35 -10.85
C ALA P 145 -12.02 -43.96 -10.53
N ALA P 146 -12.57 -43.36 -9.49
CA ALA P 146 -12.14 -42.04 -9.01
C ALA P 146 -10.66 -42.06 -8.62
N SER P 147 -10.29 -43.01 -7.77
CA SER P 147 -8.92 -43.15 -7.33
C SER P 147 -7.96 -43.20 -8.52
N LEU P 148 -8.30 -44.01 -9.52
CA LEU P 148 -7.46 -44.16 -10.70
C LEU P 148 -7.46 -42.92 -11.59
N ALA P 149 -8.60 -42.23 -11.69
CA ALA P 149 -8.66 -41.02 -12.48
C ALA P 149 -7.74 -39.95 -11.86
N LEU P 150 -7.71 -39.91 -10.53
CA LEU P 150 -6.86 -38.99 -9.81
C LEU P 150 -5.40 -39.32 -10.13
N ALA P 151 -5.06 -40.61 -10.10
CA ALA P 151 -3.73 -41.07 -10.44
C ALA P 151 -3.39 -40.68 -11.88
N ASP P 152 -4.33 -40.93 -12.78
CA ASP P 152 -4.23 -40.55 -14.19
C ASP P 152 -3.99 -39.04 -14.36
N ALA P 153 -4.58 -38.22 -13.49
CA ALA P 153 -4.36 -36.78 -13.50
C ALA P 153 -3.00 -36.37 -12.91
N GLY P 154 -2.29 -37.33 -12.30
CA GLY P 154 -1.03 -37.05 -11.64
C GLY P 154 -1.19 -36.30 -10.32
N ILE P 155 -2.35 -36.44 -9.68
CA ILE P 155 -2.56 -35.81 -8.40
C ILE P 155 -2.03 -36.74 -7.32
N PRO P 156 -1.09 -36.25 -6.50
CA PRO P 156 -0.37 -37.02 -5.49
C PRO P 156 -1.30 -37.58 -4.41
N MET P 157 -1.16 -38.86 -4.10
CA MET P 157 -2.02 -39.49 -3.09
C MET P 157 -1.16 -40.38 -2.19
N ARG P 158 -1.73 -40.79 -1.06
CA ARG P 158 -1.03 -41.68 -0.13
C ARG P 158 -0.83 -43.06 -0.75
N ASP P 159 -1.83 -43.50 -1.51
CA ASP P 159 -1.86 -44.80 -2.13
C ASP P 159 -3.09 -44.86 -3.01
N LEU P 160 -3.20 -45.89 -3.84
CA LEU P 160 -4.45 -46.14 -4.57
C LEU P 160 -5.51 -46.71 -3.62
N ILE P 161 -6.77 -46.68 -4.04
CA ILE P 161 -7.84 -47.28 -3.26
C ILE P 161 -8.41 -48.47 -4.02
N ALA P 162 -8.47 -49.61 -3.34
CA ALA P 162 -9.10 -50.82 -3.87
C ALA P 162 -10.19 -51.28 -2.91
N GLY P 163 -11.29 -51.79 -3.44
CA GLY P 163 -12.42 -52.14 -2.61
C GLY P 163 -13.25 -53.30 -3.14
N VAL P 164 -13.89 -54.02 -2.21
CA VAL P 164 -14.90 -55.04 -2.53
C VAL P 164 -15.97 -55.04 -1.47
N ALA P 165 -17.17 -55.42 -1.88
CA ALA P 165 -18.22 -55.73 -0.94
C ALA P 165 -18.11 -57.21 -0.60
N VAL P 166 -18.09 -57.50 0.68
CA VAL P 166 -18.06 -58.85 1.16
C VAL P 166 -19.42 -59.02 1.83
N GLY P 167 -19.88 -60.25 2.04
CA GLY P 167 -21.25 -60.43 2.55
C GLY P 167 -21.61 -61.83 3.00
N LYS P 168 -22.90 -62.05 3.28
CA LYS P 168 -23.37 -63.33 3.78
C LYS P 168 -24.58 -63.76 2.98
N ALA P 169 -24.51 -64.95 2.37
CA ALA P 169 -25.55 -65.40 1.45
C ALA P 169 -26.52 -66.41 2.06
N ASP P 170 -26.14 -67.66 2.18
CA ASP P 170 -27.08 -68.56 2.84
C ASP P 170 -26.40 -69.11 4.07
N GLY P 171 -26.01 -68.20 4.95
CA GLY P 171 -25.15 -68.51 6.07
C GLY P 171 -23.70 -68.57 5.66
N VAL P 172 -23.45 -68.46 4.36
CA VAL P 172 -22.09 -68.55 3.82
C VAL P 172 -21.50 -67.17 3.53
N ILE P 173 -20.30 -66.93 4.01
CA ILE P 173 -19.59 -65.68 3.73
C ILE P 173 -19.02 -65.67 2.33
N ILE P 174 -19.36 -64.62 1.58
CA ILE P 174 -19.05 -64.55 0.14
C ILE P 174 -18.38 -63.24 -0.25
N LEU P 175 -17.65 -63.27 -1.36
CA LEU P 175 -16.83 -62.15 -1.82
C LEU P 175 -17.39 -61.53 -3.08
N ASP P 176 -17.57 -60.20 -3.08
CA ASP P 176 -17.93 -59.43 -4.28
C ASP P 176 -19.33 -59.80 -4.79
N LEU P 177 -20.36 -59.14 -4.23
CA LEU P 177 -21.75 -59.56 -4.46
C LEU P 177 -22.39 -59.15 -5.78
N ASN P 178 -23.20 -60.07 -6.32
CA ASN P 178 -24.24 -59.84 -7.33
C ASN P 178 -25.27 -58.83 -6.86
N GLU P 179 -26.04 -58.32 -7.80
CA GLU P 179 -27.30 -57.70 -7.44
C GLU P 179 -28.22 -58.71 -6.71
N THR P 180 -28.29 -59.93 -7.20
CA THR P 180 -29.11 -60.98 -6.57
C THR P 180 -28.72 -61.19 -5.11
N GLU P 181 -27.41 -61.25 -4.88
CA GLU P 181 -26.86 -61.49 -3.53
C GLU P 181 -27.08 -60.27 -2.65
N ASP P 182 -26.98 -59.09 -3.25
CA ASP P 182 -27.24 -57.83 -2.57
C ASP P 182 -28.68 -57.77 -2.06
N MET P 183 -29.62 -57.98 -2.98
CA MET P 183 -31.06 -58.05 -2.70
C MET P 183 -31.43 -59.06 -1.63
N TRP P 184 -30.99 -60.32 -1.79
CA TRP P 184 -31.50 -61.43 -0.99
C TRP P 184 -30.61 -61.93 0.14
N GLY P 185 -29.34 -61.51 0.18
CA GLY P 185 -28.44 -61.95 1.25
C GLY P 185 -28.77 -61.41 2.63
N GLU P 186 -28.06 -61.88 3.64
CA GLU P 186 -28.24 -61.39 5.01
C GLU P 186 -27.41 -60.15 5.32
N ALA P 187 -26.35 -59.93 4.56
CA ALA P 187 -25.42 -58.84 4.83
C ALA P 187 -24.67 -58.39 3.59
N ASP P 188 -24.32 -57.10 3.56
CA ASP P 188 -23.56 -56.51 2.48
C ASP P 188 -22.61 -55.52 3.14
N MET P 189 -21.31 -55.77 2.97
CA MET P 189 -20.30 -54.99 3.65
C MET P 189 -19.24 -54.49 2.69
N PRO P 190 -19.48 -53.33 2.04
CA PRO P 190 -18.45 -52.71 1.21
C PRO P 190 -17.25 -52.22 2.05
N ILE P 191 -16.05 -52.58 1.62
CA ILE P 191 -14.82 -52.19 2.30
C ILE P 191 -13.82 -51.71 1.25
N ALA P 192 -13.19 -50.55 1.49
CA ALA P 192 -12.16 -50.03 0.61
C ALA P 192 -10.92 -49.62 1.41
N MET P 193 -9.74 -49.93 0.87
CA MET P 193 -8.47 -49.60 1.53
C MET P 193 -7.44 -48.95 0.62
N MET P 194 -6.47 -48.29 1.26
CA MET P 194 -5.16 -48.04 0.70
C MET P 194 -4.32 -49.25 1.13
N PRO P 195 -4.25 -50.28 0.26
CA PRO P 195 -3.74 -51.60 0.63
C PRO P 195 -2.31 -51.60 1.16
N SER P 196 -1.43 -50.79 0.56
CA SER P 196 -0.03 -50.76 0.98
C SER P 196 0.13 -50.28 2.41
N LEU P 197 -0.85 -49.50 2.89
CA LEU P 197 -0.80 -48.90 4.21
C LEU P 197 -1.69 -49.61 5.22
N ASN P 198 -2.44 -50.60 4.76
CA ASN P 198 -3.46 -51.27 5.58
C ASN P 198 -4.44 -50.28 6.23
N GLN P 199 -4.77 -49.24 5.49
CA GLN P 199 -5.68 -48.22 5.98
C GLN P 199 -7.03 -48.33 5.29
N VAL P 200 -8.08 -48.42 6.10
CA VAL P 200 -9.43 -48.48 5.58
C VAL P 200 -9.95 -47.07 5.34
N THR P 201 -10.32 -46.88 4.09
CA THR P 201 -10.84 -45.67 3.50
C THR P 201 -12.38 -45.61 3.56
N LEU P 202 -13.06 -46.73 3.32
CA LEU P 202 -14.53 -46.81 3.31
C LEU P 202 -14.91 -48.10 4.01
N PHE P 203 -15.88 -48.01 4.91
CA PHE P 203 -16.33 -49.20 5.62
C PHE P 203 -17.79 -49.08 6.01
N GLN P 204 -18.62 -49.93 5.41
CA GLN P 204 -20.05 -49.93 5.68
C GLN P 204 -20.59 -51.34 5.79
N LEU P 205 -21.58 -51.53 6.64
CA LEU P 205 -22.33 -52.79 6.62
C LEU P 205 -23.81 -52.51 6.69
N ASN P 206 -24.56 -53.07 5.75
CA ASN P 206 -26.01 -53.17 5.90
C ASN P 206 -26.37 -54.63 5.95
N GLY P 207 -27.41 -54.94 6.70
CA GLY P 207 -27.78 -56.30 6.92
C GLY P 207 -27.42 -56.68 8.33
N SER P 208 -26.89 -57.88 8.51
CA SER P 208 -26.78 -58.46 9.85
C SER P 208 -25.67 -59.52 9.89
N MET P 209 -24.81 -59.44 10.90
CA MET P 209 -23.71 -60.40 11.08
C MET P 209 -23.31 -60.56 12.53
N THR P 210 -22.81 -61.73 12.87
CA THR P 210 -22.20 -61.95 14.18
C THR P 210 -20.79 -61.37 14.14
N PRO P 211 -20.25 -60.96 15.31
CA PRO P 211 -18.88 -60.48 15.32
C PRO P 211 -17.88 -61.43 14.65
N ASP P 212 -18.04 -62.75 14.86
CA ASP P 212 -17.18 -63.74 14.20
C ASP P 212 -17.32 -63.67 12.69
N GLU P 213 -18.56 -63.64 12.21
CA GLU P 213 -18.82 -63.54 10.77
C GLU P 213 -18.21 -62.26 10.22
N PHE P 214 -18.39 -61.18 10.96
CA PHE P 214 -17.85 -59.88 10.60
C PHE P 214 -16.35 -59.97 10.42
N ARG P 215 -15.67 -60.63 11.36
CA ARG P 215 -14.22 -60.82 11.27
C ARG P 215 -13.78 -61.73 10.11
N GLN P 216 -14.55 -62.79 9.83
CA GLN P 216 -14.27 -63.67 8.70
C GLN P 216 -14.40 -62.92 7.40
N ALA P 217 -15.52 -62.21 7.25
CA ALA P 217 -15.82 -61.49 6.03
C ALA P 217 -14.75 -60.44 5.76
N PHE P 218 -14.38 -59.73 6.82
CA PHE P 218 -13.32 -58.76 6.78
C PHE P 218 -12.03 -59.37 6.20
N ASP P 219 -11.62 -60.53 6.73
CA ASP P 219 -10.42 -61.21 6.21
C ASP P 219 -10.52 -61.50 4.73
N LEU P 220 -11.69 -61.96 4.29
CA LEU P 220 -11.90 -62.29 2.89
C LEU P 220 -11.80 -61.03 2.01
N ALA P 221 -12.39 -59.94 2.48
CA ALA P 221 -12.32 -58.68 1.75
C ALA P 221 -10.88 -58.26 1.48
N VAL P 222 -10.02 -58.40 2.48
CA VAL P 222 -8.62 -58.04 2.32
C VAL P 222 -7.96 -58.83 1.17
N LYS P 223 -8.24 -60.13 1.11
CA LYS P 223 -7.64 -60.97 0.09
C LYS P 223 -8.12 -60.51 -1.29
N GLY P 224 -9.42 -60.22 -1.39
CA GLY P 224 -9.98 -59.71 -2.63
C GLY P 224 -9.33 -58.39 -3.02
N ILE P 225 -9.31 -57.46 -2.07
CA ILE P 225 -8.75 -56.13 -2.27
C ILE P 225 -7.32 -56.22 -2.80
N ASN P 226 -6.51 -57.12 -2.25
CA ASN P 226 -5.11 -57.23 -2.67
C ASN P 226 -4.93 -57.64 -4.11
N ILE P 227 -5.85 -58.48 -4.59
CA ILE P 227 -5.85 -58.90 -6.00
C ILE P 227 -6.23 -57.72 -6.89
N ILE P 228 -7.29 -57.00 -6.51
CA ILE P 228 -7.72 -55.82 -7.24
C ILE P 228 -6.62 -54.77 -7.30
N TYR P 229 -5.93 -54.60 -6.17
CA TYR P 229 -4.85 -53.63 -6.05
C TYR P 229 -3.73 -53.89 -7.06
N ASN P 230 -3.29 -55.13 -7.20
CA ASN P 230 -2.25 -55.46 -8.18
C ASN P 230 -2.66 -55.14 -9.61
N LEU P 231 -3.96 -55.22 -9.89
CA LEU P 231 -4.49 -54.90 -11.20
C LEU P 231 -4.52 -53.39 -11.42
N GLU P 232 -4.85 -52.64 -10.37
CA GLU P 232 -4.81 -51.19 -10.42
C GLU P 232 -3.38 -50.71 -10.71
N ARG P 233 -2.41 -51.29 -10.01
CA ARG P 233 -1.01 -51.00 -10.23
C ARG P 233 -0.60 -51.22 -11.69
N GLU P 234 -1.04 -52.35 -12.26
CA GLU P 234 -0.72 -52.72 -13.64
C GLU P 234 -1.43 -51.77 -14.61
N ALA P 235 -2.66 -51.40 -14.28
CA ALA P 235 -3.45 -50.47 -15.10
C ALA P 235 -2.79 -49.10 -15.19
N LEU P 236 -2.02 -48.77 -14.16
CA LEU P 236 -1.33 -47.49 -14.08
C LEU P 236 -0.20 -47.44 -15.09
N LYS P 237 0.49 -48.58 -15.27
CA LYS P 237 1.58 -48.67 -16.21
C LYS P 237 1.09 -48.83 -17.65
N SER P 238 0.20 -49.80 -17.88
CA SER P 238 -0.18 -50.18 -19.24
C SER P 238 -1.44 -49.49 -19.75
N LYS P 239 -2.15 -48.81 -18.86
CA LYS P 239 -3.36 -48.05 -19.22
C LYS P 239 -4.61 -48.89 -19.49
N TYR P 240 -4.43 -50.20 -19.62
CA TYR P 240 -5.52 -51.12 -19.93
C TYR P 240 -5.25 -52.50 -19.32
N VAL P 241 -6.23 -53.00 -18.57
CA VAL P 241 -6.10 -54.29 -17.86
C VAL P 241 -7.41 -55.08 -17.91
N GLU P 242 -7.30 -56.36 -18.30
CA GLU P 242 -8.40 -57.32 -18.23
C GLU P 242 -8.03 -58.48 -17.32
N PHE P 243 -9.00 -58.94 -16.54
CA PHE P 243 -8.79 -60.01 -15.58
C PHE P 243 -10.04 -60.88 -15.52
N LYS P 244 -9.88 -62.15 -15.90
CA LYS P 244 -10.96 -63.13 -15.85
C LYS P 244 -11.19 -63.56 -14.39
N GLU P 245 -12.45 -63.87 -14.05
CA GLU P 245 -12.84 -64.38 -12.73
C GLU P 245 -11.87 -65.40 -12.17
N GLU P 246 -11.52 -65.28 -10.89
CA GLU P 246 -10.84 -66.38 -10.19
C GLU P 246 -10.75 -66.29 -8.65
N GLY P 247 -10.42 -67.44 -8.08
CA GLY P 247 -10.28 -67.63 -6.63
C GLY P 247 -9.22 -66.79 -5.96
N VAL P 248 -9.58 -66.28 -4.79
CA VAL P 248 -8.71 -65.46 -3.97
C VAL P 248 -7.62 -66.29 -3.29
N MET Q 1 -35.22 -19.63 5.56
CA MET Q 1 -34.54 -18.51 6.27
C MET Q 1 -34.77 -17.08 5.73
N SER Q 2 -35.28 -16.18 6.57
CA SER Q 2 -35.53 -14.78 6.21
C SER Q 2 -34.44 -13.85 6.73
N SER Q 3 -33.90 -13.00 5.86
CA SER Q 3 -32.80 -12.12 6.26
C SER Q 3 -32.87 -10.70 5.75
N THR Q 4 -32.28 -9.79 6.52
CA THR Q 4 -32.28 -8.37 6.21
C THR Q 4 -31.78 -8.15 4.77
N PRO Q 5 -32.63 -7.56 3.91
CA PRO Q 5 -32.25 -7.33 2.51
C PRO Q 5 -30.97 -6.49 2.37
N SER Q 6 -29.96 -7.06 1.70
CA SER Q 6 -28.66 -6.40 1.52
C SER Q 6 -28.62 -5.43 0.34
N ASN Q 7 -29.61 -5.52 -0.52
CA ASN Q 7 -29.70 -4.67 -1.73
C ASN Q 7 -30.28 -3.30 -1.38
N GLN Q 8 -30.84 -3.22 -0.17
CA GLN Q 8 -31.27 -1.99 0.55
C GLN Q 8 -30.78 -0.65 -0.03
N ASN Q 9 -31.73 0.12 -0.56
CA ASN Q 9 -31.47 1.46 -1.12
C ASN Q 9 -31.36 2.56 -0.06
N ILE Q 10 -30.24 2.57 0.67
CA ILE Q 10 -30.05 3.49 1.80
C ILE Q 10 -30.13 4.97 1.36
N ILE Q 11 -31.01 5.71 2.03
CA ILE Q 11 -31.38 7.07 1.63
C ILE Q 11 -30.85 8.12 2.65
N PRO Q 12 -29.93 8.99 2.19
CA PRO Q 12 -29.12 9.84 3.09
C PRO Q 12 -29.96 10.66 4.05
N ILE Q 13 -29.45 10.84 5.27
CA ILE Q 13 -30.16 11.60 6.31
C ILE Q 13 -30.61 12.95 5.79
N ILE Q 14 -29.77 13.55 4.95
CA ILE Q 14 -30.02 14.87 4.39
C ILE Q 14 -31.29 14.90 3.56
N LYS Q 15 -31.55 13.82 2.80
CA LYS Q 15 -32.72 13.77 1.97
C LYS Q 15 -33.97 13.52 2.81
N LYS Q 16 -33.82 12.70 3.85
CA LYS Q 16 -34.92 12.40 4.76
C LYS Q 16 -35.42 13.66 5.43
N GLU Q 17 -34.48 14.48 5.89
CA GLU Q 17 -34.82 15.76 6.52
C GLU Q 17 -35.61 16.71 5.61
N SER Q 18 -35.26 16.75 4.32
CA SER Q 18 -36.02 17.55 3.34
C SER Q 18 -37.45 17.15 3.36
N ILE Q 19 -37.68 15.84 3.28
CA ILE Q 19 -39.02 15.33 3.19
C ILE Q 19 -39.77 15.63 4.49
N VAL Q 20 -39.10 15.41 5.62
CA VAL Q 20 -39.72 15.63 6.91
C VAL Q 20 -40.06 17.09 7.12
N SER Q 21 -39.18 17.97 6.64
CA SER Q 21 -39.42 19.43 6.69
C SER Q 21 -40.68 19.84 5.94
N LEU Q 22 -40.99 19.14 4.84
CA LEU Q 22 -42.20 19.38 4.09
C LEU Q 22 -43.39 18.88 4.87
N PHE Q 23 -43.29 17.67 5.41
CA PHE Q 23 -44.34 17.06 6.22
C PHE Q 23 -44.75 18.01 7.32
N GLU Q 24 -43.78 18.71 7.90
CA GLU Q 24 -44.03 19.58 9.02
C GLU Q 24 -44.91 20.78 8.64
N LYS Q 25 -44.86 21.16 7.37
CA LYS Q 25 -45.76 22.17 6.81
C LYS Q 25 -47.01 21.52 6.23
N GLY Q 26 -47.18 20.23 6.48
CA GLY Q 26 -48.38 19.51 6.03
C GLY Q 26 -48.47 19.26 4.55
N ILE Q 27 -47.33 19.19 3.88
CA ILE Q 27 -47.31 18.95 2.45
C ILE Q 27 -46.25 17.91 2.09
N ARG Q 28 -46.36 17.32 0.90
CA ARG Q 28 -45.39 16.32 0.44
C ARG Q 28 -44.64 16.77 -0.82
N GLN Q 29 -43.62 16.01 -1.21
CA GLN Q 29 -42.82 16.29 -2.40
C GLN Q 29 -43.70 16.55 -3.64
N ASP Q 30 -44.61 15.62 -3.91
CA ASP Q 30 -45.48 15.70 -5.09
C ASP Q 30 -46.68 16.62 -4.90
N GLY Q 31 -46.73 17.28 -3.75
CA GLY Q 31 -47.73 18.33 -3.53
C GLY Q 31 -49.01 17.92 -2.83
N ARG Q 32 -49.16 16.62 -2.56
CA ARG Q 32 -50.38 16.15 -1.92
C ARG Q 32 -50.35 16.28 -0.40
N LYS Q 33 -51.53 16.18 0.21
CA LYS Q 33 -51.69 16.25 1.65
C LYS Q 33 -51.24 14.93 2.26
N LEU Q 34 -51.01 14.93 3.57
CA LEU Q 34 -50.54 13.73 4.25
C LEU Q 34 -51.57 12.60 4.15
N THR Q 35 -52.83 12.95 3.95
CA THR Q 35 -53.89 11.94 3.89
C THR Q 35 -54.36 11.60 2.47
N ASP Q 36 -53.72 12.18 1.47
CA ASP Q 36 -54.13 12.02 0.07
C ASP Q 36 -53.58 10.76 -0.56
N TYR Q 37 -54.40 10.12 -1.38
CA TYR Q 37 -53.94 9.08 -2.30
C TYR Q 37 -53.35 9.71 -3.56
N ARG Q 38 -52.47 8.97 -4.23
CA ARG Q 38 -51.96 9.37 -5.54
C ARG Q 38 -53.02 9.16 -6.62
N PRO Q 39 -52.80 9.75 -7.83
CA PRO Q 39 -53.78 9.57 -8.91
C PRO Q 39 -53.95 8.09 -9.27
N LEU Q 40 -55.19 7.67 -9.50
CA LEU Q 40 -55.49 6.27 -9.77
C LEU Q 40 -56.06 6.04 -11.17
N SER Q 41 -55.42 5.16 -11.94
CA SER Q 41 -55.95 4.67 -13.22
C SER Q 41 -56.26 3.19 -13.13
N ILE Q 42 -57.38 2.79 -13.70
CA ILE Q 42 -57.69 1.40 -13.84
C ILE Q 42 -58.18 1.17 -15.25
N THR Q 43 -57.52 0.24 -15.94
CA THR Q 43 -57.92 -0.19 -17.27
C THR Q 43 -58.34 -1.64 -17.18
N LEU Q 44 -59.63 -1.89 -17.38
CA LEU Q 44 -60.17 -3.24 -17.32
C LEU Q 44 -59.95 -3.97 -18.63
N ASP Q 45 -59.94 -5.30 -18.56
CA ASP Q 45 -59.80 -6.15 -19.75
C ASP Q 45 -58.51 -5.79 -20.53
N TYR Q 46 -57.43 -5.52 -19.80
CA TYR Q 46 -56.16 -5.19 -20.41
C TYR Q 46 -55.51 -6.43 -21.02
N ALA Q 47 -55.54 -7.54 -20.30
CA ALA Q 47 -54.98 -8.81 -20.77
C ALA Q 47 -56.07 -9.63 -21.44
N LYS Q 48 -56.11 -9.61 -22.77
CA LYS Q 48 -57.27 -10.15 -23.50
C LYS Q 48 -57.54 -11.62 -23.29
N LYS Q 49 -56.49 -12.41 -23.12
CA LYS Q 49 -56.67 -13.83 -22.94
C LYS Q 49 -56.92 -14.25 -21.49
N ALA Q 50 -56.91 -13.28 -20.58
CA ALA Q 50 -57.40 -13.52 -19.22
C ALA Q 50 -58.93 -13.57 -19.23
N ASP Q 51 -59.51 -14.25 -18.24
CA ASP Q 51 -60.97 -14.27 -18.07
C ASP Q 51 -61.48 -12.92 -17.57
N GLY Q 52 -60.68 -12.28 -16.72
CA GLY Q 52 -60.87 -10.90 -16.33
C GLY Q 52 -59.52 -10.32 -15.98
N SER Q 53 -59.33 -9.02 -16.19
CA SER Q 53 -58.04 -8.40 -15.88
C SER Q 53 -58.17 -6.92 -15.60
N ALA Q 54 -57.16 -6.38 -14.92
CA ALA Q 54 -57.09 -4.94 -14.63
C ALA Q 54 -55.65 -4.43 -14.61
N LEU Q 55 -55.39 -3.35 -15.33
CA LEU Q 55 -54.11 -2.66 -15.20
C LEU Q 55 -54.28 -1.42 -14.32
N VAL Q 56 -53.63 -1.42 -13.16
CA VAL Q 56 -53.78 -0.34 -12.20
C VAL Q 56 -52.53 0.55 -12.17
N LYS Q 57 -52.72 1.84 -12.35
CA LYS Q 57 -51.63 2.78 -12.08
C LYS Q 57 -51.99 3.59 -10.87
N LEU Q 58 -51.23 3.39 -9.80
CA LEU Q 58 -51.34 4.19 -8.59
C LEU Q 58 -50.04 4.97 -8.45
N GLY Q 59 -50.08 6.26 -8.78
CA GLY Q 59 -48.85 7.04 -8.91
C GLY Q 59 -48.00 6.42 -10.00
N THR Q 60 -46.78 6.02 -9.65
CA THR Q 60 -45.89 5.33 -10.59
C THR Q 60 -45.88 3.81 -10.39
N THR Q 61 -46.66 3.32 -9.43
CA THR Q 61 -46.79 1.88 -9.23
C THR Q 61 -47.77 1.30 -10.24
N MET Q 62 -47.31 0.29 -10.98
CA MET Q 62 -48.17 -0.39 -11.94
C MET Q 62 -48.31 -1.86 -11.66
N VAL Q 63 -49.56 -2.30 -11.58
CA VAL Q 63 -49.86 -3.68 -11.32
C VAL Q 63 -50.86 -4.19 -12.36
N LEU Q 64 -50.57 -5.35 -12.96
CA LEU Q 64 -51.52 -6.02 -13.82
C LEU Q 64 -51.97 -7.31 -13.16
N ALA Q 65 -53.27 -7.41 -12.85
CA ALA Q 65 -53.86 -8.65 -12.31
C ALA Q 65 -54.73 -9.31 -13.37
N GLY Q 66 -54.71 -10.63 -13.40
CA GLY Q 66 -55.51 -11.36 -14.36
C GLY Q 66 -56.04 -12.65 -13.76
N THR Q 67 -57.29 -12.99 -14.09
CA THR Q 67 -57.89 -14.23 -13.62
C THR Q 67 -57.95 -15.30 -14.71
N LYS Q 68 -58.02 -16.54 -14.25
CA LYS Q 68 -58.15 -17.70 -15.11
C LYS Q 68 -58.95 -18.73 -14.34
N LEU Q 69 -60.04 -19.19 -14.95
CA LEU Q 69 -60.92 -20.12 -14.28
C LEU Q 69 -60.77 -21.55 -14.80
N GLU Q 70 -60.76 -22.51 -13.88
CA GLU Q 70 -60.65 -23.93 -14.24
C GLU Q 70 -61.59 -24.79 -13.42
N ILE Q 71 -61.96 -25.93 -13.98
CA ILE Q 71 -62.82 -26.87 -13.29
C ILE Q 71 -61.96 -27.93 -12.61
N ASP Q 72 -62.16 -28.09 -11.30
CA ASP Q 72 -61.42 -29.04 -10.49
C ASP Q 72 -62.37 -29.80 -9.60
N LYS Q 73 -61.98 -31.01 -9.20
CA LYS Q 73 -62.62 -31.68 -8.09
C LYS Q 73 -62.34 -30.83 -6.85
N PRO Q 74 -63.32 -30.71 -5.93
CA PRO Q 74 -63.06 -29.89 -4.74
C PRO Q 74 -62.10 -30.60 -3.80
N TYR Q 75 -61.47 -29.85 -2.91
CA TYR Q 75 -60.49 -30.44 -2.03
C TYR Q 75 -61.18 -31.22 -0.92
N GLU Q 76 -60.71 -32.44 -0.66
CA GLU Q 76 -61.18 -33.25 0.49
C GLU Q 76 -61.36 -32.39 1.76
N ASP Q 77 -60.39 -31.52 2.05
CA ASP Q 77 -60.46 -30.69 3.26
C ASP Q 77 -61.29 -29.38 3.14
N THR Q 78 -61.94 -29.14 1.99
CA THR Q 78 -62.93 -28.03 1.80
C THR Q 78 -64.04 -28.37 0.78
N PRO Q 79 -64.88 -29.37 1.10
CA PRO Q 79 -65.68 -30.06 0.05
C PRO Q 79 -66.86 -29.30 -0.62
N ASN Q 80 -67.32 -28.19 -0.04
CA ASN Q 80 -68.49 -27.49 -0.61
C ASN Q 80 -68.15 -26.05 -0.95
N GLN Q 81 -67.13 -25.88 -1.76
CA GLN Q 81 -66.49 -24.60 -1.90
C GLN Q 81 -65.55 -24.66 -3.10
N GLY Q 82 -65.64 -23.65 -3.97
CA GLY Q 82 -64.69 -23.46 -5.05
C GLY Q 82 -63.37 -22.96 -4.49
N ASN Q 83 -62.42 -22.66 -5.36
CA ASN Q 83 -61.08 -22.29 -4.91
C ASN Q 83 -60.66 -20.90 -5.36
N LEU Q 84 -59.91 -20.22 -4.50
CA LEU Q 84 -59.23 -19.00 -4.89
C LEU Q 84 -57.76 -19.21 -4.63
N ILE Q 85 -56.93 -18.99 -5.65
CA ILE Q 85 -55.47 -19.08 -5.50
C ILE Q 85 -54.83 -17.79 -5.97
N VAL Q 86 -54.19 -17.08 -5.04
CA VAL Q 86 -53.62 -15.78 -5.33
C VAL Q 86 -52.11 -15.85 -5.47
N ASN Q 87 -51.59 -15.28 -6.54
CA ASN Q 87 -50.16 -15.30 -6.76
C ASN Q 87 -49.67 -13.92 -7.16
N VAL Q 88 -48.57 -13.50 -6.54
CA VAL Q 88 -47.99 -12.18 -6.81
C VAL Q 88 -46.55 -12.33 -7.29
N GLU Q 89 -46.21 -11.60 -8.36
CA GLU Q 89 -44.83 -11.57 -8.82
C GLU Q 89 -44.31 -10.14 -8.91
N LEU Q 90 -43.16 -9.91 -8.29
CA LEU Q 90 -42.47 -8.63 -8.39
C LEU Q 90 -41.39 -8.79 -9.45
N LEU Q 91 -41.47 -8.01 -10.53
CA LEU Q 91 -40.53 -8.21 -11.66
C LEU Q 91 -39.26 -7.35 -11.67
N PRO Q 92 -39.36 -6.05 -11.28
CA PRO Q 92 -38.23 -5.11 -11.45
C PRO Q 92 -36.89 -5.51 -10.80
N ASP Q 104 -40.46 -15.37 -3.98
CA ASP Q 104 -39.68 -14.28 -3.38
C ASP Q 104 -39.71 -14.27 -1.84
N GLU Q 105 -40.74 -13.67 -1.23
CA GLU Q 105 -40.90 -13.51 0.24
C GLU Q 105 -41.84 -12.34 0.47
N ASN Q 106 -41.52 -11.23 -0.18
CA ASN Q 106 -42.39 -10.06 -0.19
C ASN Q 106 -43.53 -10.36 -1.11
N ALA Q 107 -43.24 -11.12 -2.17
CA ALA Q 107 -44.25 -11.56 -3.12
C ALA Q 107 -45.25 -12.49 -2.43
N ILE Q 108 -44.72 -13.41 -1.61
CA ILE Q 108 -45.57 -14.31 -0.83
C ILE Q 108 -46.41 -13.57 0.21
N GLU Q 109 -45.81 -12.66 0.97
CA GLU Q 109 -46.57 -11.84 1.91
C GLU Q 109 -47.72 -11.12 1.19
N LEU Q 110 -47.41 -10.44 0.09
CA LEU Q 110 -48.41 -9.67 -0.64
C LEU Q 110 -49.56 -10.55 -1.06
N ALA Q 111 -49.22 -11.69 -1.67
CA ALA Q 111 -50.23 -12.67 -2.07
C ALA Q 111 -51.15 -13.05 -0.89
N ARG Q 112 -50.54 -13.48 0.23
CA ARG Q 112 -51.31 -13.93 1.39
C ARG Q 112 -52.12 -12.80 2.00
N VAL Q 113 -51.56 -11.60 2.08
CA VAL Q 113 -52.32 -10.49 2.66
C VAL Q 113 -53.55 -10.19 1.77
N VAL Q 114 -53.33 -10.12 0.46
CA VAL Q 114 -54.43 -9.90 -0.48
C VAL Q 114 -55.46 -11.03 -0.33
N ASP Q 115 -54.99 -12.27 -0.39
CA ASP Q 115 -55.86 -13.43 -0.30
C ASP Q 115 -56.76 -13.31 0.92
N ARG Q 116 -56.12 -13.18 2.08
CA ARG Q 116 -56.81 -13.07 3.35
C ARG Q 116 -57.93 -12.03 3.33
N SER Q 117 -57.68 -10.88 2.72
CA SER Q 117 -58.65 -9.81 2.76
C SER Q 117 -59.78 -10.05 1.75
N LEU Q 118 -59.53 -10.87 0.73
CA LEU Q 118 -60.61 -11.27 -0.20
C LEU Q 118 -61.44 -12.41 0.39
N ARG Q 119 -60.76 -13.36 1.03
CA ARG Q 119 -61.38 -14.55 1.58
C ARG Q 119 -62.14 -14.31 2.90
N ASP Q 120 -61.50 -13.67 3.88
CA ASP Q 120 -62.11 -13.44 5.18
C ASP Q 120 -63.28 -12.46 5.11
N SER Q 121 -63.24 -11.52 4.17
CA SER Q 121 -64.31 -10.54 4.00
C SER Q 121 -65.47 -11.21 3.33
N LYS Q 122 -65.21 -12.38 2.76
CA LYS Q 122 -66.11 -13.10 1.86
C LYS Q 122 -66.59 -12.20 0.69
N ALA Q 123 -65.69 -11.37 0.18
CA ALA Q 123 -65.95 -10.52 -0.99
C ALA Q 123 -66.24 -11.40 -2.20
N LEU Q 124 -65.50 -12.49 -2.31
CA LEU Q 124 -65.81 -13.54 -3.26
C LEU Q 124 -66.43 -14.70 -2.49
N ASP Q 125 -67.64 -15.09 -2.87
CA ASP Q 125 -68.32 -16.19 -2.19
C ASP Q 125 -67.94 -17.51 -2.84
N LEU Q 126 -67.02 -18.23 -2.19
CA LEU Q 126 -66.51 -19.48 -2.74
C LEU Q 126 -67.54 -20.59 -2.79
N THR Q 127 -68.55 -20.53 -1.91
CA THR Q 127 -69.57 -21.56 -1.87
C THR Q 127 -70.49 -21.50 -3.09
N LYS Q 128 -70.48 -20.36 -3.76
CA LYS Q 128 -71.25 -20.19 -4.99
C LYS Q 128 -70.44 -20.50 -6.25
N LEU Q 129 -69.26 -21.11 -6.06
CA LEU Q 129 -68.43 -21.53 -7.18
C LEU Q 129 -68.53 -23.04 -7.43
N VAL Q 130 -69.51 -23.67 -6.79
CA VAL Q 130 -69.75 -25.09 -6.97
C VAL Q 130 -70.56 -25.35 -8.23
N ILE Q 131 -70.13 -26.35 -9.00
CA ILE Q 131 -70.85 -26.78 -10.19
C ILE Q 131 -71.66 -28.04 -9.83
N GLU Q 132 -70.97 -29.15 -9.54
CA GLU Q 132 -71.61 -30.34 -8.97
C GLU Q 132 -71.01 -30.63 -7.60
N PRO Q 133 -71.83 -30.55 -6.53
CA PRO Q 133 -71.33 -30.66 -5.14
C PRO Q 133 -70.57 -31.97 -4.86
N GLY Q 134 -69.27 -31.86 -4.60
CA GLY Q 134 -68.42 -33.01 -4.35
C GLY Q 134 -67.75 -33.60 -5.57
N LYS Q 135 -68.20 -33.21 -6.77
CA LYS Q 135 -67.58 -33.66 -8.03
C LYS Q 135 -66.75 -32.58 -8.74
N SER Q 136 -67.31 -31.38 -8.89
CA SER Q 136 -66.64 -30.33 -9.67
C SER Q 136 -66.96 -28.89 -9.24
N VAL Q 137 -65.91 -28.10 -9.08
CA VAL Q 137 -66.01 -26.68 -8.68
C VAL Q 137 -65.06 -25.81 -9.50
N TRP Q 138 -65.28 -24.50 -9.47
CA TRP Q 138 -64.41 -23.53 -10.15
C TRP Q 138 -63.19 -23.20 -9.30
N THR Q 139 -62.02 -23.22 -9.91
CA THR Q 139 -60.83 -22.67 -9.27
C THR Q 139 -60.55 -21.32 -9.92
N VAL Q 140 -60.50 -20.28 -9.11
CA VAL Q 140 -60.18 -18.95 -9.59
C VAL Q 140 -58.69 -18.68 -9.36
N TRP Q 141 -57.91 -18.74 -10.43
CA TRP Q 141 -56.50 -18.40 -10.37
C TRP Q 141 -56.37 -16.90 -10.57
N LEU Q 142 -55.86 -16.21 -9.55
CA LEU Q 142 -55.64 -14.77 -9.61
C LEU Q 142 -54.15 -14.53 -9.61
N ASP Q 143 -53.63 -14.03 -10.73
CA ASP Q 143 -52.21 -13.76 -10.87
C ASP Q 143 -51.94 -12.28 -10.98
N VAL Q 144 -51.15 -11.78 -10.04
CA VAL Q 144 -50.91 -10.35 -9.91
C VAL Q 144 -49.45 -10.00 -10.20
N TYR Q 145 -49.23 -9.21 -11.24
CA TYR Q 145 -47.89 -8.87 -11.69
C TYR Q 145 -47.57 -7.41 -11.45
N VAL Q 146 -46.65 -7.16 -10.52
CA VAL Q 146 -46.17 -5.80 -10.27
C VAL Q 146 -45.15 -5.46 -11.33
N LEU Q 147 -45.52 -4.51 -12.20
CA LEU Q 147 -44.68 -4.20 -13.37
C LEU Q 147 -43.75 -3.00 -13.14
N ASP Q 148 -44.16 -2.12 -12.24
CA ASP Q 148 -43.42 -0.90 -11.96
C ASP Q 148 -43.54 -0.64 -10.47
N TYR Q 149 -42.41 -0.65 -9.78
CA TYR Q 149 -42.38 -0.50 -8.32
C TYR Q 149 -42.26 0.96 -7.92
N GLY Q 150 -43.38 1.60 -7.59
CA GLY Q 150 -43.38 3.01 -7.25
C GLY Q 150 -43.83 3.28 -5.83
N GLY Q 151 -43.73 2.26 -4.97
CA GLY Q 151 -44.15 2.39 -3.59
C GLY Q 151 -45.61 2.02 -3.37
N ASN Q 152 -45.91 1.55 -2.15
CA ASN Q 152 -47.25 1.10 -1.77
C ASN Q 152 -47.86 0.07 -2.73
N VAL Q 153 -47.04 -0.92 -3.06
CA VAL Q 153 -47.41 -2.01 -3.94
C VAL Q 153 -48.66 -2.77 -3.46
N LEU Q 154 -48.79 -3.00 -2.15
CA LEU Q 154 -49.92 -3.73 -1.58
C LEU Q 154 -51.28 -3.11 -1.97
N ASP Q 155 -51.46 -1.82 -1.71
CA ASP Q 155 -52.73 -1.20 -2.01
C ASP Q 155 -53.06 -1.35 -3.48
N ALA Q 156 -52.03 -1.25 -4.32
CA ALA Q 156 -52.20 -1.36 -5.75
C ALA Q 156 -52.60 -2.79 -6.12
N CYS Q 157 -52.02 -3.75 -5.42
CA CYS Q 157 -52.33 -5.16 -5.66
C CYS Q 157 -53.77 -5.48 -5.33
N THR Q 158 -54.25 -4.95 -4.19
CA THR Q 158 -55.63 -5.16 -3.79
C THR Q 158 -56.58 -4.54 -4.81
N LEU Q 159 -56.27 -3.34 -5.26
CA LEU Q 159 -57.09 -2.67 -6.27
C LEU Q 159 -57.12 -3.47 -7.55
N ALA Q 160 -55.96 -3.91 -8.02
CA ALA Q 160 -55.89 -4.71 -9.24
C ALA Q 160 -56.66 -6.02 -9.09
N SER Q 161 -56.48 -6.69 -7.95
CA SER Q 161 -57.13 -7.97 -7.70
C SER Q 161 -58.63 -7.83 -7.76
N VAL Q 162 -59.16 -6.92 -6.95
CA VAL Q 162 -60.59 -6.66 -6.89
C VAL Q 162 -61.10 -6.33 -8.29
N ALA Q 163 -60.41 -5.43 -8.97
CA ALA Q 163 -60.81 -5.03 -10.31
C ALA Q 163 -60.84 -6.22 -11.27
N ALA Q 164 -59.79 -7.03 -11.24
CA ALA Q 164 -59.72 -8.19 -12.13
C ALA Q 164 -60.85 -9.16 -11.87
N LEU Q 165 -61.17 -9.36 -10.58
CA LEU Q 165 -62.27 -10.24 -10.19
C LEU Q 165 -63.60 -9.75 -10.73
N TYR Q 166 -63.85 -8.45 -10.58
CA TYR Q 166 -65.07 -7.86 -11.11
C TYR Q 166 -65.13 -7.91 -12.63
N ASN Q 167 -63.98 -7.87 -13.27
CA ASN Q 167 -63.92 -7.94 -14.71
C ASN Q 167 -64.11 -9.36 -15.27
N THR Q 168 -64.15 -10.36 -14.39
CA THR Q 168 -64.09 -11.74 -14.81
C THR Q 168 -65.40 -12.21 -15.44
N LYS Q 169 -65.27 -12.84 -16.61
CA LYS Q 169 -66.37 -13.50 -17.28
C LYS Q 169 -66.38 -15.00 -16.97
N VAL Q 170 -67.54 -15.51 -16.60
CA VAL Q 170 -67.70 -16.95 -16.39
C VAL Q 170 -68.33 -17.57 -17.63
N TYR Q 171 -67.85 -18.74 -18.04
CA TYR Q 171 -68.28 -19.37 -19.29
C TYR Q 171 -69.32 -20.47 -19.08
N LYS Q 172 -69.90 -20.94 -20.19
CA LYS Q 172 -70.89 -22.02 -20.15
C LYS Q 172 -70.25 -23.35 -19.79
N VAL Q 173 -70.98 -24.14 -19.02
CA VAL Q 173 -70.53 -25.48 -18.63
C VAL Q 173 -71.30 -26.59 -19.36
N GLU Q 174 -70.61 -27.29 -20.26
CA GLU Q 174 -71.20 -28.40 -21.00
C GLU Q 174 -71.03 -29.73 -20.25
N GLN Q 175 -72.16 -30.34 -19.89
CA GLN Q 175 -72.20 -31.61 -19.13
C GLN Q 175 -72.89 -32.72 -19.92
N ILE Q 180 -68.09 -31.15 -17.20
CA ILE Q 180 -67.24 -31.96 -18.08
C ILE Q 180 -66.42 -31.10 -19.07
N SER Q 181 -67.09 -30.15 -19.74
CA SER Q 181 -66.42 -29.27 -20.71
C SER Q 181 -66.81 -27.78 -20.54
N VAL Q 182 -65.81 -26.90 -20.74
CA VAL Q 182 -66.04 -25.45 -20.72
C VAL Q 182 -66.18 -24.94 -22.15
N ASN Q 183 -67.28 -24.25 -22.44
CA ASN Q 183 -67.44 -23.60 -23.74
C ASN Q 183 -67.08 -22.11 -23.70
N LYS Q 184 -65.86 -21.80 -24.15
CA LYS Q 184 -65.27 -20.48 -23.93
C LYS Q 184 -65.73 -19.33 -24.83
N ASN Q 185 -66.70 -19.59 -25.70
CA ASN Q 185 -67.30 -18.51 -26.50
C ASN Q 185 -68.78 -18.24 -26.22
N GLU Q 186 -69.26 -18.79 -25.11
CA GLU Q 186 -70.55 -18.42 -24.53
C GLU Q 186 -70.33 -17.93 -23.09
N VAL Q 187 -70.37 -16.61 -22.91
CA VAL Q 187 -70.24 -15.98 -21.59
C VAL Q 187 -71.58 -16.11 -20.86
N VAL Q 188 -71.55 -16.76 -19.71
CA VAL Q 188 -72.76 -17.09 -18.96
C VAL Q 188 -73.07 -16.09 -17.83
N GLY Q 189 -72.03 -15.55 -17.19
CA GLY Q 189 -72.24 -14.60 -16.10
C GLY Q 189 -70.97 -14.03 -15.53
N LYS Q 190 -71.06 -13.59 -14.28
CA LYS Q 190 -69.94 -12.98 -13.58
C LYS Q 190 -69.60 -13.76 -12.33
N LEU Q 191 -68.50 -13.39 -11.66
CA LEU Q 191 -68.12 -14.02 -10.40
C LEU Q 191 -69.10 -13.65 -9.28
N PRO Q 192 -69.35 -14.59 -8.34
CA PRO Q 192 -70.21 -14.31 -7.19
C PRO Q 192 -69.49 -13.38 -6.20
N LEU Q 193 -69.52 -12.09 -6.50
CA LEU Q 193 -68.87 -11.09 -5.67
C LEU Q 193 -69.89 -10.34 -4.84
N ASN Q 194 -69.62 -10.25 -3.55
CA ASN Q 194 -70.48 -9.54 -2.62
C ASN Q 194 -70.26 -8.04 -2.59
N TYR Q 195 -68.98 -7.66 -2.66
CA TYR Q 195 -68.61 -6.24 -2.65
C TYR Q 195 -67.13 -6.10 -2.97
N PRO Q 196 -66.71 -4.88 -3.39
CA PRO Q 196 -65.29 -4.64 -3.48
C PRO Q 196 -64.69 -4.56 -2.08
N VAL Q 197 -63.37 -4.50 -2.02
CA VAL Q 197 -62.63 -4.38 -0.78
C VAL Q 197 -61.45 -3.44 -1.09
N VAL Q 198 -61.02 -2.63 -0.12
CA VAL Q 198 -59.81 -1.82 -0.31
C VAL Q 198 -58.85 -2.01 0.85
N THR Q 199 -57.56 -1.91 0.55
CA THR Q 199 -56.53 -1.94 1.57
C THR Q 199 -55.87 -0.59 1.54
N ILE Q 200 -55.80 0.04 2.71
CA ILE Q 200 -55.21 1.36 2.84
C ILE Q 200 -53.97 1.27 3.71
N SER Q 201 -52.82 1.66 3.15
CA SER Q 201 -51.57 1.65 3.88
C SER Q 201 -51.20 3.04 4.41
N VAL Q 202 -50.89 3.10 5.71
CA VAL Q 202 -50.50 4.35 6.36
C VAL Q 202 -49.09 4.16 6.86
N ALA Q 203 -48.19 5.02 6.42
CA ALA Q 203 -46.78 4.97 6.79
C ALA Q 203 -46.45 5.93 7.92
N LYS Q 204 -45.57 5.49 8.81
CA LYS Q 204 -45.09 6.27 9.92
C LYS Q 204 -43.72 6.81 9.54
N VAL Q 205 -43.64 8.11 9.29
CA VAL Q 205 -42.35 8.71 9.01
C VAL Q 205 -42.09 9.75 10.08
N ASP Q 206 -41.01 9.56 10.83
CA ASP Q 206 -40.68 10.45 11.93
C ASP Q 206 -41.90 10.47 12.84
N LYS Q 207 -42.43 11.65 13.11
CA LYS Q 207 -43.64 11.77 13.92
C LYS Q 207 -44.91 11.98 13.09
N TYR Q 208 -44.87 11.64 11.80
CA TYR Q 208 -45.99 11.90 10.90
C TYR Q 208 -46.60 10.62 10.37
N LEU Q 209 -47.90 10.66 10.10
CA LEU Q 209 -48.57 9.56 9.43
C LEU Q 209 -48.96 10.00 8.04
N VAL Q 210 -48.69 9.13 7.08
CA VAL Q 210 -48.83 9.46 5.67
C VAL Q 210 -49.58 8.35 4.93
N VAL Q 211 -50.59 8.73 4.16
CA VAL Q 211 -51.39 7.77 3.41
C VAL Q 211 -50.77 7.50 2.04
N ASP Q 212 -50.76 6.23 1.63
CA ASP Q 212 -50.25 5.83 0.33
C ASP Q 212 -48.82 6.35 0.11
N PRO Q 213 -47.83 5.75 0.81
CA PRO Q 213 -46.44 6.22 0.71
C PRO Q 213 -45.82 5.93 -0.65
N ASP Q 214 -45.16 6.92 -1.26
CA ASP Q 214 -44.45 6.67 -2.51
C ASP Q 214 -43.07 6.03 -2.24
N LEU Q 215 -42.30 5.87 -3.31
CA LEU Q 215 -41.02 5.18 -3.24
C LEU Q 215 -40.04 5.81 -2.24
N ASP Q 216 -39.85 7.13 -2.33
CA ASP Q 216 -39.01 7.85 -1.39
C ASP Q 216 -39.53 7.72 0.03
N GLU Q 217 -40.85 7.86 0.19
CA GLU Q 217 -41.47 7.80 1.50
C GLU Q 217 -41.33 6.44 2.16
N GLU Q 218 -41.46 5.38 1.36
CA GLU Q 218 -41.29 4.03 1.89
C GLU Q 218 -39.86 3.77 2.34
N SER Q 219 -38.89 4.40 1.68
CA SER Q 219 -37.50 4.16 2.02
C SER Q 219 -37.07 4.87 3.31
N ILE Q 220 -37.83 5.88 3.72
CA ILE Q 220 -37.49 6.64 4.94
C ILE Q 220 -38.40 6.36 6.14
N MET Q 221 -39.49 5.64 5.89
CA MET Q 221 -40.48 5.35 6.94
C MET Q 221 -39.94 4.40 8.00
N ASP Q 222 -40.46 4.51 9.22
CA ASP Q 222 -40.14 3.56 10.28
C ASP Q 222 -40.83 2.23 10.02
N ALA Q 223 -42.11 2.33 9.66
CA ALA Q 223 -42.94 1.17 9.40
C ALA Q 223 -44.23 1.65 8.76
N LYS Q 224 -44.98 0.72 8.17
CA LYS Q 224 -46.32 1.04 7.71
C LYS Q 224 -47.32 0.01 8.23
N ILE Q 225 -48.60 0.37 8.20
CA ILE Q 225 -49.67 -0.53 8.64
C ILE Q 225 -50.82 -0.46 7.64
N SER Q 226 -51.29 -1.62 7.20
CA SER Q 226 -52.31 -1.68 6.16
C SER Q 226 -53.62 -2.20 6.68
N PHE Q 227 -54.68 -1.42 6.49
CA PHE Q 227 -56.02 -1.80 6.95
C PHE Q 227 -56.89 -2.13 5.76
N SER Q 228 -57.62 -3.24 5.85
CA SER Q 228 -58.51 -3.64 4.79
C SER Q 228 -59.95 -3.41 5.20
N TYR Q 229 -60.72 -2.79 4.32
CA TYR Q 229 -62.11 -2.48 4.60
C TYR Q 229 -63.10 -3.01 3.56
N THR Q 230 -64.26 -3.43 4.04
CA THR Q 230 -65.42 -3.65 3.19
C THR Q 230 -66.15 -2.32 3.12
N PRO Q 231 -67.10 -2.18 2.17
CA PRO Q 231 -67.81 -0.90 2.05
C PRO Q 231 -68.56 -0.43 3.29
N ASP Q 232 -69.03 -1.35 4.15
CA ASP Q 232 -69.66 -0.91 5.40
C ASP Q 232 -68.65 -0.48 6.45
N LEU Q 233 -67.37 -0.50 6.06
CA LEU Q 233 -66.25 -0.03 6.88
C LEU Q 233 -65.93 -0.95 8.06
N LYS Q 234 -66.12 -2.23 7.85
CA LYS Q 234 -65.66 -3.23 8.78
C LYS Q 234 -64.22 -3.54 8.42
N ILE Q 235 -63.36 -3.66 9.53
CA ILE Q 235 -61.95 -4.01 9.36
C ILE Q 235 -61.86 -5.50 9.07
N VAL Q 236 -61.14 -5.83 8.00
CA VAL Q 236 -61.23 -7.14 7.40
C VAL Q 236 -59.82 -7.75 7.16
N GLY Q 237 -58.81 -6.97 7.56
CA GLY Q 237 -57.42 -7.42 7.57
C GLY Q 237 -56.52 -6.30 8.05
N ILE Q 238 -55.53 -6.65 8.86
CA ILE Q 238 -54.50 -5.69 9.26
C ILE Q 238 -53.12 -6.32 9.12
N GLN Q 239 -52.16 -5.55 8.60
CA GLN Q 239 -50.77 -6.00 8.48
C GLN Q 239 -49.81 -4.84 8.69
N LYS Q 240 -49.04 -4.90 9.78
CA LYS Q 240 -47.92 -4.00 9.99
C LYS Q 240 -46.73 -4.50 9.21
N SER Q 241 -45.90 -3.57 8.76
CA SER Q 241 -44.82 -3.87 7.85
C SER Q 241 -43.65 -2.90 8.03
N GLY Q 242 -42.43 -3.40 7.89
CA GLY Q 242 -41.25 -2.55 7.93
C GLY Q 242 -40.40 -2.91 9.12
N LYS Q 243 -39.13 -2.51 9.08
CA LYS Q 243 -38.22 -2.92 10.11
C LYS Q 243 -38.24 -2.02 11.33
N GLY Q 244 -39.16 -1.05 11.38
CA GLY Q 244 -39.31 -0.20 12.56
C GLY Q 244 -40.58 -0.49 13.34
N SER Q 245 -40.81 0.28 14.41
CA SER Q 245 -42.00 0.10 15.21
C SER Q 245 -42.89 1.33 15.15
N MET Q 246 -44.01 1.25 15.87
CA MET Q 246 -45.09 2.21 15.80
C MET Q 246 -45.79 2.21 17.15
N SER Q 247 -46.19 3.37 17.64
CA SER Q 247 -46.77 3.43 18.97
C SER Q 247 -48.24 3.03 18.98
N LEU Q 248 -48.76 2.75 20.17
CA LEU Q 248 -50.20 2.52 20.35
C LEU Q 248 -51.03 3.61 19.70
N GLN Q 249 -50.72 4.86 20.03
CA GLN Q 249 -51.45 5.99 19.50
C GLN Q 249 -51.27 6.11 17.99
N ASP Q 250 -50.08 5.78 17.48
CA ASP Q 250 -49.84 5.81 16.04
C ASP Q 250 -50.83 4.90 15.32
N ILE Q 251 -51.02 3.69 15.84
CA ILE Q 251 -51.90 2.72 15.21
C ILE Q 251 -53.35 3.14 15.32
N ASP Q 252 -53.73 3.65 16.49
CA ASP Q 252 -55.06 4.22 16.70
C ASP Q 252 -55.37 5.28 15.63
N GLN Q 253 -54.51 6.28 15.50
CA GLN Q 253 -54.68 7.33 14.50
C GLN Q 253 -54.63 6.81 13.09
N ALA Q 254 -53.72 5.89 12.85
CA ALA Q 254 -53.55 5.31 11.53
C ALA Q 254 -54.87 4.72 11.03
N GLU Q 255 -55.61 4.01 11.88
CA GLU Q 255 -56.85 3.38 11.40
C GLU Q 255 -57.95 4.42 11.19
N ASN Q 256 -58.04 5.43 12.04
CA ASN Q 256 -58.96 6.55 11.79
C ASN Q 256 -58.70 7.14 10.41
N THR Q 257 -57.44 7.44 10.15
CA THR Q 257 -57.05 8.03 8.89
C THR Q 257 -57.35 7.06 7.73
N ALA Q 258 -56.94 5.81 7.91
CA ALA Q 258 -57.17 4.78 6.92
C ALA Q 258 -58.66 4.66 6.57
N ARG Q 259 -59.50 4.61 7.61
CA ARG Q 259 -60.92 4.40 7.39
C ARG Q 259 -61.58 5.56 6.68
N SER Q 260 -61.20 6.79 7.01
CA SER Q 260 -61.82 7.91 6.35
C SER Q 260 -61.34 8.02 4.90
N THR Q 261 -60.12 7.55 4.64
CA THR Q 261 -59.61 7.45 3.29
C THR Q 261 -60.35 6.37 2.50
N ALA Q 262 -60.65 5.26 3.16
CA ALA Q 262 -61.30 4.11 2.53
C ALA Q 262 -62.56 4.52 1.78
N VAL Q 263 -63.31 5.46 2.35
CA VAL Q 263 -64.58 5.86 1.77
C VAL Q 263 -64.33 6.46 0.40
N LYS Q 264 -63.35 7.36 0.32
CA LYS Q 264 -63.02 8.01 -0.94
C LYS Q 264 -62.51 7.00 -1.96
N LEU Q 265 -61.63 6.12 -1.54
CA LEU Q 265 -61.03 5.16 -2.44
C LEU Q 265 -62.06 4.18 -2.97
N LEU Q 266 -63.00 3.76 -2.13
CA LEU Q 266 -64.06 2.86 -2.55
C LEU Q 266 -64.88 3.50 -3.65
N GLU Q 267 -65.22 4.78 -3.46
CA GLU Q 267 -66.03 5.52 -4.43
C GLU Q 267 -65.32 5.52 -5.77
N GLU Q 268 -64.03 5.79 -5.72
CA GLU Q 268 -63.24 5.89 -6.93
C GLU Q 268 -63.11 4.54 -7.63
N LEU Q 269 -62.83 3.49 -6.85
CA LEU Q 269 -62.78 2.11 -7.36
C LEU Q 269 -64.07 1.77 -8.09
N LYS Q 270 -65.21 2.06 -7.46
CA LYS Q 270 -66.49 1.71 -8.02
C LYS Q 270 -66.71 2.41 -9.34
N LYS Q 271 -66.31 3.68 -9.44
CA LYS Q 271 -66.41 4.41 -10.71
C LYS Q 271 -65.69 3.70 -11.84
N HIS Q 272 -64.47 3.25 -11.56
CA HIS Q 272 -63.71 2.47 -12.53
C HIS Q 272 -64.39 1.16 -12.91
N LEU Q 273 -65.04 0.53 -11.94
CA LEU Q 273 -65.69 -0.77 -12.16
C LEU Q 273 -67.09 -0.68 -12.75
N GLY Q 274 -67.64 0.53 -12.86
CA GLY Q 274 -69.05 0.70 -13.22
C GLY Q 274 -69.93 0.26 -12.05
N ILE Q 275 -69.50 0.64 -10.86
CA ILE Q 275 -69.96 0.11 -9.54
C ILE Q 275 -69.84 -1.41 -9.40
N MET R 4 -85.15 -26.62 12.90
CA MET R 4 -84.41 -27.33 13.94
C MET R 4 -83.01 -27.71 13.45
N LEU R 5 -82.51 -26.98 12.47
CA LEU R 5 -81.08 -26.95 12.18
C LEU R 5 -80.32 -26.18 13.25
N GLN R 6 -79.15 -26.69 13.62
CA GLN R 6 -78.27 -26.00 14.56
C GLN R 6 -76.96 -25.60 13.90
N VAL R 7 -76.42 -24.46 14.31
CA VAL R 7 -75.26 -23.86 13.64
C VAL R 7 -74.05 -24.82 13.52
N GLU R 8 -73.10 -24.41 12.67
CA GLU R 8 -71.90 -25.21 12.28
C GLU R 8 -71.36 -26.22 13.30
N ARG R 9 -70.66 -25.90 14.40
CA ARG R 9 -69.79 -24.77 14.80
C ARG R 9 -69.95 -24.74 16.30
N PRO R 10 -68.85 -24.96 17.03
CA PRO R 10 -68.95 -25.02 18.49
C PRO R 10 -69.20 -23.65 19.12
N LYS R 11 -69.94 -23.63 20.24
CA LYS R 11 -70.02 -22.41 21.07
C LYS R 11 -68.67 -22.14 21.68
N LEU R 12 -68.34 -20.89 21.73
CA LEU R 12 -67.04 -20.45 22.19
C LEU R 12 -67.13 -19.79 23.57
N ILE R 13 -68.33 -19.38 23.95
CA ILE R 13 -68.58 -18.81 25.26
C ILE R 13 -69.59 -19.71 25.93
N LEU R 14 -69.21 -20.28 27.07
CA LEU R 14 -69.92 -21.40 27.64
C LEU R 14 -70.56 -21.06 28.98
N ASP R 15 -70.65 -22.04 29.88
CA ASP R 15 -71.23 -21.83 31.23
C ASP R 15 -70.39 -20.82 32.00
N ASP R 16 -71.06 -19.97 32.79
CA ASP R 16 -70.44 -18.74 33.30
C ASP R 16 -69.81 -17.99 32.13
N GLY R 17 -69.07 -16.93 32.36
CA GLY R 17 -68.57 -16.22 31.19
C GLY R 17 -67.56 -16.99 30.32
N LYS R 18 -67.40 -18.29 30.58
CA LYS R 18 -66.14 -19.01 30.29
C LYS R 18 -65.99 -19.63 28.91
N ARG R 19 -64.75 -19.85 28.51
CA ARG R 19 -64.39 -20.35 27.19
C ARG R 19 -64.26 -21.87 27.21
N THR R 20 -63.89 -22.45 26.06
CA THR R 20 -63.88 -23.92 25.92
C THR R 20 -62.88 -24.60 26.84
N ASP R 21 -61.82 -23.88 27.21
CA ASP R 21 -60.85 -24.40 28.18
C ASP R 21 -61.09 -23.91 29.61
N GLY R 22 -62.19 -23.21 29.84
CA GLY R 22 -62.55 -22.79 31.19
C GLY R 22 -62.07 -21.41 31.55
N ARG R 23 -61.35 -20.78 30.64
CA ARG R 23 -60.86 -19.42 30.86
C ARG R 23 -61.92 -18.36 30.69
N LYS R 24 -61.76 -17.26 31.43
CA LYS R 24 -62.57 -16.06 31.22
C LYS R 24 -62.02 -15.31 30.01
N PRO R 25 -62.84 -14.47 29.37
CA PRO R 25 -62.34 -13.70 28.22
C PRO R 25 -61.02 -12.95 28.47
N ASP R 26 -60.79 -12.52 29.72
CA ASP R 26 -59.59 -11.74 30.03
C ASP R 26 -58.49 -12.54 30.73
N GLU R 27 -58.44 -13.86 30.52
CA GLU R 27 -57.42 -14.69 31.16
C GLU R 27 -56.39 -15.25 30.18
N LEU R 28 -55.12 -15.11 30.54
CA LEU R 28 -54.04 -15.70 29.76
C LEU R 28 -53.91 -17.18 30.07
N ARG R 29 -53.41 -17.94 29.10
CA ARG R 29 -53.04 -19.32 29.35
C ARG R 29 -51.83 -19.36 30.26
N SER R 30 -51.46 -20.54 30.75
CA SER R 30 -50.27 -20.65 31.60
C SER R 30 -49.01 -20.36 30.80
N ILE R 31 -48.01 -19.79 31.48
CA ILE R 31 -46.77 -19.44 30.84
C ILE R 31 -45.59 -20.15 31.50
N LYS R 32 -44.68 -20.65 30.67
CA LYS R 32 -43.44 -21.21 31.16
C LYS R 32 -42.28 -20.72 30.28
N ILE R 33 -41.22 -20.22 30.93
CA ILE R 33 -40.07 -19.68 30.21
C ILE R 33 -38.80 -20.23 30.82
N GLU R 34 -37.90 -20.75 30.01
CA GLU R 34 -36.52 -20.92 30.49
C GLU R 34 -35.43 -20.56 29.48
N LEU R 35 -34.30 -20.09 30.00
CA LEU R 35 -33.21 -19.54 29.21
C LEU R 35 -31.95 -20.37 29.30
N GLY R 36 -31.11 -20.28 28.27
CA GLY R 36 -29.78 -20.90 28.30
C GLY R 36 -29.88 -22.41 28.34
N VAL R 37 -30.84 -22.92 27.59
CA VAL R 37 -31.18 -24.31 27.64
C VAL R 37 -30.29 -25.11 26.68
N LEU R 38 -29.69 -24.43 25.70
CA LEU R 38 -28.83 -25.05 24.69
C LEU R 38 -27.36 -24.65 24.91
N LYS R 39 -26.49 -25.64 25.06
CA LYS R 39 -25.08 -25.39 25.37
C LYS R 39 -24.31 -24.79 24.20
N ASN R 40 -24.50 -25.32 23.00
CA ASN R 40 -23.69 -24.94 21.85
C ASN R 40 -24.20 -23.74 21.06
N ALA R 41 -25.14 -23.00 21.65
CA ALA R 41 -25.68 -21.79 21.04
C ALA R 41 -25.24 -20.58 21.85
N ASP R 42 -25.29 -19.41 21.24
CA ASP R 42 -24.89 -18.19 21.93
C ASP R 42 -25.96 -17.71 22.87
N GLY R 43 -27.21 -17.97 22.53
CA GLY R 43 -28.36 -17.69 23.39
C GLY R 43 -29.51 -18.60 23.03
N SER R 44 -30.36 -18.92 24.00
CA SER R 44 -31.45 -19.86 23.79
C SER R 44 -32.56 -19.64 24.79
N ALA R 45 -33.79 -19.91 24.37
CA ALA R 45 -34.92 -19.89 25.27
C ALA R 45 -35.98 -20.90 24.83
N ILE R 46 -36.70 -21.45 25.80
CA ILE R 46 -37.95 -22.16 25.54
C ILE R 46 -39.06 -21.30 26.11
N PHE R 47 -40.09 -21.06 25.30
CA PHE R 47 -41.27 -20.34 25.74
C PHE R 47 -42.51 -21.21 25.53
N GLU R 48 -43.34 -21.30 26.56
CA GLU R 48 -44.61 -22.02 26.49
C GLU R 48 -45.79 -21.15 26.86
N MET R 49 -46.75 -21.01 25.95
CA MET R 49 -48.07 -20.46 26.29
C MET R 49 -49.10 -21.54 26.15
N GLY R 50 -49.67 -21.95 27.28
CA GLY R 50 -50.53 -23.10 27.32
C GLY R 50 -49.81 -24.24 26.63
N ASN R 51 -50.39 -24.74 25.56
CA ASN R 51 -49.81 -25.86 24.83
C ASN R 51 -48.94 -25.49 23.63
N THR R 52 -48.82 -24.19 23.35
CA THR R 52 -47.94 -23.75 22.28
C THR R 52 -46.54 -23.62 22.84
N LYS R 53 -45.58 -24.31 22.25
CA LYS R 53 -44.21 -24.38 22.78
C LYS R 53 -43.17 -24.20 21.68
N ALA R 54 -42.27 -23.24 21.88
CA ALA R 54 -41.24 -22.94 20.90
C ALA R 54 -39.87 -22.93 21.55
N ILE R 55 -38.87 -23.34 20.78
CA ILE R 55 -37.48 -23.18 21.20
C ILE R 55 -36.77 -22.25 20.22
N ALA R 56 -35.95 -21.36 20.75
CA ALA R 56 -35.21 -20.43 19.92
C ALA R 56 -33.76 -20.49 20.28
N ALA R 57 -32.93 -20.39 19.25
CA ALA R 57 -31.48 -20.40 19.39
C ALA R 57 -30.91 -19.23 18.63
N VAL R 58 -29.92 -18.57 19.22
CA VAL R 58 -29.23 -17.47 18.58
C VAL R 58 -27.77 -17.86 18.41
N TYR R 59 -27.26 -17.69 17.19
CA TYR R 59 -25.83 -17.85 16.94
C TYR R 59 -25.24 -16.47 16.64
N GLY R 60 -24.51 -15.98 17.66
CA GLY R 60 -24.27 -14.55 17.99
C GLY R 60 -23.61 -13.78 16.88
N PRO R 61 -23.36 -12.47 17.09
CA PRO R 61 -22.85 -11.69 15.96
C PRO R 61 -21.57 -12.33 15.43
N LYS R 62 -21.54 -12.61 14.12
CA LYS R 62 -20.42 -13.31 13.49
C LYS R 62 -20.24 -12.85 12.05
N GLU R 63 -18.98 -12.83 11.58
CA GLU R 63 -18.65 -12.49 10.20
C GLU R 63 -19.51 -13.27 9.22
N MET R 64 -19.96 -12.61 8.16
CA MET R 64 -20.94 -13.25 7.29
C MET R 64 -20.36 -13.91 6.06
N HIS R 65 -20.80 -15.16 5.87
CA HIS R 65 -20.21 -16.10 4.91
C HIS R 65 -19.82 -15.46 3.57
N PRO R 66 -20.82 -15.15 2.69
CA PRO R 66 -20.48 -14.44 1.45
C PRO R 66 -20.63 -12.94 1.64
N ARG R 67 -19.52 -12.21 1.57
CA ARG R 67 -19.49 -10.81 2.00
C ARG R 67 -20.49 -9.87 1.29
N HIS R 68 -20.78 -10.12 0.01
CA HIS R 68 -21.72 -9.27 -0.72
C HIS R 68 -23.13 -9.27 -0.11
N LEU R 69 -23.44 -10.30 0.68
CA LEU R 69 -24.74 -10.41 1.35
C LEU R 69 -24.79 -9.72 2.71
N SER R 70 -23.64 -9.21 3.17
CA SER R 70 -23.57 -8.45 4.41
C SER R 70 -23.87 -6.97 4.18
N LEU R 71 -23.97 -6.21 5.27
CA LEU R 71 -24.25 -4.78 5.22
C LEU R 71 -23.14 -4.00 5.89
N PRO R 72 -22.81 -2.81 5.36
CA PRO R 72 -21.67 -2.04 5.89
C PRO R 72 -21.95 -1.31 7.21
N ASP R 73 -23.22 -1.09 7.53
CA ASP R 73 -23.62 -0.25 8.66
C ASP R 73 -24.32 -1.03 9.79
N ARG R 74 -24.72 -2.26 9.50
CA ARG R 74 -25.69 -3.02 10.30
C ARG R 74 -25.33 -4.49 10.32
N ALA R 75 -25.87 -5.21 11.29
CA ALA R 75 -25.88 -6.65 11.25
C ALA R 75 -27.06 -7.09 10.39
N VAL R 76 -26.93 -8.26 9.74
CA VAL R 76 -28.03 -8.86 9.02
C VAL R 76 -28.66 -9.87 9.98
N LEU R 77 -29.98 -9.77 10.21
CA LEU R 77 -30.70 -10.82 10.93
C LEU R 77 -31.15 -11.89 9.96
N ARG R 78 -30.89 -13.15 10.30
CA ARG R 78 -31.41 -14.27 9.55
C ARG R 78 -32.31 -15.08 10.46
N VAL R 79 -33.58 -15.15 10.12
CA VAL R 79 -34.57 -15.74 11.02
C VAL R 79 -35.31 -16.90 10.36
N ARG R 80 -35.49 -17.98 11.10
CA ARG R 80 -36.26 -19.13 10.62
C ARG R 80 -37.39 -19.40 11.58
N TYR R 81 -38.63 -19.31 11.09
CA TYR R 81 -39.78 -19.75 11.84
C TYR R 81 -40.19 -21.09 11.26
N HIS R 82 -40.23 -22.12 12.09
CA HIS R 82 -40.49 -23.47 11.58
C HIS R 82 -41.29 -24.31 12.52
N MET R 83 -42.21 -25.09 11.97
CA MET R 83 -43.02 -25.99 12.77
C MET R 83 -42.53 -27.40 12.57
N THR R 84 -42.25 -28.10 13.67
CA THR R 84 -41.83 -29.51 13.58
C THR R 84 -43.02 -30.32 13.08
N PRO R 85 -42.75 -31.40 12.33
CA PRO R 85 -43.83 -32.21 11.77
C PRO R 85 -44.78 -32.77 12.82
N PHE R 86 -44.31 -32.89 14.07
CA PHE R 86 -45.12 -33.45 15.15
C PHE R 86 -45.68 -32.39 16.10
N SER R 87 -45.77 -31.15 15.65
CA SER R 87 -46.25 -30.07 16.50
C SER R 87 -47.76 -29.95 16.49
N THR R 88 -48.40 -30.60 15.53
CA THR R 88 -49.86 -30.55 15.38
C THR R 88 -50.44 -31.94 15.35
N ASP R 89 -51.76 -32.04 15.34
CA ASP R 89 -52.42 -33.34 15.35
C ASP R 89 -52.17 -34.11 14.06
N GLU R 90 -52.25 -33.40 12.94
CA GLU R 90 -51.90 -33.97 11.64
C GLU R 90 -50.49 -33.53 11.30
N ARG R 91 -49.70 -34.47 10.78
CA ARG R 91 -48.29 -34.22 10.50
C ARG R 91 -48.10 -33.11 9.47
N LYS R 92 -47.35 -32.07 9.86
CA LYS R 92 -46.93 -31.02 8.92
C LYS R 92 -45.78 -31.51 8.05
N ASN R 93 -45.82 -31.17 6.77
CA ASN R 93 -44.66 -31.35 5.91
C ASN R 93 -43.57 -30.39 6.38
N PRO R 94 -42.36 -30.92 6.64
CA PRO R 94 -41.25 -30.10 7.15
C PRO R 94 -40.79 -29.02 6.14
N ALA R 95 -41.05 -29.23 4.84
CA ALA R 95 -40.76 -28.25 3.81
C ALA R 95 -41.48 -26.95 4.14
N PRO R 96 -40.83 -25.80 3.92
CA PRO R 96 -41.45 -24.57 4.39
C PRO R 96 -42.67 -24.20 3.55
N SER R 97 -43.75 -23.85 4.25
CA SER R 97 -44.99 -23.43 3.63
C SER R 97 -44.98 -21.92 3.38
N ARG R 98 -45.88 -21.46 2.52
CA ARG R 98 -46.03 -20.02 2.30
C ARG R 98 -46.30 -19.31 3.63
N ARG R 99 -47.08 -19.94 4.51
CA ARG R 99 -47.34 -19.40 5.83
C ARG R 99 -46.05 -19.25 6.63
N GLU R 100 -45.19 -20.27 6.61
CA GLU R 100 -43.91 -20.21 7.32
C GLU R 100 -42.98 -19.13 6.75
N ILE R 101 -43.01 -18.95 5.44
CA ILE R 101 -42.26 -17.92 4.73
C ILE R 101 -42.72 -16.51 5.15
N GLU R 102 -44.03 -16.28 5.15
CA GLU R 102 -44.55 -14.98 5.60
C GLU R 102 -44.22 -14.70 7.06
N LEU R 103 -44.48 -15.68 7.91
CA LEU R 103 -44.27 -15.47 9.34
C LEU R 103 -42.81 -15.26 9.68
N SER R 104 -41.92 -15.91 8.95
CA SER R 104 -40.49 -15.69 9.11
C SER R 104 -40.15 -14.23 8.88
N LYS R 105 -40.71 -13.65 7.81
CA LYS R 105 -40.46 -12.25 7.49
C LYS R 105 -41.03 -11.35 8.57
N VAL R 106 -42.29 -11.59 8.92
CA VAL R 106 -42.98 -10.79 9.92
C VAL R 106 -42.24 -10.81 11.25
N ILE R 107 -41.77 -11.99 11.66
CA ILE R 107 -41.01 -12.13 12.89
C ILE R 107 -39.64 -11.44 12.80
N ARG R 108 -38.95 -11.60 11.67
CA ARG R 108 -37.68 -10.94 11.46
C ARG R 108 -37.83 -9.45 11.64
N GLU R 109 -38.87 -8.87 11.01
CA GLU R 109 -39.06 -7.42 11.04
C GLU R 109 -39.35 -6.94 12.46
N ALA R 110 -40.10 -7.73 13.20
CA ALA R 110 -40.36 -7.45 14.60
C ALA R 110 -39.04 -7.34 15.37
N LEU R 111 -38.14 -8.28 15.13
CA LEU R 111 -36.87 -8.31 15.83
C LEU R 111 -35.97 -7.16 15.38
N GLU R 112 -36.05 -6.81 14.11
CA GLU R 112 -35.20 -5.74 13.61
C GLU R 112 -35.52 -4.39 14.23
N SER R 113 -36.76 -4.22 14.68
CA SER R 113 -37.14 -2.98 15.34
C SER R 113 -36.61 -2.92 16.77
N ALA R 114 -36.18 -4.07 17.29
CA ALA R 114 -35.71 -4.17 18.67
C ALA R 114 -34.20 -4.32 18.80
N VAL R 115 -33.60 -5.12 17.94
CA VAL R 115 -32.17 -5.41 18.04
C VAL R 115 -31.36 -4.23 17.52
N LEU R 116 -30.35 -3.83 18.28
CA LEU R 116 -29.50 -2.72 17.88
C LEU R 116 -28.45 -3.18 16.88
N VAL R 117 -28.91 -3.45 15.67
CA VAL R 117 -28.07 -4.03 14.61
C VAL R 117 -26.89 -3.15 14.18
N GLU R 118 -27.00 -1.84 14.41
CA GLU R 118 -25.99 -0.89 13.97
C GLU R 118 -24.65 -1.16 14.68
N LEU R 119 -24.74 -1.77 15.85
CA LEU R 119 -23.57 -2.09 16.67
C LEU R 119 -22.63 -3.12 16.03
N PHE R 120 -23.13 -3.91 15.09
CA PHE R 120 -22.38 -5.05 14.55
C PHE R 120 -22.33 -5.07 13.03
N PRO R 121 -21.60 -4.10 12.42
CA PRO R 121 -21.56 -4.06 10.97
C PRO R 121 -20.90 -5.31 10.43
N ARG R 122 -21.24 -5.68 9.20
CA ARG R 122 -20.61 -6.81 8.49
C ARG R 122 -20.83 -8.19 9.12
N THR R 123 -21.74 -8.27 10.08
CA THR R 123 -22.00 -9.53 10.78
C THR R 123 -23.39 -10.04 10.50
N ALA R 124 -23.63 -11.31 10.80
CA ALA R 124 -24.95 -11.88 10.79
C ALA R 124 -25.30 -12.36 12.19
N ILE R 125 -26.57 -12.22 12.55
CA ILE R 125 -27.11 -12.81 13.75
C ILE R 125 -28.18 -13.79 13.31
N ASP R 126 -27.96 -15.07 13.56
CA ASP R 126 -28.91 -16.10 13.18
C ASP R 126 -29.84 -16.47 14.31
N VAL R 127 -31.13 -16.41 14.04
CA VAL R 127 -32.15 -16.74 15.03
C VAL R 127 -32.97 -17.87 14.48
N PHE R 128 -32.86 -19.04 15.10
CA PHE R 128 -33.61 -20.22 14.67
C PHE R 128 -34.71 -20.54 15.65
N THR R 129 -35.92 -20.69 15.14
CA THR R 129 -37.11 -20.91 15.95
C THR R 129 -37.82 -22.19 15.53
N GLU R 130 -38.17 -23.01 16.51
CA GLU R 130 -38.87 -24.27 16.24
C GLU R 130 -40.11 -24.42 17.10
N ILE R 131 -41.25 -24.61 16.46
CA ILE R 131 -42.48 -24.86 17.20
C ILE R 131 -42.56 -26.34 17.48
N LEU R 132 -42.54 -26.67 18.76
CA LEU R 132 -42.54 -28.05 19.23
C LEU R 132 -43.94 -28.58 19.44
N GLN R 133 -44.86 -27.70 19.85
CA GLN R 133 -46.30 -27.99 19.83
C GLN R 133 -47.04 -26.72 19.46
N ALA R 134 -48.04 -26.85 18.61
CA ALA R 134 -48.85 -25.71 18.21
C ALA R 134 -50.25 -25.80 18.78
N ASP R 135 -50.69 -24.75 19.46
CA ASP R 135 -52.07 -24.63 19.93
C ASP R 135 -52.49 -23.17 19.82
N ALA R 136 -52.20 -22.59 18.65
CA ALA R 136 -52.47 -21.18 18.34
C ALA R 136 -51.51 -20.21 19.03
N GLY R 137 -51.20 -19.12 18.36
CA GLY R 137 -50.29 -18.11 18.92
C GLY R 137 -48.83 -18.45 18.72
N SER R 138 -48.54 -19.46 17.90
CA SER R 138 -47.19 -19.92 17.65
C SER R 138 -46.25 -18.81 17.21
N ARG R 139 -46.69 -17.97 16.29
CA ARG R 139 -45.86 -16.90 15.77
C ARG R 139 -45.39 -16.00 16.91
N LEU R 140 -46.24 -15.80 17.90
CA LEU R 140 -45.89 -14.91 19.00
C LEU R 140 -44.98 -15.58 20.00
N VAL R 141 -45.26 -16.85 20.29
CA VAL R 141 -44.41 -17.65 21.17
C VAL R 141 -43.00 -17.73 20.59
N SER R 142 -42.92 -17.98 19.29
CA SER R 142 -41.66 -17.99 18.57
C SER R 142 -40.93 -16.66 18.66
N LEU R 143 -41.68 -15.57 18.43
CA LEU R 143 -41.11 -14.23 18.50
C LEU R 143 -40.54 -13.93 19.90
N MET R 144 -41.30 -14.27 20.93
CA MET R 144 -40.85 -14.05 22.30
C MET R 144 -39.64 -14.91 22.67
N ALA R 145 -39.68 -16.19 22.30
CA ALA R 145 -38.56 -17.09 22.54
C ALA R 145 -37.32 -16.49 21.90
N ALA R 146 -37.47 -15.99 20.66
CA ALA R 146 -36.38 -15.34 19.96
C ALA R 146 -35.86 -14.13 20.73
N SER R 147 -36.78 -13.23 21.12
CA SER R 147 -36.41 -12.04 21.89
C SER R 147 -35.57 -12.44 23.10
N LEU R 148 -36.01 -13.47 23.81
CA LEU R 148 -35.35 -13.91 25.03
C LEU R 148 -34.05 -14.60 24.74
N ALA R 149 -33.97 -15.33 23.64
CA ALA R 149 -32.70 -15.97 23.28
C ALA R 149 -31.64 -14.89 22.93
N LEU R 150 -32.10 -13.81 22.30
CA LEU R 150 -31.21 -12.70 22.00
C LEU R 150 -30.70 -12.04 23.28
N ALA R 151 -31.61 -11.87 24.25
CA ALA R 151 -31.23 -11.37 25.56
C ALA R 151 -30.23 -12.30 26.23
N ASP R 152 -30.52 -13.59 26.18
CA ASP R 152 -29.66 -14.63 26.74
C ASP R 152 -28.27 -14.57 26.10
N ALA R 153 -28.20 -14.20 24.82
CA ALA R 153 -26.92 -14.10 24.13
C ALA R 153 -26.19 -12.82 24.46
N GLY R 154 -26.87 -11.91 25.18
CA GLY R 154 -26.28 -10.62 25.55
C GLY R 154 -26.25 -9.64 24.41
N ILE R 155 -27.09 -9.85 23.40
CA ILE R 155 -27.18 -8.93 22.29
C ILE R 155 -28.07 -7.73 22.67
N PRO R 156 -27.52 -6.52 22.57
CA PRO R 156 -28.20 -5.30 23.01
C PRO R 156 -29.47 -5.03 22.20
N MET R 157 -30.56 -4.71 22.89
CA MET R 157 -31.83 -4.42 22.22
C MET R 157 -32.48 -3.21 22.86
N ARG R 158 -33.46 -2.64 22.17
CA ARG R 158 -34.22 -1.51 22.70
C ARG R 158 -35.03 -1.91 23.93
N ASP R 159 -35.58 -3.13 23.89
CA ASP R 159 -36.44 -3.66 24.95
C ASP R 159 -36.70 -5.12 24.60
N LEU R 160 -37.26 -5.87 25.55
CA LEU R 160 -37.78 -7.21 25.22
C LEU R 160 -39.08 -7.10 24.44
N ILE R 161 -39.48 -8.20 23.79
CA ILE R 161 -40.74 -8.23 23.06
C ILE R 161 -41.69 -9.20 23.73
N ALA R 162 -42.90 -8.72 24.03
CA ALA R 162 -43.98 -9.55 24.57
C ALA R 162 -45.20 -9.43 23.67
N GLY R 163 -45.90 -10.55 23.45
CA GLY R 163 -47.01 -10.61 22.52
C GLY R 163 -48.14 -11.53 22.93
N VAL R 164 -49.37 -11.18 22.53
CA VAL R 164 -50.54 -12.05 22.61
C VAL R 164 -51.42 -11.82 21.43
N ALA R 165 -52.15 -12.87 21.06
CA ALA R 165 -53.19 -12.75 20.08
C ALA R 165 -54.47 -12.45 20.88
N VAL R 166 -55.14 -11.41 20.45
CA VAL R 166 -56.42 -11.07 21.00
C VAL R 166 -57.42 -11.38 19.88
N GLY R 167 -58.70 -11.53 20.19
CA GLY R 167 -59.66 -11.88 19.14
C GLY R 167 -61.12 -11.77 19.52
N LYS R 168 -61.99 -12.29 18.67
CA LYS R 168 -63.43 -12.22 18.91
C LYS R 168 -64.02 -13.61 18.74
N ALA R 169 -64.71 -14.09 19.78
CA ALA R 169 -65.25 -15.46 19.81
C ALA R 169 -66.74 -15.54 19.46
N ASP R 170 -67.64 -15.24 20.37
CA ASP R 170 -69.04 -15.30 19.96
C ASP R 170 -69.62 -13.93 20.16
N GLY R 171 -69.03 -12.98 19.46
CA GLY R 171 -69.33 -11.56 19.68
C GLY R 171 -68.55 -11.00 20.87
N VAL R 172 -67.84 -11.89 21.56
CA VAL R 172 -67.10 -11.52 22.76
C VAL R 172 -65.60 -11.36 22.48
N ILE R 173 -65.03 -10.26 22.95
CA ILE R 173 -63.60 -10.02 22.78
C ILE R 173 -62.78 -10.77 23.83
N ILE R 174 -61.85 -11.59 23.35
CA ILE R 174 -61.13 -12.54 24.19
C ILE R 174 -59.61 -12.42 24.04
N LEU R 175 -58.89 -12.88 25.07
CA LEU R 175 -57.46 -12.74 25.14
C LEU R 175 -56.76 -14.08 25.02
N ASP R 176 -55.74 -14.14 24.15
CA ASP R 176 -54.86 -15.34 24.03
C ASP R 176 -55.62 -16.59 23.59
N LEU R 177 -55.75 -16.77 22.27
CA LEU R 177 -56.65 -17.79 21.71
C LEU R 177 -56.13 -19.23 21.69
N ASN R 178 -57.05 -20.16 21.97
CA ASN R 178 -56.98 -21.59 21.63
C ASN R 178 -56.85 -21.81 20.15
N GLU R 179 -56.46 -23.03 19.79
CA GLU R 179 -56.63 -23.50 18.43
C GLU R 179 -58.11 -23.48 18.05
N THR R 180 -58.98 -23.87 18.98
CA THR R 180 -60.43 -23.91 18.75
C THR R 180 -60.96 -22.51 18.45
N GLU R 181 -60.50 -21.53 19.22
CA GLU R 181 -60.91 -20.14 19.05
C GLU R 181 -60.32 -19.53 17.76
N ASP R 182 -59.08 -19.88 17.45
CA ASP R 182 -58.46 -19.51 16.19
C ASP R 182 -59.30 -20.00 15.03
N MET R 183 -59.69 -21.27 15.11
CA MET R 183 -60.38 -21.98 14.04
C MET R 183 -61.77 -21.46 13.79
N TRP R 184 -62.50 -21.20 14.86
CA TRP R 184 -63.92 -20.90 14.75
C TRP R 184 -64.35 -19.48 15.09
N GLY R 185 -63.44 -18.68 15.66
CA GLY R 185 -63.73 -17.29 16.01
C GLY R 185 -63.92 -16.39 14.80
N GLU R 186 -64.35 -15.16 15.05
CA GLU R 186 -64.54 -14.17 13.97
C GLU R 186 -63.27 -13.41 13.62
N ALA R 187 -62.35 -13.33 14.58
CA ALA R 187 -61.12 -12.55 14.42
C ALA R 187 -59.98 -13.10 15.26
N ASP R 188 -58.77 -12.90 14.74
CA ASP R 188 -57.54 -13.29 15.40
C ASP R 188 -56.56 -12.15 15.13
N MET R 189 -56.09 -11.54 16.20
CA MET R 189 -55.23 -10.36 16.09
C MET R 189 -53.97 -10.47 16.95
N PRO R 190 -52.91 -11.14 16.43
CA PRO R 190 -51.63 -11.14 17.15
C PRO R 190 -50.99 -9.75 17.22
N ILE R 191 -50.57 -9.37 18.42
CA ILE R 191 -49.95 -8.08 18.66
C ILE R 191 -48.71 -8.33 19.52
N ALA R 192 -47.59 -7.72 19.16
CA ALA R 192 -46.36 -7.81 19.94
C ALA R 192 -45.74 -6.42 20.14
N MET R 193 -45.24 -6.16 21.35
CA MET R 193 -44.65 -4.84 21.68
C MET R 193 -43.32 -4.92 22.42
N MET R 194 -42.60 -3.81 22.36
CA MET R 194 -41.58 -3.46 23.33
C MET R 194 -42.33 -2.64 24.38
N PRO R 195 -42.82 -3.31 25.43
CA PRO R 195 -43.79 -2.73 26.35
C PRO R 195 -43.33 -1.47 27.07
N SER R 196 -42.06 -1.39 27.45
CA SER R 196 -41.54 -0.21 28.14
C SER R 196 -41.64 1.03 27.26
N LEU R 197 -41.59 0.82 25.96
CA LEU R 197 -41.56 1.92 24.99
C LEU R 197 -42.92 2.18 24.36
N ASN R 198 -43.90 1.34 24.67
CA ASN R 198 -45.21 1.38 24.00
C ASN R 198 -45.09 1.34 22.48
N GLN R 199 -44.12 0.56 22.00
CA GLN R 199 -43.89 0.43 20.58
C GLN R 199 -44.35 -0.93 20.09
N VAL R 200 -45.19 -0.92 19.06
CA VAL R 200 -45.67 -2.15 18.46
C VAL R 200 -44.70 -2.65 17.41
N THR R 201 -44.24 -3.86 17.68
CA THR R 201 -43.30 -4.62 16.92
C THR R 201 -43.95 -5.48 15.82
N LEU R 202 -45.07 -6.13 16.14
CA LEU R 202 -45.80 -6.98 15.22
C LEU R 202 -47.28 -6.68 15.41
N PHE R 203 -48.00 -6.54 14.29
CA PHE R 203 -49.42 -6.28 14.33
C PHE R 203 -50.14 -6.87 13.12
N GLN R 204 -50.98 -7.87 13.36
CA GLN R 204 -51.74 -8.49 12.30
C GLN R 204 -53.15 -8.76 12.74
N LEU R 205 -54.10 -8.63 11.82
CA LEU R 205 -55.45 -9.16 12.04
C LEU R 205 -55.93 -10.00 10.87
N ASN R 206 -56.36 -11.22 11.16
CA ASN R 206 -57.17 -11.96 10.20
C ASN R 206 -58.55 -12.17 10.77
N GLY R 207 -59.55 -12.16 9.90
CA GLY R 207 -60.90 -12.23 10.36
C GLY R 207 -61.56 -10.89 10.15
N SER R 208 -62.38 -10.47 11.11
CA SER R 208 -63.26 -9.35 10.89
C SER R 208 -63.65 -8.67 12.18
N MET R 209 -63.56 -7.34 12.22
CA MET R 209 -63.88 -6.56 13.42
C MET R 209 -64.38 -5.17 13.08
N THR R 210 -65.24 -4.62 13.92
CA THR R 210 -65.59 -3.21 13.80
C THR R 210 -64.46 -2.40 14.40
N PRO R 211 -64.29 -1.13 13.97
CA PRO R 211 -63.28 -0.27 14.59
C PRO R 211 -63.37 -0.23 16.12
N ASP R 212 -64.57 -0.18 16.67
CA ASP R 212 -64.76 -0.22 18.12
C ASP R 212 -64.21 -1.51 18.72
N GLU R 213 -64.57 -2.64 18.14
CA GLU R 213 -64.09 -3.93 18.59
C GLU R 213 -62.56 -3.98 18.51
N PHE R 214 -62.03 -3.44 17.41
CA PHE R 214 -60.60 -3.41 17.20
C PHE R 214 -59.92 -2.64 18.34
N ARG R 215 -60.50 -1.50 18.70
CA ARG R 215 -59.96 -0.69 19.78
C ARG R 215 -60.07 -1.37 21.17
N GLN R 216 -61.17 -2.07 21.42
CA GLN R 216 -61.35 -2.83 22.66
C GLN R 216 -60.32 -3.94 22.79
N ALA R 217 -60.20 -4.73 21.72
CA ALA R 217 -59.30 -5.88 21.69
C ALA R 217 -57.87 -5.41 21.90
N PHE R 218 -57.52 -4.32 21.22
CA PHE R 218 -56.22 -3.69 21.36
C PHE R 218 -55.89 -3.35 22.81
N ASP R 219 -56.85 -2.76 23.53
CA ASP R 219 -56.67 -2.45 24.93
C ASP R 219 -56.41 -3.69 25.75
N LEU R 220 -57.14 -4.77 25.45
CA LEU R 220 -57.03 -6.03 26.17
C LEU R 220 -55.65 -6.64 25.94
N ALA R 221 -55.19 -6.59 24.70
CA ALA R 221 -53.88 -7.12 24.36
C ALA R 221 -52.77 -6.46 25.18
N VAL R 222 -52.86 -5.15 25.36
CA VAL R 222 -51.86 -4.43 26.13
C VAL R 222 -51.78 -4.96 27.55
N LYS R 223 -52.93 -5.20 28.17
CA LYS R 223 -52.98 -5.69 29.55
C LYS R 223 -52.34 -7.04 29.65
N GLY R 224 -52.63 -7.90 28.66
CA GLY R 224 -52.04 -9.21 28.58
C GLY R 224 -50.54 -9.11 28.42
N ILE R 225 -50.12 -8.32 27.44
CA ILE R 225 -48.72 -8.12 27.14
C ILE R 225 -47.91 -7.67 28.36
N ASN R 226 -48.49 -6.75 29.15
CA ASN R 226 -47.78 -6.27 30.32
C ASN R 226 -47.53 -7.38 31.34
N ILE R 227 -48.47 -8.29 31.49
CA ILE R 227 -48.30 -9.40 32.42
C ILE R 227 -47.18 -10.32 31.94
N ILE R 228 -47.19 -10.65 30.65
CA ILE R 228 -46.17 -11.51 30.04
C ILE R 228 -44.78 -10.87 30.18
N TYR R 229 -44.73 -9.55 29.99
CA TYR R 229 -43.51 -8.79 30.06
C TYR R 229 -42.85 -8.91 31.43
N ASN R 230 -43.63 -8.80 32.50
CA ASN R 230 -43.07 -8.96 33.84
C ASN R 230 -42.46 -10.32 34.05
N LEU R 231 -43.04 -11.33 33.40
CA LEU R 231 -42.53 -12.69 33.48
C LEU R 231 -41.24 -12.85 32.70
N GLU R 232 -41.17 -12.19 31.55
CA GLU R 232 -39.94 -12.16 30.76
C GLU R 232 -38.82 -11.53 31.55
N ARG R 233 -39.10 -10.41 32.21
CA ARG R 233 -38.12 -9.74 33.04
C ARG R 233 -37.59 -10.65 34.13
N GLU R 234 -38.50 -11.38 34.77
CA GLU R 234 -38.16 -12.31 35.85
C GLU R 234 -37.30 -13.45 35.30
N ALA R 235 -37.72 -14.00 34.16
CA ALA R 235 -37.00 -15.10 33.50
C ALA R 235 -35.57 -14.75 33.18
N LEU R 236 -35.33 -13.46 32.95
CA LEU R 236 -34.02 -12.96 32.61
C LEU R 236 -33.10 -13.08 33.81
N LYS R 237 -33.64 -12.81 35.00
CA LYS R 237 -32.88 -12.91 36.24
C LYS R 237 -32.72 -14.35 36.72
N SER R 238 -33.82 -15.09 36.81
CA SER R 238 -33.79 -16.41 37.43
C SER R 238 -33.61 -17.58 36.46
N LYS R 239 -33.70 -17.28 35.17
CA LYS R 239 -33.51 -18.28 34.08
C LYS R 239 -34.67 -19.26 33.89
N TYR R 240 -35.61 -19.27 34.84
CA TYR R 240 -36.75 -20.19 34.81
C TYR R 240 -37.97 -19.56 35.47
N VAL R 241 -39.11 -19.56 34.78
CA VAL R 241 -40.34 -18.95 35.27
C VAL R 241 -41.57 -19.77 34.90
N GLU R 242 -42.41 -20.03 35.90
CA GLU R 242 -43.72 -20.66 35.71
C GLU R 242 -44.82 -19.75 36.20
N PHE R 243 -45.93 -19.74 35.48
CA PHE R 243 -47.05 -18.86 35.77
C PHE R 243 -48.35 -19.57 35.43
N LYS R 244 -49.17 -19.82 36.45
CA LYS R 244 -50.47 -20.46 36.29
C LYS R 244 -51.46 -19.44 35.75
N GLU R 245 -52.40 -19.93 34.92
CA GLU R 245 -53.47 -19.10 34.32
C GLU R 245 -54.06 -18.08 35.30
N GLU R 246 -54.28 -16.85 34.83
CA GLU R 246 -55.10 -15.90 35.59
C GLU R 246 -55.51 -14.61 34.86
N GLY R 247 -56.52 -13.96 35.46
CA GLY R 247 -57.16 -12.75 34.97
C GLY R 247 -56.25 -11.55 34.85
N VAL R 248 -56.40 -10.84 33.75
CA VAL R 248 -55.64 -9.63 33.44
C VAL R 248 -56.06 -8.45 34.31
N MET S 1 35.29 -5.18 -19.69
CA MET S 1 34.58 -3.99 -19.12
C MET S 1 34.80 -3.74 -17.63
N SER S 2 35.29 -2.56 -17.29
CA SER S 2 35.53 -2.14 -15.90
C SER S 2 34.44 -1.21 -15.38
N SER S 3 33.88 -1.52 -14.22
CA SER S 3 32.76 -0.75 -13.68
C SER S 3 32.85 -0.43 -12.20
N THR S 4 32.25 0.69 -11.82
CA THR S 4 32.26 1.16 -10.43
C THR S 4 31.75 0.04 -9.51
N PRO S 5 32.59 -0.38 -8.54
CA PRO S 5 32.22 -1.47 -7.63
C PRO S 5 30.93 -1.18 -6.84
N SER S 6 29.95 -2.06 -6.98
CA SER S 6 28.62 -1.89 -6.35
C SER S 6 28.58 -2.38 -4.90
N ASN S 7 29.60 -3.11 -4.52
CA ASN S 7 29.69 -3.70 -3.20
C ASN S 7 30.29 -2.75 -2.15
N GLN S 8 31.00 -1.70 -2.60
CA GLN S 8 31.83 -0.85 -1.71
C GLN S 8 31.11 -0.42 -0.41
N ASN S 9 31.79 -0.56 0.73
CA ASN S 9 31.15 -0.18 2.00
C ASN S 9 31.17 1.34 2.29
N ILE S 10 30.11 2.03 1.80
CA ILE S 10 29.92 3.49 1.98
C ILE S 10 30.00 3.87 3.46
N ILE S 11 30.85 4.86 3.76
CA ILE S 11 31.22 5.23 5.13
C ILE S 11 30.67 6.62 5.50
N PRO S 12 29.75 6.68 6.49
CA PRO S 12 28.93 7.87 6.76
C PRO S 12 29.75 9.12 6.96
N ILE S 13 29.24 10.25 6.48
CA ILE S 13 29.94 11.53 6.57
C ILE S 13 30.38 11.79 8.01
N ILE S 14 29.54 11.39 8.96
CA ILE S 14 29.78 11.61 10.38
C ILE S 14 31.07 10.93 10.84
N LYS S 15 31.34 9.73 10.32
CA LYS S 15 32.51 9.00 10.72
C LYS S 15 33.74 9.59 10.08
N LYS S 16 33.60 10.03 8.83
CA LYS S 16 34.70 10.67 8.11
C LYS S 16 35.18 11.91 8.85
N GLU S 17 34.24 12.71 9.32
CA GLU S 17 34.58 13.92 10.05
C GLU S 17 35.35 13.65 11.34
N SER S 18 35.01 12.58 12.07
CA SER S 18 35.76 12.15 13.26
C SER S 18 37.20 11.97 12.90
N ILE S 19 37.45 11.21 11.85
CA ILE S 19 38.79 10.88 11.44
C ILE S 19 39.53 12.14 11.01
N VAL S 20 38.85 12.98 10.23
CA VAL S 20 39.44 14.24 9.75
C VAL S 20 39.77 15.15 10.92
N SER S 21 38.89 15.20 11.93
CA SER S 21 39.13 16.00 13.13
C SER S 21 40.41 15.59 13.87
N LEU S 22 40.71 14.28 13.84
CA LEU S 22 41.92 13.76 14.44
C LEU S 22 43.13 14.17 13.62
N PHE S 23 43.03 14.02 12.30
CA PHE S 23 44.08 14.42 11.35
C PHE S 23 44.47 15.88 11.58
N GLU S 24 43.49 16.71 11.90
CA GLU S 24 43.72 18.12 12.07
C GLU S 24 44.59 18.42 13.30
N LYS S 25 44.54 17.54 14.29
CA LYS S 25 45.44 17.60 15.43
C LYS S 25 46.70 16.77 15.19
N GLY S 26 46.89 16.31 13.96
CA GLY S 26 48.09 15.58 13.57
C GLY S 26 48.18 14.16 14.09
N ILE S 27 47.04 13.55 14.42
CA ILE S 27 47.02 12.19 14.96
C ILE S 27 45.96 11.34 14.26
N ARG S 28 46.07 10.02 14.37
CA ARG S 28 45.14 9.08 13.74
C ARG S 28 44.42 8.21 14.76
N GLN S 29 43.41 7.47 14.30
CA GLN S 29 42.61 6.59 15.15
C GLN S 29 43.48 5.69 16.02
N ASP S 30 44.40 4.98 15.38
CA ASP S 30 45.26 4.02 16.06
C ASP S 30 46.45 4.66 16.77
N GLY S 31 46.51 5.98 16.74
CA GLY S 31 47.50 6.73 17.51
C GLY S 31 48.75 7.14 16.77
N ARG S 32 48.93 6.68 15.54
CA ARG S 32 50.14 7.04 14.82
C ARG S 32 50.09 8.42 14.16
N LYS S 33 51.27 8.92 13.81
CA LYS S 33 51.42 10.18 13.11
C LYS S 33 51.01 10.01 11.66
N LEU S 34 50.77 11.12 10.99
CA LEU S 34 50.33 11.09 9.59
C LEU S 34 51.34 10.42 8.66
N THR S 35 52.62 10.44 9.06
CA THR S 35 53.69 9.88 8.24
C THR S 35 54.17 8.48 8.69
N ASP S 36 53.51 7.91 9.70
CA ASP S 36 53.91 6.62 10.28
C ASP S 36 53.39 5.42 9.53
N TYR S 37 54.22 4.40 9.42
CA TYR S 37 53.79 3.06 9.00
C TYR S 37 53.21 2.30 10.18
N ARG S 38 52.30 1.36 9.90
CA ARG S 38 51.80 0.45 10.92
C ARG S 38 52.89 -0.56 11.32
N PRO S 39 52.67 -1.31 12.42
CA PRO S 39 53.66 -2.32 12.82
C PRO S 39 53.83 -3.39 11.72
N LEU S 40 55.07 -3.80 11.49
CA LEU S 40 55.37 -4.76 10.44
C LEU S 40 55.97 -6.06 10.98
N SER S 41 55.34 -7.19 10.65
CA SER S 41 55.90 -8.52 10.88
C SER S 41 56.22 -9.18 9.57
N ILE S 42 57.34 -9.88 9.52
CA ILE S 42 57.65 -10.74 8.39
C ILE S 42 58.14 -12.08 8.93
N THR S 43 57.48 -13.14 8.49
CA THR S 43 57.90 -14.50 8.83
C THR S 43 58.34 -15.18 7.55
N LEU S 44 59.64 -15.47 7.46
CA LEU S 44 60.22 -16.11 6.29
C LEU S 44 59.98 -17.61 6.33
N ASP S 45 59.99 -18.24 5.15
CA ASP S 45 59.86 -19.69 5.02
C ASP S 45 58.57 -20.20 5.69
N TYR S 46 57.49 -19.43 5.56
CA TYR S 46 56.21 -19.80 6.16
C TYR S 46 55.55 -20.95 5.41
N ALA S 47 55.60 -20.89 4.08
CA ALA S 47 55.07 -21.95 3.24
C ALA S 47 56.17 -22.94 2.87
N LYS S 48 56.24 -24.06 3.59
CA LYS S 48 57.40 -24.96 3.54
C LYS S 48 57.69 -25.54 2.16
N LYS S 49 56.65 -25.82 1.39
CA LYS S 49 56.84 -26.41 0.07
C LYS S 49 57.09 -25.40 -1.05
N ALA S 50 57.08 -24.10 -0.69
CA ALA S 50 57.51 -23.06 -1.61
C ALA S 50 59.02 -23.07 -1.63
N ASP S 51 59.62 -22.55 -2.71
CA ASP S 51 61.07 -22.44 -2.80
C ASP S 51 61.57 -21.31 -1.90
N GLY S 52 60.75 -20.27 -1.77
CA GLY S 52 60.94 -19.19 -0.80
C GLY S 52 59.59 -18.59 -0.51
N SER S 53 59.39 -18.09 0.70
CA SER S 53 58.09 -17.54 1.10
C SER S 53 58.21 -16.53 2.22
N ALA S 54 57.19 -15.69 2.33
CA ALA S 54 57.12 -14.69 3.39
C ALA S 54 55.68 -14.42 3.80
N LEU S 55 55.43 -14.47 5.11
CA LEU S 55 54.14 -14.02 5.63
C LEU S 55 54.30 -12.63 6.22
N VAL S 56 53.65 -11.65 5.61
CA VAL S 56 53.77 -10.26 6.05
C VAL S 56 52.52 -9.79 6.77
N LYS S 57 52.67 -9.28 7.99
CA LYS S 57 51.58 -8.56 8.64
C LYS S 57 51.93 -7.09 8.73
N LEU S 58 51.15 -6.27 8.02
CA LEU S 58 51.28 -4.84 8.07
C LEU S 58 49.98 -4.32 8.66
N GLY S 59 50.00 -4.00 9.94
CA GLY S 59 48.76 -3.72 10.64
C GLY S 59 47.92 -4.98 10.64
N THR S 60 46.69 -4.88 10.12
CA THR S 60 45.80 -6.03 10.03
C THR S 60 45.77 -6.65 8.62
N THR S 61 46.57 -6.08 7.71
CA THR S 61 46.73 -6.63 6.37
C THR S 61 47.72 -7.79 6.42
N MET S 62 47.28 -8.96 5.95
CA MET S 62 48.17 -10.12 5.86
C MET S 62 48.29 -10.64 4.45
N VAL S 63 49.54 -10.82 4.05
CA VAL S 63 49.84 -11.31 2.73
C VAL S 63 50.84 -12.45 2.85
N LEU S 64 50.56 -13.55 2.15
CA LEU S 64 51.54 -14.62 2.03
C LEU S 64 52.00 -14.72 0.59
N ALA S 65 53.30 -14.50 0.38
CA ALA S 65 53.89 -14.66 -0.96
C ALA S 65 54.75 -15.91 -1.00
N GLY S 66 54.74 -16.62 -2.11
CA GLY S 66 55.58 -17.80 -2.24
C GLY S 66 56.11 -17.91 -3.65
N THR S 67 57.34 -18.40 -3.77
CA THR S 67 57.98 -18.63 -5.07
C THR S 67 58.07 -20.09 -5.42
N LYS S 68 58.17 -20.35 -6.72
CA LYS S 68 58.31 -21.69 -7.25
C LYS S 68 59.11 -21.56 -8.54
N LEU S 69 60.20 -22.30 -8.64
CA LEU S 69 61.07 -22.21 -9.79
C LEU S 69 60.93 -23.40 -10.72
N GLU S 70 60.93 -23.12 -12.02
CA GLU S 70 60.84 -24.16 -13.04
C GLU S 70 61.79 -23.89 -14.20
N ILE S 71 62.19 -24.95 -14.87
CA ILE S 71 63.03 -24.83 -16.04
C ILE S 71 62.20 -24.82 -17.30
N ASP S 72 62.38 -23.78 -18.10
CA ASP S 72 61.63 -23.59 -19.35
C ASP S 72 62.57 -23.21 -20.46
N LYS S 73 62.15 -23.47 -21.70
CA LYS S 73 62.82 -22.87 -22.86
C LYS S 73 62.52 -21.38 -22.78
N PRO S 74 63.50 -20.52 -23.13
CA PRO S 74 63.24 -19.08 -23.05
C PRO S 74 62.31 -18.63 -24.17
N TYR S 75 61.75 -17.44 -24.02
CA TYR S 75 60.77 -16.92 -24.97
C TYR S 75 61.44 -16.49 -26.27
N GLU S 76 60.77 -16.70 -27.41
CA GLU S 76 61.21 -16.11 -28.67
C GLU S 76 61.32 -14.59 -28.48
N ASP S 77 60.28 -14.02 -27.85
CA ASP S 77 60.24 -12.59 -27.54
C ASP S 77 61.36 -12.08 -26.61
N THR S 78 61.73 -12.81 -25.56
CA THR S 78 62.81 -12.32 -24.66
C THR S 78 63.95 -13.31 -24.51
N PRO S 79 64.79 -13.48 -25.54
CA PRO S 79 65.62 -14.68 -25.68
C PRO S 79 66.74 -14.93 -24.65
N ASN S 80 67.31 -13.87 -24.07
CA ASN S 80 68.53 -14.03 -23.25
C ASN S 80 68.29 -13.73 -21.77
N GLN S 81 67.24 -14.32 -21.22
CA GLN S 81 66.60 -13.81 -20.03
C GLN S 81 65.73 -14.92 -19.40
N GLY S 82 65.81 -15.12 -18.08
CA GLY S 82 64.86 -15.97 -17.35
C GLY S 82 63.51 -15.25 -17.22
N ASN S 83 62.56 -15.87 -16.54
CA ASN S 83 61.21 -15.30 -16.46
C ASN S 83 60.77 -15.00 -15.04
N LEU S 84 60.01 -13.92 -14.90
CA LEU S 84 59.31 -13.63 -13.65
C LEU S 84 57.84 -13.55 -13.98
N ILE S 85 57.04 -14.29 -13.24
CA ILE S 85 55.59 -14.23 -13.42
C ILE S 85 54.95 -13.97 -12.08
N VAL S 86 54.31 -12.81 -11.95
CA VAL S 86 53.70 -12.38 -10.69
C VAL S 86 52.20 -12.59 -10.73
N ASN S 87 51.66 -13.23 -9.70
CA ASN S 87 50.23 -13.41 -9.58
C ASN S 87 49.72 -13.05 -8.19
N VAL S 88 48.64 -12.28 -8.13
CA VAL S 88 48.06 -11.84 -6.88
C VAL S 88 46.63 -12.33 -6.78
N GLU S 89 46.26 -12.84 -5.61
CA GLU S 89 44.88 -13.25 -5.34
C GLU S 89 44.36 -12.61 -4.09
N LEU S 90 43.19 -12.00 -4.21
CA LEU S 90 42.48 -11.41 -3.07
C LEU S 90 41.42 -12.41 -2.65
N LEU S 91 41.49 -12.90 -1.42
CA LEU S 91 40.58 -13.98 -1.02
C LEU S 91 39.30 -13.56 -0.27
N PRO S 92 39.39 -12.56 0.64
CA PRO S 92 38.25 -12.21 1.53
C PRO S 92 36.91 -11.86 0.84
N ASP S 104 40.54 -11.10 -11.14
CA ASP S 104 39.74 -10.03 -10.50
C ASP S 104 39.76 -8.71 -11.29
N GLU S 105 40.81 -7.90 -11.11
CA GLU S 105 40.96 -6.53 -11.72
C GLU S 105 41.87 -5.71 -10.82
N ASN S 106 41.51 -5.65 -9.54
CA ASN S 106 42.38 -5.08 -8.54
C ASN S 106 43.54 -6.02 -8.30
N ALA S 107 43.26 -7.33 -8.37
CA ALA S 107 44.28 -8.36 -8.27
C ALA S 107 45.27 -8.26 -9.43
N ILE S 108 44.73 -8.04 -10.64
CA ILE S 108 45.59 -7.84 -11.82
C ILE S 108 46.44 -6.56 -11.71
N GLU S 109 45.83 -5.43 -11.35
CA GLU S 109 46.57 -4.21 -11.12
C GLU S 109 47.71 -4.44 -10.12
N LEU S 110 47.39 -5.01 -8.97
CA LEU S 110 48.40 -5.25 -7.94
C LEU S 110 49.57 -6.04 -8.48
N ALA S 111 49.27 -7.16 -9.13
CA ALA S 111 50.28 -8.02 -9.74
C ALA S 111 51.19 -7.21 -10.67
N ARG S 112 50.59 -6.48 -11.62
CA ARG S 112 51.35 -5.71 -12.59
C ARG S 112 52.15 -4.61 -11.93
N VAL S 113 51.58 -3.94 -10.93
CA VAL S 113 52.32 -2.84 -10.29
C VAL S 113 53.57 -3.40 -9.60
N VAL S 114 53.38 -4.48 -8.85
CA VAL S 114 54.47 -5.19 -8.18
C VAL S 114 55.51 -5.66 -9.21
N ASP S 115 55.03 -6.36 -10.24
CA ASP S 115 55.90 -6.85 -11.29
C ASP S 115 56.79 -5.73 -11.83
N ARG S 116 56.17 -4.68 -12.35
CA ARG S 116 56.86 -3.52 -12.89
C ARG S 116 57.94 -2.98 -11.95
N SER S 117 57.63 -2.90 -10.66
CA SER S 117 58.61 -2.33 -9.75
C SER S 117 59.76 -3.30 -9.44
N LEU S 118 59.54 -4.60 -9.63
CA LEU S 118 60.62 -5.59 -9.47
C LEU S 118 61.45 -5.68 -10.74
N ARG S 119 60.77 -5.59 -11.89
CA ARG S 119 61.40 -5.76 -13.20
C ARG S 119 62.15 -4.52 -13.67
N ASP S 120 61.50 -3.35 -13.64
CA ASP S 120 62.11 -2.09 -14.10
C ASP S 120 63.26 -1.63 -13.22
N SER S 121 63.21 -1.95 -11.92
CA SER S 121 64.27 -1.59 -10.99
C SER S 121 65.46 -2.50 -11.21
N LYS S 122 65.22 -3.57 -11.97
CA LYS S 122 66.14 -4.71 -12.09
C LYS S 122 66.61 -5.26 -10.72
N ALA S 123 65.71 -5.25 -9.74
CA ALA S 123 65.94 -5.82 -8.41
C ALA S 123 66.24 -7.31 -8.52
N LEU S 124 65.51 -7.99 -9.41
CA LEU S 124 65.85 -9.34 -9.80
C LEU S 124 66.44 -9.28 -11.19
N ASP S 125 67.66 -9.79 -11.34
CA ASP S 125 68.37 -9.77 -12.61
C ASP S 125 67.99 -11.02 -13.40
N LEU S 126 67.10 -10.84 -14.36
CA LEU S 126 66.61 -11.95 -15.16
C LEU S 126 67.66 -12.57 -16.09
N THR S 127 68.66 -11.78 -16.47
CA THR S 127 69.69 -12.26 -17.39
C THR S 127 70.62 -13.26 -16.70
N LYS S 128 70.58 -13.27 -15.37
CA LYS S 128 71.36 -14.20 -14.58
C LYS S 128 70.55 -15.44 -14.18
N LEU S 129 69.39 -15.60 -14.82
CA LEU S 129 68.56 -16.78 -14.62
C LEU S 129 68.65 -17.77 -15.78
N VAL S 130 69.66 -17.57 -16.62
CA VAL S 130 69.91 -18.45 -17.76
C VAL S 130 70.73 -19.64 -17.32
N ILE S 131 70.32 -20.83 -17.76
CA ILE S 131 71.06 -22.06 -17.51
C ILE S 131 71.84 -22.37 -18.77
N GLU S 132 71.13 -22.54 -19.88
CA GLU S 132 71.73 -22.65 -21.21
C GLU S 132 71.14 -21.65 -22.19
N PRO S 133 72.01 -20.80 -22.75
CA PRO S 133 71.56 -19.79 -23.71
C PRO S 133 70.85 -20.45 -24.87
N GLY S 134 69.67 -19.94 -25.20
CA GLY S 134 68.82 -20.51 -26.23
C GLY S 134 67.96 -21.71 -25.80
N LYS S 135 68.45 -22.50 -24.83
CA LYS S 135 67.82 -23.80 -24.55
C LYS S 135 67.00 -23.84 -23.25
N SER S 136 67.56 -23.38 -22.14
CA SER S 136 66.89 -23.50 -20.85
C SER S 136 67.19 -22.37 -19.86
N VAL S 137 66.12 -21.84 -19.26
CA VAL S 137 66.20 -20.76 -18.25
C VAL S 137 65.27 -21.04 -17.07
N TRP S 138 65.47 -20.33 -15.96
CA TRP S 138 64.57 -20.40 -14.80
C TRP S 138 63.35 -19.52 -14.99
N THR S 139 62.17 -20.04 -14.67
CA THR S 139 60.98 -19.22 -14.55
C THR S 139 60.69 -19.10 -13.07
N VAL S 140 60.63 -17.86 -12.59
CA VAL S 140 60.30 -17.60 -11.20
C VAL S 140 58.81 -17.28 -11.09
N TRP S 141 58.04 -18.24 -10.57
CA TRP S 141 56.63 -18.02 -10.31
C TRP S 141 56.48 -17.39 -8.94
N LEU S 142 55.96 -16.16 -8.91
CA LEU S 142 55.72 -15.46 -7.65
C LEU S 142 54.23 -15.37 -7.44
N ASP S 143 53.72 -16.11 -6.45
CA ASP S 143 52.29 -16.12 -6.13
C ASP S 143 52.01 -15.46 -4.78
N VAL S 144 51.20 -14.40 -4.83
CA VAL S 144 50.97 -13.53 -3.69
C VAL S 144 49.50 -13.65 -3.26
N TYR S 145 49.28 -14.13 -2.04
CA TYR S 145 47.94 -14.32 -1.52
C TYR S 145 47.62 -13.34 -0.40
N VAL S 146 46.70 -12.43 -0.66
CA VAL S 146 46.19 -11.52 0.36
C VAL S 146 45.16 -12.27 1.19
N LEU S 147 45.52 -12.54 2.45
CA LEU S 147 44.69 -13.37 3.32
C LEU S 147 43.78 -12.54 4.21
N ASP S 148 44.19 -11.31 4.51
CA ASP S 148 43.43 -10.43 5.39
C ASP S 148 43.53 -9.02 4.83
N TYR S 149 42.38 -8.48 4.44
CA TYR S 149 42.32 -7.15 3.85
C TYR S 149 42.18 -6.06 4.92
N GLY S 150 43.28 -5.41 5.28
CA GLY S 150 43.26 -4.39 6.32
C GLY S 150 43.72 -3.03 5.83
N GLY S 151 43.65 -2.80 4.51
CA GLY S 151 44.07 -1.55 3.91
C GLY S 151 45.53 -1.53 3.49
N ASN S 152 45.81 -0.79 2.42
CA ASN S 152 47.16 -0.65 1.87
C ASN S 152 47.77 -1.98 1.49
N VAL S 153 46.98 -2.76 0.78
CA VAL S 153 47.36 -4.07 0.28
C VAL S 153 48.62 -4.06 -0.60
N LEU S 154 48.73 -3.05 -1.46
CA LEU S 154 49.88 -2.93 -2.35
C LEU S 154 51.24 -2.93 -1.63
N ASP S 155 51.40 -2.05 -0.66
CA ASP S 155 52.67 -1.99 0.05
C ASP S 155 53.01 -3.32 0.71
N ALA S 156 51.99 -3.97 1.26
CA ALA S 156 52.15 -5.31 1.86
C ALA S 156 52.57 -6.35 0.79
N CYS S 157 51.96 -6.26 -0.39
CA CYS S 157 52.31 -7.16 -1.46
C CYS S 157 53.76 -7.00 -1.92
N THR S 158 54.23 -5.77 -2.02
CA THR S 158 55.60 -5.53 -2.43
C THR S 158 56.53 -6.09 -1.36
N LEU S 159 56.20 -5.86 -0.09
CA LEU S 159 57.03 -6.35 1.00
C LEU S 159 57.08 -7.88 0.99
N ALA S 160 55.93 -8.51 0.88
CA ALA S 160 55.85 -9.96 0.80
C ALA S 160 56.64 -10.50 -0.38
N SER S 161 56.48 -9.87 -1.54
CA SER S 161 57.13 -10.30 -2.77
C SER S 161 58.64 -10.26 -2.63
N VAL S 162 59.16 -9.10 -2.24
CA VAL S 162 60.59 -8.92 -2.08
C VAL S 162 61.10 -9.94 -1.09
N ALA S 163 60.41 -10.08 0.05
CA ALA S 163 60.83 -11.02 1.09
C ALA S 163 60.87 -12.44 0.58
N ALA S 164 59.83 -12.85 -0.15
CA ALA S 164 59.77 -14.21 -0.68
C ALA S 164 60.92 -14.48 -1.64
N LEU S 165 61.22 -13.49 -2.48
CA LEU S 165 62.32 -13.59 -3.42
C LEU S 165 63.65 -13.81 -2.71
N TYR S 166 63.90 -12.99 -1.69
CA TYR S 166 65.12 -13.13 -0.90
C TYR S 166 65.19 -14.45 -0.16
N ASN S 167 64.03 -14.99 0.20
CA ASN S 167 63.96 -16.27 0.89
C ASN S 167 64.17 -17.48 -0.03
N THR S 168 64.17 -17.25 -1.34
CA THR S 168 64.16 -18.33 -2.32
C THR S 168 65.47 -19.09 -2.39
N LYS S 169 65.36 -20.42 -2.31
CA LYS S 169 66.47 -21.34 -2.52
C LYS S 169 66.50 -21.81 -3.96
N VAL S 170 67.67 -21.78 -4.58
CA VAL S 170 67.83 -22.32 -5.93
C VAL S 170 68.52 -23.68 -5.81
N TYR S 171 68.02 -24.65 -6.59
CA TYR S 171 68.46 -26.05 -6.49
C TYR S 171 69.50 -26.45 -7.55
N LYS S 172 70.09 -27.64 -7.37
CA LYS S 172 71.10 -28.15 -8.30
C LYS S 172 70.47 -28.53 -9.63
N VAL S 173 71.22 -28.28 -10.71
CA VAL S 173 70.76 -28.62 -12.04
C VAL S 173 71.56 -29.80 -12.60
N GLU S 174 70.90 -30.96 -12.75
CA GLU S 174 71.50 -32.17 -13.32
C GLU S 174 71.33 -32.19 -14.86
N GLN S 175 72.46 -32.16 -15.56
CA GLN S 175 72.49 -32.19 -17.04
C GLN S 175 73.17 -33.46 -17.60
N ILE S 180 68.34 -30.33 -17.68
CA ILE S 180 67.52 -31.51 -17.90
C ILE S 180 66.71 -31.90 -16.66
N SER S 181 67.38 -32.01 -15.51
CA SER S 181 66.73 -32.40 -14.23
C SER S 181 67.08 -31.47 -13.05
N VAL S 182 66.09 -31.19 -12.20
CA VAL S 182 66.31 -30.42 -10.98
C VAL S 182 66.43 -31.38 -9.79
N ASN S 183 67.52 -31.25 -9.03
CA ASN S 183 67.70 -32.04 -7.82
C ASN S 183 67.32 -31.26 -6.56
N LYS S 184 66.10 -31.49 -6.07
CA LYS S 184 65.48 -30.62 -5.06
C LYS S 184 65.95 -30.80 -3.61
N ASN S 185 66.93 -31.66 -3.38
CA ASN S 185 67.50 -31.78 -2.04
C ASN S 185 68.99 -31.40 -1.96
N GLU S 186 69.47 -30.74 -3.01
CA GLU S 186 70.75 -30.04 -2.96
C GLU S 186 70.52 -28.55 -3.27
N VAL S 187 70.54 -27.71 -2.24
CA VAL S 187 70.41 -26.26 -2.39
C VAL S 187 71.74 -25.68 -2.86
N VAL S 188 71.72 -25.03 -4.02
CA VAL S 188 72.92 -24.54 -4.69
C VAL S 188 73.23 -23.07 -4.42
N GLY S 189 72.18 -22.25 -4.30
CA GLY S 189 72.36 -20.83 -4.05
C GLY S 189 71.07 -20.05 -3.89
N LYS S 190 71.16 -18.76 -4.15
CA LYS S 190 70.03 -17.86 -3.97
C LYS S 190 69.69 -17.19 -5.30
N LEU S 191 68.59 -16.43 -5.33
CA LEU S 191 68.19 -15.66 -6.51
C LEU S 191 69.18 -14.52 -6.77
N PRO S 192 69.43 -14.20 -8.06
CA PRO S 192 70.28 -13.07 -8.39
C PRO S 192 69.58 -11.75 -8.12
N LEU S 193 69.60 -11.34 -6.86
CA LEU S 193 68.92 -10.12 -6.44
C LEU S 193 69.93 -9.01 -6.22
N ASN S 194 69.64 -7.85 -6.83
CA ASN S 194 70.48 -6.67 -6.70
C ASN S 194 70.25 -5.87 -5.43
N TYR S 195 68.98 -5.74 -5.05
CA TYR S 195 68.58 -5.01 -3.85
C TYR S 195 67.12 -5.23 -3.56
N PRO S 196 66.68 -4.98 -2.33
CA PRO S 196 65.24 -4.94 -2.09
C PRO S 196 64.64 -3.70 -2.75
N VAL S 197 63.32 -3.63 -2.75
CA VAL S 197 62.57 -2.51 -3.27
C VAL S 197 61.38 -2.28 -2.34
N VAL S 198 60.95 -1.04 -2.17
CA VAL S 198 59.75 -0.79 -1.35
C VAL S 198 58.77 0.09 -2.08
N THR S 199 57.49 -0.15 -1.83
CA THR S 199 56.45 0.69 -2.39
C THR S 199 55.77 1.40 -1.21
N ILE S 200 55.68 2.72 -1.31
CA ILE S 200 55.09 3.51 -0.24
C ILE S 200 53.85 4.23 -0.75
N SER S 201 52.72 3.96 -0.09
CA SER S 201 51.45 4.52 -0.50
C SER S 201 51.06 5.72 0.37
N VAL S 202 50.77 6.83 -0.27
CA VAL S 202 50.34 8.03 0.44
C VAL S 202 48.92 8.38 0.01
N ALA S 203 48.00 8.41 0.98
CA ALA S 203 46.60 8.67 0.70
C ALA S 203 46.28 10.14 0.95
N LYS S 204 45.50 10.72 0.05
CA LYS S 204 44.97 12.06 0.26
C LYS S 204 43.58 11.94 0.84
N VAL S 205 43.43 12.41 2.08
CA VAL S 205 42.13 12.45 2.75
C VAL S 205 41.87 13.92 3.10
N ASP S 206 40.78 14.45 2.58
CA ASP S 206 40.43 15.85 2.77
C ASP S 206 41.65 16.64 2.32
N LYS S 207 42.20 17.48 3.19
CA LYS S 207 43.40 18.25 2.85
C LYS S 207 44.69 17.67 3.45
N TYR S 208 44.65 16.41 3.87
CA TYR S 208 45.78 15.79 4.56
C TYR S 208 46.37 14.67 3.74
N LEU S 209 47.66 14.45 3.92
CA LEU S 209 48.32 13.30 3.32
C LEU S 209 48.74 12.35 4.43
N VAL S 210 48.47 11.08 4.20
CA VAL S 210 48.63 10.08 5.22
C VAL S 210 49.38 8.87 4.66
N VAL S 211 50.39 8.40 5.38
CA VAL S 211 51.20 7.27 4.93
C VAL S 211 50.57 5.96 5.38
N ASP S 212 50.61 4.96 4.51
CA ASP S 212 50.09 3.60 4.85
C ASP S 212 48.66 3.69 5.40
N PRO S 213 47.68 4.00 4.53
CA PRO S 213 46.29 4.12 4.97
C PRO S 213 45.69 2.80 5.43
N ASP S 214 45.03 2.78 6.58
CA ASP S 214 44.31 1.58 7.00
C ASP S 214 42.94 1.47 6.31
N LEU S 215 42.19 0.46 6.70
CA LEU S 215 40.91 0.16 6.09
C LEU S 215 39.94 1.34 6.08
N ASP S 216 39.72 1.93 7.24
CA ASP S 216 38.84 3.08 7.37
C ASP S 216 39.37 4.22 6.52
N GLU S 217 40.69 4.46 6.58
CA GLU S 217 41.30 5.56 5.88
C GLU S 217 41.15 5.42 4.38
N GLU S 218 41.31 4.19 3.89
CA GLU S 218 41.16 3.95 2.46
C GLU S 218 39.74 4.19 1.99
N SER S 219 38.76 3.96 2.88
CA SER S 219 37.35 4.11 2.48
C SER S 219 36.92 5.58 2.41
N ILE S 220 37.65 6.46 3.07
CA ILE S 220 37.29 7.88 3.08
C ILE S 220 38.20 8.77 2.22
N MET S 221 39.32 8.20 1.76
CA MET S 221 40.30 8.94 0.96
C MET S 221 39.75 9.36 -0.41
N ASP S 222 40.24 10.47 -0.93
CA ASP S 222 39.96 10.89 -2.30
C ASP S 222 40.66 9.95 -3.29
N ALA S 223 41.94 9.70 -3.03
CA ALA S 223 42.79 8.90 -3.87
C ALA S 223 44.09 8.61 -3.13
N LYS S 224 44.86 7.65 -3.62
CA LYS S 224 46.20 7.42 -3.09
C LYS S 224 47.19 7.32 -4.23
N ILE S 225 48.47 7.49 -3.91
CA ILE S 225 49.54 7.44 -4.89
C ILE S 225 50.70 6.63 -4.31
N SER S 226 51.19 5.67 -5.07
CA SER S 226 52.19 4.75 -4.59
C SER S 226 53.50 4.95 -5.32
N PHE S 227 54.56 5.18 -4.55
CA PHE S 227 55.89 5.39 -5.11
C PHE S 227 56.78 4.22 -4.78
N SER S 228 57.54 3.73 -5.75
CA SER S 228 58.44 2.62 -5.52
C SER S 228 59.87 3.09 -5.57
N TYR S 229 60.63 2.68 -4.55
CA TYR S 229 62.01 3.10 -4.44
C TYR S 229 62.98 1.94 -4.32
N THR S 230 64.16 2.12 -4.93
CA THR S 230 65.33 1.29 -4.68
C THR S 230 66.08 1.94 -3.52
N PRO S 231 67.04 1.22 -2.90
CA PRO S 231 67.74 1.77 -1.72
C PRO S 231 68.50 3.07 -2.00
N ASP S 232 68.96 3.26 -3.23
CA ASP S 232 69.57 4.53 -3.62
C ASP S 232 68.57 5.67 -3.78
N LEU S 233 67.30 5.37 -3.46
CA LEU S 233 66.17 6.33 -3.49
C LEU S 233 65.85 6.87 -4.87
N LYS S 234 66.03 6.01 -5.87
CA LYS S 234 65.56 6.27 -7.22
C LYS S 234 64.10 5.82 -7.31
N ILE S 235 63.27 6.62 -8.00
CA ILE S 235 61.89 6.27 -8.25
C ILE S 235 61.83 5.32 -9.43
N VAL S 236 61.00 4.29 -9.26
CA VAL S 236 61.15 3.03 -9.97
C VAL S 236 59.75 2.48 -10.31
N GLY S 237 58.73 3.21 -9.85
CA GLY S 237 57.34 3.03 -10.22
C GLY S 237 56.46 4.06 -9.54
N ILE S 238 55.43 4.53 -10.24
CA ILE S 238 54.40 5.35 -9.60
C ILE S 238 53.02 4.92 -10.07
N GLN S 239 52.08 4.83 -9.14
CA GLN S 239 50.70 4.47 -9.48
C GLN S 239 49.69 5.23 -8.63
N LYS S 240 48.95 6.15 -9.24
CA LYS S 240 47.83 6.78 -8.58
C LYS S 240 46.66 5.82 -8.59
N SER S 241 45.81 5.91 -7.58
CA SER S 241 44.73 4.98 -7.37
C SER S 241 43.57 5.64 -6.65
N GLY S 242 42.35 5.24 -7.00
CA GLY S 242 41.18 5.75 -6.32
C GLY S 242 40.29 6.58 -7.20
N LYS S 243 39.04 6.72 -6.78
CA LYS S 243 37.98 7.38 -7.53
C LYS S 243 38.14 8.89 -7.61
N GLY S 244 39.03 9.46 -6.79
CA GLY S 244 39.17 10.90 -6.71
C GLY S 244 40.44 11.41 -7.34
N SER S 245 40.65 12.71 -7.26
CA SER S 245 41.84 13.33 -7.81
C SER S 245 42.69 13.97 -6.72
N MET S 246 43.82 14.53 -7.14
CA MET S 246 44.89 14.95 -6.27
C MET S 246 45.59 16.10 -6.99
N SER S 247 45.96 17.13 -6.25
CA SER S 247 46.57 18.30 -6.87
C SER S 247 48.04 18.08 -7.20
N LEU S 248 48.58 18.96 -8.04
CA LEU S 248 50.00 19.00 -8.37
C LEU S 248 50.81 19.01 -7.08
N GLN S 249 50.51 19.96 -6.19
CA GLN S 249 51.22 20.11 -4.93
C GLN S 249 51.04 18.88 -4.05
N ASP S 250 49.86 18.27 -4.06
CA ASP S 250 49.62 17.05 -3.31
C ASP S 250 50.65 15.97 -3.69
N ILE S 251 50.82 15.79 -5.00
CA ILE S 251 51.71 14.77 -5.50
C ILE S 251 53.16 15.12 -5.18
N ASP S 252 53.52 16.38 -5.37
CA ASP S 252 54.85 16.85 -4.99
C ASP S 252 55.18 16.49 -3.53
N GLN S 253 54.29 16.89 -2.61
CA GLN S 253 54.46 16.57 -1.19
C GLN S 253 54.44 15.10 -0.90
N ALA S 254 53.54 14.38 -1.60
CA ALA S 254 53.37 12.96 -1.40
C ALA S 254 54.68 12.22 -1.61
N GLU S 255 55.41 12.58 -2.67
CA GLU S 255 56.66 11.88 -2.95
C GLU S 255 57.76 12.23 -1.94
N ASN S 256 57.83 13.50 -1.51
CA ASN S 256 58.76 13.86 -0.42
C ASN S 256 58.52 12.98 0.80
N THR S 257 57.26 12.93 1.21
CA THR S 257 56.87 12.15 2.36
C THR S 257 57.16 10.66 2.11
N ALA S 258 56.78 10.16 0.94
CA ALA S 258 57.03 8.78 0.56
C ALA S 258 58.51 8.43 0.66
N ARG S 259 59.35 9.27 0.07
CA ARG S 259 60.77 9.00 0.02
C ARG S 259 61.40 8.99 1.41
N SER S 260 61.01 9.91 2.28
CA SER S 260 61.63 9.91 3.60
C SER S 260 61.14 8.73 4.42
N THR S 261 59.93 8.26 4.14
CA THR S 261 59.43 7.05 4.74
C THR S 261 60.16 5.81 4.22
N ALA S 262 60.46 5.81 2.93
CA ALA S 262 61.16 4.70 2.27
C ALA S 262 62.45 4.30 2.99
N VAL S 263 63.20 5.28 3.49
CA VAL S 263 64.44 5.00 4.18
C VAL S 263 64.20 4.11 5.41
N LYS S 264 63.22 4.49 6.22
CA LYS S 264 62.86 3.75 7.44
C LYS S 264 62.38 2.36 7.10
N LEU S 265 61.51 2.27 6.10
CA LEU S 265 60.92 0.98 5.75
C LEU S 265 61.97 0.02 5.18
N LEU S 266 62.90 0.54 4.39
CA LEU S 266 63.96 -0.28 3.86
C LEU S 266 64.78 -0.87 5.00
N GLU S 267 65.09 -0.04 6.00
CA GLU S 267 65.88 -0.47 7.15
C GLU S 267 65.19 -1.61 7.85
N GLU S 268 63.89 -1.47 7.99
CA GLU S 268 63.10 -2.45 8.69
C GLU S 268 62.97 -3.74 7.89
N LEU S 269 62.73 -3.61 6.59
CA LEU S 269 62.71 -4.75 5.69
C LEU S 269 64.00 -5.55 5.76
N LYS S 270 65.14 -4.85 5.70
CA LYS S 270 66.44 -5.50 5.72
C LYS S 270 66.64 -6.27 7.01
N LYS S 271 66.26 -5.69 8.14
CA LYS S 271 66.32 -6.40 9.43
C LYS S 271 65.62 -7.74 9.38
N HIS S 272 64.41 -7.76 8.83
CA HIS S 272 63.67 -9.00 8.68
C HIS S 272 64.36 -9.99 7.75
N LEU S 273 65.04 -9.48 6.73
CA LEU S 273 65.67 -10.34 5.74
C LEU S 273 67.07 -10.79 6.10
N GLY S 274 67.62 -10.25 7.20
CA GLY S 274 69.02 -10.45 7.56
C GLY S 274 69.88 -9.70 6.56
N ILE S 275 69.47 -8.46 6.27
CA ILE S 275 69.95 -7.64 5.14
C ILE S 275 69.90 -8.36 3.77
N ARG T 2 86.14 -5.63 -28.29
CA ARG T 2 85.96 -5.22 -26.87
C ARG T 2 85.59 -3.73 -26.79
N GLU T 3 86.48 -2.89 -27.34
CA GLU T 3 86.26 -1.46 -27.56
C GLU T 3 85.32 -1.23 -28.72
N MET T 4 85.61 -1.90 -29.83
CA MET T 4 84.75 -1.88 -30.99
C MET T 4 83.48 -2.67 -30.68
N LEU T 5 82.49 -2.00 -30.10
CA LEU T 5 81.23 -2.64 -29.71
C LEU T 5 80.28 -1.55 -29.29
N GLN T 6 79.13 -1.52 -29.93
CA GLN T 6 78.19 -0.44 -29.76
C GLN T 6 76.97 -0.87 -28.97
N VAL T 7 76.45 0.09 -28.21
CA VAL T 7 75.43 -0.12 -27.20
C VAL T 7 74.13 -0.83 -27.68
N GLU T 8 74.03 -1.09 -28.99
CA GLU T 8 72.99 -1.99 -29.60
C GLU T 8 71.54 -1.59 -29.36
N ARG T 9 71.32 -0.28 -29.25
CA ARG T 9 70.06 0.32 -28.84
C ARG T 9 70.08 1.72 -29.41
N PRO T 10 68.98 2.14 -30.06
CA PRO T 10 69.04 3.37 -30.84
C PRO T 10 69.23 4.63 -30.01
N LYS T 11 70.00 5.59 -30.55
CA LYS T 11 70.06 6.93 -29.98
C LYS T 11 68.68 7.58 -30.07
N LEU T 12 68.29 8.25 -28.99
CA LEU T 12 66.98 8.86 -28.90
C LEU T 12 67.04 10.37 -29.03
N ILE T 13 68.22 10.94 -28.82
CA ILE T 13 68.47 12.36 -29.01
C ILE T 13 69.53 12.50 -30.10
N LEU T 14 69.15 13.16 -31.18
CA LEU T 14 69.89 13.10 -32.44
C LEU T 14 70.47 14.47 -32.80
N ASP T 15 70.61 14.74 -34.11
CA ASP T 15 71.16 15.99 -34.60
C ASP T 15 70.29 17.16 -34.14
N ASP T 16 70.94 18.28 -33.82
CA ASP T 16 70.29 19.35 -33.05
C ASP T 16 69.67 18.71 -31.82
N GLY T 17 68.88 19.43 -31.06
CA GLY T 17 68.36 18.78 -29.84
C GLY T 17 67.41 17.62 -30.08
N LYS T 18 67.29 17.17 -31.34
CA LYS T 18 66.05 16.54 -31.85
C LYS T 18 65.92 15.03 -31.68
N ARG T 19 64.70 14.58 -31.66
CA ARG T 19 64.35 13.20 -31.40
C ARG T 19 64.24 12.42 -32.71
N THR T 20 63.87 11.14 -32.62
CA THR T 20 63.88 10.27 -33.80
C THR T 20 62.88 10.69 -34.86
N ASP T 21 61.82 11.37 -34.44
CA ASP T 21 60.85 11.92 -35.39
C ASP T 21 61.07 13.40 -35.72
N GLY T 22 62.17 13.97 -35.24
CA GLY T 22 62.54 15.34 -35.58
C GLY T 22 62.05 16.37 -34.58
N ARG T 23 61.31 15.92 -33.58
CA ARG T 23 60.81 16.82 -32.55
C ARG T 23 61.86 17.25 -31.54
N LYS T 24 61.66 18.43 -30.96
CA LYS T 24 62.47 18.88 -29.83
C LYS T 24 61.93 18.23 -28.56
N PRO T 25 62.75 18.13 -27.50
CA PRO T 25 62.27 17.52 -26.26
C PRO T 25 60.96 18.12 -25.74
N ASP T 26 60.70 19.39 -26.03
CA ASP T 26 59.51 20.06 -25.53
C ASP T 26 58.40 20.24 -26.57
N GLU T 27 58.35 19.36 -27.58
CA GLU T 27 57.33 19.46 -28.63
C GLU T 27 56.32 18.33 -28.61
N LEU T 28 55.04 18.71 -28.70
CA LEU T 28 53.96 17.75 -28.82
C LEU T 28 53.87 17.24 -30.25
N ARG T 29 53.35 16.02 -30.39
CA ARG T 29 53.01 15.50 -31.72
C ARG T 29 51.78 16.25 -32.21
N SER T 30 51.44 16.07 -33.49
CA SER T 30 50.25 16.71 -34.01
C SER T 30 48.99 16.16 -33.35
N ILE T 31 47.98 17.02 -33.21
CA ILE T 31 46.72 16.65 -32.59
C ILE T 31 45.56 16.83 -33.57
N LYS T 32 44.64 15.87 -33.56
CA LYS T 32 43.40 15.98 -34.30
C LYS T 32 42.26 15.48 -33.42
N ILE T 33 41.19 16.27 -33.32
CA ILE T 33 40.04 15.93 -32.50
C ILE T 33 38.76 16.19 -33.27
N GLU T 34 37.85 15.23 -33.28
CA GLU T 34 36.49 15.55 -33.71
C GLU T 34 35.42 14.82 -32.89
N LEU T 35 34.26 15.49 -32.78
CA LEU T 35 33.19 15.07 -31.88
C LEU T 35 31.95 14.71 -32.66
N GLY T 36 31.06 13.93 -32.03
CA GLY T 36 29.75 13.61 -32.60
C GLY T 36 29.87 12.84 -33.90
N VAL T 37 30.84 11.95 -33.95
CA VAL T 37 31.20 11.23 -35.15
C VAL T 37 30.31 9.99 -35.35
N LEU T 38 29.69 9.53 -34.27
CA LEU T 38 28.84 8.34 -34.28
C LEU T 38 27.37 8.70 -34.06
N LYS T 39 26.52 8.31 -34.99
CA LYS T 39 25.12 8.67 -34.96
C LYS T 39 24.35 7.99 -33.84
N ASN T 40 24.58 6.70 -33.65
CA ASN T 40 23.73 5.91 -32.73
C ASN T 40 24.25 5.88 -31.30
N ALA T 41 25.17 6.79 -30.97
CA ALA T 41 25.72 6.90 -29.62
C ALA T 41 25.27 8.21 -29.01
N ASP T 42 25.30 8.31 -27.69
CA ASP T 42 24.88 9.52 -27.01
C ASP T 42 25.94 10.60 -27.07
N GLY T 43 27.20 10.19 -27.10
CA GLY T 43 28.33 11.07 -27.33
C GLY T 43 29.47 10.29 -27.94
N SER T 44 30.29 10.95 -28.75
CA SER T 44 31.42 10.29 -29.40
C SER T 44 32.51 11.27 -29.73
N ALA T 45 33.74 10.77 -29.74
CA ALA T 45 34.90 11.56 -30.15
C ALA T 45 35.97 10.67 -30.77
N ILE T 46 36.71 11.23 -31.73
CA ILE T 46 37.94 10.62 -32.20
C ILE T 46 39.06 11.56 -31.77
N PHE T 47 40.11 11.01 -31.15
CA PHE T 47 41.26 11.77 -30.74
C PHE T 47 42.51 11.16 -31.36
N GLU T 48 43.35 12.00 -31.95
CA GLU T 48 44.62 11.55 -32.53
C GLU T 48 45.79 12.35 -31.98
N MET T 49 46.76 11.64 -31.42
CA MET T 49 48.05 12.24 -31.11
C MET T 49 49.10 11.58 -31.96
N GLY T 50 49.68 12.34 -32.88
CA GLY T 50 50.54 11.77 -33.87
C GLY T 50 49.82 10.59 -34.49
N ASN T 51 50.41 9.41 -34.35
CA ASN T 51 49.84 8.22 -34.96
C ASN T 51 48.97 7.38 -34.05
N THR T 52 48.85 7.78 -32.79
CA THR T 52 47.96 7.10 -31.85
C THR T 52 46.56 7.67 -32.03
N LYS T 53 45.60 6.79 -32.32
CA LYS T 53 44.24 7.21 -32.66
C LYS T 53 43.22 6.35 -31.92
N ALA T 54 42.31 7.01 -31.21
CA ALA T 54 41.27 6.31 -30.46
C ALA T 54 39.91 6.86 -30.78
N ILE T 55 38.91 5.98 -30.76
CA ILE T 55 37.52 6.40 -30.86
C ILE T 55 36.80 6.03 -29.55
N ALA T 56 35.98 6.96 -29.06
CA ALA T 56 35.25 6.72 -27.83
C ALA T 56 33.78 6.97 -28.07
N ALA T 57 32.95 6.10 -27.47
CA ALA T 57 31.51 6.22 -27.56
C ALA T 57 30.94 6.17 -26.16
N VAL T 58 29.95 7.03 -25.92
CA VAL T 58 29.23 7.06 -24.65
C VAL T 58 27.76 6.69 -24.87
N TYR T 59 27.26 5.76 -24.07
CA TYR T 59 25.84 5.43 -24.11
C TYR T 59 25.25 5.89 -22.79
N GLY T 60 24.54 7.02 -22.90
CA GLY T 60 24.28 8.02 -21.83
C GLY T 60 23.61 7.46 -20.61
N PRO T 61 23.34 8.31 -19.60
CA PRO T 61 22.82 7.74 -18.35
C PRO T 61 21.54 6.94 -18.63
N LYS T 62 21.51 5.70 -18.17
CA LYS T 62 20.41 4.78 -18.47
C LYS T 62 20.22 3.78 -17.31
N GLU T 63 18.97 3.39 -17.08
CA GLU T 63 18.65 2.36 -16.08
C GLU T 63 19.53 1.13 -16.24
N MET T 64 19.98 0.57 -15.13
CA MET T 64 20.95 -0.50 -15.23
C MET T 64 20.36 -1.90 -15.17
N HIS T 65 20.80 -2.70 -16.15
CA HIS T 65 20.26 -4.03 -16.45
C HIS T 65 19.88 -4.84 -15.19
N PRO T 66 20.87 -5.44 -14.48
CA PRO T 66 20.53 -6.14 -13.23
C PRO T 66 20.66 -5.18 -12.03
N ARG T 67 19.54 -4.88 -11.37
CA ARG T 67 19.50 -3.80 -10.39
C ARG T 67 20.50 -3.90 -9.23
N HIS T 68 20.81 -5.11 -8.77
CA HIS T 68 21.76 -5.29 -7.65
C HIS T 68 23.16 -4.73 -7.96
N LEU T 69 23.47 -4.59 -9.25
CA LEU T 69 24.76 -4.08 -9.69
C LEU T 69 24.79 -2.57 -9.81
N SER T 70 23.65 -1.93 -9.58
CA SER T 70 23.56 -0.47 -9.60
C SER T 70 23.84 0.10 -8.22
N LEU T 71 23.94 1.42 -8.13
CA LEU T 71 24.21 2.12 -6.88
C LEU T 71 23.09 3.09 -6.57
N PRO T 72 22.73 3.25 -5.28
CA PRO T 72 21.61 4.11 -4.90
C PRO T 72 21.88 5.62 -4.94
N ASP T 73 23.16 6.01 -4.93
CA ASP T 73 23.54 7.43 -4.80
C ASP T 73 24.26 8.00 -6.03
N ARG T 74 24.66 7.11 -6.94
CA ARG T 74 25.62 7.42 -7.99
C ARG T 74 25.27 6.67 -9.26
N ALA T 75 25.80 7.13 -10.39
CA ALA T 75 25.83 6.33 -11.60
C ALA T 75 27.02 5.38 -11.50
N VAL T 76 26.90 4.23 -12.16
CA VAL T 76 28.01 3.30 -12.32
C VAL T 76 28.65 3.58 -13.68
N LEU T 77 29.95 3.87 -13.69
CA LEU T 77 30.68 3.94 -14.95
C LEU T 77 31.13 2.57 -15.35
N ARG T 78 30.90 2.21 -16.61
CA ARG T 78 31.43 1.00 -17.20
C ARG T 78 32.34 1.38 -18.35
N VAL T 79 33.62 1.04 -18.23
CA VAL T 79 34.62 1.51 -19.19
C VAL T 79 35.37 0.35 -19.84
N ARG T 80 35.56 0.43 -21.14
CA ARG T 80 36.31 -0.58 -21.89
C ARG T 80 37.45 0.10 -22.62
N TYR T 81 38.68 -0.23 -22.23
CA TYR T 81 39.85 0.16 -23.02
C TYR T 81 40.24 -1.04 -23.87
N HIS T 82 40.28 -0.86 -25.18
CA HIS T 82 40.53 -1.98 -26.08
C HIS T 82 41.33 -1.59 -27.31
N MET T 83 42.25 -2.46 -27.70
CA MET T 83 43.09 -2.23 -28.87
C MET T 83 42.62 -3.13 -29.98
N THR T 84 42.35 -2.55 -31.14
CA THR T 84 41.94 -3.35 -32.30
C THR T 84 43.13 -4.19 -32.74
N PRO T 85 42.87 -5.38 -33.30
CA PRO T 85 43.96 -6.27 -33.68
C PRO T 85 44.93 -5.66 -34.67
N PHE T 86 44.47 -4.66 -35.43
CA PHE T 86 45.28 -4.03 -36.47
C PHE T 86 45.82 -2.65 -36.07
N SER T 87 45.89 -2.40 -34.77
CA SER T 87 46.36 -1.11 -34.28
C SER T 87 47.88 -1.05 -34.16
N THR T 88 48.52 -2.22 -34.21
CA THR T 88 49.97 -2.30 -34.09
C THR T 88 50.56 -3.03 -35.27
N ASP T 89 51.88 -3.06 -35.36
CA ASP T 89 52.56 -3.74 -36.46
C ASP T 89 52.33 -5.25 -36.43
N GLU T 90 52.43 -5.84 -35.24
CA GLU T 90 52.08 -7.24 -35.06
C GLU T 90 50.66 -7.33 -34.53
N ARG T 91 49.89 -8.28 -35.06
CA ARG T 91 48.49 -8.40 -34.69
C ARG T 91 48.29 -8.69 -33.19
N LYS T 92 47.49 -7.86 -32.53
CA LYS T 92 47.09 -8.10 -31.15
C LYS T 92 45.93 -9.09 -31.12
N ASN T 93 46.00 -10.04 -30.19
CA ASN T 93 44.84 -10.86 -29.88
C ASN T 93 43.72 -9.96 -29.30
N PRO T 94 42.51 -10.02 -29.91
CA PRO T 94 41.39 -9.19 -29.46
C PRO T 94 40.91 -9.51 -28.05
N ALA T 95 41.21 -10.71 -27.55
CA ALA T 95 40.94 -11.09 -26.17
C ALA T 95 41.65 -10.14 -25.20
N PRO T 96 40.96 -9.70 -24.13
CA PRO T 96 41.58 -8.65 -23.32
C PRO T 96 42.81 -9.18 -22.58
N SER T 97 43.88 -8.39 -22.65
CA SER T 97 45.11 -8.68 -21.94
C SER T 97 45.08 -8.11 -20.53
N ARG T 98 46.00 -8.60 -19.69
CA ARG T 98 46.13 -8.07 -18.34
C ARG T 98 46.37 -6.57 -18.42
N ARG T 99 47.17 -6.14 -19.40
CA ARG T 99 47.42 -4.72 -19.64
C ARG T 99 46.12 -3.95 -19.90
N GLU T 100 45.26 -4.50 -20.74
CA GLU T 100 43.98 -3.87 -21.08
C GLU T 100 43.06 -3.83 -19.86
N ILE T 101 43.11 -4.88 -19.05
CA ILE T 101 42.34 -4.94 -17.80
C ILE T 101 42.79 -3.87 -16.80
N GLU T 102 44.11 -3.73 -16.60
CA GLU T 102 44.61 -2.68 -15.74
C GLU T 102 44.26 -1.28 -16.24
N LEU T 103 44.53 -1.04 -17.52
CA LEU T 103 44.31 0.28 -18.08
C LEU T 103 42.85 0.67 -18.07
N SER T 104 41.96 -0.30 -18.25
CA SER T 104 40.53 -0.03 -18.18
C SER T 104 40.17 0.52 -16.81
N LYS T 105 40.68 -0.12 -15.75
CA LYS T 105 40.46 0.33 -14.38
C LYS T 105 41.02 1.73 -14.18
N VAL T 106 42.27 1.92 -14.59
CA VAL T 106 42.96 3.19 -14.38
C VAL T 106 42.21 4.33 -15.07
N ILE T 107 41.77 4.07 -16.30
CA ILE T 107 41.00 5.04 -17.07
C ILE T 107 39.64 5.30 -16.41
N ARG T 108 38.95 4.23 -16.00
CA ARG T 108 37.68 4.38 -15.33
C ARG T 108 37.81 5.30 -14.13
N GLU T 109 38.84 5.09 -13.31
CA GLU T 109 39.01 5.87 -12.09
C GLU T 109 39.30 7.34 -12.41
N ALA T 110 40.01 7.55 -13.51
CA ALA T 110 40.30 8.91 -13.94
C ALA T 110 39.00 9.62 -14.26
N LEU T 111 38.10 8.92 -14.96
CA LEU T 111 36.83 9.50 -15.36
C LEU T 111 35.93 9.71 -14.17
N GLU T 112 36.00 8.79 -13.20
CA GLU T 112 35.16 8.89 -12.03
C GLU T 112 35.43 10.15 -11.22
N SER T 113 36.67 10.64 -11.27
CA SER T 113 37.03 11.85 -10.54
C SER T 113 36.50 13.09 -11.23
N ALA T 114 36.12 12.95 -12.49
CA ALA T 114 35.62 14.07 -13.30
C ALA T 114 34.10 14.11 -13.48
N VAL T 115 33.50 12.95 -13.74
CA VAL T 115 32.07 12.86 -14.05
C VAL T 115 31.27 13.03 -12.77
N LEU T 116 30.25 13.89 -12.80
CA LEU T 116 29.37 14.11 -11.66
C LEU T 116 28.33 12.99 -11.53
N VAL T 117 28.81 11.81 -11.13
CA VAL T 117 27.99 10.60 -11.10
C VAL T 117 26.81 10.68 -10.13
N GLU T 118 26.91 11.54 -9.12
CA GLU T 118 25.88 11.67 -8.09
C GLU T 118 24.55 12.13 -8.68
N LEU T 119 24.64 12.81 -9.82
CA LEU T 119 23.47 13.33 -10.50
C LEU T 119 22.54 12.25 -11.05
N PHE T 120 23.07 11.03 -11.25
CA PHE T 120 22.31 9.98 -11.94
C PHE T 120 22.27 8.66 -11.16
N PRO T 121 21.56 8.63 -10.03
CA PRO T 121 21.50 7.41 -9.24
C PRO T 121 20.85 6.28 -10.05
N ARG T 122 21.22 5.05 -9.74
CA ARG T 122 20.58 3.86 -10.31
C ARG T 122 20.78 3.71 -11.83
N THR T 123 21.72 4.46 -12.40
CA THR T 123 21.96 4.41 -13.83
C THR T 123 23.37 3.92 -14.10
N ALA T 124 23.62 3.54 -15.35
CA ALA T 124 24.97 3.24 -15.82
C ALA T 124 25.30 4.19 -16.94
N ILE T 125 26.57 4.62 -16.99
CA ILE T 125 27.10 5.34 -18.13
C ILE T 125 28.17 4.44 -18.73
N ASP T 126 27.97 4.04 -19.98
CA ASP T 126 28.91 3.15 -20.67
C ASP T 126 29.84 3.93 -21.56
N VAL T 127 31.13 3.73 -21.35
CA VAL T 127 32.15 4.40 -22.13
C VAL T 127 32.99 3.36 -22.83
N PHE T 128 32.88 3.29 -24.15
CA PHE T 128 33.64 2.32 -24.93
C PHE T 128 34.73 3.02 -25.74
N THR T 129 35.94 2.49 -25.62
CA THR T 129 37.13 3.08 -26.20
C THR T 129 37.82 2.05 -27.08
N GLU T 130 38.18 2.47 -28.28
CA GLU T 130 38.92 1.61 -29.20
C GLU T 130 40.17 2.31 -29.74
N ILE T 131 41.32 1.66 -29.56
CA ILE T 131 42.55 2.14 -30.17
C ILE T 131 42.62 1.60 -31.61
N LEU T 132 42.58 2.54 -32.56
CA LEU T 132 42.61 2.23 -33.98
C LEU T 132 44.02 2.15 -34.53
N GLN T 133 44.93 2.98 -34.01
CA GLN T 133 46.37 2.83 -34.21
C GLN T 133 47.10 3.18 -32.93
N ALA T 134 48.11 2.38 -32.60
CA ALA T 134 48.92 2.62 -31.40
C ALA T 134 50.32 3.07 -31.78
N ASP T 135 50.74 4.21 -31.23
CA ASP T 135 52.10 4.70 -31.37
C ASP T 135 52.51 5.34 -30.03
N ALA T 136 52.26 4.60 -28.95
CA ALA T 136 52.48 5.07 -27.57
C ALA T 136 51.51 6.16 -27.12
N GLY T 137 51.19 6.14 -25.83
CA GLY T 137 50.29 7.13 -25.24
C GLY T 137 48.83 6.80 -25.41
N SER T 138 48.54 5.57 -25.85
CA SER T 138 47.18 5.11 -26.16
C SER T 138 46.26 5.31 -24.99
N ARG T 139 46.71 4.97 -23.79
CA ARG T 139 45.87 5.07 -22.61
C ARG T 139 45.36 6.51 -22.41
N LEU T 140 46.22 7.48 -22.72
CA LEU T 140 45.86 8.89 -22.56
C LEU T 140 44.95 9.38 -23.68
N VAL T 141 45.23 8.95 -24.91
CA VAL T 141 44.42 9.29 -26.05
C VAL T 141 43.02 8.72 -25.85
N SER T 142 42.95 7.48 -25.41
CA SER T 142 41.69 6.84 -25.04
C SER T 142 40.94 7.62 -23.93
N LEU T 143 41.66 8.00 -22.86
CA LEU T 143 41.08 8.75 -21.78
C LEU T 143 40.54 10.09 -22.26
N MET T 144 41.29 10.79 -23.08
CA MET T 144 40.83 12.08 -23.60
C MET T 144 39.64 11.93 -24.53
N ALA T 145 39.69 10.92 -25.39
CA ALA T 145 38.58 10.67 -26.31
C ALA T 145 37.32 10.42 -25.47
N ALA T 146 37.48 9.66 -24.39
CA ALA T 146 36.39 9.39 -23.47
C ALA T 146 35.85 10.67 -22.83
N SER T 147 36.76 11.48 -22.29
CA SER T 147 36.38 12.74 -21.67
C SER T 147 35.52 13.58 -22.62
N LEU T 148 35.97 13.67 -23.88
CA LEU T 148 35.29 14.47 -24.88
C LEU T 148 33.96 13.86 -25.33
N ALA T 149 33.89 12.53 -25.39
CA ALA T 149 32.66 11.87 -25.78
C ALA T 149 31.60 12.12 -24.71
N LEU T 150 32.03 12.13 -23.45
CA LEU T 150 31.16 12.45 -22.32
C LEU T 150 30.63 13.88 -22.44
N ALA T 151 31.53 14.81 -22.78
CA ALA T 151 31.15 16.21 -23.01
C ALA T 151 30.18 16.31 -24.18
N ASP T 152 30.47 15.56 -25.23
CA ASP T 152 29.61 15.48 -26.42
C ASP T 152 28.22 14.94 -26.08
N ALA T 153 28.15 14.04 -25.10
CA ALA T 153 26.87 13.50 -24.64
C ALA T 153 26.13 14.48 -23.71
N GLY T 154 26.81 15.55 -23.31
CA GLY T 154 26.24 16.53 -22.40
C GLY T 154 26.18 16.05 -20.95
N ILE T 155 27.03 15.10 -20.61
CA ILE T 155 27.10 14.60 -19.26
C ILE T 155 27.98 15.53 -18.44
N PRO T 156 27.42 16.08 -17.35
CA PRO T 156 28.10 17.10 -16.53
C PRO T 156 29.36 16.58 -15.86
N MET T 157 30.45 17.33 -16.00
CA MET T 157 31.72 16.95 -15.38
C MET T 157 32.37 18.12 -14.66
N ARG T 158 33.34 17.85 -13.80
CA ARG T 158 34.06 18.89 -13.10
C ARG T 158 34.88 19.73 -14.08
N ASP T 159 35.46 19.07 -15.07
CA ASP T 159 36.30 19.70 -16.07
C ASP T 159 36.58 18.65 -17.16
N LEU T 160 37.15 19.07 -18.29
CA LEU T 160 37.65 18.12 -19.26
C LEU T 160 38.96 17.50 -18.74
N ILE T 161 39.38 16.38 -19.32
CA ILE T 161 40.64 15.78 -18.99
C ILE T 161 41.59 15.84 -20.18
N ALA T 162 42.79 16.38 -19.94
CA ALA T 162 43.87 16.41 -20.92
C ALA T 162 45.07 15.69 -20.35
N GLY T 163 45.81 14.97 -21.20
CA GLY T 163 46.94 14.19 -20.71
C GLY T 163 48.09 14.05 -21.71
N VAL T 164 49.30 13.87 -21.18
CA VAL T 164 50.48 13.49 -21.96
C VAL T 164 51.36 12.60 -21.15
N ALA T 165 52.06 11.69 -21.85
CA ALA T 165 53.18 10.95 -21.28
C ALA T 165 54.43 11.79 -21.42
N VAL T 166 55.12 11.95 -20.31
CA VAL T 166 56.36 12.66 -20.28
C VAL T 166 57.38 11.56 -19.94
N GLY T 167 58.66 11.77 -20.17
CA GLY T 167 59.63 10.68 -20.03
C GLY T 167 61.09 11.08 -20.10
N LYS T 168 61.97 10.08 -20.12
CA LYS T 168 63.39 10.32 -20.17
C LYS T 168 64.01 9.45 -21.27
N ALA T 169 64.67 10.11 -22.22
CA ALA T 169 65.21 9.44 -23.40
C ALA T 169 66.71 9.11 -23.28
N ASP T 170 67.59 10.06 -23.49
CA ASP T 170 69.00 9.70 -23.34
C ASP T 170 69.59 10.56 -22.24
N GLY T 171 68.98 10.45 -21.07
CA GLY T 171 69.28 11.36 -19.97
C GLY T 171 68.49 12.66 -20.12
N VAL T 172 67.81 12.81 -21.26
CA VAL T 172 67.04 14.02 -21.53
C VAL T 172 65.55 13.84 -21.27
N ILE T 173 64.98 14.79 -20.54
CA ILE T 173 63.53 14.77 -20.28
C ILE T 173 62.72 15.26 -21.48
N ILE T 174 61.79 14.43 -21.94
CA ILE T 174 61.07 14.66 -23.19
C ILE T 174 59.56 14.59 -23.02
N LEU T 175 58.84 15.22 -23.95
CA LEU T 175 57.39 15.34 -23.86
C LEU T 175 56.67 14.54 -24.96
N ASP T 176 55.69 13.73 -24.57
CA ASP T 176 54.81 13.02 -25.51
C ASP T 176 55.60 12.00 -26.34
N LEU T 177 55.75 10.79 -25.80
CA LEU T 177 56.65 9.78 -26.38
C LEU T 177 56.14 9.05 -27.63
N ASN T 178 57.07 8.80 -28.57
CA ASN T 178 56.98 7.77 -29.61
C ASN T 178 56.86 6.38 -29.05
N GLU T 179 56.52 5.44 -29.93
CA GLU T 179 56.69 4.04 -29.62
C GLU T 179 58.17 3.73 -29.41
N THR T 180 59.02 4.31 -30.23
CA THR T 180 60.47 4.14 -30.12
C THR T 180 60.99 4.60 -28.75
N GLU T 181 60.53 5.77 -28.31
CA GLU T 181 60.93 6.33 -27.02
C GLU T 181 60.36 5.53 -25.87
N ASP T 182 59.13 5.06 -26.01
CA ASP T 182 58.49 4.19 -25.02
C ASP T 182 59.34 2.93 -24.83
N MET T 183 59.73 2.34 -25.96
CA MET T 183 60.41 1.06 -26.04
C MET T 183 61.83 1.11 -25.50
N TRP T 184 62.53 2.20 -25.77
CA TRP T 184 63.96 2.26 -25.46
C TRP T 184 64.37 3.28 -24.41
N GLY T 185 63.46 4.19 -24.03
CA GLY T 185 63.75 5.22 -23.01
C GLY T 185 63.91 4.66 -21.62
N GLU T 186 64.35 5.51 -20.70
CA GLU T 186 64.53 5.11 -19.29
C GLU T 186 63.26 5.19 -18.46
N ALA T 187 62.33 6.04 -18.90
CA ALA T 187 61.10 6.30 -18.15
C ALA T 187 59.95 6.74 -19.04
N ASP T 188 58.75 6.40 -18.60
CA ASP T 188 57.51 6.73 -19.28
C ASP T 188 56.51 7.07 -18.17
N MET T 189 56.03 8.30 -18.18
CA MET T 189 55.16 8.78 -17.12
C MET T 189 53.91 9.46 -17.69
N PRO T 190 52.86 8.66 -17.99
CA PRO T 190 51.59 9.25 -18.39
C PRO T 190 50.94 10.03 -17.25
N ILE T 191 50.52 11.25 -17.54
CA ILE T 191 49.87 12.14 -16.56
C ILE T 191 48.65 12.76 -17.21
N ALA T 192 47.52 12.75 -16.51
CA ALA T 192 46.29 13.38 -17.00
C ALA T 192 45.66 14.25 -15.93
N MET T 193 45.14 15.42 -16.33
CA MET T 193 44.55 16.35 -15.37
C MET T 193 43.23 16.92 -15.80
N MET T 194 42.51 17.47 -14.83
CA MET T 194 41.47 18.44 -15.07
C MET T 194 42.20 19.76 -14.90
N PRO T 195 42.71 20.32 -16.01
CA PRO T 195 43.63 21.46 -16.00
C PRO T 195 43.16 22.71 -15.27
N SER T 196 41.88 23.07 -15.43
CA SER T 196 41.35 24.28 -14.77
C SER T 196 41.40 24.18 -13.27
N LEU T 197 41.40 22.94 -12.74
CA LEU T 197 41.38 22.68 -11.30
C LEU T 197 42.75 22.30 -10.74
N ASN T 198 43.73 22.12 -11.63
CA ASN T 198 45.02 21.57 -11.25
C ASN T 198 44.92 20.25 -10.50
N GLN T 199 44.00 19.41 -10.95
CA GLN T 199 43.73 18.13 -10.31
C GLN T 199 44.20 17.00 -11.21
N VAL T 200 45.06 16.15 -10.67
CA VAL T 200 45.56 15.00 -11.40
C VAL T 200 44.58 13.86 -11.28
N THR T 201 44.14 13.44 -12.45
CA THR T 201 43.22 12.39 -12.70
C THR T 201 43.90 11.02 -12.90
N LEU T 202 45.02 10.98 -13.61
CA LEU T 202 45.76 9.75 -13.89
C LEU T 202 47.23 10.06 -13.69
N PHE T 203 47.94 9.17 -13.01
CA PHE T 203 49.36 9.36 -12.78
C PHE T 203 50.11 8.05 -12.64
N GLN T 204 50.95 7.75 -13.62
CA GLN T 204 51.71 6.50 -13.61
C GLN T 204 53.13 6.74 -14.07
N LEU T 205 54.06 5.99 -13.51
CA LEU T 205 55.42 5.94 -14.02
C LEU T 205 55.91 4.50 -14.14
N ASN T 206 56.37 4.15 -15.32
CA ASN T 206 57.16 2.94 -15.47
C ASN T 206 58.53 3.34 -15.97
N GLY T 207 59.54 2.58 -15.56
CA GLY T 207 60.91 2.96 -15.81
C GLY T 207 61.55 3.48 -14.54
N SER T 208 62.34 4.53 -14.66
CA SER T 208 63.21 4.92 -13.57
C SER T 208 63.57 6.40 -13.66
N MET T 209 63.47 7.11 -12.54
CA MET T 209 63.79 8.56 -12.49
C MET T 209 64.26 8.98 -11.12
N THR T 210 65.12 10.01 -11.08
CA THR T 210 65.48 10.64 -9.82
C THR T 210 64.34 11.55 -9.44
N PRO T 211 64.17 11.83 -8.13
CA PRO T 211 63.16 12.81 -7.71
C PRO T 211 63.23 14.15 -8.47
N ASP T 212 64.44 14.67 -8.71
CA ASP T 212 64.61 15.88 -9.50
C ASP T 212 64.08 15.74 -10.91
N GLU T 213 64.46 14.66 -11.58
CA GLU T 213 63.98 14.36 -12.92
C GLU T 213 62.46 14.24 -12.93
N PHE T 214 61.91 13.54 -11.94
CA PHE T 214 60.48 13.38 -11.77
C PHE T 214 59.81 14.74 -11.68
N ARG T 215 60.38 15.65 -10.90
CA ARG T 215 59.82 16.98 -10.78
C ARG T 215 59.92 17.80 -12.07
N GLN T 216 61.03 17.68 -12.80
CA GLN T 216 61.20 18.37 -14.08
C GLN T 216 60.18 17.88 -15.08
N ALA T 217 60.07 16.56 -15.18
CA ALA T 217 59.20 15.92 -16.15
C ALA T 217 57.76 16.34 -15.88
N PHE T 218 57.42 16.37 -14.61
CA PHE T 218 56.11 16.77 -14.16
C PHE T 218 55.77 18.19 -14.64
N ASP T 219 56.69 19.12 -14.48
CA ASP T 219 56.52 20.48 -14.96
C ASP T 219 56.28 20.53 -16.46
N LEU T 220 57.04 19.74 -17.21
CA LEU T 220 56.92 19.69 -18.65
C LEU T 220 55.54 19.17 -19.08
N ALA T 221 55.06 18.12 -18.40
CA ALA T 221 53.75 17.55 -18.70
C ALA T 221 52.64 18.58 -18.55
N VAL T 222 52.77 19.45 -17.54
CA VAL T 222 51.75 20.46 -17.30
C VAL T 222 51.67 21.40 -18.49
N LYS T 223 52.81 21.84 -19.00
CA LYS T 223 52.82 22.75 -20.14
C LYS T 223 52.18 22.10 -21.36
N GLY T 224 52.52 20.83 -21.59
CA GLY T 224 51.92 20.06 -22.67
C GLY T 224 50.42 19.97 -22.51
N ILE T 225 50.00 19.54 -21.32
CA ILE T 225 48.59 19.35 -21.00
C ILE T 225 47.78 20.64 -21.26
N ASN T 226 48.34 21.78 -20.87
CA ASN T 226 47.65 23.04 -21.06
C ASN T 226 47.41 23.38 -22.52
N ILE T 227 48.34 23.01 -23.40
CA ILE T 227 48.16 23.22 -24.82
C ILE T 227 47.06 22.31 -25.37
N ILE T 228 47.08 21.04 -24.95
CA ILE T 228 46.08 20.08 -25.37
C ILE T 228 44.70 20.53 -24.90
N TYR T 229 44.64 21.03 -23.67
CA TYR T 229 43.39 21.47 -23.07
C TYR T 229 42.72 22.57 -23.89
N ASN T 230 43.48 23.57 -24.34
CA ASN T 230 42.92 24.61 -25.17
C ASN T 230 42.34 24.07 -26.46
N LEU T 231 42.92 23.00 -26.97
CA LEU T 231 42.43 22.38 -28.18
C LEU T 231 41.15 21.62 -27.93
N GLU T 232 41.06 20.98 -26.75
CA GLU T 232 39.84 20.30 -26.35
C GLU T 232 38.70 21.28 -26.23
N ARG T 233 38.95 22.42 -25.59
CA ARG T 233 37.97 23.48 -25.47
C ARG T 233 37.47 23.94 -26.83
N GLU T 234 38.40 24.06 -27.76
CA GLU T 234 38.15 24.49 -29.12
C GLU T 234 37.21 23.47 -29.77
N ALA T 235 37.64 22.21 -29.70
CA ALA T 235 36.93 21.08 -30.31
C ALA T 235 35.48 20.99 -29.83
N LEU T 236 35.23 21.46 -28.61
CA LEU T 236 33.92 21.43 -28.01
C LEU T 236 33.00 22.40 -28.75
N LYS T 237 33.54 23.54 -29.15
CA LYS T 237 32.76 24.55 -29.87
C LYS T 237 32.60 24.20 -31.35
N SER T 238 33.71 23.90 -32.03
CA SER T 238 33.70 23.74 -33.48
C SER T 238 33.55 22.32 -33.97
N LYS T 239 33.64 21.35 -33.05
CA LYS T 239 33.45 19.92 -33.33
C LYS T 239 34.60 19.26 -34.07
N TYR T 240 35.53 20.07 -34.58
CA TYR T 240 36.68 19.59 -35.35
C TYR T 240 37.91 20.48 -35.15
N VAL T 241 39.03 19.87 -34.75
CA VAL T 241 40.26 20.63 -34.49
C VAL T 241 41.51 19.90 -35.00
N GLU T 242 42.35 20.63 -35.74
CA GLU T 242 43.67 20.15 -36.17
C GLU T 242 44.75 21.06 -35.65
N PHE T 243 45.85 20.46 -35.22
CA PHE T 243 46.97 21.18 -34.65
C PHE T 243 48.26 20.53 -35.08
N LYS T 244 49.09 21.29 -35.81
CA LYS T 244 50.39 20.82 -36.27
C LYS T 244 51.38 20.85 -35.10
N GLU T 245 52.35 19.93 -35.10
CA GLU T 245 53.41 19.86 -34.07
C GLU T 245 53.98 21.22 -33.69
N GLU T 246 54.18 21.46 -32.40
CA GLU T 246 55.00 22.61 -31.97
C GLU T 246 55.41 22.66 -30.50
N GLY T 247 56.40 23.53 -30.26
CA GLY T 247 57.02 23.73 -28.96
C GLY T 247 56.09 24.23 -27.88
N VAL T 248 56.26 23.66 -26.69
CA VAL T 248 55.50 24.02 -25.51
C VAL T 248 55.93 25.37 -24.93
N MET U 1 34.02 -21.56 -6.70
CA MET U 1 33.05 -21.50 -5.55
C MET U 1 31.80 -22.43 -5.65
N SER U 2 31.57 -23.25 -4.63
CA SER U 2 30.43 -24.16 -4.60
C SER U 2 29.36 -23.65 -3.64
N SER U 3 28.11 -23.59 -4.10
CA SER U 3 27.04 -23.06 -3.27
C SER U 3 25.73 -23.86 -3.32
N THR U 4 24.98 -23.79 -2.22
CA THR U 4 23.72 -24.50 -2.08
C THR U 4 22.80 -24.18 -3.25
N PRO U 5 22.38 -25.21 -3.99
CA PRO U 5 21.56 -25.00 -5.17
C PRO U 5 20.25 -24.28 -4.84
N SER U 6 20.00 -23.15 -5.49
CA SER U 6 18.80 -22.34 -5.25
C SER U 6 17.57 -22.80 -6.05
N ASN U 7 17.80 -23.70 -7.01
CA ASN U 7 16.75 -24.18 -7.89
C ASN U 7 15.97 -25.39 -7.38
N GLN U 8 16.54 -26.20 -6.48
CA GLN U 8 15.90 -27.49 -6.11
C GLN U 8 14.36 -27.44 -5.88
N ASN U 9 13.72 -28.59 -6.00
CA ASN U 9 12.26 -28.66 -5.87
C ASN U 9 11.83 -29.06 -4.46
N ILE U 10 11.92 -28.11 -3.52
CA ILE U 10 11.49 -28.37 -2.13
C ILE U 10 10.18 -29.17 -2.11
N ILE U 11 10.21 -30.30 -1.40
CA ILE U 11 9.12 -31.29 -1.39
C ILE U 11 8.40 -31.30 -0.02
N PRO U 12 7.09 -30.93 -0.03
CA PRO U 12 6.34 -30.63 1.21
C PRO U 12 6.42 -31.77 2.23
N ILE U 13 6.47 -31.40 3.50
CA ILE U 13 6.56 -32.37 4.60
C ILE U 13 5.47 -33.44 4.47
N ILE U 14 4.29 -33.02 4.01
CA ILE U 14 3.12 -33.88 3.85
C ILE U 14 3.39 -35.01 2.86
N LYS U 15 4.13 -34.72 1.79
CA LYS U 15 4.46 -35.73 0.81
C LYS U 15 5.54 -36.68 1.30
N LYS U 16 6.51 -36.13 2.03
CA LYS U 16 7.57 -36.93 2.62
C LYS U 16 7.00 -37.97 3.58
N GLU U 17 6.02 -37.56 4.39
CA GLU U 17 5.38 -38.46 5.34
C GLU U 17 4.64 -39.62 4.66
N SER U 18 4.01 -39.35 3.53
CA SER U 18 3.36 -40.39 2.73
C SER U 18 4.33 -41.48 2.39
N ILE U 19 5.49 -41.06 1.87
CA ILE U 19 6.52 -41.96 1.43
C ILE U 19 7.08 -42.74 2.62
N VAL U 20 7.38 -42.02 3.70
CA VAL U 20 7.90 -42.64 4.91
C VAL U 20 6.88 -43.64 5.48
N SER U 21 5.60 -43.32 5.43
CA SER U 21 4.58 -44.24 5.89
C SER U 21 4.58 -45.57 5.12
N LEU U 22 4.90 -45.50 3.84
CA LEU U 22 4.98 -46.69 3.00
C LEU U 22 6.22 -47.48 3.38
N PHE U 23 7.33 -46.77 3.54
CA PHE U 23 8.60 -47.37 3.98
C PHE U 23 8.40 -48.18 5.25
N GLU U 24 7.55 -47.70 6.14
CA GLU U 24 7.35 -48.33 7.41
C GLU U 24 6.66 -49.68 7.29
N LYS U 25 5.88 -49.84 6.23
CA LYS U 25 5.29 -51.12 5.87
C LYS U 25 6.19 -51.89 4.91
N GLY U 26 7.39 -51.37 4.68
CA GLY U 26 8.40 -52.07 3.89
C GLY U 26 8.13 -52.07 2.39
N ILE U 27 7.40 -51.07 1.94
CA ILE U 27 7.08 -50.94 0.53
C ILE U 27 7.32 -49.50 0.05
N ARG U 28 7.43 -49.33 -1.26
CA ARG U 28 7.65 -48.02 -1.85
C ARG U 28 6.54 -47.63 -2.78
N GLN U 29 6.55 -46.38 -3.24
CA GLN U 29 5.52 -45.83 -4.13
C GLN U 29 5.27 -46.72 -5.34
N ASP U 30 6.35 -47.10 -6.02
CA ASP U 30 6.26 -47.90 -7.24
C ASP U 30 6.10 -49.39 -6.99
N GLY U 31 5.98 -49.76 -5.71
CA GLY U 31 5.69 -51.12 -5.32
C GLY U 31 6.87 -51.99 -4.97
N ARG U 32 8.09 -51.50 -5.17
CA ARG U 32 9.26 -52.34 -4.89
C ARG U 32 9.66 -52.37 -3.43
N LYS U 33 10.46 -53.37 -3.07
CA LYS U 33 11.02 -53.50 -1.73
C LYS U 33 12.11 -52.47 -1.50
N LEU U 34 12.47 -52.24 -0.24
CA LEU U 34 13.48 -51.24 0.09
C LEU U 34 14.84 -51.57 -0.51
N THR U 35 15.07 -52.84 -0.83
CA THR U 35 16.37 -53.27 -1.34
C THR U 35 16.37 -53.54 -2.85
N ASP U 36 15.24 -53.29 -3.52
CA ASP U 36 15.07 -53.58 -4.94
C ASP U 36 15.61 -52.50 -5.87
N TYR U 37 16.21 -52.94 -6.98
CA TYR U 37 16.54 -52.02 -8.07
C TYR U 37 15.33 -51.83 -8.95
N ARG U 38 15.28 -50.71 -9.66
CA ARG U 38 14.24 -50.48 -10.67
C ARG U 38 14.51 -51.37 -11.89
N PRO U 39 13.52 -51.47 -12.82
CA PRO U 39 13.76 -52.25 -14.06
C PRO U 39 14.89 -51.65 -14.89
N LEU U 40 15.73 -52.52 -15.44
CA LEU U 40 16.92 -52.10 -16.17
C LEU U 40 16.88 -52.50 -17.66
N SER U 41 17.02 -51.51 -18.54
CA SER U 41 17.23 -51.77 -19.97
C SER U 41 18.61 -51.31 -20.38
N ILE U 42 19.26 -52.13 -21.21
CA ILE U 42 20.48 -51.70 -21.85
C ILE U 42 20.38 -52.02 -23.33
N THR U 43 20.60 -51.00 -24.16
CA THR U 43 20.66 -51.15 -25.61
C THR U 43 22.06 -50.81 -26.07
N LEU U 44 22.76 -51.82 -26.57
CA LEU U 44 24.14 -51.64 -27.01
C LEU U 44 24.17 -51.10 -28.42
N ASP U 45 25.28 -50.45 -28.77
CA ASP U 45 25.47 -49.92 -30.11
C ASP U 45 24.33 -48.99 -30.54
N TYR U 46 23.84 -48.19 -29.59
CA TYR U 46 22.78 -47.23 -29.86
C TYR U 46 23.26 -46.05 -30.71
N ALA U 47 24.44 -45.51 -30.37
CA ALA U 47 25.04 -44.41 -31.13
C ALA U 47 25.98 -44.99 -32.17
N LYS U 48 25.52 -45.07 -33.42
CA LYS U 48 26.23 -45.82 -34.46
C LYS U 48 27.64 -45.35 -34.78
N LYS U 49 27.88 -44.05 -34.67
CA LYS U 49 29.18 -43.50 -35.00
C LYS U 49 30.13 -43.45 -33.81
N ALA U 50 29.67 -43.94 -32.66
CA ALA U 50 30.56 -44.22 -31.52
C ALA U 50 31.29 -45.54 -31.77
N ASP U 51 32.46 -45.68 -31.17
CA ASP U 51 33.22 -46.93 -31.27
C ASP U 51 32.53 -48.03 -30.47
N GLY U 52 31.93 -47.63 -29.35
CA GLY U 52 31.05 -48.50 -28.58
C GLY U 52 30.09 -47.60 -27.83
N SER U 53 28.85 -48.06 -27.62
CA SER U 53 27.84 -47.24 -26.93
C SER U 53 26.79 -48.08 -26.22
N ALA U 54 26.11 -47.45 -25.27
CA ALA U 54 25.04 -48.09 -24.51
C ALA U 54 24.00 -47.08 -24.06
N LEU U 55 22.73 -47.39 -24.31
CA LEU U 55 21.61 -46.60 -23.80
C LEU U 55 21.01 -47.34 -22.63
N VAL U 56 21.09 -46.76 -21.44
CA VAL U 56 20.65 -47.43 -20.24
C VAL U 56 19.39 -46.76 -19.72
N LYS U 57 18.34 -47.55 -19.52
CA LYS U 57 17.16 -47.08 -18.82
C LYS U 57 17.08 -47.78 -17.48
N LEU U 58 17.24 -47.01 -16.41
CA LEU U 58 17.07 -47.48 -15.06
C LEU U 58 15.91 -46.71 -14.49
N GLY U 59 14.76 -47.36 -14.44
CA GLY U 59 13.52 -46.66 -14.10
C GLY U 59 13.27 -45.64 -15.18
N THR U 60 13.14 -44.38 -14.78
CA THR U 60 12.94 -43.29 -15.72
C THR U 60 14.23 -42.52 -15.98
N THR U 61 15.33 -42.96 -15.37
CA THR U 61 16.64 -42.36 -15.65
C THR U 61 17.22 -42.91 -16.95
N MET U 62 17.58 -42.03 -17.87
CA MET U 62 18.19 -42.48 -19.13
C MET U 62 19.55 -41.88 -19.36
N VAL U 63 20.50 -42.75 -19.66
CA VAL U 63 21.86 -42.33 -19.89
C VAL U 63 22.37 -42.98 -21.17
N LEU U 64 22.99 -42.16 -22.03
CA LEU U 64 23.67 -42.68 -23.21
C LEU U 64 25.15 -42.42 -23.08
N ALA U 65 25.93 -43.50 -23.04
CA ALA U 65 27.38 -43.40 -22.99
C ALA U 65 27.93 -43.84 -24.32
N GLY U 66 28.99 -43.16 -24.78
CA GLY U 66 29.65 -43.55 -26.03
C GLY U 66 31.14 -43.38 -25.92
N THR U 67 31.88 -44.28 -26.57
CA THR U 67 33.34 -44.21 -26.58
C THR U 67 33.87 -43.77 -27.94
N LYS U 68 35.08 -43.21 -27.92
CA LYS U 68 35.77 -42.78 -29.12
C LYS U 68 37.26 -42.93 -28.86
N LEU U 69 37.93 -43.69 -29.72
CA LEU U 69 39.36 -43.98 -29.53
C LEU U 69 40.25 -43.17 -30.46
N GLU U 70 41.36 -42.68 -29.91
CA GLU U 70 42.30 -41.88 -30.67
C GLU U 70 43.73 -42.26 -30.32
N ILE U 71 44.63 -42.06 -31.28
CA ILE U 71 46.03 -42.33 -31.06
C ILE U 71 46.73 -41.06 -30.62
N ASP U 72 47.36 -41.12 -29.46
CA ASP U 72 48.12 -40.00 -28.90
C ASP U 72 49.50 -40.44 -28.45
N LYS U 73 50.44 -39.49 -28.37
CA LYS U 73 51.67 -39.73 -27.65
C LYS U 73 51.28 -39.88 -26.18
N PRO U 74 51.93 -40.78 -25.43
CA PRO U 74 51.59 -40.92 -24.01
C PRO U 74 52.15 -39.74 -23.21
N TYR U 75 51.74 -39.59 -21.94
CA TYR U 75 52.32 -38.54 -21.08
C TYR U 75 53.76 -38.91 -20.69
N GLU U 76 54.62 -37.91 -20.56
CA GLU U 76 56.01 -38.15 -20.14
C GLU U 76 56.08 -39.01 -18.87
N ASP U 77 55.15 -38.74 -17.93
CA ASP U 77 55.07 -39.51 -16.69
C ASP U 77 54.78 -40.99 -16.94
N THR U 78 53.89 -41.28 -17.89
CA THR U 78 53.34 -42.64 -18.08
C THR U 78 53.51 -43.15 -19.52
N PRO U 79 54.75 -43.52 -19.91
CA PRO U 79 55.04 -43.88 -21.30
C PRO U 79 54.45 -45.22 -21.74
N ASN U 80 54.15 -46.10 -20.80
CA ASN U 80 53.60 -47.42 -21.12
C ASN U 80 52.18 -47.56 -20.66
N GLN U 81 51.40 -46.49 -20.85
CA GLN U 81 49.98 -46.52 -20.55
C GLN U 81 49.17 -45.76 -21.57
N GLY U 82 47.98 -46.27 -21.85
CA GLY U 82 46.98 -45.54 -22.61
C GLY U 82 46.20 -44.62 -21.70
N ASN U 83 45.22 -43.92 -22.24
CA ASN U 83 44.47 -42.96 -21.46
C ASN U 83 42.99 -43.27 -21.40
N LEU U 84 42.38 -42.95 -20.27
CA LEU U 84 40.93 -42.94 -20.12
C LEU U 84 40.51 -41.53 -19.72
N ILE U 85 39.60 -40.95 -20.49
CA ILE U 85 39.04 -39.64 -20.16
C ILE U 85 37.52 -39.71 -20.09
N VAL U 86 36.99 -39.52 -18.88
CA VAL U 86 35.56 -39.63 -18.66
C VAL U 86 34.91 -38.25 -18.58
N ASN U 87 33.82 -38.09 -19.31
CA ASN U 87 33.08 -36.84 -19.28
C ASN U 87 31.59 -37.10 -19.15
N VAL U 88 30.95 -36.36 -18.26
CA VAL U 88 29.50 -36.51 -18.01
C VAL U 88 28.81 -35.19 -18.28
N GLU U 89 27.66 -35.26 -18.97
CA GLU U 89 26.83 -34.07 -19.17
C GLU U 89 25.39 -34.33 -18.74
N LEU U 90 24.88 -33.40 -17.93
CA LEU U 90 23.49 -33.43 -17.49
C LEU U 90 22.75 -32.43 -18.35
N LEU U 91 21.76 -32.89 -19.10
CA LEU U 91 21.10 -32.01 -20.09
C LEU U 91 19.80 -31.33 -19.64
N PRO U 92 18.92 -32.04 -18.90
CA PRO U 92 17.58 -31.52 -18.57
C PRO U 92 17.51 -30.14 -17.88
N ASP U 104 29.62 -28.37 -15.12
CA ASP U 104 28.59 -28.19 -14.10
C ASP U 104 29.13 -28.18 -12.66
N GLU U 105 29.32 -29.38 -12.07
CA GLU U 105 29.78 -29.57 -10.66
C GLU U 105 29.32 -30.95 -10.23
N ASN U 106 28.03 -31.20 -10.41
CA ASN U 106 27.49 -32.54 -10.23
C ASN U 106 27.93 -33.42 -11.38
N ALA U 107 28.01 -32.83 -12.57
CA ALA U 107 28.53 -33.51 -13.74
C ALA U 107 30.01 -33.87 -13.54
N ILE U 108 30.79 -32.94 -12.97
CA ILE U 108 32.19 -33.22 -12.68
C ILE U 108 32.33 -34.33 -11.63
N GLU U 109 31.59 -34.23 -10.53
CA GLU U 109 31.60 -35.29 -9.52
C GLU U 109 31.30 -36.67 -10.12
N LEU U 110 30.22 -36.75 -10.89
CA LEU U 110 29.80 -38.01 -11.50
C LEU U 110 30.92 -38.58 -12.37
N ALA U 111 31.49 -37.74 -13.22
CA ALA U 111 32.61 -38.15 -14.07
C ALA U 111 33.74 -38.73 -13.24
N ARG U 112 34.18 -37.98 -12.22
CA ARG U 112 35.30 -38.40 -11.40
C ARG U 112 35.00 -39.68 -10.62
N VAL U 113 33.81 -39.79 -10.05
CA VAL U 113 33.44 -40.98 -9.30
C VAL U 113 33.45 -42.21 -10.20
N VAL U 114 32.86 -42.09 -11.40
CA VAL U 114 32.86 -43.16 -12.40
C VAL U 114 34.29 -43.49 -12.80
N ASP U 115 35.05 -42.47 -13.17
CA ASP U 115 36.45 -42.62 -13.56
C ASP U 115 37.20 -43.44 -12.52
N ARG U 116 37.17 -42.96 -11.29
CA ARG U 116 37.86 -43.59 -10.17
C ARG U 116 37.51 -45.06 -10.01
N SER U 117 36.24 -45.39 -10.22
CA SER U 117 35.84 -46.78 -10.01
C SER U 117 36.23 -47.67 -11.20
N LEU U 118 36.38 -47.08 -12.38
CA LEU U 118 36.91 -47.82 -13.52
C LEU U 118 38.43 -47.99 -13.44
N ARG U 119 39.10 -46.93 -13.01
CA ARG U 119 40.55 -46.87 -12.97
C ARG U 119 41.14 -47.65 -11.81
N ASP U 120 40.65 -47.39 -10.59
CA ASP U 120 41.18 -48.02 -9.39
C ASP U 120 40.90 -49.52 -9.32
N SER U 121 39.80 -49.95 -9.93
CA SER U 121 39.45 -51.36 -10.00
C SER U 121 40.29 -52.11 -11.01
N LYS U 122 40.97 -51.36 -11.90
CA LYS U 122 41.68 -51.98 -13.02
C LYS U 122 40.69 -52.82 -13.84
N ALA U 123 39.50 -52.28 -14.06
CA ALA U 123 38.52 -52.93 -14.90
C ALA U 123 38.98 -52.78 -16.34
N LEU U 124 39.49 -51.59 -16.67
CA LEU U 124 40.11 -51.36 -17.96
C LEU U 124 41.60 -51.29 -17.70
N ASP U 125 42.36 -52.15 -18.38
CA ASP U 125 43.80 -52.21 -18.19
C ASP U 125 44.48 -51.24 -19.15
N LEU U 126 44.86 -50.08 -18.62
CA LEU U 126 45.46 -49.03 -19.44
C LEU U 126 46.81 -49.38 -20.03
N THR U 127 47.54 -50.27 -19.37
CA THR U 127 48.88 -50.67 -19.81
C THR U 127 48.81 -51.52 -21.08
N LYS U 128 47.62 -52.06 -21.36
CA LYS U 128 47.37 -52.84 -22.57
C LYS U 128 46.80 -52.00 -23.71
N LEU U 129 46.85 -50.68 -23.56
CA LEU U 129 46.40 -49.76 -24.60
C LEU U 129 47.59 -49.12 -25.32
N VAL U 130 48.77 -49.67 -25.09
CA VAL U 130 49.98 -49.16 -25.72
C VAL U 130 50.12 -49.76 -27.11
N ILE U 131 50.46 -48.92 -28.07
CA ILE U 131 50.73 -49.37 -29.44
C ILE U 131 52.26 -49.45 -29.63
N GLU U 132 52.93 -48.30 -29.63
CA GLU U 132 54.37 -48.24 -29.53
C GLU U 132 54.70 -47.50 -28.24
N PRO U 133 55.37 -48.19 -27.28
CA PRO U 133 55.71 -47.64 -25.97
C PRO U 133 56.50 -46.35 -26.08
N GLY U 134 56.02 -45.30 -25.42
CA GLY U 134 56.69 -44.00 -25.44
C GLY U 134 56.37 -43.14 -26.65
N LYS U 135 55.98 -43.78 -27.76
CA LYS U 135 55.61 -43.07 -29.00
C LYS U 135 54.08 -42.89 -29.19
N SER U 136 53.31 -43.98 -29.07
CA SER U 136 51.87 -43.92 -29.37
C SER U 136 50.99 -44.90 -28.58
N VAL U 137 49.93 -44.35 -27.98
CA VAL U 137 48.97 -45.14 -27.20
C VAL U 137 47.52 -44.76 -27.55
N TRP U 138 46.57 -45.60 -27.15
CA TRP U 138 45.15 -45.29 -27.32
C TRP U 138 44.66 -44.36 -26.21
N THR U 139 43.91 -43.34 -26.59
CA THR U 139 43.11 -42.57 -25.63
C THR U 139 41.66 -42.98 -25.78
N VAL U 140 41.08 -43.43 -24.68
CA VAL U 140 39.68 -43.82 -24.67
C VAL U 140 38.85 -42.67 -24.12
N TRP U 141 38.15 -41.98 -25.02
CA TRP U 141 37.24 -40.93 -24.63
C TRP U 141 35.90 -41.57 -24.32
N LEU U 142 35.50 -41.48 -23.06
CA LEU U 142 34.19 -41.94 -22.62
C LEU U 142 33.31 -40.73 -22.35
N ASP U 143 32.26 -40.55 -23.16
CA ASP U 143 31.32 -39.44 -22.97
C ASP U 143 29.96 -39.95 -22.58
N VAL U 144 29.51 -39.51 -21.41
CA VAL U 144 28.27 -40.01 -20.81
C VAL U 144 27.23 -38.91 -20.77
N TYR U 145 26.12 -39.12 -21.46
CA TYR U 145 25.06 -38.11 -21.55
C TYR U 145 23.79 -38.52 -20.79
N VAL U 146 23.46 -37.77 -19.74
CA VAL U 146 22.26 -38.04 -18.98
C VAL U 146 21.13 -37.35 -19.71
N LEU U 147 20.21 -38.13 -20.26
CA LEU U 147 19.16 -37.59 -21.12
C LEU U 147 17.88 -37.37 -20.36
N ASP U 148 17.65 -38.17 -19.32
CA ASP U 148 16.42 -38.12 -18.55
C ASP U 148 16.80 -38.30 -17.09
N TYR U 149 16.48 -37.29 -16.26
CA TYR U 149 16.85 -37.32 -14.84
C TYR U 149 15.74 -37.93 -14.02
N GLY U 150 15.85 -39.22 -13.70
CA GLY U 150 14.82 -39.89 -12.90
C GLY U 150 15.32 -40.39 -11.54
N GLY U 151 16.40 -39.82 -11.04
CA GLY U 151 16.97 -40.26 -9.78
C GLY U 151 18.03 -41.34 -9.91
N ASN U 152 18.99 -41.34 -8.99
CA ASN U 152 20.11 -42.27 -8.98
C ASN U 152 20.89 -42.31 -10.32
N VAL U 153 21.24 -41.12 -10.78
CA VAL U 153 21.99 -40.93 -12.01
C VAL U 153 23.35 -41.63 -12.01
N LEU U 154 24.04 -41.63 -10.87
CA LEU U 154 25.35 -42.26 -10.76
C LEU U 154 25.37 -43.75 -11.14
N ASP U 155 24.45 -44.52 -10.57
CA ASP U 155 24.44 -45.94 -10.82
C ASP U 155 24.19 -46.20 -12.30
N ALA U 156 23.31 -45.38 -12.87
CA ALA U 156 22.99 -45.47 -14.29
C ALA U 156 24.22 -45.12 -15.15
N CYS U 157 24.96 -44.09 -14.72
CA CYS U 157 26.18 -43.68 -15.41
C CYS U 157 27.24 -44.78 -15.42
N THR U 158 27.42 -45.44 -14.28
CA THR U 158 28.39 -46.54 -14.18
C THR U 158 27.97 -47.68 -15.10
N LEU U 159 26.68 -48.01 -15.08
CA LEU U 159 26.15 -49.07 -15.95
C LEU U 159 26.36 -48.73 -17.42
N ALA U 160 26.02 -47.51 -17.82
CA ALA U 160 26.22 -47.05 -19.19
C ALA U 160 27.68 -47.07 -19.60
N SER U 161 28.54 -46.59 -18.71
CA SER U 161 29.97 -46.53 -18.94
C SER U 161 30.57 -47.91 -19.20
N VAL U 162 30.30 -48.82 -18.27
CA VAL U 162 30.81 -50.19 -18.37
C VAL U 162 30.29 -50.85 -19.65
N ALA U 163 29.00 -50.70 -19.91
CA ALA U 163 28.39 -51.26 -21.10
C ALA U 163 29.00 -50.69 -22.38
N ALA U 164 29.20 -49.37 -22.42
CA ALA U 164 29.81 -48.74 -23.59
C ALA U 164 31.23 -49.24 -23.83
N LEU U 165 32.00 -49.41 -22.76
CA LEU U 165 33.36 -49.94 -22.86
C LEU U 165 33.36 -51.36 -23.45
N TYR U 166 32.47 -52.20 -22.94
CA TYR U 166 32.36 -53.56 -23.43
C TYR U 166 31.91 -53.61 -24.88
N ASN U 167 31.14 -52.62 -25.30
CA ASN U 167 30.62 -52.56 -26.64
C ASN U 167 31.64 -52.01 -27.64
N THR U 168 32.77 -51.51 -27.12
CA THR U 168 33.78 -50.82 -27.94
C THR U 168 34.56 -51.74 -28.88
N LYS U 169 34.59 -51.36 -30.15
CA LYS U 169 35.38 -52.00 -31.18
C LYS U 169 36.71 -51.26 -31.30
N VAL U 170 37.80 -52.02 -31.35
CA VAL U 170 39.11 -51.45 -31.63
C VAL U 170 39.46 -51.73 -33.09
N TYR U 171 40.04 -50.74 -33.76
CA TYR U 171 40.33 -50.84 -35.19
C TYR U 171 41.80 -51.16 -35.53
N LYS U 172 42.05 -51.46 -36.80
CA LYS U 172 43.39 -51.82 -37.28
C LYS U 172 44.31 -50.61 -37.25
N VAL U 173 45.57 -50.86 -36.90
CA VAL U 173 46.57 -49.81 -36.87
C VAL U 173 47.56 -49.97 -38.03
N GLU U 174 47.52 -49.04 -38.98
CA GLU U 174 48.44 -49.03 -40.13
C GLU U 174 49.70 -48.21 -39.79
N GLN U 175 50.85 -48.89 -39.83
CA GLN U 175 52.16 -48.28 -39.53
C GLN U 175 53.10 -48.34 -40.73
N ILE U 180 50.53 -44.87 -36.88
CA ILE U 180 50.49 -43.74 -37.82
C ILE U 180 49.07 -43.47 -38.32
N SER U 181 48.37 -44.51 -38.77
CA SER U 181 47.00 -44.38 -39.30
C SER U 181 46.04 -45.43 -38.74
N VAL U 182 44.79 -45.03 -38.51
CA VAL U 182 43.73 -45.93 -38.07
C VAL U 182 42.85 -46.31 -39.26
N ASN U 183 42.68 -47.61 -39.50
CA ASN U 183 41.81 -48.10 -40.56
C ASN U 183 40.43 -48.51 -40.02
N LYS U 184 39.47 -47.60 -40.12
CA LYS U 184 38.21 -47.73 -39.40
C LYS U 184 37.16 -48.72 -39.96
N ASN U 185 37.53 -49.47 -41.00
CA ASN U 185 36.63 -50.52 -41.50
C ASN U 185 37.22 -51.93 -41.42
N GLU U 186 38.28 -52.06 -40.61
CA GLU U 186 38.75 -53.35 -40.17
C GLU U 186 38.76 -53.39 -38.63
N VAL U 187 37.75 -54.04 -38.06
CA VAL U 187 37.66 -54.25 -36.60
C VAL U 187 38.65 -55.34 -36.19
N VAL U 188 39.56 -54.98 -35.30
CA VAL U 188 40.65 -55.86 -34.90
C VAL U 188 40.39 -56.60 -33.59
N GLY U 189 39.68 -55.96 -32.67
CA GLY U 189 39.38 -56.57 -31.36
C GLY U 189 38.52 -55.75 -30.44
N LYS U 190 38.66 -56.00 -29.14
CA LYS U 190 37.88 -55.31 -28.11
C LYS U 190 38.79 -54.62 -27.10
N LEU U 191 38.21 -53.83 -26.22
CA LEU U 191 38.98 -53.19 -25.15
C LEU U 191 39.55 -54.20 -24.16
N PRO U 192 40.76 -53.95 -23.62
CA PRO U 192 41.35 -54.84 -22.60
C PRO U 192 40.61 -54.68 -21.26
N LEU U 193 39.45 -55.31 -21.16
CA LEU U 193 38.62 -55.23 -19.97
C LEU U 193 38.78 -56.47 -19.11
N ASN U 194 39.07 -56.27 -17.84
CA ASN U 194 39.22 -57.37 -16.89
C ASN U 194 37.88 -57.91 -16.37
N TYR U 195 36.96 -57.00 -16.10
CA TYR U 195 35.65 -57.35 -15.57
C TYR U 195 34.74 -56.13 -15.59
N PRO U 196 33.41 -56.35 -15.52
CA PRO U 196 32.53 -55.23 -15.27
C PRO U 196 32.68 -54.71 -13.84
N VAL U 197 32.06 -53.57 -13.57
CA VAL U 197 32.06 -52.96 -12.26
C VAL U 197 30.64 -52.41 -12.08
N VAL U 198 30.12 -52.46 -10.85
CA VAL U 198 28.84 -51.80 -10.58
C VAL U 198 28.97 -50.83 -9.41
N THR U 199 28.16 -49.78 -9.45
CA THR U 199 28.04 -48.85 -8.34
C THR U 199 26.63 -48.96 -7.81
N ILE U 200 26.52 -49.18 -6.52
CA ILE U 200 25.21 -49.28 -5.89
C ILE U 200 25.00 -48.14 -4.90
N SER U 201 23.93 -47.39 -5.09
CA SER U 201 23.63 -46.24 -4.24
C SER U 201 22.54 -46.57 -3.23
N VAL U 202 22.83 -46.33 -1.94
CA VAL U 202 21.87 -46.59 -0.87
C VAL U 202 21.53 -45.27 -0.21
N ALA U 203 20.24 -44.92 -0.23
CA ALA U 203 19.78 -43.64 0.32
C ALA U 203 19.24 -43.82 1.75
N LYS U 204 19.62 -42.89 2.62
CA LYS U 204 19.02 -42.82 3.94
C LYS U 204 17.85 -41.86 3.87
N VAL U 205 16.67 -42.38 4.16
CA VAL U 205 15.48 -41.54 4.27
C VAL U 205 14.91 -41.81 5.64
N ASP U 206 14.81 -40.76 6.46
CA ASP U 206 14.32 -40.93 7.83
C ASP U 206 15.18 -42.00 8.48
N LYS U 207 14.57 -43.06 8.98
CA LYS U 207 15.33 -44.14 9.61
C LYS U 207 15.47 -45.36 8.70
N TYR U 208 15.25 -45.18 7.40
CA TYR U 208 15.24 -46.30 6.46
C TYR U 208 16.37 -46.19 5.44
N LEU U 209 16.82 -47.34 4.97
CA LEU U 209 17.79 -47.40 3.90
C LEU U 209 17.14 -48.00 2.68
N VAL U 210 17.36 -47.35 1.55
CA VAL U 210 16.64 -47.64 0.34
C VAL U 210 17.63 -47.75 -0.83
N VAL U 211 17.54 -48.84 -1.57
CA VAL U 211 18.42 -49.09 -2.72
C VAL U 211 17.89 -48.44 -3.99
N ASP U 212 18.77 -47.83 -4.77
CA ASP U 212 18.39 -47.18 -6.02
C ASP U 212 17.24 -46.18 -5.84
N PRO U 213 17.51 -45.03 -5.20
CA PRO U 213 16.45 -44.04 -4.93
C PRO U 213 15.92 -43.38 -6.19
N ASP U 214 14.59 -43.27 -6.33
CA ASP U 214 14.03 -42.56 -7.48
C ASP U 214 14.02 -41.06 -7.23
N LEU U 215 13.42 -40.31 -8.17
CA LEU U 215 13.39 -38.87 -8.12
C LEU U 215 12.81 -38.34 -6.81
N ASP U 216 11.61 -38.80 -6.46
CA ASP U 216 10.98 -38.38 -5.21
C ASP U 216 11.84 -38.76 -4.01
N GLU U 217 12.36 -39.97 -4.03
CA GLU U 217 13.15 -40.48 -2.92
C GLU U 217 14.41 -39.66 -2.70
N GLU U 218 15.07 -39.27 -3.81
CA GLU U 218 16.27 -38.44 -3.71
C GLU U 218 15.96 -37.06 -3.15
N SER U 219 14.77 -36.54 -3.41
CA SER U 219 14.46 -35.21 -2.92
C SER U 219 14.15 -35.18 -1.42
N ILE U 220 13.83 -36.33 -0.82
CA ILE U 220 13.47 -36.35 0.59
C ILE U 220 14.55 -36.98 1.47
N MET U 221 15.56 -37.57 0.83
CA MET U 221 16.60 -38.31 1.56
C MET U 221 17.51 -37.37 2.34
N ASP U 222 18.07 -37.88 3.44
CA ASP U 222 19.07 -37.14 4.19
C ASP U 222 20.36 -37.07 3.40
N ALA U 223 20.76 -38.24 2.91
CA ALA U 223 22.00 -38.40 2.17
C ALA U 223 21.97 -39.76 1.47
N LYS U 224 22.88 -39.95 0.53
CA LYS U 224 23.09 -41.29 0.00
C LYS U 224 24.58 -41.65 -0.02
N ILE U 225 24.86 -42.94 -0.11
CA ILE U 225 26.23 -43.44 -0.15
C ILE U 225 26.33 -44.47 -1.24
N SER U 226 27.34 -44.34 -2.09
CA SER U 226 27.50 -45.21 -3.25
C SER U 226 28.74 -46.08 -3.11
N PHE U 227 28.55 -47.39 -3.21
CA PHE U 227 29.64 -48.36 -3.12
C PHE U 227 29.87 -48.95 -4.49
N SER U 228 31.15 -49.08 -4.87
CA SER U 228 31.50 -49.69 -6.15
C SER U 228 32.15 -51.05 -5.93
N TYR U 229 31.68 -52.04 -6.69
CA TYR U 229 32.17 -53.40 -6.52
C TYR U 229 32.66 -54.02 -7.81
N THR U 230 33.71 -54.81 -7.68
CA THR U 230 34.12 -55.74 -8.73
C THR U 230 33.37 -57.06 -8.49
N PRO U 231 33.37 -57.98 -9.50
CA PRO U 231 32.63 -59.22 -9.36
C PRO U 231 33.00 -60.09 -8.16
N ASP U 232 34.24 -60.09 -7.72
CA ASP U 232 34.52 -60.83 -6.48
C ASP U 232 34.35 -59.91 -5.27
N LEU U 233 33.44 -58.96 -5.41
CA LEU U 233 32.89 -58.20 -4.31
C LEU U 233 33.91 -57.48 -3.43
N LYS U 234 34.98 -57.01 -4.07
CA LYS U 234 35.90 -56.06 -3.45
C LYS U 234 35.33 -54.64 -3.61
N ILE U 235 35.47 -53.83 -2.55
CA ILE U 235 35.07 -52.42 -2.60
C ILE U 235 36.19 -51.61 -3.25
N VAL U 236 35.79 -50.69 -4.11
CA VAL U 236 36.59 -50.23 -5.21
C VAL U 236 36.31 -48.73 -5.45
N GLY U 237 35.34 -48.22 -4.68
CA GLY U 237 35.05 -46.80 -4.57
C GLY U 237 33.89 -46.60 -3.62
N ILE U 238 33.99 -45.56 -2.78
CA ILE U 238 32.86 -45.12 -1.96
C ILE U 238 32.71 -43.60 -2.03
N GLN U 239 31.47 -43.14 -2.17
CA GLN U 239 31.15 -41.72 -2.21
C GLN U 239 29.84 -41.43 -1.48
N LYS U 240 29.92 -40.70 -0.37
CA LYS U 240 28.72 -40.19 0.29
C LYS U 240 28.29 -38.92 -0.42
N SER U 241 27.00 -38.67 -0.40
CA SER U 241 26.43 -37.57 -1.16
C SER U 241 25.16 -37.04 -0.50
N GLY U 242 24.95 -35.73 -0.56
CA GLY U 242 23.74 -35.11 -0.06
C GLY U 242 24.01 -34.15 1.09
N LYS U 243 23.06 -33.24 1.32
CA LYS U 243 23.16 -32.21 2.35
C LYS U 243 23.09 -32.74 3.79
N GLY U 244 22.75 -34.01 3.97
CA GLY U 244 22.54 -34.55 5.31
C GLY U 244 23.62 -35.49 5.74
N SER U 245 23.50 -36.02 6.95
CA SER U 245 24.49 -36.96 7.47
C SER U 245 23.90 -38.33 7.65
N MET U 246 24.74 -39.26 8.09
CA MET U 246 24.43 -40.67 8.15
C MET U 246 25.21 -41.26 9.30
N SER U 247 24.61 -42.14 10.09
CA SER U 247 25.32 -42.70 11.25
C SER U 247 26.34 -43.81 10.88
N LEU U 248 27.21 -44.12 11.83
CA LEU U 248 28.15 -45.23 11.68
C LEU U 248 27.42 -46.50 11.28
N GLN U 249 26.35 -46.83 12.01
CA GLN U 249 25.56 -48.03 11.76
C GLN U 249 24.85 -47.97 10.43
N ASP U 250 24.41 -46.78 10.04
CA ASP U 250 23.76 -46.59 8.74
C ASP U 250 24.70 -47.05 7.63
N ILE U 251 25.96 -46.59 7.71
CA ILE U 251 26.94 -46.89 6.68
C ILE U 251 27.30 -48.37 6.66
N ASP U 252 27.51 -48.94 7.86
CA ASP U 252 27.74 -50.36 8.00
C ASP U 252 26.62 -51.17 7.30
N GLN U 253 25.36 -50.91 7.66
CA GLN U 253 24.23 -51.58 7.02
C GLN U 253 24.16 -51.30 5.53
N ALA U 254 24.40 -50.05 5.17
CA ALA U 254 24.32 -49.64 3.77
C ALA U 254 25.21 -50.51 2.90
N GLU U 255 26.43 -50.78 3.36
CA GLU U 255 27.35 -51.57 2.55
C GLU U 255 26.93 -53.03 2.47
N ASN U 256 26.46 -53.61 3.58
CA ASN U 256 25.87 -54.96 3.52
C ASN U 256 24.80 -55.05 2.46
N THR U 257 23.85 -54.13 2.52
CA THR U 257 22.75 -54.09 1.57
C THR U 257 23.29 -53.87 0.16
N ALA U 258 24.18 -52.89 0.01
CA ALA U 258 24.79 -52.60 -1.29
C ALA U 258 25.43 -53.84 -1.91
N ARG U 259 26.23 -54.55 -1.11
CA ARG U 259 26.98 -55.69 -1.60
C ARG U 259 26.09 -56.83 -2.04
N SER U 260 25.03 -57.10 -1.28
CA SER U 260 24.17 -58.22 -1.64
C SER U 260 23.35 -57.84 -2.87
N THR U 261 23.10 -56.55 -3.05
CA THR U 261 22.46 -56.06 -4.26
C THR U 261 23.39 -56.17 -5.46
N ALA U 262 24.68 -55.89 -5.23
CA ALA U 262 25.70 -55.93 -6.28
C ALA U 262 25.71 -57.25 -7.04
N VAL U 263 25.50 -58.35 -6.31
CA VAL U 263 25.52 -59.66 -6.94
C VAL U 263 24.45 -59.76 -8.02
N LYS U 264 23.23 -59.36 -7.67
CA LYS U 264 22.09 -59.39 -8.59
C LYS U 264 22.33 -58.48 -9.78
N LEU U 265 22.78 -57.26 -9.50
CA LEU U 265 22.97 -56.28 -10.55
C LEU U 265 24.06 -56.71 -11.53
N LEU U 266 25.13 -57.31 -11.01
CA LEU U 266 26.20 -57.81 -11.86
C LEU U 266 25.68 -58.87 -12.82
N GLU U 267 24.93 -59.83 -12.29
CA GLU U 267 24.33 -60.85 -13.13
C GLU U 267 23.48 -60.26 -14.25
N GLU U 268 22.68 -59.26 -13.90
CA GLU U 268 21.81 -58.63 -14.87
C GLU U 268 22.61 -57.86 -15.91
N LEU U 269 23.64 -57.14 -15.46
CA LEU U 269 24.54 -56.43 -16.36
C LEU U 269 25.17 -57.37 -17.38
N LYS U 270 25.65 -58.51 -16.88
CA LYS U 270 26.32 -59.49 -17.73
C LYS U 270 25.38 -60.03 -18.79
N LYS U 271 24.13 -60.28 -18.41
CA LYS U 271 23.12 -60.73 -19.37
C LYS U 271 22.99 -59.77 -20.54
N HIS U 272 22.91 -58.48 -20.24
CA HIS U 272 22.83 -57.46 -21.27
C HIS U 272 24.08 -57.43 -22.15
N LEU U 273 25.24 -57.66 -21.55
CA LEU U 273 26.51 -57.58 -22.26
C LEU U 273 26.88 -58.86 -23.03
N GLY U 274 26.10 -59.92 -22.87
CA GLY U 274 26.47 -61.26 -23.36
C GLY U 274 27.64 -61.78 -22.55
N ILE U 275 27.55 -61.57 -21.23
CA ILE U 275 28.65 -61.71 -20.24
C ILE U 275 29.90 -60.87 -20.58
N LEU V 5 67.20 -45.49 -12.73
CA LEU V 5 67.90 -46.41 -11.78
C LEU V 5 67.31 -46.47 -10.37
N GLN V 6 66.81 -45.35 -9.87
CA GLN V 6 66.20 -45.32 -8.55
C GLN V 6 64.87 -46.06 -8.59
N VAL V 7 64.61 -46.91 -7.59
CA VAL V 7 63.33 -47.64 -7.52
C VAL V 7 62.17 -46.74 -7.09
N GLU V 8 61.16 -46.69 -7.94
CA GLU V 8 59.90 -45.97 -7.73
C GLU V 8 59.22 -46.27 -6.39
N ARG V 9 58.58 -47.45 -6.30
CA ARG V 9 57.80 -47.82 -5.10
C ARG V 9 58.70 -47.92 -3.90
N PRO V 10 58.46 -47.06 -2.90
CA PRO V 10 59.10 -47.23 -1.60
C PRO V 10 58.35 -48.25 -0.73
N LYS V 11 59.08 -48.93 0.14
CA LYS V 11 58.49 -49.81 1.14
C LYS V 11 57.65 -48.97 2.14
N LEU V 12 56.35 -49.22 2.20
CA LEU V 12 55.44 -48.42 3.04
C LEU V 12 55.32 -48.90 4.48
N ILE V 13 55.50 -50.19 4.71
CA ILE V 13 55.68 -50.73 6.05
C ILE V 13 57.05 -51.42 6.13
N LEU V 14 57.82 -51.02 7.14
CA LEU V 14 59.20 -51.46 7.22
C LEU V 14 59.34 -52.74 8.04
N ASP V 15 60.57 -53.24 8.15
CA ASP V 15 60.83 -54.47 8.88
C ASP V 15 60.45 -54.39 10.36
N ASP V 16 60.67 -53.23 10.97
CA ASP V 16 60.33 -52.98 12.37
C ASP V 16 58.82 -52.83 12.61
N GLY V 17 58.06 -52.67 11.54
CA GLY V 17 56.60 -52.57 11.63
C GLY V 17 56.08 -51.15 11.49
N LYS V 18 57.00 -50.22 11.30
CA LYS V 18 56.66 -48.81 11.27
C LYS V 18 56.60 -48.26 9.85
N ARG V 19 56.02 -47.07 9.73
CA ARG V 19 55.79 -46.46 8.43
C ARG V 19 57.00 -45.61 8.00
N THR V 20 56.91 -45.00 6.82
CA THR V 20 58.05 -44.26 6.26
C THR V 20 58.45 -43.05 7.11
N ASP V 21 57.49 -42.47 7.84
CA ASP V 21 57.79 -41.34 8.73
C ASP V 21 58.04 -41.77 10.18
N GLY V 22 58.07 -43.07 10.42
CA GLY V 22 58.37 -43.62 11.75
C GLY V 22 57.15 -43.90 12.61
N ARG V 23 55.98 -43.56 12.11
CA ARG V 23 54.73 -43.79 12.82
C ARG V 23 54.31 -45.26 12.81
N LYS V 24 53.60 -45.66 13.86
CA LYS V 24 52.92 -46.95 13.89
C LYS V 24 51.62 -46.83 13.11
N PRO V 25 51.07 -47.97 12.64
CA PRO V 25 49.81 -47.90 11.88
C PRO V 25 48.68 -47.15 12.58
N ASP V 26 48.69 -47.15 13.91
CA ASP V 26 47.63 -46.50 14.68
C ASP V 26 48.02 -45.12 15.25
N GLU V 27 48.97 -44.43 14.63
CA GLU V 27 49.40 -43.13 15.14
C GLU V 27 49.04 -41.95 14.25
N LEU V 28 48.46 -40.93 14.86
CA LEU V 28 48.16 -39.68 14.17
C LEU V 28 49.41 -38.86 14.00
N ARG V 29 49.45 -38.06 12.94
CA ARG V 29 50.49 -37.04 12.80
C ARG V 29 50.27 -35.96 13.85
N SER V 30 51.22 -35.05 14.00
CA SER V 30 51.06 -33.97 14.96
C SER V 30 49.94 -33.03 14.52
N ILE V 31 49.26 -32.46 15.49
CA ILE V 31 48.18 -31.52 15.23
C ILE V 31 48.46 -30.13 15.80
N LYS V 32 48.15 -29.10 15.03
CA LYS V 32 48.20 -27.75 15.52
C LYS V 32 46.93 -27.02 15.08
N ILE V 33 46.28 -26.33 16.00
CA ILE V 33 45.05 -25.59 15.71
C ILE V 33 45.13 -24.21 16.35
N GLU V 34 44.82 -23.17 15.57
CA GLU V 34 44.50 -21.87 16.19
C GLU V 34 43.35 -21.11 15.55
N LEU V 35 42.64 -20.37 16.38
CA LEU V 35 41.39 -19.69 16.00
C LEU V 35 41.53 -18.19 16.04
N GLY V 36 40.69 -17.48 15.29
CA GLY V 36 40.61 -16.02 15.34
C GLY V 36 41.89 -15.38 14.85
N VAL V 37 42.46 -15.98 13.82
CA VAL V 37 43.75 -15.59 13.34
C VAL V 37 43.66 -14.45 12.33
N LEU V 38 42.47 -14.24 11.78
CA LEU V 38 42.21 -13.18 10.79
C LEU V 38 41.31 -12.10 11.35
N LYS V 39 41.77 -10.86 11.29
CA LYS V 39 41.05 -9.75 11.91
C LYS V 39 39.78 -9.38 11.17
N ASN V 40 39.85 -9.34 9.86
CA ASN V 40 38.75 -8.80 9.05
C ASN V 40 37.73 -9.84 8.61
N ALA V 41 37.79 -11.02 9.23
CA ALA V 41 36.81 -12.08 8.96
C ALA V 41 35.91 -12.29 10.18
N ASP V 42 34.78 -12.93 9.97
CA ASP V 42 33.86 -13.16 11.08
C ASP V 42 34.30 -14.34 11.92
N GLY V 43 34.99 -15.27 11.29
CA GLY V 43 35.57 -16.42 11.98
C GLY V 43 36.75 -16.94 11.17
N SER V 44 37.73 -17.53 11.84
CA SER V 44 38.92 -18.02 11.16
C SER V 44 39.65 -19.06 11.98
N ALA V 45 40.27 -20.01 11.28
CA ALA V 45 41.07 -21.04 11.93
C ALA V 45 42.20 -21.51 11.02
N ILE V 46 43.34 -21.82 11.61
CA ILE V 46 44.40 -22.54 10.92
C ILE V 46 44.45 -23.94 11.53
N PHE V 47 44.42 -24.95 10.67
CA PHE V 47 44.53 -26.33 11.11
C PHE V 47 45.72 -26.99 10.43
N GLU V 48 46.53 -27.69 11.22
CA GLU V 48 47.69 -28.40 10.70
C GLU V 48 47.66 -29.86 11.13
N MET V 49 47.73 -30.76 10.17
CA MET V 49 47.98 -32.16 10.45
C MET V 49 49.27 -32.55 9.80
N GLY V 50 50.28 -32.77 10.63
CA GLY V 50 51.62 -32.96 10.15
C GLY V 50 51.95 -31.79 9.26
N ASN V 51 52.24 -32.06 7.99
CA ASN V 51 52.63 -31.01 7.06
C ASN V 51 51.52 -30.46 6.20
N THR V 52 50.30 -30.98 6.36
CA THR V 52 49.15 -30.46 5.68
C THR V 52 48.57 -29.30 6.49
N LYS V 53 48.51 -28.12 5.90
CA LYS V 53 48.12 -26.90 6.61
C LYS V 53 47.08 -26.12 5.82
N ALA V 54 45.96 -25.81 6.46
CA ALA V 54 44.89 -25.05 5.81
C ALA V 54 44.46 -23.87 6.67
N ILE V 55 44.08 -22.79 5.99
CA ILE V 55 43.45 -21.66 6.66
C ILE V 55 42.01 -21.55 6.15
N ALA V 56 41.10 -21.26 7.06
CA ALA V 56 39.72 -21.04 6.68
C ALA V 56 39.23 -19.72 7.25
N ALA V 57 38.41 -19.03 6.46
CA ALA V 57 37.78 -17.78 6.86
C ALA V 57 36.28 -17.88 6.61
N VAL V 58 35.51 -17.35 7.54
CA VAL V 58 34.07 -17.31 7.41
C VAL V 58 33.66 -15.85 7.38
N TYR V 59 32.84 -15.49 6.39
CA TYR V 59 32.22 -14.18 6.36
C TYR V 59 30.74 -14.36 6.63
N GLY V 60 30.37 -13.98 7.86
CA GLY V 60 29.20 -14.46 8.64
C GLY V 60 27.87 -14.27 7.96
N PRO V 61 26.77 -14.69 8.61
CA PRO V 61 25.48 -14.64 7.90
C PRO V 61 25.22 -13.21 7.41
N LYS V 62 24.96 -13.06 6.12
CA LYS V 62 24.80 -11.75 5.52
C LYS V 62 23.81 -11.81 4.36
N GLU V 63 23.05 -10.73 4.15
CA GLU V 63 22.13 -10.62 3.03
C GLU V 63 22.81 -10.99 1.71
N MET V 64 22.11 -11.71 0.85
CA MET V 64 22.77 -12.25 -0.34
C MET V 64 22.58 -11.43 -1.60
N HIS V 65 23.72 -11.18 -2.25
CA HIS V 65 23.86 -10.22 -3.35
C HIS V 65 22.69 -10.21 -4.33
N PRO V 66 22.59 -11.22 -5.23
CA PRO V 66 21.40 -11.27 -6.11
C PRO V 66 20.32 -12.15 -5.47
N ARG V 67 19.20 -11.54 -5.10
CA ARG V 67 18.22 -12.21 -4.26
C ARG V 67 17.69 -13.56 -4.80
N HIS V 68 17.55 -13.70 -6.11
CA HIS V 68 17.02 -14.94 -6.70
C HIS V 68 17.88 -16.17 -6.37
N LEU V 69 19.14 -15.93 -6.01
CA LEU V 69 20.08 -16.99 -5.65
C LEU V 69 20.02 -17.37 -4.17
N SER V 70 19.24 -16.64 -3.39
CA SER V 70 19.04 -16.93 -1.97
C SER V 70 17.90 -17.92 -1.78
N LEU V 71 17.71 -18.36 -0.54
CA LEU V 71 16.67 -19.32 -0.18
C LEU V 71 15.77 -18.72 0.88
N PRO V 72 14.46 -19.02 0.82
CA PRO V 72 13.51 -18.42 1.75
C PRO V 72 13.53 -19.02 3.16
N ASP V 73 14.04 -20.24 3.31
CA ASP V 73 13.95 -20.99 4.57
C ASP V 73 15.30 -21.23 5.26
N ARG V 74 16.40 -20.99 4.52
CA ARG V 74 17.75 -21.44 4.87
C ARG V 74 18.78 -20.39 4.51
N ALA V 75 19.96 -20.50 5.10
CA ALA V 75 21.13 -19.81 4.58
C ALA V 75 21.72 -20.61 3.42
N VAL V 76 22.35 -19.91 2.48
CA VAL V 76 23.09 -20.58 1.42
C VAL V 76 24.54 -20.60 1.85
N LEU V 77 25.15 -21.79 1.87
CA LEU V 77 26.58 -21.91 2.10
C LEU V 77 27.31 -21.76 0.78
N ARG V 78 28.34 -20.93 0.77
CA ARG V 78 29.24 -20.83 -0.36
C ARG V 78 30.62 -21.22 0.11
N VAL V 79 31.15 -22.30 -0.46
CA VAL V 79 32.42 -22.87 0.00
C VAL V 79 33.46 -22.96 -1.13
N ARG V 80 34.68 -22.55 -0.83
CA ARG V 80 35.79 -22.65 -1.76
C ARG V 80 36.90 -23.49 -1.14
N TYR V 81 37.18 -24.64 -1.76
CA TYR V 81 38.36 -25.41 -1.41
C TYR V 81 39.42 -25.08 -2.46
N HIS V 82 40.56 -24.57 -2.01
CA HIS V 82 41.59 -24.17 -2.94
C HIS V 82 42.99 -24.46 -2.45
N MET V 83 43.85 -24.85 -3.37
CA MET V 83 45.26 -25.12 -3.07
C MET V 83 46.13 -24.03 -3.61
N THR V 84 46.96 -23.44 -2.75
CA THR V 84 47.86 -22.40 -3.20
C THR V 84 48.86 -23.01 -4.15
N PRO V 85 49.35 -22.23 -5.12
CA PRO V 85 50.29 -22.78 -6.09
C PRO V 85 51.55 -23.36 -5.44
N PHE V 86 51.91 -22.87 -4.25
CA PHE V 86 53.14 -23.28 -3.58
C PHE V 86 52.90 -24.28 -2.44
N SER V 87 51.77 -24.97 -2.48
CA SER V 87 51.42 -25.90 -1.41
C SER V 87 52.02 -27.28 -1.66
N THR V 88 52.48 -27.53 -2.87
CA THR V 88 53.07 -28.81 -3.23
C THR V 88 54.46 -28.62 -3.79
N ASP V 89 55.15 -29.73 -4.06
CA ASP V 89 56.51 -29.66 -4.60
C ASP V 89 56.52 -29.09 -6.00
N GLU V 90 55.58 -29.52 -6.83
CA GLU V 90 55.39 -28.95 -8.15
C GLU V 90 54.28 -27.93 -8.11
N ARG V 91 54.50 -26.79 -8.77
CA ARG V 91 53.53 -25.70 -8.71
C ARG V 91 52.17 -26.11 -9.28
N LYS V 92 51.12 -25.92 -8.49
CA LYS V 92 49.75 -26.11 -8.96
C LYS V 92 49.28 -24.86 -9.69
N ASN V 93 48.57 -25.06 -10.80
CA ASN V 93 47.88 -23.96 -11.44
C ASN V 93 46.77 -23.45 -10.50
N PRO V 94 46.75 -22.14 -10.22
CA PRO V 94 45.74 -21.57 -9.31
C PRO V 94 44.30 -21.69 -9.81
N ALA V 95 44.12 -21.81 -11.13
CA ALA V 95 42.82 -22.10 -11.74
C ALA V 95 42.23 -23.37 -11.14
N PRO V 96 40.92 -23.35 -10.84
CA PRO V 96 40.36 -24.51 -10.12
C PRO V 96 40.34 -25.75 -11.01
N SER V 97 40.78 -26.86 -10.43
CA SER V 97 40.81 -28.15 -11.10
C SER V 97 39.51 -28.90 -10.87
N ARG V 98 39.25 -29.92 -11.69
CA ARG V 98 38.08 -30.77 -11.47
C ARG V 98 38.09 -31.32 -10.05
N ARG V 99 39.28 -31.71 -9.57
CA ARG V 99 39.43 -32.16 -8.20
C ARG V 99 38.97 -31.11 -7.20
N GLU V 100 39.38 -29.85 -7.41
CA GLU V 100 39.00 -28.78 -6.48
C GLU V 100 37.50 -28.52 -6.52
N ILE V 101 36.92 -28.66 -7.71
CA ILE V 101 35.48 -28.51 -7.89
C ILE V 101 34.70 -29.59 -7.14
N GLU V 102 35.12 -30.86 -7.29
CA GLU V 102 34.46 -31.94 -6.58
C GLU V 102 34.60 -31.76 -5.06
N LEU V 103 35.82 -31.53 -4.60
CA LEU V 103 36.07 -31.45 -3.17
C LEU V 103 35.34 -30.27 -2.54
N SER V 104 35.20 -29.18 -3.29
CA SER V 104 34.42 -28.04 -2.80
C SER V 104 33.00 -28.45 -2.48
N LYS V 105 32.38 -29.18 -3.42
CA LYS V 105 31.04 -29.70 -3.23
C LYS V 105 30.98 -30.63 -2.02
N VAL V 106 31.88 -31.61 -1.99
CA VAL V 106 31.91 -32.61 -0.93
C VAL V 106 32.05 -31.94 0.45
N ILE V 107 32.96 -30.98 0.54
CA ILE V 107 33.15 -30.22 1.78
C ILE V 107 31.91 -29.37 2.15
N ARG V 108 31.35 -28.67 1.17
CA ARG V 108 30.13 -27.91 1.40
C ARG V 108 29.04 -28.78 2.00
N GLU V 109 28.82 -29.97 1.41
CA GLU V 109 27.76 -30.86 1.86
C GLU V 109 28.00 -31.32 3.29
N ALA V 110 29.28 -31.56 3.60
CA ALA V 110 29.66 -31.95 4.95
C ALA V 110 29.24 -30.87 5.92
N LEU V 111 29.50 -29.62 5.56
CA LEU V 111 29.18 -28.49 6.43
C LEU V 111 27.68 -28.27 6.53
N GLU V 112 26.97 -28.51 5.45
CA GLU V 112 25.52 -28.32 5.45
C GLU V 112 24.84 -29.25 6.43
N SER V 113 25.43 -30.41 6.68
CA SER V 113 24.83 -31.34 7.63
C SER V 113 25.04 -30.91 9.07
N ALA V 114 25.97 -29.98 9.26
CA ALA V 114 26.33 -29.53 10.61
C ALA V 114 25.78 -28.15 10.95
N VAL V 115 25.86 -27.22 10.00
CA VAL V 115 25.46 -25.82 10.24
C VAL V 115 23.95 -25.69 10.26
N LEU V 116 23.43 -25.04 11.29
CA LEU V 116 22.00 -24.81 11.41
C LEU V 116 21.53 -23.67 10.50
N VAL V 117 21.54 -23.95 9.20
CA VAL V 117 21.23 -22.96 8.17
C VAL V 117 19.81 -22.37 8.25
N GLU V 118 18.89 -23.11 8.85
CA GLU V 118 17.49 -22.71 8.91
C GLU V 118 17.33 -21.43 9.73
N LEU V 119 18.28 -21.19 10.62
CA LEU V 119 18.30 -20.01 11.48
C LEU V 119 18.47 -18.70 10.72
N PHE V 120 19.01 -18.78 9.50
CA PHE V 120 19.40 -17.56 8.75
C PHE V 120 18.83 -17.49 7.34
N PRO V 121 17.50 -17.35 7.22
CA PRO V 121 16.90 -17.32 5.88
C PRO V 121 17.40 -16.12 5.09
N ARG V 122 17.44 -16.25 3.77
CA ARG V 122 17.80 -15.16 2.87
C ARG V 122 19.25 -14.64 3.00
N THR V 123 20.09 -15.41 3.70
CA THR V 123 21.49 -15.00 3.89
C THR V 123 22.43 -15.96 3.21
N ALA V 124 23.69 -15.54 3.09
CA ALA V 124 24.77 -16.40 2.64
C ALA V 124 25.84 -16.46 3.71
N ILE V 125 26.41 -17.64 3.90
CA ILE V 125 27.58 -17.81 4.76
C ILE V 125 28.70 -18.27 3.87
N ASP V 126 29.73 -17.45 3.74
CA ASP V 126 30.86 -17.75 2.87
C ASP V 126 32.00 -18.37 3.65
N VAL V 127 32.45 -19.51 3.16
CA VAL V 127 33.54 -20.23 3.81
C VAL V 127 34.67 -20.39 2.83
N PHE V 128 35.77 -19.70 3.07
CA PHE V 128 36.92 -19.78 2.16
C PHE V 128 38.05 -20.58 2.78
N THR V 129 38.53 -21.56 2.04
CA THR V 129 39.56 -22.48 2.51
C THR V 129 40.77 -22.43 1.60
N GLU V 130 41.94 -22.36 2.20
CA GLU V 130 43.19 -22.36 1.44
C GLU V 130 44.18 -23.39 2.00
N ILE V 131 44.64 -24.29 1.14
CA ILE V 131 45.68 -25.21 1.53
C ILE V 131 47.03 -24.55 1.31
N LEU V 132 47.76 -24.35 2.41
CA LEU V 132 49.04 -23.66 2.41
C LEU V 132 50.20 -24.62 2.19
N GLN V 133 50.05 -25.84 2.72
CA GLN V 133 50.93 -26.96 2.35
C GLN V 133 50.13 -28.23 2.29
N ALA V 134 50.42 -29.06 1.29
CA ALA V 134 49.72 -30.31 1.15
C ALA V 134 50.66 -31.47 1.39
N ASP V 135 50.25 -32.38 2.27
CA ASP V 135 50.95 -33.63 2.51
C ASP V 135 49.90 -34.71 2.77
N ALA V 136 48.91 -34.78 1.87
CA ALA V 136 47.73 -35.66 1.98
C ALA V 136 46.74 -35.30 3.10
N GLY V 137 45.47 -35.59 2.88
CA GLY V 137 44.43 -35.30 3.86
C GLY V 137 43.94 -33.87 3.85
N SER V 138 44.30 -33.13 2.80
CA SER V 138 43.99 -31.72 2.64
C SER V 138 42.51 -31.47 2.76
N ARG V 139 41.71 -32.31 2.12
CA ARG V 139 40.28 -32.09 2.13
C ARG V 139 39.71 -32.12 3.53
N LEU V 140 40.28 -32.95 4.40
CA LEU V 140 39.83 -33.07 5.78
C LEU V 140 40.33 -31.93 6.66
N VAL V 141 41.58 -31.55 6.46
CA VAL V 141 42.14 -30.42 7.20
C VAL V 141 41.36 -29.16 6.85
N SER V 142 41.09 -28.97 5.57
CA SER V 142 40.28 -27.87 5.11
C SER V 142 38.87 -27.89 5.77
N LEU V 143 38.25 -29.05 5.76
CA LEU V 143 36.93 -29.20 6.34
C LEU V 143 36.92 -28.84 7.82
N MET V 144 37.91 -29.33 8.55
CA MET V 144 38.00 -29.05 10.00
C MET V 144 38.29 -27.58 10.26
N ALA V 145 39.19 -26.99 9.48
CA ALA V 145 39.50 -25.59 9.60
C ALA V 145 38.22 -24.79 9.40
N ALA V 146 37.44 -25.18 8.40
CA ALA V 146 36.14 -24.57 8.14
C ALA V 146 35.21 -24.70 9.35
N SER V 147 35.05 -25.94 9.84
CA SER V 147 34.19 -26.20 10.99
C SER V 147 34.55 -25.29 12.15
N LEU V 148 35.84 -25.19 12.43
CA LEU V 148 36.29 -24.37 13.54
C LEU V 148 36.14 -22.86 13.28
N ALA V 149 36.32 -22.44 12.02
CA ALA V 149 36.14 -21.03 11.68
C ALA V 149 34.68 -20.64 11.86
N LEU V 150 33.78 -21.56 11.53
CA LEU V 150 32.35 -21.34 11.77
C LEU V 150 32.08 -21.22 13.28
N ALA V 151 32.68 -22.11 14.07
CA ALA V 151 32.58 -22.03 15.51
C ALA V 151 33.11 -20.68 16.00
N ASP V 152 34.25 -20.28 15.45
CA ASP V 152 34.89 -19.02 15.80
C ASP V 152 34.00 -17.83 15.47
N ALA V 153 33.21 -17.95 14.41
CA ALA V 153 32.26 -16.91 14.05
C ALA V 153 30.98 -16.92 14.91
N GLY V 154 30.84 -17.94 15.75
CA GLY V 154 29.65 -18.07 16.61
C GLY V 154 28.43 -18.51 15.83
N ILE V 155 28.67 -19.17 14.69
CA ILE V 155 27.58 -19.74 13.91
C ILE V 155 27.15 -21.09 14.50
N PRO V 156 25.87 -21.20 14.91
CA PRO V 156 25.35 -22.39 15.59
C PRO V 156 25.41 -23.62 14.71
N MET V 157 25.93 -24.73 15.25
CA MET V 157 26.04 -25.99 14.50
C MET V 157 25.58 -27.15 15.36
N ARG V 158 25.31 -28.29 14.73
CA ARG V 158 24.93 -29.49 15.46
C ARG V 158 26.07 -29.99 16.33
N ASP V 159 27.30 -29.90 15.82
CA ASP V 159 28.50 -30.37 16.49
C ASP V 159 29.68 -29.90 15.66
N LEU V 160 30.90 -30.01 16.19
CA LEU V 160 32.09 -29.78 15.39
C LEU V 160 32.32 -30.96 14.45
N ILE V 161 33.16 -30.77 13.43
CA ILE V 161 33.52 -31.86 12.53
C ILE V 161 34.99 -32.19 12.70
N ALA V 162 35.27 -33.47 12.96
CA ALA V 162 36.63 -33.99 12.98
C ALA V 162 36.77 -35.09 11.93
N GLY V 163 37.94 -35.17 11.29
CA GLY V 163 38.16 -36.14 10.22
C GLY V 163 39.57 -36.70 10.14
N VAL V 164 39.68 -37.92 9.62
CA VAL V 164 40.96 -38.51 9.22
C VAL V 164 40.77 -39.38 8.03
N ALA V 165 41.83 -39.48 7.23
CA ALA V 165 41.89 -40.48 6.18
C ALA V 165 42.52 -41.71 6.79
N VAL V 166 41.83 -42.82 6.58
CA VAL V 166 42.32 -44.10 7.00
C VAL V 166 42.65 -44.83 5.69
N GLY V 167 43.49 -45.86 5.72
CA GLY V 167 43.89 -46.49 4.47
C GLY V 167 44.57 -47.83 4.61
N LYS V 168 45.08 -48.33 3.48
CA LYS V 168 45.77 -49.62 3.44
C LYS V 168 47.12 -49.44 2.75
N ALA V 169 48.20 -49.79 3.46
CA ALA V 169 49.56 -49.58 2.97
C ALA V 169 50.22 -50.83 2.34
N ASP V 170 50.72 -51.77 3.13
CA ASP V 170 51.26 -52.96 2.50
C ASP V 170 50.46 -54.14 2.98
N GLY V 171 49.16 -54.09 2.73
CA GLY V 171 48.22 -55.03 3.31
C GLY V 171 47.85 -54.62 4.72
N VAL V 172 48.53 -53.59 5.25
CA VAL V 172 48.30 -53.14 6.62
C VAL V 172 47.41 -51.92 6.67
N ILE V 173 46.39 -51.98 7.52
CA ILE V 173 45.50 -50.84 7.71
C ILE V 173 46.16 -49.77 8.59
N ILE V 174 46.15 -48.53 8.09
CA ILE V 174 46.89 -47.44 8.71
C ILE V 174 46.05 -46.17 8.86
N LEU V 175 46.46 -45.32 9.80
CA LEU V 175 45.69 -44.14 10.17
C LEU V 175 46.41 -42.86 9.78
N ASP V 176 45.69 -41.95 9.07
CA ASP V 176 46.18 -40.60 8.76
C ASP V 176 47.38 -40.63 7.81
N LEU V 177 47.09 -40.69 6.51
CA LEU V 177 48.14 -40.97 5.50
C LEU V 177 49.06 -39.80 5.14
N ASN V 178 50.33 -40.12 4.93
CA ASN V 178 51.32 -39.33 4.19
C ASN V 178 50.89 -39.09 2.76
N GLU V 179 51.59 -38.18 2.08
CA GLU V 179 51.55 -38.15 0.63
C GLU V 179 52.12 -39.45 0.03
N THR V 180 53.20 -39.94 0.61
CA THR V 180 53.80 -41.21 0.18
C THR V 180 52.79 -42.35 0.25
N GLU V 181 52.06 -42.41 1.36
CA GLU V 181 51.08 -43.46 1.57
C GLU V 181 49.87 -43.29 0.65
N ASP V 182 49.48 -42.04 0.45
CA ASP V 182 48.41 -41.70 -0.47
C ASP V 182 48.75 -42.18 -1.87
N MET V 183 49.96 -41.83 -2.30
CA MET V 183 50.42 -42.16 -3.63
C MET V 183 50.60 -43.65 -3.90
N TRP V 184 51.16 -44.39 -2.94
CA TRP V 184 51.55 -45.76 -3.20
C TRP V 184 50.71 -46.83 -2.51
N GLY V 185 49.85 -46.44 -1.56
CA GLY V 185 48.97 -47.39 -0.88
C GLY V 185 47.86 -47.99 -1.76
N GLU V 186 47.16 -48.98 -1.22
CA GLU V 186 46.09 -49.64 -1.96
C GLU V 186 44.77 -48.88 -1.83
N ALA V 187 44.64 -48.10 -0.76
CA ALA V 187 43.38 -47.44 -0.44
C ALA V 187 43.57 -46.18 0.36
N ASP V 188 42.63 -45.25 0.19
CA ASP V 188 42.63 -44.00 0.90
C ASP V 188 41.15 -43.71 1.17
N MET V 189 40.82 -43.59 2.44
CA MET V 189 39.43 -43.43 2.83
C MET V 189 39.28 -42.29 3.84
N PRO V 190 39.12 -41.04 3.33
CA PRO V 190 38.80 -39.92 4.20
C PRO V 190 37.41 -40.04 4.82
N ILE V 191 37.35 -39.88 6.14
CA ILE V 191 36.11 -39.94 6.90
C ILE V 191 36.04 -38.75 7.85
N ALA V 192 34.89 -38.07 7.87
CA ALA V 192 34.66 -36.96 8.81
C ALA V 192 33.35 -37.13 9.56
N MET V 193 33.33 -36.82 10.84
CA MET V 193 32.10 -36.95 11.64
C MET V 193 31.81 -35.75 12.51
N MET V 194 30.55 -35.68 12.95
CA MET V 194 30.16 -34.95 14.15
C MET V 194 30.22 -35.99 15.27
N PRO V 195 31.36 -36.09 15.95
CA PRO V 195 31.67 -37.19 16.85
C PRO V 195 30.69 -37.42 17.98
N SER V 196 30.20 -36.34 18.59
CA SER V 196 29.23 -36.47 19.70
C SER V 196 27.93 -37.14 19.26
N LEU V 197 27.58 -37.01 17.98
CA LEU V 197 26.35 -37.56 17.42
C LEU V 197 26.55 -38.88 16.68
N ASN V 198 27.81 -39.30 16.51
CA ASN V 198 28.14 -40.45 15.69
C ASN V 198 27.57 -40.34 14.28
N GLN V 199 27.61 -39.13 13.74
CA GLN V 199 27.06 -38.87 12.42
C GLN V 199 28.20 -38.59 11.45
N VAL V 200 28.21 -39.34 10.34
CA VAL V 200 29.23 -39.17 9.31
C VAL V 200 28.80 -38.07 8.35
N THR V 201 29.69 -37.10 8.27
CA THR V 201 29.59 -35.91 7.51
C THR V 201 30.21 -36.04 6.11
N LEU V 202 31.36 -36.70 6.02
CA LEU V 202 32.06 -36.90 4.76
C LEU V 202 32.55 -38.34 4.74
N PHE V 203 32.35 -39.03 3.62
CA PHE V 203 32.80 -40.40 3.51
C PHE V 203 33.17 -40.74 2.08
N GLN V 204 34.46 -40.98 1.84
CA GLN V 204 34.96 -41.35 0.52
C GLN V 204 36.00 -42.44 0.60
N LEU V 205 36.03 -43.28 -0.42
CA LEU V 205 37.13 -44.23 -0.58
C LEU V 205 37.59 -44.23 -2.01
N ASN V 206 38.88 -44.04 -2.20
CA ASN V 206 39.52 -44.36 -3.48
C ASN V 206 40.55 -45.45 -3.25
N GLY V 207 40.75 -46.30 -4.24
CA GLY V 207 41.59 -47.46 -4.10
C GLY V 207 40.71 -48.68 -3.95
N SER V 208 41.08 -49.59 -3.06
CA SER V 208 40.50 -50.91 -3.06
C SER V 208 40.60 -51.57 -1.69
N MET V 209 39.50 -52.17 -1.23
CA MET V 209 39.46 -52.84 0.07
C MET V 209 38.43 -53.97 0.09
N THR V 210 38.67 -54.98 0.93
CA THR V 210 37.65 -55.97 1.20
C THR V 210 36.68 -55.38 2.21
N PRO V 211 35.42 -55.86 2.22
CA PRO V 211 34.48 -55.42 3.24
C PRO V 211 35.03 -55.49 4.67
N ASP V 212 35.76 -56.56 4.99
CA ASP V 212 36.41 -56.70 6.30
C ASP V 212 37.41 -55.61 6.58
N GLU V 213 38.27 -55.36 5.59
CA GLU V 213 39.26 -54.28 5.68
C GLU V 213 38.56 -52.95 5.85
N PHE V 214 37.52 -52.74 5.04
CA PHE V 214 36.72 -51.53 5.13
C PHE V 214 36.21 -51.32 6.57
N ARG V 215 35.68 -52.38 7.18
CA ARG V 215 35.15 -52.30 8.54
C ARG V 215 36.24 -52.06 9.60
N GLN V 216 37.41 -52.68 9.41
CA GLN V 216 38.57 -52.43 10.29
C GLN V 216 39.02 -50.99 10.22
N ALA V 217 39.22 -50.51 8.99
CA ALA V 217 39.72 -49.16 8.76
C ALA V 217 38.76 -48.13 9.36
N PHE V 218 37.47 -48.38 9.14
CA PHE V 218 36.40 -47.56 9.69
C PHE V 218 36.52 -47.42 11.21
N ASP V 219 36.69 -48.55 11.90
CA ASP V 219 36.89 -48.54 13.36
C ASP V 219 38.08 -47.71 13.79
N LEU V 220 39.18 -47.84 13.05
CA LEU V 220 40.40 -47.10 13.32
C LEU V 220 40.20 -45.59 13.16
N ALA V 221 39.53 -45.21 12.07
CA ALA V 221 39.18 -43.81 11.81
C ALA V 221 38.43 -43.16 12.98
N VAL V 222 37.50 -43.90 13.56
CA VAL V 222 36.71 -43.38 14.68
C VAL V 222 37.61 -43.03 15.86
N LYS V 223 38.56 -43.92 16.17
CA LYS V 223 39.47 -43.70 17.28
C LYS V 223 40.34 -42.48 17.05
N GLY V 224 40.83 -42.33 15.83
CA GLY V 224 41.57 -41.14 15.42
C GLY V 224 40.72 -39.90 15.57
N ILE V 225 39.53 -39.92 14.96
CA ILE V 225 38.59 -38.82 15.00
C ILE V 225 38.28 -38.37 16.44
N ASN V 226 38.10 -39.32 17.35
CA ASN V 226 37.83 -38.95 18.73
C ASN V 226 38.94 -38.15 19.42
N ILE V 227 40.19 -38.48 19.08
CA ILE V 227 41.34 -37.77 19.62
C ILE V 227 41.40 -36.35 19.07
N ILE V 228 41.22 -36.22 17.76
CA ILE V 228 41.20 -34.93 17.09
C ILE V 228 40.10 -34.05 17.66
N TYR V 229 38.93 -34.65 17.90
CA TYR V 229 37.76 -33.95 18.41
C TYR V 229 38.03 -33.30 19.77
N ASN V 230 38.72 -34.01 20.67
CA ASN V 230 39.04 -33.44 21.96
C ASN V 230 39.95 -32.24 21.84
N LEU V 231 40.80 -32.26 20.82
CA LEU V 231 41.70 -31.16 20.55
C LEU V 231 40.96 -29.95 20.00
N GLU V 232 39.98 -30.21 19.14
CA GLU V 232 39.11 -29.17 18.61
C GLU V 232 38.35 -28.46 19.73
N ARG V 233 37.82 -29.25 20.67
CA ARG V 233 37.12 -28.74 21.84
C ARG V 233 38.03 -27.85 22.68
N GLU V 234 39.26 -28.30 22.90
CA GLU V 234 40.29 -27.55 23.62
C GLU V 234 40.56 -26.24 22.88
N ALA V 235 40.78 -26.32 21.57
CA ALA V 235 41.10 -25.17 20.74
C ALA V 235 40.04 -24.09 20.79
N LEU V 236 38.80 -24.52 21.05
CA LEU V 236 37.66 -23.63 21.14
C LEU V 236 37.77 -22.76 22.38
N LYS V 237 38.25 -23.34 23.47
CA LYS V 237 38.42 -22.62 24.73
C LYS V 237 39.68 -21.76 24.73
N SER V 238 40.83 -22.36 24.41
CA SER V 238 42.10 -21.67 24.58
C SER V 238 42.60 -20.96 23.32
N LYS V 239 41.95 -21.21 22.18
CA LYS V 239 42.29 -20.54 20.90
C LYS V 239 43.57 -21.06 20.23
N TYR V 240 44.36 -21.84 20.96
CA TYR V 240 45.60 -22.39 20.44
C TYR V 240 45.91 -23.76 21.04
N VAL V 241 46.15 -24.75 20.18
CA VAL V 241 46.41 -26.13 20.61
C VAL V 241 47.52 -26.80 19.79
N GLU V 242 48.49 -27.39 20.50
CA GLU V 242 49.54 -28.23 19.91
C GLU V 242 49.49 -29.63 20.46
N PHE V 243 49.71 -30.60 19.58
CA PHE V 243 49.63 -32.01 19.96
C PHE V 243 50.69 -32.78 19.21
N LYS V 244 51.63 -33.37 19.95
CA LYS V 244 52.69 -34.18 19.35
C LYS V 244 52.12 -35.55 18.95
N GLU V 245 52.66 -36.14 17.88
CA GLU V 245 52.27 -37.49 17.41
C GLU V 245 52.08 -38.51 18.52
N GLU V 246 51.03 -39.33 18.43
CA GLU V 246 50.90 -40.51 19.30
C GLU V 246 49.79 -41.51 18.96
N GLY V 247 49.95 -42.69 19.55
CA GLY V 247 49.07 -43.84 19.37
C GLY V 247 47.64 -43.62 19.80
N VAL V 248 46.73 -44.12 18.97
CA VAL V 248 45.29 -44.05 19.19
C VAL V 248 44.83 -44.99 20.30
N MET W 1 24.01 -22.06 -25.29
CA MET W 1 22.56 -21.73 -25.30
C MET W 1 22.15 -20.37 -25.91
N SER W 2 21.28 -20.39 -26.91
CA SER W 2 20.80 -19.19 -27.62
C SER W 2 19.40 -18.81 -27.17
N SER W 3 19.21 -17.54 -26.80
CA SER W 3 17.92 -17.10 -26.27
C SER W 3 17.45 -15.75 -26.79
N THR W 4 16.12 -15.59 -26.84
CA THR W 4 15.49 -14.39 -27.33
C THR W 4 16.04 -13.17 -26.60
N PRO W 5 16.63 -12.23 -27.35
CA PRO W 5 17.24 -11.04 -26.75
C PRO W 5 16.25 -10.23 -25.92
N SER W 6 16.58 -10.03 -24.65
CA SER W 6 15.72 -9.31 -23.69
C SER W 6 15.88 -7.79 -23.75
N ASN W 7 16.93 -7.34 -24.42
CA ASN W 7 17.27 -5.92 -24.50
C ASN W 7 16.62 -5.19 -25.67
N GLN W 8 16.45 -5.86 -26.81
CA GLN W 8 16.14 -5.19 -28.08
C GLN W 8 14.88 -4.32 -27.94
N ASN W 9 14.97 -3.07 -28.43
CA ASN W 9 13.88 -2.10 -28.22
C ASN W 9 12.63 -2.38 -29.05
N ILE W 10 11.55 -2.64 -28.32
CA ILE W 10 10.20 -2.81 -28.86
C ILE W 10 9.67 -1.48 -29.43
N ILE W 11 9.18 -1.54 -30.66
CA ILE W 11 8.79 -0.34 -31.41
C ILE W 11 7.25 -0.29 -31.60
N PRO W 12 6.59 0.75 -31.01
CA PRO W 12 5.12 0.79 -30.87
C PRO W 12 4.39 0.60 -32.19
N ILE W 13 3.27 -0.10 -32.13
CA ILE W 13 2.46 -0.39 -33.31
C ILE W 13 2.19 0.88 -34.12
N ILE W 14 1.99 1.98 -33.40
CA ILE W 14 1.66 3.28 -33.98
C ILE W 14 2.76 3.77 -34.91
N LYS W 15 4.02 3.53 -34.53
CA LYS W 15 5.15 3.92 -35.36
C LYS W 15 5.33 3.01 -36.56
N LYS W 16 5.10 1.73 -36.36
CA LYS W 16 5.15 0.76 -37.45
C LYS W 16 4.16 1.12 -38.54
N GLU W 17 2.95 1.51 -38.15
CA GLU W 17 1.92 1.87 -39.11
C GLU W 17 2.31 3.08 -39.94
N SER W 18 2.98 4.05 -39.32
CA SER W 18 3.50 5.22 -40.05
C SER W 18 4.37 4.80 -41.19
N ILE W 19 5.32 3.93 -40.87
CA ILE W 19 6.28 3.49 -41.85
C ILE W 19 5.57 2.70 -42.93
N VAL W 20 4.67 1.81 -42.52
CA VAL W 20 3.94 0.96 -43.46
C VAL W 20 3.07 1.81 -44.39
N SER W 21 2.48 2.88 -43.85
CA SER W 21 1.70 3.80 -44.65
C SER W 21 2.53 4.47 -45.75
N LEU W 22 3.81 4.72 -45.46
CA LEU W 22 4.70 5.31 -46.45
C LEU W 22 5.04 4.28 -47.50
N PHE W 23 5.35 3.06 -47.06
CA PHE W 23 5.65 1.94 -47.94
C PHE W 23 4.55 1.76 -48.97
N GLU W 24 3.31 1.96 -48.54
CA GLU W 24 2.16 1.75 -49.40
C GLU W 24 2.08 2.78 -50.52
N LYS W 25 2.69 3.95 -50.32
CA LYS W 25 2.86 4.94 -51.37
C LYS W 25 4.21 4.76 -52.05
N GLY W 26 4.90 3.67 -51.76
CA GLY W 26 6.15 3.34 -52.44
C GLY W 26 7.33 4.21 -52.05
N ILE W 27 7.28 4.79 -50.85
CA ILE W 27 8.36 5.64 -50.36
C ILE W 27 8.71 5.29 -48.92
N ARG W 28 9.88 5.73 -48.48
CA ARG W 28 10.37 5.46 -47.12
C ARG W 28 10.60 6.75 -46.33
N GLN W 29 10.86 6.59 -45.04
CA GLN W 29 11.11 7.72 -44.15
C GLN W 29 12.15 8.67 -44.72
N ASP W 30 13.30 8.12 -45.11
CA ASP W 30 14.42 8.93 -45.59
C ASP W 30 14.28 9.34 -47.05
N GLY W 31 13.15 9.00 -47.66
CA GLY W 31 12.86 9.44 -49.01
C GLY W 31 13.22 8.49 -50.13
N ARG W 32 13.89 7.38 -49.82
CA ARG W 32 14.30 6.47 -50.89
C ARG W 32 13.19 5.50 -51.31
N LYS W 33 13.38 4.87 -52.47
CA LYS W 33 12.46 3.87 -52.99
C LYS W 33 12.66 2.58 -52.24
N LEU W 34 11.72 1.65 -52.39
CA LEU W 34 11.77 0.38 -51.67
C LEU W 34 12.99 -0.46 -52.07
N THR W 35 13.51 -0.19 -53.27
CA THR W 35 14.62 -0.97 -53.83
C THR W 35 15.97 -0.23 -53.78
N ASP W 36 15.98 0.96 -53.18
CA ASP W 36 17.20 1.78 -53.10
C ASP W 36 18.12 1.39 -51.95
N TYR W 37 19.42 1.45 -52.22
CA TYR W 37 20.45 1.44 -51.19
C TYR W 37 20.63 2.84 -50.60
N ARG W 38 21.08 2.90 -49.34
CA ARG W 38 21.46 4.18 -48.72
C ARG W 38 22.76 4.70 -49.35
N PRO W 39 23.12 5.98 -49.07
CA PRO W 39 24.39 6.52 -49.57
C PRO W 39 25.58 5.72 -49.04
N LEU W 40 26.56 5.44 -49.91
CA LEU W 40 27.69 4.63 -49.54
C LEU W 40 29.02 5.40 -49.61
N SER W 41 29.77 5.41 -48.50
CA SER W 41 31.15 5.93 -48.48
C SER W 41 32.11 4.80 -48.21
N ILE W 42 33.24 4.84 -48.88
CA ILE W 42 34.32 3.92 -48.54
C ILE W 42 35.62 4.68 -48.54
N THR W 43 36.31 4.61 -47.40
CA THR W 43 37.62 5.23 -47.23
C THR W 43 38.65 4.11 -47.06
N LEU W 44 39.53 3.99 -48.04
CA LEU W 44 40.54 2.96 -48.03
C LEU W 44 41.74 3.40 -47.20
N ASP W 45 42.49 2.42 -46.69
CA ASP W 45 43.71 2.68 -45.94
C ASP W 45 43.42 3.60 -44.73
N TYR W 46 42.29 3.36 -44.06
CA TYR W 46 41.90 4.19 -42.92
C TYR W 46 42.71 3.84 -41.68
N ALA W 47 42.96 2.54 -41.49
CA ALA W 47 43.76 2.07 -40.38
C ALA W 47 45.20 1.85 -40.84
N LYS W 48 46.07 2.80 -40.53
CA LYS W 48 47.40 2.87 -41.17
C LYS W 48 48.31 1.68 -40.90
N LYS W 49 48.17 1.08 -39.72
CA LYS W 49 49.00 -0.06 -39.34
C LYS W 49 48.41 -1.41 -39.74
N ALA W 50 47.26 -1.38 -40.40
CA ALA W 50 46.70 -2.56 -41.05
C ALA W 50 47.40 -2.76 -42.38
N ASP W 51 47.42 -3.99 -42.87
CA ASP W 51 48.02 -4.27 -44.17
C ASP W 51 47.12 -3.72 -45.28
N GLY W 52 45.82 -3.77 -45.04
CA GLY W 52 44.83 -3.12 -45.89
C GLY W 52 43.61 -2.87 -45.03
N SER W 53 42.89 -1.78 -45.29
CA SER W 53 41.72 -1.44 -44.47
C SER W 53 40.70 -0.64 -45.23
N ALA W 54 39.47 -0.64 -44.73
CA ALA W 54 38.38 0.15 -45.31
C ALA W 54 37.39 0.61 -44.26
N LEU W 55 37.08 1.91 -44.27
CA LEU W 55 36.01 2.46 -43.44
C LEU W 55 34.79 2.67 -44.31
N VAL W 56 33.75 1.90 -44.06
CA VAL W 56 32.51 1.95 -44.84
C VAL W 56 31.39 2.66 -44.07
N LYS W 57 30.81 3.70 -44.68
CA LYS W 57 29.57 4.28 -44.16
C LYS W 57 28.46 3.93 -45.13
N LEU W 58 27.51 3.14 -44.64
CA LEU W 58 26.29 2.82 -45.36
C LEU W 58 25.13 3.37 -44.55
N GLY W 59 24.65 4.53 -44.98
CA GLY W 59 23.71 5.30 -44.18
C GLY W 59 24.41 5.70 -42.91
N THR W 60 23.85 5.30 -41.77
CA THR W 60 24.46 5.60 -40.49
C THR W 60 25.19 4.38 -39.92
N THR W 61 25.22 3.29 -40.66
CA THR W 61 26.03 2.14 -40.25
C THR W 61 27.49 2.36 -40.63
N MET W 62 28.38 2.21 -39.65
CA MET W 62 29.81 2.34 -39.92
C MET W 62 30.56 1.09 -39.53
N VAL W 63 31.40 0.65 -40.45
CA VAL W 63 32.20 -0.54 -40.24
C VAL W 63 33.64 -0.27 -40.68
N LEU W 64 34.58 -0.63 -39.83
CA LEU W 64 35.99 -0.57 -40.18
C LEU W 64 36.53 -1.99 -40.24
N ALA W 65 37.03 -2.39 -41.39
CA ALA W 65 37.64 -3.70 -41.57
C ALA W 65 39.11 -3.51 -41.82
N GLY W 66 39.93 -4.39 -41.28
CA GLY W 66 41.37 -4.30 -41.45
C GLY W 66 41.99 -5.68 -41.55
N THR W 67 42.98 -5.82 -42.44
CA THR W 67 43.68 -7.09 -42.62
C THR W 67 45.07 -7.08 -42.00
N LYS W 68 45.56 -8.27 -41.71
CA LYS W 68 46.86 -8.47 -41.12
C LYS W 68 47.35 -9.83 -41.58
N LEU W 69 48.50 -9.84 -42.24
CA LEU W 69 49.06 -11.06 -42.83
C LEU W 69 50.19 -11.64 -42.01
N GLU W 70 50.17 -12.96 -41.84
CA GLU W 70 51.20 -13.66 -41.08
C GLU W 70 51.61 -14.95 -41.77
N ILE W 71 52.84 -15.37 -41.53
CA ILE W 71 53.34 -16.61 -42.09
C ILE W 71 53.17 -17.74 -41.09
N ASP W 72 52.50 -18.80 -41.51
CA ASP W 72 52.20 -19.96 -40.68
C ASP W 72 52.49 -21.23 -41.45
N LYS W 73 52.76 -22.31 -40.73
CA LYS W 73 52.72 -23.64 -41.32
C LYS W 73 51.26 -23.89 -41.71
N PRO W 74 51.03 -24.56 -42.87
CA PRO W 74 49.65 -24.82 -43.26
C PRO W 74 49.04 -25.97 -42.46
N TYR W 75 47.78 -26.28 -42.75
CA TYR W 75 47.13 -27.45 -42.17
C TYR W 75 47.52 -28.74 -42.89
N GLU W 76 47.75 -29.81 -42.13
CA GLU W 76 48.06 -31.13 -42.68
C GLU W 76 47.02 -31.51 -43.73
N ASP W 77 45.79 -31.05 -43.51
CA ASP W 77 44.68 -31.29 -44.43
C ASP W 77 44.84 -30.58 -45.77
N THR W 78 45.48 -29.40 -45.77
CA THR W 78 45.57 -28.56 -46.98
C THR W 78 46.94 -27.89 -47.10
N PRO W 79 47.95 -28.63 -47.60
CA PRO W 79 49.32 -28.08 -47.72
C PRO W 79 49.45 -27.09 -48.88
N ASN W 80 48.38 -26.94 -49.65
CA ASN W 80 48.41 -26.12 -50.85
C ASN W 80 47.49 -24.92 -50.74
N GLN W 81 47.22 -24.52 -49.51
CA GLN W 81 46.37 -23.37 -49.29
C GLN W 81 46.92 -22.51 -48.16
N GLY W 82 46.60 -21.21 -48.25
CA GLY W 82 46.76 -20.27 -47.16
C GLY W 82 45.47 -20.22 -46.36
N ASN W 83 45.40 -19.29 -45.42
CA ASN W 83 44.28 -19.23 -44.52
C ASN W 83 43.57 -17.90 -44.57
N LEU W 84 42.25 -17.96 -44.39
CA LEU W 84 41.44 -16.77 -44.14
C LEU W 84 40.75 -16.94 -42.80
N ILE W 85 40.90 -15.95 -41.92
CA ILE W 85 40.20 -15.96 -40.63
C ILE W 85 39.43 -14.65 -40.48
N VAL W 86 38.11 -14.76 -40.41
CA VAL W 86 37.25 -13.60 -40.32
C VAL W 86 36.74 -13.43 -38.91
N ASN W 87 36.82 -12.22 -38.39
CA ASN W 87 36.30 -11.90 -37.08
C ASN W 87 35.53 -10.61 -37.10
N VAL W 88 34.36 -10.62 -36.46
CA VAL W 88 33.50 -9.46 -36.41
C VAL W 88 33.26 -9.08 -34.96
N GLU W 89 33.34 -7.79 -34.66
CA GLU W 89 32.98 -7.28 -33.33
C GLU W 89 31.94 -6.17 -33.43
N LEU W 90 30.88 -6.31 -32.64
CA LEU W 90 29.88 -5.28 -32.51
C LEU W 90 30.19 -4.52 -31.23
N LEU W 91 30.42 -3.21 -31.32
CA LEU W 91 30.86 -2.45 -30.15
C LEU W 91 29.78 -1.71 -29.36
N PRO W 92 28.79 -1.09 -30.06
CA PRO W 92 27.81 -0.19 -29.40
C PRO W 92 27.03 -0.80 -28.21
N ASP W 104 30.12 -12.87 -29.21
CA ASP W 104 28.71 -12.48 -29.07
C ASP W 104 27.71 -13.56 -29.50
N GLU W 105 27.40 -13.67 -30.80
CA GLU W 105 26.41 -14.63 -31.38
C GLU W 105 25.94 -14.08 -32.72
N ASN W 106 25.53 -12.83 -32.71
CA ASN W 106 25.28 -12.10 -33.94
C ASN W 106 26.61 -11.78 -34.60
N ALA W 107 27.63 -11.49 -33.78
CA ALA W 107 28.98 -11.25 -34.26
C ALA W 107 29.52 -12.51 -34.93
N ILE W 108 29.30 -13.66 -34.30
CA ILE W 108 29.74 -14.93 -34.88
C ILE W 108 28.99 -15.24 -36.20
N GLU W 109 27.66 -15.09 -36.20
CA GLU W 109 26.90 -15.26 -37.43
C GLU W 109 27.45 -14.37 -38.54
N LEU W 110 27.62 -13.08 -38.26
CA LEU W 110 28.11 -12.14 -39.25
C LEU W 110 29.45 -12.59 -39.83
N ALA W 111 30.37 -12.95 -38.93
CA ALA W 111 31.68 -13.44 -39.33
C ALA W 111 31.57 -14.62 -40.28
N ARG W 112 30.80 -15.62 -39.88
CA ARG W 112 30.66 -16.83 -40.68
C ARG W 112 29.97 -16.58 -42.01
N VAL W 113 28.97 -15.72 -42.02
CA VAL W 113 28.24 -15.44 -43.27
C VAL W 113 29.17 -14.76 -44.26
N VAL W 114 29.93 -13.78 -43.77
CA VAL W 114 30.93 -13.07 -44.58
C VAL W 114 31.99 -14.05 -45.06
N ASP W 115 32.54 -14.81 -44.12
CA ASP W 115 33.55 -15.80 -44.46
C ASP W 115 33.08 -16.70 -45.60
N ARG W 116 31.91 -17.32 -45.39
CA ARG W 116 31.34 -18.22 -46.37
C ARG W 116 31.25 -17.64 -47.76
N SER W 117 30.83 -16.37 -47.82
CA SER W 117 30.63 -15.75 -49.12
C SER W 117 31.95 -15.33 -49.77
N LEU W 118 32.99 -15.12 -48.97
CA LEU W 118 34.32 -14.87 -49.54
C LEU W 118 35.01 -16.16 -49.97
N ARG W 119 34.79 -17.22 -49.18
CA ARG W 119 35.44 -18.51 -49.38
C ARG W 119 34.79 -19.32 -50.50
N ASP W 120 33.46 -19.47 -50.45
CA ASP W 120 32.74 -20.31 -51.42
C ASP W 120 32.73 -19.73 -52.81
N SER W 121 32.76 -18.41 -52.90
CA SER W 121 32.82 -17.70 -54.17
C SER W 121 34.20 -17.77 -54.78
N LYS W 122 35.19 -18.13 -53.96
CA LYS W 122 36.60 -18.13 -54.35
C LYS W 122 37.02 -16.74 -54.83
N ALA W 123 36.47 -15.72 -54.18
CA ALA W 123 36.86 -14.32 -54.41
C ALA W 123 38.33 -14.15 -54.02
N LEU W 124 38.72 -14.73 -52.89
CA LEU W 124 40.11 -14.80 -52.52
C LEU W 124 40.59 -16.23 -52.80
N ASP W 125 41.64 -16.36 -53.60
CA ASP W 125 42.15 -17.67 -53.96
C ASP W 125 43.20 -18.11 -52.95
N LEU W 126 42.79 -18.96 -52.01
CA LEU W 126 43.66 -19.39 -50.93
C LEU W 126 44.85 -20.23 -51.40
N THR W 127 44.70 -20.91 -52.53
CA THR W 127 45.76 -21.78 -53.05
C THR W 127 46.94 -20.96 -53.58
N LYS W 128 46.70 -19.67 -53.81
CA LYS W 128 47.74 -18.74 -54.26
C LYS W 128 48.37 -17.96 -53.11
N LEU W 129 48.09 -18.39 -51.88
CA LEU W 129 48.69 -17.80 -50.69
C LEU W 129 49.81 -18.67 -50.13
N VAL W 130 50.24 -19.66 -50.92
CA VAL W 130 51.30 -20.58 -50.52
C VAL W 130 52.65 -19.95 -50.81
N ILE W 131 53.56 -20.05 -49.85
CA ILE W 131 54.92 -19.57 -50.02
C ILE W 131 55.81 -20.78 -50.32
N GLU W 132 55.99 -21.65 -49.33
CA GLU W 132 56.66 -22.94 -49.53
C GLU W 132 55.59 -24.01 -49.35
N PRO W 133 55.25 -24.75 -50.42
CA PRO W 133 54.17 -25.74 -50.28
C PRO W 133 54.43 -26.74 -49.16
N GLY W 134 53.55 -26.76 -48.16
CA GLY W 134 53.65 -27.69 -47.04
C GLY W 134 54.54 -27.26 -45.88
N LYS W 135 55.29 -26.17 -46.04
CA LYS W 135 56.11 -25.59 -44.96
C LYS W 135 55.58 -24.22 -44.46
N SER W 136 55.23 -23.32 -45.38
CA SER W 136 54.80 -21.99 -45.00
C SER W 136 53.81 -21.33 -45.96
N VAL W 137 52.73 -20.77 -45.39
CA VAL W 137 51.67 -20.09 -46.16
C VAL W 137 51.25 -18.80 -45.44
N TRP W 138 50.54 -17.94 -46.17
CA TRP W 138 49.98 -16.70 -45.59
C TRP W 138 48.68 -16.97 -44.86
N THR W 139 48.55 -16.42 -43.66
CA THR W 139 47.25 -16.36 -42.99
C THR W 139 46.75 -14.92 -43.12
N VAL W 140 45.54 -14.77 -43.66
CA VAL W 140 44.95 -13.46 -43.79
C VAL W 140 43.95 -13.29 -42.67
N TRP W 141 44.32 -12.47 -41.69
CA TRP W 141 43.43 -12.14 -40.59
C TRP W 141 42.58 -10.96 -41.03
N LEU W 142 41.29 -11.20 -41.13
CA LEU W 142 40.35 -10.13 -41.45
C LEU W 142 39.55 -9.77 -40.19
N ASP W 143 39.76 -8.55 -39.67
CA ASP W 143 39.04 -8.09 -38.48
C ASP W 143 38.08 -6.95 -38.81
N VAL W 144 36.81 -7.18 -38.54
CA VAL W 144 35.75 -6.27 -38.94
C VAL W 144 35.07 -5.67 -37.70
N TYR W 145 35.17 -4.35 -37.55
CA TYR W 145 34.66 -3.66 -36.36
C TYR W 145 33.47 -2.81 -36.71
N VAL W 146 32.29 -3.18 -36.19
CA VAL W 146 31.08 -2.37 -36.38
C VAL W 146 31.13 -1.28 -35.35
N LEU W 147 31.29 -0.05 -35.83
CA LEU W 147 31.47 1.10 -34.95
C LEU W 147 30.16 1.85 -34.68
N ASP W 148 29.24 1.78 -35.62
CA ASP W 148 27.98 2.50 -35.52
C ASP W 148 26.89 1.62 -36.10
N TYR W 149 25.92 1.27 -35.27
CA TYR W 149 24.88 0.32 -35.65
C TYR W 149 23.68 1.04 -36.23
N GLY W 150 23.59 1.13 -37.55
CA GLY W 150 22.51 1.89 -38.17
C GLY W 150 21.61 1.03 -39.05
N GLY W 151 21.62 -0.28 -38.81
CA GLY W 151 20.82 -1.19 -39.62
C GLY W 151 21.57 -1.78 -40.80
N ASN W 152 21.23 -3.01 -41.15
CA ASN W 152 21.84 -3.76 -42.26
C ASN W 152 23.35 -3.85 -42.14
N VAL W 153 23.79 -4.24 -40.95
CA VAL W 153 25.20 -4.39 -40.63
C VAL W 153 25.91 -5.39 -41.57
N LEU W 154 25.25 -6.49 -41.92
CA LEU W 154 25.84 -7.51 -42.76
C LEU W 154 26.34 -6.97 -44.10
N ASP W 155 25.50 -6.25 -44.82
CA ASP W 155 25.88 -5.75 -46.14
C ASP W 155 27.10 -4.84 -46.01
N ALA W 156 27.10 -4.04 -44.94
CA ALA W 156 28.21 -3.12 -44.67
C ALA W 156 29.47 -3.89 -44.33
N CYS W 157 29.33 -5.00 -43.61
CA CYS W 157 30.47 -5.86 -43.28
C CYS W 157 31.08 -6.49 -44.53
N THR W 158 30.24 -6.96 -45.44
CA THR W 158 30.74 -7.55 -46.67
C THR W 158 31.48 -6.49 -47.49
N LEU W 159 30.91 -5.30 -47.57
CA LEU W 159 31.55 -4.21 -48.32
C LEU W 159 32.89 -3.84 -47.73
N ALA W 160 32.92 -3.66 -46.40
CA ALA W 160 34.16 -3.37 -45.70
C ALA W 160 35.20 -4.48 -45.91
N SER W 161 34.77 -5.73 -45.76
CA SER W 161 35.66 -6.87 -45.90
C SER W 161 36.31 -6.89 -47.27
N VAL W 162 35.49 -6.85 -48.31
CA VAL W 162 35.96 -6.92 -49.70
C VAL W 162 36.92 -5.75 -49.95
N ALA W 163 36.51 -4.56 -49.51
CA ALA W 163 37.33 -3.36 -49.68
C ALA W 163 38.68 -3.49 -48.98
N ALA W 164 38.67 -3.98 -47.74
CA ALA W 164 39.91 -4.15 -46.99
C ALA W 164 40.86 -5.15 -47.69
N LEU W 165 40.28 -6.25 -48.18
CA LEU W 165 41.07 -7.23 -48.91
C LEU W 165 41.73 -6.62 -50.14
N TYR W 166 40.95 -5.89 -50.93
CA TYR W 166 41.49 -5.22 -52.11
C TYR W 166 42.57 -4.18 -51.78
N ASN W 167 42.45 -3.56 -50.61
CA ASN W 167 43.39 -2.56 -50.17
C ASN W 167 44.68 -3.17 -49.58
N THR W 168 44.71 -4.49 -49.40
CA THR W 168 45.82 -5.16 -48.73
C THR W 168 47.09 -5.17 -49.56
N LYS W 169 48.18 -4.75 -48.91
CA LYS W 169 49.51 -4.84 -49.45
C LYS W 169 50.20 -6.11 -48.97
N VAL W 170 50.80 -6.86 -49.88
CA VAL W 170 51.61 -8.03 -49.52
C VAL W 170 53.09 -7.63 -49.53
N TYR W 171 53.82 -8.08 -48.51
CA TYR W 171 55.23 -7.70 -48.33
C TYR W 171 56.26 -8.72 -48.84
N LYS W 172 57.53 -8.32 -48.90
CA LYS W 172 58.62 -9.19 -49.36
C LYS W 172 58.90 -10.30 -48.37
N VAL W 173 59.20 -11.48 -48.91
CA VAL W 173 59.53 -12.65 -48.08
C VAL W 173 61.04 -12.95 -48.16
N GLU W 174 61.74 -12.74 -47.05
CA GLU W 174 63.17 -13.06 -46.96
C GLU W 174 63.37 -14.51 -46.48
N GLN W 175 64.02 -15.32 -47.32
CA GLN W 175 64.31 -16.73 -47.02
C GLN W 175 65.81 -17.01 -46.98
N ILE W 180 60.88 -17.36 -44.05
CA ILE W 180 61.54 -17.20 -42.77
C ILE W 180 61.30 -15.82 -42.13
N SER W 181 61.47 -14.75 -42.93
CA SER W 181 61.26 -13.37 -42.45
C SER W 181 60.41 -12.52 -43.41
N VAL W 182 59.57 -11.66 -42.84
CA VAL W 182 58.79 -10.68 -43.62
C VAL W 182 59.46 -9.30 -43.56
N ASN W 183 59.73 -8.73 -44.74
CA ASN W 183 60.31 -7.39 -44.81
C ASN W 183 59.25 -6.33 -45.08
N LYS W 184 58.80 -5.67 -44.02
CA LYS W 184 57.58 -4.85 -44.06
C LYS W 184 57.69 -3.47 -44.72
N ASN W 185 58.85 -3.15 -45.27
CA ASN W 185 58.98 -1.88 -46.00
C ASN W 185 59.34 -2.06 -47.48
N GLU W 186 59.17 -3.29 -47.97
CA GLU W 186 59.14 -3.55 -49.41
C GLU W 186 57.81 -4.21 -49.77
N VAL W 187 56.90 -3.41 -50.35
CA VAL W 187 55.62 -3.91 -50.83
C VAL W 187 55.83 -4.65 -52.16
N VAL W 188 55.44 -5.93 -52.17
CA VAL W 188 55.70 -6.83 -53.30
C VAL W 188 54.50 -6.97 -54.25
N GLY W 189 53.28 -6.93 -53.71
CA GLY W 189 52.08 -7.09 -54.52
C GLY W 189 50.79 -6.97 -53.76
N LYS W 190 49.73 -7.57 -54.32
CA LYS W 190 48.39 -7.50 -53.75
C LYS W 190 47.87 -8.91 -53.47
N LEU W 191 46.72 -9.00 -52.83
CA LEU W 191 46.10 -10.29 -52.57
C LEU W 191 45.60 -10.94 -53.87
N PRO W 192 45.69 -12.28 -53.97
CA PRO W 192 45.16 -12.99 -55.14
C PRO W 192 43.63 -12.99 -55.15
N LEU W 193 43.06 -11.86 -55.56
CA LEU W 193 41.62 -11.69 -55.57
C LEU W 193 41.05 -11.87 -56.97
N ASN W 194 40.03 -12.72 -57.08
CA ASN W 194 39.39 -12.98 -58.37
C ASN W 194 38.38 -11.92 -58.78
N TYR W 195 37.63 -11.44 -57.80
CA TYR W 195 36.58 -10.44 -58.03
C TYR W 195 36.03 -9.99 -56.72
N PRO W 196 35.39 -8.82 -56.70
CA PRO W 196 34.64 -8.45 -55.49
C PRO W 196 33.38 -9.31 -55.35
N VAL W 197 32.73 -9.19 -54.21
CA VAL W 197 31.50 -9.90 -53.92
C VAL W 197 30.62 -8.91 -53.18
N VAL W 198 29.32 -8.98 -53.38
CA VAL W 198 28.39 -8.16 -52.59
C VAL W 198 27.31 -9.00 -51.91
N THR W 199 26.89 -8.57 -50.74
CA THR W 199 25.75 -9.19 -50.09
C THR W 199 24.63 -8.17 -50.07
N ILE W 200 23.45 -8.57 -50.53
CA ILE W 200 22.30 -7.70 -50.55
C ILE W 200 21.20 -8.24 -49.64
N SER W 201 20.79 -7.42 -48.67
CA SER W 201 19.75 -7.81 -47.71
C SER W 201 18.39 -7.21 -48.08
N VAL W 202 17.39 -8.09 -48.21
CA VAL W 202 16.01 -7.66 -48.47
C VAL W 202 15.12 -8.00 -47.26
N ALA W 203 14.48 -6.99 -46.70
CA ALA W 203 13.67 -7.16 -45.51
C ALA W 203 12.20 -7.25 -45.90
N LYS W 204 11.48 -8.12 -45.20
CA LYS W 204 10.05 -8.24 -45.36
C LYS W 204 9.43 -7.44 -44.24
N VAL W 205 8.75 -6.36 -44.61
CA VAL W 205 7.97 -5.59 -43.65
C VAL W 205 6.51 -5.61 -44.09
N ASP W 206 5.64 -6.13 -43.23
CA ASP W 206 4.23 -6.28 -43.57
C ASP W 206 4.18 -7.05 -44.89
N LYS W 207 3.57 -6.45 -45.91
CA LYS W 207 3.48 -7.12 -47.22
C LYS W 207 4.47 -6.54 -48.23
N TYR W 208 5.48 -5.82 -47.74
CA TYR W 208 6.44 -5.13 -48.62
C TYR W 208 7.83 -5.72 -48.51
N LEU W 209 8.58 -5.63 -49.60
CA LEU W 209 10.00 -5.99 -49.58
C LEU W 209 10.85 -4.75 -49.78
N VAL W 210 11.86 -4.63 -48.94
CA VAL W 210 12.64 -3.40 -48.84
C VAL W 210 14.12 -3.73 -48.85
N VAL W 211 14.87 -3.04 -49.72
CA VAL W 211 16.31 -3.26 -49.85
C VAL W 211 17.07 -2.41 -48.84
N ASP W 212 18.10 -3.00 -48.23
CA ASP W 212 18.97 -2.29 -47.28
C ASP W 212 18.16 -1.61 -46.16
N PRO W 213 17.59 -2.42 -45.24
CA PRO W 213 16.74 -1.86 -44.18
C PRO W 213 17.53 -1.03 -43.16
N ASP W 214 17.02 0.15 -42.81
CA ASP W 214 17.66 0.95 -41.77
C ASP W 214 17.25 0.48 -40.39
N LEU W 215 17.67 1.22 -39.37
CA LEU W 215 17.49 0.82 -37.99
C LEU W 215 16.02 0.61 -37.63
N ASP W 216 15.20 1.62 -37.92
CA ASP W 216 13.77 1.52 -37.69
C ASP W 216 13.16 0.36 -38.48
N GLU W 217 13.55 0.23 -39.74
CA GLU W 217 13.01 -0.79 -40.61
C GLU W 217 13.33 -2.18 -40.08
N GLU W 218 14.56 -2.37 -39.60
CA GLU W 218 14.96 -3.68 -39.04
C GLU W 218 14.17 -4.03 -37.78
N SER W 219 13.76 -3.01 -37.02
CA SER W 219 13.05 -3.28 -35.79
C SER W 219 11.60 -3.67 -36.02
N ILE W 220 11.05 -3.36 -37.19
CA ILE W 220 9.64 -3.65 -37.49
C ILE W 220 9.43 -4.78 -38.49
N MET W 221 10.52 -5.24 -39.10
CA MET W 221 10.49 -6.27 -40.12
C MET W 221 10.12 -7.64 -39.55
N ASP W 222 9.50 -8.46 -40.38
CA ASP W 222 9.22 -9.84 -40.01
C ASP W 222 10.49 -10.64 -39.98
N ALA W 223 11.25 -10.50 -41.06
CA ALA W 223 12.51 -11.22 -41.29
C ALA W 223 13.24 -10.55 -42.45
N LYS W 224 14.53 -10.87 -42.61
CA LYS W 224 15.25 -10.44 -43.80
C LYS W 224 16.00 -11.61 -44.39
N ILE W 225 16.36 -11.50 -45.67
CA ILE W 225 17.09 -12.55 -46.35
C ILE W 225 18.22 -11.88 -47.13
N SER W 226 19.43 -12.42 -46.99
CA SER W 226 20.61 -11.84 -47.61
C SER W 226 21.18 -12.73 -48.68
N PHE W 227 21.37 -12.18 -49.88
CA PHE W 227 21.88 -12.94 -51.00
C PHE W 227 23.24 -12.42 -51.36
N SER W 228 24.19 -13.31 -51.59
CA SER W 228 25.52 -12.89 -51.98
C SER W 228 25.78 -13.21 -53.43
N TYR W 229 26.34 -12.25 -54.15
CA TYR W 229 26.58 -12.39 -55.58
C TYR W 229 28.02 -12.11 -55.96
N THR W 230 28.50 -12.85 -56.97
CA THR W 230 29.72 -12.52 -57.67
C THR W 230 29.31 -11.65 -58.87
N PRO W 231 30.28 -10.98 -59.53
CA PRO W 231 29.94 -10.07 -60.64
C PRO W 231 29.17 -10.71 -61.81
N ASP W 232 29.38 -11.99 -62.04
CA ASP W 232 28.61 -12.72 -63.06
C ASP W 232 27.19 -13.01 -62.57
N LEU W 233 26.88 -12.59 -61.36
CA LEU W 233 25.53 -12.72 -60.78
C LEU W 233 25.17 -14.15 -60.43
N LYS W 234 26.17 -14.92 -60.02
CA LYS W 234 25.96 -16.24 -59.44
C LYS W 234 25.68 -16.06 -57.96
N ILE W 235 24.75 -16.85 -57.43
CA ILE W 235 24.43 -16.84 -55.99
C ILE W 235 25.43 -17.73 -55.27
N VAL W 236 25.89 -17.23 -54.14
CA VAL W 236 27.19 -17.58 -53.58
C VAL W 236 27.10 -17.59 -52.04
N GLY W 237 25.92 -17.18 -51.55
CA GLY W 237 25.51 -17.36 -50.18
C GLY W 237 24.10 -16.84 -50.00
N ILE W 238 23.31 -17.54 -49.17
CA ILE W 238 21.98 -17.05 -48.74
C ILE W 238 21.83 -17.27 -47.23
N GLN W 239 21.29 -16.26 -46.55
CA GLN W 239 21.02 -16.34 -45.14
C GLN W 239 19.74 -15.58 -44.77
N LYS W 240 18.70 -16.33 -44.37
CA LYS W 240 17.51 -15.71 -43.77
C LYS W 240 17.81 -15.35 -42.32
N SER W 241 17.13 -14.31 -41.85
CA SER W 241 17.43 -13.77 -40.54
C SER W 241 16.19 -13.10 -39.96
N GLY W 242 16.01 -13.23 -38.65
CA GLY W 242 14.91 -12.56 -37.96
C GLY W 242 13.92 -13.55 -37.38
N LYS W 243 13.12 -13.10 -36.42
CA LYS W 243 12.25 -13.99 -35.67
C LYS W 243 10.93 -14.30 -36.39
N GLY W 244 10.78 -13.76 -37.59
CA GLY W 244 9.57 -13.99 -38.36
C GLY W 244 9.82 -14.89 -39.55
N SER W 245 8.76 -15.16 -40.29
CA SER W 245 8.87 -15.98 -41.48
C SER W 245 8.59 -15.19 -42.76
N MET W 246 8.71 -15.89 -43.88
CA MET W 246 8.67 -15.27 -45.19
C MET W 246 8.11 -16.32 -46.14
N SER W 247 7.23 -15.91 -47.07
CA SER W 247 6.61 -16.86 -47.97
C SER W 247 7.54 -17.29 -49.11
N LEU W 248 7.15 -18.37 -49.79
CA LEU W 248 7.84 -18.84 -50.98
C LEU W 248 7.99 -17.71 -52.01
N GLN W 249 6.88 -17.03 -52.29
CA GLN W 249 6.87 -15.94 -53.25
C GLN W 249 7.70 -14.76 -52.78
N ASP W 250 7.70 -14.52 -51.46
CA ASP W 250 8.51 -13.46 -50.89
C ASP W 250 9.97 -13.69 -51.25
N ILE W 251 10.43 -14.91 -51.05
CA ILE W 251 11.83 -15.24 -51.29
C ILE W 251 12.19 -15.16 -52.77
N ASP W 252 11.29 -15.69 -53.61
CA ASP W 252 11.42 -15.58 -55.05
C ASP W 252 11.59 -14.12 -55.49
N GLN W 253 10.67 -13.24 -55.10
CA GLN W 253 10.79 -11.80 -55.40
C GLN W 253 12.03 -11.17 -54.79
N ALA W 254 12.34 -11.55 -53.55
CA ALA W 254 13.47 -10.97 -52.84
C ALA W 254 14.74 -11.16 -53.65
N GLU W 255 14.93 -12.34 -54.24
CA GLU W 255 16.18 -12.58 -54.94
C GLU W 255 16.22 -11.83 -56.28
N ASN W 256 15.08 -11.72 -56.97
CA ASN W 256 15.02 -10.86 -58.17
C ASN W 256 15.46 -9.46 -57.82
N THR W 257 14.88 -8.92 -56.76
CA THR W 257 15.16 -7.57 -56.35
C THR W 257 16.63 -7.47 -55.96
N ALA W 258 17.08 -8.44 -55.16
CA ALA W 258 18.47 -8.47 -54.68
C ALA W 258 19.44 -8.44 -55.83
N ARG W 259 19.22 -9.33 -56.80
CA ARG W 259 20.11 -9.46 -57.94
C ARG W 259 20.17 -8.20 -58.83
N SER W 260 19.04 -7.54 -59.05
CA SER W 260 19.09 -6.35 -59.88
C SER W 260 19.73 -5.20 -59.11
N THR W 261 19.62 -5.25 -57.79
CA THR W 261 20.34 -4.30 -56.93
C THR W 261 21.84 -4.56 -56.96
N ALA W 262 22.21 -5.84 -56.95
CA ALA W 262 23.60 -6.24 -56.92
C ALA W 262 24.43 -5.60 -58.03
N VAL W 263 23.85 -5.43 -59.21
CA VAL W 263 24.56 -4.85 -60.33
C VAL W 263 25.00 -3.41 -60.00
N LYS W 264 24.06 -2.62 -59.48
CA LYS W 264 24.32 -1.23 -59.12
C LYS W 264 25.38 -1.14 -58.03
N LEU W 265 25.22 -1.99 -57.01
CA LEU W 265 26.12 -1.94 -55.86
C LEU W 265 27.53 -2.34 -56.24
N LEU W 266 27.66 -3.34 -57.11
CA LEU W 266 28.97 -3.78 -57.59
C LEU W 266 29.67 -2.65 -58.34
N GLU W 267 28.94 -1.95 -59.19
CA GLU W 267 29.51 -0.86 -59.94
C GLU W 267 29.99 0.26 -59.03
N GLU W 268 29.23 0.50 -57.96
CA GLU W 268 29.59 1.52 -56.99
C GLU W 268 30.80 1.09 -56.18
N LEU W 269 30.81 -0.18 -55.74
CA LEU W 269 31.95 -0.74 -55.00
C LEU W 269 33.24 -0.62 -55.80
N LYS W 270 33.18 -0.97 -57.07
CA LYS W 270 34.34 -0.93 -57.94
C LYS W 270 34.88 0.48 -58.06
N LYS W 271 33.99 1.46 -58.21
CA LYS W 271 34.41 2.87 -58.25
C LYS W 271 35.27 3.25 -57.04
N HIS W 272 34.82 2.85 -55.85
CA HIS W 272 35.56 3.11 -54.63
C HIS W 272 36.92 2.39 -54.63
N LEU W 273 36.96 1.19 -55.21
CA LEU W 273 38.17 0.40 -55.19
C LEU W 273 39.15 0.71 -56.31
N GLY W 274 38.76 1.58 -57.25
CA GLY W 274 39.53 1.81 -58.47
C GLY W 274 39.44 0.59 -59.37
N ILE W 275 38.22 0.04 -59.44
CA ILE W 275 37.90 -1.29 -59.99
C ILE W 275 38.70 -2.45 -59.34
N GLU X 8 41.09 -37.36 -51.39
CA GLU X 8 40.75 -36.80 -52.74
C GLU X 8 39.25 -37.00 -53.09
N ARG X 9 38.72 -36.04 -53.87
CA ARG X 9 37.30 -35.98 -54.28
C ARG X 9 36.73 -37.24 -54.93
N PRO X 10 35.70 -37.84 -54.30
CA PRO X 10 34.98 -38.95 -54.91
C PRO X 10 33.97 -38.46 -55.95
N LYS X 11 33.56 -39.37 -56.84
CA LYS X 11 32.47 -39.07 -57.76
C LYS X 11 31.16 -39.02 -56.98
N LEU X 12 30.36 -37.99 -57.25
CA LEU X 12 29.10 -37.80 -56.51
C LEU X 12 27.83 -38.33 -57.23
N ILE X 13 27.81 -38.25 -58.56
CA ILE X 13 26.80 -38.93 -59.39
C ILE X 13 27.55 -39.98 -60.20
N LEU X 14 27.10 -41.22 -60.14
CA LEU X 14 27.78 -42.30 -60.85
C LEU X 14 27.28 -42.40 -62.29
N ASP X 15 27.91 -43.24 -63.11
CA ASP X 15 27.54 -43.33 -64.54
C ASP X 15 26.10 -43.88 -64.78
N ASP X 16 25.50 -44.47 -63.75
CA ASP X 16 24.11 -44.93 -63.80
C ASP X 16 23.14 -43.80 -63.48
N GLY X 17 23.68 -42.69 -63.01
CA GLY X 17 22.90 -41.51 -62.69
C GLY X 17 22.52 -41.47 -61.23
N LYS X 18 22.94 -42.50 -60.49
CA LYS X 18 22.58 -42.62 -59.08
C LYS X 18 23.61 -42.04 -58.14
N ARG X 19 23.15 -41.72 -56.93
CA ARG X 19 24.02 -41.12 -55.93
C ARG X 19 24.84 -42.19 -55.21
N THR X 20 25.76 -41.76 -54.35
CA THR X 20 26.69 -42.68 -53.69
C THR X 20 26.00 -43.70 -52.77
N ASP X 21 24.84 -43.35 -52.23
CA ASP X 21 24.06 -44.28 -51.41
C ASP X 21 22.96 -45.01 -52.21
N GLY X 22 22.93 -44.79 -53.52
CA GLY X 22 22.02 -45.50 -54.40
C GLY X 22 20.73 -44.74 -54.67
N ARG X 23 20.56 -43.59 -54.03
CA ARG X 23 19.36 -42.77 -54.21
C ARG X 23 19.35 -42.03 -55.55
N LYS X 24 18.15 -41.80 -56.06
CA LYS X 24 17.95 -40.90 -57.18
C LYS X 24 18.05 -39.44 -56.66
N PRO X 25 18.32 -38.48 -57.56
CA PRO X 25 18.38 -37.08 -57.13
C PRO X 25 17.11 -36.60 -56.36
N ASP X 26 15.95 -37.19 -56.66
CA ASP X 26 14.70 -36.76 -56.04
C ASP X 26 14.19 -37.69 -54.93
N GLU X 27 15.11 -38.43 -54.29
CA GLU X 27 14.72 -39.35 -53.21
C GLU X 27 15.21 -38.93 -51.83
N LEU X 28 14.27 -38.94 -50.87
CA LEU X 28 14.57 -38.68 -49.47
C LEU X 28 15.19 -39.89 -48.84
N ARG X 29 16.04 -39.68 -47.85
CA ARG X 29 16.51 -40.76 -46.99
C ARG X 29 15.36 -41.30 -46.15
N SER X 30 15.58 -42.42 -45.49
CA SER X 30 14.54 -42.98 -44.64
C SER X 30 14.28 -42.04 -43.46
N ILE X 31 13.03 -42.05 -42.99
CA ILE X 31 12.64 -41.19 -41.86
C ILE X 31 12.08 -42.03 -40.71
N LYS X 32 12.47 -41.67 -39.49
CA LYS X 32 11.90 -42.28 -38.31
C LYS X 32 11.61 -41.18 -37.29
N ILE X 33 10.40 -41.18 -36.75
CA ILE X 33 10.00 -40.19 -35.78
C ILE X 33 9.31 -40.86 -34.61
N GLU X 34 9.72 -40.53 -33.38
CA GLU X 34 8.87 -40.84 -32.24
C GLU X 34 8.80 -39.74 -31.18
N LEU X 35 7.66 -39.65 -30.52
CA LEU X 35 7.34 -38.59 -29.57
C LEU X 35 7.19 -39.10 -28.15
N GLY X 36 7.38 -38.21 -27.18
CA GLY X 36 7.10 -38.53 -25.78
C GLY X 36 8.04 -39.59 -25.25
N VAL X 37 9.27 -39.51 -25.68
CA VAL X 37 10.26 -40.53 -25.40
C VAL X 37 10.95 -40.30 -24.05
N LEU X 38 10.86 -39.06 -23.54
CA LEU X 38 11.45 -38.68 -22.26
C LEU X 38 10.38 -38.42 -21.21
N LYS X 39 10.49 -39.10 -20.08
CA LYS X 39 9.49 -39.01 -19.03
C LYS X 39 9.49 -37.68 -18.30
N ASN X 40 10.68 -37.19 -17.96
CA ASN X 40 10.82 -36.00 -17.10
C ASN X 40 10.83 -34.67 -17.85
N ALA X 41 10.45 -34.70 -19.12
CA ALA X 41 10.37 -33.48 -19.92
C ALA X 41 8.91 -33.18 -20.23
N ASP X 42 8.62 -31.94 -20.60
CA ASP X 42 7.25 -31.57 -20.91
C ASP X 42 6.86 -32.06 -22.30
N GLY X 43 7.85 -32.15 -23.20
CA GLY X 43 7.65 -32.67 -24.54
C GLY X 43 8.98 -33.16 -25.06
N SER X 44 8.95 -34.17 -25.93
CA SER X 44 10.17 -34.77 -26.45
C SER X 44 9.91 -35.47 -27.76
N ALA X 45 10.93 -35.48 -28.63
CA ALA X 45 10.88 -36.21 -29.88
C ALA X 45 12.26 -36.72 -30.27
N ILE X 46 12.29 -37.88 -30.92
CA ILE X 46 13.48 -38.31 -31.65
C ILE X 46 13.15 -38.25 -33.14
N PHE X 47 14.02 -37.60 -33.92
CA PHE X 47 13.88 -37.55 -35.37
C PHE X 47 15.11 -38.13 -36.04
N GLU X 48 14.90 -39.02 -37.00
CA GLU X 48 15.98 -39.61 -37.77
C GLU X 48 15.77 -39.41 -39.26
N MET X 49 16.76 -38.81 -39.92
CA MET X 49 16.82 -38.78 -41.38
C MET X 49 18.04 -39.54 -41.80
N GLY X 50 17.82 -40.70 -42.40
CA GLY X 50 18.90 -41.62 -42.69
C GLY X 50 19.68 -41.83 -41.43
N ASN X 51 20.95 -41.47 -41.45
CA ASN X 51 21.80 -41.66 -40.29
C ASN X 51 21.95 -40.45 -39.38
N THR X 52 21.31 -39.35 -39.73
CA THR X 52 21.30 -38.17 -38.88
C THR X 52 20.17 -38.31 -37.86
N LYS X 53 20.50 -38.27 -36.56
CA LYS X 53 19.54 -38.55 -35.50
C LYS X 53 19.67 -37.51 -34.39
N ALA X 54 18.54 -36.88 -34.05
CA ALA X 54 18.53 -35.87 -32.99
C ALA X 54 17.45 -36.19 -31.99
N ILE X 55 17.69 -35.81 -30.74
CA ILE X 55 16.67 -35.86 -29.71
C ILE X 55 16.43 -34.43 -29.21
N ALA X 56 15.16 -34.09 -29.03
CA ALA X 56 14.79 -32.78 -28.52
C ALA X 56 13.90 -32.91 -27.31
N ALA X 57 14.13 -32.03 -26.33
CA ALA X 57 13.37 -31.99 -25.09
C ALA X 57 12.90 -30.58 -24.88
N VAL X 58 11.65 -30.42 -24.46
CA VAL X 58 11.08 -29.13 -24.16
C VAL X 58 10.72 -29.08 -22.68
N TYR X 59 11.17 -28.04 -21.98
CA TYR X 59 10.75 -27.83 -20.60
C TYR X 59 9.84 -26.63 -20.60
N GLY X 60 8.54 -26.93 -20.45
CA GLY X 60 7.37 -26.15 -20.89
C GLY X 60 7.30 -24.76 -20.33
N PRO X 61 6.25 -23.98 -20.69
CA PRO X 61 6.27 -22.57 -20.26
C PRO X 61 6.39 -22.48 -18.75
N LYS X 62 7.37 -21.71 -18.27
CA LYS X 62 7.68 -21.65 -16.83
C LYS X 62 8.26 -20.28 -16.48
N GLU X 63 7.95 -19.82 -15.28
CA GLU X 63 8.48 -18.55 -14.79
C GLU X 63 9.99 -18.50 -14.97
N MET X 64 10.51 -17.33 -15.36
CA MET X 64 11.92 -17.25 -15.71
C MET X 64 12.83 -16.77 -14.60
N HIS X 65 13.91 -17.53 -14.41
CA HIS X 65 14.82 -17.42 -13.27
C HIS X 65 15.13 -15.96 -12.81
N PRO X 66 15.97 -15.22 -13.57
CA PRO X 66 16.20 -13.81 -13.23
C PRO X 66 15.25 -12.92 -14.04
N ARG X 67 14.33 -12.24 -13.35
CA ARG X 67 13.20 -11.58 -14.02
C ARG X 67 13.57 -10.55 -15.10
N HIS X 68 14.68 -9.84 -14.93
CA HIS X 68 15.08 -8.82 -15.92
C HIS X 68 15.35 -9.42 -17.31
N LEU X 69 15.59 -10.72 -17.35
CA LEU X 69 15.85 -11.43 -18.61
C LEU X 69 14.58 -11.93 -19.30
N SER X 70 13.44 -11.75 -18.64
CA SER X 70 12.16 -12.12 -19.21
C SER X 70 11.57 -10.98 -20.04
N LEU X 71 10.45 -11.25 -20.72
CA LEU X 71 9.78 -10.25 -21.52
C LEU X 71 8.35 -10.07 -21.04
N PRO X 72 7.82 -8.84 -21.11
CA PRO X 72 6.48 -8.57 -20.57
C PRO X 72 5.33 -9.03 -21.47
N ASP X 73 5.60 -9.27 -22.75
CA ASP X 73 4.55 -9.55 -23.74
C ASP X 73 4.62 -10.95 -24.32
N ARG X 74 5.75 -11.63 -24.10
CA ARG X 74 6.13 -12.83 -24.84
C ARG X 74 6.82 -13.81 -23.91
N ALA X 75 6.90 -15.06 -24.35
CA ALA X 75 7.78 -16.04 -23.74
C ALA X 75 9.15 -15.87 -24.37
N VAL X 76 10.18 -16.19 -23.62
CA VAL X 76 11.54 -16.21 -24.14
C VAL X 76 11.86 -17.65 -24.55
N LEU X 77 12.28 -17.87 -25.79
CA LEU X 77 12.76 -19.19 -26.17
C LEU X 77 14.24 -19.31 -25.87
N ARG X 78 14.63 -20.39 -25.20
CA ARG X 78 16.04 -20.70 -25.00
C ARG X 78 16.32 -22.00 -25.72
N VAL X 79 17.23 -21.94 -26.69
CA VAL X 79 17.46 -23.09 -27.57
C VAL X 79 18.93 -23.50 -27.53
N ARG X 80 19.18 -24.79 -27.50
CA ARG X 80 20.54 -25.33 -27.53
C ARG X 80 20.62 -26.34 -28.66
N TYR X 81 21.48 -26.04 -29.64
CA TYR X 81 21.81 -27.02 -30.68
C TYR X 81 23.17 -27.57 -30.32
N HIS X 82 23.27 -28.88 -30.13
CA HIS X 82 24.50 -29.48 -29.68
C HIS X 82 24.78 -30.85 -30.29
N MET X 83 26.04 -31.08 -30.63
CA MET X 83 26.46 -32.35 -31.18
C MET X 83 27.22 -33.14 -30.12
N THR X 84 26.79 -34.38 -29.89
CA THR X 84 27.47 -35.24 -28.92
C THR X 84 28.84 -35.58 -29.47
N PRO X 85 29.84 -35.74 -28.58
CA PRO X 85 31.19 -35.99 -29.06
C PRO X 85 31.29 -37.23 -29.95
N PHE X 86 30.34 -38.16 -29.83
CA PHE X 86 30.38 -39.43 -30.57
C PHE X 86 29.41 -39.46 -31.76
N SER X 87 28.97 -38.30 -32.20
CA SER X 87 28.01 -38.22 -33.29
C SER X 87 28.67 -38.30 -34.67
N THR X 88 29.98 -38.10 -34.71
CA THR X 88 30.72 -38.11 -35.96
C THR X 88 31.85 -39.12 -35.88
N ASP X 89 32.55 -39.33 -36.99
CA ASP X 89 33.66 -40.29 -37.03
C ASP X 89 34.83 -39.84 -36.17
N GLU X 90 35.16 -38.56 -36.25
CA GLU X 90 36.15 -37.98 -35.36
C GLU X 90 35.45 -37.30 -34.19
N ARG X 91 35.97 -37.50 -32.99
CA ARG X 91 35.36 -36.94 -31.80
C ARG X 91 35.25 -35.41 -31.84
N LYS X 92 34.04 -34.90 -31.68
CA LYS X 92 33.82 -33.46 -31.52
C LYS X 92 34.11 -33.05 -30.08
N ASN X 93 34.78 -31.91 -29.90
CA ASN X 93 34.88 -31.28 -28.60
C ASN X 93 33.47 -30.85 -28.15
N PRO X 94 33.05 -31.28 -26.95
CA PRO X 94 31.70 -30.94 -26.46
C PRO X 94 31.50 -29.43 -26.23
N ALA X 95 32.59 -28.69 -26.03
CA ALA X 95 32.54 -27.24 -25.91
C ALA X 95 31.91 -26.65 -27.18
N PRO X 96 31.01 -25.65 -27.01
CA PRO X 96 30.26 -25.19 -28.19
C PRO X 96 31.15 -24.48 -29.20
N SER X 97 31.00 -24.86 -30.47
CA SER X 97 31.77 -24.27 -31.55
C SER X 97 31.03 -23.06 -32.11
N ARG X 98 31.75 -22.22 -32.86
CA ARG X 98 31.13 -21.09 -33.54
C ARG X 98 29.97 -21.57 -34.41
N ARG X 99 30.15 -22.72 -35.06
CA ARG X 99 29.08 -23.34 -35.84
C ARG X 99 27.84 -23.64 -34.97
N GLU X 100 28.06 -24.21 -33.79
CA GLU X 100 26.96 -24.56 -32.89
C GLU X 100 26.24 -23.30 -32.39
N ILE X 101 27.02 -22.24 -32.13
CA ILE X 101 26.49 -20.95 -31.72
C ILE X 101 25.62 -20.30 -32.81
N GLU X 102 26.10 -20.28 -34.04
CA GLU X 102 25.29 -19.78 -35.15
C GLU X 102 24.02 -20.61 -35.33
N LEU X 103 24.17 -21.93 -35.41
CA LEU X 103 23.02 -22.77 -35.70
C LEU X 103 21.96 -22.68 -34.60
N SER X 104 22.40 -22.47 -33.37
CA SER X 104 21.47 -22.34 -32.25
C SER X 104 20.59 -21.14 -32.47
N LYS X 105 21.21 -20.05 -32.93
CA LYS X 105 20.48 -18.82 -33.20
C LYS X 105 19.50 -19.00 -34.36
N VAL X 106 20.00 -19.56 -35.46
CA VAL X 106 19.21 -19.80 -36.66
C VAL X 106 17.99 -20.69 -36.35
N ILE X 107 18.22 -21.76 -35.58
CA ILE X 107 17.16 -22.67 -35.14
C ILE X 107 16.16 -21.98 -34.21
N ARG X 108 16.68 -21.22 -33.24
CA ARG X 108 15.81 -20.44 -32.36
C ARG X 108 14.87 -19.54 -33.13
N GLU X 109 15.41 -18.80 -34.10
CA GLU X 109 14.62 -17.86 -34.89
C GLU X 109 13.56 -18.58 -35.70
N ALA X 110 13.89 -19.77 -36.19
CA ALA X 110 12.95 -20.57 -36.94
C ALA X 110 11.77 -20.87 -36.03
N LEU X 111 12.06 -21.28 -34.79
CA LEU X 111 11.02 -21.67 -33.85
C LEU X 111 10.18 -20.49 -33.41
N GLU X 112 10.83 -19.34 -33.30
CA GLU X 112 10.12 -18.13 -32.88
C GLU X 112 9.06 -17.69 -33.88
N SER X 113 9.26 -18.02 -35.16
CA SER X 113 8.25 -17.71 -36.18
C SER X 113 7.05 -18.64 -36.11
N ALA X 114 7.20 -19.76 -35.42
CA ALA X 114 6.14 -20.75 -35.32
C ALA X 114 5.43 -20.77 -33.97
N VAL X 115 6.20 -20.64 -32.89
CA VAL X 115 5.63 -20.75 -31.55
C VAL X 115 4.87 -19.47 -31.16
N LEU X 116 3.65 -19.64 -30.66
CA LEU X 116 2.82 -18.51 -30.25
C LEU X 116 3.26 -17.99 -28.89
N VAL X 117 4.43 -17.36 -28.88
CA VAL X 117 5.06 -16.93 -27.65
C VAL X 117 4.25 -15.89 -26.87
N GLU X 118 3.41 -15.13 -27.57
CA GLU X 118 2.61 -14.06 -26.95
C GLU X 118 1.67 -14.58 -25.87
N LEU X 119 1.31 -15.86 -26.00
CA LEU X 119 0.43 -16.53 -25.04
C LEU X 119 1.01 -16.66 -23.63
N PHE X 120 2.34 -16.61 -23.51
CA PHE X 120 3.00 -16.91 -22.26
C PHE X 120 3.98 -15.82 -21.79
N PRO X 121 3.45 -14.65 -21.40
CA PRO X 121 4.34 -13.57 -20.97
C PRO X 121 5.14 -13.98 -19.74
N ARG X 122 6.32 -13.39 -19.58
CA ARG X 122 7.15 -13.60 -18.39
C ARG X 122 7.61 -15.03 -18.16
N THR X 123 7.51 -15.88 -19.18
CA THR X 123 7.94 -17.27 -19.08
C THR X 123 9.10 -17.58 -20.01
N ALA X 124 9.77 -18.68 -19.75
CA ALA X 124 10.75 -19.22 -20.68
C ALA X 124 10.31 -20.59 -21.15
N ILE X 125 10.55 -20.86 -22.43
CA ILE X 125 10.41 -22.20 -22.98
C ILE X 125 11.81 -22.67 -23.38
N ASP X 126 12.28 -23.74 -22.73
CA ASP X 126 13.60 -24.29 -23.03
C ASP X 126 13.53 -25.45 -23.98
N VAL X 127 14.26 -25.34 -25.08
CA VAL X 127 14.34 -26.36 -26.08
C VAL X 127 15.77 -26.87 -26.18
N PHE X 128 15.99 -28.12 -25.79
CA PHE X 128 17.32 -28.69 -25.83
C PHE X 128 17.40 -29.76 -26.90
N THR X 129 18.41 -29.66 -27.74
CA THR X 129 18.57 -30.49 -28.92
C THR X 129 19.94 -31.14 -28.90
N GLU X 130 19.97 -32.45 -29.14
CA GLU X 130 21.23 -33.19 -29.16
C GLU X 130 21.33 -34.04 -30.40
N ILE X 131 22.38 -33.83 -31.17
CA ILE X 131 22.65 -34.68 -32.33
C ILE X 131 23.40 -35.94 -31.87
N LEU X 132 22.73 -37.07 -32.05
CA LEU X 132 23.27 -38.35 -31.60
C LEU X 132 24.13 -39.00 -32.66
N GLN X 133 23.76 -38.82 -33.93
CA GLN X 133 24.62 -39.14 -35.06
C GLN X 133 24.46 -38.09 -36.14
N ALA X 134 25.56 -37.71 -36.75
CA ALA X 134 25.52 -36.73 -37.81
C ALA X 134 25.89 -37.38 -39.14
N ASP X 135 25.05 -37.15 -40.15
CA ASP X 135 25.32 -37.55 -41.52
C ASP X 135 24.71 -36.49 -42.43
N ALA X 136 25.03 -35.23 -42.13
CA ALA X 136 24.50 -34.03 -42.82
C ALA X 136 23.01 -33.78 -42.58
N GLY X 137 22.65 -32.50 -42.58
CA GLY X 137 21.25 -32.10 -42.36
C GLY X 137 20.86 -32.02 -40.90
N SER X 138 21.87 -32.04 -40.02
CA SER X 138 21.68 -32.09 -38.58
C SER X 138 20.84 -30.91 -38.09
N ARG X 139 21.13 -29.72 -38.62
CA ARG X 139 20.43 -28.53 -38.19
C ARG X 139 18.94 -28.63 -38.45
N LEU X 140 18.56 -29.29 -39.54
CA LEU X 140 17.15 -29.47 -39.88
C LEU X 140 16.47 -30.55 -39.05
N VAL X 141 17.17 -31.68 -38.87
CA VAL X 141 16.68 -32.77 -38.03
C VAL X 141 16.48 -32.25 -36.61
N SER X 142 17.43 -31.48 -36.13
CA SER X 142 17.33 -30.85 -34.82
C SER X 142 16.11 -29.93 -34.75
N LEU X 143 15.92 -29.11 -35.78
CA LEU X 143 14.82 -28.16 -35.82
C LEU X 143 13.48 -28.89 -35.79
N MET X 144 13.36 -29.93 -36.61
CA MET X 144 12.13 -30.71 -36.69
C MET X 144 11.84 -31.45 -35.37
N ALA X 145 12.88 -32.06 -34.80
CA ALA X 145 12.75 -32.72 -33.51
C ALA X 145 12.18 -31.73 -32.51
N ALA X 146 12.77 -30.52 -32.50
CA ALA X 146 12.31 -29.42 -31.64
C ALA X 146 10.82 -29.11 -31.88
N SER X 147 10.47 -28.86 -33.15
CA SER X 147 9.10 -28.54 -33.51
C SER X 147 8.14 -29.59 -32.94
N LEU X 148 8.50 -30.85 -33.12
CA LEU X 148 7.65 -31.94 -32.66
C LEU X 148 7.63 -32.07 -31.15
N ALA X 149 8.76 -31.80 -30.48
CA ALA X 149 8.79 -31.85 -29.03
C ALA X 149 7.87 -30.77 -28.45
N LEU X 150 7.85 -29.62 -29.10
CA LEU X 150 6.96 -28.54 -28.70
C LEU X 150 5.50 -28.97 -28.87
N ALA X 151 5.20 -29.60 -30.01
CA ALA X 151 3.86 -30.14 -30.24
C ALA X 151 3.51 -31.17 -29.17
N ASP X 152 4.49 -32.04 -28.87
CA ASP X 152 4.36 -33.06 -27.84
C ASP X 152 4.06 -32.44 -26.48
N ALA X 153 4.63 -31.28 -26.20
CA ALA X 153 4.37 -30.55 -24.95
C ALA X 153 3.03 -29.82 -24.93
N GLY X 154 2.36 -29.77 -26.09
CA GLY X 154 1.09 -29.09 -26.23
C GLY X 154 1.23 -27.58 -26.27
N ILE X 155 2.39 -27.11 -26.71
CA ILE X 155 2.63 -25.69 -26.85
C ILE X 155 2.10 -25.24 -28.21
N PRO X 156 1.17 -24.27 -28.22
CA PRO X 156 0.48 -23.81 -29.41
C PRO X 156 1.43 -23.17 -30.44
N MET X 157 1.31 -23.60 -31.69
CA MET X 157 2.17 -23.09 -32.76
C MET X 157 1.35 -22.79 -34.00
N ARG X 158 1.91 -21.99 -34.91
CA ARG X 158 1.24 -21.66 -36.14
C ARG X 158 1.07 -22.90 -37.00
N ASP X 159 2.08 -23.77 -36.97
CA ASP X 159 2.12 -24.98 -37.78
C ASP X 159 3.34 -25.75 -37.35
N LEU X 160 3.46 -27.00 -37.78
CA LEU X 160 4.71 -27.75 -37.59
C LEU X 160 5.79 -27.26 -38.56
N ILE X 161 7.03 -27.62 -38.30
CA ILE X 161 8.12 -27.25 -39.19
C ILE X 161 8.69 -28.51 -39.82
N ALA X 162 8.79 -28.50 -41.15
CA ALA X 162 9.47 -29.58 -41.87
C ALA X 162 10.58 -28.99 -42.72
N GLY X 163 11.70 -29.71 -42.83
CA GLY X 163 12.83 -29.18 -43.58
C GLY X 163 13.66 -30.23 -44.31
N VAL X 164 14.29 -29.83 -45.40
CA VAL X 164 15.33 -30.62 -46.07
C VAL X 164 16.39 -29.73 -46.62
N ALA X 165 17.60 -30.28 -46.71
CA ALA X 165 18.69 -29.61 -47.40
C ALA X 165 18.62 -30.09 -48.82
N VAL X 166 18.58 -29.14 -49.72
CA VAL X 166 18.63 -29.45 -51.14
C VAL X 166 20.02 -28.97 -51.61
N GLY X 167 20.52 -29.44 -52.74
CA GLY X 167 21.87 -29.06 -53.15
C GLY X 167 22.26 -29.41 -54.58
N LYS X 168 23.53 -29.26 -54.88
CA LYS X 168 24.03 -29.51 -56.22
C LYS X 168 25.24 -30.42 -56.12
N ALA X 169 25.20 -31.55 -56.82
CA ALA X 169 26.26 -32.57 -56.71
C ALA X 169 27.25 -32.56 -57.88
N ASP X 170 26.91 -33.10 -59.03
CA ASP X 170 27.87 -32.99 -60.13
C ASP X 170 27.21 -32.24 -61.25
N GLY X 171 26.78 -31.02 -60.93
CA GLY X 171 25.94 -30.23 -61.82
C GLY X 171 24.48 -30.61 -61.63
N VAL X 172 24.24 -31.68 -60.87
CA VAL X 172 22.88 -32.20 -60.71
C VAL X 172 22.27 -31.74 -59.41
N ILE X 173 21.06 -31.19 -59.49
CA ILE X 173 20.33 -30.78 -58.29
C ILE X 173 19.75 -32.00 -57.60
N ILE X 174 20.05 -32.10 -56.30
CA ILE X 174 19.70 -33.28 -55.51
C ILE X 174 19.00 -32.94 -54.18
N LEU X 175 18.25 -33.90 -53.66
CA LEU X 175 17.44 -33.69 -52.46
C LEU X 175 17.99 -34.46 -51.26
N ASP X 176 18.13 -33.79 -50.13
CA ASP X 176 18.48 -34.41 -48.83
C ASP X 176 19.87 -35.02 -48.83
N LEU X 177 20.88 -34.19 -48.57
CA LEU X 177 22.29 -34.60 -48.77
C LEU X 177 22.90 -35.51 -47.70
N ASN X 178 23.71 -36.47 -48.20
CA ASN X 178 24.74 -37.19 -47.43
C ASN X 178 25.76 -36.27 -46.80
N GLU X 179 26.56 -36.80 -45.90
CA GLU X 179 27.79 -36.13 -45.53
C GLU X 179 28.73 -36.03 -46.73
N THR X 180 28.82 -37.10 -47.52
CA THR X 180 29.65 -37.11 -48.74
C THR X 180 29.24 -35.98 -49.69
N GLU X 181 27.94 -35.82 -49.89
CA GLU X 181 27.41 -34.81 -50.80
C GLU X 181 27.60 -33.40 -50.22
N ASP X 182 27.45 -33.28 -48.91
CA ASP X 182 27.71 -32.03 -48.20
C ASP X 182 29.17 -31.61 -48.38
N MET X 183 30.08 -32.52 -48.07
CA MET X 183 31.51 -32.23 -48.14
C MET X 183 32.02 -31.91 -49.54
N TRP X 184 31.54 -32.63 -50.57
CA TRP X 184 32.09 -32.53 -51.92
C TRP X 184 31.23 -31.83 -52.97
N GLY X 185 29.95 -31.59 -52.65
CA GLY X 185 29.03 -30.92 -53.59
C GLY X 185 29.37 -29.45 -53.83
N GLU X 186 28.70 -28.83 -54.79
CA GLU X 186 28.91 -27.41 -55.09
C GLU X 186 28.07 -26.51 -54.21
N ALA X 187 26.98 -27.05 -53.66
CA ALA X 187 26.02 -26.26 -52.89
C ALA X 187 25.25 -27.10 -51.89
N ASP X 188 24.87 -26.45 -50.79
CA ASP X 188 24.09 -27.05 -49.73
C ASP X 188 23.14 -25.96 -49.27
N MET X 189 21.84 -26.24 -49.38
CA MET X 189 20.81 -25.25 -49.09
C MET X 189 19.72 -25.83 -48.19
N PRO X 190 19.94 -25.79 -46.86
CA PRO X 190 18.89 -26.20 -45.95
C PRO X 190 17.72 -25.23 -45.99
N ILE X 191 16.50 -25.79 -46.06
CA ILE X 191 15.27 -25.01 -46.11
C ILE X 191 14.25 -25.65 -45.18
N ALA X 192 13.57 -24.83 -44.37
CA ALA X 192 12.53 -25.34 -43.46
C ALA X 192 11.30 -24.44 -43.54
N MET X 193 10.12 -25.07 -43.55
CA MET X 193 8.87 -24.32 -43.64
C MET X 193 7.82 -24.77 -42.63
N MET X 194 6.82 -23.89 -42.48
CA MET X 194 5.51 -24.25 -41.97
C MET X 194 4.66 -24.52 -43.21
N PRO X 195 4.65 -25.79 -43.66
CA PRO X 195 4.14 -26.17 -44.98
C PRO X 195 2.72 -25.75 -45.27
N SER X 196 1.83 -25.82 -44.28
CA SER X 196 0.43 -25.46 -44.49
C SER X 196 0.29 -23.98 -44.85
N LEU X 197 1.25 -23.18 -44.39
CA LEU X 197 1.22 -21.73 -44.57
C LEU X 197 2.11 -21.24 -45.70
N ASN X 198 2.88 -22.15 -46.27
CA ASN X 198 3.90 -21.78 -47.26
C ASN X 198 4.84 -20.71 -46.74
N GLN X 199 5.16 -20.79 -45.45
CA GLN X 199 6.06 -19.85 -44.82
C GLN X 199 7.41 -20.49 -44.53
N VAL X 200 8.46 -19.85 -45.03
CA VAL X 200 9.81 -20.33 -44.78
C VAL X 200 10.30 -19.81 -43.44
N THR X 201 10.64 -20.80 -42.62
CA THR X 201 11.15 -20.67 -41.28
C THR X 201 12.69 -20.54 -41.21
N LEU X 202 13.40 -21.33 -42.01
CA LEU X 202 14.86 -21.37 -42.06
C LEU X 202 15.26 -21.43 -43.52
N PHE X 203 16.24 -20.61 -43.90
CA PHE X 203 16.72 -20.60 -45.27
C PHE X 203 18.18 -20.20 -45.33
N GLN X 204 19.03 -21.15 -45.74
CA GLN X 204 20.45 -20.92 -45.84
C GLN X 204 21.01 -21.58 -47.09
N LEU X 205 22.00 -20.95 -47.71
CA LEU X 205 22.79 -21.61 -48.75
C LEU X 205 24.25 -21.40 -48.50
N ASN X 206 25.02 -22.49 -48.47
CA ASN X 206 26.48 -22.39 -48.61
C ASN X 206 26.87 -23.11 -49.86
N GLY X 207 27.94 -22.64 -50.49
CA GLY X 207 28.34 -23.15 -51.79
C GLY X 207 27.97 -22.14 -52.85
N SER X 208 27.47 -22.62 -53.98
CA SER X 208 27.37 -21.80 -55.19
C SER X 208 26.30 -22.32 -56.14
N MET X 209 25.44 -21.42 -56.62
CA MET X 209 24.35 -21.77 -57.53
C MET X 209 23.97 -20.60 -58.44
N THR X 210 23.53 -20.92 -59.65
CA THR X 210 22.93 -19.90 -60.51
C THR X 210 21.51 -19.64 -60.01
N PRO X 211 20.95 -18.43 -60.27
CA PRO X 211 19.56 -18.16 -59.91
C PRO X 211 18.58 -19.24 -60.39
N ASP X 212 18.78 -19.74 -61.60
CA ASP X 212 17.95 -20.84 -62.15
C ASP X 212 18.06 -22.11 -61.31
N GLU X 213 19.29 -22.51 -61.01
CA GLU X 213 19.55 -23.65 -60.15
C GLU X 213 18.93 -23.46 -58.77
N PHE X 214 19.09 -22.27 -58.22
CA PHE X 214 18.50 -21.91 -56.96
C PHE X 214 16.99 -22.15 -57.00
N ARG X 215 16.33 -21.67 -58.06
CA ARG X 215 14.90 -21.83 -58.19
C ARG X 215 14.47 -23.30 -58.37
N GLN X 216 15.24 -24.08 -59.12
CA GLN X 216 14.99 -25.52 -59.28
C GLN X 216 15.08 -26.26 -57.96
N ALA X 217 16.18 -26.02 -57.25
CA ALA X 217 16.45 -26.67 -55.98
C ALA X 217 15.33 -26.35 -54.99
N PHE X 218 14.95 -25.08 -54.95
CA PHE X 218 13.90 -24.60 -54.10
C PHE X 218 12.61 -25.39 -54.32
N ASP X 219 12.24 -25.59 -55.58
CA ASP X 219 11.05 -26.38 -55.94
C ASP X 219 11.15 -27.81 -55.45
N LEU X 220 12.34 -28.39 -55.58
CA LEU X 220 12.57 -29.76 -55.13
C LEU X 220 12.42 -29.89 -53.61
N ALA X 221 12.96 -28.90 -52.89
CA ALA X 221 12.89 -28.88 -51.43
C ALA X 221 11.42 -28.91 -50.97
N VAL X 222 10.58 -28.14 -51.64
CA VAL X 222 9.16 -28.06 -51.27
C VAL X 222 8.51 -29.45 -51.35
N LYS X 223 8.78 -30.17 -52.44
CA LYS X 223 8.23 -31.51 -52.61
C LYS X 223 8.69 -32.46 -51.51
N GLY X 224 9.98 -32.37 -51.15
CA GLY X 224 10.54 -33.14 -50.05
C GLY X 224 9.86 -32.77 -48.75
N ILE X 225 9.83 -31.48 -48.46
CA ILE X 225 9.21 -30.95 -47.24
C ILE X 225 7.77 -31.43 -47.05
N ASN X 226 7.00 -31.45 -48.15
CA ASN X 226 5.61 -31.89 -48.07
C ASN X 226 5.44 -33.35 -47.68
N ILE X 227 6.38 -34.20 -48.12
CA ILE X 227 6.36 -35.59 -47.74
C ILE X 227 6.70 -35.75 -46.26
N ILE X 228 7.76 -35.06 -45.84
CA ILE X 228 8.16 -35.05 -44.42
C ILE X 228 7.01 -34.58 -43.52
N TYR X 229 6.33 -33.54 -43.96
CA TYR X 229 5.25 -32.94 -43.21
C TYR X 229 4.12 -33.93 -42.91
N ASN X 230 3.71 -34.71 -43.91
CA ASN X 230 2.67 -35.71 -43.71
C ASN X 230 3.07 -36.75 -42.69
N LEU X 231 4.37 -37.03 -42.61
CA LEU X 231 4.89 -37.97 -41.65
C LEU X 231 4.87 -37.40 -40.24
N GLU X 232 5.17 -36.10 -40.14
CA GLU X 232 5.12 -35.39 -38.86
C GLU X 232 3.69 -35.39 -38.34
N ARG X 233 2.73 -35.10 -39.22
CA ARG X 233 1.32 -35.14 -38.86
C ARG X 233 0.90 -36.49 -38.31
N GLU X 234 1.34 -37.57 -38.97
CA GLU X 234 1.02 -38.93 -38.54
C GLU X 234 1.74 -39.29 -37.24
N ALA X 235 2.96 -38.81 -37.07
CA ALA X 235 3.73 -39.03 -35.84
C ALA X 235 3.04 -38.39 -34.64
N LEU X 236 2.30 -37.32 -34.91
CA LEU X 236 1.57 -36.60 -33.89
C LEU X 236 0.42 -37.45 -33.32
N LYS X 237 -0.26 -38.19 -34.21
CA LYS X 237 -1.36 -39.06 -33.83
C LYS X 237 -0.87 -40.39 -33.21
N SER X 238 0.02 -41.08 -33.91
CA SER X 238 0.42 -42.43 -33.50
C SER X 238 1.66 -42.49 -32.60
N LYS X 239 2.37 -41.36 -32.47
CA LYS X 239 3.57 -41.26 -31.62
C LYS X 239 4.82 -41.95 -32.17
N TYR X 240 4.66 -42.74 -33.23
CA TYR X 240 5.77 -43.48 -33.85
C TYR X 240 5.54 -43.66 -35.35
N VAL X 241 6.53 -43.27 -36.15
CA VAL X 241 6.45 -43.34 -37.61
C VAL X 241 7.77 -43.78 -38.25
N GLU X 242 7.67 -44.77 -39.15
CA GLU X 242 8.79 -45.22 -39.99
C GLU X 242 8.45 -45.04 -41.46
N PHE X 243 9.44 -44.62 -42.23
CA PHE X 243 9.25 -44.37 -43.64
C PHE X 243 10.50 -44.75 -44.41
N LYS X 244 10.37 -45.76 -45.28
CA LYS X 244 11.49 -46.22 -46.10
C LYS X 244 11.74 -45.22 -47.23
N GLU X 245 13.00 -45.05 -47.64
CA GLU X 245 13.41 -44.17 -48.75
C GLU X 245 12.45 -44.24 -49.95
N GLU X 246 12.12 -43.09 -50.53
CA GLU X 246 11.45 -43.08 -51.84
C GLU X 246 11.37 -41.73 -52.56
N GLY X 247 11.04 -41.83 -53.85
CA GLY X 247 10.95 -40.69 -54.76
C GLY X 247 9.87 -39.69 -54.43
N VAL X 248 10.25 -38.42 -54.57
CA VAL X 248 9.37 -37.28 -54.33
C VAL X 248 8.29 -37.12 -55.41
CL CL Y . -33.89 41.88 -12.74
CL CL Z . 9.46 54.62 -3.88
CL CL AA . -1.17 33.63 -43.89
CL CL BA . 33.92 11.25 42.09
CL CL CA . 1.35 -19.44 51.36
CL CL DA . -10.12 24.72 48.81
CL CL EA . -42.62 -26.58 -26.70
CL CL FA . -42.91 -17.89 -29.99
CL CL GA . -23.23 -50.04 -4.22
CL CL HA . -49.94 -18.10 15.21
CL CL IA . 49.80 3.91 -23.26
CL CL JA . 42.82 -34.76 0.63
CL CL KA . 23.17 -29.20 -40.97
#